data_8FWI
#
_entry.id   8FWI
#
loop_
_entity.id
_entity.type
_entity.pdbx_description
1 polymer 'Circadian clock protein KaiC'
2 non-polymer "ADENOSINE-5'-TRIPHOSPHATE"
3 non-polymer "ADENOSINE-5'-DIPHOSPHATE"
4 non-polymer 'MAGNESIUM ION'
5 water water
#
_entity_poly.entity_id   1
_entity_poly.type   'polypeptide(L)'
_entity_poly.pdbx_seq_one_letter_code
;GAMGIGKSPTGIQGFDELTLGGLPTGRPSLVCGSAGCGKTLFASTFLINGVRDHGEPGVFVTFEERPEDIVNNVASLGFE
LDKLIEEEKIAIEHIAVDPSEVAEIGDYDLEGLFLRLELAIDTVGAKRVVLDTIESLFSAFSNPAILRAEIRRLFDWLKE
RGLTTVITAERGDGALTRQGLEEYVSDCVILLDHRVENQISTRRLRIVKYRGTAHGTNEYPFLIDTDGFSVLPVSALGLL
HQVHEERIASGVPDLDAMMAGGGFFRGSSILVSGVAGAGKSSLAAHFAAAACARGERAMYFSFEEAADQAVRNMRSLGLD
LGRWRDAGLLRFMATRPTFYSLEMHLAVILREVMRFEPSVVVLDPISAFTESGDRLEVQSMLLRIVDFLKNRGITGIFTH
LAHSQNEATTDAGLEELMDGWVLMLNREVNGEFNRELYLLKARGMAHSNQVREFLMSDRGISLLPPHLGEGGALTGTARK
AEEARLRRAEIERQTELGRLQQQIEQRRRRARAQIEALEAELQAEEIALKALVESESAHERQRLADADTLARSRGNERFA
DLLMNKGE
;
_entity_poly.pdbx_strand_id   A,B,C,D,E,F,G,H,I,J,K,L
#
# COMPACT_ATOMS: atom_id res chain seq x y z
N GLY A 4 75.13 -98.32 -24.36
CA GLY A 4 75.51 -99.20 -23.27
C GLY A 4 75.34 -100.67 -23.61
N ILE A 5 74.38 -101.31 -22.97
CA ILE A 5 74.11 -102.73 -23.19
C ILE A 5 73.05 -102.86 -24.29
N GLY A 6 73.08 -103.99 -24.99
CA GLY A 6 72.06 -104.28 -25.98
C GLY A 6 70.75 -104.69 -25.32
N LYS A 7 69.66 -104.43 -26.03
CA LYS A 7 68.33 -104.69 -25.51
C LYS A 7 67.48 -105.31 -26.61
N SER A 8 66.49 -106.11 -26.20
CA SER A 8 65.58 -106.79 -27.10
C SER A 8 64.18 -106.24 -26.93
N PRO A 9 63.57 -105.66 -27.96
CA PRO A 9 62.21 -105.10 -27.78
C PRO A 9 61.19 -106.18 -27.51
N THR A 10 60.28 -105.89 -26.57
CA THR A 10 59.24 -106.84 -26.20
C THR A 10 58.02 -106.77 -27.09
N GLY A 11 57.80 -105.65 -27.77
CA GLY A 11 56.58 -105.43 -28.52
C GLY A 11 55.51 -104.73 -27.73
N ILE A 12 55.63 -104.67 -26.41
CA ILE A 12 54.74 -103.84 -25.59
C ILE A 12 55.29 -102.42 -25.63
N GLN A 13 54.89 -101.65 -26.63
CA GLN A 13 55.24 -100.24 -26.63
C GLN A 13 54.71 -99.59 -25.37
N GLY A 14 55.57 -98.84 -24.69
CA GLY A 14 55.29 -98.24 -23.41
C GLY A 14 56.03 -98.91 -22.26
N PHE A 15 56.40 -100.17 -22.43
CA PHE A 15 57.38 -100.83 -21.58
C PHE A 15 58.76 -100.78 -22.19
N ASP A 16 58.83 -100.77 -23.52
CA ASP A 16 60.09 -100.52 -24.21
C ASP A 16 60.55 -99.07 -24.00
N GLU A 17 59.61 -98.13 -23.97
CA GLU A 17 59.97 -96.74 -23.69
C GLU A 17 60.52 -96.60 -22.29
N LEU A 18 59.89 -97.25 -21.31
CA LEU A 18 60.37 -97.19 -19.93
C LEU A 18 61.74 -97.83 -19.80
N THR A 19 61.96 -98.95 -20.47
CA THR A 19 63.23 -99.68 -20.41
C THR A 19 64.26 -99.15 -21.40
N LEU A 20 63.90 -98.17 -22.21
CA LEU A 20 64.82 -97.60 -23.21
C LEU A 20 65.35 -98.68 -24.15
N GLY A 21 64.45 -99.53 -24.64
CA GLY A 21 64.79 -100.49 -25.66
C GLY A 21 64.24 -101.89 -25.44
N GLY A 22 64.09 -102.30 -24.20
CA GLY A 22 63.49 -103.58 -23.89
C GLY A 22 64.29 -104.33 -22.86
N LEU A 23 64.07 -105.64 -22.81
CA LEU A 23 64.74 -106.52 -21.87
C LEU A 23 66.16 -106.79 -22.32
N PRO A 24 67.04 -107.16 -21.38
CA PRO A 24 68.46 -107.32 -21.75
C PRO A 24 68.66 -108.48 -22.71
N THR A 25 69.56 -108.28 -23.66
CA THR A 25 69.91 -109.31 -24.62
C THR A 25 71.00 -110.21 -24.04
N GLY A 26 70.74 -111.51 -24.01
CA GLY A 26 71.71 -112.46 -23.53
C GLY A 26 71.75 -112.66 -22.03
N ARG A 27 70.80 -112.10 -21.30
CA ARG A 27 70.72 -112.30 -19.86
C ARG A 27 69.29 -112.68 -19.47
N PRO A 28 69.14 -113.52 -18.44
CA PRO A 28 67.80 -113.87 -17.97
C PRO A 28 67.12 -112.69 -17.28
N SER A 29 65.80 -112.70 -17.33
CA SER A 29 64.97 -111.72 -16.65
C SER A 29 63.90 -112.45 -15.85
N LEU A 30 63.51 -111.84 -14.73
CA LEU A 30 62.56 -112.45 -13.80
C LEU A 30 61.32 -111.58 -13.75
N VAL A 31 60.17 -112.19 -14.05
CA VAL A 31 58.87 -111.55 -13.92
C VAL A 31 58.16 -112.22 -12.75
N CYS A 32 57.89 -111.45 -11.70
CA CYS A 32 57.33 -111.98 -10.46
C CYS A 32 55.93 -111.44 -10.26
N GLY A 33 55.04 -112.29 -9.76
CA GLY A 33 53.70 -111.87 -9.42
C GLY A 33 52.93 -112.97 -8.74
N SER A 34 51.80 -112.59 -8.16
CA SER A 34 50.88 -113.55 -7.57
C SER A 34 50.02 -114.16 -8.68
N ALA A 35 48.98 -114.89 -8.30
CA ALA A 35 48.14 -115.57 -9.27
C ALA A 35 47.25 -114.57 -9.99
N GLY A 36 47.21 -114.67 -11.32
CA GLY A 36 46.36 -113.81 -12.11
C GLY A 36 46.94 -112.45 -12.42
N CYS A 37 48.20 -112.21 -12.09
CA CYS A 37 48.80 -110.89 -12.30
C CYS A 37 49.27 -110.66 -13.73
N GLY A 38 49.26 -111.69 -14.57
CA GLY A 38 49.61 -111.55 -15.96
C GLY A 38 51.04 -111.88 -16.31
N LYS A 39 51.79 -112.51 -15.42
CA LYS A 39 53.20 -112.78 -15.67
C LYS A 39 53.42 -113.89 -16.70
N THR A 40 52.37 -114.63 -17.07
CA THR A 40 52.48 -115.59 -18.17
C THR A 40 52.16 -114.94 -19.51
N LEU A 41 51.15 -114.07 -19.53
CA LEU A 41 50.88 -113.30 -20.74
C LEU A 41 52.07 -112.42 -21.12
N PHE A 42 52.81 -111.93 -20.12
CA PHE A 42 54.00 -111.15 -20.40
C PHE A 42 55.01 -111.95 -21.22
N ALA A 43 55.31 -113.17 -20.76
CA ALA A 43 56.27 -114.01 -21.47
C ALA A 43 55.74 -114.44 -22.84
N SER A 44 54.45 -114.77 -22.91
CA SER A 44 53.86 -115.14 -24.19
C SER A 44 53.97 -113.99 -25.19
N THR A 45 53.67 -112.77 -24.75
CA THR A 45 53.81 -111.60 -25.61
C THR A 45 55.26 -111.40 -26.01
N PHE A 46 56.19 -111.56 -25.07
CA PHE A 46 57.60 -111.44 -25.39
C PHE A 46 57.97 -112.37 -26.54
N LEU A 47 57.63 -113.65 -26.41
CA LEU A 47 58.00 -114.63 -27.43
C LEU A 47 57.33 -114.30 -28.76
N ILE A 48 56.02 -114.05 -28.74
CA ILE A 48 55.27 -113.88 -29.98
C ILE A 48 55.70 -112.62 -30.71
N ASN A 49 55.85 -111.50 -29.99
CA ASN A 49 56.29 -110.28 -30.62
C ASN A 49 57.71 -110.40 -31.13
N GLY A 50 58.58 -111.12 -30.40
CA GLY A 50 59.92 -111.35 -30.90
C GLY A 50 59.92 -112.10 -32.22
N VAL A 51 59.12 -113.16 -32.30
CA VAL A 51 59.09 -113.93 -33.55
C VAL A 51 58.46 -113.13 -34.68
N ARG A 52 57.46 -112.29 -34.38
CA ARG A 52 56.75 -111.59 -35.43
C ARG A 52 57.51 -110.38 -35.95
N ASP A 53 58.07 -109.57 -35.06
CA ASP A 53 58.66 -108.29 -35.42
C ASP A 53 60.17 -108.36 -35.67
N HIS A 54 60.84 -109.43 -35.26
CA HIS A 54 62.29 -109.52 -35.42
C HIS A 54 62.78 -110.85 -35.95
N GLY A 55 61.89 -111.80 -36.27
CA GLY A 55 62.33 -113.07 -36.80
C GLY A 55 63.22 -113.83 -35.84
N GLU A 56 62.81 -113.89 -34.58
CA GLU A 56 63.59 -114.57 -33.53
C GLU A 56 62.81 -115.78 -33.05
N PRO A 57 63.17 -116.98 -33.47
CA PRO A 57 62.44 -118.18 -33.00
C PRO A 57 62.52 -118.29 -31.48
N GLY A 58 61.44 -118.80 -30.89
CA GLY A 58 61.32 -118.83 -29.45
C GLY A 58 60.98 -120.23 -28.95
N VAL A 59 61.29 -120.46 -27.68
CA VAL A 59 61.00 -121.71 -27.00
C VAL A 59 60.29 -121.39 -25.69
N PHE A 60 59.22 -122.13 -25.40
CA PHE A 60 58.42 -121.96 -24.20
C PHE A 60 58.51 -123.26 -23.41
N VAL A 61 59.45 -123.34 -22.47
CA VAL A 61 59.61 -124.50 -21.61
C VAL A 61 58.64 -124.37 -20.45
N THR A 62 57.78 -125.37 -20.29
CA THR A 62 56.79 -125.38 -19.22
C THR A 62 56.95 -126.67 -18.44
N PHE A 63 57.00 -126.54 -17.11
CA PHE A 63 57.13 -127.68 -16.22
C PHE A 63 55.79 -128.06 -15.61
N GLU A 64 54.74 -127.26 -15.85
CA GLU A 64 53.45 -127.44 -15.22
C GLU A 64 52.30 -127.64 -16.20
N GLU A 65 52.12 -126.67 -17.10
CA GLU A 65 51.00 -126.66 -18.01
C GLU A 65 51.31 -127.49 -19.26
N ARG A 66 50.25 -127.89 -19.95
CA ARG A 66 50.38 -128.64 -21.18
C ARG A 66 50.40 -127.71 -22.38
N PRO A 67 51.02 -128.12 -23.49
CA PRO A 67 51.14 -127.20 -24.64
C PRO A 67 49.80 -126.71 -25.16
N GLU A 68 48.78 -127.56 -25.21
CA GLU A 68 47.49 -127.14 -25.71
C GLU A 68 46.86 -126.08 -24.80
N ASP A 69 47.03 -126.24 -23.49
CA ASP A 69 46.53 -125.23 -22.56
C ASP A 69 47.20 -123.89 -22.80
N ILE A 70 48.51 -123.89 -23.00
CA ILE A 70 49.22 -122.64 -23.28
C ILE A 70 48.71 -122.01 -24.57
N VAL A 71 48.50 -122.83 -25.60
CA VAL A 71 48.03 -122.30 -26.88
C VAL A 71 46.65 -121.69 -26.72
N ASN A 72 45.76 -122.35 -25.98
CA ASN A 72 44.38 -121.88 -25.85
C ASN A 72 44.28 -120.67 -24.93
N ASN A 73 45.20 -120.54 -23.97
CA ASN A 73 45.10 -119.45 -23.01
C ASN A 73 45.28 -118.08 -23.66
N VAL A 74 45.83 -118.01 -24.87
CA VAL A 74 46.07 -116.75 -25.55
C VAL A 74 45.31 -116.65 -26.87
N ALA A 75 44.43 -117.62 -27.15
CA ALA A 75 43.70 -117.59 -28.41
C ALA A 75 42.81 -116.36 -28.50
N SER A 76 42.13 -116.01 -27.41
CA SER A 76 41.21 -114.88 -27.43
C SER A 76 41.92 -113.55 -27.64
N LEU A 77 43.22 -113.48 -27.36
CA LEU A 77 43.97 -112.24 -27.54
C LEU A 77 44.38 -112.01 -29.00
N GLY A 78 44.08 -112.95 -29.88
CA GLY A 78 44.40 -112.81 -31.29
C GLY A 78 45.72 -113.42 -31.70
N PHE A 79 46.51 -113.92 -30.76
CA PHE A 79 47.76 -114.58 -31.13
C PHE A 79 47.45 -115.90 -31.82
N GLU A 80 47.94 -116.04 -33.04
CA GLU A 80 47.80 -117.29 -33.78
C GLU A 80 48.91 -118.25 -33.38
N LEU A 81 48.99 -118.56 -32.08
CA LEU A 81 50.09 -119.39 -31.60
C LEU A 81 50.13 -120.74 -32.29
N ASP A 82 48.96 -121.32 -32.58
CA ASP A 82 48.94 -122.58 -33.32
C ASP A 82 49.57 -122.42 -34.70
N LYS A 83 49.33 -121.28 -35.35
CA LYS A 83 49.99 -121.02 -36.63
C LYS A 83 51.50 -121.06 -36.47
N LEU A 84 52.03 -120.30 -35.51
CA LEU A 84 53.47 -120.21 -35.35
C LEU A 84 54.07 -121.58 -35.04
N ILE A 85 53.39 -122.36 -34.21
CA ILE A 85 53.88 -123.70 -33.90
C ILE A 85 53.87 -124.56 -35.15
N GLU A 86 52.85 -124.42 -35.99
CA GLU A 86 52.82 -125.16 -37.25
C GLU A 86 53.94 -124.72 -38.18
N GLU A 87 54.19 -123.41 -38.24
CA GLU A 87 55.21 -122.87 -39.14
C GLU A 87 56.63 -123.15 -38.68
N GLU A 88 56.81 -123.74 -37.50
CA GLU A 88 58.13 -124.05 -36.96
C GLU A 88 58.90 -122.79 -36.60
N LYS A 89 58.21 -121.82 -35.99
CA LYS A 89 58.84 -120.61 -35.50
C LYS A 89 58.76 -120.46 -33.99
N ILE A 90 58.02 -121.34 -33.32
CA ILE A 90 57.99 -121.40 -31.86
C ILE A 90 57.81 -122.85 -31.45
N ALA A 91 58.46 -123.23 -30.35
CA ALA A 91 58.39 -124.58 -29.82
C ALA A 91 58.00 -124.54 -28.36
N ILE A 92 57.01 -125.34 -27.99
CA ILE A 92 56.57 -125.48 -26.60
C ILE A 92 57.07 -126.82 -26.09
N GLU A 93 57.87 -126.79 -25.03
CA GLU A 93 58.50 -127.98 -24.47
C GLU A 93 57.96 -128.22 -23.07
N HIS A 94 57.48 -129.44 -22.82
CA HIS A 94 56.91 -129.83 -21.53
C HIS A 94 57.90 -130.76 -20.84
N ILE A 95 58.50 -130.27 -19.75
CA ILE A 95 59.42 -131.07 -18.94
C ILE A 95 58.73 -131.42 -17.63
N ALA A 96 58.08 -132.58 -17.60
CA ALA A 96 57.30 -133.00 -16.46
C ALA A 96 58.16 -133.61 -15.37
N VAL A 97 57.70 -133.49 -14.13
CA VAL A 97 58.38 -134.05 -12.96
C VAL A 97 57.36 -134.83 -12.13
N ASP A 98 57.71 -136.06 -11.76
CA ASP A 98 56.85 -136.90 -10.93
C ASP A 98 57.09 -136.61 -9.45
N PRO A 99 56.18 -137.05 -8.58
CA PRO A 99 56.37 -136.77 -7.15
C PRO A 99 57.70 -137.25 -6.60
N SER A 100 58.14 -138.46 -6.94
CA SER A 100 59.43 -138.95 -6.44
C SER A 100 60.58 -138.12 -6.99
N GLU A 101 60.44 -137.65 -8.23
CA GLU A 101 61.52 -136.88 -8.87
C GLU A 101 61.88 -135.65 -8.05
N VAL A 102 60.88 -134.96 -7.50
CA VAL A 102 61.05 -133.63 -6.93
C VAL A 102 61.23 -133.69 -5.42
N ALA A 103 61.59 -134.84 -4.87
CA ALA A 103 61.58 -135.00 -3.42
C ALA A 103 62.54 -134.05 -2.71
N GLU A 104 63.79 -133.91 -3.20
CA GLU A 104 64.79 -133.27 -2.36
C GLU A 104 65.75 -132.43 -3.21
N ILE A 105 66.81 -131.94 -2.56
CA ILE A 105 67.86 -131.16 -3.22
C ILE A 105 68.69 -132.06 -4.13
N GLY A 106 69.10 -131.51 -5.28
CA GLY A 106 69.98 -132.20 -6.18
C GLY A 106 69.38 -133.43 -6.78
N ASP A 107 68.10 -133.68 -6.51
CA ASP A 107 67.44 -134.87 -7.04
C ASP A 107 67.38 -134.82 -8.56
N TYR A 108 67.09 -133.65 -9.11
CA TYR A 108 67.06 -133.49 -10.55
C TYR A 108 68.47 -133.28 -11.07
N ASP A 109 68.81 -134.01 -12.13
CA ASP A 109 70.12 -133.84 -12.78
C ASP A 109 70.01 -132.61 -13.68
N LEU A 110 70.43 -131.46 -13.15
CA LEU A 110 70.35 -130.23 -13.93
C LEU A 110 71.07 -130.35 -15.27
N GLU A 111 72.17 -131.08 -15.33
CA GLU A 111 72.79 -131.30 -16.62
C GLU A 111 71.86 -132.05 -17.55
N GLY A 112 71.05 -132.98 -17.03
CA GLY A 112 70.05 -133.62 -17.85
C GLY A 112 69.08 -132.59 -18.43
N LEU A 113 68.61 -131.68 -17.57
CA LEU A 113 67.75 -130.61 -18.04
C LEU A 113 68.46 -129.77 -19.08
N PHE A 114 69.73 -129.49 -18.86
CA PHE A 114 70.49 -128.68 -19.80
C PHE A 114 70.59 -129.35 -21.15
N LEU A 115 70.78 -130.68 -21.16
CA LEU A 115 70.79 -131.39 -22.43
C LEU A 115 69.48 -131.19 -23.16
N ARG A 116 68.38 -131.45 -22.47
CA ARG A 116 67.09 -131.29 -23.12
C ARG A 116 66.84 -129.87 -23.63
N LEU A 117 67.05 -128.88 -22.78
CA LEU A 117 66.80 -127.52 -23.21
C LEU A 117 67.62 -127.21 -24.44
N GLU A 118 68.79 -127.81 -24.54
CA GLU A 118 69.62 -127.57 -25.71
C GLU A 118 68.93 -128.13 -26.94
N LEU A 119 68.41 -129.35 -26.81
CA LEU A 119 67.70 -129.98 -27.93
C LEU A 119 66.58 -129.08 -28.43
N ALA A 120 65.79 -128.60 -27.49
CA ALA A 120 64.65 -127.76 -27.84
C ALA A 120 65.11 -126.50 -28.56
N ILE A 121 66.17 -125.87 -28.05
CA ILE A 121 66.66 -124.64 -28.67
C ILE A 121 67.14 -124.90 -30.09
N ASP A 122 67.90 -125.99 -30.30
CA ASP A 122 68.44 -126.24 -31.62
C ASP A 122 67.37 -126.70 -32.61
N THR A 123 66.21 -127.16 -32.12
CA THR A 123 65.13 -127.48 -33.04
C THR A 123 64.74 -126.26 -33.88
N VAL A 124 64.43 -125.15 -33.21
CA VAL A 124 63.94 -123.95 -33.88
C VAL A 124 65.03 -122.90 -34.07
N GLY A 125 66.24 -123.15 -33.59
CA GLY A 125 67.29 -122.15 -33.63
C GLY A 125 66.90 -120.95 -32.81
N ALA A 126 66.45 -121.19 -31.60
CA ALA A 126 65.86 -120.14 -30.77
C ALA A 126 66.86 -119.04 -30.46
N LYS A 127 66.34 -117.82 -30.35
CA LYS A 127 67.08 -116.70 -29.81
C LYS A 127 66.38 -116.07 -28.61
N ARG A 128 65.17 -116.53 -28.27
CA ARG A 128 64.47 -116.14 -27.06
C ARG A 128 63.90 -117.40 -26.40
N VAL A 129 63.89 -117.41 -25.07
CA VAL A 129 63.43 -118.55 -24.30
C VAL A 129 62.58 -118.07 -23.13
N VAL A 130 61.57 -118.84 -22.77
CA VAL A 130 60.77 -118.61 -21.57
C VAL A 130 60.81 -119.88 -20.74
N LEU A 131 61.17 -119.73 -19.46
CA LEU A 131 61.06 -120.81 -18.49
C LEU A 131 59.91 -120.48 -17.55
N ASP A 132 58.86 -121.30 -17.60
CA ASP A 132 57.63 -121.04 -16.86
C ASP A 132 57.42 -122.15 -15.83
N THR A 133 57.12 -121.76 -14.61
CA THR A 133 56.95 -122.68 -13.50
C THR A 133 58.22 -123.51 -13.30
N ILE A 134 59.30 -122.80 -12.94
CA ILE A 134 60.46 -123.50 -12.42
C ILE A 134 60.34 -123.75 -10.92
N GLU A 135 59.25 -123.28 -10.30
CA GLU A 135 59.03 -123.55 -8.89
C GLU A 135 58.92 -125.04 -8.60
N SER A 136 58.35 -125.80 -9.54
CA SER A 136 58.18 -127.23 -9.33
C SER A 136 59.52 -127.88 -9.00
N LEU A 137 60.56 -127.52 -9.75
CA LEU A 137 61.88 -128.11 -9.55
C LEU A 137 62.54 -127.58 -8.29
N PHE A 138 62.47 -126.26 -8.05
CA PHE A 138 63.26 -125.62 -7.01
C PHE A 138 62.53 -125.45 -5.69
N SER A 139 61.24 -125.76 -5.61
CA SER A 139 60.59 -125.76 -4.30
C SER A 139 61.09 -126.90 -3.43
N ALA A 140 61.66 -127.92 -4.06
CA ALA A 140 62.19 -129.06 -3.31
C ALA A 140 63.33 -128.64 -2.40
N PHE A 141 64.29 -127.90 -2.92
CA PHE A 141 65.48 -127.54 -2.17
C PHE A 141 65.10 -126.83 -0.87
N SER A 142 65.58 -127.36 0.26
CA SER A 142 65.20 -126.85 1.57
C SER A 142 66.39 -126.33 2.40
N ASN A 143 67.58 -126.19 1.81
CA ASN A 143 68.67 -125.49 2.50
C ASN A 143 68.98 -124.20 1.74
N PRO A 144 69.00 -123.04 2.42
CA PRO A 144 69.13 -121.78 1.66
C PRO A 144 70.36 -121.71 0.77
N ALA A 145 71.51 -122.22 1.24
CA ALA A 145 72.73 -122.11 0.46
C ALA A 145 72.69 -123.00 -0.79
N ILE A 146 72.25 -124.24 -0.63
CA ILE A 146 72.23 -125.19 -1.74
C ILE A 146 71.30 -124.68 -2.84
N LEU A 147 70.15 -124.13 -2.44
CA LEU A 147 69.20 -123.60 -3.41
C LEU A 147 69.81 -122.44 -4.20
N ARG A 148 70.49 -121.52 -3.51
CA ARG A 148 71.09 -120.40 -4.20
C ARG A 148 72.17 -120.87 -5.16
N ALA A 149 72.92 -121.91 -4.77
CA ALA A 149 73.93 -122.44 -5.66
C ALA A 149 73.31 -123.03 -6.92
N GLU A 150 72.22 -123.78 -6.77
CA GLU A 150 71.57 -124.37 -7.94
C GLU A 150 70.97 -123.29 -8.85
N ILE A 151 70.32 -122.29 -8.26
CA ILE A 151 69.76 -121.21 -9.06
C ILE A 151 70.86 -120.49 -9.82
N ARG A 152 72.00 -120.24 -9.17
CA ARG A 152 73.12 -119.62 -9.86
C ARG A 152 73.63 -120.49 -10.98
N ARG A 153 73.67 -121.81 -10.76
CA ARG A 153 74.11 -122.72 -11.81
C ARG A 153 73.22 -122.58 -13.04
N LEU A 154 71.90 -122.61 -12.82
CA LEU A 154 70.97 -122.49 -13.95
C LEU A 154 71.14 -121.16 -14.66
N PHE A 155 71.22 -120.08 -13.90
CA PHE A 155 71.34 -118.76 -14.51
C PHE A 155 72.65 -118.62 -15.29
N ASP A 156 73.74 -119.16 -14.75
CA ASP A 156 75.02 -119.13 -15.46
C ASP A 156 74.94 -119.92 -16.77
N TRP A 157 74.30 -121.09 -16.72
CA TRP A 157 74.15 -121.85 -17.96
C TRP A 157 73.35 -121.08 -18.99
N LEU A 158 72.27 -120.42 -18.56
CA LEU A 158 71.48 -119.62 -19.49
C LEU A 158 72.30 -118.47 -20.06
N LYS A 159 73.07 -117.79 -19.21
CA LYS A 159 73.85 -116.65 -19.67
C LYS A 159 74.95 -117.06 -20.63
N GLU A 160 75.51 -118.26 -20.45
CA GLU A 160 76.59 -118.70 -21.33
C GLU A 160 76.11 -118.78 -22.78
N ARG A 161 74.90 -119.29 -23.00
CA ARG A 161 74.40 -119.51 -24.35
C ARG A 161 74.11 -118.21 -25.09
N GLY A 162 73.98 -117.09 -24.38
CA GLY A 162 73.56 -115.86 -25.02
C GLY A 162 72.13 -115.91 -25.50
N LEU A 163 71.23 -116.46 -24.68
CA LEU A 163 69.81 -116.56 -25.00
C LEU A 163 69.04 -115.57 -24.14
N THR A 164 68.24 -114.73 -24.79
CA THR A 164 67.37 -113.81 -24.05
C THR A 164 66.26 -114.61 -23.37
N THR A 165 66.29 -114.66 -22.05
CA THR A 165 65.42 -115.52 -21.28
C THR A 165 64.51 -114.71 -20.37
N VAL A 166 63.29 -115.20 -20.21
CA VAL A 166 62.32 -114.66 -19.26
C VAL A 166 61.87 -115.80 -18.36
N ILE A 167 61.99 -115.60 -17.05
CA ILE A 167 61.64 -116.61 -16.06
C ILE A 167 60.47 -116.09 -15.23
N THR A 168 59.40 -116.87 -15.16
CA THR A 168 58.21 -116.48 -14.41
C THR A 168 58.31 -117.05 -13.00
N ALA A 169 58.11 -116.18 -12.01
CA ALA A 169 58.24 -116.55 -10.61
C ALA A 169 56.99 -116.17 -9.85
N GLU A 170 56.70 -116.95 -8.81
CA GLU A 170 55.48 -116.80 -8.03
C GLU A 170 55.80 -116.09 -6.72
N ARG A 171 55.02 -115.05 -6.41
CA ARG A 171 55.29 -114.24 -5.23
C ARG A 171 55.05 -115.00 -3.95
N GLY A 172 53.99 -115.80 -3.90
CA GLY A 172 53.65 -116.46 -2.65
C GLY A 172 53.37 -115.45 -1.57
N ASP A 173 54.03 -115.61 -0.43
CA ASP A 173 53.90 -114.69 0.70
C ASP A 173 55.06 -113.70 0.76
N GLY A 174 55.93 -113.69 -0.25
CA GLY A 174 57.10 -112.83 -0.24
C GLY A 174 56.84 -111.47 -0.85
N ALA A 175 57.82 -110.59 -0.68
CA ALA A 175 57.75 -109.29 -1.33
C ALA A 175 57.85 -109.41 -2.85
N LEU A 176 58.77 -110.24 -3.33
CA LEU A 176 58.99 -110.44 -4.75
C LEU A 176 58.89 -111.90 -5.15
N THR A 177 59.43 -112.81 -4.36
CA THR A 177 59.44 -114.23 -4.69
C THR A 177 59.19 -115.03 -3.41
N ARG A 178 58.64 -116.23 -3.58
CA ARG A 178 58.28 -117.05 -2.42
C ARG A 178 59.50 -117.41 -1.59
N GLN A 179 60.56 -117.88 -2.25
CA GLN A 179 61.75 -118.35 -1.55
C GLN A 179 62.77 -117.25 -1.31
N GLY A 180 62.64 -116.10 -1.96
CA GLY A 180 63.38 -114.91 -1.59
C GLY A 180 64.81 -114.84 -2.07
N LEU A 181 65.20 -115.58 -3.10
CA LEU A 181 66.58 -115.60 -3.55
C LEU A 181 66.78 -115.29 -5.03
N GLU A 182 65.78 -115.53 -5.88
CA GLU A 182 65.97 -115.35 -7.31
C GLU A 182 66.16 -113.89 -7.67
N GLU A 183 65.59 -112.98 -6.88
CA GLU A 183 65.66 -111.56 -7.21
C GLU A 183 67.06 -111.00 -6.99
N TYR A 184 67.90 -111.69 -6.24
CA TYR A 184 69.27 -111.29 -5.99
C TYR A 184 70.27 -111.93 -6.95
N VAL A 185 69.79 -112.77 -7.87
CA VAL A 185 70.67 -113.43 -8.83
C VAL A 185 70.47 -112.89 -10.25
N SER A 186 69.28 -112.41 -10.59
CA SER A 186 69.00 -111.94 -11.93
C SER A 186 69.47 -110.49 -12.09
N ASP A 187 69.45 -110.03 -13.34
CA ASP A 187 69.84 -108.67 -13.67
C ASP A 187 68.64 -107.75 -13.87
N CYS A 188 67.51 -108.27 -14.34
CA CYS A 188 66.29 -107.51 -14.50
C CYS A 188 65.16 -108.18 -13.72
N VAL A 189 64.50 -107.41 -12.88
CA VAL A 189 63.39 -107.90 -12.06
C VAL A 189 62.20 -107.00 -12.33
N ILE A 190 61.08 -107.61 -12.72
CA ILE A 190 59.85 -106.88 -13.03
C ILE A 190 58.74 -107.46 -12.17
N LEU A 191 58.10 -106.62 -11.38
CA LEU A 191 57.03 -107.03 -10.48
C LEU A 191 55.69 -106.60 -11.06
N LEU A 192 54.77 -107.54 -11.19
CA LEU A 192 53.40 -107.28 -11.60
C LEU A 192 52.48 -107.43 -10.41
N ASP A 193 51.59 -106.47 -10.22
CA ASP A 193 50.78 -106.38 -9.02
C ASP A 193 49.33 -106.10 -9.39
N HIS A 194 48.42 -106.59 -8.56
CA HIS A 194 46.97 -106.44 -8.77
C HIS A 194 46.35 -106.18 -7.40
N ARG A 195 46.19 -104.91 -7.06
CA ARG A 195 45.74 -104.49 -5.74
C ARG A 195 44.32 -103.97 -5.77
N VAL A 196 43.62 -104.15 -4.67
CA VAL A 196 42.23 -103.75 -4.51
C VAL A 196 42.16 -102.61 -3.50
N GLU A 197 41.53 -101.51 -3.88
CA GLU A 197 41.31 -100.38 -2.99
C GLU A 197 39.91 -99.84 -3.22
N ASN A 198 39.12 -99.75 -2.15
CA ASN A 198 37.74 -99.29 -2.25
C ASN A 198 36.95 -100.13 -3.25
N GLN A 199 37.27 -101.42 -3.32
CA GLN A 199 36.61 -102.42 -4.16
C GLN A 199 36.99 -102.30 -5.63
N ILE A 200 37.99 -101.49 -5.97
CA ILE A 200 38.44 -101.32 -7.35
C ILE A 200 39.84 -101.92 -7.45
N SER A 201 40.02 -102.80 -8.43
CA SER A 201 41.30 -103.48 -8.64
C SER A 201 42.08 -102.79 -9.74
N THR A 202 43.39 -102.65 -9.52
CA THR A 202 44.27 -101.97 -10.46
C THR A 202 45.48 -102.86 -10.75
N ARG A 203 45.73 -103.09 -12.04
CA ARG A 203 46.97 -103.73 -12.47
C ARG A 203 48.09 -102.69 -12.46
N ARG A 204 49.21 -103.05 -11.83
CA ARG A 204 50.37 -102.16 -11.75
C ARG A 204 51.63 -102.92 -12.13
N LEU A 205 52.60 -102.18 -12.65
CA LEU A 205 53.85 -102.73 -13.13
C LEU A 205 55.01 -101.91 -12.56
N ARG A 206 56.12 -102.58 -12.29
CA ARG A 206 57.29 -101.91 -11.73
C ARG A 206 58.55 -102.66 -12.12
N ILE A 207 59.60 -101.91 -12.42
CA ILE A 207 60.92 -102.46 -12.71
C ILE A 207 61.75 -102.27 -11.45
N VAL A 208 61.87 -103.34 -10.66
CA VAL A 208 62.56 -103.23 -9.37
C VAL A 208 64.06 -103.10 -9.59
N LYS A 209 64.62 -103.89 -10.50
CA LYS A 209 66.04 -103.81 -10.83
C LYS A 209 66.21 -103.96 -12.34
N TYR A 210 67.16 -103.19 -12.88
CA TYR A 210 67.63 -103.42 -14.23
C TYR A 210 69.08 -102.96 -14.32
N ARG A 211 70.02 -103.88 -14.09
CA ARG A 211 71.43 -103.53 -14.08
C ARG A 211 71.89 -103.18 -15.49
N GLY A 212 72.63 -102.07 -15.60
CA GLY A 212 73.31 -101.70 -16.83
C GLY A 212 72.87 -100.41 -17.47
N THR A 213 71.84 -99.73 -16.98
CA THR A 213 71.34 -98.54 -17.65
C THR A 213 70.29 -97.87 -16.76
N ALA A 214 69.83 -96.70 -17.21
CA ALA A 214 68.76 -96.00 -16.53
C ALA A 214 67.40 -96.48 -17.04
N HIS A 215 66.39 -96.36 -16.18
CA HIS A 215 65.04 -96.77 -16.52
C HIS A 215 64.06 -96.07 -15.58
N GLY A 216 62.78 -96.24 -15.88
CA GLY A 216 61.75 -95.75 -14.98
C GLY A 216 61.70 -96.56 -13.69
N THR A 217 61.38 -95.87 -12.60
CA THR A 217 61.42 -96.48 -11.28
C THR A 217 60.09 -96.34 -10.52
N ASN A 218 59.05 -95.83 -11.17
CA ASN A 218 57.75 -95.67 -10.55
C ASN A 218 56.87 -96.88 -10.85
N GLU A 219 55.67 -96.88 -10.28
CA GLU A 219 54.67 -97.89 -10.58
C GLU A 219 53.76 -97.38 -11.69
N TYR A 220 53.57 -98.19 -12.72
CA TYR A 220 52.84 -97.78 -13.91
C TYR A 220 51.61 -98.65 -14.10
N PRO A 221 50.41 -98.15 -13.82
CA PRO A 221 49.21 -98.95 -14.10
C PRO A 221 49.12 -99.30 -15.57
N PHE A 222 48.68 -100.53 -15.85
CA PHE A 222 48.58 -101.02 -17.21
C PHE A 222 47.25 -101.76 -17.37
N LEU A 223 47.03 -102.27 -18.58
CA LEU A 223 45.76 -102.87 -18.96
C LEU A 223 46.02 -104.08 -19.84
N ILE A 224 45.38 -105.20 -19.52
CA ILE A 224 45.31 -106.34 -20.43
C ILE A 224 43.97 -106.27 -21.12
N ASP A 225 43.99 -106.12 -22.45
CA ASP A 225 42.79 -105.79 -23.20
C ASP A 225 42.79 -106.70 -24.43
N THR A 226 41.91 -106.41 -25.40
CA THR A 226 41.69 -107.31 -26.52
C THR A 226 42.95 -107.58 -27.33
N ASP A 227 43.95 -106.70 -27.26
CA ASP A 227 45.15 -106.85 -28.07
C ASP A 227 46.39 -107.23 -27.27
N GLY A 228 46.39 -107.02 -25.96
CA GLY A 228 47.49 -107.45 -25.12
C GLY A 228 47.81 -106.43 -24.06
N PHE A 229 49.03 -106.51 -23.53
CA PHE A 229 49.49 -105.57 -22.52
C PHE A 229 49.54 -104.16 -23.10
N SER A 230 49.11 -103.19 -22.30
CA SER A 230 49.14 -101.79 -22.69
C SER A 230 49.61 -100.95 -21.51
N VAL A 231 50.70 -100.20 -21.70
CA VAL A 231 51.21 -99.28 -20.70
C VAL A 231 51.26 -97.89 -21.35
N LEU A 232 50.59 -96.92 -20.72
CA LEU A 232 50.59 -95.53 -21.16
C LEU A 232 51.15 -94.69 -20.02
N PRO A 233 52.47 -94.68 -19.84
CA PRO A 233 53.05 -94.00 -18.68
C PRO A 233 52.79 -92.50 -18.72
N VAL A 234 52.60 -91.92 -17.54
CA VAL A 234 52.42 -90.47 -17.44
C VAL A 234 53.73 -89.71 -17.47
N SER A 235 54.86 -90.40 -17.34
CA SER A 235 56.16 -89.75 -17.40
C SER A 235 56.65 -89.51 -18.82
N ALA A 236 55.95 -90.03 -19.82
CA ALA A 236 56.29 -89.80 -21.22
C ALA A 236 55.65 -88.56 -21.78
N LEU A 237 54.75 -87.93 -21.04
CA LEU A 237 54.09 -86.71 -21.48
C LEU A 237 55.02 -85.53 -21.28
N GLY A 238 55.35 -84.84 -22.38
CA GLY A 238 56.12 -83.62 -22.32
C GLY A 238 55.25 -82.39 -22.52
N LEU A 239 55.92 -81.26 -22.68
CA LEU A 239 55.28 -80.03 -23.12
C LEU A 239 56.01 -79.58 -24.37
N LEU A 240 55.68 -80.23 -25.48
CA LEU A 240 56.17 -79.82 -26.79
C LEU A 240 54.99 -79.91 -27.77
N HIS A 241 54.19 -78.87 -27.80
CA HIS A 241 53.08 -78.79 -28.72
C HIS A 241 53.44 -77.91 -29.91
N GLN A 242 52.46 -77.72 -30.79
CA GLN A 242 52.56 -76.76 -31.89
C GLN A 242 51.39 -75.80 -31.78
N VAL A 243 51.59 -74.58 -32.24
CA VAL A 243 50.60 -73.53 -32.06
C VAL A 243 50.07 -73.08 -33.40
N HIS A 244 48.79 -72.72 -33.42
CA HIS A 244 48.09 -72.32 -34.62
C HIS A 244 47.50 -70.93 -34.41
N GLU A 245 47.28 -70.21 -35.51
CA GLU A 245 46.77 -68.85 -35.45
C GLU A 245 45.30 -68.71 -35.81
N GLU A 246 44.65 -69.75 -36.34
CA GLU A 246 43.21 -69.65 -36.49
C GLU A 246 42.48 -69.70 -35.17
N ARG A 247 41.20 -69.42 -35.27
CA ARG A 247 40.30 -69.35 -34.14
C ARG A 247 39.09 -70.26 -34.41
N ILE A 248 38.45 -70.69 -33.34
CA ILE A 248 37.32 -71.60 -33.40
C ILE A 248 36.07 -70.86 -32.91
N ALA A 249 35.02 -70.89 -33.72
CA ALA A 249 33.77 -70.25 -33.36
C ALA A 249 33.01 -71.09 -32.34
N SER A 250 32.30 -70.41 -31.44
CA SER A 250 31.58 -71.08 -30.36
C SER A 250 30.16 -71.48 -30.73
N GLY A 251 29.60 -70.95 -31.82
CA GLY A 251 28.19 -71.09 -32.08
C GLY A 251 27.32 -70.10 -31.34
N VAL A 252 27.92 -69.30 -30.47
CA VAL A 252 27.25 -68.19 -29.80
C VAL A 252 27.89 -66.91 -30.32
N PRO A 253 27.28 -66.25 -31.31
CA PRO A 253 27.96 -65.09 -31.91
C PRO A 253 28.23 -63.97 -30.93
N ASP A 254 27.41 -63.85 -29.89
CA ASP A 254 27.67 -62.83 -28.86
C ASP A 254 28.95 -63.14 -28.10
N LEU A 255 29.19 -64.41 -27.75
CA LEU A 255 30.37 -64.76 -26.99
C LEU A 255 31.64 -64.54 -27.81
N ASP A 256 31.60 -64.89 -29.10
CA ASP A 256 32.76 -64.67 -29.96
C ASP A 256 33.11 -63.20 -30.05
N ALA A 257 32.11 -62.33 -30.00
CA ALA A 257 32.35 -60.89 -30.04
C ALA A 257 33.07 -60.38 -28.80
N MET A 258 33.14 -61.18 -27.74
CA MET A 258 33.80 -60.77 -26.51
C MET A 258 35.30 -60.99 -26.56
N MET A 259 35.81 -61.49 -27.69
CA MET A 259 37.21 -61.87 -27.83
C MET A 259 37.77 -61.23 -29.08
N ALA A 260 38.99 -60.73 -28.97
CA ALA A 260 39.68 -60.22 -30.16
C ALA A 260 40.01 -61.36 -31.10
N GLY A 261 39.76 -61.14 -32.39
CA GLY A 261 40.07 -62.10 -33.41
C GLY A 261 38.96 -63.08 -33.74
N GLY A 262 37.94 -63.19 -32.91
CA GLY A 262 36.76 -63.98 -33.21
C GLY A 262 36.58 -65.27 -32.44
N GLY A 263 37.36 -65.50 -31.38
CA GLY A 263 37.16 -66.67 -30.55
C GLY A 263 38.47 -67.19 -30.02
N PHE A 264 38.38 -68.36 -29.39
CA PHE A 264 39.54 -69.01 -28.82
C PHE A 264 40.45 -69.54 -29.93
N PHE A 265 41.70 -69.78 -29.58
CA PHE A 265 42.61 -70.38 -30.54
C PHE A 265 42.25 -71.85 -30.73
N ARG A 266 42.68 -72.38 -31.87
CA ARG A 266 42.08 -73.61 -32.35
C ARG A 266 42.40 -74.79 -31.43
N GLY A 267 43.68 -75.11 -31.23
CA GLY A 267 44.06 -76.31 -30.51
C GLY A 267 44.11 -76.10 -29.02
N SER A 268 43.36 -75.12 -28.54
CA SER A 268 43.39 -74.73 -27.15
C SER A 268 42.63 -75.73 -26.27
N SER A 269 42.78 -75.55 -24.97
CA SER A 269 42.02 -76.29 -23.97
C SER A 269 41.11 -75.30 -23.25
N ILE A 270 39.81 -75.57 -23.29
CA ILE A 270 38.81 -74.66 -22.76
C ILE A 270 38.04 -75.38 -21.65
N LEU A 271 37.92 -74.73 -20.50
CA LEU A 271 37.21 -75.27 -19.35
C LEU A 271 35.97 -74.43 -19.10
N VAL A 272 34.81 -75.07 -19.08
CA VAL A 272 33.54 -74.43 -18.76
C VAL A 272 33.13 -74.89 -17.37
N SER A 273 32.97 -73.94 -16.45
CA SER A 273 32.72 -74.23 -15.05
C SER A 273 31.44 -73.55 -14.60
N GLY A 274 30.79 -74.14 -13.60
CA GLY A 274 29.57 -73.57 -13.06
C GLY A 274 28.85 -74.57 -12.18
N VAL A 275 27.79 -74.05 -11.56
CA VAL A 275 26.90 -74.85 -10.71
C VAL A 275 25.90 -75.59 -11.58
N ALA A 276 25.12 -76.47 -10.98
CA ALA A 276 24.18 -77.30 -11.71
C ALA A 276 23.02 -76.45 -12.21
N GLY A 277 22.65 -76.67 -13.48
CA GLY A 277 21.68 -75.82 -14.14
C GLY A 277 22.26 -74.60 -14.80
N ALA A 278 23.57 -74.40 -14.70
CA ALA A 278 24.18 -73.16 -15.17
C ALA A 278 24.07 -73.00 -16.68
N GLY A 279 24.25 -74.09 -17.42
CA GLY A 279 24.27 -74.02 -18.88
C GLY A 279 25.53 -74.57 -19.49
N LYS A 280 26.28 -75.35 -18.70
CA LYS A 280 27.55 -75.88 -19.17
C LYS A 280 27.37 -76.82 -20.35
N SER A 281 26.43 -77.75 -20.25
CA SER A 281 26.19 -78.70 -21.33
C SER A 281 25.70 -77.99 -22.58
N SER A 282 24.87 -76.95 -22.41
CA SER A 282 24.36 -76.22 -23.56
C SER A 282 25.49 -75.56 -24.34
N LEU A 283 26.45 -74.94 -23.64
CA LEU A 283 27.55 -74.29 -24.32
C LEU A 283 28.42 -75.29 -25.07
N ALA A 284 28.70 -76.44 -24.45
CA ALA A 284 29.49 -77.47 -25.11
C ALA A 284 28.78 -77.96 -26.37
N ALA A 285 27.46 -78.18 -26.26
CA ALA A 285 26.69 -78.61 -27.41
C ALA A 285 26.70 -77.57 -28.51
N HIS A 286 26.63 -76.29 -28.14
CA HIS A 286 26.72 -75.24 -29.14
C HIS A 286 28.06 -75.30 -29.86
N PHE A 287 29.14 -75.49 -29.10
CA PHE A 287 30.45 -75.67 -29.71
C PHE A 287 30.44 -76.81 -30.72
N ALA A 288 29.97 -77.97 -30.29
CA ALA A 288 29.98 -79.14 -31.18
C ALA A 288 29.09 -78.94 -32.38
N ALA A 289 27.90 -78.37 -32.18
CA ALA A 289 26.96 -78.16 -33.28
C ALA A 289 27.54 -77.20 -34.30
N ALA A 290 28.20 -76.13 -33.85
CA ALA A 290 28.85 -75.23 -34.79
C ALA A 290 29.96 -75.96 -35.54
N ALA A 291 30.79 -76.73 -34.83
CA ALA A 291 31.86 -77.46 -35.48
C ALA A 291 31.31 -78.34 -36.60
N CYS A 292 30.21 -79.05 -36.32
CA CYS A 292 29.60 -79.89 -37.35
C CYS A 292 29.02 -79.04 -38.48
N ALA A 293 28.44 -77.89 -38.15
CA ALA A 293 27.80 -77.06 -39.16
C ALA A 293 28.81 -76.56 -40.18
N ARG A 294 30.07 -76.38 -39.78
CA ARG A 294 31.11 -75.96 -40.71
C ARG A 294 31.66 -77.13 -41.52
N GLY A 295 31.08 -78.32 -41.39
CA GLY A 295 31.53 -79.48 -42.12
C GLY A 295 32.59 -80.31 -41.42
N GLU A 296 33.05 -79.90 -40.25
CA GLU A 296 34.06 -80.64 -39.52
C GLU A 296 33.39 -81.78 -38.75
N ARG A 297 34.16 -82.51 -37.94
CA ARG A 297 33.68 -83.63 -37.17
C ARG A 297 33.89 -83.35 -35.68
N ALA A 298 32.95 -83.82 -34.85
CA ALA A 298 32.98 -83.58 -33.42
C ALA A 298 32.67 -84.86 -32.67
N MET A 299 33.29 -84.99 -31.48
CA MET A 299 33.01 -86.12 -30.60
C MET A 299 32.63 -85.53 -29.26
N TYR A 300 31.55 -86.01 -28.65
CA TYR A 300 31.03 -85.44 -27.41
C TYR A 300 30.86 -86.58 -26.42
N PHE A 301 31.73 -86.66 -25.42
CA PHE A 301 31.73 -87.73 -24.44
C PHE A 301 30.95 -87.24 -23.21
N SER A 302 29.76 -87.80 -23.02
CA SER A 302 28.94 -87.51 -21.87
C SER A 302 29.05 -88.66 -20.88
N PHE A 303 29.17 -88.32 -19.61
CA PHE A 303 29.28 -89.33 -18.56
C PHE A 303 28.09 -89.31 -17.62
N GLU A 304 27.08 -88.49 -17.89
CA GLU A 304 25.95 -88.45 -16.99
C GLU A 304 24.59 -88.44 -17.66
N GLU A 305 24.51 -88.35 -18.98
CA GLU A 305 23.23 -88.35 -19.68
C GLU A 305 23.29 -89.28 -20.88
N ALA A 306 22.12 -89.80 -21.26
CA ALA A 306 22.02 -90.71 -22.38
C ALA A 306 21.93 -89.95 -23.71
N ALA A 307 22.08 -90.68 -24.80
CA ALA A 307 22.12 -90.07 -26.12
C ALA A 307 20.76 -89.52 -26.54
N ASP A 308 19.70 -90.32 -26.43
CA ASP A 308 18.39 -89.82 -26.81
C ASP A 308 17.96 -88.69 -25.88
N GLN A 309 18.23 -88.83 -24.58
CA GLN A 309 17.85 -87.79 -23.63
C GLN A 309 18.62 -86.50 -23.89
N ALA A 310 19.91 -86.60 -24.17
CA ALA A 310 20.69 -85.39 -24.46
C ALA A 310 20.18 -84.72 -25.73
N VAL A 311 19.85 -85.51 -26.75
CA VAL A 311 19.32 -84.93 -27.99
C VAL A 311 18.02 -84.20 -27.72
N ARG A 312 17.11 -84.82 -26.97
CA ARG A 312 15.85 -84.16 -26.65
C ARG A 312 16.09 -82.89 -25.86
N ASN A 313 16.99 -82.94 -24.86
CA ASN A 313 17.24 -81.77 -24.02
C ASN A 313 17.81 -80.63 -24.84
N MET A 314 18.76 -80.93 -25.74
CA MET A 314 19.32 -79.88 -26.57
C MET A 314 18.34 -79.38 -27.62
N ARG A 315 17.34 -80.18 -28.00
CA ARG A 315 16.38 -79.75 -29.02
C ARG A 315 15.60 -78.53 -28.57
N SER A 316 15.33 -78.41 -27.27
CA SER A 316 14.57 -77.26 -26.78
C SER A 316 15.35 -75.96 -26.89
N LEU A 317 16.67 -76.03 -26.93
CA LEU A 317 17.51 -74.85 -27.08
C LEU A 317 17.76 -74.50 -28.54
N GLY A 318 17.06 -75.15 -29.47
CA GLY A 318 17.16 -74.85 -30.88
C GLY A 318 18.28 -75.56 -31.60
N LEU A 319 19.14 -76.27 -30.89
CA LEU A 319 20.16 -77.07 -31.55
C LEU A 319 19.53 -78.32 -32.17
N ASP A 320 20.18 -78.83 -33.21
CA ASP A 320 19.77 -80.06 -33.84
C ASP A 320 20.98 -80.99 -33.85
N LEU A 321 21.18 -81.67 -32.72
CA LEU A 321 22.27 -82.63 -32.62
C LEU A 321 21.94 -83.91 -33.38
N GLY A 322 20.65 -84.19 -33.57
CA GLY A 322 20.26 -85.37 -34.33
C GLY A 322 20.61 -85.27 -35.80
N ARG A 323 20.45 -84.09 -36.39
CA ARG A 323 20.84 -83.90 -37.79
C ARG A 323 22.28 -84.30 -38.01
N TRP A 324 23.15 -83.92 -37.06
CA TRP A 324 24.58 -84.14 -37.23
C TRP A 324 24.96 -85.59 -36.93
N ARG A 325 24.25 -86.26 -36.02
CA ARG A 325 24.44 -87.69 -35.84
C ARG A 325 24.05 -88.46 -37.09
N ASP A 326 22.90 -88.13 -37.66
CA ASP A 326 22.43 -88.82 -38.85
C ASP A 326 23.28 -88.52 -40.08
N ALA A 327 24.03 -87.43 -40.06
CA ALA A 327 24.90 -87.05 -41.17
C ALA A 327 26.31 -87.57 -41.02
N GLY A 328 26.60 -88.32 -39.96
CA GLY A 328 27.94 -88.86 -39.77
C GLY A 328 28.99 -87.80 -39.54
N LEU A 329 28.66 -86.75 -38.78
CA LEU A 329 29.61 -85.71 -38.45
C LEU A 329 29.71 -85.45 -36.95
N LEU A 330 28.90 -86.14 -36.13
CA LEU A 330 28.96 -85.99 -34.69
C LEU A 330 28.78 -87.37 -34.07
N ARG A 331 29.78 -87.81 -33.31
CA ARG A 331 29.70 -89.05 -32.55
C ARG A 331 29.47 -88.71 -31.09
N PHE A 332 28.36 -89.22 -30.55
CA PHE A 332 27.91 -88.91 -29.19
C PHE A 332 28.06 -90.16 -28.36
N MET A 333 29.04 -90.18 -27.46
CA MET A 333 29.33 -91.38 -26.70
C MET A 333 28.96 -91.15 -25.24
N ALA A 334 28.20 -92.08 -24.67
CA ALA A 334 27.71 -91.98 -23.30
C ALA A 334 28.07 -93.24 -22.52
N THR A 335 28.79 -93.06 -21.41
CA THR A 335 29.17 -94.18 -20.56
C THR A 335 29.32 -93.68 -19.13
N ARG A 336 28.80 -94.43 -18.17
CA ARG A 336 28.90 -94.04 -16.78
C ARG A 336 30.36 -94.14 -16.31
N PRO A 337 30.74 -93.35 -15.31
CA PRO A 337 32.12 -93.43 -14.81
C PRO A 337 32.47 -94.78 -14.20
N THR A 338 31.46 -95.55 -13.77
CA THR A 338 31.70 -96.84 -13.13
C THR A 338 31.70 -97.99 -14.12
N PHE A 339 31.50 -97.72 -15.41
CA PHE A 339 31.47 -98.80 -16.40
C PHE A 339 32.86 -99.37 -16.65
N TYR A 340 33.90 -98.55 -16.54
CA TYR A 340 35.26 -98.97 -16.83
C TYR A 340 36.16 -98.57 -15.66
N SER A 341 37.41 -99.04 -15.73
CA SER A 341 38.46 -98.59 -14.85
C SER A 341 39.15 -97.38 -15.47
N LEU A 342 39.82 -96.61 -14.61
CA LEU A 342 40.43 -95.36 -15.08
C LEU A 342 41.38 -95.59 -16.24
N GLU A 343 42.01 -96.75 -16.30
CA GLU A 343 42.90 -97.06 -17.41
C GLU A 343 42.11 -97.29 -18.69
N MET A 344 41.06 -98.09 -18.61
CA MET A 344 40.29 -98.43 -19.79
C MET A 344 39.45 -97.25 -20.29
N HIS A 345 39.02 -96.36 -19.40
CA HIS A 345 38.37 -95.13 -19.86
C HIS A 345 39.29 -94.38 -20.81
N LEU A 346 40.52 -94.14 -20.37
CA LEU A 346 41.50 -93.46 -21.21
C LEU A 346 41.74 -94.24 -22.49
N ALA A 347 41.91 -95.56 -22.40
CA ALA A 347 42.18 -96.34 -23.59
C ALA A 347 41.07 -96.20 -24.62
N VAL A 348 39.81 -96.31 -24.17
CA VAL A 348 38.68 -96.21 -25.09
C VAL A 348 38.62 -94.82 -25.70
N ILE A 349 38.79 -93.78 -24.88
CA ILE A 349 38.70 -92.42 -25.40
C ILE A 349 39.76 -92.20 -26.47
N LEU A 350 41.00 -92.59 -26.19
CA LEU A 350 42.06 -92.38 -27.16
C LEU A 350 41.80 -93.16 -28.45
N ARG A 351 41.40 -94.42 -28.33
CA ARG A 351 41.14 -95.23 -29.52
C ARG A 351 40.05 -94.60 -30.38
N GLU A 352 38.95 -94.21 -29.75
CA GLU A 352 37.84 -93.63 -30.48
C GLU A 352 38.24 -92.31 -31.14
N VAL A 353 39.00 -91.49 -30.44
CA VAL A 353 39.45 -90.22 -31.00
C VAL A 353 40.32 -90.47 -32.21
N MET A 354 41.20 -91.46 -32.12
CA MET A 354 42.04 -91.85 -33.24
C MET A 354 41.20 -92.17 -34.47
N ARG A 355 40.23 -93.06 -34.32
CA ARG A 355 39.53 -93.58 -35.48
C ARG A 355 38.77 -92.48 -36.23
N PHE A 356 37.94 -91.72 -35.51
CA PHE A 356 37.08 -90.74 -36.17
C PHE A 356 37.88 -89.56 -36.70
N GLU A 357 38.98 -89.21 -36.03
CA GLU A 357 39.77 -88.03 -36.38
C GLU A 357 38.91 -86.78 -36.25
N PRO A 358 38.52 -86.43 -35.02
CA PRO A 358 37.67 -85.25 -34.82
C PRO A 358 38.43 -83.95 -34.95
N SER A 359 37.67 -82.86 -34.95
CA SER A 359 38.20 -81.51 -34.80
C SER A 359 37.91 -80.91 -33.44
N VAL A 360 36.77 -81.26 -32.85
CA VAL A 360 36.38 -80.80 -31.52
C VAL A 360 36.00 -82.01 -30.69
N VAL A 361 36.55 -82.10 -29.49
CA VAL A 361 36.23 -83.16 -28.55
C VAL A 361 35.76 -82.50 -27.26
N VAL A 362 34.61 -82.94 -26.76
CA VAL A 362 34.04 -82.42 -25.53
C VAL A 362 33.96 -83.55 -24.51
N LEU A 363 34.30 -83.23 -23.27
CA LEU A 363 34.15 -84.15 -22.14
C LEU A 363 33.23 -83.49 -21.13
N ASP A 364 32.08 -84.11 -20.87
CA ASP A 364 31.06 -83.49 -20.04
C ASP A 364 30.48 -84.47 -19.04
N PRO A 365 30.76 -84.30 -17.72
CA PRO A 365 31.69 -83.38 -17.08
C PRO A 365 32.99 -84.04 -16.65
N ILE A 366 34.05 -83.22 -16.53
CA ILE A 366 35.33 -83.73 -16.07
C ILE A 366 35.28 -84.11 -14.60
N SER A 367 34.32 -83.58 -13.84
CA SER A 367 34.25 -83.79 -12.41
C SER A 367 33.50 -85.06 -12.04
N ALA A 368 33.07 -85.85 -13.02
CA ALA A 368 32.34 -87.07 -12.73
C ALA A 368 33.24 -88.19 -12.22
N PHE A 369 34.54 -88.11 -12.45
CA PHE A 369 35.48 -89.17 -12.10
C PHE A 369 36.10 -88.99 -10.72
N THR A 370 35.59 -88.07 -9.89
CA THR A 370 36.25 -87.78 -8.62
C THR A 370 36.25 -89.00 -7.70
N GLU A 371 35.13 -89.73 -7.63
CA GLU A 371 34.99 -90.89 -6.77
C GLU A 371 35.38 -92.19 -7.44
N SER A 372 35.90 -92.15 -8.67
CA SER A 372 36.35 -93.36 -9.36
C SER A 372 37.76 -93.77 -8.99
N GLY A 373 38.44 -92.99 -8.16
CA GLY A 373 39.78 -93.32 -7.74
C GLY A 373 40.35 -92.24 -6.84
N ASP A 374 41.65 -92.30 -6.62
CA ASP A 374 42.33 -91.27 -5.87
C ASP A 374 42.47 -90.01 -6.71
N ARG A 375 42.72 -88.89 -6.02
CA ARG A 375 42.84 -87.61 -6.70
C ARG A 375 43.99 -87.64 -7.71
N LEU A 376 45.11 -88.24 -7.34
CA LEU A 376 46.29 -88.24 -8.21
C LEU A 376 46.14 -89.21 -9.38
N GLU A 377 45.31 -90.24 -9.24
CA GLU A 377 45.01 -91.15 -10.34
C GLU A 377 44.10 -90.52 -11.38
N VAL A 378 43.04 -89.85 -10.92
CA VAL A 378 42.12 -89.20 -11.83
C VAL A 378 42.82 -88.03 -12.50
N GLN A 379 43.68 -87.34 -11.75
CA GLN A 379 44.48 -86.28 -12.35
C GLN A 379 45.42 -86.83 -13.42
N SER A 380 46.04 -87.99 -13.16
CA SER A 380 46.91 -88.59 -14.18
C SER A 380 46.11 -88.92 -15.44
N MET A 381 44.94 -89.54 -15.27
CA MET A 381 44.12 -89.88 -16.44
C MET A 381 43.77 -88.64 -17.23
N LEU A 382 43.26 -87.62 -16.54
CA LEU A 382 42.81 -86.42 -17.23
C LEU A 382 43.97 -85.69 -17.89
N LEU A 383 45.13 -85.65 -17.24
CA LEU A 383 46.31 -85.04 -17.83
C LEU A 383 46.71 -85.76 -19.10
N ARG A 384 46.68 -87.09 -19.09
CA ARG A 384 47.01 -87.84 -20.29
C ARG A 384 46.00 -87.54 -21.41
N ILE A 385 44.72 -87.45 -21.07
CA ILE A 385 43.72 -87.12 -22.09
C ILE A 385 44.02 -85.75 -22.69
N VAL A 386 44.30 -84.77 -21.83
CA VAL A 386 44.53 -83.41 -22.30
C VAL A 386 45.76 -83.36 -23.20
N ASP A 387 46.85 -84.02 -22.78
CA ASP A 387 48.05 -84.01 -23.59
C ASP A 387 47.82 -84.68 -24.94
N PHE A 388 47.13 -85.82 -24.94
CA PHE A 388 46.85 -86.49 -26.21
C PHE A 388 46.05 -85.58 -27.14
N LEU A 389 45.03 -84.90 -26.61
CA LEU A 389 44.24 -84.01 -27.44
C LEU A 389 45.08 -82.86 -27.97
N LYS A 390 45.94 -82.28 -27.12
CA LYS A 390 46.68 -81.09 -27.52
C LYS A 390 47.79 -81.41 -28.52
N ASN A 391 48.39 -82.59 -28.43
CA ASN A 391 49.46 -82.93 -29.36
C ASN A 391 48.95 -83.14 -30.79
N ARG A 392 47.63 -83.23 -30.99
CA ARG A 392 47.07 -83.47 -32.30
C ARG A 392 46.32 -82.27 -32.87
N GLY A 393 46.31 -81.15 -32.16
CA GLY A 393 45.58 -79.99 -32.65
C GLY A 393 44.09 -80.09 -32.50
N ILE A 394 43.60 -80.98 -31.65
CA ILE A 394 42.17 -81.15 -31.42
C ILE A 394 41.76 -80.21 -30.30
N THR A 395 40.66 -79.49 -30.51
CA THR A 395 40.16 -78.56 -29.52
C THR A 395 39.35 -79.31 -28.47
N GLY A 396 39.74 -79.16 -27.21
CA GLY A 396 39.08 -79.85 -26.12
C GLY A 396 38.22 -78.93 -25.27
N ILE A 397 36.93 -79.25 -25.16
CA ILE A 397 36.00 -78.51 -24.33
C ILE A 397 35.66 -79.38 -23.14
N PHE A 398 36.08 -78.96 -21.95
CA PHE A 398 35.85 -79.71 -20.73
C PHE A 398 34.89 -78.95 -19.83
N THR A 399 33.81 -79.63 -19.41
CA THR A 399 32.83 -79.05 -18.51
C THR A 399 33.10 -79.55 -17.09
N HIS A 400 33.07 -78.63 -16.13
CA HIS A 400 33.40 -78.93 -14.74
C HIS A 400 32.38 -78.27 -13.85
N LEU A 401 31.98 -78.97 -12.80
CA LEU A 401 31.01 -78.44 -11.85
C LEU A 401 31.73 -77.67 -10.73
N ALA A 402 31.26 -76.45 -10.47
CA ALA A 402 31.87 -75.61 -9.47
C ALA A 402 31.41 -75.97 -8.06
N HIS A 403 32.37 -76.00 -7.14
CA HIS A 403 32.15 -76.20 -5.69
C HIS A 403 33.42 -76.78 -5.08
N GLY A 413 43.12 -78.56 -9.98
CA GLY A 413 43.85 -79.59 -10.71
C GLY A 413 43.41 -79.61 -12.17
N LEU A 414 44.35 -79.35 -13.07
CA LEU A 414 44.20 -79.27 -14.52
C LEU A 414 43.53 -77.96 -14.92
N GLU A 415 43.10 -77.14 -13.97
CA GLU A 415 42.66 -75.79 -14.28
C GLU A 415 43.82 -75.00 -14.86
N GLU A 416 45.00 -75.24 -14.30
CA GLU A 416 46.24 -74.58 -14.67
C GLU A 416 46.64 -74.82 -16.12
N LEU A 417 46.24 -75.96 -16.68
CA LEU A 417 46.63 -76.36 -18.03
C LEU A 417 45.64 -75.90 -19.08
N MET A 418 44.76 -74.97 -18.74
CA MET A 418 43.68 -74.54 -19.62
C MET A 418 44.03 -73.19 -20.23
N ASP A 419 43.80 -73.08 -21.54
CA ASP A 419 44.08 -71.82 -22.24
C ASP A 419 42.94 -70.84 -22.05
N GLY A 420 41.70 -71.31 -22.12
CA GLY A 420 40.55 -70.48 -21.83
C GLY A 420 39.75 -71.02 -20.65
N TRP A 421 38.95 -70.15 -20.03
CA TRP A 421 38.12 -70.54 -18.90
C TRP A 421 36.86 -69.69 -18.93
N VAL A 422 35.71 -70.33 -19.08
CA VAL A 422 34.41 -69.66 -19.09
C VAL A 422 33.67 -70.08 -17.83
N LEU A 423 33.39 -69.12 -16.96
CA LEU A 423 32.65 -69.37 -15.73
C LEU A 423 31.22 -68.89 -15.91
N MET A 424 30.27 -69.79 -15.66
CA MET A 424 28.85 -69.53 -15.83
C MET A 424 28.18 -69.49 -14.47
N LEU A 425 27.41 -68.43 -14.23
CA LEU A 425 26.81 -68.18 -12.93
C LEU A 425 25.30 -68.18 -13.04
N ASN A 426 24.65 -68.63 -11.95
CA ASN A 426 23.19 -68.58 -11.81
C ASN A 426 22.92 -68.27 -10.34
N ARG A 427 22.76 -66.99 -10.03
CA ARG A 427 22.72 -66.51 -8.66
C ARG A 427 21.36 -65.91 -8.32
N GLU A 428 21.10 -65.80 -7.03
CA GLU A 428 19.84 -65.27 -6.51
C GLU A 428 20.03 -63.82 -6.10
N VAL A 429 19.28 -62.93 -6.74
CA VAL A 429 19.16 -61.55 -6.31
C VAL A 429 17.72 -61.12 -6.52
N ASN A 430 17.11 -60.55 -5.49
CA ASN A 430 15.77 -59.97 -5.59
C ASN A 430 14.72 -61.05 -5.87
N GLY A 431 14.84 -62.18 -5.20
CA GLY A 431 13.84 -63.23 -5.33
C GLY A 431 13.75 -63.81 -6.72
N GLU A 432 14.86 -63.89 -7.43
CA GLU A 432 14.91 -64.50 -8.76
C GLU A 432 16.34 -64.93 -9.02
N PHE A 433 16.49 -65.90 -9.91
CA PHE A 433 17.80 -66.41 -10.29
C PHE A 433 18.13 -65.95 -11.70
N ASN A 434 19.25 -65.24 -11.84
CA ASN A 434 19.67 -64.67 -13.10
C ASN A 434 20.96 -65.34 -13.57
N ARG A 435 21.03 -65.62 -14.87
CA ARG A 435 22.20 -66.24 -15.46
C ARG A 435 23.23 -65.20 -15.90
N GLU A 436 24.50 -65.58 -15.77
CA GLU A 436 25.60 -64.71 -16.13
C GLU A 436 26.77 -65.57 -16.55
N LEU A 437 27.75 -64.93 -17.20
CA LEU A 437 28.96 -65.64 -17.60
C LEU A 437 30.06 -64.62 -17.85
N TYR A 438 31.29 -65.00 -17.53
CA TYR A 438 32.46 -64.17 -17.84
C TYR A 438 33.63 -65.07 -18.19
N LEU A 439 34.61 -64.48 -18.85
CA LEU A 439 35.82 -65.17 -19.30
C LEU A 439 36.90 -64.96 -18.24
N LEU A 440 37.07 -65.97 -17.38
CA LEU A 440 38.10 -65.89 -16.34
C LEU A 440 39.48 -65.78 -16.95
N LYS A 441 39.73 -66.57 -18.00
CA LYS A 441 41.05 -66.65 -18.60
C LYS A 441 40.91 -66.84 -20.09
N ALA A 442 41.72 -66.11 -20.83
CA ALA A 442 41.87 -66.37 -22.24
C ALA A 442 43.27 -65.94 -22.68
N ARG A 443 44.20 -66.88 -22.66
CA ARG A 443 45.60 -66.55 -22.89
C ARG A 443 45.86 -66.26 -24.36
N GLY A 444 46.68 -65.24 -24.61
CA GLY A 444 47.10 -64.91 -25.95
C GLY A 444 46.22 -63.92 -26.66
N MET A 445 45.30 -63.25 -25.98
CA MET A 445 44.30 -62.48 -26.70
C MET A 445 43.80 -61.39 -25.76
N ALA A 446 43.11 -60.42 -26.34
CA ALA A 446 42.36 -59.44 -25.57
C ALA A 446 40.89 -59.80 -25.57
N HIS A 447 40.24 -59.68 -24.41
CA HIS A 447 38.85 -60.06 -24.25
C HIS A 447 38.18 -59.13 -23.25
N SER A 448 36.85 -59.14 -23.28
CA SER A 448 36.06 -58.30 -22.38
C SER A 448 36.21 -58.75 -20.94
N ASN A 449 36.11 -57.79 -20.02
CA ASN A 449 36.19 -58.03 -18.59
C ASN A 449 34.85 -57.78 -17.90
N GLN A 450 33.74 -57.99 -18.63
CA GLN A 450 32.41 -57.72 -18.12
C GLN A 450 31.72 -59.02 -17.73
N VAL A 451 31.00 -58.98 -16.62
CA VAL A 451 30.17 -60.10 -16.18
C VAL A 451 28.81 -59.89 -16.84
N ARG A 452 28.64 -60.50 -18.01
CA ARG A 452 27.47 -60.26 -18.83
C ARG A 452 26.35 -61.22 -18.50
N GLU A 453 25.12 -60.74 -18.60
CA GLU A 453 23.92 -61.52 -18.35
C GLU A 453 23.38 -62.04 -19.67
N PHE A 454 22.91 -63.29 -19.67
CA PHE A 454 22.40 -63.93 -20.87
C PHE A 454 21.10 -64.65 -20.55
N LEU A 455 20.43 -65.08 -21.61
CA LEU A 455 19.19 -65.83 -21.50
C LEU A 455 19.26 -67.04 -22.41
N MET A 456 18.53 -68.08 -22.03
CA MET A 456 18.31 -69.25 -22.87
C MET A 456 16.93 -69.18 -23.48
N SER A 457 16.80 -69.77 -24.66
CA SER A 457 15.52 -69.73 -25.36
C SER A 457 15.57 -70.78 -26.48
N ASP A 458 14.52 -70.78 -27.29
CA ASP A 458 14.49 -71.62 -28.47
C ASP A 458 15.55 -71.22 -29.49
N ARG A 459 16.17 -70.05 -29.31
CA ARG A 459 17.16 -69.51 -30.22
C ARG A 459 18.58 -69.69 -29.70
N GLY A 460 18.75 -70.44 -28.61
CA GLY A 460 20.06 -70.67 -28.05
C GLY A 460 20.40 -69.70 -26.94
N ILE A 461 21.68 -69.43 -26.77
CA ILE A 461 22.14 -68.52 -25.72
C ILE A 461 22.29 -67.13 -26.34
N SER A 462 21.57 -66.16 -25.78
CA SER A 462 21.64 -64.78 -26.22
C SER A 462 22.12 -63.91 -25.06
N LEU A 463 23.14 -63.10 -25.32
CA LEU A 463 23.68 -62.19 -24.32
C LEU A 463 22.99 -60.84 -24.44
N LEU A 464 22.56 -60.32 -23.30
CA LEU A 464 21.80 -59.08 -23.28
C LEU A 464 22.75 -57.88 -23.39
N PRO A 465 22.26 -56.74 -23.85
CA PRO A 465 23.14 -55.58 -23.97
C PRO A 465 23.76 -55.23 -22.64
N PRO A 466 24.98 -54.70 -22.65
CA PRO A 466 25.65 -54.37 -21.39
C PRO A 466 24.87 -53.35 -20.58
N HIS A 467 25.17 -53.30 -19.29
CA HIS A 467 24.45 -52.46 -18.34
C HIS A 467 25.16 -51.12 -18.22
N LEU A 468 24.42 -50.04 -18.48
CA LEU A 468 24.99 -48.70 -18.39
C LEU A 468 24.19 -47.91 -17.36
N GLY A 469 24.84 -47.59 -16.25
CA GLY A 469 24.25 -46.76 -15.24
C GLY A 469 25.31 -46.45 -14.22
N GLU A 470 25.10 -45.37 -13.47
CA GLU A 470 26.13 -44.94 -12.54
C GLU A 470 26.33 -46.00 -11.47
N GLY A 471 25.22 -46.60 -11.01
CA GLY A 471 25.34 -47.70 -10.07
C GLY A 471 25.85 -48.98 -10.73
N GLY A 472 25.23 -49.36 -11.85
CA GLY A 472 25.62 -50.57 -12.55
C GLY A 472 25.33 -51.83 -11.76
N ALA A 473 25.73 -52.98 -12.30
CA ALA A 473 25.67 -54.25 -11.60
C ALA A 473 24.24 -54.60 -11.15
N LEU A 474 23.28 -54.34 -12.01
CA LEU A 474 21.90 -54.75 -11.79
C LEU A 474 21.48 -55.69 -12.92
N THR A 475 20.75 -56.73 -12.56
CA THR A 475 20.38 -57.79 -13.50
C THR A 475 18.89 -58.08 -13.38
N GLY A 476 18.32 -58.56 -14.49
CA GLY A 476 16.96 -59.05 -14.48
C GLY A 476 15.92 -57.97 -14.26
N THR A 477 15.08 -58.17 -13.24
CA THR A 477 13.99 -57.24 -12.99
C THR A 477 14.48 -55.93 -12.41
N ALA A 478 15.50 -55.97 -11.55
CA ALA A 478 16.03 -54.73 -10.97
C ALA A 478 16.52 -53.78 -12.05
N ARG A 479 17.03 -54.31 -13.16
CA ARG A 479 17.47 -53.45 -14.26
C ARG A 479 16.30 -52.65 -14.81
N LYS A 480 15.16 -53.31 -15.07
CA LYS A 480 14.00 -52.61 -15.59
C LYS A 480 13.47 -51.60 -14.58
N ALA A 481 13.49 -51.97 -13.29
CA ALA A 481 13.03 -51.04 -12.26
C ALA A 481 13.88 -49.78 -12.25
N GLU A 482 15.19 -49.92 -12.38
CA GLU A 482 16.06 -48.75 -12.37
C GLU A 482 15.88 -47.93 -13.65
N GLU A 483 15.66 -48.59 -14.78
CA GLU A 483 15.36 -47.84 -16.00
C GLU A 483 14.12 -46.98 -15.81
N ALA A 484 13.07 -47.57 -15.22
CA ALA A 484 11.86 -46.81 -14.95
C ALA A 484 12.11 -45.65 -14.00
N ARG A 485 12.90 -45.89 -12.95
CA ARG A 485 13.20 -44.83 -11.99
C ARG A 485 13.95 -43.69 -12.66
N LEU A 486 14.92 -44.02 -13.52
CA LEU A 486 15.66 -42.98 -14.23
C LEU A 486 14.74 -42.17 -15.13
N ARG A 487 13.84 -42.85 -15.84
CA ARG A 487 12.88 -42.13 -16.67
C ARG A 487 12.02 -41.18 -15.83
N ARG A 488 11.55 -41.66 -14.68
CA ARG A 488 10.74 -40.82 -13.80
C ARG A 488 11.50 -39.59 -13.33
N ALA A 489 12.77 -39.78 -12.95
CA ALA A 489 13.57 -38.64 -12.50
C ALA A 489 13.77 -37.62 -13.63
N GLU A 490 14.01 -38.12 -14.85
CA GLU A 490 14.17 -37.21 -15.98
C GLU A 490 12.90 -36.41 -16.22
N ILE A 491 11.74 -37.07 -16.13
CA ILE A 491 10.48 -36.35 -16.32
C ILE A 491 10.31 -35.29 -15.24
N GLU A 492 10.65 -35.63 -13.99
CA GLU A 492 10.54 -34.68 -12.90
C GLU A 492 11.39 -33.44 -13.17
N ARG A 493 12.65 -33.64 -13.56
CA ARG A 493 13.52 -32.49 -13.82
C ARG A 493 13.00 -31.66 -14.98
N GLN A 494 12.49 -32.32 -16.03
CA GLN A 494 11.95 -31.57 -17.16
C GLN A 494 10.77 -30.70 -16.73
N THR A 495 9.88 -31.24 -15.89
CA THR A 495 8.75 -30.46 -15.43
C THR A 495 9.20 -29.26 -14.58
N GLU A 496 10.22 -29.48 -13.75
CA GLU A 496 10.76 -28.37 -12.94
C GLU A 496 11.27 -27.24 -13.84
N LEU A 497 12.06 -27.59 -14.86
CA LEU A 497 12.56 -26.57 -15.77
C LEU A 497 11.43 -25.87 -16.50
N GLY A 498 10.40 -26.63 -16.88
CA GLY A 498 9.26 -26.03 -17.55
C GLY A 498 8.57 -24.99 -16.70
N ARG A 499 8.29 -25.33 -15.44
CA ARG A 499 7.62 -24.37 -14.57
C ARG A 499 8.48 -23.12 -14.37
N LEU A 500 9.79 -23.29 -14.21
CA LEU A 500 10.65 -22.12 -14.05
C LEU A 500 10.58 -21.21 -15.28
N GLN A 501 10.67 -21.81 -16.47
CA GLN A 501 10.58 -21.05 -17.71
C GLN A 501 9.27 -20.26 -17.77
N GLN A 502 8.17 -20.95 -17.48
CA GLN A 502 6.84 -20.33 -17.52
C GLN A 502 6.74 -19.17 -16.53
N GLN A 503 7.31 -19.33 -15.34
CA GLN A 503 7.25 -18.26 -14.34
C GLN A 503 8.01 -17.01 -14.80
N ILE A 504 9.22 -17.20 -15.33
CA ILE A 504 9.97 -16.03 -15.77
C ILE A 504 9.27 -15.36 -16.96
N GLU A 505 8.67 -16.16 -17.85
CA GLU A 505 7.96 -15.56 -18.97
C GLU A 505 6.71 -14.83 -18.53
N GLN A 506 6.01 -15.31 -17.49
CA GLN A 506 4.86 -14.56 -16.98
C GLN A 506 5.31 -13.22 -16.40
N ARG A 507 6.45 -13.21 -15.71
CA ARG A 507 6.99 -11.93 -15.25
C ARG A 507 7.22 -10.99 -16.43
N ARG A 508 7.77 -11.52 -17.52
CA ARG A 508 8.00 -10.67 -18.71
C ARG A 508 6.68 -10.11 -19.25
N ARG A 509 5.65 -10.96 -19.36
CA ARG A 509 4.37 -10.50 -19.89
C ARG A 509 3.79 -9.40 -19.01
N ARG A 510 3.97 -9.54 -17.71
CA ARG A 510 3.62 -8.51 -16.74
C ARG A 510 4.27 -7.19 -17.04
N ALA A 511 5.58 -7.23 -17.18
CA ALA A 511 6.30 -6.01 -17.47
C ALA A 511 5.74 -5.35 -18.71
N ARG A 512 5.43 -6.16 -19.71
CA ARG A 512 4.66 -5.67 -20.85
C ARG A 512 3.39 -4.95 -20.50
N ALA A 513 2.49 -5.61 -19.79
CA ALA A 513 1.20 -5.00 -19.59
C ALA A 513 1.35 -3.64 -18.92
N GLN A 514 2.26 -3.57 -17.94
CA GLN A 514 2.47 -2.30 -17.25
C GLN A 514 3.04 -1.24 -18.19
N ILE A 515 3.98 -1.63 -19.06
CA ILE A 515 4.54 -0.67 -20.01
C ILE A 515 3.44 -0.12 -20.91
N GLU A 516 2.56 -1.00 -21.39
CA GLU A 516 1.48 -0.56 -22.27
C GLU A 516 0.59 0.46 -21.56
N ALA A 517 0.23 0.16 -20.32
CA ALA A 517 -0.62 1.09 -19.57
C ALA A 517 0.04 2.45 -19.43
N LEU A 518 1.33 2.47 -19.06
CA LEU A 518 2.03 3.73 -18.88
C LEU A 518 2.13 4.51 -20.19
N GLU A 519 2.36 3.80 -21.30
CA GLU A 519 2.39 4.43 -22.61
C GLU A 519 1.07 5.11 -22.92
N ALA A 520 -0.04 4.40 -22.69
CA ALA A 520 -1.34 4.99 -22.96
C ALA A 520 -1.53 6.25 -22.12
N GLU A 521 -1.09 6.21 -20.86
CA GLU A 521 -1.19 7.38 -20.01
C GLU A 521 -0.42 8.56 -20.61
N LEU A 522 0.82 8.32 -21.05
CA LEU A 522 1.62 9.42 -21.57
C LEU A 522 1.05 9.96 -22.88
N GLN A 523 0.46 9.10 -23.71
CA GLN A 523 -0.21 9.60 -24.91
C GLN A 523 -1.38 10.50 -24.54
N ALA A 524 -2.16 10.09 -23.54
CA ALA A 524 -3.23 10.96 -23.07
C ALA A 524 -2.70 12.30 -22.61
N GLU A 525 -1.58 12.30 -21.89
CA GLU A 525 -0.99 13.55 -21.45
C GLU A 525 -0.59 14.41 -22.64
N GLU A 526 0.00 13.81 -23.67
CA GLU A 526 0.37 14.56 -24.88
C GLU A 526 -0.86 15.24 -25.48
N ILE A 527 -1.97 14.50 -25.58
CA ILE A 527 -3.19 15.08 -26.13
C ILE A 527 -3.64 16.25 -25.28
N ALA A 528 -3.51 16.12 -23.95
CA ALA A 528 -3.90 17.22 -23.07
C ALA A 528 -3.05 18.46 -23.32
N LEU A 529 -1.74 18.28 -23.46
CA LEU A 529 -0.86 19.40 -23.80
C LEU A 529 -1.35 20.09 -25.06
N LYS A 530 -1.68 19.29 -26.07
CA LYS A 530 -2.15 19.82 -27.35
C LYS A 530 -3.37 20.69 -27.15
N ALA A 531 -4.35 20.15 -26.46
CA ALA A 531 -5.61 20.85 -26.28
C ALA A 531 -5.40 22.16 -25.54
N LEU A 532 -4.53 22.14 -24.54
CA LEU A 532 -4.27 23.37 -23.79
C LEU A 532 -3.62 24.43 -24.66
N VAL A 533 -2.63 24.04 -25.47
CA VAL A 533 -1.98 25.02 -26.35
C VAL A 533 -2.99 25.57 -27.36
N GLU A 534 -3.83 24.70 -27.91
CA GLU A 534 -4.85 25.15 -28.85
C GLU A 534 -5.78 26.17 -28.19
N SER A 535 -6.21 25.89 -26.96
CA SER A 535 -7.11 26.81 -26.28
C SER A 535 -6.44 28.15 -26.05
N GLU A 536 -5.17 28.15 -25.65
CA GLU A 536 -4.47 29.41 -25.43
C GLU A 536 -4.37 30.21 -26.72
N SER A 537 -4.04 29.54 -27.82
CA SER A 537 -3.94 30.25 -29.10
C SER A 537 -5.29 30.86 -29.48
N ALA A 538 -6.37 30.09 -29.30
CA ALA A 538 -7.70 30.61 -29.61
C ALA A 538 -8.04 31.81 -28.74
N HIS A 539 -7.66 31.77 -27.46
CA HIS A 539 -7.95 32.89 -26.58
C HIS A 539 -7.19 34.14 -26.99
N GLU A 540 -5.91 33.99 -27.36
CA GLU A 540 -5.14 35.12 -27.85
C GLU A 540 -5.82 35.74 -29.06
N ARG A 541 -6.19 34.89 -30.02
CA ARG A 541 -6.86 35.34 -31.23
C ARG A 541 -8.14 36.11 -30.92
N GLN A 542 -8.99 35.54 -30.07
CA GLN A 542 -10.27 36.18 -29.82
C GLN A 542 -10.08 37.50 -29.08
N ARG A 543 -9.08 37.59 -28.20
CA ARG A 543 -8.84 38.89 -27.56
C ARG A 543 -8.42 39.93 -28.58
N LEU A 544 -7.54 39.57 -29.52
CA LEU A 544 -7.15 40.54 -30.54
C LEU A 544 -8.35 40.98 -31.36
N ALA A 545 -9.21 40.04 -31.74
CA ALA A 545 -10.39 40.41 -32.51
C ALA A 545 -11.29 41.36 -31.71
N ASP A 546 -11.50 41.06 -30.43
CA ASP A 546 -12.35 41.90 -29.60
C ASP A 546 -11.74 43.28 -29.39
N ALA A 547 -10.43 43.35 -29.18
CA ALA A 547 -9.76 44.64 -29.04
C ALA A 547 -9.88 45.47 -30.30
N ASP A 548 -9.72 44.83 -31.46
CA ASP A 548 -9.91 45.56 -32.71
C ASP A 548 -11.33 46.07 -32.87
N THR A 549 -12.31 45.26 -32.50
CA THR A 549 -13.70 45.68 -32.58
C THR A 549 -13.96 46.90 -31.69
N LEU A 550 -13.49 46.84 -30.45
CA LEU A 550 -13.69 47.94 -29.53
C LEU A 550 -12.97 49.20 -30.01
N ALA A 551 -11.74 49.06 -30.50
CA ALA A 551 -10.98 50.22 -30.98
C ALA A 551 -11.55 50.80 -32.25
N ARG A 552 -12.24 50.00 -33.01
CA ARG A 552 -13.09 50.50 -34.08
C ARG A 552 -14.28 51.30 -33.60
N SER A 553 -15.01 50.80 -32.63
CA SER A 553 -16.22 51.51 -32.28
C SER A 553 -15.93 52.79 -31.49
N ARG A 554 -14.65 53.10 -31.27
CA ARG A 554 -14.27 54.30 -30.53
C ARG A 554 -13.25 55.16 -31.28
N GLY A 555 -12.97 54.85 -32.55
CA GLY A 555 -11.92 55.51 -33.28
C GLY A 555 -12.45 56.56 -34.23
N ASN A 556 -11.55 57.45 -34.64
CA ASN A 556 -11.85 58.48 -35.61
C ASN A 556 -11.47 58.08 -37.03
N GLU A 557 -11.26 56.77 -37.27
CA GLU A 557 -10.89 56.36 -38.62
C GLU A 557 -11.98 56.68 -39.60
N ARG A 558 -13.22 56.49 -39.17
CA ARG A 558 -14.35 56.57 -40.07
C ARG A 558 -14.46 57.94 -40.72
N PHE A 559 -13.69 58.91 -40.24
CA PHE A 559 -13.73 60.28 -40.71
C PHE A 559 -12.44 60.69 -41.43
N ALA A 560 -11.63 59.72 -41.86
CA ALA A 560 -10.43 60.03 -42.64
C ALA A 560 -10.64 59.67 -44.11
N GLY B 4 -48.26 102.92 -54.54
CA GLY B 4 -49.26 103.70 -53.82
C GLY B 4 -48.96 105.19 -53.84
N ILE B 5 -48.61 105.74 -52.68
CA ILE B 5 -48.31 107.16 -52.55
C ILE B 5 -46.82 107.37 -52.75
N GLY B 6 -46.46 108.56 -53.21
CA GLY B 6 -45.06 108.92 -53.33
C GLY B 6 -44.43 109.21 -51.99
N LYS B 7 -43.12 108.99 -51.90
CA LYS B 7 -42.38 109.15 -50.66
C LYS B 7 -41.07 109.85 -50.95
N SER B 8 -40.57 110.56 -49.93
CA SER B 8 -39.32 111.31 -50.03
C SER B 8 -38.29 110.70 -49.10
N PRO B 9 -37.15 110.20 -49.60
CA PRO B 9 -36.18 109.58 -48.70
C PRO B 9 -35.58 110.59 -47.74
N THR B 10 -35.41 110.19 -46.49
CA THR B 10 -34.84 111.05 -45.46
C THR B 10 -33.32 111.04 -45.43
N GLY B 11 -32.70 109.98 -45.95
CA GLY B 11 -31.28 109.79 -45.82
C GLY B 11 -30.86 108.97 -44.62
N ILE B 12 -31.76 108.79 -43.65
CA ILE B 12 -31.54 107.85 -42.56
C ILE B 12 -31.89 106.46 -43.06
N GLN B 13 -30.93 105.78 -43.68
CA GLN B 13 -31.16 104.39 -44.05
C GLN B 13 -31.48 103.59 -42.80
N GLY B 14 -32.56 102.81 -42.87
CA GLY B 14 -33.08 102.08 -41.74
C GLY B 14 -34.39 102.64 -41.23
N PHE B 15 -34.63 103.93 -41.46
CA PHE B 15 -35.95 104.53 -41.31
C PHE B 15 -36.68 104.59 -42.64
N ASP B 16 -35.93 104.73 -43.74
CA ASP B 16 -36.50 104.59 -45.06
C ASP B 16 -36.93 103.14 -45.33
N GLU B 17 -36.17 102.17 -44.82
CA GLU B 17 -36.58 100.78 -44.98
C GLU B 17 -37.87 100.50 -44.22
N LEU B 18 -37.99 101.03 -43.00
CA LEU B 18 -39.20 100.84 -42.22
C LEU B 18 -40.39 101.51 -42.87
N THR B 19 -40.20 102.71 -43.42
CA THR B 19 -41.26 103.46 -44.06
C THR B 19 -41.46 103.08 -45.52
N LEU B 20 -40.65 102.17 -46.05
CA LEU B 20 -40.74 101.74 -47.44
C LEU B 20 -40.63 102.93 -48.40
N GLY B 21 -39.66 103.80 -48.15
CA GLY B 21 -39.35 104.87 -49.06
C GLY B 21 -39.07 106.21 -48.41
N GLY B 22 -39.74 106.50 -47.30
CA GLY B 22 -39.49 107.72 -46.55
C GLY B 22 -40.79 108.38 -46.15
N LEU B 23 -40.69 109.67 -45.85
CA LEU B 23 -41.82 110.46 -45.42
C LEU B 23 -42.70 110.84 -46.61
N PRO B 24 -43.97 111.14 -46.37
CA PRO B 24 -44.88 111.38 -47.49
C PRO B 24 -44.49 112.64 -48.26
N THR B 25 -44.64 112.57 -49.58
CA THR B 25 -44.36 113.71 -50.44
C THR B 25 -45.61 114.57 -50.56
N GLY B 26 -45.46 115.85 -50.24
CA GLY B 26 -46.56 116.78 -50.35
C GLY B 26 -47.51 116.83 -49.18
N ARG B 27 -47.17 116.17 -48.08
CA ARG B 27 -47.99 116.22 -46.88
C ARG B 27 -47.12 116.50 -45.66
N PRO B 28 -47.65 117.22 -44.68
CA PRO B 28 -46.88 117.47 -43.45
C PRO B 28 -46.72 116.21 -42.62
N SER B 29 -45.63 116.18 -41.86
CA SER B 29 -45.36 115.10 -40.92
C SER B 29 -45.03 115.70 -39.56
N LEU B 30 -45.38 114.98 -38.50
CA LEU B 30 -45.21 115.44 -37.13
C LEU B 30 -44.22 114.54 -36.42
N VAL B 31 -43.14 115.13 -35.90
CA VAL B 31 -42.18 114.44 -35.07
C VAL B 31 -42.34 114.97 -33.66
N CYS B 32 -42.74 114.08 -32.75
CA CYS B 32 -43.07 114.44 -31.38
C CYS B 32 -42.06 113.84 -30.42
N GLY B 33 -41.70 114.61 -29.39
CA GLY B 33 -40.82 114.10 -28.37
C GLY B 33 -40.66 115.12 -27.25
N SER B 34 -40.10 114.62 -26.14
CA SER B 34 -39.76 115.49 -25.02
C SER B 34 -38.43 116.18 -25.29
N ALA B 35 -37.86 116.84 -24.29
CA ALA B 35 -36.63 117.59 -24.49
C ALA B 35 -35.45 116.64 -24.61
N GLY B 36 -34.61 116.87 -25.61
CA GLY B 36 -33.43 116.07 -25.82
C GLY B 36 -33.65 114.76 -26.55
N CYS B 37 -34.85 114.53 -27.08
CA CYS B 37 -35.15 113.27 -27.75
C CYS B 37 -34.64 113.21 -29.18
N GLY B 38 -34.16 114.32 -29.73
CA GLY B 38 -33.59 114.33 -31.06
C GLY B 38 -34.52 114.75 -32.18
N LYS B 39 -35.69 115.31 -31.85
CA LYS B 39 -36.66 115.66 -32.89
C LYS B 39 -36.24 116.87 -33.71
N THR B 40 -35.22 117.61 -33.30
CA THR B 40 -34.67 118.68 -34.12
C THR B 40 -33.58 118.16 -35.05
N LEU B 41 -32.73 117.26 -34.55
CA LEU B 41 -31.76 116.61 -35.41
C LEU B 41 -32.44 115.83 -36.52
N PHE B 42 -33.61 115.25 -36.23
CA PHE B 42 -34.35 114.55 -37.27
C PHE B 42 -34.69 115.47 -38.43
N ALA B 43 -35.25 116.64 -38.14
CA ALA B 43 -35.62 117.58 -39.18
C ALA B 43 -34.38 118.13 -39.89
N SER B 44 -33.32 118.42 -39.13
CA SER B 44 -32.09 118.90 -39.76
C SER B 44 -31.53 117.87 -40.73
N THR B 45 -31.51 116.60 -40.32
CA THR B 45 -31.07 115.53 -41.20
C THR B 45 -31.96 115.43 -42.42
N PHE B 46 -33.28 115.51 -42.23
CA PHE B 46 -34.20 115.48 -43.35
C PHE B 46 -33.82 116.53 -44.39
N LEU B 47 -33.69 117.78 -43.94
CA LEU B 47 -33.39 118.87 -44.88
C LEU B 47 -32.03 118.66 -45.55
N ILE B 48 -31.00 118.36 -44.75
CA ILE B 48 -29.65 118.30 -45.30
C ILE B 48 -29.50 117.14 -46.26
N ASN B 49 -30.02 115.96 -45.90
CA ASN B 49 -29.93 114.82 -46.80
C ASN B 49 -30.76 115.05 -48.05
N GLY B 50 -31.91 115.71 -47.92
CA GLY B 50 -32.69 116.04 -49.10
C GLY B 50 -31.92 116.92 -50.07
N VAL B 51 -31.26 117.96 -49.55
CA VAL B 51 -30.51 118.86 -50.42
C VAL B 51 -29.30 118.14 -51.01
N ARG B 52 -28.66 117.25 -50.25
CA ARG B 52 -27.41 116.65 -50.73
C ARG B 52 -27.67 115.52 -51.72
N ASP B 53 -28.63 114.65 -51.44
CA ASP B 53 -28.84 113.43 -52.22
C ASP B 53 -29.88 113.57 -53.32
N HIS B 54 -30.70 114.63 -53.30
CA HIS B 54 -31.75 114.77 -54.30
C HIS B 54 -31.87 116.17 -54.87
N GLY B 55 -31.00 117.11 -54.49
CA GLY B 55 -31.07 118.45 -55.04
C GLY B 55 -32.39 119.13 -54.75
N GLU B 56 -32.85 119.05 -53.50
CA GLU B 56 -34.11 119.64 -53.08
C GLU B 56 -33.85 120.76 -52.10
N PRO B 57 -33.91 122.03 -52.53
CA PRO B 57 -33.66 123.13 -51.59
C PRO B 57 -34.65 123.09 -50.43
N GLY B 58 -34.17 123.49 -49.25
CA GLY B 58 -34.95 123.38 -48.05
C GLY B 58 -35.03 124.70 -47.31
N VAL B 59 -36.07 124.81 -46.47
CA VAL B 59 -36.28 125.97 -45.61
C VAL B 59 -36.51 125.49 -44.19
N PHE B 60 -35.87 126.16 -43.23
CA PHE B 60 -35.95 125.85 -41.81
C PHE B 60 -36.55 127.06 -41.12
N VAL B 61 -37.86 127.07 -40.95
CA VAL B 61 -38.56 128.14 -40.25
C VAL B 61 -38.49 127.85 -38.76
N THR B 62 -37.94 128.80 -38.00
CA THR B 62 -37.80 128.68 -36.56
C THR B 62 -38.46 129.87 -35.90
N PHE B 63 -39.29 129.60 -34.91
CA PHE B 63 -39.99 130.65 -34.17
C PHE B 63 -39.30 130.92 -32.83
N GLU B 64 -38.29 130.12 -32.47
CA GLU B 64 -37.66 130.18 -31.16
C GLU B 64 -36.16 130.45 -31.23
N GLU B 65 -35.44 129.57 -31.92
CA GLU B 65 -33.99 129.62 -31.96
C GLU B 65 -33.51 130.58 -33.04
N ARG B 66 -32.26 131.01 -32.90
CA ARG B 66 -31.65 131.90 -33.87
C ARG B 66 -30.91 131.08 -34.93
N PRO B 67 -30.74 131.63 -36.13
CA PRO B 67 -30.10 130.84 -37.20
C PRO B 67 -28.70 130.36 -36.85
N GLU B 68 -27.89 131.19 -36.18
CA GLU B 68 -26.53 130.77 -35.85
C GLU B 68 -26.56 129.61 -34.86
N ASP B 69 -27.50 129.64 -33.91
CA ASP B 69 -27.63 128.52 -32.97
C ASP B 69 -27.96 127.23 -33.70
N ILE B 70 -28.88 127.29 -34.66
CA ILE B 70 -29.23 126.10 -35.44
C ILE B 70 -28.02 125.60 -36.21
N VAL B 71 -27.26 126.51 -36.82
CA VAL B 71 -26.09 126.11 -37.58
C VAL B 71 -25.06 125.43 -36.68
N ASN B 72 -24.83 125.99 -35.49
CA ASN B 72 -23.81 125.45 -34.61
C ASN B 72 -24.25 124.15 -33.95
N ASN B 73 -25.55 123.95 -33.76
CA ASN B 73 -26.01 122.76 -33.05
C ASN B 73 -25.72 121.47 -33.81
N VAL B 74 -25.41 121.55 -35.11
CA VAL B 74 -25.14 120.38 -35.93
C VAL B 74 -23.74 120.40 -36.51
N ALA B 75 -22.90 121.35 -36.10
CA ALA B 75 -21.55 121.43 -36.65
C ALA B 75 -20.74 120.19 -36.31
N SER B 76 -20.85 119.70 -35.07
CA SER B 76 -20.07 118.55 -34.64
C SER B 76 -20.47 117.27 -35.37
N LEU B 77 -21.65 117.22 -35.95
CA LEU B 77 -22.10 116.03 -36.68
C LEU B 77 -21.53 115.97 -38.10
N GLY B 78 -20.79 116.98 -38.52
CA GLY B 78 -20.20 116.99 -39.84
C GLY B 78 -21.01 117.70 -40.90
N PHE B 79 -22.22 118.12 -40.59
CA PHE B 79 -23.02 118.86 -41.56
C PHE B 79 -22.40 120.23 -41.79
N GLU B 80 -22.04 120.52 -43.03
CA GLU B 80 -21.54 121.83 -43.40
C GLU B 80 -22.69 122.78 -43.65
N LEU B 81 -23.56 122.96 -42.66
CA LEU B 81 -24.75 123.77 -42.86
C LEU B 81 -24.41 125.18 -43.28
N ASP B 82 -23.34 125.76 -42.74
CA ASP B 82 -22.91 127.09 -43.18
C ASP B 82 -22.57 127.08 -44.67
N LYS B 83 -21.94 126.01 -45.15
CA LYS B 83 -21.68 125.90 -46.59
C LYS B 83 -22.98 125.99 -47.38
N LEU B 84 -23.95 125.15 -47.02
CA LEU B 84 -25.19 125.09 -47.78
C LEU B 84 -25.90 126.43 -47.76
N ILE B 85 -25.90 127.10 -46.61
CA ILE B 85 -26.52 128.43 -46.52
C ILE B 85 -25.79 129.41 -47.42
N GLU B 86 -24.46 129.32 -47.47
CA GLU B 86 -23.70 130.18 -48.37
C GLU B 86 -24.00 129.88 -49.83
N GLU B 87 -24.12 128.60 -50.17
CA GLU B 87 -24.35 128.18 -51.55
C GLU B 87 -25.77 128.47 -52.03
N GLU B 88 -26.66 128.93 -51.14
CA GLU B 88 -28.05 129.24 -51.48
C GLU B 88 -28.84 127.96 -51.80
N LYS B 89 -28.62 126.92 -51.00
CA LYS B 89 -29.37 125.68 -51.12
C LYS B 89 -30.21 125.38 -49.89
N ILE B 90 -30.07 126.15 -48.83
CA ILE B 90 -30.94 126.06 -47.65
C ILE B 90 -31.10 127.46 -47.07
N ALA B 91 -32.29 127.74 -46.57
CA ALA B 91 -32.61 129.04 -45.97
C ALA B 91 -33.18 128.82 -44.58
N ILE B 92 -32.65 129.56 -43.60
CA ILE B 92 -33.15 129.53 -42.23
C ILE B 92 -33.91 130.83 -41.99
N GLU B 93 -35.19 130.71 -41.64
CA GLU B 93 -36.06 131.85 -41.46
C GLU B 93 -36.50 131.93 -40.01
N HIS B 94 -36.31 133.09 -39.39
CA HIS B 94 -36.66 133.34 -37.99
C HIS B 94 -37.90 134.21 -37.95
N ILE B 95 -39.02 133.64 -37.51
CA ILE B 95 -40.27 134.38 -37.35
C ILE B 95 -40.53 134.57 -35.86
N ALA B 96 -40.07 135.71 -35.33
CA ALA B 96 -40.16 135.96 -33.90
C ALA B 96 -41.53 136.49 -33.51
N VAL B 97 -41.91 136.24 -32.26
CA VAL B 97 -43.18 136.69 -31.70
C VAL B 97 -42.89 137.34 -30.34
N ASP B 98 -43.44 138.53 -30.15
CA ASP B 98 -43.31 139.26 -28.88
C ASP B 98 -44.38 138.82 -27.89
N PRO B 99 -44.20 139.15 -26.61
CA PRO B 99 -45.22 138.72 -25.61
C PRO B 99 -46.63 139.18 -25.94
N SER B 100 -46.81 140.45 -26.35
CA SER B 100 -48.14 140.91 -26.69
C SER B 100 -48.69 140.19 -27.91
N GLU B 101 -47.83 139.83 -28.86
CA GLU B 101 -48.26 139.19 -30.09
C GLU B 101 -49.00 137.89 -29.80
N VAL B 102 -48.52 137.12 -28.83
CA VAL B 102 -48.95 135.75 -28.62
C VAL B 102 -50.02 135.64 -27.54
N ALA B 103 -50.67 136.75 -27.20
CA ALA B 103 -51.55 136.75 -26.04
C ALA B 103 -52.71 135.77 -26.16
N GLU B 104 -53.40 135.72 -27.31
CA GLU B 104 -54.69 135.03 -27.33
C GLU B 104 -54.89 134.31 -28.67
N ILE B 105 -56.12 133.79 -28.85
CA ILE B 105 -56.52 133.13 -30.09
C ILE B 105 -56.65 134.14 -31.21
N GLY B 106 -56.27 133.73 -32.42
CA GLY B 106 -56.44 134.54 -33.60
C GLY B 106 -55.64 135.81 -33.58
N ASP B 107 -54.80 135.99 -32.57
CA ASP B 107 -54.00 137.19 -32.46
C ASP B 107 -53.03 137.31 -33.61
N TYR B 108 -52.42 136.19 -34.00
CA TYR B 108 -51.51 136.17 -35.13
C TYR B 108 -52.31 136.08 -36.42
N ASP B 109 -51.97 136.92 -37.39
CA ASP B 109 -52.60 136.86 -38.70
C ASP B 109 -51.93 135.73 -39.49
N LEU B 110 -52.54 134.54 -39.44
CA LEU B 110 -51.95 133.40 -40.13
C LEU B 110 -51.71 133.68 -41.61
N GLU B 111 -52.58 134.46 -42.25
CA GLU B 111 -52.30 134.83 -43.62
C GLU B 111 -51.02 135.64 -43.71
N GLY B 112 -50.73 136.47 -42.72
CA GLY B 112 -49.46 137.17 -42.69
C GLY B 112 -48.30 136.18 -42.65
N LEU B 113 -48.42 135.16 -41.79
CA LEU B 113 -47.41 134.11 -41.75
C LEU B 113 -47.31 133.41 -43.09
N PHE B 114 -48.45 133.16 -43.71
CA PHE B 114 -48.45 132.47 -45.00
C PHE B 114 -47.73 133.29 -46.05
N LEU B 115 -47.92 134.61 -46.04
CA LEU B 115 -47.18 135.45 -46.97
C LEU B 115 -45.70 135.29 -46.77
N ARG B 116 -45.25 135.44 -45.53
CA ARG B 116 -43.82 135.30 -45.28
C ARG B 116 -43.27 133.94 -45.68
N LEU B 117 -43.91 132.87 -45.24
CA LEU B 117 -43.41 131.55 -45.56
C LEU B 117 -43.29 131.39 -47.06
N GLU B 118 -44.18 132.05 -47.79
CA GLU B 118 -44.12 131.96 -49.23
C GLU B 118 -42.85 132.63 -49.73
N LEU B 119 -42.56 133.81 -49.19
CA LEU B 119 -41.34 134.52 -49.56
C LEU B 119 -40.12 133.64 -49.38
N ALA B 120 -40.04 133.02 -48.20
CA ALA B 120 -38.90 132.19 -47.88
C ALA B 120 -38.78 131.03 -48.85
N ILE B 121 -39.91 130.40 -49.17
CA ILE B 121 -39.88 129.25 -50.07
C ILE B 121 -39.41 129.68 -51.45
N ASP B 122 -39.91 130.80 -51.97
CA ASP B 122 -39.55 131.20 -53.31
C ASP B 122 -38.12 131.74 -53.40
N THR B 123 -37.51 132.10 -52.26
CA THR B 123 -36.10 132.47 -52.30
C THR B 123 -35.24 131.34 -52.84
N VAL B 124 -35.36 130.16 -52.24
CA VAL B 124 -34.52 129.02 -52.60
C VAL B 124 -35.23 128.03 -53.51
N GLY B 125 -36.50 128.28 -53.85
CA GLY B 125 -37.26 127.32 -54.62
C GLY B 125 -37.41 126.02 -53.87
N ALA B 126 -37.80 126.12 -52.61
CA ALA B 126 -37.79 124.98 -51.71
C ALA B 126 -38.74 123.88 -52.19
N LYS B 127 -38.35 122.65 -51.90
CA LYS B 127 -39.22 121.49 -52.05
C LYS B 127 -39.37 120.72 -50.74
N ARG B 128 -38.63 121.09 -49.69
CA ARG B 128 -38.80 120.56 -48.35
C ARG B 128 -38.80 121.72 -47.36
N VAL B 129 -39.60 121.60 -46.31
CA VAL B 129 -39.74 122.64 -45.29
C VAL B 129 -39.76 122.01 -43.92
N VAL B 130 -39.20 122.71 -42.93
CA VAL B 130 -39.29 122.32 -41.53
C VAL B 130 -39.88 123.49 -40.75
N LEU B 131 -40.92 123.23 -39.99
CA LEU B 131 -41.48 124.19 -39.06
C LEU B 131 -41.12 123.73 -37.64
N ASP B 132 -40.28 124.51 -36.97
CA ASP B 132 -39.75 124.14 -35.66
C ASP B 132 -40.25 125.12 -34.62
N THR B 133 -40.73 124.60 -33.50
CA THR B 133 -41.31 125.40 -32.43
C THR B 133 -42.47 126.23 -32.96
N ILE B 134 -43.51 125.54 -33.41
CA ILE B 134 -44.78 126.22 -33.62
C ILE B 134 -45.60 126.31 -32.34
N GLU B 135 -45.10 125.74 -31.25
CA GLU B 135 -45.79 125.85 -29.97
C GLU B 135 -45.93 127.29 -29.52
N SER B 136 -44.94 128.13 -29.84
CA SER B 136 -44.99 129.53 -29.43
C SER B 136 -46.27 130.19 -29.92
N LEU B 137 -46.62 129.94 -31.18
CA LEU B 137 -47.82 130.55 -31.75
C LEU B 137 -49.09 129.90 -31.22
N PHE B 138 -49.13 128.58 -31.12
CA PHE B 138 -50.36 127.86 -30.85
C PHE B 138 -50.59 127.53 -29.38
N SER B 139 -49.62 127.78 -28.50
CA SER B 139 -49.89 127.61 -27.08
C SER B 139 -50.86 128.68 -26.58
N ALA B 140 -50.98 129.79 -27.31
CA ALA B 140 -51.88 130.85 -26.92
C ALA B 140 -53.33 130.38 -26.94
N PHE B 141 -53.74 129.73 -28.03
CA PHE B 141 -55.14 129.35 -28.18
C PHE B 141 -55.60 128.49 -27.01
N SER B 142 -56.69 128.90 -26.36
CA SER B 142 -57.17 128.24 -25.14
C SER B 142 -58.58 127.69 -25.26
N ASN B 143 -59.17 127.65 -26.46
CA ASN B 143 -60.42 126.92 -26.66
C ASN B 143 -60.17 125.73 -27.58
N PRO B 144 -60.54 124.51 -27.18
CA PRO B 144 -60.16 123.34 -27.98
C PRO B 144 -60.58 123.41 -29.44
N ALA B 145 -61.79 123.90 -29.72
CA ALA B 145 -62.29 123.92 -31.09
C ALA B 145 -61.53 124.92 -31.95
N ILE B 146 -61.33 126.14 -31.43
CA ILE B 146 -60.67 127.19 -32.19
C ILE B 146 -59.25 126.77 -32.55
N LEU B 147 -58.55 126.14 -31.60
CA LEU B 147 -57.19 125.68 -31.84
C LEU B 147 -57.15 124.63 -32.94
N ARG B 148 -58.07 123.66 -32.90
CA ARG B 148 -58.09 122.64 -33.93
C ARG B 148 -58.39 123.25 -35.29
N ALA B 149 -59.26 124.27 -35.33
CA ALA B 149 -59.54 124.92 -36.61
C ALA B 149 -58.30 125.61 -37.15
N GLU B 150 -57.56 126.30 -36.30
CA GLU B 150 -56.35 126.99 -36.77
C GLU B 150 -55.28 126.00 -37.22
N ILE B 151 -55.10 124.92 -36.47
CA ILE B 151 -54.12 123.91 -36.87
C ILE B 151 -54.50 123.32 -38.22
N ARG B 152 -55.80 123.04 -38.41
CA ARG B 152 -56.25 122.53 -39.70
C ARG B 152 -56.00 123.53 -40.80
N ARG B 153 -56.22 124.82 -40.53
CA ARG B 153 -55.96 125.84 -41.53
C ARG B 153 -54.49 125.80 -41.96
N LEU B 154 -53.58 125.77 -40.99
CA LEU B 154 -52.16 125.74 -41.32
C LEU B 154 -51.81 124.49 -42.12
N PHE B 155 -52.30 123.33 -41.69
CA PHE B 155 -51.98 122.09 -42.38
C PHE B 155 -52.54 122.09 -43.79
N ASP B 156 -53.74 122.60 -43.97
CA ASP B 156 -54.32 122.68 -45.31
C ASP B 156 -53.50 123.60 -46.21
N TRP B 157 -53.05 124.74 -45.67
CA TRP B 157 -52.22 125.63 -46.47
C TRP B 157 -50.93 124.93 -46.88
N LEU B 158 -50.31 124.20 -45.96
CA LEU B 158 -49.09 123.48 -46.29
C LEU B 158 -49.35 122.42 -47.35
N LYS B 159 -50.45 121.68 -47.23
CA LYS B 159 -50.75 120.61 -48.18
C LYS B 159 -51.07 121.16 -49.56
N GLU B 160 -51.66 122.35 -49.64
CA GLU B 160 -51.99 122.92 -50.94
C GLU B 160 -50.74 123.15 -51.78
N ARG B 161 -49.66 123.62 -51.16
CA ARG B 161 -48.45 123.96 -51.90
C ARG B 161 -47.73 122.74 -52.44
N GLY B 162 -48.02 121.55 -51.93
CA GLY B 162 -47.25 120.38 -52.29
C GLY B 162 -45.82 120.42 -51.79
N LEU B 163 -45.63 120.86 -50.55
CA LEU B 163 -44.31 120.95 -49.94
C LEU B 163 -44.18 119.85 -48.88
N THR B 164 -43.12 119.06 -48.99
CA THR B 164 -42.85 118.03 -47.99
C THR B 164 -42.41 118.71 -46.70
N THR B 165 -43.24 118.63 -45.67
CA THR B 165 -43.05 119.38 -44.44
C THR B 165 -42.85 118.45 -43.26
N VAL B 166 -41.99 118.88 -42.33
CA VAL B 166 -41.78 118.20 -41.05
C VAL B 166 -42.01 119.22 -39.96
N ILE B 167 -42.90 118.91 -39.02
CA ILE B 167 -43.26 119.80 -37.92
C ILE B 167 -42.82 119.14 -36.62
N THR B 168 -42.03 119.87 -35.83
CA THR B 168 -41.53 119.37 -34.55
C THR B 168 -42.48 119.79 -33.45
N ALA B 169 -42.89 118.83 -32.63
CA ALA B 169 -43.87 119.05 -31.57
C ALA B 169 -43.33 118.55 -30.25
N GLU B 170 -43.75 119.20 -29.18
CA GLU B 170 -43.25 118.93 -27.84
C GLU B 170 -44.28 118.10 -27.07
N ARG B 171 -43.81 117.01 -26.46
CA ARG B 171 -44.71 116.08 -25.79
C ARG B 171 -45.33 116.70 -24.55
N GLY B 172 -44.55 117.45 -23.78
CA GLY B 172 -45.05 117.97 -22.52
C GLY B 172 -45.45 116.84 -21.60
N ASP B 173 -46.68 116.91 -21.08
CA ASP B 173 -47.23 115.87 -20.22
C ASP B 173 -48.15 114.92 -20.98
N GLY B 174 -48.22 115.05 -22.30
CA GLY B 174 -49.13 114.23 -23.09
C GLY B 174 -48.49 112.93 -23.56
N ALA B 175 -49.35 112.07 -24.12
CA ALA B 175 -48.85 110.84 -24.71
C ALA B 175 -48.01 111.13 -25.95
N LEU B 176 -48.48 112.03 -26.80
CA LEU B 176 -47.80 112.39 -28.04
C LEU B 176 -47.53 113.88 -28.15
N THR B 177 -48.48 114.73 -27.76
CA THR B 177 -48.34 116.17 -27.87
C THR B 177 -48.94 116.81 -26.64
N ARG B 178 -48.44 118.01 -26.30
CA ARG B 178 -48.88 118.69 -25.09
C ARG B 178 -50.37 119.01 -25.15
N GLN B 179 -50.84 119.57 -26.26
CA GLN B 179 -52.22 120.00 -26.38
C GLN B 179 -53.14 118.92 -26.92
N GLY B 180 -52.59 117.85 -27.49
CA GLY B 180 -53.37 116.66 -27.76
C GLY B 180 -54.21 116.68 -29.01
N LEU B 181 -53.92 117.54 -29.98
CA LEU B 181 -54.74 117.65 -31.18
C LEU B 181 -53.98 117.50 -32.49
N GLU B 182 -52.68 117.80 -32.52
CA GLU B 182 -51.96 117.77 -33.79
C GLU B 182 -51.84 116.36 -34.34
N GLU B 183 -51.82 115.35 -33.47
CA GLU B 183 -51.65 113.98 -33.92
C GLU B 183 -52.86 113.45 -34.66
N TYR B 184 -54.02 114.09 -34.50
CA TYR B 184 -55.24 113.71 -35.18
C TYR B 184 -55.46 114.48 -36.48
N VAL B 185 -54.56 115.40 -36.83
CA VAL B 185 -54.70 116.18 -38.05
C VAL B 185 -53.66 115.80 -39.09
N SER B 186 -52.49 115.31 -38.69
CA SER B 186 -51.45 114.97 -39.63
C SER B 186 -51.66 113.56 -40.19
N ASP B 187 -50.87 113.23 -41.20
CA ASP B 187 -50.92 111.92 -41.84
C ASP B 187 -49.82 110.98 -41.37
N CYS B 188 -48.66 111.53 -41.00
CA CYS B 188 -47.56 110.74 -40.46
C CYS B 188 -47.17 111.29 -39.10
N VAL B 189 -47.13 110.41 -38.10
CA VAL B 189 -46.76 110.78 -36.74
C VAL B 189 -45.62 109.87 -36.31
N ILE B 190 -44.51 110.47 -35.89
CA ILE B 190 -43.32 109.74 -35.46
C ILE B 190 -42.98 110.20 -34.04
N LEU B 191 -42.93 109.24 -33.12
CA LEU B 191 -42.63 109.52 -31.72
C LEU B 191 -41.20 109.11 -31.41
N LEU B 192 -40.44 110.04 -30.85
CA LEU B 192 -39.09 109.77 -30.37
C LEU B 192 -39.09 109.76 -28.85
N ASP B 193 -38.46 108.75 -28.27
CA ASP B 193 -38.54 108.51 -26.84
C ASP B 193 -37.16 108.22 -26.28
N HIS B 194 -36.95 108.59 -25.01
CA HIS B 194 -35.68 108.41 -24.32
C HIS B 194 -36.01 107.99 -22.89
N ARG B 195 -36.03 106.69 -22.66
CA ARG B 195 -36.47 106.13 -21.39
C ARG B 195 -35.30 105.56 -20.61
N VAL B 196 -35.43 105.60 -19.28
CA VAL B 196 -34.40 105.14 -18.36
C VAL B 196 -34.92 103.91 -17.64
N GLU B 197 -34.14 102.83 -17.68
CA GLU B 197 -34.47 101.60 -16.96
C GLU B 197 -33.20 101.05 -16.35
N ASN B 198 -33.22 100.81 -15.03
CA ASN B 198 -32.06 100.32 -14.31
C ASN B 198 -30.85 101.22 -14.54
N GLN B 199 -31.11 102.53 -14.65
CA GLN B 199 -30.12 103.59 -14.81
C GLN B 199 -29.52 103.63 -16.20
N ILE B 200 -30.07 102.90 -17.16
CA ILE B 200 -29.59 102.89 -18.55
C ILE B 200 -30.66 103.55 -19.42
N SER B 201 -30.24 104.52 -20.21
CA SER B 201 -31.14 105.26 -21.08
C SER B 201 -31.08 104.72 -22.49
N THR B 202 -32.24 104.61 -23.13
CA THR B 202 -32.34 104.07 -24.48
C THR B 202 -33.15 105.01 -25.35
N ARG B 203 -32.59 105.39 -26.49
CA ARG B 203 -33.33 106.11 -27.51
C ARG B 203 -34.19 105.13 -28.29
N ARG B 204 -35.48 105.44 -28.44
CA ARG B 204 -36.40 104.59 -29.17
C ARG B 204 -37.20 105.43 -30.16
N LEU B 205 -37.63 104.77 -31.24
CA LEU B 205 -38.36 105.42 -32.32
C LEU B 205 -39.59 104.58 -32.65
N ARG B 206 -40.65 105.26 -33.06
CA ARG B 206 -41.90 104.58 -33.38
C ARG B 206 -42.69 105.41 -34.38
N ILE B 207 -43.32 104.73 -35.34
CA ILE B 207 -44.21 105.35 -36.31
C ILE B 207 -45.63 105.06 -35.85
N VAL B 208 -46.24 106.04 -35.17
CA VAL B 208 -47.56 105.82 -34.60
C VAL B 208 -48.61 105.77 -35.69
N LYS B 209 -48.54 106.67 -36.67
CA LYS B 209 -49.45 106.67 -37.80
C LYS B 209 -48.69 106.99 -39.07
N TYR B 210 -49.09 106.31 -40.16
CA TYR B 210 -48.65 106.70 -41.48
C TYR B 210 -49.72 106.30 -42.49
N ARG B 211 -50.64 107.22 -42.77
CA ARG B 211 -51.76 106.92 -43.66
C ARG B 211 -51.26 106.73 -45.09
N GLY B 212 -51.72 105.65 -45.73
CA GLY B 212 -51.51 105.45 -47.16
C GLY B 212 -50.72 104.22 -47.53
N THR B 213 -50.19 103.45 -46.58
CA THR B 213 -49.34 102.32 -46.94
C THR B 213 -49.01 101.54 -45.67
N ALA B 214 -48.34 100.40 -45.86
CA ALA B 214 -47.87 99.60 -44.74
C ALA B 214 -46.51 100.07 -44.27
N HIS B 215 -46.22 99.83 -43.00
CA HIS B 215 -44.96 100.24 -42.40
C HIS B 215 -44.73 99.41 -41.14
N GLY B 216 -43.53 99.56 -40.57
CA GLY B 216 -43.24 98.94 -39.29
C GLY B 216 -44.02 99.61 -38.17
N THR B 217 -44.41 98.80 -37.19
CA THR B 217 -45.25 99.27 -36.09
C THR B 217 -44.65 99.01 -34.72
N ASN B 218 -43.42 98.53 -34.65
CA ASN B 218 -42.76 98.26 -33.38
C ASN B 218 -41.92 99.47 -32.96
N GLU B 219 -41.31 99.37 -31.78
CA GLU B 219 -40.38 100.37 -31.30
C GLU B 219 -38.96 99.94 -31.67
N TYR B 220 -38.22 100.85 -32.29
CA TYR B 220 -36.90 100.54 -32.83
C TYR B 220 -35.83 101.38 -32.14
N PRO B 221 -35.03 100.81 -31.25
CA PRO B 221 -33.95 101.60 -30.65
C PRO B 221 -32.99 102.11 -31.72
N PHE B 222 -32.52 103.34 -31.54
CA PHE B 222 -31.62 103.97 -32.49
C PHE B 222 -30.50 104.67 -31.74
N LEU B 223 -29.61 105.29 -32.51
CA LEU B 223 -28.40 105.89 -31.98
C LEU B 223 -28.11 107.19 -32.71
N ILE B 224 -27.83 108.24 -31.95
CA ILE B 224 -27.29 109.47 -32.51
C ILE B 224 -25.78 109.44 -32.24
N ASP B 225 -24.99 109.43 -33.30
CA ASP B 225 -23.57 109.13 -33.20
C ASP B 225 -22.86 110.16 -34.09
N THR B 226 -21.57 109.94 -34.34
CA THR B 226 -20.73 110.95 -35.00
C THR B 226 -21.25 111.34 -36.38
N ASP B 227 -22.06 110.49 -37.03
CA ASP B 227 -22.53 110.77 -38.37
C ASP B 227 -24.01 111.10 -38.46
N GLY B 228 -24.80 110.77 -37.45
CA GLY B 228 -26.19 111.14 -37.40
C GLY B 228 -27.05 110.02 -36.87
N PHE B 229 -28.34 110.10 -37.19
CA PHE B 229 -29.29 109.07 -36.78
C PHE B 229 -28.93 107.73 -37.40
N SER B 230 -29.04 106.66 -36.62
CA SER B 230 -28.77 105.32 -37.08
C SER B 230 -29.83 104.37 -36.53
N VAL B 231 -30.55 103.69 -37.41
CA VAL B 231 -31.53 102.68 -37.03
C VAL B 231 -31.13 101.38 -37.71
N LEU B 232 -30.95 100.32 -36.91
CA LEU B 232 -30.64 98.98 -37.41
C LEU B 232 -31.74 98.05 -36.93
N PRO B 233 -32.90 98.07 -37.60
CA PRO B 233 -34.04 97.29 -37.10
C PRO B 233 -33.75 95.80 -37.13
N VAL B 234 -34.29 95.09 -36.15
CA VAL B 234 -34.15 93.63 -36.10
C VAL B 234 -35.14 92.92 -37.01
N SER B 235 -36.15 93.63 -37.52
CA SER B 235 -37.13 93.04 -38.42
C SER B 235 -36.64 92.97 -39.87
N ALA B 236 -35.49 93.57 -40.17
CA ALA B 236 -34.92 93.49 -41.50
C ALA B 236 -34.01 92.29 -41.69
N LEU B 237 -33.73 91.56 -40.62
CA LEU B 237 -32.89 90.37 -40.69
C LEU B 237 -33.71 89.21 -41.23
N GLY B 238 -33.28 88.65 -42.35
CA GLY B 238 -33.87 87.46 -42.91
C GLY B 238 -33.03 86.23 -42.66
N LEU B 239 -33.42 85.14 -43.32
CA LEU B 239 -32.59 83.94 -43.39
C LEU B 239 -32.39 83.65 -44.87
N LEU B 240 -31.49 84.39 -45.49
CA LEU B 240 -31.06 84.16 -46.85
C LEU B 240 -29.54 84.30 -46.89
N HIS B 241 -28.85 83.23 -46.54
CA HIS B 241 -27.39 83.22 -46.59
C HIS B 241 -26.94 82.48 -47.85
N GLN B 242 -25.62 82.34 -47.97
CA GLN B 242 -25.00 81.51 -48.99
C GLN B 242 -24.09 80.51 -48.29
N VAL B 243 -23.93 79.34 -48.90
CA VAL B 243 -23.22 78.24 -48.26
C VAL B 243 -21.96 77.93 -49.06
N HIS B 244 -20.93 77.53 -48.33
CA HIS B 244 -19.62 77.23 -48.88
C HIS B 244 -19.23 75.80 -48.50
N GLU B 245 -18.36 75.20 -49.30
CA GLU B 245 -17.95 73.82 -49.09
C GLU B 245 -16.56 73.67 -48.50
N GLU B 246 -15.76 74.74 -48.41
CA GLU B 246 -14.52 74.60 -47.66
C GLU B 246 -14.75 74.50 -46.18
N ARG B 247 -13.66 74.19 -45.50
CA ARG B 247 -13.63 73.97 -44.07
C ARG B 247 -12.55 74.84 -43.46
N ILE B 248 -12.70 75.13 -42.18
CA ILE B 248 -11.79 76.02 -41.45
C ILE B 248 -11.08 75.19 -40.38
N ALA B 249 -9.75 75.27 -40.38
CA ALA B 249 -8.96 74.55 -39.40
C ALA B 249 -9.01 75.26 -38.05
N SER B 250 -8.96 74.47 -36.98
CA SER B 250 -9.07 74.98 -35.62
C SER B 250 -7.74 75.38 -35.00
N GLY B 251 -6.61 74.94 -35.58
CA GLY B 251 -5.34 75.06 -34.92
C GLY B 251 -5.07 73.97 -33.91
N VAL B 252 -6.04 73.09 -33.67
CA VAL B 252 -5.86 71.91 -32.85
C VAL B 252 -6.01 70.71 -33.77
N PRO B 253 -4.91 70.13 -34.26
CA PRO B 253 -5.04 69.07 -35.27
C PRO B 253 -5.81 67.86 -34.78
N ASP B 254 -5.79 67.61 -33.47
CA ASP B 254 -6.58 66.51 -32.92
C ASP B 254 -8.07 66.76 -33.07
N LEU B 255 -8.51 68.00 -32.80
CA LEU B 255 -9.93 68.32 -32.89
C LEU B 255 -10.42 68.23 -34.33
N ASP B 256 -9.63 68.71 -35.28
CA ASP B 256 -10.02 68.62 -36.68
C ASP B 256 -10.19 67.18 -37.12
N ALA B 257 -9.39 66.26 -36.56
CA ALA B 257 -9.51 64.85 -36.89
C ALA B 257 -10.82 64.24 -36.40
N MET B 258 -11.54 64.92 -35.53
CA MET B 258 -12.80 64.43 -34.99
C MET B 258 -13.96 64.69 -35.94
N MET B 259 -13.70 65.33 -37.08
CA MET B 259 -14.74 65.76 -38.00
C MET B 259 -14.40 65.27 -39.39
N ALA B 260 -15.42 64.80 -40.11
CA ALA B 260 -15.23 64.44 -41.50
C ALA B 260 -14.96 65.69 -42.34
N GLY B 261 -13.96 65.60 -43.22
CA GLY B 261 -13.63 66.68 -44.11
C GLY B 261 -12.58 67.64 -43.60
N GLY B 262 -12.28 67.62 -42.31
CA GLY B 262 -11.19 68.40 -41.76
C GLY B 262 -11.57 69.60 -40.91
N GLY B 263 -12.82 69.74 -40.52
CA GLY B 263 -13.21 70.81 -39.63
C GLY B 263 -14.61 71.32 -39.93
N PHE B 264 -14.96 72.41 -39.27
CA PHE B 264 -16.25 73.05 -39.47
C PHE B 264 -16.31 73.71 -40.83
N PHE B 265 -17.53 73.95 -41.30
CA PHE B 265 -17.70 74.69 -42.53
C PHE B 265 -17.33 76.15 -42.32
N ARG B 266 -17.01 76.82 -43.42
CA ARG B 266 -16.29 78.08 -43.31
C ARG B 266 -17.13 79.16 -42.65
N GLY B 267 -18.28 79.50 -43.25
CA GLY B 267 -19.07 80.62 -42.79
C GLY B 267 -20.01 80.27 -41.67
N SER B 268 -19.66 79.22 -40.93
CA SER B 268 -20.53 78.69 -39.90
C SER B 268 -20.49 79.56 -38.64
N SER B 269 -21.40 79.26 -37.72
CA SER B 269 -21.43 79.86 -36.40
C SER B 269 -21.11 78.78 -35.38
N ILE B 270 -20.06 78.99 -34.59
CA ILE B 270 -19.55 78.00 -33.65
C ILE B 270 -19.64 78.58 -32.24
N LEU B 271 -20.23 77.80 -31.33
CA LEU B 271 -20.38 78.20 -29.94
C LEU B 271 -19.51 77.30 -29.07
N VAL B 272 -18.62 77.90 -28.28
CA VAL B 272 -17.79 77.18 -27.33
C VAL B 272 -18.34 77.48 -25.94
N SER B 273 -18.73 76.43 -25.23
CA SER B 273 -19.39 76.56 -23.93
C SER B 273 -18.61 75.80 -22.87
N GLY B 274 -18.74 76.26 -21.63
CA GLY B 274 -18.07 75.60 -20.53
C GLY B 274 -18.06 76.46 -19.29
N VAL B 275 -17.60 75.86 -18.20
CA VAL B 275 -17.43 76.53 -16.92
C VAL B 275 -16.13 77.33 -16.92
N ALA B 276 -15.91 78.11 -15.88
CA ALA B 276 -14.75 78.98 -15.79
C ALA B 276 -13.49 78.15 -15.58
N GLY B 277 -12.44 78.48 -16.33
CA GLY B 277 -11.23 77.69 -16.34
C GLY B 277 -11.25 76.55 -17.34
N ALA B 278 -12.35 76.38 -18.08
CA ALA B 278 -12.51 75.22 -18.95
C ALA B 278 -11.49 75.23 -20.09
N GLY B 279 -11.22 76.39 -20.67
CA GLY B 279 -10.35 76.46 -21.83
C GLY B 279 -11.00 77.12 -23.02
N LYS B 280 -12.10 77.83 -22.78
CA LYS B 280 -12.85 78.45 -23.87
C LYS B 280 -12.01 79.50 -24.59
N SER B 281 -11.37 80.39 -23.84
CA SER B 281 -10.55 81.44 -24.45
C SER B 281 -9.38 80.84 -25.21
N SER B 282 -8.78 79.77 -24.68
CA SER B 282 -7.66 79.14 -25.35
C SER B 282 -8.06 78.60 -26.72
N LEU B 283 -9.22 77.95 -26.81
CA LEU B 283 -9.66 77.41 -28.09
C LEU B 283 -9.92 78.52 -29.10
N ALA B 284 -10.57 79.60 -28.67
CA ALA B 284 -10.83 80.72 -29.57
C ALA B 284 -9.52 81.32 -30.06
N ALA B 285 -8.55 81.47 -29.16
CA ALA B 285 -7.25 82.01 -29.55
C ALA B 285 -6.55 81.08 -30.53
N HIS B 286 -6.68 79.77 -30.32
CA HIS B 286 -6.10 78.83 -31.29
C HIS B 286 -6.73 79.02 -32.65
N PHE B 287 -8.05 79.16 -32.69
CA PHE B 287 -8.73 79.44 -33.95
C PHE B 287 -8.15 80.68 -34.63
N ALA B 288 -8.08 81.78 -33.88
CA ALA B 288 -7.60 83.03 -34.45
C ALA B 288 -6.14 82.93 -34.89
N ALA B 289 -5.31 82.29 -34.07
CA ALA B 289 -3.89 82.16 -34.39
C ALA B 289 -3.69 81.34 -35.65
N ALA B 290 -4.44 80.25 -35.79
CA ALA B 290 -4.37 79.48 -37.03
C ALA B 290 -4.81 80.32 -38.21
N ALA B 291 -5.93 81.04 -38.07
CA ALA B 291 -6.41 81.87 -39.17
C ALA B 291 -5.33 82.84 -39.62
N CYS B 292 -4.66 83.48 -38.67
CA CYS B 292 -3.57 84.40 -39.02
C CYS B 292 -2.40 83.67 -39.64
N ALA B 293 -2.09 82.46 -39.14
CA ALA B 293 -0.94 81.71 -39.64
C ALA B 293 -1.10 81.36 -41.11
N ARG B 294 -2.33 81.17 -41.57
CA ARG B 294 -2.59 80.90 -42.98
C ARG B 294 -2.57 82.17 -43.83
N GLY B 295 -2.23 83.31 -43.25
CA GLY B 295 -2.19 84.56 -43.98
C GLY B 295 -3.48 85.35 -44.00
N GLU B 296 -4.55 84.83 -43.39
CA GLU B 296 -5.82 85.52 -43.35
C GLU B 296 -5.80 86.56 -42.22
N ARG B 297 -6.93 87.22 -41.99
CA ARG B 297 -7.06 88.25 -40.96
C ARG B 297 -8.12 87.82 -39.95
N ALA B 298 -7.89 88.17 -38.68
CA ALA B 298 -8.78 87.78 -37.59
C ALA B 298 -9.03 88.97 -36.68
N MET B 299 -10.25 89.00 -36.11
CA MET B 299 -10.60 90.01 -35.13
C MET B 299 -11.10 89.27 -33.91
N TYR B 300 -10.62 89.64 -32.72
CA TYR B 300 -10.95 88.94 -31.48
C TYR B 300 -11.45 89.97 -30.48
N PHE B 301 -12.76 89.96 -30.22
CA PHE B 301 -13.39 90.92 -29.33
C PHE B 301 -13.50 90.30 -27.94
N SER B 302 -12.69 90.78 -27.02
CA SER B 302 -12.72 90.34 -25.63
C SER B 302 -13.46 91.39 -24.81
N PHE B 303 -14.32 90.93 -23.91
CA PHE B 303 -15.08 91.82 -23.05
C PHE B 303 -14.69 91.66 -21.59
N GLU B 304 -13.70 90.84 -21.28
CA GLU B 304 -13.35 90.68 -19.88
C GLU B 304 -11.87 90.69 -19.58
N GLU B 305 -10.99 90.72 -20.58
CA GLU B 305 -9.56 90.74 -20.36
C GLU B 305 -8.91 91.81 -21.23
N ALA B 306 -7.77 92.32 -20.78
CA ALA B 306 -7.04 93.34 -21.51
C ALA B 306 -6.14 92.72 -22.57
N ALA B 307 -5.61 93.57 -23.45
CA ALA B 307 -4.82 93.10 -24.58
C ALA B 307 -3.47 92.55 -24.14
N ASP B 308 -2.73 93.30 -23.33
CA ASP B 308 -1.44 92.80 -22.89
C ASP B 308 -1.61 91.56 -22.01
N GLN B 309 -2.62 91.58 -21.13
CA GLN B 309 -2.87 90.43 -20.26
C GLN B 309 -3.27 89.20 -21.06
N ALA B 310 -4.13 89.37 -22.06
CA ALA B 310 -4.52 88.23 -22.89
C ALA B 310 -3.34 87.68 -23.65
N VAL B 311 -2.47 88.55 -24.16
CA VAL B 311 -1.28 88.09 -24.88
C VAL B 311 -0.39 87.29 -23.95
N ARG B 312 -0.15 87.81 -22.74
CA ARG B 312 0.69 87.07 -21.80
C ARG B 312 0.06 85.72 -21.45
N ASN B 313 -1.25 85.71 -21.20
CA ASN B 313 -1.92 84.47 -20.81
C ASN B 313 -1.84 83.44 -21.93
N MET B 314 -2.05 83.86 -23.17
CA MET B 314 -1.96 82.92 -24.29
C MET B 314 -0.53 82.50 -24.57
N ARG B 315 0.47 83.31 -24.17
CA ARG B 315 1.86 82.95 -24.44
C ARG B 315 2.27 81.66 -23.74
N SER B 316 1.69 81.39 -22.56
CA SER B 316 2.03 80.18 -21.83
C SER B 316 1.53 78.92 -22.52
N LEU B 317 0.49 79.03 -23.36
CA LEU B 317 -0.03 77.91 -24.11
C LEU B 317 0.68 77.72 -25.44
N GLY B 318 1.77 78.44 -25.67
CA GLY B 318 2.55 78.29 -26.88
C GLY B 318 2.09 79.12 -28.06
N LEU B 319 0.94 79.78 -27.94
CA LEU B 319 0.50 80.67 -29.00
C LEU B 319 1.33 81.95 -28.98
N ASP B 320 1.42 82.59 -30.14
CA ASP B 320 2.10 83.87 -30.27
C ASP B 320 1.10 84.84 -30.91
N LEU B 321 0.24 85.41 -30.06
CA LEU B 321 -0.72 86.39 -30.55
C LEU B 321 -0.05 87.72 -30.82
N GLY B 322 1.08 87.99 -30.16
CA GLY B 322 1.80 89.23 -30.40
C GLY B 322 2.42 89.29 -31.79
N ARG B 323 2.96 88.16 -32.27
CA ARG B 323 3.50 88.14 -33.63
C ARG B 323 2.47 88.60 -34.63
N TRP B 324 1.23 88.16 -34.46
CA TRP B 324 0.18 88.45 -35.43
C TRP B 324 -0.36 89.87 -35.28
N ARG B 325 -0.36 90.40 -34.06
CA ARG B 325 -0.68 91.82 -33.89
C ARG B 325 0.36 92.70 -34.56
N ASP B 326 1.64 92.39 -34.34
CA ASP B 326 2.71 93.19 -34.93
C ASP B 326 2.78 93.04 -36.44
N ALA B 327 2.22 91.98 -36.99
CA ALA B 327 2.23 91.76 -38.43
C ALA B 327 0.99 92.31 -39.12
N GLY B 328 0.09 92.96 -38.38
CA GLY B 328 -1.11 93.52 -38.99
C GLY B 328 -2.04 92.47 -39.55
N LEU B 329 -2.20 91.34 -38.86
CA LEU B 329 -3.11 90.30 -39.28
C LEU B 329 -4.10 89.90 -38.20
N LEU B 330 -3.99 90.46 -36.99
CA LEU B 330 -4.90 90.17 -35.90
C LEU B 330 -5.18 91.47 -35.17
N ARG B 331 -6.45 91.86 -35.12
CA ARG B 331 -6.90 93.01 -34.36
C ARG B 331 -7.58 92.51 -33.09
N PHE B 332 -7.06 92.92 -31.95
CA PHE B 332 -7.51 92.46 -30.63
C PHE B 332 -8.19 93.63 -29.93
N MET B 333 -9.50 93.58 -29.82
CA MET B 333 -10.24 94.70 -29.27
C MET B 333 -10.82 94.32 -27.92
N ALA B 334 -10.61 95.16 -26.92
CA ALA B 334 -11.05 94.89 -25.56
C ALA B 334 -11.85 96.08 -25.04
N THR B 335 -13.09 95.82 -24.61
CA THR B 335 -13.95 96.84 -24.05
C THR B 335 -14.91 96.20 -23.07
N ARG B 336 -15.12 96.84 -21.93
CA ARG B 336 -16.03 96.31 -20.93
C ARG B 336 -17.47 96.41 -21.43
N PRO B 337 -18.35 95.52 -20.97
CA PRO B 337 -19.75 95.60 -21.40
C PRO B 337 -20.44 96.90 -20.99
N THR B 338 -19.94 97.58 -19.96
CA THR B 338 -20.56 98.80 -19.47
C THR B 338 -20.00 100.06 -20.13
N PHE B 339 -19.05 99.92 -21.05
CA PHE B 339 -18.46 101.08 -21.70
C PHE B 339 -19.44 101.73 -22.68
N TYR B 340 -20.30 100.94 -23.31
CA TYR B 340 -21.22 101.42 -24.32
C TYR B 340 -22.63 100.95 -24.00
N SER B 341 -23.58 101.46 -24.76
CA SER B 341 -24.94 100.95 -24.75
C SER B 341 -25.08 99.84 -25.78
N LEU B 342 -26.10 99.00 -25.59
CA LEU B 342 -26.26 97.84 -26.45
C LEU B 342 -26.31 98.22 -27.92
N GLU B 343 -26.82 99.41 -28.24
CA GLU B 343 -26.86 99.85 -29.63
C GLU B 343 -25.46 100.19 -30.13
N MET B 344 -24.71 100.94 -29.33
CA MET B 344 -23.39 101.37 -29.77
C MET B 344 -22.38 100.23 -29.77
N HIS B 345 -22.54 99.23 -28.91
CA HIS B 345 -21.70 98.04 -28.99
C HIS B 345 -21.83 97.41 -30.37
N LEU B 346 -23.08 97.17 -30.81
CA LEU B 346 -23.32 96.63 -32.13
C LEU B 346 -22.74 97.54 -33.22
N ALA B 347 -22.98 98.84 -33.09
CA ALA B 347 -22.51 99.76 -34.12
C ALA B 347 -20.99 99.68 -34.28
N VAL B 348 -20.27 99.70 -33.16
CA VAL B 348 -18.82 99.66 -33.20
C VAL B 348 -18.34 98.34 -33.78
N ILE B 349 -18.95 97.23 -33.35
CA ILE B 349 -18.51 95.93 -33.84
C ILE B 349 -18.68 95.85 -35.35
N LEU B 350 -19.85 96.26 -35.83
CA LEU B 350 -20.10 96.19 -37.27
C LEU B 350 -19.14 97.08 -38.04
N ARG B 351 -18.94 98.32 -37.58
CA ARG B 351 -18.04 99.24 -38.27
C ARG B 351 -16.63 98.66 -38.36
N GLU B 352 -16.11 98.17 -37.23
CA GLU B 352 -14.76 97.62 -37.19
C GLU B 352 -14.64 96.40 -38.09
N VAL B 353 -15.66 95.52 -38.09
CA VAL B 353 -15.62 94.34 -38.93
C VAL B 353 -15.58 94.75 -40.40
N MET B 354 -16.38 95.75 -40.75
CA MET B 354 -16.37 96.29 -42.10
C MET B 354 -14.97 96.71 -42.53
N ARG B 355 -14.32 97.53 -41.72
CA ARG B 355 -13.08 98.15 -42.16
C ARG B 355 -11.98 97.12 -42.40
N PHE B 356 -11.73 96.27 -41.41
CA PHE B 356 -10.62 95.32 -41.50
C PHE B 356 -10.89 94.23 -42.52
N GLU B 357 -12.15 93.85 -42.71
CA GLU B 357 -12.52 92.74 -43.58
C GLU B 357 -11.88 91.45 -43.09
N PRO B 358 -12.30 90.96 -41.93
CA PRO B 358 -11.70 89.75 -41.36
C PRO B 358 -12.18 88.49 -42.07
N SER B 359 -11.54 87.38 -41.72
CA SER B 359 -12.01 86.05 -42.07
C SER B 359 -12.57 85.29 -40.88
N VAL B 360 -12.04 85.54 -39.69
CA VAL B 360 -12.52 84.93 -38.45
C VAL B 360 -12.78 86.04 -37.44
N VAL B 361 -13.94 86.02 -36.82
CA VAL B 361 -14.30 86.96 -35.76
C VAL B 361 -14.68 86.16 -34.54
N VAL B 362 -14.10 86.51 -33.40
CA VAL B 362 -14.37 85.84 -32.14
C VAL B 362 -14.97 86.86 -31.18
N LEU B 363 -15.98 86.43 -30.44
CA LEU B 363 -16.57 87.22 -29.36
C LEU B 363 -16.44 86.43 -28.07
N ASP B 364 -15.69 86.97 -27.11
CA ASP B 364 -15.37 86.22 -25.90
C ASP B 364 -15.56 87.08 -24.64
N PRO B 365 -16.57 86.79 -23.80
CA PRO B 365 -17.66 85.83 -23.96
C PRO B 365 -18.98 86.50 -24.34
N ILE B 366 -19.87 85.71 -24.98
CA ILE B 366 -21.19 86.21 -25.34
C ILE B 366 -22.06 86.43 -24.12
N SER B 367 -21.73 85.79 -22.99
CA SER B 367 -22.56 85.85 -21.80
C SER B 367 -22.24 87.05 -20.93
N ALA B 368 -21.31 87.92 -21.35
CA ALA B 368 -20.96 89.08 -20.55
C ALA B 368 -22.02 90.17 -20.58
N PHE B 369 -22.91 90.15 -21.56
CA PHE B 369 -23.90 91.20 -21.74
C PHE B 369 -25.24 90.91 -21.05
N THR B 370 -25.29 89.89 -20.19
CA THR B 370 -26.57 89.49 -19.62
C THR B 370 -27.18 90.60 -18.76
N GLU B 371 -26.36 91.28 -17.96
CA GLU B 371 -26.82 92.35 -17.07
C GLU B 371 -26.77 93.72 -17.71
N SER B 372 -26.44 93.83 -18.99
CA SER B 372 -26.41 95.12 -19.68
C SER B 372 -27.78 95.53 -20.20
N GLY B 373 -28.79 94.69 -20.04
CA GLY B 373 -30.12 95.02 -20.50
C GLY B 373 -31.08 93.87 -20.24
N ASP B 374 -32.24 93.96 -20.85
CA ASP B 374 -33.22 92.88 -20.78
C ASP B 374 -32.76 91.72 -21.65
N ARG B 375 -33.34 90.54 -21.38
CA ARG B 375 -32.97 89.34 -22.13
C ARG B 375 -33.27 89.51 -23.62
N LEU B 376 -34.42 90.12 -23.95
CA LEU B 376 -34.82 90.24 -25.34
C LEU B 376 -34.03 91.33 -26.08
N GLU B 377 -33.49 92.31 -25.35
CA GLU B 377 -32.62 93.32 -25.94
C GLU B 377 -31.24 92.77 -26.27
N VAL B 378 -30.66 92.02 -25.34
CA VAL B 378 -29.34 91.43 -25.57
C VAL B 378 -29.45 90.37 -26.64
N GLN B 379 -30.55 89.62 -26.64
CA GLN B 379 -30.79 88.67 -27.71
C GLN B 379 -30.91 89.36 -29.06
N SER B 380 -31.61 90.50 -29.12
CA SER B 380 -31.69 91.23 -30.38
C SER B 380 -30.31 91.67 -30.85
N MET B 381 -29.50 92.23 -29.95
CA MET B 381 -28.16 92.66 -30.33
C MET B 381 -27.35 91.49 -30.87
N LEU B 382 -27.34 90.39 -30.13
CA LEU B 382 -26.52 89.25 -30.52
C LEU B 382 -27.01 88.64 -31.83
N LEU B 383 -28.32 88.57 -32.01
CA LEU B 383 -28.88 88.06 -33.27
C LEU B 383 -28.45 88.93 -34.44
N ARG B 384 -28.47 90.24 -34.27
CA ARG B 384 -28.02 91.13 -35.34
C ARG B 384 -26.55 90.92 -35.64
N ILE B 385 -25.73 90.75 -34.60
CA ILE B 385 -24.31 90.49 -34.82
C ILE B 385 -24.13 89.21 -35.63
N VAL B 386 -24.83 88.15 -35.23
CA VAL B 386 -24.69 86.85 -35.88
C VAL B 386 -25.12 86.94 -37.33
N ASP B 387 -26.26 87.58 -37.60
CA ASP B 387 -26.73 87.71 -38.97
C ASP B 387 -25.74 88.50 -39.81
N PHE B 388 -25.22 89.61 -39.28
CA PHE B 388 -24.26 90.39 -40.04
C PHE B 388 -23.03 89.57 -40.38
N LEU B 389 -22.53 88.80 -39.41
CA LEU B 389 -21.36 87.97 -39.68
C LEU B 389 -21.67 86.90 -40.73
N LYS B 390 -22.84 86.29 -40.65
CA LYS B 390 -23.13 85.16 -41.52
C LYS B 390 -23.43 85.61 -42.95
N ASN B 391 -24.00 86.80 -43.13
CA ASN B 391 -24.28 87.28 -44.48
C ASN B 391 -23.03 87.61 -45.27
N ARG B 392 -21.87 87.68 -44.62
CA ARG B 392 -20.63 88.04 -45.29
C ARG B 392 -19.65 86.88 -45.40
N GLY B 393 -20.02 85.68 -44.96
CA GLY B 393 -19.12 84.56 -45.02
C GLY B 393 -18.02 84.59 -43.98
N ILE B 394 -18.18 85.38 -42.92
CA ILE B 394 -17.20 85.47 -41.86
C ILE B 394 -17.51 84.41 -40.81
N THR B 395 -16.48 83.68 -40.38
CA THR B 395 -16.66 82.62 -39.39
C THR B 395 -16.68 83.23 -38.01
N GLY B 396 -17.75 82.97 -37.26
CA GLY B 396 -17.91 83.52 -35.93
C GLY B 396 -17.71 82.49 -34.85
N ILE B 397 -16.78 82.76 -33.94
CA ILE B 397 -16.51 81.89 -32.79
C ILE B 397 -17.00 82.63 -31.56
N PHE B 398 -18.03 82.10 -30.91
CA PHE B 398 -18.63 82.71 -29.75
C PHE B 398 -18.37 81.83 -28.53
N THR B 399 -17.80 82.43 -27.48
CA THR B 399 -17.55 81.72 -26.23
C THR B 399 -18.64 82.08 -25.22
N HIS B 400 -19.17 81.07 -24.55
CA HIS B 400 -20.29 81.22 -23.63
C HIS B 400 -19.99 80.45 -22.36
N LEU B 401 -20.33 81.02 -21.22
CA LEU B 401 -20.13 80.36 -19.94
C LEU B 401 -21.35 79.51 -19.58
N ALA B 402 -21.09 78.26 -19.20
CA ALA B 402 -22.16 77.32 -18.87
C ALA B 402 -22.66 77.53 -17.45
N HIS B 403 -23.97 77.49 -17.31
CA HIS B 403 -24.70 77.53 -16.02
C HIS B 403 -26.09 78.10 -16.24
N GLY B 413 -30.88 80.71 -25.81
CA GLY B 413 -31.05 81.82 -26.72
C GLY B 413 -29.81 81.98 -27.61
N LEU B 414 -30.01 81.85 -28.92
CA LEU B 414 -29.00 81.91 -29.97
C LEU B 414 -28.18 80.63 -30.02
N GLU B 415 -28.39 79.71 -29.10
CA GLU B 415 -27.80 78.37 -29.20
C GLU B 415 -28.33 77.69 -30.45
N GLU B 416 -29.61 77.91 -30.70
CA GLU B 416 -30.35 77.33 -31.81
C GLU B 416 -29.81 77.74 -33.17
N LEU B 417 -29.18 78.92 -33.25
CA LEU B 417 -28.70 79.47 -34.51
C LEU B 417 -27.25 79.09 -34.79
N MET B 418 -26.73 78.10 -34.08
CA MET B 418 -25.33 77.73 -34.16
C MET B 418 -25.18 76.45 -34.99
N ASP B 419 -24.20 76.47 -35.90
CA ASP B 419 -23.95 75.31 -36.74
C ASP B 419 -23.12 74.27 -36.00
N GLY B 420 -22.11 74.70 -35.26
CA GLY B 420 -21.34 73.81 -34.41
C GLY B 420 -21.44 74.20 -32.94
N TRP B 421 -21.17 73.24 -32.07
CA TRP B 421 -21.20 73.49 -30.63
C TRP B 421 -20.16 72.60 -29.97
N VAL B 422 -19.17 73.21 -29.33
CA VAL B 422 -18.11 72.51 -28.62
C VAL B 422 -18.30 72.76 -27.13
N LEU B 423 -18.57 71.71 -26.38
CA LEU B 423 -18.73 71.80 -24.94
C LEU B 423 -17.48 71.30 -24.25
N MET B 424 -16.91 72.14 -23.39
CA MET B 424 -15.67 71.84 -22.69
C MET B 424 -15.96 71.64 -21.21
N LEU B 425 -15.47 70.53 -20.66
CA LEU B 425 -15.77 70.13 -19.30
C LEU B 425 -14.50 70.09 -18.46
N ASN B 426 -14.67 70.40 -17.17
CA ASN B 426 -13.58 70.29 -16.18
C ASN B 426 -14.26 69.82 -14.89
N ARG B 427 -14.27 68.50 -14.67
CA ARG B 427 -15.06 67.88 -13.63
C ARG B 427 -14.16 67.21 -12.59
N GLU B 428 -14.73 66.96 -11.42
CA GLU B 428 -14.02 66.34 -10.31
C GLU B 428 -14.38 64.86 -10.25
N VAL B 429 -13.36 64.02 -10.39
CA VAL B 429 -13.48 62.59 -10.13
C VAL B 429 -12.19 62.14 -9.45
N ASN B 430 -12.32 61.44 -8.34
CA ASN B 430 -11.17 60.83 -7.66
C ASN B 430 -10.20 61.89 -7.14
N GLY B 431 -10.75 62.95 -6.56
CA GLY B 431 -9.91 63.98 -5.94
C GLY B 431 -9.01 64.70 -6.93
N GLU B 432 -9.47 64.88 -8.16
CA GLU B 432 -8.72 65.63 -9.16
C GLU B 432 -9.71 66.13 -10.19
N PHE B 433 -9.33 67.19 -10.88
CA PHE B 433 -10.16 67.79 -11.92
C PHE B 433 -9.54 67.48 -13.28
N ASN B 434 -10.33 66.83 -14.15
CA ASN B 434 -9.87 66.41 -15.47
C ASN B 434 -10.63 67.17 -16.55
N ARG B 435 -9.90 67.58 -17.58
CA ARG B 435 -10.50 68.32 -18.69
C ARG B 435 -11.02 67.36 -19.76
N GLU B 436 -12.11 67.76 -20.40
CA GLU B 436 -12.74 66.96 -21.43
C GLU B 436 -13.44 67.90 -22.40
N LEU B 437 -13.81 67.38 -23.57
CA LEU B 437 -14.55 68.16 -24.54
C LEU B 437 -15.23 67.21 -25.52
N TYR B 438 -16.41 67.60 -25.98
CA TYR B 438 -17.11 66.86 -27.01
C TYR B 438 -17.88 67.82 -27.91
N LEU B 439 -18.23 67.33 -29.09
CA LEU B 439 -18.94 68.10 -30.10
C LEU B 439 -20.43 67.82 -29.94
N LEU B 440 -21.13 68.74 -29.27
CA LEU B 440 -22.57 68.59 -29.08
C LEU B 440 -23.29 68.60 -30.42
N LYS B 441 -22.89 69.49 -31.31
CA LYS B 441 -23.58 69.68 -32.57
C LYS B 441 -22.56 70.03 -33.64
N ALA B 442 -22.73 69.40 -34.79
CA ALA B 442 -21.99 69.81 -35.98
C ALA B 442 -22.82 69.48 -37.20
N ARG B 443 -23.61 70.44 -37.66
CA ARG B 443 -24.57 70.19 -38.73
C ARG B 443 -23.87 70.06 -40.07
N GLY B 444 -24.34 69.11 -40.87
CA GLY B 444 -23.84 68.92 -42.21
C GLY B 444 -22.68 67.99 -42.35
N MET B 445 -22.34 67.22 -41.31
CA MET B 445 -21.08 66.49 -41.36
C MET B 445 -21.21 65.30 -40.42
N ALA B 446 -20.28 64.37 -40.56
CA ALA B 446 -20.12 63.29 -39.60
C ALA B 446 -18.96 63.59 -38.67
N HIS B 447 -19.16 63.33 -37.37
CA HIS B 447 -18.15 63.65 -36.36
C HIS B 447 -18.20 62.60 -35.26
N SER B 448 -17.11 62.56 -34.48
CA SER B 448 -17.01 61.61 -33.38
C SER B 448 -18.03 61.92 -32.29
N ASN B 449 -18.47 60.86 -31.61
CA ASN B 449 -19.40 60.97 -30.50
C ASN B 449 -18.75 60.59 -29.17
N GLN B 450 -17.45 60.83 -29.05
CA GLN B 450 -16.68 60.46 -27.87
C GLN B 450 -16.41 61.68 -27.01
N VAL B 451 -16.52 61.51 -25.70
CA VAL B 451 -16.17 62.55 -24.73
C VAL B 451 -14.68 62.37 -24.45
N ARG B 452 -13.85 63.09 -25.20
CA ARG B 452 -12.42 62.89 -25.17
C ARG B 452 -11.77 63.79 -24.12
N GLU B 453 -10.71 63.26 -23.50
CA GLU B 453 -9.94 63.98 -22.50
C GLU B 453 -8.73 64.61 -23.15
N PHE B 454 -8.40 65.83 -22.73
CA PHE B 454 -7.29 66.57 -23.31
C PHE B 454 -6.48 67.21 -22.20
N LEU B 455 -5.33 67.74 -22.58
CA LEU B 455 -4.42 68.42 -21.66
C LEU B 455 -3.96 69.72 -22.30
N MET B 456 -3.66 70.69 -21.45
CA MET B 456 -3.03 71.94 -21.86
C MET B 456 -1.56 71.88 -21.51
N SER B 457 -0.75 72.59 -22.29
CA SER B 457 0.69 72.58 -22.07
C SER B 457 1.28 73.73 -22.88
N ASP B 458 2.62 73.79 -22.87
CA ASP B 458 3.33 74.74 -23.70
C ASP B 458 3.12 74.49 -25.18
N ARG B 459 2.56 73.32 -25.53
CA ARG B 459 2.35 72.92 -26.92
C ARG B 459 0.90 73.10 -27.34
N GLY B 460 0.07 73.73 -26.53
CA GLY B 460 -1.32 73.95 -26.85
C GLY B 460 -2.22 72.88 -26.28
N ILE B 461 -3.34 72.63 -26.94
CA ILE B 461 -4.31 71.63 -26.50
C ILE B 461 -4.00 70.32 -27.22
N SER B 462 -3.73 69.28 -26.44
CA SER B 462 -3.46 67.95 -26.97
C SER B 462 -4.52 66.99 -26.44
N LEU B 463 -5.13 66.24 -27.35
CA LEU B 463 -6.14 65.25 -26.98
C LEU B 463 -5.47 63.90 -26.80
N LEU B 464 -5.80 63.25 -25.69
CA LEU B 464 -5.17 61.99 -25.35
C LEU B 464 -5.82 60.84 -26.13
N PRO B 465 -5.11 59.73 -26.31
CA PRO B 465 -5.69 58.63 -27.06
C PRO B 465 -6.98 58.16 -26.44
N PRO B 466 -7.92 57.68 -27.23
CA PRO B 466 -9.21 57.24 -26.68
C PRO B 466 -9.04 56.12 -25.67
N HIS B 467 -10.07 55.95 -24.85
CA HIS B 467 -10.04 54.99 -23.76
C HIS B 467 -10.63 53.66 -24.22
N LEU B 468 -9.85 52.59 -24.09
CA LEU B 468 -10.30 51.27 -24.49
C LEU B 468 -10.27 50.34 -23.29
N GLY B 469 -11.44 49.95 -22.84
CA GLY B 469 -11.56 48.99 -21.77
C GLY B 469 -13.01 48.61 -21.65
N GLU B 470 -13.25 47.45 -21.04
CA GLU B 470 -14.62 46.97 -20.98
C GLU B 470 -15.47 47.91 -20.14
N GLY B 471 -14.90 48.42 -19.05
CA GLY B 471 -15.60 49.43 -18.27
C GLY B 471 -15.64 50.78 -18.96
N GLY B 472 -14.50 51.25 -19.44
CA GLY B 472 -14.41 52.54 -20.10
C GLY B 472 -14.71 53.71 -19.17
N ALA B 473 -14.74 54.92 -19.72
CA ALA B 473 -15.16 56.11 -19.00
C ALA B 473 -14.32 56.36 -17.75
N LEU B 474 -13.02 56.15 -17.86
CA LEU B 474 -12.07 56.51 -16.81
C LEU B 474 -11.09 57.53 -17.34
N THR B 475 -10.76 58.51 -16.50
CA THR B 475 -9.94 59.63 -16.91
C THR B 475 -8.84 59.87 -15.88
N GLY B 476 -7.74 60.44 -16.36
CA GLY B 476 -6.67 60.88 -15.48
C GLY B 476 -5.95 59.75 -14.78
N THR B 477 -5.91 59.81 -13.44
CA THR B 477 -5.16 58.82 -12.68
C THR B 477 -5.85 57.47 -12.66
N ALA B 478 -7.19 57.46 -12.61
CA ALA B 478 -7.91 56.19 -12.60
C ALA B 478 -7.61 55.37 -13.84
N ARG B 479 -7.36 56.03 -14.97
CA ARG B 479 -7.00 55.31 -16.18
C ARG B 479 -5.72 54.53 -16.00
N LYS B 480 -4.69 55.18 -15.44
CA LYS B 480 -3.42 54.49 -15.22
C LYS B 480 -3.58 53.37 -14.21
N ALA B 481 -4.38 53.60 -13.17
CA ALA B 481 -4.62 52.56 -12.17
C ALA B 481 -5.24 51.33 -12.81
N GLU B 482 -6.23 51.53 -13.68
CA GLU B 482 -6.87 50.39 -14.33
C GLU B 482 -5.93 49.70 -15.31
N GLU B 483 -5.08 50.47 -16.00
CA GLU B 483 -4.08 49.84 -16.86
C GLU B 483 -3.18 48.92 -16.05
N ALA B 484 -2.73 49.41 -14.88
CA ALA B 484 -1.90 48.59 -14.01
C ALA B 484 -2.64 47.34 -13.54
N ARG B 485 -3.91 47.50 -13.17
CA ARG B 485 -4.69 46.36 -12.70
C ARG B 485 -4.84 45.31 -13.80
N LEU B 486 -5.09 45.76 -15.04
CA LEU B 486 -5.21 44.84 -16.15
C LEU B 486 -3.90 44.10 -16.38
N ARG B 487 -2.78 44.80 -16.32
CA ARG B 487 -1.49 44.14 -16.47
C ARG B 487 -1.28 43.09 -15.39
N ARG B 488 -1.64 43.43 -14.14
CA ARG B 488 -1.48 42.47 -13.04
C ARG B 488 -2.34 41.23 -13.26
N ALA B 489 -3.58 41.41 -13.71
CA ALA B 489 -4.45 40.26 -13.97
C ALA B 489 -3.89 39.39 -15.07
N GLU B 490 -3.37 40.01 -16.14
CA GLU B 490 -2.76 39.24 -17.22
C GLU B 490 -1.58 38.42 -16.72
N ILE B 491 -0.74 39.03 -15.88
CA ILE B 491 0.40 38.29 -15.33
C ILE B 491 -0.08 37.12 -14.49
N GLU B 492 -1.12 37.34 -13.68
CA GLU B 492 -1.66 36.26 -12.85
C GLU B 492 -2.12 35.09 -13.71
N ARG B 493 -2.89 35.38 -14.76
CA ARG B 493 -3.39 34.30 -15.61
C ARG B 493 -2.23 33.57 -16.29
N GLN B 494 -1.22 34.31 -16.74
CA GLN B 494 -0.08 33.68 -17.38
C GLN B 494 0.62 32.72 -16.42
N THR B 495 0.80 33.14 -15.17
CA THR B 495 1.45 32.27 -14.18
C THR B 495 0.62 31.02 -13.93
N GLU B 496 -0.71 31.17 -13.86
CA GLU B 496 -1.58 30.01 -13.67
C GLU B 496 -1.39 29.00 -14.81
N LEU B 497 -1.43 29.49 -16.05
CA LEU B 497 -1.23 28.58 -17.18
C LEU B 497 0.14 27.92 -17.13
N GLY B 498 1.16 28.69 -16.72
CA GLY B 498 2.49 28.12 -16.63
C GLY B 498 2.56 26.97 -15.65
N ARG B 499 2.00 27.16 -14.45
CA ARG B 499 2.04 26.09 -13.46
C ARG B 499 1.28 24.86 -13.94
N LEU B 500 0.14 25.07 -14.60
CA LEU B 500 -0.60 23.91 -15.11
C LEU B 500 0.23 23.13 -16.14
N GLN B 501 0.87 23.85 -17.07
CA GLN B 501 1.73 23.21 -18.07
C GLN B 501 2.82 22.39 -17.40
N GLN B 502 3.49 23.01 -16.43
CA GLN B 502 4.60 22.36 -15.73
C GLN B 502 4.13 21.10 -15.00
N GLN B 503 2.93 21.15 -14.40
CA GLN B 503 2.41 19.98 -13.68
C GLN B 503 2.14 18.82 -14.64
N ILE B 504 1.50 19.11 -15.77
CA ILE B 504 1.21 18.01 -16.69
C ILE B 504 2.51 17.45 -17.28
N GLU B 505 3.49 18.31 -17.53
CA GLU B 505 4.77 17.81 -18.04
C GLU B 505 5.52 16.99 -17.00
N GLN B 506 5.43 17.34 -15.71
CA GLN B 506 6.06 16.50 -14.69
C GLN B 506 5.39 15.13 -14.64
N ARG B 507 4.06 15.08 -14.79
CA ARG B 507 3.40 13.78 -14.89
C ARG B 507 3.98 12.98 -16.06
N ARG B 508 4.18 13.62 -17.20
CA ARG B 508 4.76 12.93 -18.36
C ARG B 508 6.15 12.38 -18.04
N ARG B 509 7.00 13.20 -17.42
CA ARG B 509 8.35 12.75 -17.10
C ARG B 509 8.32 11.55 -16.17
N ARG B 510 7.38 11.56 -15.23
CA ARG B 510 7.12 10.41 -14.37
C ARG B 510 6.82 9.16 -15.14
N ALA B 511 5.87 9.25 -16.04
CA ALA B 511 5.51 8.10 -16.83
C ALA B 511 6.74 7.55 -17.53
N ARG B 512 7.56 8.46 -18.06
CA ARG B 512 8.88 8.07 -18.54
C ARG B 512 9.71 7.26 -17.56
N ALA B 513 9.97 7.81 -16.40
CA ALA B 513 10.89 7.15 -15.50
C ALA B 513 10.41 5.73 -15.20
N GLN B 514 9.10 5.59 -15.00
CA GLN B 514 8.55 4.26 -14.71
C GLN B 514 8.71 3.32 -15.91
N ILE B 515 8.48 3.83 -17.13
CA ILE B 515 8.65 3.00 -18.31
C ILE B 515 10.09 2.51 -18.41
N GLU B 516 11.05 3.41 -18.17
CA GLU B 516 12.45 3.02 -18.25
C GLU B 516 12.77 1.90 -17.26
N ALA B 517 12.29 2.05 -16.02
CA ALA B 517 12.55 1.03 -15.01
C ALA B 517 11.98 -0.32 -15.45
N LEU B 518 10.74 -0.32 -15.95
CA LEU B 518 10.12 -1.58 -16.36
C LEU B 518 10.86 -2.22 -17.53
N GLU B 519 11.32 -1.38 -18.47
CA GLU B 519 12.12 -1.88 -19.59
C GLU B 519 13.38 -2.56 -19.10
N ALA B 520 14.10 -1.92 -18.17
CA ALA B 520 15.31 -2.52 -17.65
C ALA B 520 15.00 -3.87 -17.01
N GLU B 521 13.88 -3.94 -16.28
CA GLU B 521 13.49 -5.20 -15.67
C GLU B 521 13.27 -6.29 -16.72
N LEU B 522 12.56 -5.95 -17.80
CA LEU B 522 12.28 -6.98 -18.81
C LEU B 522 13.54 -7.39 -19.56
N GLN B 523 14.48 -6.46 -19.77
CA GLN B 523 15.76 -6.85 -20.36
C GLN B 523 16.50 -7.83 -19.44
N ALA B 524 16.50 -7.57 -18.13
CA ALA B 524 17.10 -8.51 -17.21
C ALA B 524 16.44 -9.88 -17.31
N GLU B 525 15.11 -9.90 -17.42
CA GLU B 525 14.43 -11.18 -17.56
C GLU B 525 14.86 -11.90 -18.84
N GLU B 526 15.01 -11.17 -19.94
CA GLU B 526 15.47 -11.78 -21.18
C GLU B 526 16.82 -12.43 -20.99
N ILE B 527 17.75 -11.72 -20.32
CA ILE B 527 19.07 -12.28 -20.07
C ILE B 527 18.96 -13.55 -19.23
N ALA B 528 18.05 -13.56 -18.27
CA ALA B 528 17.85 -14.76 -17.45
C ALA B 528 17.37 -15.94 -18.29
N LEU B 529 16.41 -15.70 -19.18
CA LEU B 529 15.96 -16.75 -20.09
C LEU B 529 17.14 -17.32 -20.86
N LYS B 530 17.98 -16.42 -21.36
CA LYS B 530 19.16 -16.84 -22.14
C LYS B 530 20.03 -17.76 -21.34
N ALA B 531 20.38 -17.33 -20.14
CA ALA B 531 21.30 -18.08 -19.32
C ALA B 531 20.72 -19.45 -18.99
N LEU B 532 19.42 -19.52 -18.73
CA LEU B 532 18.81 -20.80 -18.42
C LEU B 532 18.86 -21.75 -19.61
N VAL B 533 18.55 -21.24 -20.81
CA VAL B 533 18.60 -22.10 -22.00
C VAL B 533 20.03 -22.57 -22.24
N GLU B 534 21.00 -21.69 -22.08
CA GLU B 534 22.41 -22.06 -22.23
C GLU B 534 22.78 -23.18 -21.26
N SER B 535 22.37 -23.05 -20.00
CA SER B 535 22.69 -24.06 -19.01
C SER B 535 22.07 -25.40 -19.37
N GLU B 536 20.82 -25.39 -19.83
CA GLU B 536 20.17 -26.65 -20.21
C GLU B 536 20.91 -27.31 -21.38
N SER B 537 21.30 -26.52 -22.38
CA SER B 537 22.03 -27.08 -23.51
C SER B 537 23.35 -27.70 -23.06
N ALA B 538 24.07 -26.99 -22.18
CA ALA B 538 25.33 -27.52 -21.67
C ALA B 538 25.11 -28.81 -20.90
N HIS B 539 24.03 -28.89 -20.13
CA HIS B 539 23.76 -30.10 -19.36
C HIS B 539 23.46 -31.28 -20.29
N GLU B 540 22.66 -31.05 -21.33
CA GLU B 540 22.39 -32.10 -22.31
C GLU B 540 23.69 -32.60 -22.92
N ARG B 541 24.53 -31.67 -23.35
CA ARG B 541 25.81 -32.02 -23.95
C ARG B 541 26.67 -32.86 -23.01
N GLN B 542 26.80 -32.41 -21.76
CA GLN B 542 27.68 -33.12 -20.85
C GLN B 542 27.14 -34.50 -20.53
N ARG B 543 25.81 -34.65 -20.45
CA ARG B 543 25.29 -35.99 -20.22
C ARG B 543 25.61 -36.91 -21.39
N LEU B 544 25.47 -36.42 -22.62
CA LEU B 544 25.80 -37.27 -23.76
C LEU B 544 27.28 -37.67 -23.73
N ALA B 545 28.16 -36.72 -23.40
CA ALA B 545 29.58 -37.05 -23.33
C ALA B 545 29.83 -38.11 -22.26
N ASP B 546 29.21 -37.94 -21.09
CA ASP B 546 29.41 -38.90 -20.00
C ASP B 546 28.86 -40.27 -20.35
N ALA B 547 27.69 -40.32 -20.99
CA ALA B 547 27.11 -41.59 -21.42
C ALA B 547 28.01 -42.29 -22.43
N ASP B 548 28.57 -41.53 -23.36
CA ASP B 548 29.50 -42.13 -24.32
C ASP B 548 30.75 -42.67 -23.62
N THR B 549 31.27 -41.92 -22.66
CA THR B 549 32.44 -42.39 -21.92
C THR B 549 32.15 -43.70 -21.18
N LEU B 550 31.01 -43.75 -20.49
CA LEU B 550 30.66 -44.96 -19.75
C LEU B 550 30.42 -46.13 -20.70
N ALA B 551 29.74 -45.90 -21.83
CA ALA B 551 29.47 -46.98 -22.78
C ALA B 551 30.71 -47.44 -23.49
N ARG B 552 31.70 -46.59 -23.58
CA ARG B 552 33.03 -47.01 -23.97
C ARG B 552 33.71 -47.89 -22.95
N SER B 553 33.69 -47.52 -21.69
CA SER B 553 34.46 -48.31 -20.75
C SER B 553 33.81 -49.64 -20.44
N ARG B 554 32.66 -49.94 -21.07
CA ARG B 554 31.95 -51.20 -20.86
C ARG B 554 31.64 -51.93 -22.15
N GLY B 555 32.17 -51.48 -23.29
CA GLY B 555 31.80 -52.03 -24.57
C GLY B 555 32.84 -52.99 -25.10
N ASN B 556 32.41 -53.80 -26.08
CA ASN B 556 33.28 -54.74 -26.76
C ASN B 556 33.82 -54.17 -28.06
N GLU B 557 33.75 -52.84 -28.25
CA GLU B 557 34.26 -52.28 -29.49
C GLU B 557 35.74 -52.54 -29.63
N ARG B 558 36.45 -52.44 -28.52
CA ARG B 558 37.89 -52.46 -28.54
C ARG B 558 38.43 -53.75 -29.14
N PHE B 559 37.55 -54.74 -29.33
CA PHE B 559 37.92 -56.06 -29.81
C PHE B 559 37.35 -56.35 -31.21
N ALA B 560 36.94 -55.32 -31.94
CA ALA B 560 36.47 -55.49 -33.32
C ALA B 560 37.52 -55.00 -34.30
N GLY C 4 -83.63 88.04 -33.97
CA GLY C 4 -83.74 89.25 -33.18
C GLY C 4 -83.75 90.50 -34.04
N ILE C 5 -82.67 91.28 -33.95
CA ILE C 5 -82.55 92.52 -34.71
C ILE C 5 -81.85 92.23 -36.03
N GLY C 6 -82.14 93.05 -37.03
CA GLY C 6 -81.45 92.94 -38.30
C GLY C 6 -80.03 93.48 -38.21
N LYS C 7 -79.17 92.93 -39.07
CA LYS C 7 -77.76 93.30 -39.08
C LYS C 7 -77.28 93.47 -40.51
N SER C 8 -76.26 94.31 -40.67
CA SER C 8 -75.69 94.59 -41.99
C SER C 8 -74.26 94.06 -42.04
N PRO C 9 -73.93 93.14 -42.94
CA PRO C 9 -72.56 92.61 -42.96
C PRO C 9 -71.56 93.67 -43.37
N THR C 10 -70.41 93.67 -42.69
CA THR C 10 -69.35 94.64 -42.97
C THR C 10 -68.43 94.20 -44.09
N GLY C 11 -68.36 92.91 -44.39
CA GLY C 11 -67.39 92.39 -45.32
C GLY C 11 -66.10 91.94 -44.68
N ILE C 12 -65.83 92.34 -43.44
CA ILE C 12 -64.72 91.79 -42.68
C ILE C 12 -65.18 90.47 -42.07
N GLN C 13 -65.03 89.39 -42.82
CA GLN C 13 -65.30 88.08 -42.26
C GLN C 13 -64.42 87.86 -41.05
N GLY C 14 -65.01 87.44 -39.94
CA GLY C 14 -64.35 87.30 -38.67
C GLY C 14 -64.78 88.34 -37.66
N PHE C 15 -65.24 89.49 -38.14
CA PHE C 15 -65.97 90.45 -37.31
C PHE C 15 -67.47 90.26 -37.46
N ASP C 16 -67.90 89.81 -38.62
CA ASP C 16 -69.30 89.40 -38.80
C ASP C 16 -69.61 88.15 -38.00
N GLU C 17 -68.64 87.21 -37.92
CA GLU C 17 -68.85 86.03 -37.10
C GLU C 17 -68.97 86.38 -35.63
N LEU C 18 -68.13 87.30 -35.15
CA LEU C 18 -68.20 87.73 -33.76
C LEU C 18 -69.51 88.45 -33.47
N THR C 19 -69.96 89.28 -34.40
CA THR C 19 -71.19 90.05 -34.23
C THR C 19 -72.43 89.28 -34.65
N LEU C 20 -72.27 88.06 -35.15
CA LEU C 20 -73.39 87.23 -35.60
C LEU C 20 -74.23 87.95 -36.66
N GLY C 21 -73.54 88.55 -37.63
CA GLY C 21 -74.21 89.12 -38.78
C GLY C 21 -73.68 90.48 -39.21
N GLY C 22 -73.21 91.29 -38.28
CA GLY C 22 -72.61 92.56 -38.60
C GLY C 22 -73.13 93.65 -37.70
N LEU C 23 -72.97 94.88 -38.17
CA LEU C 23 -73.38 96.07 -37.42
C LEU C 23 -74.90 96.24 -37.52
N PRO C 24 -75.49 96.96 -36.56
CA PRO C 24 -76.96 97.05 -36.54
C PRO C 24 -77.48 97.82 -37.74
N THR C 25 -78.61 97.36 -38.26
CA THR C 25 -79.25 98.02 -39.39
C THR C 25 -80.19 99.11 -38.87
N GLY C 26 -80.00 100.33 -39.35
CA GLY C 26 -80.84 101.44 -38.97
C GLY C 26 -80.46 102.13 -37.68
N ARG C 27 -79.31 101.81 -37.10
CA ARG C 27 -78.84 102.47 -35.89
C ARG C 27 -77.40 102.90 -36.06
N PRO C 28 -77.01 104.03 -35.48
CA PRO C 28 -75.60 104.44 -35.55
C PRO C 28 -74.69 103.54 -34.72
N SER C 29 -73.44 103.46 -35.15
CA SER C 29 -72.41 102.72 -34.42
C SER C 29 -71.19 103.62 -34.25
N LEU C 30 -70.47 103.42 -33.15
CA LEU C 30 -69.34 104.26 -32.79
C LEU C 30 -68.08 103.40 -32.80
N VAL C 31 -67.10 103.80 -33.61
CA VAL C 31 -65.78 103.19 -33.63
C VAL C 31 -64.81 104.18 -33.01
N CYS C 32 -64.21 103.79 -31.88
CA CYS C 32 -63.36 104.68 -31.10
C CYS C 32 -61.93 104.17 -31.13
N GLY C 33 -60.99 105.10 -31.22
CA GLY C 33 -59.59 104.74 -31.15
C GLY C 33 -58.71 105.97 -31.13
N SER C 34 -57.44 105.75 -30.79
CA SER C 34 -56.44 106.81 -30.85
C SER C 34 -55.95 106.97 -32.29
N ALA C 35 -54.89 107.74 -32.49
CA ALA C 35 -54.40 108.01 -33.83
C ALA C 35 -53.69 106.78 -34.39
N GLY C 36 -54.03 106.42 -35.62
CA GLY C 36 -53.41 105.30 -36.28
C GLY C 36 -53.96 103.94 -35.93
N CYS C 37 -55.08 103.89 -35.20
CA CYS C 37 -55.64 102.61 -34.78
C CYS C 37 -56.48 101.94 -35.86
N GLY C 38 -56.76 102.62 -36.97
CA GLY C 38 -57.48 102.03 -38.07
C GLY C 38 -58.97 102.30 -38.10
N LYS C 39 -59.46 103.24 -37.29
CA LYS C 39 -60.91 103.47 -37.22
C LYS C 39 -61.45 104.18 -38.46
N THR C 40 -60.59 104.69 -39.33
CA THR C 40 -61.05 105.23 -40.61
C THR C 40 -61.09 104.15 -41.68
N LEU C 41 -60.09 103.27 -41.70
CA LEU C 41 -60.13 102.13 -42.59
C LEU C 41 -61.32 101.24 -42.31
N PHE C 42 -61.73 101.14 -41.04
CA PHE C 42 -62.92 100.37 -40.69
C PHE C 42 -64.15 100.91 -41.41
N ALA C 43 -64.37 102.22 -41.33
CA ALA C 43 -65.53 102.82 -41.97
C ALA C 43 -65.42 102.74 -43.49
N SER C 44 -64.23 102.95 -44.04
CA SER C 44 -64.06 102.84 -45.48
C SER C 44 -64.38 101.43 -45.96
N THR C 45 -63.90 100.42 -45.23
CA THR C 45 -64.22 99.04 -45.57
C THR C 45 -65.71 98.79 -45.46
N PHE C 46 -66.34 99.29 -44.40
CA PHE C 46 -67.79 99.15 -44.26
C PHE C 46 -68.50 99.64 -45.50
N LEU C 47 -68.22 100.87 -45.91
CA LEU C 47 -68.89 101.46 -47.06
C LEU C 47 -68.61 100.68 -48.33
N ILE C 48 -67.34 100.38 -48.58
CA ILE C 48 -66.96 99.77 -49.86
C ILE C 48 -67.52 98.36 -49.96
N ASN C 49 -67.40 97.57 -48.90
CA ASN C 49 -67.93 96.22 -48.93
C ASN C 49 -69.46 96.24 -49.03
N GLY C 50 -70.11 97.20 -48.38
CA GLY C 50 -71.55 97.32 -48.53
C GLY C 50 -71.95 97.57 -49.96
N VAL C 51 -71.27 98.50 -50.62
CA VAL C 51 -71.63 98.80 -52.01
C VAL C 51 -71.31 97.63 -52.93
N ARG C 52 -70.22 96.91 -52.65
CA ARG C 52 -69.79 95.85 -53.57
C ARG C 52 -70.61 94.57 -53.41
N ASP C 53 -70.86 94.15 -52.17
CA ASP C 53 -71.46 92.85 -51.91
C ASP C 53 -72.98 92.91 -51.73
N HIS C 54 -73.57 94.08 -51.54
CA HIS C 54 -75.00 94.18 -51.30
C HIS C 54 -75.68 95.29 -52.09
N GLY C 55 -74.97 96.02 -52.94
CA GLY C 55 -75.60 97.06 -53.73
C GLY C 55 -76.23 98.14 -52.87
N GLU C 56 -75.48 98.61 -51.87
CA GLU C 56 -75.97 99.63 -50.94
C GLU C 56 -75.14 100.90 -51.13
N PRO C 57 -75.66 101.92 -51.83
CA PRO C 57 -74.90 103.15 -52.00
C PRO C 57 -74.56 103.78 -50.65
N GLY C 58 -73.38 104.39 -50.60
CA GLY C 58 -72.86 104.91 -49.36
C GLY C 58 -72.47 106.37 -49.48
N VAL C 59 -72.42 107.03 -48.32
CA VAL C 59 -72.00 108.43 -48.21
C VAL C 59 -70.94 108.53 -47.13
N PHE C 60 -69.88 109.27 -47.42
CA PHE C 60 -68.75 109.49 -46.50
C PHE C 60 -68.69 110.98 -46.21
N VAL C 61 -69.33 111.41 -45.13
CA VAL C 61 -69.30 112.79 -44.71
C VAL C 61 -68.04 113.02 -43.90
N THR C 62 -67.23 113.97 -44.33
CA THR C 62 -65.98 114.30 -43.65
C THR C 62 -65.97 115.78 -43.33
N PHE C 63 -65.64 116.10 -42.09
CA PHE C 63 -65.58 117.48 -41.64
C PHE C 63 -64.14 117.98 -41.59
N GLU C 64 -63.16 117.10 -41.84
CA GLU C 64 -61.75 117.41 -41.68
C GLU C 64 -60.94 117.22 -42.96
N GLU C 65 -60.97 116.00 -43.49
CA GLU C 65 -60.14 115.62 -44.62
C GLU C 65 -60.83 115.98 -45.94
N ARG C 66 -60.04 116.08 -46.99
CA ARG C 66 -60.55 116.38 -48.32
C ARG C 66 -60.85 115.09 -49.06
N PRO C 67 -61.79 115.13 -50.02
CA PRO C 67 -62.17 113.88 -50.71
C PRO C 67 -61.01 113.19 -51.39
N GLU C 68 -60.09 113.92 -52.02
CA GLU C 68 -58.97 113.28 -52.69
C GLU C 68 -58.07 112.57 -51.69
N ASP C 69 -57.86 113.17 -50.51
CA ASP C 69 -57.07 112.51 -49.49
C ASP C 69 -57.71 111.20 -49.06
N ILE C 70 -59.02 111.20 -48.87
CA ILE C 70 -59.72 109.97 -48.50
C ILE C 70 -59.55 108.92 -49.58
N VAL C 71 -59.70 109.33 -50.84
CA VAL C 71 -59.57 108.38 -51.95
C VAL C 71 -58.16 107.78 -51.99
N ASN C 72 -57.14 108.62 -51.80
CA ASN C 72 -55.77 108.14 -51.91
C ASN C 72 -55.35 107.31 -50.70
N ASN C 73 -55.95 107.56 -49.54
CA ASN C 73 -55.54 106.85 -48.33
C ASN C 73 -55.82 105.36 -48.40
N VAL C 74 -56.69 104.91 -49.31
CA VAL C 74 -57.05 103.51 -49.43
C VAL C 74 -56.68 102.94 -50.80
N ALA C 75 -55.97 103.70 -51.62
CA ALA C 75 -55.61 103.21 -52.95
C ALA C 75 -54.72 101.98 -52.88
N SER C 76 -53.75 101.98 -51.96
CA SER C 76 -52.83 100.87 -51.86
C SER C 76 -53.49 99.58 -51.39
N LEU C 77 -54.66 99.68 -50.76
CA LEU C 77 -55.37 98.49 -50.29
C LEU C 77 -56.15 97.81 -51.40
N GLY C 78 -56.16 98.38 -52.60
CA GLY C 78 -56.86 97.78 -53.72
C GLY C 78 -58.26 98.28 -53.93
N PHE C 79 -58.79 99.11 -53.04
CA PHE C 79 -60.12 99.67 -53.24
C PHE C 79 -60.09 100.65 -54.39
N GLU C 80 -60.91 100.41 -55.40
CA GLU C 80 -61.04 101.32 -56.52
C GLU C 80 -62.04 102.41 -56.17
N LEU C 81 -61.77 103.16 -55.09
CA LEU C 81 -62.73 104.15 -54.63
C LEU C 81 -63.03 105.18 -55.70
N ASP C 82 -62.02 105.58 -56.48
CA ASP C 82 -62.27 106.51 -57.57
C ASP C 82 -63.26 105.92 -58.57
N LYS C 83 -63.15 104.62 -58.84
CA LYS C 83 -64.13 103.97 -59.72
C LYS C 83 -65.53 104.14 -59.17
N LEU C 84 -65.73 103.78 -57.90
CA LEU C 84 -67.07 103.82 -57.32
C LEU C 84 -67.62 105.24 -57.34
N ILE C 85 -66.77 106.23 -57.04
CA ILE C 85 -67.21 107.61 -57.09
C ILE C 85 -67.62 107.99 -58.50
N GLU C 86 -66.86 107.53 -59.50
CA GLU C 86 -67.23 107.80 -60.88
C GLU C 86 -68.54 107.12 -61.26
N GLU C 87 -68.73 105.88 -60.80
CA GLU C 87 -69.93 105.12 -61.15
C GLU C 87 -71.18 105.62 -60.43
N GLU C 88 -71.04 106.58 -59.51
CA GLU C 88 -72.17 107.12 -58.76
C GLU C 88 -72.75 106.09 -57.79
N LYS C 89 -71.87 105.35 -57.11
CA LYS C 89 -72.28 104.41 -56.08
C LYS C 89 -71.76 104.78 -54.71
N ILE C 90 -70.91 105.80 -54.60
CA ILE C 90 -70.47 106.34 -53.32
C ILE C 90 -70.27 107.84 -53.49
N ALA C 91 -70.60 108.60 -52.45
CA ALA C 91 -70.45 110.05 -52.46
C ALA C 91 -69.66 110.48 -51.23
N ILE C 92 -68.65 111.31 -51.45
CA ILE C 92 -67.84 111.88 -50.38
C ILE C 92 -68.25 113.34 -50.23
N GLU C 93 -68.71 113.70 -49.04
CA GLU C 93 -69.21 115.05 -48.76
C GLU C 93 -68.32 115.72 -47.73
N HIS C 94 -67.85 116.92 -48.06
CA HIS C 94 -66.96 117.70 -47.20
C HIS C 94 -67.76 118.86 -46.60
N ILE C 95 -68.01 118.79 -45.29
CA ILE C 95 -68.70 119.86 -44.58
C ILE C 95 -67.69 120.60 -43.72
N ALA C 96 -67.12 121.67 -44.26
CA ALA C 96 -66.06 122.41 -43.59
C ALA C 96 -66.62 123.39 -42.58
N VAL C 97 -65.82 123.69 -41.56
CA VAL C 97 -66.17 124.63 -40.50
C VAL C 97 -65.00 125.59 -40.31
N ASP C 98 -65.30 126.90 -40.30
CA ASP C 98 -64.29 127.92 -40.07
C ASP C 98 -64.08 128.16 -38.59
N PRO C 99 -62.99 128.82 -38.21
CA PRO C 99 -62.75 129.06 -36.77
C PRO C 99 -63.89 129.75 -36.05
N SER C 100 -64.47 130.80 -36.65
CA SER C 100 -65.59 131.49 -36.01
C SER C 100 -66.80 130.58 -35.90
N GLU C 101 -67.00 129.72 -36.89
CA GLU C 101 -68.17 128.84 -36.90
C GLU C 101 -68.23 127.97 -35.65
N VAL C 102 -67.07 127.46 -35.22
CA VAL C 102 -67.02 126.41 -34.20
C VAL C 102 -66.77 126.98 -32.81
N ALA C 103 -67.02 128.27 -32.60
CA ALA C 103 -66.61 128.90 -31.36
C ALA C 103 -67.29 128.30 -30.13
N GLU C 104 -68.60 128.08 -30.17
CA GLU C 104 -69.31 127.80 -28.92
C GLU C 104 -70.41 126.77 -29.13
N ILE C 105 -71.22 126.58 -28.08
CA ILE C 105 -72.38 125.68 -28.12
C ILE C 105 -73.46 126.26 -29.01
N GLY C 106 -74.16 125.38 -29.73
CA GLY C 106 -75.30 125.76 -30.52
C GLY C 106 -74.95 126.69 -31.66
N ASP C 107 -73.66 126.94 -31.86
CA ASP C 107 -73.23 127.85 -32.91
C ASP C 107 -73.60 127.30 -34.28
N TYR C 108 -73.42 125.99 -34.47
CA TYR C 108 -73.78 125.35 -35.72
C TYR C 108 -75.27 125.05 -35.71
N ASP C 109 -75.94 125.40 -36.81
CA ASP C 109 -77.35 125.07 -36.97
C ASP C 109 -77.46 123.62 -37.40
N LEU C 110 -77.65 122.74 -36.41
CA LEU C 110 -77.72 121.31 -36.72
C LEU C 110 -78.79 121.01 -37.76
N GLU C 111 -79.91 121.73 -37.76
CA GLU C 111 -80.87 121.53 -38.82
C GLU C 111 -80.27 121.88 -40.17
N GLY C 112 -79.40 122.88 -40.24
CA GLY C 112 -78.71 123.15 -41.48
C GLY C 112 -77.88 121.95 -41.92
N LEU C 113 -77.16 121.35 -40.97
CA LEU C 113 -76.40 120.15 -41.27
C LEU C 113 -77.34 119.04 -41.73
N PHE C 114 -78.49 118.92 -41.07
CA PHE C 114 -79.43 117.88 -41.42
C PHE C 114 -79.94 118.06 -42.85
N LEU C 115 -80.19 119.30 -43.25
CA LEU C 115 -80.60 119.55 -44.62
C LEU C 115 -79.53 119.06 -45.59
N ARG C 116 -78.29 119.48 -45.36
CA ARG C 116 -77.23 119.04 -46.25
C ARG C 116 -77.07 117.53 -46.30
N LEU C 117 -76.98 116.89 -45.15
CA LEU C 117 -76.79 115.46 -45.14
C LEU C 117 -77.91 114.79 -45.91
N GLU C 118 -79.09 115.37 -45.87
CA GLU C 118 -80.19 114.80 -46.61
C GLU C 118 -79.92 114.88 -48.10
N LEU C 119 -79.44 116.05 -48.55
CA LEU C 119 -79.11 116.22 -49.96
C LEU C 119 -78.13 115.14 -50.41
N ALA C 120 -77.08 114.96 -49.63
CA ALA C 120 -76.04 114.00 -49.98
C ALA C 120 -76.63 112.60 -50.07
N ILE C 121 -77.47 112.24 -49.12
CA ILE C 121 -78.05 110.90 -49.11
C ILE C 121 -78.92 110.69 -50.33
N ASP C 122 -79.77 111.67 -50.67
CA ASP C 122 -80.67 111.48 -51.80
C ASP C 122 -79.94 111.54 -53.15
N THR C 123 -78.72 112.07 -53.19
CA THR C 123 -77.95 112.01 -54.43
C THR C 123 -77.75 110.57 -54.87
N VAL C 124 -77.21 109.73 -53.99
CA VAL C 124 -76.87 108.35 -54.33
C VAL C 124 -77.91 107.36 -53.83
N GLY C 125 -78.95 107.82 -53.15
CA GLY C 125 -79.92 106.92 -52.56
C GLY C 125 -79.26 106.03 -51.53
N ALA C 126 -78.50 106.65 -50.63
CA ALA C 126 -77.65 105.92 -49.71
C ALA C 126 -78.47 105.03 -48.79
N LYS C 127 -77.87 103.91 -48.41
CA LYS C 127 -78.37 103.07 -47.35
C LYS C 127 -77.33 102.85 -46.25
N ARG C 128 -76.10 103.34 -46.43
CA ARG C 128 -75.07 103.34 -45.41
C ARG C 128 -74.42 104.72 -45.40
N VAL C 129 -74.02 105.18 -44.21
CA VAL C 129 -73.42 106.49 -44.05
C VAL C 129 -72.26 106.39 -43.06
N VAL C 130 -71.22 107.19 -43.29
CA VAL C 130 -70.11 107.33 -42.36
C VAL C 130 -69.97 108.81 -42.02
N LEU C 131 -69.94 109.12 -40.73
CA LEU C 131 -69.64 110.46 -40.25
C LEU C 131 -68.25 110.42 -39.61
N ASP C 132 -67.30 111.10 -40.23
CA ASP C 132 -65.90 111.06 -39.83
C ASP C 132 -65.47 112.43 -39.34
N THR C 133 -64.80 112.46 -38.19
CA THR C 133 -64.38 113.70 -37.55
C THR C 133 -65.59 114.60 -37.30
N ILE C 134 -66.48 114.12 -36.44
CA ILE C 134 -67.48 115.01 -35.87
C ILE C 134 -66.96 115.74 -34.64
N GLU C 135 -65.72 115.45 -34.23
CA GLU C 135 -65.13 116.17 -33.11
C GLU C 135 -65.01 117.66 -33.39
N SER C 136 -64.77 118.03 -34.65
CA SER C 136 -64.63 119.44 -35.00
C SER C 136 -65.84 120.23 -34.54
N LEU C 137 -67.03 119.69 -34.81
CA LEU C 137 -68.27 120.38 -34.45
C LEU C 137 -68.53 120.34 -32.95
N PHE C 138 -68.32 119.17 -32.31
CA PHE C 138 -68.76 118.97 -30.94
C PHE C 138 -67.68 119.21 -29.90
N SER C 139 -66.43 119.47 -30.29
CA SER C 139 -65.44 119.87 -29.31
C SER C 139 -65.73 121.26 -28.77
N ALA C 140 -66.50 122.05 -29.51
CA ALA C 140 -66.85 123.40 -29.08
C ALA C 140 -67.67 123.36 -27.79
N PHE C 141 -68.71 122.53 -27.75
CA PHE C 141 -69.61 122.52 -26.61
C PHE C 141 -68.86 122.27 -25.32
N SER C 142 -69.02 123.16 -24.35
CA SER C 142 -68.28 123.11 -23.09
C SER C 142 -69.14 122.96 -21.85
N ASN C 143 -70.44 122.69 -22.00
CA ASN C 143 -71.26 122.32 -20.84
C ASN C 143 -71.71 120.87 -20.99
N PRO C 144 -71.48 120.01 -20.00
CA PRO C 144 -71.76 118.58 -20.21
C PRO C 144 -73.17 118.27 -20.64
N ALA C 145 -74.17 118.97 -20.07
CA ALA C 145 -75.56 118.66 -20.39
C ALA C 145 -75.91 119.07 -21.81
N ILE C 146 -75.51 120.28 -22.22
CA ILE C 146 -75.86 120.78 -23.54
C ILE C 146 -75.25 119.89 -24.62
N LEU C 147 -74.00 119.45 -24.40
CA LEU C 147 -73.35 118.57 -25.36
C LEU C 147 -74.08 117.25 -25.50
N ARG C 148 -74.49 116.65 -24.37
CA ARG C 148 -75.21 115.39 -24.46
C ARG C 148 -76.53 115.57 -25.17
N ALA C 149 -77.20 116.71 -24.95
CA ALA C 149 -78.45 116.96 -25.66
C ALA C 149 -78.24 117.05 -27.16
N GLU C 150 -77.19 117.76 -27.58
CA GLU C 150 -76.92 117.89 -29.02
C GLU C 150 -76.54 116.54 -29.64
N ILE C 151 -75.71 115.76 -28.95
CA ILE C 151 -75.34 114.45 -29.46
C ILE C 151 -76.57 113.57 -29.60
N ARG C 152 -77.46 113.62 -28.61
CA ARG C 152 -78.70 112.85 -28.69
C ARG C 152 -79.55 113.32 -29.86
N ARG C 153 -79.60 114.63 -30.10
CA ARG C 153 -80.35 115.15 -31.23
C ARG C 153 -79.84 114.56 -32.53
N LEU C 154 -78.52 114.60 -32.72
CA LEU C 154 -77.94 114.07 -33.95
C LEU C 154 -78.23 112.58 -34.10
N PHE C 155 -78.05 111.82 -33.02
CA PHE C 155 -78.27 110.38 -33.09
C PHE C 155 -79.72 110.06 -33.37
N ASP C 156 -80.65 110.80 -32.77
CA ASP C 156 -82.06 110.59 -33.04
C ASP C 156 -82.39 110.89 -34.50
N TRP C 157 -81.83 111.97 -35.04
CA TRP C 157 -82.08 112.27 -36.45
C TRP C 157 -81.56 111.15 -37.33
N LEU C 158 -80.38 110.62 -37.03
CA LEU C 158 -79.83 109.52 -37.82
C LEU C 158 -80.73 108.29 -37.71
N LYS C 159 -81.20 107.97 -36.51
CA LYS C 159 -82.01 106.78 -36.31
C LYS C 159 -83.36 106.90 -37.00
N GLU C 160 -83.91 108.11 -37.09
CA GLU C 160 -85.20 108.29 -37.73
C GLU C 160 -85.16 107.85 -39.19
N ARG C 161 -84.08 108.20 -39.89
CA ARG C 161 -83.99 107.91 -41.32
C ARG C 161 -83.86 106.43 -41.63
N GLY C 162 -83.48 105.62 -40.65
CA GLY C 162 -83.19 104.22 -40.93
C GLY C 162 -81.96 104.03 -41.77
N LEU C 163 -80.90 104.78 -41.48
CA LEU C 163 -79.64 104.70 -42.20
C LEU C 163 -78.60 104.02 -41.32
N THR C 164 -77.98 102.97 -41.84
CA THR C 164 -76.89 102.31 -41.11
C THR C 164 -75.68 103.24 -41.08
N THR C 165 -75.33 103.73 -39.89
CA THR C 165 -74.32 104.76 -39.74
C THR C 165 -73.16 104.26 -38.91
N VAL C 166 -71.96 104.72 -39.27
CA VAL C 166 -70.74 104.48 -38.51
C VAL C 166 -70.12 105.83 -38.21
N ILE C 167 -69.86 106.10 -36.93
CA ILE C 167 -69.29 107.36 -36.48
C ILE C 167 -67.92 107.09 -35.89
N THR C 168 -66.91 107.78 -36.40
CA THR C 168 -65.54 107.62 -35.92
C THR C 168 -65.26 108.63 -34.83
N ALA C 169 -64.75 108.15 -33.70
CA ALA C 169 -64.51 108.97 -32.53
C ALA C 169 -63.07 108.81 -32.06
N GLU C 170 -62.53 109.88 -31.48
CA GLU C 170 -61.14 109.94 -31.06
C GLU C 170 -61.04 109.73 -29.56
N ARG C 171 -60.16 108.82 -29.15
CA ARG C 171 -60.06 108.46 -27.74
C ARG C 171 -59.50 109.61 -26.91
N GLY C 172 -58.51 110.32 -27.43
CA GLY C 172 -57.86 111.35 -26.63
C GLY C 172 -57.23 110.74 -25.39
N ASP C 173 -57.55 111.32 -24.24
CA ASP C 173 -57.08 110.82 -22.96
C ASP C 173 -58.12 109.98 -22.24
N GLY C 174 -59.24 109.67 -22.90
CA GLY C 174 -60.30 108.93 -22.27
C GLY C 174 -60.16 107.43 -22.44
N ALA C 175 -61.01 106.70 -21.71
CA ALA C 175 -61.06 105.25 -21.87
C ALA C 175 -61.58 104.87 -23.25
N LEU C 176 -62.64 105.52 -23.70
CA LEU C 176 -63.26 105.25 -24.98
C LEU C 176 -63.36 106.48 -25.87
N THR C 177 -63.70 107.64 -25.31
CA THR C 177 -63.86 108.86 -26.09
C THR C 177 -63.31 110.01 -25.27
N ARG C 178 -62.89 111.07 -25.98
CA ARG C 178 -62.26 112.20 -25.32
C ARG C 178 -63.21 112.89 -24.36
N GLN C 179 -64.45 113.15 -24.81
CA GLN C 179 -65.40 113.89 -24.00
C GLN C 179 -66.26 112.99 -23.12
N GLY C 180 -66.26 111.68 -23.37
CA GLY C 180 -66.81 110.74 -22.43
C GLY C 180 -68.31 110.57 -22.43
N LEU C 181 -69.01 110.94 -23.49
CA LEU C 181 -70.47 110.88 -23.52
C LEU C 181 -71.05 110.10 -24.69
N GLU C 182 -70.33 109.99 -25.82
CA GLU C 182 -70.92 109.35 -26.98
C GLU C 182 -71.14 107.85 -26.75
N GLU C 183 -70.31 107.24 -25.91
CA GLU C 183 -70.40 105.80 -25.70
C GLU C 183 -71.66 105.41 -24.93
N TYR C 184 -72.29 106.36 -24.25
CA TYR C 184 -73.52 106.13 -23.49
C TYR C 184 -74.77 106.46 -24.29
N VAL C 185 -74.62 106.91 -25.54
CA VAL C 185 -75.76 107.26 -26.38
C VAL C 185 -75.93 106.27 -27.53
N SER C 186 -74.86 105.64 -28.00
CA SER C 186 -74.96 104.73 -29.13
C SER C 186 -75.38 103.34 -28.66
N ASP C 187 -75.69 102.47 -29.62
CA ASP C 187 -76.07 101.10 -29.35
C ASP C 187 -74.95 100.11 -29.56
N CYS C 188 -74.02 100.40 -30.47
CA CYS C 188 -72.86 99.56 -30.71
C CYS C 188 -71.60 100.40 -30.55
N VAL C 189 -70.68 99.93 -29.72
CA VAL C 189 -69.41 100.61 -29.46
C VAL C 189 -68.29 99.62 -29.73
N ILE C 190 -67.37 99.98 -30.61
CA ILE C 190 -66.24 99.15 -30.98
C ILE C 190 -64.96 99.93 -30.72
N LEU C 191 -64.09 99.37 -29.89
CA LEU C 191 -62.83 100.00 -29.54
C LEU C 191 -61.68 99.34 -30.29
N LEU C 192 -60.88 100.14 -30.98
CA LEU C 192 -59.68 99.68 -31.64
C LEU C 192 -58.47 100.19 -30.87
N ASP C 193 -57.51 99.30 -30.64
CA ASP C 193 -56.39 99.57 -29.75
C ASP C 193 -55.09 99.12 -30.41
N HIS C 194 -54.01 99.81 -30.08
CA HIS C 194 -52.68 99.52 -30.62
C HIS C 194 -51.69 99.71 -29.48
N ARG C 195 -51.37 98.62 -28.79
CA ARG C 195 -50.55 98.66 -27.58
C ARG C 195 -49.18 98.08 -27.84
N VAL C 196 -48.20 98.60 -27.10
CA VAL C 196 -46.79 98.19 -27.23
C VAL C 196 -46.39 97.48 -25.95
N GLU C 197 -45.84 96.28 -26.10
CA GLU C 197 -45.32 95.50 -24.98
C GLU C 197 -44.02 94.85 -25.40
N ASN C 198 -42.97 95.07 -24.63
CA ASN C 198 -41.64 94.55 -24.94
C ASN C 198 -41.20 94.96 -26.35
N GLN C 199 -41.59 96.17 -26.75
CA GLN C 199 -41.25 96.79 -28.03
C GLN C 199 -42.01 96.20 -29.20
N ILE C 200 -43.03 95.37 -28.96
CA ILE C 200 -43.85 94.78 -30.02
C ILE C 200 -45.24 95.37 -29.92
N SER C 201 -45.74 95.88 -31.04
CA SER C 201 -47.05 96.51 -31.11
C SER C 201 -48.08 95.52 -31.63
N THR C 202 -49.26 95.53 -31.02
CA THR C 202 -50.34 94.63 -31.39
C THR C 202 -51.62 95.42 -31.62
N ARG C 203 -52.24 95.21 -32.78
CA ARG C 203 -53.58 95.73 -33.03
C ARG C 203 -54.60 94.82 -32.36
N ARG C 204 -55.51 95.42 -31.59
CA ARG C 204 -56.55 94.67 -30.91
C ARG C 204 -57.91 95.31 -31.15
N LEU C 205 -58.95 94.50 -31.08
CA LEU C 205 -60.32 94.91 -31.35
C LEU C 205 -61.21 94.39 -30.24
N ARG C 206 -62.25 95.17 -29.92
CA ARG C 206 -63.17 94.79 -28.86
C ARG C 206 -64.53 95.42 -29.10
N ILE C 207 -65.58 94.67 -28.82
CA ILE C 207 -66.95 95.15 -28.90
C ILE C 207 -67.39 95.44 -27.47
N VAL C 208 -67.33 96.72 -27.08
CA VAL C 208 -67.63 97.09 -25.70
C VAL C 208 -69.12 96.96 -25.43
N LYS C 209 -69.96 97.42 -26.36
CA LYS C 209 -71.39 97.31 -26.24
C LYS C 209 -72.00 96.95 -27.58
N TYR C 210 -73.02 96.10 -27.54
CA TYR C 210 -73.86 95.88 -28.71
C TYR C 210 -75.26 95.49 -28.23
N ARG C 211 -76.12 96.48 -28.06
CA ARG C 211 -77.47 96.21 -27.54
C ARG C 211 -78.29 95.43 -28.55
N GLY C 212 -78.96 94.39 -28.08
CA GLY C 212 -79.95 93.67 -28.86
C GLY C 212 -79.64 92.21 -29.13
N THR C 213 -78.48 91.69 -28.74
CA THR C 213 -78.13 90.32 -29.08
C THR C 213 -76.84 89.94 -28.37
N ALA C 214 -76.47 88.67 -28.50
CA ALA C 214 -75.21 88.18 -27.95
C ALA C 214 -74.08 88.39 -28.95
N HIS C 215 -72.87 88.52 -28.42
CA HIS C 215 -71.69 88.73 -29.25
C HIS C 215 -70.45 88.34 -28.44
N GLY C 216 -69.31 88.33 -29.12
CA GLY C 216 -68.05 88.12 -28.44
C GLY C 216 -67.68 89.31 -27.57
N THR C 217 -67.04 89.01 -26.44
CA THR C 217 -66.72 90.04 -25.45
C THR C 217 -65.24 90.09 -25.10
N ASN C 218 -64.39 89.35 -25.80
CA ASN C 218 -62.97 89.34 -25.56
C ASN C 218 -62.27 90.33 -26.49
N GLU C 219 -60.96 90.46 -26.31
CA GLU C 219 -60.13 91.27 -27.20
C GLU C 219 -59.54 90.37 -28.28
N TYR C 220 -59.70 90.77 -29.53
CA TYR C 220 -59.31 89.94 -30.67
C TYR C 220 -58.23 90.63 -31.48
N PRO C 221 -56.97 90.21 -31.40
CA PRO C 221 -55.94 90.80 -32.25
C PRO C 221 -56.29 90.63 -33.72
N PHE C 222 -56.00 91.67 -34.51
CA PHE C 222 -56.31 91.67 -35.92
C PHE C 222 -55.12 92.23 -36.70
N LEU C 223 -55.28 92.30 -38.01
CA LEU C 223 -54.20 92.66 -38.91
C LEU C 223 -54.77 93.52 -40.04
N ILE C 224 -54.11 94.65 -40.31
CA ILE C 224 -54.35 95.42 -41.52
C ILE C 224 -53.25 95.05 -42.51
N ASP C 225 -53.64 94.47 -43.64
CA ASP C 225 -52.68 93.84 -44.54
C ASP C 225 -53.08 94.28 -45.95
N THR C 226 -52.50 93.64 -46.97
CA THR C 226 -52.64 94.08 -48.35
C THR C 226 -54.09 94.13 -48.81
N ASP C 227 -54.99 93.38 -48.17
CA ASP C 227 -56.38 93.31 -48.61
C ASP C 227 -57.36 93.99 -47.68
N GLY C 228 -56.98 94.24 -46.42
CA GLY C 228 -57.81 94.99 -45.51
C GLY C 228 -57.77 94.39 -44.12
N PHE C 229 -58.80 94.72 -43.34
CA PHE C 229 -58.91 94.19 -41.98
C PHE C 229 -59.05 92.67 -42.01
N SER C 230 -58.36 92.01 -41.08
CA SER C 230 -58.44 90.56 -40.95
C SER C 230 -58.52 90.20 -39.48
N VAL C 231 -59.57 89.49 -39.08
CA VAL C 231 -59.73 88.97 -37.73
C VAL C 231 -59.89 87.46 -37.84
N LEU C 232 -59.03 86.72 -37.13
CA LEU C 232 -59.08 85.26 -37.06
C LEU C 232 -59.25 84.89 -35.58
N PRO C 233 -60.47 85.02 -35.06
CA PRO C 233 -60.66 84.80 -33.62
C PRO C 233 -60.36 83.36 -33.22
N VAL C 234 -59.81 83.19 -32.01
CA VAL C 234 -59.53 81.86 -31.49
C VAL C 234 -60.77 81.20 -30.89
N SER C 235 -61.84 81.95 -30.70
CA SER C 235 -63.08 81.39 -30.16
C SER C 235 -63.92 80.70 -31.22
N ALA C 236 -63.56 80.83 -32.49
CA ALA C 236 -64.27 80.16 -33.56
C ALA C 236 -63.75 78.76 -33.83
N LEU C 237 -62.65 78.37 -33.20
CA LEU C 237 -62.08 77.04 -33.38
C LEU C 237 -62.87 76.05 -32.54
N GLY C 238 -63.44 75.04 -33.20
CA GLY C 238 -64.10 73.96 -32.53
C GLY C 238 -63.27 72.70 -32.53
N LEU C 239 -63.90 71.60 -32.11
CA LEU C 239 -63.34 70.27 -32.26
C LEU C 239 -64.37 69.46 -33.04
N LEU C 240 -64.42 69.68 -34.34
CA LEU C 240 -65.22 68.88 -35.24
C LEU C 240 -64.37 68.58 -36.48
N HIS C 241 -63.55 67.54 -36.38
CA HIS C 241 -62.75 67.10 -37.50
C HIS C 241 -63.39 65.90 -38.16
N GLN C 242 -62.69 65.36 -39.17
CA GLN C 242 -63.04 64.11 -39.80
C GLN C 242 -61.84 63.18 -39.71
N VAL C 243 -62.10 61.88 -39.66
CA VAL C 243 -61.04 60.91 -39.41
C VAL C 243 -60.90 60.00 -40.63
N HIS C 244 -59.65 59.60 -40.87
CA HIS C 244 -59.30 58.78 -42.01
C HIS C 244 -58.60 57.52 -41.52
N GLU C 245 -58.67 56.46 -42.33
CA GLU C 245 -58.10 55.18 -41.96
C GLU C 245 -56.78 54.86 -42.65
N GLU C 246 -56.36 55.63 -43.66
CA GLU C 246 -55.02 55.39 -44.16
C GLU C 246 -53.95 55.87 -43.20
N ARG C 247 -52.73 55.50 -43.56
CA ARG C 247 -51.55 55.78 -42.77
C ARG C 247 -50.52 56.46 -43.65
N ILE C 248 -49.61 57.20 -43.01
CA ILE C 248 -48.60 57.98 -43.69
C ILE C 248 -47.23 57.40 -43.36
N ALA C 249 -46.45 57.10 -44.39
CA ALA C 249 -45.12 56.54 -44.19
C ALA C 249 -44.15 57.65 -43.78
N SER C 250 -43.18 57.28 -42.95
CA SER C 250 -42.22 58.23 -42.41
C SER C 250 -40.97 58.42 -43.27
N GLY C 251 -40.72 57.53 -44.23
CA GLY C 251 -39.45 57.50 -44.91
C GLY C 251 -38.36 56.78 -44.15
N VAL C 252 -38.65 56.34 -42.92
CA VAL C 252 -37.76 55.50 -42.14
C VAL C 252 -38.46 54.15 -42.00
N PRO C 253 -38.12 53.16 -42.83
CA PRO C 253 -38.89 51.90 -42.79
C PRO C 253 -38.82 51.20 -41.46
N ASP C 254 -37.73 51.39 -40.71
CA ASP C 254 -37.64 50.79 -39.37
C ASP C 254 -38.67 51.40 -38.43
N LEU C 255 -38.85 52.73 -38.48
CA LEU C 255 -39.80 53.38 -37.59
C LEU C 255 -41.23 52.96 -37.89
N ASP C 256 -41.57 52.85 -39.17
CA ASP C 256 -42.91 52.41 -39.55
C ASP C 256 -43.21 51.01 -39.03
N ALA C 257 -42.18 50.15 -38.98
CA ALA C 257 -42.36 48.80 -38.46
C ALA C 257 -42.67 48.78 -36.96
N MET C 258 -42.48 49.89 -36.26
CA MET C 258 -42.74 49.96 -34.84
C MET C 258 -44.21 50.22 -34.54
N MET C 259 -45.04 50.35 -35.57
CA MET C 259 -46.44 50.71 -35.43
C MET C 259 -47.30 49.72 -36.19
N ALA C 260 -48.42 49.34 -35.58
CA ALA C 260 -49.38 48.50 -36.27
C ALA C 260 -50.02 49.26 -37.43
N GLY C 261 -50.12 48.61 -38.58
CA GLY C 261 -50.77 49.19 -39.73
C GLY C 261 -49.84 49.94 -40.68
N GLY C 262 -48.63 50.28 -40.25
CA GLY C 262 -47.63 50.86 -41.12
C GLY C 262 -47.31 52.31 -40.90
N GLY C 263 -47.76 52.92 -39.82
CA GLY C 263 -47.40 54.30 -39.52
C GLY C 263 -48.53 55.04 -38.84
N PHE C 264 -48.32 56.34 -38.69
CA PHE C 264 -49.31 57.22 -38.09
C PHE C 264 -50.53 57.37 -39.01
N PHE C 265 -51.63 57.78 -38.41
CA PHE C 265 -52.80 58.07 -39.23
C PHE C 265 -52.58 59.35 -40.00
N ARG C 266 -53.35 59.51 -41.09
CA ARG C 266 -52.97 60.47 -42.10
C ARG C 266 -53.07 61.91 -41.58
N GLY C 267 -54.26 62.33 -41.15
CA GLY C 267 -54.50 63.72 -40.80
C GLY C 267 -54.10 64.03 -39.37
N SER C 268 -53.20 63.23 -38.83
CA SER C 268 -52.82 63.34 -37.43
C SER C 268 -51.90 64.53 -37.20
N SER C 269 -51.66 64.82 -35.93
CA SER C 269 -50.69 65.81 -35.48
C SER C 269 -49.58 65.09 -34.76
N ILE C 270 -48.35 65.25 -35.25
CA ILE C 270 -47.18 64.52 -34.75
C ILE C 270 -46.18 65.54 -34.22
N LEU C 271 -45.71 65.31 -32.99
CA LEU C 271 -44.73 66.18 -32.34
C LEU C 271 -43.43 65.39 -32.19
N VAL C 272 -42.34 65.97 -32.71
CA VAL C 272 -41.00 65.40 -32.57
C VAL C 272 -40.25 66.28 -31.58
N SER C 273 -39.80 65.69 -30.48
CA SER C 273 -39.17 66.42 -29.39
C SER C 273 -37.77 65.87 -29.12
N GLY C 274 -36.91 66.73 -28.61
CA GLY C 274 -35.56 66.32 -28.27
C GLY C 274 -34.67 67.51 -28.02
N VAL C 275 -33.45 67.20 -27.58
CA VAL C 275 -32.40 68.18 -27.34
C VAL C 275 -31.73 68.53 -28.66
N ALA C 276 -30.85 69.53 -28.63
CA ALA C 276 -30.20 70.01 -29.83
C ALA C 276 -29.19 68.99 -30.32
N GLY C 277 -29.20 68.74 -31.63
CA GLY C 277 -28.41 67.68 -32.22
C GLY C 277 -29.09 66.33 -32.23
N ALA C 278 -30.31 66.25 -31.71
CA ALA C 278 -30.97 64.95 -31.54
C ALA C 278 -31.27 64.29 -32.87
N GLY C 279 -31.72 65.07 -33.86
CA GLY C 279 -32.13 64.50 -35.13
C GLY C 279 -33.54 64.90 -35.51
N LYS C 280 -34.08 65.92 -34.86
CA LYS C 280 -35.46 66.32 -35.09
C LYS C 280 -35.66 66.80 -36.54
N SER C 281 -34.77 67.67 -37.01
CA SER C 281 -34.90 68.17 -38.37
C SER C 281 -34.75 67.06 -39.40
N SER C 282 -33.85 66.11 -39.13
CA SER C 282 -33.64 65.00 -40.06
C SER C 282 -34.91 64.17 -40.22
N LEU C 283 -35.60 63.89 -39.12
CA LEU C 283 -36.82 63.09 -39.19
C LEU C 283 -37.91 63.82 -39.97
N ALA C 284 -38.07 65.12 -39.70
CA ALA C 284 -39.06 65.90 -40.44
C ALA C 284 -38.75 65.92 -41.93
N ALA C 285 -37.48 66.08 -42.28
CA ALA C 285 -37.08 66.07 -43.68
C ALA C 285 -37.34 64.72 -44.30
N HIS C 286 -37.11 63.64 -43.56
CA HIS C 286 -37.43 62.31 -44.08
C HIS C 286 -38.91 62.20 -44.37
N PHE C 287 -39.74 62.69 -43.45
CA PHE C 287 -41.19 62.71 -43.69
C PHE C 287 -41.52 63.44 -44.99
N ALA C 288 -41.00 64.66 -45.12
CA ALA C 288 -41.31 65.46 -46.31
C ALA C 288 -40.79 64.82 -47.58
N ALA C 289 -39.56 64.28 -47.53
CA ALA C 289 -38.98 63.67 -48.71
C ALA C 289 -39.76 62.45 -49.15
N ALA C 290 -40.20 61.63 -48.19
CA ALA C 290 -41.06 60.51 -48.55
C ALA C 290 -42.36 61.00 -49.16
N ALA C 291 -42.99 62.00 -48.54
CA ALA C 291 -44.25 62.51 -49.08
C ALA C 291 -44.08 62.94 -50.54
N CYS C 292 -42.99 63.65 -50.83
CA CYS C 292 -42.73 64.05 -52.21
C CYS C 292 -42.45 62.86 -53.10
N ALA C 293 -41.73 61.86 -52.58
CA ALA C 293 -41.37 60.70 -53.39
C ALA C 293 -42.59 59.93 -53.86
N ARG C 294 -43.68 59.96 -53.08
CA ARG C 294 -44.92 59.30 -53.49
C ARG C 294 -45.74 60.15 -54.45
N GLY C 295 -45.21 61.29 -54.89
CA GLY C 295 -45.89 62.16 -55.82
C GLY C 295 -46.75 63.23 -55.17
N GLU C 296 -46.85 63.25 -53.85
CA GLU C 296 -47.65 64.26 -53.16
C GLU C 296 -46.84 65.55 -53.04
N ARG C 297 -47.40 66.54 -52.35
CA ARG C 297 -46.77 67.84 -52.17
C ARG C 297 -46.54 68.09 -50.68
N ALA C 298 -45.44 68.76 -50.36
CA ALA C 298 -45.04 69.02 -48.98
C ALA C 298 -44.60 70.47 -48.82
N MET C 299 -44.87 71.03 -47.62
CA MET C 299 -44.41 72.36 -47.30
C MET C 299 -43.64 72.24 -46.00
N TYR C 300 -42.45 72.84 -45.92
CA TYR C 300 -41.59 72.70 -44.75
C TYR C 300 -41.20 74.11 -44.30
N PHE C 301 -41.76 74.55 -43.19
CA PHE C 301 -41.53 75.89 -42.66
C PHE C 301 -40.42 75.82 -41.62
N SER C 302 -39.25 76.33 -41.97
CA SER C 302 -38.12 76.41 -41.06
C SER C 302 -38.02 77.83 -40.54
N PHE C 303 -37.76 77.96 -39.24
CA PHE C 303 -37.62 79.25 -38.61
C PHE C 303 -36.21 79.50 -38.10
N GLU C 304 -35.27 78.58 -38.35
CA GLU C 304 -33.94 78.80 -37.83
C GLU C 304 -32.83 78.50 -38.82
N GLU C 305 -33.11 77.95 -40.00
CA GLU C 305 -32.08 77.65 -40.98
C GLU C 305 -32.52 78.13 -42.35
N ALA C 306 -31.54 78.43 -43.21
CA ALA C 306 -31.79 78.90 -44.56
C ALA C 306 -32.04 77.73 -45.51
N ALA C 307 -32.53 78.06 -46.70
CA ALA C 307 -32.91 77.04 -47.67
C ALA C 307 -31.70 76.32 -48.24
N ASP C 308 -30.70 77.05 -48.71
CA ASP C 308 -29.52 76.39 -49.24
C ASP C 308 -28.79 75.62 -48.16
N GLN C 309 -28.70 76.21 -46.96
CA GLN C 309 -28.01 75.53 -45.85
C GLN C 309 -28.75 74.26 -45.44
N ALA C 310 -30.08 74.33 -45.36
CA ALA C 310 -30.85 73.14 -45.01
C ALA C 310 -30.68 72.05 -46.05
N VAL C 311 -30.69 72.43 -47.33
CA VAL C 311 -30.50 71.45 -48.39
C VAL C 311 -29.13 70.78 -48.27
N ARG C 312 -28.09 71.58 -48.06
CA ARG C 312 -26.76 71.01 -47.91
C ARG C 312 -26.70 70.08 -46.70
N ASN C 313 -27.28 70.51 -45.58
CA ASN C 313 -27.23 69.72 -44.35
C ASN C 313 -27.95 68.39 -44.53
N MET C 314 -29.12 68.41 -45.18
CA MET C 314 -29.85 67.17 -45.42
C MET C 314 -29.17 66.30 -46.47
N ARG C 315 -28.36 66.88 -47.36
CA ARG C 315 -27.71 66.08 -48.40
C ARG C 315 -26.77 65.04 -47.81
N SER C 316 -26.14 65.35 -46.67
CA SER C 316 -25.23 64.41 -46.05
C SER C 316 -25.93 63.18 -45.50
N LEU C 317 -27.21 63.30 -45.18
CA LEU C 317 -28.00 62.18 -44.68
C LEU C 317 -28.63 61.37 -45.81
N GLY C 318 -28.25 61.64 -47.06
CA GLY C 318 -28.73 60.89 -48.19
C GLY C 318 -30.04 61.37 -48.78
N LEU C 319 -30.70 62.32 -48.13
CA LEU C 319 -31.90 62.89 -48.70
C LEU C 319 -31.53 63.82 -49.85
N ASP C 320 -32.48 63.98 -50.78
CA ASP C 320 -32.33 64.92 -51.89
C ASP C 320 -33.53 65.84 -51.87
N LEU C 321 -33.45 66.88 -51.03
CA LEU C 321 -34.50 67.87 -50.96
C LEU C 321 -34.47 68.80 -52.16
N GLY C 322 -33.31 68.93 -52.78
CA GLY C 322 -33.22 69.77 -53.98
C GLY C 322 -33.95 69.19 -55.17
N ARG C 323 -33.90 67.87 -55.34
CA ARG C 323 -34.65 67.24 -56.42
C ARG C 323 -36.13 67.62 -56.35
N TRP C 324 -36.67 67.63 -55.13
CA TRP C 324 -38.10 67.85 -54.95
C TRP C 324 -38.46 69.33 -55.06
N ARG C 325 -37.55 70.22 -54.67
CA ARG C 325 -37.75 71.65 -54.93
C ARG C 325 -37.77 71.91 -56.43
N ASP C 326 -36.80 71.36 -57.16
CA ASP C 326 -36.73 71.59 -58.60
C ASP C 326 -37.87 70.93 -59.36
N ALA C 327 -38.53 69.95 -58.76
CA ALA C 327 -39.65 69.27 -59.39
C ALA C 327 -41.00 69.88 -59.03
N GLY C 328 -41.01 70.96 -58.26
CA GLY C 328 -42.26 71.59 -57.89
C GLY C 328 -43.16 70.72 -57.03
N LEU C 329 -42.56 69.98 -56.08
CA LEU C 329 -43.33 69.15 -55.17
C LEU C 329 -42.99 69.42 -53.71
N LEU C 330 -42.03 70.30 -53.43
CA LEU C 330 -41.66 70.66 -52.07
C LEU C 330 -41.40 72.16 -52.02
N ARG C 331 -42.16 72.87 -51.20
CA ARG C 331 -41.93 74.29 -50.97
C ARG C 331 -41.28 74.45 -49.60
N PHE C 332 -40.10 75.05 -49.59
CA PHE C 332 -39.27 75.20 -48.40
C PHE C 332 -39.23 76.67 -48.03
N MET C 333 -39.92 77.04 -46.96
CA MET C 333 -40.04 78.44 -46.61
C MET C 333 -39.27 78.70 -45.32
N ALA C 334 -38.44 79.73 -45.33
CA ALA C 334 -37.58 80.06 -44.19
C ALA C 334 -37.76 81.53 -43.83
N THR C 335 -38.13 81.79 -42.57
CA THR C 335 -38.31 83.14 -42.08
C THR C 335 -38.03 83.15 -40.58
N ARG C 336 -37.29 84.17 -40.13
CA ARG C 336 -36.99 84.28 -38.70
C ARG C 336 -38.25 84.60 -37.91
N PRO C 337 -38.31 84.20 -36.64
CA PRO C 337 -39.49 84.52 -35.83
C PRO C 337 -39.71 86.01 -35.65
N THR C 338 -38.67 86.83 -35.79
CA THR C 338 -38.78 88.27 -35.60
C THR C 338 -39.12 89.02 -36.87
N PHE C 339 -39.28 88.32 -38.00
CA PHE C 339 -39.58 89.00 -39.25
C PHE C 339 -41.01 89.53 -39.28
N TYR C 340 -41.94 88.85 -38.61
CA TYR C 340 -43.34 89.20 -38.63
C TYR C 340 -43.87 89.27 -37.20
N SER C 341 -45.09 89.75 -37.07
CA SER C 341 -45.83 89.67 -35.82
C SER C 341 -46.61 88.36 -35.78
N LEU C 342 -46.97 87.96 -34.56
CA LEU C 342 -47.63 86.66 -34.38
C LEU C 342 -48.87 86.52 -35.25
N GLU C 343 -49.56 87.64 -35.51
CA GLU C 343 -50.73 87.58 -36.36
C GLU C 343 -50.35 87.33 -37.81
N MET C 344 -49.35 88.07 -38.30
CA MET C 344 -48.96 87.95 -39.70
C MET C 344 -48.24 86.63 -39.98
N HIS C 345 -47.54 86.07 -39.00
CA HIS C 345 -46.99 84.73 -39.18
C HIS C 345 -48.09 83.74 -39.52
N LEU C 346 -49.14 83.73 -38.71
CA LEU C 346 -50.28 82.86 -38.95
C LEU C 346 -50.91 83.16 -40.31
N ALA C 347 -51.10 84.44 -40.62
CA ALA C 347 -51.74 84.80 -41.88
C ALA C 347 -50.96 84.25 -43.07
N VAL C 348 -49.64 84.44 -43.06
CA VAL C 348 -48.81 83.98 -44.16
C VAL C 348 -48.84 82.47 -44.26
N ILE C 349 -48.73 81.78 -43.12
CA ILE C 349 -48.72 80.32 -43.15
C ILE C 349 -50.02 79.81 -43.74
N LEU C 350 -51.15 80.33 -43.28
CA LEU C 350 -52.43 79.86 -43.78
C LEU C 350 -52.58 80.14 -45.27
N ARG C 351 -52.23 81.35 -45.70
CA ARG C 351 -52.36 81.70 -47.12
C ARG C 351 -51.53 80.76 -47.99
N GLU C 352 -50.27 80.55 -47.60
CA GLU C 352 -49.37 79.69 -48.37
C GLU C 352 -49.89 78.26 -48.41
N VAL C 353 -50.38 77.75 -47.28
CA VAL C 353 -50.90 76.39 -47.23
C VAL C 353 -52.09 76.26 -48.16
N MET C 354 -52.96 77.27 -48.16
CA MET C 354 -54.09 77.31 -49.07
C MET C 354 -53.66 77.15 -50.51
N ARG C 355 -52.72 77.98 -50.95
CA ARG C 355 -52.40 78.05 -52.37
C ARG C 355 -51.83 76.73 -52.88
N PHE C 356 -50.80 76.22 -52.22
CA PHE C 356 -50.10 75.03 -52.71
C PHE C 356 -50.96 73.78 -52.57
N GLU C 357 -51.81 73.73 -51.54
CA GLU C 357 -52.60 72.54 -51.23
C GLU C 357 -51.68 71.37 -50.93
N PRO C 358 -50.94 71.43 -49.82
CA PRO C 358 -50.01 70.35 -49.48
C PRO C 358 -50.72 69.12 -48.95
N SER C 359 -49.94 68.06 -48.79
CA SER C 359 -50.34 66.88 -48.05
C SER C 359 -49.64 66.74 -46.72
N VAL C 360 -48.40 67.22 -46.61
CA VAL C 360 -47.63 67.22 -45.38
C VAL C 360 -47.09 68.62 -45.15
N VAL C 361 -47.29 69.14 -43.94
CA VAL C 361 -46.76 70.43 -43.54
C VAL C 361 -45.92 70.22 -42.30
N VAL C 362 -44.71 70.75 -42.32
CA VAL C 362 -43.79 70.64 -41.20
C VAL C 362 -43.49 72.05 -40.69
N LEU C 363 -43.44 72.19 -39.37
CA LEU C 363 -43.03 73.42 -38.71
C LEU C 363 -41.83 73.10 -37.83
N ASP C 364 -40.69 73.72 -38.14
CA ASP C 364 -39.44 73.35 -37.47
C ASP C 364 -38.65 74.58 -37.06
N PRO C 365 -38.54 74.89 -35.75
CA PRO C 365 -39.20 74.28 -34.60
C PRO C 365 -40.37 75.11 -34.06
N ILE C 366 -41.31 74.44 -33.40
CA ILE C 366 -42.43 75.14 -32.78
C ILE C 366 -41.99 75.99 -31.60
N SER C 367 -40.83 75.69 -31.02
CA SER C 367 -40.37 76.38 -29.82
C SER C 367 -39.63 77.66 -30.13
N ALA C 368 -39.52 78.04 -31.40
CA ALA C 368 -38.78 79.26 -31.75
C ALA C 368 -39.56 80.53 -31.42
N PHE C 369 -40.88 80.43 -31.23
CA PHE C 369 -41.72 81.60 -31.02
C PHE C 369 -41.92 81.93 -29.54
N THR C 370 -41.17 81.32 -28.63
CA THR C 370 -41.41 81.51 -27.21
C THR C 370 -41.22 82.96 -26.79
N GLU C 371 -40.17 83.60 -27.29
CA GLU C 371 -39.85 84.99 -26.94
C GLU C 371 -40.49 86.01 -27.87
N SER C 372 -41.33 85.58 -28.82
CA SER C 372 -42.00 86.50 -29.72
C SER C 372 -43.27 87.09 -29.12
N GLY C 373 -43.65 86.66 -27.93
CA GLY C 373 -44.84 87.19 -27.29
C GLY C 373 -45.06 86.50 -25.96
N ASP C 374 -46.27 86.70 -25.42
CA ASP C 374 -46.66 86.02 -24.20
C ASP C 374 -46.96 84.55 -24.48
N ARG C 375 -46.95 83.75 -23.41
CA ARG C 375 -47.20 82.32 -23.57
C ARG C 375 -48.58 82.06 -24.16
N LEU C 376 -49.58 82.82 -23.72
CA LEU C 376 -50.96 82.58 -24.16
C LEU C 376 -51.19 83.08 -25.58
N GLU C 377 -50.41 84.06 -26.03
CA GLU C 377 -50.47 84.53 -27.42
C GLU C 377 -49.86 83.55 -28.39
N VAL C 378 -48.68 83.02 -28.05
CA VAL C 378 -48.03 82.05 -28.92
C VAL C 378 -48.82 80.76 -28.93
N GLN C 379 -49.40 80.40 -27.78
CA GLN C 379 -50.28 79.24 -27.74
C GLN C 379 -51.51 79.45 -28.62
N SER C 380 -52.09 80.66 -28.59
CA SER C 380 -53.23 80.93 -29.47
C SER C 380 -52.85 80.77 -30.93
N MET C 381 -51.71 81.35 -31.34
CA MET C 381 -51.27 81.24 -32.71
C MET C 381 -51.08 79.78 -33.11
N LEU C 382 -50.36 79.03 -32.29
CA LEU C 382 -50.06 77.64 -32.63
C LEU C 382 -51.33 76.79 -32.66
N LEU C 383 -52.25 77.03 -31.73
CA LEU C 383 -53.51 76.31 -31.72
C LEU C 383 -54.29 76.58 -32.99
N ARG C 384 -54.32 77.85 -33.45
CA ARG C 384 -55.02 78.15 -34.69
C ARG C 384 -54.35 77.45 -35.87
N ILE C 385 -53.02 77.41 -35.90
CA ILE C 385 -52.33 76.71 -36.97
C ILE C 385 -52.72 75.23 -36.97
N VAL C 386 -52.70 74.61 -35.79
CA VAL C 386 -52.99 73.19 -35.69
C VAL C 386 -54.42 72.90 -36.13
N ASP C 387 -55.37 73.71 -35.68
CA ASP C 387 -56.76 73.50 -36.06
C ASP C 387 -56.94 73.66 -37.57
N PHE C 388 -56.33 74.69 -38.15
CA PHE C 388 -56.46 74.88 -39.59
C PHE C 388 -55.90 73.68 -40.34
N LEU C 389 -54.75 73.17 -39.93
CA LEU C 389 -54.18 72.00 -40.59
C LEU C 389 -55.08 70.78 -40.44
N LYS C 390 -55.64 70.57 -39.25
CA LYS C 390 -56.39 69.36 -38.99
C LYS C 390 -57.75 69.36 -39.68
N ASN C 391 -58.37 70.54 -39.83
CA ASN C 391 -59.67 70.60 -40.49
C ASN C 391 -59.60 70.29 -41.97
N ARG C 392 -58.39 70.24 -42.56
CA ARG C 392 -58.23 70.00 -43.99
C ARG C 392 -57.61 68.64 -44.30
N GLY C 393 -57.34 67.82 -43.29
CA GLY C 393 -56.73 66.53 -43.53
C GLY C 393 -55.26 66.60 -43.85
N ILE C 394 -54.60 67.71 -43.53
CA ILE C 394 -53.18 67.87 -43.77
C ILE C 394 -52.41 67.35 -42.57
N THR C 395 -51.38 66.55 -42.83
CA THR C 395 -50.58 65.97 -41.76
C THR C 395 -49.55 66.99 -41.30
N GLY C 396 -49.56 67.31 -40.01
CA GLY C 396 -48.65 68.29 -39.45
C GLY C 396 -47.54 67.67 -38.62
N ILE C 397 -46.30 67.94 -38.98
CA ILE C 397 -45.14 67.47 -38.25
C ILE C 397 -44.52 68.68 -37.58
N PHE C 398 -44.56 68.70 -36.25
CA PHE C 398 -44.04 69.82 -35.46
C PHE C 398 -42.82 69.35 -34.67
N THR C 399 -41.72 70.08 -34.83
CA THR C 399 -40.49 69.79 -34.09
C THR C 399 -40.37 70.75 -32.92
N HIS C 400 -40.04 70.21 -31.75
CA HIS C 400 -39.97 70.98 -30.52
C HIS C 400 -38.70 70.61 -29.77
N LEU C 401 -38.06 71.61 -29.17
CA LEU C 401 -36.84 71.37 -28.41
C LEU C 401 -37.19 71.07 -26.96
N ALA C 402 -36.60 69.99 -26.44
CA ALA C 402 -36.85 69.56 -25.08
C ALA C 402 -36.04 70.36 -24.07
N HIS C 403 -36.70 70.74 -22.98
CA HIS C 403 -36.10 71.40 -21.81
C HIS C 403 -37.17 72.22 -21.10
N GLY C 413 -47.93 72.73 -23.37
CA GLY C 413 -48.88 73.48 -24.17
C GLY C 413 -48.87 72.99 -25.62
N LEU C 414 -50.03 72.48 -26.08
CA LEU C 414 -50.27 71.90 -27.39
C LEU C 414 -49.68 70.51 -27.51
N GLU C 415 -48.96 70.04 -26.48
CA GLU C 415 -48.56 68.65 -26.44
C GLU C 415 -49.79 67.76 -26.37
N GLU C 416 -50.78 68.23 -25.62
CA GLU C 416 -52.04 67.55 -25.37
C GLU C 416 -52.84 67.32 -26.65
N LEU C 417 -52.67 68.16 -27.65
CA LEU C 417 -53.45 68.10 -28.87
C LEU C 417 -52.77 67.28 -29.95
N MET C 418 -51.78 66.47 -29.58
CA MET C 418 -50.97 65.72 -30.52
C MET C 418 -51.40 64.26 -30.51
N ASP C 419 -51.55 63.70 -31.71
CA ASP C 419 -51.95 62.31 -31.84
C ASP C 419 -50.76 61.37 -31.67
N GLY C 420 -49.61 61.73 -32.24
CA GLY C 420 -48.38 61.00 -32.02
C GLY C 420 -47.32 61.86 -31.36
N TRP C 421 -46.33 61.22 -30.74
CA TRP C 421 -45.24 61.93 -30.10
C TRP C 421 -43.99 61.06 -30.18
N VAL C 422 -42.97 61.55 -30.86
CA VAL C 422 -41.70 60.86 -31.01
C VAL C 422 -40.65 61.63 -30.23
N LEU C 423 -40.09 61.01 -29.21
CA LEU C 423 -39.05 61.62 -28.39
C LEU C 423 -37.69 61.04 -28.79
N MET C 424 -36.77 61.92 -29.13
CA MET C 424 -35.45 61.55 -29.60
C MET C 424 -34.41 61.93 -28.55
N LEU C 425 -33.57 60.99 -28.18
CA LEU C 425 -32.61 61.16 -27.10
C LEU C 425 -31.18 61.05 -27.63
N ASN C 426 -30.28 61.80 -26.99
CA ASN C 426 -28.85 61.73 -27.26
C ASN C 426 -28.16 61.92 -25.90
N ARG C 427 -27.85 60.81 -25.24
CA ARG C 427 -27.40 60.82 -23.85
C ARG C 427 -25.97 60.31 -23.74
N GLU C 428 -25.34 60.63 -22.61
CA GLU C 428 -23.97 60.25 -22.32
C GLU C 428 -23.97 59.03 -21.41
N VAL C 429 -23.39 57.93 -21.89
CA VAL C 429 -23.08 56.77 -21.07
C VAL C 429 -21.74 56.24 -21.52
N ASN C 430 -20.84 56.01 -20.56
CA ASN C 430 -19.55 55.37 -20.84
C ASN C 430 -18.67 56.23 -21.76
N GLY C 431 -18.65 57.54 -21.50
CA GLY C 431 -17.80 58.43 -22.26
C GLY C 431 -18.12 58.50 -23.73
N GLU C 432 -19.40 58.39 -24.08
CA GLU C 432 -19.83 58.51 -25.46
C GLU C 432 -21.30 58.91 -25.44
N PHE C 433 -21.75 59.52 -26.54
CA PHE C 433 -23.13 59.94 -26.67
C PHE C 433 -23.82 59.04 -27.69
N ASN C 434 -24.91 58.39 -27.26
CA ASN C 434 -25.64 57.44 -28.09
C ASN C 434 -27.04 57.97 -28.37
N ARG C 435 -27.49 57.80 -29.60
CA ARG C 435 -28.80 58.26 -30.03
C ARG C 435 -29.85 57.18 -29.78
N GLU C 436 -31.06 57.64 -29.43
CA GLU C 436 -32.17 56.75 -29.15
C GLU C 436 -33.46 57.48 -29.49
N LEU C 437 -34.54 56.71 -29.58
CA LEU C 437 -35.85 57.30 -29.83
C LEU C 437 -36.92 56.31 -29.41
N TYR C 438 -38.04 56.84 -28.91
CA TYR C 438 -39.20 56.02 -28.59
C TYR C 438 -40.46 56.80 -28.86
N LEU C 439 -41.56 56.06 -28.98
CA LEU C 439 -42.88 56.62 -29.28
C LEU C 439 -43.60 56.84 -27.95
N LEU C 440 -43.58 58.08 -27.47
CA LEU C 440 -44.26 58.40 -26.23
C LEU C 440 -45.76 58.17 -26.35
N LYS C 441 -46.33 58.57 -27.49
CA LYS C 441 -47.77 58.52 -27.68
C LYS C 441 -48.06 58.18 -29.12
N ALA C 442 -49.01 57.29 -29.31
CA ALA C 442 -49.56 57.05 -30.63
C ALA C 442 -51.01 56.58 -30.49
N ARG C 443 -51.94 57.52 -30.53
CA ARG C 443 -53.33 57.20 -30.22
C ARG C 443 -53.97 56.44 -31.37
N GLY C 444 -54.79 55.45 -31.02
CA GLY C 444 -55.54 54.70 -32.00
C GLY C 444 -54.85 53.48 -32.55
N MET C 445 -53.74 53.04 -31.97
CA MET C 445 -52.95 52.02 -32.63
C MET C 445 -52.15 51.29 -31.56
N ALA C 446 -51.61 50.15 -31.95
CA ALA C 446 -50.62 49.45 -31.13
C ALA C 446 -49.22 49.71 -31.67
N HIS C 447 -48.28 49.97 -30.77
CA HIS C 447 -46.92 50.30 -31.15
C HIS C 447 -45.94 49.74 -30.12
N SER C 448 -44.67 49.66 -30.53
CA SER C 448 -43.63 49.14 -29.67
C SER C 448 -43.39 50.06 -28.48
N ASN C 449 -42.99 49.46 -27.35
CA ASN C 449 -42.67 50.18 -26.13
C ASN C 449 -41.18 50.11 -25.80
N GLN C 450 -40.34 50.00 -26.84
CA GLN C 450 -38.91 49.84 -26.67
C GLN C 450 -38.19 51.16 -26.95
N VAL C 451 -37.20 51.47 -26.13
CA VAL C 451 -36.33 52.64 -26.35
C VAL C 451 -35.20 52.15 -27.26
N ARG C 452 -35.40 52.32 -28.56
CA ARG C 452 -34.51 51.75 -29.56
C ARG C 452 -33.38 52.72 -29.89
N GLU C 453 -32.20 52.16 -30.16
CA GLU C 453 -31.02 52.93 -30.54
C GLU C 453 -30.90 52.94 -32.06
N PHE C 454 -30.50 54.09 -32.60
CA PHE C 454 -30.39 54.26 -34.04
C PHE C 454 -29.10 54.98 -34.36
N LEU C 455 -28.77 55.00 -35.65
CA LEU C 455 -27.59 55.67 -36.16
C LEU C 455 -27.96 56.50 -37.37
N MET C 456 -27.22 57.58 -37.57
CA MET C 456 -27.32 58.39 -38.78
C MET C 456 -26.15 58.05 -39.70
N SER C 457 -26.38 58.19 -40.99
CA SER C 457 -25.36 57.86 -41.98
C SER C 457 -25.77 58.46 -43.31
N ASP C 458 -24.99 58.14 -44.34
CA ASP C 458 -25.34 58.53 -45.70
C ASP C 458 -26.62 57.86 -46.17
N ARG C 459 -27.10 56.85 -45.44
CA ARG C 459 -28.28 56.09 -45.79
C ARG C 459 -29.50 56.50 -44.99
N GLY C 460 -29.40 57.58 -44.22
CA GLY C 460 -30.52 58.05 -43.43
C GLY C 460 -30.47 57.54 -42.02
N ILE C 461 -31.64 57.41 -41.39
CA ILE C 461 -31.74 56.92 -40.03
C ILE C 461 -31.99 55.42 -40.07
N SER C 462 -31.09 54.66 -39.44
CA SER C 462 -31.20 53.21 -39.35
C SER C 462 -31.29 52.81 -37.88
N LEU C 463 -32.30 52.01 -37.56
CA LEU C 463 -32.50 51.53 -36.20
C LEU C 463 -31.80 50.19 -36.04
N LEU C 464 -31.04 50.05 -34.96
CA LEU C 464 -30.26 48.86 -34.74
C LEU C 464 -31.14 47.75 -34.16
N PRO C 465 -30.73 46.49 -34.33
CA PRO C 465 -31.55 45.40 -33.80
C PRO C 465 -31.76 45.56 -32.31
N PRO C 466 -32.90 45.12 -31.80
CA PRO C 466 -33.18 45.27 -30.37
C PRO C 466 -32.15 44.54 -29.52
N HIS C 467 -32.08 44.94 -28.26
CA HIS C 467 -31.08 44.44 -27.33
C HIS C 467 -31.65 43.26 -26.56
N LEU C 468 -30.97 42.11 -26.64
CA LEU C 468 -31.41 40.91 -25.94
C LEU C 468 -30.32 40.48 -24.98
N GLY C 469 -30.62 40.59 -23.69
CA GLY C 469 -29.73 40.11 -22.66
C GLY C 469 -30.44 40.22 -21.34
N GLU C 470 -29.97 39.44 -20.37
CA GLU C 470 -30.68 39.42 -19.10
C GLU C 470 -30.61 40.78 -18.43
N GLY C 471 -29.46 41.45 -18.53
CA GLY C 471 -29.37 42.81 -18.04
C GLY C 471 -30.10 43.80 -18.92
N GLY C 472 -29.85 43.76 -20.23
CA GLY C 472 -30.48 44.67 -21.15
C GLY C 472 -30.04 46.11 -20.95
N ALA C 473 -30.63 47.03 -21.72
CA ALA C 473 -30.44 48.47 -21.53
C ALA C 473 -28.97 48.86 -21.65
N LEU C 474 -28.27 48.27 -22.60
CA LEU C 474 -26.91 48.68 -22.93
C LEU C 474 -26.86 49.15 -24.37
N THR C 475 -26.12 50.22 -24.62
CA THR C 475 -26.08 50.88 -25.91
C THR C 475 -24.63 51.12 -26.34
N GLY C 476 -24.42 51.17 -27.64
CA GLY C 476 -23.14 51.56 -28.19
C GLY C 476 -22.03 50.58 -27.91
N THR C 477 -20.95 51.05 -27.30
CA THR C 477 -19.78 50.21 -27.07
C THR C 477 -20.03 49.20 -25.96
N ALA C 478 -20.77 49.58 -24.93
CA ALA C 478 -21.05 48.65 -23.84
C ALA C 478 -21.77 47.40 -24.35
N ARG C 479 -22.60 47.55 -25.38
CA ARG C 479 -23.28 46.40 -25.96
C ARG C 479 -22.27 45.40 -26.51
N LYS C 480 -21.30 45.89 -27.28
CA LYS C 480 -20.30 44.99 -27.84
C LYS C 480 -19.45 44.35 -26.74
N ALA C 481 -19.12 45.13 -25.71
CA ALA C 481 -18.35 44.60 -24.60
C ALA C 481 -19.10 43.45 -23.92
N GLU C 482 -20.40 43.61 -23.70
CA GLU C 482 -21.17 42.55 -23.06
C GLU C 482 -21.31 41.35 -23.98
N GLU C 483 -21.45 41.56 -25.29
CA GLU C 483 -21.48 40.43 -26.22
C GLU C 483 -20.18 39.62 -26.10
N ALA C 484 -19.05 40.32 -26.06
CA ALA C 484 -17.77 39.64 -25.91
C ALA C 484 -17.69 38.89 -24.59
N ARG C 485 -18.16 39.51 -23.51
CA ARG C 485 -18.13 38.85 -22.21
C ARG C 485 -18.98 37.58 -22.20
N LEU C 486 -20.16 37.65 -22.82
CA LEU C 486 -21.03 36.48 -22.90
C LEU C 486 -20.34 35.36 -23.69
N ARG C 487 -19.72 35.71 -24.81
CA ARG C 487 -18.99 34.71 -25.59
C ARG C 487 -17.89 34.06 -24.75
N ARG C 488 -17.15 34.88 -24.00
CA ARG C 488 -16.08 34.34 -23.17
C ARG C 488 -16.61 33.38 -22.12
N ALA C 489 -17.72 33.75 -21.48
CA ALA C 489 -18.32 32.88 -20.47
C ALA C 489 -18.77 31.56 -21.09
N GLU C 490 -19.37 31.62 -22.27
CA GLU C 490 -19.79 30.39 -22.94
C GLU C 490 -18.60 29.50 -23.25
N ILE C 491 -17.50 30.09 -23.71
CA ILE C 491 -16.31 29.29 -24.00
C ILE C 491 -15.80 28.65 -22.71
N GLU C 492 -15.78 29.41 -21.61
CA GLU C 492 -15.32 28.86 -20.33
C GLU C 492 -16.14 27.65 -19.93
N ARG C 493 -17.47 27.77 -19.99
CA ARG C 493 -18.33 26.65 -19.59
C ARG C 493 -18.11 25.45 -20.50
N GLN C 494 -17.95 25.69 -21.81
CA GLN C 494 -17.72 24.58 -22.73
C GLN C 494 -16.43 23.85 -22.38
N THR C 495 -15.36 24.60 -22.06
CA THR C 495 -14.10 23.95 -21.69
C THR C 495 -14.24 23.15 -20.41
N GLU C 496 -14.99 23.67 -19.44
CA GLU C 496 -15.23 22.93 -18.19
C GLU C 496 -15.92 21.60 -18.47
N LEU C 497 -16.98 21.63 -19.28
CA LEU C 497 -17.67 20.38 -19.60
C LEU C 497 -16.74 19.43 -20.35
N GLY C 498 -15.90 19.96 -21.24
CA GLY C 498 -14.98 19.11 -21.96
C GLY C 498 -14.02 18.38 -21.04
N ARG C 499 -13.42 19.11 -20.09
CA ARG C 499 -12.48 18.47 -19.17
C ARG C 499 -13.17 17.41 -18.34
N LEU C 500 -14.40 17.69 -17.88
CA LEU C 500 -15.12 16.68 -17.10
C LEU C 500 -15.36 15.42 -17.92
N GLN C 501 -15.80 15.58 -19.16
CA GLN C 501 -16.03 14.43 -20.05
C GLN C 501 -14.75 13.61 -20.20
N GLN C 502 -13.65 14.30 -20.47
CA GLN C 502 -12.36 13.64 -20.69
C GLN C 502 -11.92 12.88 -19.44
N GLN C 503 -12.15 13.45 -18.25
CA GLN C 503 -11.75 12.78 -17.01
C GLN C 503 -12.55 11.50 -16.80
N ILE C 504 -13.87 11.56 -16.99
CA ILE C 504 -14.65 10.34 -16.79
C ILE C 504 -14.28 9.28 -17.82
N GLU C 505 -14.00 9.70 -19.06
CA GLU C 505 -13.60 8.73 -20.07
C GLU C 505 -12.23 8.12 -19.77
N GLN C 506 -11.30 8.88 -19.20
CA GLN C 506 -10.02 8.29 -18.81
C GLN C 506 -10.22 7.26 -17.71
N ARG C 507 -11.12 7.53 -16.76
CA ARG C 507 -11.44 6.51 -15.77
C ARG C 507 -11.94 5.24 -16.45
N ARG C 508 -12.81 5.39 -17.45
CA ARG C 508 -13.31 4.22 -18.17
C ARG C 508 -12.18 3.44 -18.83
N ARG C 509 -11.26 4.15 -19.51
CA ARG C 509 -10.15 3.47 -20.19
C ARG C 509 -9.30 2.71 -19.19
N ARG C 510 -9.12 3.29 -18.01
CA ARG C 510 -8.45 2.63 -16.90
C ARG C 510 -9.10 1.31 -16.54
N ALA C 511 -10.40 1.37 -16.31
CA ALA C 511 -11.11 0.16 -15.95
C ALA C 511 -10.88 -0.90 -17.00
N ARG C 512 -10.91 -0.49 -18.27
CA ARG C 512 -10.48 -1.38 -19.34
C ARG C 512 -9.11 -2.00 -19.14
N ALA C 513 -8.09 -1.19 -18.98
CA ALA C 513 -6.76 -1.75 -18.95
C ALA C 513 -6.65 -2.79 -17.84
N GLN C 514 -7.24 -2.49 -16.69
CA GLN C 514 -7.19 -3.43 -15.58
C GLN C 514 -7.94 -4.72 -15.91
N ILE C 515 -9.11 -4.61 -16.56
CA ILE C 515 -9.86 -5.80 -16.94
C ILE C 515 -9.04 -6.67 -17.87
N GLU C 516 -8.37 -6.05 -18.83
CA GLU C 516 -7.56 -6.82 -19.78
C GLU C 516 -6.47 -7.58 -19.06
N ALA C 517 -5.77 -6.90 -18.14
CA ALA C 517 -4.70 -7.57 -17.40
C ALA C 517 -5.24 -8.76 -16.62
N LEU C 518 -6.37 -8.58 -15.92
CA LEU C 518 -6.93 -9.68 -15.13
C LEU C 518 -7.35 -10.85 -16.02
N GLU C 519 -7.91 -10.54 -17.20
CA GLU C 519 -8.28 -11.58 -18.15
C GLU C 519 -7.06 -12.39 -18.57
N ALA C 520 -5.97 -11.70 -18.91
CA ALA C 520 -4.78 -12.41 -19.32
C ALA C 520 -4.29 -13.32 -18.20
N GLU C 521 -4.37 -12.83 -16.96
CA GLU C 521 -3.97 -13.66 -15.82
C GLU C 521 -4.82 -14.92 -15.73
N LEU C 522 -6.14 -14.78 -15.88
CA LEU C 522 -6.99 -15.96 -15.75
C LEU C 522 -6.80 -16.94 -16.91
N GLN C 523 -6.51 -16.43 -18.10
CA GLN C 523 -6.18 -17.34 -19.20
C GLN C 523 -4.91 -18.12 -18.90
N ALA C 524 -3.90 -17.44 -18.34
CA ALA C 524 -2.69 -18.15 -17.94
C ALA C 524 -3.01 -19.23 -16.92
N GLU C 525 -3.88 -18.93 -15.95
CA GLU C 525 -4.26 -19.93 -14.97
C GLU C 525 -4.94 -21.12 -15.65
N GLU C 526 -5.81 -20.87 -16.61
CA GLU C 526 -6.46 -21.96 -17.33
C GLU C 526 -5.42 -22.87 -17.99
N ILE C 527 -4.43 -22.26 -18.64
CA ILE C 527 -3.39 -23.05 -19.28
C ILE C 527 -2.65 -23.89 -18.24
N ALA C 528 -2.41 -23.31 -17.07
CA ALA C 528 -1.74 -24.07 -16.01
C ALA C 528 -2.57 -25.28 -15.58
N LEU C 529 -3.87 -25.09 -15.40
CA LEU C 529 -4.74 -26.21 -15.08
C LEU C 529 -4.60 -27.31 -16.12
N LYS C 530 -4.61 -26.92 -17.38
CA LYS C 530 -4.49 -27.87 -18.48
C LYS C 530 -3.22 -28.68 -18.35
N ALA C 531 -2.11 -27.98 -18.19
CA ALA C 531 -0.82 -28.65 -18.15
C ALA C 531 -0.75 -29.62 -16.99
N LEU C 532 -1.30 -29.22 -15.84
CA LEU C 532 -1.27 -30.11 -14.68
C LEU C 532 -2.09 -31.38 -14.92
N VAL C 533 -3.28 -31.23 -15.51
CA VAL C 533 -4.11 -32.41 -15.78
C VAL C 533 -3.41 -33.32 -16.78
N GLU C 534 -2.79 -32.73 -17.81
CA GLU C 534 -2.04 -33.51 -18.79
C GLU C 534 -0.94 -34.30 -18.12
N SER C 535 -0.18 -33.64 -17.23
CA SER C 535 0.92 -34.32 -16.56
C SER C 535 0.41 -35.48 -15.70
N GLU C 536 -0.69 -35.27 -14.98
CA GLU C 536 -1.24 -36.35 -14.17
C GLU C 536 -1.66 -37.54 -15.03
N SER C 537 -2.32 -37.26 -16.16
CA SER C 537 -2.73 -38.35 -17.04
C SER C 537 -1.52 -39.12 -17.55
N ALA C 538 -0.47 -38.40 -17.96
CA ALA C 538 0.74 -39.05 -18.44
C ALA C 538 1.36 -39.90 -17.34
N HIS C 539 1.36 -39.41 -16.10
CA HIS C 539 1.94 -40.18 -15.00
C HIS C 539 1.16 -41.46 -14.75
N GLU C 540 -0.18 -41.38 -14.76
CA GLU C 540 -1.00 -42.57 -14.61
C GLU C 540 -0.66 -43.60 -15.69
N ARG C 541 -0.61 -43.13 -16.93
CA ARG C 541 -0.29 -44.00 -18.06
C ARG C 541 1.06 -44.68 -17.88
N GLN C 542 2.08 -43.90 -17.54
CA GLN C 542 3.41 -44.48 -17.46
C GLN C 542 3.50 -45.47 -16.30
N ARG C 543 2.80 -45.21 -15.20
CA ARG C 543 2.82 -46.20 -14.12
C ARG C 543 2.18 -47.50 -14.56
N LEU C 544 1.06 -47.43 -15.28
CA LEU C 544 0.45 -48.66 -15.75
C LEU C 544 1.39 -49.43 -16.69
N ALA C 545 2.05 -48.71 -17.59
CA ALA C 545 2.99 -49.38 -18.48
C ALA C 545 4.12 -50.04 -17.70
N ASP C 546 4.67 -49.34 -16.71
CA ASP C 546 5.76 -49.89 -15.91
C ASP C 546 5.31 -51.09 -15.09
N ALA C 547 4.11 -51.01 -14.51
CA ALA C 547 3.58 -52.14 -13.76
C ALA C 547 3.37 -53.36 -14.65
N ASP C 548 2.88 -53.15 -15.86
CA ASP C 548 2.74 -54.26 -16.79
C ASP C 548 4.07 -54.86 -17.17
N THR C 549 5.08 -54.02 -17.38
CA THR C 549 6.42 -54.52 -17.70
C THR C 549 6.97 -55.37 -16.56
N LEU C 550 6.86 -54.87 -15.33
CA LEU C 550 7.38 -55.62 -14.18
C LEU C 550 6.62 -56.92 -13.99
N ALA C 551 5.28 -56.89 -14.13
CA ALA C 551 4.48 -58.11 -13.96
C ALA C 551 4.70 -59.11 -15.06
N ARG C 552 5.11 -58.64 -16.22
CA ARG C 552 5.65 -59.53 -17.23
C ARG C 552 6.96 -60.17 -16.88
N SER C 553 7.90 -59.41 -16.38
CA SER C 553 9.20 -60.02 -16.16
C SER C 553 9.21 -60.94 -14.95
N ARG C 554 8.06 -61.11 -14.28
CA ARG C 554 7.96 -61.96 -13.11
C ARG C 554 6.82 -62.96 -13.21
N GLY C 555 6.18 -63.09 -14.37
CA GLY C 555 5.00 -63.91 -14.51
C GLY C 555 5.30 -65.25 -15.16
N ASN C 556 4.36 -66.17 -14.97
CA ASN C 556 4.42 -67.49 -15.58
C ASN C 556 3.64 -67.56 -16.89
N GLU C 557 3.30 -66.41 -17.48
CA GLU C 557 2.56 -66.46 -18.73
C GLU C 557 3.35 -67.14 -19.81
N ARG C 558 4.64 -66.88 -19.83
CA ARG C 558 5.47 -67.31 -20.93
C ARG C 558 5.47 -68.82 -21.09
N PHE C 559 4.90 -69.53 -20.11
CA PHE C 559 4.87 -70.99 -20.07
C PHE C 559 3.46 -71.56 -20.22
N ALA C 560 2.52 -70.75 -20.72
CA ALA C 560 1.17 -71.24 -20.98
C ALA C 560 0.94 -71.41 -22.47
N GLY D 4 36.20 -117.51 -28.00
CA GLY D 4 37.39 -118.06 -27.37
C GLY D 4 37.17 -119.45 -26.82
N ILE D 5 37.18 -119.55 -25.50
CA ILE D 5 37.00 -120.83 -24.82
C ILE D 5 35.52 -121.03 -24.52
N GLY D 6 35.11 -122.29 -24.42
CA GLY D 6 33.75 -122.59 -24.03
C GLY D 6 33.53 -122.38 -22.54
N LYS D 7 32.29 -122.07 -22.18
CA LYS D 7 31.94 -121.79 -20.80
C LYS D 7 30.62 -122.47 -20.45
N SER D 8 30.47 -122.78 -19.17
CA SER D 8 29.28 -123.46 -18.66
C SER D 8 28.51 -122.51 -17.75
N PRO D 9 27.27 -122.16 -18.04
CA PRO D 9 26.55 -121.22 -17.16
C PRO D 9 26.28 -121.83 -15.80
N THR D 10 26.45 -121.02 -14.76
CA THR D 10 26.23 -121.46 -13.39
C THR D 10 24.78 -121.36 -12.94
N GLY D 11 23.99 -120.52 -13.59
CA GLY D 11 22.64 -120.23 -13.15
C GLY D 11 22.55 -119.03 -12.23
N ILE D 12 23.67 -118.57 -11.66
CA ILE D 12 23.71 -117.32 -10.93
C ILE D 12 23.84 -116.19 -11.95
N GLN D 13 22.71 -115.72 -12.48
CA GLN D 13 22.76 -114.55 -13.34
C GLN D 13 23.38 -113.39 -12.56
N GLY D 14 24.35 -112.73 -13.19
CA GLY D 14 25.13 -111.68 -12.57
C GLY D 14 26.56 -112.11 -12.28
N PHE D 15 26.79 -113.41 -12.11
CA PHE D 15 28.13 -113.99 -12.15
C PHE D 15 28.46 -114.53 -13.52
N ASP D 16 27.44 -114.98 -14.26
CA ASP D 16 27.62 -115.33 -15.66
C ASP D 16 27.88 -114.09 -16.50
N GLU D 17 27.25 -112.96 -16.17
CA GLU D 17 27.53 -111.72 -16.88
C GLU D 17 28.96 -111.26 -16.64
N LEU D 18 29.43 -111.36 -15.40
CA LEU D 18 30.81 -110.97 -15.10
C LEU D 18 31.81 -111.88 -15.79
N THR D 19 31.52 -113.19 -15.84
CA THR D 19 32.41 -114.16 -16.46
C THR D 19 32.17 -114.30 -17.96
N LEU D 20 31.20 -113.59 -18.51
CA LEU D 20 30.88 -113.66 -19.94
C LEU D 20 30.58 -115.09 -20.37
N GLY D 21 29.75 -115.77 -19.57
CA GLY D 21 29.25 -117.08 -19.95
C GLY D 21 29.24 -118.11 -18.84
N GLY D 22 30.20 -118.04 -17.93
CA GLY D 22 30.23 -118.92 -16.79
C GLY D 22 31.62 -119.46 -16.56
N LEU D 23 31.66 -120.58 -15.83
CA LEU D 23 32.91 -121.23 -15.48
C LEU D 23 33.44 -122.03 -16.67
N PRO D 24 34.75 -122.29 -16.71
CA PRO D 24 35.31 -122.94 -17.89
C PRO D 24 34.79 -124.36 -18.06
N THR D 25 34.56 -124.74 -19.31
CA THR D 25 34.11 -126.10 -19.62
C THR D 25 35.32 -127.00 -19.78
N GLY D 26 35.34 -128.10 -19.03
CA GLY D 26 36.41 -129.07 -19.12
C GLY D 26 37.64 -128.75 -18.31
N ARG D 27 37.60 -127.74 -17.45
CA ARG D 27 38.71 -127.43 -16.58
C ARG D 27 38.24 -127.25 -15.15
N PRO D 28 39.04 -127.63 -14.17
CA PRO D 28 38.66 -127.41 -12.77
C PRO D 28 38.68 -125.94 -12.40
N SER D 29 37.84 -125.59 -11.42
CA SER D 29 37.79 -124.25 -10.86
C SER D 29 37.86 -124.35 -9.35
N LEU D 30 38.47 -123.33 -8.73
CA LEU D 30 38.71 -123.30 -7.30
C LEU D 30 37.91 -122.17 -6.68
N VAL D 31 37.05 -122.49 -5.73
CA VAL D 31 36.32 -121.52 -4.93
C VAL D 31 36.90 -121.54 -3.54
N CYS D 32 37.48 -120.42 -3.12
CA CYS D 32 38.20 -120.33 -1.86
C CYS D 32 37.46 -119.39 -0.91
N GLY D 33 37.44 -119.75 0.37
CA GLY D 33 36.85 -118.89 1.37
C GLY D 33 37.06 -119.45 2.76
N SER D 34 36.81 -118.60 3.74
CA SER D 34 36.83 -119.02 5.14
C SER D 34 35.51 -119.69 5.48
N ALA D 35 35.28 -119.95 6.77
CA ALA D 35 34.09 -120.66 7.19
C ALA D 35 32.87 -119.75 7.09
N GLY D 36 31.80 -120.26 6.49
CA GLY D 36 30.57 -119.52 6.37
C GLY D 36 30.51 -118.56 5.21
N CYS D 37 31.50 -118.58 4.32
CA CYS D 37 31.54 -117.62 3.21
C CYS D 37 30.65 -118.02 2.05
N GLY D 38 30.10 -119.23 2.05
CA GLY D 38 29.18 -119.65 1.02
C GLY D 38 29.79 -120.47 -0.09
N LYS D 39 31.03 -120.94 0.06
CA LYS D 39 31.69 -121.66 -1.02
C LYS D 39 31.12 -123.06 -1.25
N THR D 40 30.29 -123.57 -0.34
CA THR D 40 29.59 -124.82 -0.57
C THR D 40 28.26 -124.60 -1.28
N LEU D 41 27.54 -123.54 -0.90
CA LEU D 41 26.33 -123.17 -1.63
C LEU D 41 26.64 -122.83 -3.07
N PHE D 42 27.82 -122.26 -3.34
CA PHE D 42 28.21 -121.97 -4.71
C PHE D 42 28.26 -123.25 -5.55
N ALA D 43 28.94 -124.29 -5.03
CA ALA D 43 29.04 -125.54 -5.77
C ALA D 43 27.68 -126.23 -5.88
N SER D 44 26.89 -126.20 -4.81
CA SER D 44 25.57 -126.80 -4.86
C SER D 44 24.71 -126.13 -5.93
N THR D 45 24.74 -124.79 -5.98
CA THR D 45 24.01 -124.06 -7.00
C THR D 45 24.53 -124.42 -8.39
N PHE D 46 25.85 -124.50 -8.54
CA PHE D 46 26.42 -124.89 -9.83
C PHE D 46 25.83 -126.20 -10.30
N LEU D 47 25.87 -127.23 -9.45
CA LEU D 47 25.38 -128.55 -9.83
C LEU D 47 23.89 -128.51 -10.14
N ILE D 48 23.10 -127.92 -9.24
CA ILE D 48 21.65 -127.98 -9.37
C ILE D 48 21.19 -127.20 -10.59
N ASN D 49 21.72 -125.99 -10.80
CA ASN D 49 21.34 -125.22 -11.97
C ASN D 49 21.81 -125.90 -13.25
N GLY D 50 22.98 -126.54 -13.24
CA GLY D 50 23.40 -127.27 -14.41
C GLY D 50 22.44 -128.39 -14.76
N VAL D 51 22.01 -129.17 -13.76
CA VAL D 51 21.09 -130.26 -14.04
C VAL D 51 19.73 -129.73 -14.48
N ARG D 52 19.28 -128.61 -13.91
CA ARG D 52 17.93 -128.14 -14.20
C ARG D 52 17.84 -127.42 -15.54
N ASP D 53 18.80 -126.55 -15.86
CA ASP D 53 18.71 -125.68 -17.01
C ASP D 53 19.41 -126.23 -18.25
N HIS D 54 20.26 -127.25 -18.11
CA HIS D 54 21.01 -127.78 -19.24
C HIS D 54 21.03 -129.29 -19.33
N GLY D 55 20.35 -130.01 -18.43
CA GLY D 55 20.33 -131.45 -18.49
C GLY D 55 21.71 -132.06 -18.36
N GLU D 56 22.49 -131.59 -17.39
CA GLU D 56 23.85 -132.07 -17.17
C GLU D 56 23.92 -132.78 -15.83
N PRO D 57 23.92 -134.12 -15.81
CA PRO D 57 24.00 -134.82 -14.53
C PRO D 57 25.27 -134.44 -13.78
N GLY D 58 25.16 -134.40 -12.44
CA GLY D 58 26.24 -133.94 -11.61
C GLY D 58 26.59 -134.93 -10.53
N VAL D 59 27.81 -134.80 -10.02
CA VAL D 59 28.31 -135.62 -8.92
C VAL D 59 28.90 -134.70 -7.87
N PHE D 60 28.58 -134.98 -6.61
CA PHE D 60 29.04 -134.21 -5.46
C PHE D 60 29.87 -135.15 -4.58
N VAL D 61 31.18 -135.16 -4.80
CA VAL D 61 32.09 -135.97 -3.99
C VAL D 61 32.42 -135.20 -2.73
N THR D 62 32.15 -135.81 -1.59
CA THR D 62 32.41 -135.20 -0.29
C THR D 62 33.28 -136.13 0.52
N PHE D 63 34.35 -135.59 1.10
CA PHE D 63 35.27 -136.37 1.92
C PHE D 63 35.00 -136.13 3.41
N GLU D 64 34.08 -135.22 3.74
CA GLU D 64 33.84 -134.80 5.11
C GLU D 64 32.41 -134.99 5.56
N GLU D 65 31.48 -134.37 4.85
CA GLU D 65 30.08 -134.36 5.24
C GLU D 65 29.36 -135.60 4.71
N ARG D 66 28.23 -135.90 5.33
CA ARG D 66 27.41 -137.03 4.92
C ARG D 66 26.37 -136.58 3.90
N PRO D 67 25.90 -137.50 3.04
CA PRO D 67 24.95 -137.08 2.00
C PRO D 67 23.68 -136.44 2.53
N GLU D 68 23.13 -136.96 3.64
CA GLU D 68 21.91 -136.39 4.19
C GLU D 68 22.15 -134.96 4.68
N ASP D 69 23.31 -134.71 5.28
CA ASP D 69 23.64 -133.36 5.71
C ASP D 69 23.69 -132.40 4.53
N ILE D 70 24.31 -132.83 3.43
CA ILE D 70 24.38 -131.99 2.23
C ILE D 70 22.98 -131.71 1.71
N VAL D 71 22.12 -132.73 1.68
CA VAL D 71 20.76 -132.56 1.18
C VAL D 71 20.00 -131.58 2.05
N ASN D 72 20.14 -131.68 3.37
CA ASN D 72 19.37 -130.83 4.27
C ASN D 72 19.90 -129.41 4.31
N ASN D 73 21.20 -129.22 4.05
CA ASN D 73 21.78 -127.88 4.15
C ASN D 73 21.22 -126.91 3.12
N VAL D 74 20.57 -127.42 2.07
CA VAL D 74 20.03 -126.57 1.01
C VAL D 74 18.52 -126.71 0.88
N ALA D 75 17.88 -127.44 1.80
CA ALA D 75 16.44 -127.63 1.71
C ALA D 75 15.69 -126.31 1.83
N SER D 76 16.12 -125.43 2.74
CA SER D 76 15.43 -124.17 2.96
C SER D 76 15.54 -123.24 1.76
N LEU D 77 16.52 -123.44 0.89
CA LEU D 77 16.69 -122.59 -0.28
C LEU D 77 15.75 -122.97 -1.42
N GLY D 78 14.96 -124.04 -1.26
CA GLY D 78 14.03 -124.46 -2.27
C GLY D 78 14.55 -125.52 -3.22
N PHE D 79 15.82 -125.88 -3.14
CA PHE D 79 16.35 -126.93 -3.98
C PHE D 79 15.77 -128.27 -3.55
N GLU D 80 15.10 -128.93 -4.48
CA GLU D 80 14.57 -130.26 -4.23
C GLU D 80 15.66 -131.30 -4.47
N LEU D 81 16.77 -131.18 -3.74
CA LEU D 81 17.90 -132.07 -3.99
C LEU D 81 17.53 -133.52 -3.80
N ASP D 82 16.67 -133.82 -2.83
CA ASP D 82 16.21 -135.21 -2.66
C ASP D 82 15.47 -135.68 -3.89
N LYS D 83 14.68 -134.81 -4.52
CA LYS D 83 14.03 -135.18 -5.77
C LYS D 83 15.06 -135.58 -6.82
N LEU D 84 16.05 -134.72 -7.04
CA LEU D 84 17.02 -134.98 -8.09
C LEU D 84 17.78 -136.27 -7.82
N ILE D 85 18.13 -136.52 -6.55
CA ILE D 85 18.81 -137.76 -6.21
C ILE D 85 17.92 -138.95 -6.48
N GLU D 86 16.62 -138.82 -6.19
CA GLU D 86 15.69 -139.91 -6.50
C GLU D 86 15.56 -140.12 -8.01
N GLU D 87 15.51 -139.03 -8.78
CA GLU D 87 15.34 -139.12 -10.22
C GLU D 87 16.58 -139.61 -10.94
N GLU D 88 17.69 -139.80 -10.23
CA GLU D 88 18.95 -140.26 -10.83
C GLU D 88 19.55 -139.21 -11.75
N LYS D 89 19.51 -137.95 -11.32
CA LYS D 89 20.14 -136.86 -12.07
C LYS D 89 21.27 -136.21 -11.29
N ILE D 90 21.48 -136.57 -10.03
CA ILE D 90 22.62 -136.13 -9.25
C ILE D 90 23.00 -137.26 -8.30
N ALA D 91 24.31 -137.42 -8.08
CA ALA D 91 24.83 -138.44 -7.20
C ALA D 91 25.77 -137.80 -6.18
N ILE D 92 25.57 -138.14 -4.91
CA ILE D 92 26.41 -137.68 -3.82
C ILE D 92 27.28 -138.85 -3.38
N GLU D 93 28.59 -138.69 -3.46
CA GLU D 93 29.55 -139.74 -3.15
C GLU D 93 30.37 -139.35 -1.94
N HIS D 94 30.42 -140.23 -0.94
CA HIS D 94 31.15 -140.01 0.30
C HIS D 94 32.40 -140.88 0.29
N ILE D 95 33.57 -140.25 0.19
CA ILE D 95 34.84 -140.94 0.24
C ILE D 95 35.51 -140.65 1.56
N ALA D 96 35.29 -141.51 2.55
CA ALA D 96 35.78 -141.27 3.90
C ALA D 96 37.22 -141.71 4.05
N VAL D 97 37.92 -141.06 4.98
CA VAL D 97 39.32 -141.36 5.29
C VAL D 97 39.45 -141.51 6.79
N ASP D 98 40.09 -142.60 7.23
CA ASP D 98 40.35 -142.84 8.65
C ASP D 98 41.63 -142.15 9.10
N PRO D 99 41.84 -142.01 10.41
CA PRO D 99 43.06 -141.34 10.87
C PRO D 99 44.34 -141.94 10.35
N SER D 100 44.47 -143.28 10.35
CA SER D 100 45.68 -143.90 9.84
C SER D 100 45.84 -143.64 8.34
N GLU D 101 44.72 -143.59 7.62
CA GLU D 101 44.77 -143.42 6.17
C GLU D 101 45.48 -142.13 5.79
N VAL D 102 45.25 -141.06 6.54
CA VAL D 102 45.66 -139.71 6.15
C VAL D 102 46.98 -139.31 6.79
N ALA D 103 47.76 -140.27 7.27
CA ALA D 103 48.93 -139.93 8.09
C ALA D 103 49.95 -139.10 7.32
N GLU D 104 50.29 -139.48 6.09
CA GLU D 104 51.49 -138.90 5.47
C GLU D 104 51.27 -138.68 3.97
N ILE D 105 52.38 -138.31 3.29
CA ILE D 105 52.39 -138.12 1.84
C ILE D 105 52.26 -139.46 1.13
N GLY D 106 51.53 -139.46 0.02
CA GLY D 106 51.41 -140.62 -0.83
C GLY D 106 50.71 -141.77 -0.16
N ASP D 107 50.19 -141.55 1.04
CA ASP D 107 49.51 -142.61 1.78
C ASP D 107 48.27 -143.06 1.03
N TYR D 108 47.52 -142.11 0.48
CA TYR D 108 46.34 -142.44 -0.28
C TYR D 108 46.74 -142.81 -1.70
N ASP D 109 46.18 -143.91 -2.19
CA ASP D 109 46.43 -144.33 -3.58
C ASP D 109 45.51 -143.50 -4.47
N LEU D 110 46.05 -142.40 -5.01
CA LEU D 110 45.23 -141.52 -5.83
C LEU D 110 44.61 -142.27 -7.00
N GLU D 111 45.31 -143.25 -7.57
CA GLU D 111 44.67 -144.05 -8.61
C GLU D 111 43.45 -144.78 -8.06
N GLY D 112 43.50 -145.23 -6.79
CA GLY D 112 42.31 -145.80 -6.19
C GLY D 112 41.17 -144.80 -6.17
N LEU D 113 41.47 -143.57 -5.77
CA LEU D 113 40.46 -142.52 -5.79
C LEU D 113 39.96 -142.31 -7.21
N PHE D 114 40.87 -142.33 -8.18
CA PHE D 114 40.48 -142.10 -9.56
C PHE D 114 39.54 -143.20 -10.04
N LEU D 115 39.80 -144.45 -9.63
CA LEU D 115 38.87 -145.52 -10.00
C LEU D 115 37.49 -145.23 -9.45
N ARG D 116 37.41 -144.93 -8.15
CA ARG D 116 36.11 -144.64 -7.57
C ARG D 116 35.39 -143.47 -8.25
N LEU D 117 36.08 -142.35 -8.39
CA LEU D 117 35.44 -141.20 -8.98
C LEU D 117 34.90 -141.55 -10.35
N GLU D 118 35.59 -142.44 -11.04
CA GLU D 118 35.13 -142.84 -12.35
C GLU D 118 33.80 -143.58 -12.22
N LEU D 119 33.73 -144.49 -11.26
CA LEU D 119 32.50 -145.23 -11.02
C LEU D 119 31.33 -144.28 -10.80
N ALA D 120 31.55 -143.31 -9.93
CA ALA D 120 30.50 -142.36 -9.60
C ALA D 120 30.06 -141.59 -10.83
N ILE D 121 31.03 -141.14 -11.65
CA ILE D 121 30.69 -140.37 -12.83
C ILE D 121 29.88 -141.22 -13.81
N ASP D 122 30.29 -142.47 -14.03
CA ASP D 122 29.58 -143.28 -15.01
C ASP D 122 28.21 -143.73 -14.50
N THR D 123 27.95 -143.67 -13.19
CA THR D 123 26.61 -143.97 -12.71
C THR D 123 25.57 -143.04 -13.34
N VAL D 124 25.79 -141.73 -13.23
CA VAL D 124 24.84 -140.74 -13.70
C VAL D 124 25.22 -140.16 -15.05
N GLY D 125 26.35 -140.55 -15.63
CA GLY D 125 26.82 -139.96 -16.86
C GLY D 125 27.12 -138.49 -16.65
N ALA D 126 27.84 -138.18 -15.59
CA ALA D 126 28.02 -136.80 -15.17
C ALA D 126 28.74 -135.97 -16.23
N LYS D 127 28.39 -134.70 -16.28
CA LYS D 127 29.12 -133.70 -17.03
C LYS D 127 29.60 -132.54 -16.17
N ARG D 128 29.20 -132.52 -14.89
CA ARG D 128 29.70 -131.57 -13.90
C ARG D 128 30.03 -132.34 -12.62
N VAL D 129 31.09 -131.90 -11.93
CA VAL D 129 31.55 -132.55 -10.72
C VAL D 129 31.94 -131.49 -9.70
N VAL D 130 31.69 -131.79 -8.42
CA VAL D 130 32.14 -130.95 -7.31
C VAL D 130 32.98 -131.83 -6.38
N LEU D 131 34.19 -131.37 -6.06
CA LEU D 131 35.03 -132.00 -5.05
C LEU D 131 35.05 -131.08 -3.84
N ASP D 132 34.48 -131.54 -2.73
CA ASP D 132 34.30 -130.73 -1.54
C ASP D 132 35.13 -131.33 -0.40
N THR D 133 35.87 -130.47 0.29
CA THR D 133 36.76 -130.89 1.36
C THR D 133 37.77 -131.92 0.85
N ILE D 134 38.61 -131.47 -0.09
CA ILE D 134 39.81 -132.25 -0.40
C ILE D 134 40.95 -131.93 0.55
N GLU D 135 40.75 -131.01 1.49
CA GLU D 135 41.77 -130.71 2.48
C GLU D 135 42.09 -131.93 3.34
N SER D 136 41.10 -132.77 3.60
CA SER D 136 41.32 -133.96 4.43
C SER D 136 42.46 -134.80 3.86
N LEU D 137 42.43 -135.00 2.54
CA LEU D 137 43.44 -135.83 1.90
C LEU D 137 44.79 -135.12 1.80
N PHE D 138 44.79 -133.83 1.43
CA PHE D 138 46.01 -133.12 1.10
C PHE D 138 46.62 -132.32 2.24
N SER D 139 45.95 -132.23 3.39
CA SER D 139 46.59 -131.60 4.54
C SER D 139 47.71 -132.49 5.08
N ALA D 140 47.67 -133.78 4.76
CA ALA D 140 48.70 -134.69 5.22
C ALA D 140 50.06 -134.32 4.64
N PHE D 141 50.13 -134.10 3.33
CA PHE D 141 51.40 -133.85 2.68
C PHE D 141 52.13 -132.67 3.31
N SER D 142 53.37 -132.91 3.74
CA SER D 142 54.14 -131.90 4.48
C SER D 142 55.43 -131.48 3.79
N ASN D 143 55.66 -131.87 2.53
CA ASN D 143 56.78 -131.32 1.77
C ASN D 143 56.23 -130.50 0.61
N PRO D 144 56.63 -129.23 0.46
CA PRO D 144 55.97 -128.38 -0.55
C PRO D 144 55.98 -128.95 -1.96
N ALA D 145 57.09 -129.57 -2.37
CA ALA D 145 57.19 -130.07 -3.74
C ALA D 145 56.27 -131.27 -3.97
N ILE D 146 56.28 -132.22 -3.04
CA ILE D 146 55.49 -133.44 -3.20
C ILE D 146 54.01 -133.09 -3.26
N LEU D 147 53.58 -132.15 -2.42
CA LEU D 147 52.17 -131.73 -2.42
C LEU D 147 51.78 -131.11 -3.75
N ARG D 148 52.64 -130.23 -4.29
CA ARG D 148 52.31 -129.62 -5.58
C ARG D 148 52.25 -130.66 -6.68
N ALA D 149 53.12 -131.67 -6.61
CA ALA D 149 53.07 -132.73 -7.61
C ALA D 149 51.77 -133.51 -7.53
N GLU D 150 51.33 -133.84 -6.32
CA GLU D 150 50.07 -134.58 -6.18
C GLU D 150 48.87 -133.75 -6.62
N ILE D 151 48.84 -132.46 -6.26
CA ILE D 151 47.75 -131.61 -6.68
C ILE D 151 47.71 -131.52 -8.20
N ARG D 152 48.88 -131.38 -8.83
CA ARG D 152 48.94 -131.36 -10.29
C ARG D 152 48.44 -132.67 -10.88
N ARG D 153 48.80 -133.79 -10.26
CA ARG D 153 48.31 -135.08 -10.74
C ARG D 153 46.79 -135.12 -10.74
N LEU D 154 46.18 -134.71 -9.62
CA LEU D 154 44.73 -134.73 -9.54
C LEU D 154 44.10 -133.80 -10.58
N PHE D 155 44.65 -132.59 -10.72
CA PHE D 155 44.08 -131.64 -11.66
C PHE D 155 44.22 -132.14 -13.09
N ASP D 156 45.37 -132.75 -13.42
CA ASP D 156 45.54 -133.30 -14.76
C ASP D 156 44.55 -134.41 -15.03
N TRP D 157 44.34 -135.30 -14.04
CA TRP D 157 43.36 -136.36 -14.23
C TRP D 157 41.97 -135.77 -14.47
N LEU D 158 41.60 -134.74 -13.72
CA LEU D 158 40.28 -134.12 -13.93
C LEU D 158 40.19 -133.49 -15.30
N LYS D 159 41.25 -132.81 -15.74
CA LYS D 159 41.22 -132.14 -17.05
C LYS D 159 41.16 -133.13 -18.19
N GLU D 160 41.77 -134.31 -18.03
CA GLU D 160 41.76 -135.30 -19.10
C GLU D 160 40.33 -135.73 -19.43
N ARG D 161 39.50 -135.92 -18.42
CA ARG D 161 38.15 -136.43 -18.63
C ARG D 161 37.24 -135.42 -19.34
N GLY D 162 37.60 -134.15 -19.34
CA GLY D 162 36.70 -133.13 -19.86
C GLY D 162 35.48 -132.93 -19.00
N LEU D 163 35.65 -132.92 -17.68
CA LEU D 163 34.57 -132.73 -16.72
C LEU D 163 34.69 -131.34 -16.11
N THR D 164 33.60 -130.58 -16.18
CA THR D 164 33.56 -129.27 -15.55
C THR D 164 33.53 -129.46 -14.04
N THR D 165 34.61 -129.07 -13.36
CA THR D 165 34.80 -129.35 -11.96
C THR D 165 34.89 -128.06 -11.15
N VAL D 166 34.35 -128.12 -9.93
CA VAL D 166 34.46 -127.05 -8.95
C VAL D 166 35.04 -127.65 -7.68
N ILE D 167 36.13 -127.07 -7.19
CA ILE D 167 36.83 -127.56 -6.00
C ILE D 167 36.73 -126.49 -4.93
N THR D 168 36.23 -126.88 -3.76
CA THR D 168 36.09 -125.96 -2.64
C THR D 168 37.33 -126.02 -1.76
N ALA D 169 37.90 -124.85 -1.47
CA ALA D 169 39.14 -124.76 -0.71
C ALA D 169 38.95 -123.82 0.47
N GLU D 170 39.69 -124.10 1.53
CA GLU D 170 39.57 -123.36 2.79
C GLU D 170 40.73 -122.38 2.92
N ARG D 171 40.40 -121.12 3.23
CA ARG D 171 41.40 -120.06 3.27
C ARG D 171 42.38 -120.26 4.43
N GLY D 172 41.87 -120.67 5.58
CA GLY D 172 42.73 -120.77 6.75
C GLY D 172 43.31 -119.41 7.10
N ASP D 173 44.63 -119.36 7.23
CA ASP D 173 45.35 -118.12 7.51
C ASP D 173 45.97 -117.53 6.25
N GLY D 174 45.69 -118.09 5.08
CA GLY D 174 46.29 -117.64 3.86
C GLY D 174 45.50 -116.55 3.17
N ALA D 175 46.11 -115.97 2.15
CA ALA D 175 45.41 -114.97 1.33
C ALA D 175 44.28 -115.63 0.55
N LEU D 176 44.54 -116.78 -0.05
CA LEU D 176 43.56 -117.49 -0.85
C LEU D 176 43.34 -118.93 -0.38
N THR D 177 44.40 -119.63 0.00
CA THR D 177 44.30 -121.02 0.42
C THR D 177 45.26 -121.25 1.59
N ARG D 178 44.94 -122.24 2.41
CA ARG D 178 45.73 -122.49 3.61
C ARG D 178 47.15 -122.88 3.26
N GLN D 179 47.32 -123.81 2.32
CA GLN D 179 48.63 -124.32 1.97
C GLN D 179 49.31 -123.53 0.86
N GLY D 180 48.58 -122.68 0.16
CA GLY D 180 49.19 -121.69 -0.71
C GLY D 180 49.65 -122.17 -2.07
N LEU D 181 49.15 -123.29 -2.57
CA LEU D 181 49.62 -123.84 -3.83
C LEU D 181 48.52 -124.10 -4.86
N GLU D 182 47.27 -124.34 -4.43
CA GLU D 182 46.22 -124.70 -5.37
C GLU D 182 45.90 -123.55 -6.32
N GLU D 183 46.06 -122.31 -5.86
CA GLU D 183 45.70 -121.15 -6.67
C GLU D 183 46.63 -120.96 -7.86
N TYR D 184 47.82 -121.57 -7.82
CA TYR D 184 48.79 -121.49 -8.90
C TYR D 184 48.68 -122.67 -9.86
N VAL D 185 47.77 -123.61 -9.63
CA VAL D 185 47.60 -124.76 -10.50
C VAL D 185 46.29 -124.69 -11.28
N SER D 186 45.26 -124.05 -10.75
CA SER D 186 43.97 -123.99 -11.43
C SER D 186 43.96 -122.86 -12.46
N ASP D 187 42.89 -122.86 -13.27
CA ASP D 187 42.71 -121.84 -14.30
C ASP D 187 41.73 -120.75 -13.89
N CYS D 188 40.76 -121.08 -13.04
CA CYS D 188 39.80 -120.11 -12.52
C CYS D 188 39.84 -120.14 -11.00
N VAL D 189 40.03 -118.98 -10.38
CA VAL D 189 40.07 -118.85 -8.93
C VAL D 189 39.05 -117.80 -8.54
N ILE D 190 38.13 -118.17 -7.64
CA ILE D 190 37.08 -117.28 -7.17
C ILE D 190 37.17 -117.22 -5.66
N LEU D 191 37.33 -116.01 -5.13
CA LEU D 191 37.44 -115.79 -3.69
C LEU D 191 36.13 -115.22 -3.15
N LEU D 192 35.60 -115.88 -2.13
CA LEU D 192 34.42 -115.40 -1.41
C LEU D 192 34.85 -114.88 -0.05
N ASP D 193 34.35 -113.71 0.32
CA ASP D 193 34.82 -113.00 1.50
C ASP D 193 33.63 -112.47 2.29
N HIS D 194 33.80 -112.39 3.61
CA HIS D 194 32.76 -111.92 4.52
C HIS D 194 33.45 -111.06 5.58
N ARG D 195 33.48 -109.76 5.35
CA ARG D 195 34.23 -108.83 6.17
C ARG D 195 33.29 -107.98 7.01
N VAL D 196 33.78 -107.57 8.18
CA VAL D 196 33.02 -106.78 9.15
C VAL D 196 33.66 -105.41 9.23
N GLU D 197 32.85 -104.37 9.05
CA GLU D 197 33.31 -102.99 9.21
C GLU D 197 32.23 -102.19 9.92
N ASN D 198 32.60 -101.54 11.01
CA ASN D 198 31.65 -100.78 11.83
C ASN D 198 30.49 -101.65 12.26
N GLN D 199 30.76 -102.92 12.53
CA GLN D 199 29.81 -103.92 13.02
C GLN D 199 28.86 -104.41 11.94
N ILE D 200 29.09 -104.06 10.67
CA ILE D 200 28.24 -104.50 9.56
C ILE D 200 29.06 -105.46 8.70
N SER D 201 28.49 -106.63 8.43
CA SER D 201 29.16 -107.66 7.65
C SER D 201 28.67 -107.62 6.21
N THR D 202 29.61 -107.78 5.28
CA THR D 202 29.31 -107.73 3.85
C THR D 202 29.89 -108.95 3.16
N ARG D 203 29.04 -109.66 2.42
CA ARG D 203 29.51 -110.71 1.53
C ARG D 203 30.07 -110.09 0.26
N ARG D 204 31.27 -110.50 -0.12
CA ARG D 204 31.91 -109.99 -1.33
C ARG D 204 32.46 -111.15 -2.16
N LEU D 205 32.54 -110.92 -3.46
CA LEU D 205 32.97 -111.92 -4.42
C LEU D 205 34.01 -111.30 -5.34
N ARG D 206 34.96 -112.13 -5.77
CA ARG D 206 36.02 -111.66 -6.65
C ARG D 206 36.55 -112.81 -7.49
N ILE D 207 36.86 -112.52 -8.74
CA ILE D 207 37.48 -113.48 -9.66
C ILE D 207 38.95 -113.12 -9.73
N VAL D 208 39.77 -113.84 -8.97
CA VAL D 208 41.19 -113.51 -8.89
C VAL D 208 41.90 -113.88 -10.19
N LYS D 209 41.59 -115.05 -10.75
CA LYS D 209 42.16 -115.47 -12.02
C LYS D 209 41.09 -116.15 -12.85
N TYR D 210 41.13 -115.90 -14.15
CA TYR D 210 40.36 -116.70 -15.10
C TYR D 210 41.10 -116.71 -16.43
N ARG D 211 41.95 -117.71 -16.64
CA ARG D 211 42.76 -117.79 -17.84
C ARG D 211 41.88 -118.06 -19.06
N GLY D 212 42.09 -117.30 -20.13
CA GLY D 212 41.48 -117.57 -21.42
C GLY D 212 40.56 -116.50 -21.96
N THR D 213 40.26 -115.43 -21.21
CA THR D 213 39.30 -114.44 -21.66
C THR D 213 39.30 -113.27 -20.70
N ALA D 214 38.54 -112.23 -21.07
CA ALA D 214 38.37 -111.08 -20.20
C ALA D 214 37.21 -111.30 -19.23
N HIS D 215 37.28 -110.63 -18.09
CA HIS D 215 36.26 -110.75 -17.06
C HIS D 215 36.34 -109.54 -16.14
N GLY D 216 35.35 -109.43 -15.25
CA GLY D 216 35.41 -108.40 -14.23
C GLY D 216 36.49 -108.70 -13.21
N THR D 217 37.10 -107.63 -12.71
CA THR D 217 38.24 -107.74 -11.79
C THR D 217 38.03 -107.00 -10.48
N ASN D 218 36.84 -106.47 -10.24
CA ASN D 218 36.55 -105.76 -8.99
C ASN D 218 35.91 -106.71 -7.99
N GLU D 219 35.65 -106.19 -6.79
CA GLU D 219 34.94 -106.93 -5.76
C GLU D 219 33.46 -106.58 -5.85
N TYR D 220 32.62 -107.61 -5.89
CA TYR D 220 31.19 -107.44 -6.11
C TYR D 220 30.40 -107.95 -4.92
N PRO D 221 29.85 -107.08 -4.07
CA PRO D 221 29.01 -107.57 -2.97
C PRO D 221 27.82 -108.35 -3.50
N PHE D 222 27.48 -109.43 -2.80
CA PHE D 222 26.39 -110.29 -3.21
C PHE D 222 25.55 -110.64 -1.98
N LEU D 223 24.52 -111.45 -2.21
CA LEU D 223 23.53 -111.76 -1.20
C LEU D 223 23.12 -113.23 -1.33
N ILE D 224 23.12 -113.95 -0.22
CA ILE D 224 22.49 -115.27 -0.15
C ILE D 224 21.13 -115.07 0.48
N ASP D 225 20.07 -115.38 -0.26
CA ASP D 225 18.71 -115.00 0.12
C ASP D 225 17.84 -116.23 -0.13
N THR D 226 16.52 -116.05 -0.07
CA THR D 226 15.59 -117.17 -0.10
C THR D 226 15.72 -118.03 -1.35
N ASP D 227 16.27 -117.49 -2.44
CA ASP D 227 16.36 -118.22 -3.68
C ASP D 227 17.78 -118.64 -4.06
N GLY D 228 18.80 -118.02 -3.49
CA GLY D 228 20.17 -118.43 -3.71
C GLY D 228 21.08 -117.23 -3.85
N PHE D 229 22.23 -117.48 -4.47
CA PHE D 229 23.21 -116.42 -4.69
C PHE D 229 22.63 -115.35 -5.62
N SER D 230 22.90 -114.09 -5.28
CA SER D 230 22.45 -112.96 -6.09
C SER D 230 23.57 -111.94 -6.19
N VAL D 231 23.98 -111.63 -7.42
CA VAL D 231 24.97 -110.60 -7.69
C VAL D 231 24.33 -109.58 -8.63
N LEU D 232 24.32 -108.31 -8.21
CA LEU D 232 23.82 -107.20 -9.02
C LEU D 232 24.97 -106.22 -9.22
N PRO D 233 25.90 -106.51 -10.12
CA PRO D 233 27.09 -105.67 -10.26
C PRO D 233 26.73 -104.27 -10.71
N VAL D 234 27.50 -103.29 -10.21
CA VAL D 234 27.30 -101.91 -10.62
C VAL D 234 27.97 -101.59 -11.95
N SER D 235 28.82 -102.48 -12.45
CA SER D 235 29.48 -102.27 -13.73
C SER D 235 28.61 -102.65 -14.91
N ALA D 236 27.45 -103.27 -14.68
CA ALA D 236 26.53 -103.62 -15.74
C ALA D 236 25.55 -102.50 -16.05
N LEU D 237 25.54 -101.44 -15.26
CA LEU D 237 24.65 -100.31 -15.50
C LEU D 237 25.23 -99.45 -16.60
N GLY D 238 24.48 -99.27 -17.68
CA GLY D 238 24.85 -98.36 -18.74
C GLY D 238 24.03 -97.08 -18.69
N LEU D 239 24.17 -96.30 -19.76
CA LEU D 239 23.30 -95.16 -19.99
C LEU D 239 22.68 -95.37 -21.37
N LEU D 240 21.69 -96.24 -21.43
CA LEU D 240 20.88 -96.44 -22.62
C LEU D 240 19.42 -96.52 -22.18
N HIS D 241 18.80 -95.36 -22.03
CA HIS D 241 17.39 -95.30 -21.68
C HIS D 241 16.56 -95.01 -22.93
N GLN D 242 15.26 -94.85 -22.73
CA GLN D 242 14.35 -94.38 -23.74
C GLN D 242 13.63 -93.16 -23.21
N VAL D 243 13.24 -92.26 -24.11
CA VAL D 243 12.68 -90.98 -23.69
C VAL D 243 11.23 -90.89 -24.16
N HIS D 244 10.42 -90.21 -23.35
CA HIS D 244 9.00 -90.05 -23.59
C HIS D 244 8.66 -88.57 -23.62
N GLU D 245 7.58 -88.23 -24.31
CA GLU D 245 7.18 -86.84 -24.47
C GLU D 245 5.99 -86.43 -23.59
N GLU D 246 5.31 -87.37 -22.93
CA GLU D 246 4.32 -86.93 -21.97
C GLU D 246 4.94 -86.34 -20.73
N ARG D 247 4.06 -85.77 -19.92
CA ARG D 247 4.42 -85.09 -18.70
C ARG D 247 3.59 -85.65 -17.55
N ILE D 248 4.11 -85.51 -16.34
CA ILE D 248 3.49 -86.04 -15.14
C ILE D 248 3.06 -84.87 -14.26
N ALA D 249 1.79 -84.88 -13.87
CA ALA D 249 1.26 -83.83 -13.01
C ALA D 249 1.72 -84.05 -11.57
N SER D 250 1.92 -82.95 -10.85
CA SER D 250 2.43 -82.99 -9.48
C SER D 250 1.34 -83.09 -8.43
N GLY D 251 0.09 -82.81 -8.78
CA GLY D 251 -0.94 -82.65 -7.78
C GLY D 251 -0.98 -81.26 -7.17
N VAL D 252 -0.02 -80.41 -7.51
CA VAL D 252 -0.02 -79.01 -7.13
C VAL D 252 -0.19 -78.20 -8.41
N PRO D 253 -1.41 -77.77 -8.73
CA PRO D 253 -1.62 -77.11 -10.04
C PRO D 253 -0.80 -75.85 -10.20
N ASP D 254 -0.48 -75.17 -9.11
CA ASP D 254 0.37 -73.99 -9.21
C ASP D 254 1.78 -74.35 -9.66
N LEU D 255 2.34 -75.44 -9.13
CA LEU D 255 3.70 -75.84 -9.50
C LEU D 255 3.76 -76.26 -10.96
N ASP D 256 2.76 -77.00 -11.43
CA ASP D 256 2.74 -77.40 -12.84
C ASP D 256 2.71 -76.20 -13.76
N ALA D 257 2.06 -75.12 -13.35
CA ALA D 257 2.00 -73.90 -14.15
C ALA D 257 3.36 -73.23 -14.27
N MET D 258 4.34 -73.61 -13.46
CA MET D 258 5.67 -73.02 -13.50
C MET D 258 6.54 -73.64 -14.58
N MET D 259 6.01 -74.61 -15.32
CA MET D 259 6.77 -75.38 -16.29
C MET D 259 6.03 -75.37 -17.61
N ALA D 260 6.78 -75.22 -18.70
CA ALA D 260 6.20 -75.34 -20.02
C ALA D 260 5.77 -76.78 -20.28
N GLY D 261 4.57 -76.94 -20.83
CA GLY D 261 4.05 -78.24 -21.18
C GLY D 261 3.23 -78.93 -20.11
N GLY D 262 3.31 -78.46 -18.87
CA GLY D 262 2.45 -78.96 -17.80
C GLY D 262 3.11 -79.81 -16.74
N GLY D 263 4.42 -79.88 -16.70
CA GLY D 263 5.10 -80.60 -15.63
C GLY D 263 6.37 -81.25 -16.13
N PHE D 264 6.96 -82.07 -15.26
CA PHE D 264 8.16 -82.80 -15.59
C PHE D 264 7.88 -83.89 -16.61
N PHE D 265 8.94 -84.33 -17.29
CA PHE D 265 8.79 -85.45 -18.20
C PHE D 265 8.56 -86.73 -17.42
N ARG D 266 7.99 -87.72 -18.09
CA ARG D 266 7.39 -88.82 -17.38
C ARG D 266 8.44 -89.67 -16.65
N GLY D 267 9.39 -90.23 -17.39
CA GLY D 267 10.33 -91.18 -16.83
C GLY D 267 11.52 -90.52 -16.18
N SER D 268 11.34 -89.27 -15.78
CA SER D 268 12.44 -88.46 -15.26
C SER D 268 12.79 -88.85 -13.84
N SER D 269 13.90 -88.30 -13.36
CA SER D 269 14.33 -88.43 -11.97
C SER D 269 14.25 -87.06 -11.33
N ILE D 270 13.47 -86.94 -10.26
CA ILE D 270 13.19 -85.67 -9.61
C ILE D 270 13.70 -85.75 -8.17
N LEU D 271 14.47 -84.74 -7.77
CA LEU D 271 15.02 -84.65 -6.42
C LEU D 271 14.39 -83.46 -5.71
N VAL D 272 13.79 -83.72 -4.55
CA VAL D 272 13.21 -82.69 -3.70
C VAL D 272 14.14 -82.53 -2.50
N SER D 273 14.66 -81.32 -2.31
CA SER D 273 15.65 -81.04 -1.29
C SER D 273 15.18 -79.93 -0.37
N GLY D 274 15.65 -79.96 0.86
CA GLY D 274 15.29 -78.93 1.81
C GLY D 274 15.67 -79.33 3.22
N VAL D 275 15.48 -78.37 4.13
CA VAL D 275 15.72 -78.57 5.55
C VAL D 275 14.51 -79.25 6.18
N ALA D 276 14.63 -79.63 7.44
CA ALA D 276 13.58 -80.37 8.13
C ALA D 276 12.39 -79.45 8.40
N GLY D 277 11.19 -79.97 8.13
CA GLY D 277 9.99 -79.16 8.18
C GLY D 277 9.68 -78.43 6.90
N ALA D 278 10.51 -78.58 5.87
CA ALA D 278 10.36 -77.78 4.66
C ALA D 278 9.08 -78.11 3.92
N GLY D 279 8.72 -79.38 3.85
CA GLY D 279 7.55 -79.80 3.07
C GLY D 279 7.89 -80.87 2.04
N LYS D 280 9.05 -81.51 2.19
CA LYS D 280 9.49 -82.49 1.21
C LYS D 280 8.55 -83.68 1.15
N SER D 281 8.17 -84.23 2.31
CA SER D 281 7.28 -85.38 2.32
C SER D 281 5.91 -85.02 1.77
N SER D 282 5.44 -83.80 2.05
CA SER D 282 4.13 -83.38 1.55
C SER D 282 4.11 -83.35 0.02
N LEU D 283 5.17 -82.83 -0.59
CA LEU D 283 5.22 -82.77 -2.05
C LEU D 283 5.24 -84.16 -2.66
N ALA D 284 6.04 -85.07 -2.09
CA ALA D 284 6.09 -86.43 -2.59
C ALA D 284 4.73 -87.10 -2.48
N ALA D 285 4.05 -86.89 -1.35
CA ALA D 285 2.73 -87.47 -1.17
C ALA D 285 1.73 -86.88 -2.16
N HIS D 286 1.85 -85.59 -2.45
CA HIS D 286 0.98 -85.01 -3.46
C HIS D 286 1.21 -85.67 -4.82
N PHE D 287 2.48 -85.88 -5.17
CA PHE D 287 2.80 -86.61 -6.40
C PHE D 287 2.12 -87.96 -6.42
N ALA D 288 2.31 -88.75 -5.36
CA ALA D 288 1.75 -90.10 -5.32
C ALA D 288 0.22 -90.07 -5.35
N ALA D 289 -0.38 -89.16 -4.60
CA ALA D 289 -1.83 -89.08 -4.53
C ALA D 289 -2.42 -88.71 -5.88
N ALA D 290 -1.78 -87.78 -6.58
CA ALA D 290 -2.24 -87.46 -7.94
C ALA D 290 -2.09 -88.67 -8.84
N ALA D 291 -0.95 -89.35 -8.79
CA ALA D 291 -0.76 -90.53 -9.62
C ALA D 291 -1.87 -91.55 -9.42
N CYS D 292 -2.22 -91.79 -8.15
CA CYS D 292 -3.31 -92.72 -7.86
C CYS D 292 -4.64 -92.17 -8.34
N ALA D 293 -4.86 -90.87 -8.21
CA ALA D 293 -6.14 -90.28 -8.59
C ALA D 293 -6.41 -90.44 -10.08
N ARG D 294 -5.37 -90.49 -10.90
CA ARG D 294 -5.53 -90.71 -12.33
C ARG D 294 -5.71 -92.18 -12.67
N GLY D 295 -5.82 -93.06 -11.67
CA GLY D 295 -6.00 -94.47 -11.90
C GLY D 295 -4.73 -95.28 -11.99
N GLU D 296 -3.56 -94.64 -11.93
CA GLU D 296 -2.30 -95.34 -12.01
C GLU D 296 -1.95 -95.93 -10.63
N ARG D 297 -0.78 -96.53 -10.51
CA ARG D 297 -0.31 -97.16 -9.29
C ARG D 297 0.96 -96.46 -8.82
N ALA D 298 1.11 -96.36 -7.49
CA ALA D 298 2.25 -95.67 -6.89
C ALA D 298 2.81 -96.50 -5.74
N MET D 299 4.13 -96.38 -5.55
CA MET D 299 4.79 -97.02 -4.42
C MET D 299 5.56 -95.94 -3.71
N TYR D 300 5.45 -95.88 -2.38
CA TYR D 300 6.09 -94.82 -1.60
C TYR D 300 6.89 -95.47 -0.49
N PHE D 301 8.21 -95.44 -0.62
CA PHE D 301 9.12 -96.07 0.33
C PHE D 301 9.58 -95.03 1.33
N SER D 302 9.08 -95.13 2.56
CA SER D 302 9.48 -94.25 3.65
C SER D 302 10.46 -95.00 4.54
N PHE D 303 11.52 -94.31 4.95
CA PHE D 303 12.52 -94.90 5.82
C PHE D 303 12.56 -94.23 7.19
N GLU D 304 11.64 -93.32 7.47
CA GLU D 304 11.69 -92.67 8.76
C GLU D 304 10.35 -92.51 9.45
N GLU D 305 9.23 -92.84 8.80
CA GLU D 305 7.92 -92.71 9.42
C GLU D 305 7.11 -93.98 9.15
N ALA D 306 6.16 -94.25 10.06
CA ALA D 306 5.30 -95.42 9.95
C ALA D 306 4.11 -95.15 9.03
N ALA D 307 3.41 -96.23 8.66
CA ALA D 307 2.32 -96.11 7.72
C ALA D 307 1.12 -95.37 8.29
N ASP D 308 0.67 -95.78 9.48
CA ASP D 308 -0.47 -95.09 10.08
C ASP D 308 -0.11 -93.65 10.41
N GLN D 309 1.10 -93.41 10.92
CA GLN D 309 1.51 -92.05 11.24
C GLN D 309 1.61 -91.19 10.00
N ALA D 310 2.17 -91.73 8.91
CA ALA D 310 2.26 -90.96 7.68
C ALA D 310 0.88 -90.63 7.14
N VAL D 311 -0.04 -91.59 7.21
CA VAL D 311 -1.41 -91.34 6.75
C VAL D 311 -2.05 -90.22 7.56
N ARG D 312 -1.92 -90.30 8.89
CA ARG D 312 -2.49 -89.25 9.73
C ARG D 312 -1.86 -87.89 9.41
N ASN D 313 -0.53 -87.86 9.26
CA ASN D 313 0.15 -86.60 9.01
C ASN D 313 -0.28 -85.99 7.68
N MET D 314 -0.40 -86.82 6.65
CA MET D 314 -0.84 -86.30 5.36
C MET D 314 -2.32 -85.94 5.36
N ARG D 315 -3.13 -86.51 6.26
CA ARG D 315 -4.56 -86.19 6.28
C ARG D 315 -4.81 -84.73 6.59
N SER D 316 -3.94 -84.12 7.40
CA SER D 316 -4.14 -82.71 7.75
C SER D 316 -3.91 -81.79 6.57
N LEU D 317 -3.14 -82.23 5.57
CA LEU D 317 -2.90 -81.43 4.37
C LEU D 317 -3.96 -81.68 3.30
N GLY D 318 -5.03 -82.38 3.64
CA GLY D 318 -6.12 -82.61 2.72
C GLY D 318 -5.96 -83.80 1.81
N LEU D 319 -4.80 -84.44 1.81
CA LEU D 319 -4.62 -85.65 1.04
C LEU D 319 -5.35 -86.80 1.72
N ASP D 320 -5.73 -87.80 0.92
CA ASP D 320 -6.35 -89.01 1.42
C ASP D 320 -5.53 -90.19 0.89
N LEU D 321 -4.44 -90.48 1.59
CA LEU D 321 -3.60 -91.61 1.22
C LEU D 321 -4.26 -92.92 1.62
N GLY D 322 -5.14 -92.90 2.61
CA GLY D 322 -5.84 -94.11 3.01
C GLY D 322 -6.81 -94.60 1.96
N ARG D 323 -7.52 -93.68 1.29
CA ARG D 323 -8.42 -94.08 0.21
C ARG D 323 -7.68 -94.91 -0.83
N TRP D 324 -6.47 -94.50 -1.16
CA TRP D 324 -5.72 -95.14 -2.23
C TRP D 324 -5.09 -96.45 -1.77
N ARG D 325 -4.72 -96.55 -0.50
CA ARG D 325 -4.29 -97.84 0.05
C ARG D 325 -5.44 -98.84 0.03
N ASP D 326 -6.62 -98.41 0.48
CA ASP D 326 -7.76 -99.32 0.52
C ASP D 326 -8.27 -99.68 -0.87
N ALA D 327 -7.93 -98.89 -1.88
CA ALA D 327 -8.34 -99.16 -3.25
C ALA D 327 -7.32 -99.98 -4.04
N GLY D 328 -6.22 -100.38 -3.40
CA GLY D 328 -5.22 -101.16 -4.09
C GLY D 328 -4.52 -100.41 -5.22
N LEU D 329 -4.25 -99.13 -5.01
CA LEU D 329 -3.52 -98.33 -6.00
C LEU D 329 -2.30 -97.64 -5.42
N LEU D 330 -2.06 -97.76 -4.12
CA LEU D 330 -0.88 -97.17 -3.48
C LEU D 330 -0.35 -98.15 -2.46
N ARG D 331 0.91 -98.57 -2.64
CA ARG D 331 1.60 -99.41 -1.69
C ARG D 331 2.58 -98.56 -0.92
N PHE D 332 2.42 -98.53 0.40
CA PHE D 332 3.20 -97.68 1.30
C PHE D 332 4.09 -98.57 2.14
N MET D 333 5.38 -98.55 1.85
CA MET D 333 6.30 -99.47 2.53
C MET D 333 7.21 -98.68 3.44
N ALA D 334 7.33 -99.12 4.70
CA ALA D 334 8.12 -98.43 5.71
C ALA D 334 9.08 -99.41 6.35
N THR D 335 10.37 -99.08 6.31
CA THR D 335 11.40 -99.90 6.92
C THR D 335 12.58 -99.02 7.31
N ARG D 336 13.12 -99.24 8.51
CA ARG D 336 14.24 -98.45 8.97
C ARG D 336 15.49 -98.78 8.16
N PRO D 337 16.43 -97.84 8.03
CA PRO D 337 17.66 -98.13 7.27
C PRO D 337 18.49 -99.23 7.89
N THR D 338 18.33 -99.51 9.18
CA THR D 338 19.12 -100.53 9.86
C THR D 338 18.46 -101.90 9.84
N PHE D 339 17.28 -102.03 9.23
CA PHE D 339 16.61 -103.32 9.19
C PHE D 339 17.30 -104.31 8.26
N TYR D 340 17.91 -103.82 7.19
CA TYR D 340 18.54 -104.66 6.19
C TYR D 340 19.96 -104.16 5.93
N SER D 341 20.70 -104.95 5.15
CA SER D 341 21.97 -104.54 4.62
C SER D 341 21.76 -103.84 3.27
N LEU D 342 22.75 -103.04 2.87
CA LEU D 342 22.61 -102.24 1.67
C LEU D 342 22.27 -103.10 0.46
N GLU D 343 22.73 -104.34 0.43
CA GLU D 343 22.40 -105.23 -0.68
C GLU D 343 20.94 -105.64 -0.63
N MET D 344 20.47 -106.05 0.55
CA MET D 344 19.11 -106.54 0.67
C MET D 344 18.09 -105.42 0.56
N HIS D 345 18.43 -104.19 0.96
CA HIS D 345 17.55 -103.06 0.71
C HIS D 345 17.25 -102.94 -0.77
N LEU D 346 18.31 -102.93 -1.59
CA LEU D 346 18.14 -102.86 -3.03
C LEU D 346 17.35 -104.05 -3.55
N ALA D 347 17.67 -105.25 -3.06
CA ALA D 347 16.97 -106.44 -3.55
C ALA D 347 15.48 -106.34 -3.30
N VAL D 348 15.11 -105.95 -2.07
CA VAL D 348 13.69 -105.85 -1.73
C VAL D 348 13.01 -104.78 -2.56
N ILE D 349 13.65 -103.62 -2.71
CA ILE D 349 13.02 -102.54 -3.47
C ILE D 349 12.77 -102.99 -4.90
N LEU D 350 13.78 -103.59 -5.53
CA LEU D 350 13.62 -104.02 -6.92
C LEU D 350 12.53 -105.08 -7.05
N ARG D 351 12.53 -106.07 -6.15
CA ARG D 351 11.51 -107.12 -6.23
C ARG D 351 10.11 -106.54 -6.11
N GLU D 352 9.91 -105.68 -5.11
CA GLU D 352 8.59 -105.09 -4.89
C GLU D 352 8.17 -104.24 -6.08
N VAL D 353 9.09 -103.46 -6.63
CA VAL D 353 8.76 -102.63 -7.79
C VAL D 353 8.34 -103.50 -8.96
N MET D 354 9.06 -104.60 -9.16
CA MET D 354 8.70 -105.55 -10.20
C MET D 354 7.26 -106.02 -10.06
N ARG D 355 6.91 -106.50 -8.87
CA ARG D 355 5.63 -107.17 -8.72
C ARG D 355 4.46 -106.22 -8.97
N PHE D 356 4.44 -105.08 -8.30
CA PHE D 356 3.31 -104.16 -8.39
C PHE D 356 3.22 -103.50 -9.75
N GLU D 357 4.37 -103.26 -10.40
CA GLU D 357 4.43 -102.53 -11.66
C GLU D 357 3.89 -101.12 -11.47
N PRO D 358 4.58 -100.29 -10.70
CA PRO D 358 4.11 -98.93 -10.43
C PRO D 358 4.31 -98.01 -11.63
N SER D 359 3.74 -96.81 -11.50
CA SER D 359 4.02 -95.70 -12.39
C SER D 359 4.85 -94.61 -11.73
N VAL D 360 4.69 -94.43 -10.43
CA VAL D 360 5.46 -93.46 -9.65
C VAL D 360 6.04 -94.17 -8.44
N VAL D 361 7.34 -94.01 -8.21
CA VAL D 361 8.01 -94.56 -7.04
C VAL D 361 8.68 -93.41 -6.32
N VAL D 362 8.45 -93.33 -5.01
CA VAL D 362 9.02 -92.29 -4.18
C VAL D 362 9.92 -92.95 -3.14
N LEU D 363 11.07 -92.35 -2.89
CA LEU D 363 11.98 -92.75 -1.82
C LEU D 363 12.17 -91.57 -0.89
N ASP D 364 11.75 -91.73 0.37
CA ASP D 364 11.74 -90.60 1.29
C ASP D 364 12.30 -90.99 2.65
N PRO D 365 13.50 -90.49 3.04
CA PRO D 365 14.45 -89.70 2.27
C PRO D 365 15.65 -90.50 1.78
N ILE D 366 16.28 -90.02 0.70
CA ILE D 366 17.47 -90.67 0.18
C ILE D 366 18.65 -90.51 1.12
N SER D 367 18.62 -89.52 2.00
CA SER D 367 19.75 -89.22 2.87
C SER D 367 19.74 -90.04 4.15
N ALA D 368 18.79 -90.95 4.30
CA ALA D 368 18.72 -91.76 5.52
C ALA D 368 19.79 -92.84 5.57
N PHE D 369 20.37 -93.21 4.42
CA PHE D 369 21.33 -94.30 4.34
C PHE D 369 22.77 -93.86 4.49
N THR D 370 23.02 -92.61 4.91
CA THR D 370 24.39 -92.10 4.94
C THR D 370 25.26 -92.90 5.91
N GLU D 371 24.73 -93.22 7.09
CA GLU D 371 25.48 -93.95 8.12
C GLU D 371 25.32 -95.46 8.03
N SER D 372 24.64 -95.97 6.99
CA SER D 372 24.49 -97.41 6.82
C SER D 372 25.68 -98.04 6.10
N GLY D 373 26.66 -97.24 5.68
CA GLY D 373 27.82 -97.78 5.01
C GLY D 373 28.75 -96.66 4.60
N ASP D 374 29.71 -97.00 3.75
CA ASP D 374 30.61 -96.00 3.19
C ASP D 374 29.88 -95.18 2.13
N ARG D 375 30.45 -94.01 1.82
CA ARG D 375 29.83 -93.12 0.84
C ARG D 375 29.71 -93.80 -0.52
N LEU D 376 30.74 -94.53 -0.93
CA LEU D 376 30.75 -95.14 -2.25
C LEU D 376 29.84 -96.35 -2.33
N GLU D 377 29.58 -97.02 -1.20
CA GLU D 377 28.62 -98.12 -1.14
C GLU D 377 27.19 -97.64 -1.25
N VAL D 378 26.84 -96.60 -0.50
CA VAL D 378 25.50 -96.06 -0.54
C VAL D 378 25.25 -95.43 -1.89
N GLN D 379 26.27 -94.78 -2.45
CA GLN D 379 26.15 -94.25 -3.80
C GLN D 379 25.93 -95.36 -4.81
N SER D 380 26.63 -96.49 -4.67
CA SER D 380 26.41 -97.60 -5.58
C SER D 380 24.97 -98.11 -5.49
N MET D 381 24.48 -98.30 -4.26
CA MET D 381 23.10 -98.77 -4.09
C MET D 381 22.11 -97.81 -4.74
N LEU D 382 22.25 -96.52 -4.44
CA LEU D 382 21.30 -95.53 -4.94
C LEU D 382 21.38 -95.42 -6.46
N LEU D 383 22.59 -95.49 -7.02
CA LEU D 383 22.75 -95.45 -8.46
C LEU D 383 22.06 -96.64 -9.12
N ARG D 384 22.19 -97.83 -8.53
CA ARG D 384 21.51 -99.00 -9.06
C ARG D 384 20.00 -98.83 -9.00
N ILE D 385 19.49 -98.27 -7.89
CA ILE D 385 18.06 -98.04 -7.79
C ILE D 385 17.59 -97.09 -8.89
N VAL D 386 18.33 -96.00 -9.08
CA VAL D 386 17.94 -94.99 -10.06
C VAL D 386 17.96 -95.58 -11.47
N ASP D 387 19.01 -96.33 -11.80
CA ASP D 387 19.09 -96.92 -13.13
C ASP D 387 17.94 -97.91 -13.35
N PHE D 388 17.65 -98.75 -12.35
CA PHE D 388 16.56 -99.70 -12.50
C PHE D 388 15.24 -98.98 -12.74
N LEU D 389 14.99 -97.90 -11.99
CA LEU D 389 13.75 -97.16 -12.19
C LEU D 389 13.70 -96.52 -13.58
N LYS D 390 14.83 -95.97 -14.03
CA LYS D 390 14.80 -95.22 -15.29
C LYS D 390 14.72 -96.14 -16.50
N ASN D 391 15.28 -97.34 -16.42
CA ASN D 391 15.20 -98.26 -17.56
C ASN D 391 13.79 -98.77 -17.81
N ARG D 392 12.86 -98.57 -16.88
CA ARG D 392 11.50 -99.07 -17.01
C ARG D 392 10.47 -97.97 -17.23
N GLY D 393 10.90 -96.72 -17.34
CA GLY D 393 9.95 -95.63 -17.52
C GLY D 393 9.19 -95.26 -16.27
N ILE D 394 9.68 -95.65 -15.10
CA ILE D 394 9.03 -95.33 -13.83
C ILE D 394 9.57 -94.00 -13.34
N THR D 395 8.66 -93.12 -12.92
CA THR D 395 9.06 -91.81 -12.43
C THR D 395 9.49 -91.91 -10.97
N GLY D 396 10.72 -91.47 -10.69
CA GLY D 396 11.26 -91.54 -9.35
C GLY D 396 11.32 -90.21 -8.66
N ILE D 397 10.68 -90.10 -7.50
CA ILE D 397 10.71 -88.90 -6.69
C ILE D 397 11.55 -89.20 -5.45
N PHE D 398 12.70 -88.53 -5.35
CA PHE D 398 13.62 -88.74 -4.25
C PHE D 398 13.67 -87.50 -3.37
N THR D 399 13.44 -87.67 -2.08
CA THR D 399 13.51 -86.58 -1.11
C THR D 399 14.86 -86.63 -0.40
N HIS D 400 15.50 -85.48 -0.27
CA HIS D 400 16.83 -85.38 0.30
C HIS D 400 16.87 -84.20 1.26
N LEU D 401 17.54 -84.38 2.38
CA LEU D 401 17.67 -83.31 3.37
C LEU D 401 18.89 -82.45 3.07
N ALA D 402 18.69 -81.13 3.06
CA ALA D 402 19.75 -80.20 2.75
C ALA D 402 20.63 -79.93 3.96
N HIS D 403 21.94 -79.92 3.72
CA HIS D 403 22.99 -79.55 4.69
C HIS D 403 24.30 -80.23 4.28
N GLY D 413 26.37 -86.12 -4.78
CA GLY D 413 26.33 -87.50 -5.28
C GLY D 413 24.91 -87.88 -5.67
N LEU D 414 24.73 -88.20 -6.95
CA LEU D 414 23.47 -88.57 -7.60
C LEU D 414 22.60 -87.34 -7.84
N GLU D 415 23.03 -86.17 -7.38
CA GLU D 415 22.36 -84.93 -7.76
C GLU D 415 22.50 -84.72 -9.26
N GLU D 416 23.67 -85.08 -9.77
CA GLU D 416 24.04 -84.94 -11.17
C GLU D 416 23.15 -85.76 -12.10
N LEU D 417 22.59 -86.86 -11.62
CA LEU D 417 21.80 -87.78 -12.42
C LEU D 417 20.32 -87.45 -12.39
N MET D 418 19.96 -86.25 -11.95
CA MET D 418 18.58 -85.86 -11.75
C MET D 418 18.15 -84.94 -12.89
N ASP D 419 16.96 -85.21 -13.43
CA ASP D 419 16.43 -84.39 -14.51
C ASP D 419 15.78 -83.12 -13.97
N GLY D 420 15.04 -83.23 -12.87
CA GLY D 420 14.50 -82.07 -12.19
C GLY D 420 15.01 -81.94 -10.78
N TRP D 421 14.94 -80.74 -10.22
CA TRP D 421 15.39 -80.49 -8.85
C TRP D 421 14.52 -79.38 -8.26
N VAL D 422 13.79 -79.70 -7.21
CA VAL D 422 12.94 -78.74 -6.51
C VAL D 422 13.54 -78.50 -5.15
N LEU D 423 13.95 -77.26 -4.89
CA LEU D 423 14.52 -76.87 -3.61
C LEU D 423 13.48 -76.11 -2.81
N MET D 424 13.21 -76.58 -1.60
CA MET D 424 12.20 -76.01 -0.72
C MET D 424 12.88 -75.34 0.45
N LEU D 425 12.51 -74.08 0.72
CA LEU D 425 13.15 -73.26 1.73
C LEU D 425 12.16 -72.89 2.82
N ASN D 426 12.69 -72.75 4.04
CA ASN D 426 11.93 -72.26 5.19
C ASN D 426 12.90 -71.42 6.02
N ARG D 427 12.91 -70.12 5.76
CA ARG D 427 13.93 -69.22 6.28
C ARG D 427 13.31 -68.19 7.24
N GLU D 428 14.18 -67.58 8.04
CA GLU D 428 13.78 -66.60 9.04
C GLU D 428 14.06 -65.20 8.50
N VAL D 429 13.00 -64.41 8.37
CA VAL D 429 13.12 -62.98 8.10
C VAL D 429 12.04 -62.27 8.90
N ASN D 430 12.44 -61.23 9.64
CA ASN D 430 11.49 -60.39 10.36
C ASN D 430 10.78 -61.16 11.46
N GLY D 431 11.51 -61.99 12.19
CA GLY D 431 10.92 -62.72 13.31
C GLY D 431 9.82 -63.67 12.92
N GLU D 432 9.93 -64.29 11.75
CA GLU D 432 8.97 -65.29 11.30
C GLU D 432 9.66 -66.15 10.27
N PHE D 433 9.15 -67.37 10.11
CA PHE D 433 9.69 -68.31 9.14
C PHE D 433 8.71 -68.45 7.98
N ASN D 434 9.19 -68.18 6.77
CA ASN D 434 8.37 -68.20 5.57
C ASN D 434 8.83 -69.31 4.64
N ARG D 435 7.88 -70.01 4.05
CA ARG D 435 8.17 -71.10 3.13
C ARG D 435 8.31 -70.58 1.71
N GLU D 436 9.22 -71.23 0.96
CA GLU D 436 9.49 -70.85 -0.43
C GLU D 436 9.94 -72.09 -1.17
N LEU D 437 9.94 -72.01 -2.49
CA LEU D 437 10.43 -73.11 -3.32
C LEU D 437 10.77 -72.57 -4.70
N TYR D 438 11.79 -73.16 -5.31
CA TYR D 438 12.14 -72.83 -6.69
C TYR D 438 12.67 -74.08 -7.38
N LEU D 439 12.66 -74.03 -8.71
CA LEU D 439 13.10 -75.14 -9.55
C LEU D 439 14.56 -74.89 -9.91
N LEU D 440 15.46 -75.56 -9.20
CA LEU D 440 16.88 -75.43 -9.48
C LEU D 440 17.21 -75.92 -10.88
N LYS D 441 16.62 -77.04 -11.28
CA LYS D 441 16.94 -77.68 -12.54
C LYS D 441 15.68 -78.31 -13.10
N ALA D 442 15.50 -78.12 -14.39
CA ALA D 442 14.48 -78.87 -15.12
C ALA D 442 14.93 -79.01 -16.56
N ARG D 443 15.60 -80.11 -16.87
CA ARG D 443 16.22 -80.26 -18.18
C ARG D 443 15.17 -80.56 -19.25
N GLY D 444 15.35 -79.96 -20.42
CA GLY D 444 14.49 -80.21 -21.55
C GLY D 444 13.28 -79.32 -21.66
N MET D 445 13.21 -78.23 -20.89
CA MET D 445 11.95 -77.50 -20.83
C MET D 445 12.27 -76.08 -20.42
N ALA D 446 11.30 -75.20 -20.61
CA ALA D 446 11.36 -73.85 -20.06
C ALA D 446 10.52 -73.76 -18.79
N HIS D 447 11.05 -73.11 -17.77
CA HIS D 447 10.39 -73.01 -16.48
C HIS D 447 10.68 -71.66 -15.84
N SER D 448 9.87 -71.31 -14.85
CA SER D 448 10.01 -70.04 -14.16
C SER D 448 11.30 -70.01 -13.36
N ASN D 449 11.87 -68.80 -13.21
CA ASN D 449 13.08 -68.58 -12.44
C ASN D 449 12.80 -67.74 -11.19
N GLN D 450 11.59 -67.87 -10.63
CA GLN D 450 11.16 -67.09 -9.49
C GLN D 450 11.21 -67.94 -8.23
N VAL D 451 11.67 -67.33 -7.13
CA VAL D 451 11.65 -67.98 -5.81
C VAL D 451 10.29 -67.64 -5.22
N ARG D 452 9.33 -68.53 -5.42
CA ARG D 452 7.95 -68.27 -5.06
C ARG D 452 7.66 -68.72 -3.64
N GLU D 453 6.79 -67.97 -2.96
CA GLU D 453 6.37 -68.27 -1.60
C GLU D 453 5.05 -69.03 -1.64
N PHE D 454 4.91 -70.02 -0.77
CA PHE D 454 3.72 -70.86 -0.73
C PHE D 454 3.29 -71.05 0.71
N LEU D 455 2.09 -71.61 0.86
CA LEU D 455 1.52 -71.90 2.17
C LEU D 455 0.97 -73.32 2.16
N MET D 456 0.97 -73.93 3.35
CA MET D 456 0.31 -75.21 3.56
C MET D 456 -1.01 -74.97 4.27
N SER D 457 -1.97 -75.86 4.02
CA SER D 457 -3.28 -75.72 4.62
C SER D 457 -4.02 -77.03 4.44
N ASP D 458 -5.30 -77.02 4.83
CA ASP D 458 -6.16 -78.17 4.61
C ASP D 458 -6.39 -78.42 3.13
N ARG D 459 -6.01 -77.48 2.27
CA ARG D 459 -6.20 -77.57 0.82
C ARG D 459 -4.92 -77.95 0.09
N GLY D 460 -3.87 -78.31 0.82
CA GLY D 460 -2.62 -78.70 0.21
C GLY D 460 -1.66 -77.54 0.12
N ILE D 461 -0.77 -77.58 -0.88
CA ILE D 461 0.22 -76.55 -1.08
C ILE D 461 -0.33 -75.54 -2.07
N SER D 462 -0.43 -74.29 -1.65
CA SER D 462 -0.90 -73.20 -2.50
C SER D 462 0.22 -72.16 -2.64
N LEU D 463 0.52 -71.79 -3.88
CA LEU D 463 1.55 -70.79 -4.16
C LEU D 463 0.89 -69.42 -4.25
N LEU D 464 1.47 -68.45 -3.57
CA LEU D 464 0.89 -67.12 -3.52
C LEU D 464 1.25 -66.35 -4.78
N PRO D 465 0.47 -65.32 -5.12
CA PRO D 465 0.76 -64.56 -6.33
C PRO D 465 2.15 -63.97 -6.28
N PRO D 466 2.80 -63.83 -7.42
CA PRO D 466 4.17 -63.31 -7.43
C PRO D 466 4.24 -61.90 -6.85
N HIS D 467 5.44 -61.51 -6.45
CA HIS D 467 5.67 -60.23 -5.78
C HIS D 467 6.03 -59.18 -6.80
N LEU D 468 5.27 -58.09 -6.83
CA LEU D 468 5.52 -57.00 -7.76
C LEU D 468 5.78 -55.73 -6.97
N GLY D 469 7.01 -55.26 -7.03
CA GLY D 469 7.38 -54.00 -6.43
C GLY D 469 8.79 -53.67 -6.84
N GLU D 470 9.13 -52.39 -6.75
CA GLU D 470 10.44 -51.98 -7.24
C GLU D 470 11.53 -52.63 -6.40
N GLY D 471 11.31 -52.72 -5.09
CA GLY D 471 12.25 -53.44 -4.24
C GLY D 471 12.16 -54.94 -4.43
N GLY D 472 10.95 -55.50 -4.37
CA GLY D 472 10.76 -56.92 -4.52
C GLY D 472 11.35 -57.72 -3.37
N ALA D 473 11.29 -59.05 -3.47
CA ALA D 473 11.96 -59.94 -2.53
C ALA D 473 11.51 -59.72 -1.09
N LEU D 474 10.21 -59.50 -0.90
CA LEU D 474 9.62 -59.42 0.42
C LEU D 474 8.58 -60.52 0.56
N THR D 475 8.54 -61.15 1.73
CA THR D 475 7.69 -62.31 1.98
C THR D 475 6.93 -62.13 3.28
N GLY D 476 5.77 -62.78 3.36
CA GLY D 476 5.02 -62.84 4.59
C GLY D 476 4.46 -61.51 5.04
N THR D 477 4.79 -61.11 6.26
CA THR D 477 4.24 -59.89 6.84
C THR D 477 4.85 -58.65 6.20
N ALA D 478 6.14 -58.68 5.88
CA ALA D 478 6.78 -57.52 5.26
C ALA D 478 6.10 -57.15 3.96
N ARG D 479 5.58 -58.14 3.22
CA ARG D 479 4.86 -57.85 1.98
C ARG D 479 3.64 -56.99 2.26
N LYS D 480 2.85 -57.37 3.26
CA LYS D 480 1.65 -56.59 3.57
C LYS D 480 2.04 -55.20 4.06
N ALA D 481 3.10 -55.10 4.87
CA ALA D 481 3.55 -53.81 5.34
C ALA D 481 3.91 -52.89 4.18
N GLU D 482 4.63 -53.42 3.19
CA GLU D 482 5.01 -52.60 2.04
C GLU D 482 3.79 -52.24 1.19
N GLU D 483 2.83 -53.15 1.06
CA GLU D 483 1.60 -52.79 0.36
C GLU D 483 0.92 -51.61 1.03
N ALA D 484 0.83 -51.66 2.36
CA ALA D 484 0.23 -50.55 3.11
C ALA D 484 1.02 -49.26 2.91
N ARG D 485 2.35 -49.35 2.94
CA ARG D 485 3.17 -48.15 2.77
C ARG D 485 2.96 -47.56 1.38
N LEU D 486 2.88 -48.39 0.35
CA LEU D 486 2.64 -47.90 -1.00
C LEU D 486 1.29 -47.22 -1.09
N ARG D 487 0.26 -47.81 -0.49
CA ARG D 487 -1.05 -47.18 -0.48
C ARG D 487 -1.01 -45.81 0.19
N ARG D 488 -0.30 -45.73 1.33
CA ARG D 488 -0.20 -44.46 2.04
C ARG D 488 0.50 -43.41 1.18
N ALA D 489 1.58 -43.78 0.51
CA ALA D 489 2.28 -42.83 -0.35
C ALA D 489 1.39 -42.36 -1.49
N GLU D 490 0.63 -43.27 -2.09
CA GLU D 490 -0.29 -42.88 -3.16
C GLU D 490 -1.32 -41.88 -2.65
N ILE D 491 -1.87 -42.13 -1.46
CA ILE D 491 -2.85 -41.20 -0.90
C ILE D 491 -2.21 -39.84 -0.66
N GLU D 492 -0.97 -39.82 -0.15
CA GLU D 492 -0.28 -38.56 0.08
C GLU D 492 -0.13 -37.77 -1.21
N ARG D 493 0.33 -38.42 -2.28
CA ARG D 493 0.52 -37.71 -3.54
C ARG D 493 -0.82 -37.21 -4.08
N GLN D 494 -1.88 -38.01 -3.96
CA GLN D 494 -3.18 -37.57 -4.42
C GLN D 494 -3.64 -36.32 -3.68
N THR D 495 -3.44 -36.28 -2.36
CA THR D 495 -3.84 -35.10 -1.60
C THR D 495 -3.03 -33.88 -2.00
N GLU D 496 -1.72 -34.06 -2.27
CA GLU D 496 -0.90 -32.95 -2.73
C GLU D 496 -1.44 -32.37 -4.04
N LEU D 497 -1.73 -33.24 -5.00
CA LEU D 497 -2.27 -32.76 -6.27
C LEU D 497 -3.60 -32.06 -6.06
N GLY D 498 -4.44 -32.59 -5.17
CA GLY D 498 -5.72 -31.96 -4.90
C GLY D 498 -5.57 -30.55 -4.38
N ARG D 499 -4.69 -30.36 -3.39
CA ARG D 499 -4.51 -29.02 -2.84
C ARG D 499 -3.98 -28.06 -3.91
N LEU D 500 -3.05 -28.52 -4.75
CA LEU D 500 -2.55 -27.65 -5.80
C LEU D 500 -3.67 -27.22 -6.76
N GLN D 501 -4.50 -28.18 -7.17
CA GLN D 501 -5.62 -27.88 -8.05
C GLN D 501 -6.54 -26.83 -7.43
N GLN D 502 -6.88 -27.04 -6.15
CA GLN D 502 -7.77 -26.14 -5.43
C GLN D 502 -7.19 -24.74 -5.33
N GLN D 503 -5.87 -24.64 -5.11
CA GLN D 503 -5.23 -23.33 -4.99
C GLN D 503 -5.29 -22.57 -6.33
N ILE D 504 -4.97 -23.25 -7.42
CA ILE D 504 -5.01 -22.54 -8.70
C ILE D 504 -6.44 -22.14 -9.06
N GLU D 505 -7.41 -22.99 -8.72
CA GLU D 505 -8.81 -22.63 -8.99
C GLU D 505 -9.28 -21.47 -8.12
N GLN D 506 -8.81 -21.37 -6.88
CA GLN D 506 -9.17 -20.21 -6.06
C GLN D 506 -8.59 -18.94 -6.66
N ARG D 507 -7.36 -19.01 -7.18
CA ARG D 507 -6.83 -17.85 -7.89
C ARG D 507 -7.74 -17.45 -9.06
N ARG D 508 -8.22 -18.44 -9.81
CA ARG D 508 -9.12 -18.15 -10.92
C ARG D 508 -10.41 -17.46 -10.43
N ARG D 509 -11.00 -17.98 -9.36
CA ARG D 509 -12.24 -17.38 -8.86
C ARG D 509 -12.01 -15.94 -8.43
N ARG D 510 -10.84 -15.69 -7.84
CA ARG D 510 -10.41 -14.32 -7.52
C ARG D 510 -10.40 -13.42 -8.71
N ALA D 511 -9.74 -13.86 -9.76
CA ALA D 511 -9.66 -13.05 -10.96
C ALA D 511 -11.07 -12.71 -11.43
N ARG D 512 -11.96 -13.71 -11.37
CA ARG D 512 -13.37 -13.43 -11.57
C ARG D 512 -13.94 -12.31 -10.73
N ALA D 513 -13.83 -12.42 -9.43
CA ALA D 513 -14.51 -11.45 -8.59
C ALA D 513 -14.03 -10.04 -8.93
N GLN D 514 -12.73 -9.90 -9.16
CA GLN D 514 -12.18 -8.59 -9.49
C GLN D 514 -12.72 -8.10 -10.84
N ILE D 515 -12.82 -9.00 -11.83
CA ILE D 515 -13.34 -8.60 -13.14
C ILE D 515 -14.77 -8.11 -12.99
N GLU D 516 -15.58 -8.82 -12.20
CA GLU D 516 -16.97 -8.41 -12.01
C GLU D 516 -17.05 -7.01 -11.41
N ALA D 517 -16.25 -6.76 -10.38
CA ALA D 517 -16.26 -5.45 -9.75
C ALA D 517 -15.90 -4.36 -10.75
N LEU D 518 -14.85 -4.58 -11.53
CA LEU D 518 -14.43 -3.56 -12.50
C LEU D 518 -15.51 -3.33 -13.56
N GLU D 519 -16.17 -4.41 -14.00
CA GLU D 519 -17.27 -4.27 -14.95
C GLU D 519 -18.38 -3.41 -14.39
N ALA D 520 -18.76 -3.66 -13.14
CA ALA D 520 -19.83 -2.86 -12.55
C ALA D 520 -19.41 -1.40 -12.50
N GLU D 521 -18.14 -1.14 -12.17
CA GLU D 521 -17.66 0.23 -12.16
C GLU D 521 -17.81 0.89 -13.53
N LEU D 522 -17.39 0.18 -14.59
CA LEU D 522 -17.46 0.79 -15.92
C LEU D 522 -18.90 0.99 -16.38
N GLN D 523 -19.81 0.09 -15.99
CA GLN D 523 -21.22 0.33 -16.30
C GLN D 523 -21.73 1.58 -15.61
N ALA D 524 -21.34 1.78 -14.34
CA ALA D 524 -21.71 3.00 -13.64
C ALA D 524 -21.18 4.23 -14.38
N GLU D 525 -19.93 4.15 -14.86
CA GLU D 525 -19.38 5.27 -15.61
C GLU D 525 -20.18 5.54 -16.88
N GLU D 526 -20.59 4.48 -17.59
CA GLU D 526 -21.41 4.67 -18.78
C GLU D 526 -22.69 5.41 -18.44
N ILE D 527 -23.35 5.01 -17.36
CA ILE D 527 -24.58 5.69 -16.95
C ILE D 527 -24.31 7.15 -16.65
N ALA D 528 -23.16 7.45 -16.03
CA ALA D 528 -22.81 8.84 -15.75
C ALA D 528 -22.64 9.65 -17.05
N LEU D 529 -21.96 9.07 -18.03
CA LEU D 529 -21.83 9.73 -19.33
C LEU D 529 -23.20 10.07 -19.88
N LYS D 530 -24.11 9.09 -19.80
CA LYS D 530 -25.46 9.28 -20.32
C LYS D 530 -26.13 10.46 -19.67
N ALA D 531 -26.10 10.47 -18.34
CA ALA D 531 -26.80 11.51 -17.59
C ALA D 531 -26.22 12.88 -17.92
N LEU D 532 -24.90 12.96 -18.07
CA LEU D 532 -24.29 14.24 -18.39
C LEU D 532 -24.72 14.73 -19.78
N VAL D 533 -24.74 13.84 -20.77
CA VAL D 533 -25.16 14.25 -22.11
C VAL D 533 -26.62 14.69 -22.09
N GLU D 534 -27.46 13.95 -21.37
CA GLU D 534 -28.87 14.33 -21.26
C GLU D 534 -29.01 15.72 -20.65
N SER D 535 -28.25 15.99 -19.59
CA SER D 535 -28.36 17.30 -18.94
C SER D 535 -27.92 18.41 -19.89
N GLU D 536 -26.84 18.19 -20.64
CA GLU D 536 -26.40 19.21 -21.58
C GLU D 536 -27.45 19.47 -22.66
N SER D 537 -28.07 18.41 -23.18
CA SER D 537 -29.11 18.60 -24.19
C SER D 537 -30.28 19.39 -23.63
N ALA D 538 -30.69 19.06 -22.40
CA ALA D 538 -31.79 19.78 -21.76
C ALA D 538 -31.43 21.25 -21.57
N HIS D 539 -30.18 21.53 -21.20
CA HIS D 539 -29.77 22.91 -20.99
C HIS D 539 -29.80 23.70 -22.30
N GLU D 540 -29.30 23.09 -23.38
CA GLU D 540 -29.37 23.74 -24.69
C GLU D 540 -30.81 24.08 -25.05
N ARG D 541 -31.69 23.10 -24.89
CA ARG D 541 -33.10 23.28 -25.19
C ARG D 541 -33.70 24.42 -24.39
N GLN D 542 -33.47 24.43 -23.09
CA GLN D 542 -34.10 25.44 -22.25
C GLN D 542 -33.55 26.83 -22.57
N ARG D 543 -32.27 26.93 -22.92
CA ARG D 543 -31.76 28.24 -23.31
C ARG D 543 -32.44 28.72 -24.59
N LEU D 544 -32.62 27.85 -25.57
CA LEU D 544 -33.31 28.28 -26.78
C LEU D 544 -34.73 28.73 -26.48
N ALA D 545 -35.45 28.00 -25.63
CA ALA D 545 -36.80 28.40 -25.28
C ALA D 545 -36.80 29.77 -24.60
N ASP D 546 -35.87 29.98 -23.66
CA ASP D 546 -35.81 31.25 -22.95
C ASP D 546 -35.45 32.40 -23.87
N ALA D 547 -34.50 32.17 -24.79
CA ALA D 547 -34.14 33.19 -25.76
C ALA D 547 -35.31 33.56 -26.65
N ASP D 548 -36.07 32.55 -27.09
CA ASP D 548 -37.26 32.84 -27.89
C ASP D 548 -38.28 33.65 -27.11
N THR D 549 -38.48 33.29 -25.84
CA THR D 549 -39.42 34.05 -25.01
C THR D 549 -39.00 35.50 -24.87
N LEU D 550 -37.72 35.73 -24.57
CA LEU D 550 -37.23 37.09 -24.41
C LEU D 550 -37.32 37.87 -25.72
N ALA D 551 -36.97 37.24 -26.84
CA ALA D 551 -37.03 37.92 -28.15
C ALA D 551 -38.45 38.18 -28.59
N ARG D 552 -39.39 37.39 -28.12
CA ARG D 552 -40.78 37.73 -28.23
C ARG D 552 -41.20 38.93 -27.43
N SER D 553 -40.81 39.00 -26.18
CA SER D 553 -41.33 40.09 -25.38
C SER D 553 -40.67 41.42 -25.73
N ARG D 554 -39.78 41.43 -26.71
CA ARG D 554 -39.09 42.65 -27.13
C ARG D 554 -39.19 42.90 -28.64
N GLY D 555 -39.99 42.12 -29.37
CA GLY D 555 -40.02 42.18 -30.80
C GLY D 555 -41.21 42.96 -31.32
N ASN D 556 -41.10 43.38 -32.58
CA ASN D 556 -42.17 44.08 -33.27
C ASN D 556 -43.03 43.13 -34.11
N GLU D 557 -42.95 41.81 -33.85
CA GLU D 557 -43.76 40.89 -34.63
C GLU D 557 -45.22 41.16 -34.44
N ARG D 558 -45.59 41.46 -33.21
CA ARG D 558 -46.99 41.55 -32.83
C ARG D 558 -47.72 42.60 -33.65
N PHE D 559 -46.99 43.42 -34.40
CA PHE D 559 -47.54 44.51 -35.18
C PHE D 559 -47.40 44.28 -36.69
N ALA D 560 -47.15 43.05 -37.12
CA ALA D 560 -47.09 42.73 -38.55
C ALA D 560 -48.35 41.99 -38.98
N GLY E 4 -86.50 91.24 9.33
CA GLY E 4 -86.07 92.63 9.29
C GLY E 4 -86.91 93.47 8.34
N ILE E 5 -86.29 93.91 7.25
CA ILE E 5 -86.95 94.74 6.26
C ILE E 5 -87.56 93.85 5.19
N GLY E 6 -88.62 94.34 4.55
CA GLY E 6 -89.21 93.63 3.45
C GLY E 6 -88.37 93.74 2.19
N LYS E 7 -88.48 92.73 1.34
CA LYS E 7 -87.68 92.66 0.12
C LYS E 7 -88.56 92.20 -1.04
N SER E 8 -88.19 92.63 -2.24
CA SER E 8 -88.92 92.30 -3.46
C SER E 8 -88.06 91.41 -4.34
N PRO E 9 -88.48 90.19 -4.66
CA PRO E 9 -87.63 89.32 -5.49
C PRO E 9 -87.48 89.85 -6.90
N THR E 10 -86.25 89.77 -7.42
CA THR E 10 -85.96 90.26 -8.76
C THR E 10 -86.26 89.23 -9.85
N GLY E 11 -86.30 87.95 -9.51
CA GLY E 11 -86.42 86.90 -10.50
C GLY E 11 -85.09 86.35 -10.96
N ILE E 12 -83.99 87.05 -10.70
CA ILE E 12 -82.66 86.51 -10.93
C ILE E 12 -82.31 85.64 -9.73
N GLN E 13 -82.70 84.37 -9.76
CA GLN E 13 -82.26 83.46 -8.72
C GLN E 13 -80.74 83.41 -8.71
N GLY E 14 -80.16 83.56 -7.51
CA GLY E 14 -78.74 83.68 -7.32
C GLY E 14 -78.31 85.06 -6.93
N PHE E 15 -79.08 86.08 -7.29
CA PHE E 15 -78.97 87.41 -6.72
C PHE E 15 -79.95 87.61 -5.59
N ASP E 16 -81.09 86.94 -5.65
CA ASP E 16 -82.02 86.90 -4.52
C ASP E 16 -81.42 86.11 -3.36
N GLU E 17 -80.68 85.04 -3.66
CA GLU E 17 -80.02 84.29 -2.60
C GLU E 17 -78.96 85.15 -1.91
N LEU E 18 -78.18 85.89 -2.70
CA LEU E 18 -77.15 86.76 -2.12
C LEU E 18 -77.78 87.87 -1.28
N THR E 19 -78.88 88.43 -1.75
CA THR E 19 -79.56 89.52 -1.06
C THR E 19 -80.55 89.03 0.00
N LEU E 20 -80.71 87.72 0.13
CA LEU E 20 -81.64 87.14 1.09
C LEU E 20 -83.06 87.67 0.89
N GLY E 21 -83.50 87.69 -0.37
CA GLY E 21 -84.88 88.02 -0.68
C GLY E 21 -85.06 88.94 -1.87
N GLY E 22 -84.13 89.86 -2.08
CA GLY E 22 -84.17 90.73 -3.23
C GLY E 22 -83.88 92.17 -2.84
N LEU E 23 -84.30 93.07 -3.71
CA LEU E 23 -84.08 94.50 -3.52
C LEU E 23 -85.07 95.05 -2.50
N PRO E 24 -84.74 96.17 -1.85
CA PRO E 24 -85.60 96.67 -0.78
C PRO E 24 -86.96 97.11 -1.32
N THR E 25 -87.99 96.84 -0.53
CA THR E 25 -89.34 97.24 -0.88
C THR E 25 -89.60 98.65 -0.36
N GLY E 26 -90.00 99.54 -1.26
CA GLY E 26 -90.33 100.89 -0.90
C GLY E 26 -89.15 101.85 -0.83
N ARG E 27 -87.97 101.42 -1.27
CA ARG E 27 -86.80 102.29 -1.30
C ARG E 27 -86.13 102.22 -2.66
N PRO E 28 -85.56 103.33 -3.13
CA PRO E 28 -84.82 103.28 -4.40
C PRO E 28 -83.53 102.50 -4.28
N SER E 29 -83.11 101.93 -5.41
CA SER E 29 -81.85 101.23 -5.53
C SER E 29 -81.09 101.75 -6.73
N LEU E 30 -79.76 101.75 -6.64
CA LEU E 30 -78.89 102.30 -7.66
C LEU E 30 -78.06 101.17 -8.26
N VAL E 31 -78.17 101.00 -9.58
CA VAL E 31 -77.34 100.07 -10.34
C VAL E 31 -76.38 100.90 -11.17
N CYS E 32 -75.09 100.77 -10.89
CA CYS E 32 -74.05 101.58 -11.51
C CYS E 32 -73.17 100.72 -12.40
N GLY E 33 -72.78 101.26 -13.54
CA GLY E 33 -71.86 100.58 -14.43
C GLY E 33 -71.47 101.46 -15.58
N SER E 34 -70.43 101.02 -16.28
CA SER E 34 -69.99 101.67 -17.51
C SER E 34 -70.87 101.20 -18.66
N ALA E 35 -70.48 101.53 -19.89
CA ALA E 35 -71.30 101.20 -21.05
C ALA E 35 -71.19 99.71 -21.36
N GLY E 36 -72.33 99.07 -21.58
CA GLY E 36 -72.36 97.66 -21.91
C GLY E 36 -72.27 96.71 -20.74
N CYS E 37 -72.33 97.21 -19.51
CA CYS E 37 -72.18 96.37 -18.33
C CYS E 37 -73.47 95.63 -17.97
N GLY E 38 -74.59 95.95 -18.60
CA GLY E 38 -75.83 95.25 -18.36
C GLY E 38 -76.77 95.90 -17.36
N LYS E 39 -76.52 97.15 -16.97
CA LYS E 39 -77.34 97.79 -15.95
C LYS E 39 -78.74 98.17 -16.45
N THR E 40 -78.98 98.10 -17.75
CA THR E 40 -80.33 98.29 -18.28
C THR E 40 -81.09 96.98 -18.33
N LEU E 41 -80.41 95.89 -18.73
CA LEU E 41 -81.02 94.58 -18.68
C LEU E 41 -81.41 94.21 -17.26
N PHE E 42 -80.62 94.66 -16.27
CA PHE E 42 -80.96 94.40 -14.87
C PHE E 42 -82.33 94.99 -14.53
N ALA E 43 -82.54 96.26 -14.87
CA ALA E 43 -83.81 96.90 -14.57
C ALA E 43 -84.95 96.29 -15.38
N SER E 44 -84.70 95.97 -16.65
CA SER E 44 -85.73 95.35 -17.46
C SER E 44 -86.15 94.01 -16.87
N THR E 45 -85.17 93.20 -16.44
CA THR E 45 -85.48 91.94 -15.79
C THR E 45 -86.25 92.16 -14.50
N PHE E 46 -85.83 93.15 -13.71
CA PHE E 46 -86.55 93.46 -12.48
C PHE E 46 -88.03 93.70 -12.77
N LEU E 47 -88.32 94.59 -13.71
CA LEU E 47 -89.71 94.93 -14.02
C LEU E 47 -90.47 93.72 -14.55
N ILE E 48 -89.89 93.01 -15.51
CA ILE E 48 -90.60 91.94 -16.19
C ILE E 48 -90.86 90.78 -15.22
N ASN E 49 -89.86 90.39 -14.45
CA ASN E 49 -90.05 89.30 -13.49
C ASN E 49 -91.03 89.72 -12.41
N GLY E 50 -91.00 90.98 -11.98
CA GLY E 50 -91.99 91.43 -11.01
C GLY E 50 -93.41 91.31 -11.54
N VAL E 51 -93.63 91.74 -12.79
CA VAL E 51 -94.98 91.65 -13.33
C VAL E 51 -95.38 90.19 -13.55
N ARG E 52 -94.44 89.33 -13.92
CA ARG E 52 -94.81 87.96 -14.28
C ARG E 52 -95.02 87.09 -13.04
N ASP E 53 -94.15 87.18 -12.06
CA ASP E 53 -94.14 86.26 -10.92
C ASP E 53 -94.89 86.79 -9.71
N HIS E 54 -95.23 88.08 -9.66
CA HIS E 54 -95.90 88.64 -8.49
C HIS E 54 -97.05 89.57 -8.84
N GLY E 55 -97.40 89.75 -10.11
CA GLY E 55 -98.51 90.60 -10.47
C GLY E 55 -98.32 92.04 -10.02
N GLU E 56 -97.13 92.59 -10.26
CA GLU E 56 -96.79 93.95 -9.86
C GLU E 56 -96.59 94.80 -11.11
N PRO E 57 -97.57 95.63 -11.49
CA PRO E 57 -97.39 96.47 -12.67
C PRO E 57 -96.19 97.39 -12.52
N GLY E 58 -95.52 97.64 -13.63
CA GLY E 58 -94.27 98.38 -13.62
C GLY E 58 -94.29 99.55 -14.59
N VAL E 59 -93.41 100.50 -14.32
CA VAL E 59 -93.24 101.68 -15.16
C VAL E 59 -91.76 101.85 -15.46
N PHE E 60 -91.44 102.12 -16.72
CA PHE E 60 -90.07 102.30 -17.20
C PHE E 60 -89.97 103.73 -17.72
N VAL E 61 -89.53 104.65 -16.87
CA VAL E 61 -89.34 106.04 -17.26
C VAL E 61 -87.96 106.16 -17.90
N THR E 62 -87.93 106.64 -19.13
CA THR E 62 -86.69 106.82 -19.87
C THR E 62 -86.60 108.26 -20.33
N PHE E 63 -85.44 108.87 -20.09
CA PHE E 63 -85.20 110.25 -20.49
C PHE E 63 -84.36 110.32 -21.76
N GLU E 64 -83.89 109.17 -22.25
CA GLU E 64 -82.96 109.11 -23.37
C GLU E 64 -83.47 108.29 -24.55
N GLU E 65 -83.78 107.02 -24.28
CA GLU E 65 -84.15 106.08 -25.32
C GLU E 65 -85.65 106.16 -25.62
N ARG E 66 -86.03 105.67 -26.78
CA ARG E 66 -87.42 105.64 -27.20
C ARG E 66 -88.06 104.33 -26.80
N PRO E 67 -89.38 104.30 -26.61
CA PRO E 67 -90.01 103.05 -26.14
C PRO E 67 -89.79 101.87 -27.06
N GLU E 68 -89.83 102.08 -28.38
CA GLU E 68 -89.63 100.96 -29.29
C GLU E 68 -88.22 100.41 -29.18
N ASP E 69 -87.23 101.28 -28.99
CA ASP E 69 -85.86 100.82 -28.80
C ASP E 69 -85.75 99.94 -27.55
N ILE E 70 -86.38 100.37 -26.46
CA ILE E 70 -86.36 99.58 -25.24
C ILE E 70 -87.02 98.22 -25.47
N VAL E 71 -88.15 98.21 -26.17
CA VAL E 71 -88.85 96.96 -26.42
C VAL E 71 -87.99 96.03 -27.26
N ASN E 72 -87.32 96.56 -28.28
CA ASN E 72 -86.54 95.71 -29.17
C ASN E 72 -85.24 95.24 -28.53
N ASN E 73 -84.69 96.02 -27.60
CA ASN E 73 -83.41 95.67 -27.01
C ASN E 73 -83.46 94.36 -26.21
N VAL E 74 -84.66 93.90 -25.83
CA VAL E 74 -84.81 92.70 -25.03
C VAL E 74 -85.62 91.63 -25.75
N ALA E 75 -85.94 91.85 -27.03
CA ALA E 75 -86.74 90.88 -27.76
C ALA E 75 -86.01 89.54 -27.88
N SER E 76 -84.70 89.58 -28.16
CA SER E 76 -83.95 88.35 -28.35
C SER E 76 -83.82 87.53 -27.07
N LEU E 77 -84.02 88.15 -25.90
CA LEU E 77 -83.94 87.43 -24.64
C LEU E 77 -85.21 86.66 -24.32
N GLY E 78 -86.24 86.77 -25.15
CA GLY E 78 -87.48 86.06 -24.94
C GLY E 78 -88.54 86.83 -24.19
N PHE E 79 -88.23 88.02 -23.69
CA PHE E 79 -89.24 88.83 -23.02
C PHE E 79 -90.25 89.33 -24.03
N GLU E 80 -91.51 88.99 -23.82
CA GLU E 80 -92.59 89.48 -24.66
C GLU E 80 -93.01 90.87 -24.19
N LEU E 81 -92.08 91.81 -24.16
CA LEU E 81 -92.39 93.13 -23.61
C LEU E 81 -93.54 93.79 -24.36
N ASP E 82 -93.61 93.60 -25.68
CA ASP E 82 -94.73 94.16 -26.43
C ASP E 82 -96.04 93.57 -25.95
N LYS E 83 -96.06 92.27 -25.61
CA LYS E 83 -97.26 91.67 -25.05
C LYS E 83 -97.68 92.40 -23.78
N LEU E 84 -96.74 92.55 -22.85
CA LEU E 84 -97.07 93.15 -21.56
C LEU E 84 -97.57 94.56 -21.74
N ILE E 85 -96.94 95.33 -22.64
CA ILE E 85 -97.39 96.69 -22.91
C ILE E 85 -98.81 96.67 -23.48
N GLU E 86 -99.10 95.71 -24.35
CA GLU E 86 -100.45 95.59 -24.89
C GLU E 86 -101.45 95.22 -23.80
N GLU E 87 -101.07 94.31 -22.91
CA GLU E 87 -101.96 93.84 -21.86
C GLU E 87 -102.18 94.87 -20.76
N GLU E 88 -101.48 96.01 -20.80
CA GLU E 88 -101.61 97.06 -19.79
C GLU E 88 -101.07 96.62 -18.44
N LYS E 89 -99.92 95.93 -18.45
CA LYS E 89 -99.24 95.53 -17.24
C LYS E 89 -97.87 96.17 -17.08
N ILE E 90 -97.40 96.89 -18.10
CA ILE E 90 -96.18 97.68 -18.02
C ILE E 90 -96.36 98.92 -18.88
N ALA E 91 -95.82 100.04 -18.42
CA ALA E 91 -95.89 101.31 -19.15
C ALA E 91 -94.49 101.88 -19.31
N ILE E 92 -94.16 102.28 -20.53
CA ILE E 92 -92.89 102.93 -20.84
C ILE E 92 -93.17 104.41 -21.07
N GLU E 93 -92.54 105.26 -20.27
CA GLU E 93 -92.76 106.70 -20.31
C GLU E 93 -91.48 107.40 -20.75
N HIS E 94 -91.60 108.24 -21.78
CA HIS E 94 -90.47 108.99 -22.33
C HIS E 94 -90.61 110.44 -21.91
N ILE E 95 -89.70 110.90 -21.04
CA ILE E 95 -89.66 112.29 -20.60
C ILE E 95 -88.45 112.96 -21.24
N ALA E 96 -88.67 113.58 -22.39
CA ALA E 96 -87.59 114.18 -23.17
C ALA E 96 -87.22 115.56 -22.65
N VAL E 97 -85.97 115.94 -22.85
CA VAL E 97 -85.44 117.24 -22.45
C VAL E 97 -84.70 117.84 -23.64
N ASP E 98 -85.01 119.10 -23.96
CA ASP E 98 -84.34 119.82 -25.04
C ASP E 98 -83.05 120.47 -24.54
N PRO E 99 -82.18 120.91 -25.46
CA PRO E 99 -80.92 121.52 -25.00
C PRO E 99 -81.11 122.71 -24.08
N SER E 100 -82.04 123.61 -24.38
CA SER E 100 -82.27 124.76 -23.49
C SER E 100 -82.80 124.31 -22.14
N GLU E 101 -83.61 123.25 -22.13
CA GLU E 101 -84.22 122.78 -20.89
C GLU E 101 -83.16 122.42 -19.85
N VAL E 102 -82.07 121.80 -20.28
CA VAL E 102 -81.10 121.17 -19.39
C VAL E 102 -79.92 122.07 -19.10
N ALA E 103 -80.04 123.38 -19.35
CA ALA E 103 -78.88 124.25 -19.31
C ALA E 103 -78.23 124.29 -17.92
N GLU E 104 -79.02 124.44 -16.85
CA GLU E 104 -78.40 124.81 -15.57
C GLU E 104 -79.12 124.12 -14.41
N ILE E 105 -78.74 124.52 -13.18
CA ILE E 105 -79.34 124.01 -11.96
C ILE E 105 -80.77 124.54 -11.82
N GLY E 106 -81.66 123.70 -11.30
CA GLY E 106 -83.01 124.09 -11.00
C GLY E 106 -83.81 124.46 -12.22
N ASP E 107 -83.24 124.26 -13.41
CA ASP E 107 -83.92 124.61 -14.64
C ASP E 107 -85.17 123.76 -14.81
N TYR E 108 -85.07 122.48 -14.50
CA TYR E 108 -86.21 121.59 -14.58
C TYR E 108 -87.06 121.73 -13.34
N ASP E 109 -88.37 121.85 -13.53
CA ASP E 109 -89.30 121.91 -12.40
C ASP E 109 -89.54 120.49 -11.92
N LEU E 110 -88.77 120.06 -10.92
CA LEU E 110 -88.90 118.70 -10.43
C LEU E 110 -90.33 118.38 -10.01
N GLU E 111 -91.06 119.34 -9.47
CA GLU E 111 -92.46 119.07 -9.19
C GLU E 111 -93.23 118.77 -10.47
N GLY E 112 -92.88 119.42 -11.58
CA GLY E 112 -93.48 119.05 -12.84
C GLY E 112 -93.21 117.60 -13.19
N LEU E 113 -91.96 117.17 -13.01
CA LEU E 113 -91.61 115.78 -13.22
C LEU E 113 -92.41 114.89 -12.29
N PHE E 114 -92.54 115.31 -11.04
CA PHE E 114 -93.28 114.52 -10.07
C PHE E 114 -94.73 114.35 -10.48
N LEU E 115 -95.34 115.42 -11.01
CA LEU E 115 -96.70 115.29 -11.49
C LEU E 115 -96.79 114.24 -12.58
N ARG E 116 -95.92 114.35 -13.58
CA ARG E 116 -95.96 113.36 -14.65
C ARG E 116 -95.74 111.93 -14.16
N LEU E 117 -94.69 111.72 -13.38
CA LEU E 117 -94.41 110.37 -12.92
C LEU E 117 -95.61 109.82 -12.20
N GLU E 118 -96.35 110.69 -11.52
CA GLU E 118 -97.53 110.23 -10.81
C GLU E 118 -98.56 109.74 -11.82
N LEU E 119 -98.77 110.51 -12.88
CA LEU E 119 -99.71 110.11 -13.92
C LEU E 119 -99.38 108.72 -14.44
N ALA E 120 -98.11 108.52 -14.76
CA ALA E 120 -97.67 107.25 -15.32
C ALA E 120 -97.93 106.11 -14.33
N ILE E 121 -97.63 106.34 -13.06
CA ILE E 121 -97.82 105.29 -12.07
C ILE E 121 -99.29 104.94 -11.94
N ASP E 122 -100.17 105.94 -11.89
CA ASP E 122 -101.59 105.66 -11.69
C ASP E 122 -102.22 105.06 -12.94
N THR E 123 -101.60 105.18 -14.11
CA THR E 123 -102.13 104.50 -15.29
C THR E 123 -102.21 103.00 -15.06
N VAL E 124 -101.09 102.39 -14.67
CA VAL E 124 -100.99 100.94 -14.52
C VAL E 124 -101.11 100.50 -13.08
N GLY E 125 -101.24 101.43 -12.13
CA GLY E 125 -101.23 101.08 -10.73
C GLY E 125 -99.92 100.44 -10.34
N ALA E 126 -98.82 101.09 -10.72
CA ALA E 126 -97.51 100.49 -10.59
C ALA E 126 -97.15 100.23 -9.14
N LYS E 127 -96.37 99.18 -8.94
CA LYS E 127 -95.72 98.91 -7.67
C LYS E 127 -94.21 98.78 -7.81
N ARG E 128 -93.69 98.82 -9.03
CA ARG E 128 -92.26 98.88 -9.31
C ARG E 128 -92.02 99.94 -10.37
N VAL E 129 -90.89 100.65 -10.26
CA VAL E 129 -90.54 101.72 -11.18
C VAL E 129 -89.06 101.63 -11.52
N VAL E 130 -88.72 101.99 -12.75
CA VAL E 130 -87.32 102.11 -13.19
C VAL E 130 -87.14 103.52 -13.73
N LEU E 131 -86.13 104.22 -13.24
CA LEU E 131 -85.71 105.50 -13.78
C LEU E 131 -84.38 105.29 -14.50
N ASP E 132 -84.38 105.44 -15.82
CA ASP E 132 -83.23 105.15 -16.65
C ASP E 132 -82.74 106.42 -17.30
N THR E 133 -81.43 106.65 -17.24
CA THR E 133 -80.81 107.86 -17.76
C THR E 133 -81.41 109.09 -17.09
N ILE E 134 -81.21 109.19 -15.78
CA ILE E 134 -81.45 110.47 -15.11
C ILE E 134 -80.24 111.37 -15.19
N GLU E 135 -79.15 110.92 -15.80
CA GLU E 135 -77.98 111.77 -15.99
C GLU E 135 -78.30 112.98 -16.84
N SER E 136 -79.21 112.84 -17.81
CA SER E 136 -79.56 113.96 -18.68
C SER E 136 -80.00 115.16 -17.86
N LEU E 137 -80.85 114.91 -16.87
CA LEU E 137 -81.38 115.99 -16.04
C LEU E 137 -80.33 116.52 -15.07
N PHE E 138 -79.57 115.63 -14.43
CA PHE E 138 -78.71 116.02 -13.31
C PHE E 138 -77.26 116.28 -13.71
N SER E 139 -76.87 116.04 -14.96
CA SER E 139 -75.54 116.46 -15.39
C SER E 139 -75.45 117.97 -15.47
N ALA E 140 -76.58 118.65 -15.58
CA ALA E 140 -76.59 120.10 -15.67
C ALA E 140 -76.05 120.72 -14.39
N PHE E 141 -76.54 120.28 -13.24
CA PHE E 141 -76.16 120.89 -11.97
C PHE E 141 -74.66 120.88 -11.78
N SER E 142 -74.08 122.07 -11.54
CA SER E 142 -72.63 122.22 -11.46
C SER E 142 -72.13 122.74 -10.12
N ASN E 143 -72.99 122.81 -9.09
CA ASN E 143 -72.51 123.08 -7.74
C ASN E 143 -72.73 121.85 -6.87
N PRO E 144 -71.71 121.34 -6.19
CA PRO E 144 -71.88 120.05 -5.48
C PRO E 144 -73.03 120.03 -4.49
N ALA E 145 -73.25 121.12 -3.75
CA ALA E 145 -74.29 121.13 -2.73
C ALA E 145 -75.69 121.12 -3.35
N ILE E 146 -75.90 121.96 -4.36
CA ILE E 146 -77.21 122.07 -4.98
C ILE E 146 -77.61 120.74 -5.61
N LEU E 147 -76.66 120.07 -6.26
CA LEU E 147 -76.94 118.78 -6.87
C LEU E 147 -77.33 117.74 -5.83
N ARG E 148 -76.62 117.69 -4.72
CA ARG E 148 -76.96 116.73 -3.68
C ARG E 148 -78.34 117.02 -3.11
N ALA E 149 -78.69 118.31 -2.97
CA ALA E 149 -80.02 118.64 -2.48
C ALA E 149 -81.10 118.17 -3.45
N GLU E 150 -80.90 118.38 -4.75
CA GLU E 150 -81.90 117.94 -5.73
C GLU E 150 -82.02 116.42 -5.76
N ILE E 151 -80.89 115.72 -5.72
CA ILE E 151 -80.93 114.25 -5.71
C ILE E 151 -81.68 113.76 -4.48
N ARG E 152 -81.42 114.38 -3.32
CA ARG E 152 -82.13 114.00 -2.12
C ARG E 152 -83.62 114.28 -2.25
N ARG E 153 -83.98 115.39 -2.88
CA ARG E 153 -85.40 115.70 -3.10
C ARG E 153 -86.06 114.59 -3.90
N LEU E 154 -85.43 114.19 -5.00
CA LEU E 154 -86.02 113.15 -5.84
C LEU E 154 -86.14 111.83 -5.08
N PHE E 155 -85.08 111.46 -4.36
CA PHE E 155 -85.10 110.20 -3.62
C PHE E 155 -86.17 110.21 -2.52
N ASP E 156 -86.31 111.35 -1.84
CA ASP E 156 -87.34 111.46 -0.81
C ASP E 156 -88.73 111.33 -1.42
N TRP E 157 -88.96 111.97 -2.57
CA TRP E 157 -90.25 111.85 -3.22
C TRP E 157 -90.53 110.39 -3.59
N LEU E 158 -89.52 109.70 -4.12
CA LEU E 158 -89.72 108.29 -4.46
C LEU E 158 -90.02 107.45 -3.22
N LYS E 159 -89.29 107.71 -2.12
CA LYS E 159 -89.49 106.92 -0.90
C LYS E 159 -90.86 107.17 -0.28
N GLU E 160 -91.39 108.38 -0.42
CA GLU E 160 -92.69 108.69 0.16
C GLU E 160 -93.78 107.81 -0.43
N ARG E 161 -93.73 107.58 -1.74
CA ARG E 161 -94.80 106.83 -2.40
C ARG E 161 -94.80 105.35 -2.04
N GLY E 162 -93.70 104.84 -1.49
CA GLY E 162 -93.60 103.41 -1.27
C GLY E 162 -93.51 102.61 -2.55
N LEU E 163 -92.74 103.10 -3.52
CA LEU E 163 -92.56 102.43 -4.80
C LEU E 163 -91.16 101.83 -4.86
N THR E 164 -91.08 100.53 -5.16
CA THR E 164 -89.80 99.88 -5.33
C THR E 164 -89.16 100.39 -6.61
N THR E 165 -88.06 101.13 -6.49
CA THR E 165 -87.46 101.83 -7.61
C THR E 165 -86.04 101.33 -7.86
N VAL E 166 -85.67 101.30 -9.14
CA VAL E 166 -84.32 101.00 -9.58
C VAL E 166 -83.85 102.14 -10.46
N ILE E 167 -82.71 102.73 -10.13
CA ILE E 167 -82.16 103.86 -10.86
C ILE E 167 -80.84 103.42 -11.49
N THR E 168 -80.72 103.61 -12.80
CA THR E 168 -79.52 103.25 -13.52
C THR E 168 -78.59 104.44 -13.60
N ALA E 169 -77.33 104.24 -13.22
CA ALA E 169 -76.35 105.31 -13.16
C ALA E 169 -75.11 104.91 -13.95
N GLU E 170 -74.44 105.92 -14.50
CA GLU E 170 -73.30 105.72 -15.37
C GLU E 170 -72.01 106.01 -14.60
N ARG E 171 -71.06 105.08 -14.68
CA ARG E 171 -69.84 105.19 -13.90
C ARG E 171 -68.97 106.34 -14.39
N GLY E 172 -68.88 106.55 -15.70
CA GLY E 172 -67.97 107.55 -16.21
C GLY E 172 -66.55 107.25 -15.81
N ASP E 173 -65.88 108.23 -15.22
CA ASP E 173 -64.51 108.09 -14.74
C ASP E 173 -64.46 107.85 -13.22
N GLY E 174 -65.62 107.66 -12.59
CA GLY E 174 -65.67 107.49 -11.15
C GLY E 174 -65.55 106.05 -10.72
N ALA E 175 -65.40 105.87 -9.41
CA ALA E 175 -65.39 104.53 -8.84
C ALA E 175 -66.75 103.86 -8.99
N LEU E 176 -67.81 104.60 -8.68
CA LEU E 176 -69.18 104.09 -8.75
C LEU E 176 -70.08 104.94 -9.63
N THR E 177 -69.96 106.26 -9.57
CA THR E 177 -70.81 107.15 -10.35
C THR E 177 -69.97 108.32 -10.84
N ARG E 178 -70.40 108.90 -11.96
CA ARG E 178 -69.62 109.98 -12.58
C ARG E 178 -69.50 111.18 -11.65
N GLN E 179 -70.62 111.62 -11.06
CA GLN E 179 -70.63 112.82 -10.24
C GLN E 179 -70.34 112.53 -8.77
N GLY E 180 -70.39 111.27 -8.35
CA GLY E 180 -69.85 110.87 -7.06
C GLY E 180 -70.72 111.15 -5.86
N LEU E 181 -72.02 111.33 -6.03
CA LEU E 181 -72.90 111.66 -4.91
C LEU E 181 -74.10 110.73 -4.73
N GLU E 182 -74.56 110.06 -5.79
CA GLU E 182 -75.76 109.25 -5.67
C GLU E 182 -75.55 108.04 -4.77
N GLU E 183 -74.31 107.54 -4.71
CA GLU E 183 -74.04 106.34 -3.93
C GLU E 183 -74.13 106.59 -2.44
N TYR E 184 -74.06 107.85 -2.01
CA TYR E 184 -74.16 108.23 -0.62
C TYR E 184 -75.58 108.61 -0.20
N VAL E 185 -76.54 108.57 -1.13
CA VAL E 185 -77.92 108.91 -0.84
C VAL E 185 -78.83 107.68 -0.87
N SER E 186 -78.50 106.67 -1.66
CA SER E 186 -79.36 105.49 -1.77
C SER E 186 -79.07 104.52 -0.63
N ASP E 187 -79.93 103.51 -0.53
CA ASP E 187 -79.80 102.47 0.48
C ASP E 187 -79.18 101.19 -0.07
N CYS E 188 -79.39 100.88 -1.35
CA CYS E 188 -78.80 99.73 -2.00
C CYS E 188 -78.02 100.20 -3.21
N VAL E 189 -76.75 99.79 -3.30
CA VAL E 189 -75.88 100.13 -4.41
C VAL E 189 -75.31 98.84 -4.98
N ILE E 190 -75.51 98.63 -6.28
CA ILE E 190 -75.05 97.43 -6.96
C ILE E 190 -74.17 97.88 -8.12
N LEU E 191 -72.93 97.39 -8.14
CA LEU E 191 -71.97 97.73 -9.18
C LEU E 191 -71.81 96.57 -10.15
N LEU E 192 -71.98 96.84 -11.43
CA LEU E 192 -71.76 95.88 -12.48
C LEU E 192 -70.48 96.25 -13.23
N ASP E 193 -69.62 95.26 -13.45
CA ASP E 193 -68.28 95.49 -13.98
C ASP E 193 -67.98 94.51 -15.09
N HIS E 194 -67.15 94.94 -16.03
CA HIS E 194 -66.77 94.13 -17.20
C HIS E 194 -65.29 94.41 -17.45
N ARG E 195 -64.43 93.56 -16.90
CA ARG E 195 -62.99 93.78 -16.92
C ARG E 195 -62.31 92.79 -17.85
N VAL E 196 -61.20 93.22 -18.43
CA VAL E 196 -60.43 92.43 -19.38
C VAL E 196 -59.09 92.10 -18.74
N GLU E 197 -58.75 90.81 -18.74
CA GLU E 197 -57.47 90.34 -18.24
C GLU E 197 -56.95 89.25 -19.17
N ASN E 198 -55.73 89.43 -19.67
CA ASN E 198 -55.14 88.47 -20.61
C ASN E 198 -56.05 88.26 -21.82
N GLN E 199 -56.74 89.31 -22.23
CA GLN E 199 -57.63 89.37 -23.39
C GLN E 199 -58.95 88.65 -23.16
N ILE E 200 -59.26 88.26 -21.93
CA ILE E 200 -60.52 87.61 -21.60
C ILE E 200 -61.34 88.56 -20.73
N SER E 201 -62.59 88.78 -21.13
CA SER E 201 -63.49 89.69 -20.43
C SER E 201 -64.41 88.92 -19.52
N THR E 202 -64.62 89.45 -18.32
CA THR E 202 -65.45 88.82 -17.31
C THR E 202 -66.48 89.80 -16.79
N ARG E 203 -67.75 89.41 -16.81
CA ARG E 203 -68.81 90.16 -16.15
C ARG E 203 -68.78 89.85 -14.66
N ARG E 204 -68.76 90.89 -13.84
CA ARG E 204 -68.75 90.73 -12.38
C ARG E 204 -69.81 91.61 -11.76
N LEU E 205 -70.29 91.18 -10.59
CA LEU E 205 -71.36 91.85 -9.86
C LEU E 205 -70.95 91.99 -8.41
N ARG E 206 -71.39 93.09 -7.79
CA ARG E 206 -71.05 93.35 -6.40
C ARG E 206 -72.11 94.22 -5.76
N ILE E 207 -72.44 93.93 -4.51
CA ILE E 207 -73.37 94.71 -3.71
C ILE E 207 -72.52 95.57 -2.78
N VAL E 208 -72.31 96.84 -3.17
CA VAL E 208 -71.44 97.71 -2.40
C VAL E 208 -72.08 98.10 -1.07
N LYS E 209 -73.37 98.44 -1.11
CA LYS E 209 -74.11 98.78 0.10
C LYS E 209 -75.51 98.17 0.02
N TYR E 210 -75.98 97.70 1.17
CA TYR E 210 -77.39 97.36 1.31
C TYR E 210 -77.78 97.54 2.77
N ARG E 211 -78.28 98.74 3.10
CA ARG E 211 -78.63 99.05 4.47
C ARG E 211 -79.83 98.23 4.93
N GLY E 212 -79.74 97.63 6.11
CA GLY E 212 -80.88 97.00 6.75
C GLY E 212 -80.74 95.50 7.00
N THR E 213 -79.69 94.84 6.54
CA THR E 213 -79.60 93.39 6.68
C THR E 213 -78.22 92.93 6.22
N ALA E 214 -77.96 91.64 6.40
CA ALA E 214 -76.73 91.03 5.93
C ALA E 214 -76.87 90.58 4.48
N HIS E 215 -75.74 90.54 3.78
CA HIS E 215 -75.74 90.12 2.37
C HIS E 215 -74.32 89.70 2.02
N GLY E 216 -74.18 89.15 0.81
CA GLY E 216 -72.87 88.83 0.29
C GLY E 216 -72.09 90.09 -0.05
N THR E 217 -70.78 90.03 0.15
CA THR E 217 -69.91 91.19 -0.02
C THR E 217 -68.76 90.94 -0.98
N ASN E 218 -68.74 89.80 -1.65
CA ASN E 218 -67.69 89.48 -2.61
C ASN E 218 -68.13 89.87 -4.02
N GLU E 219 -67.23 89.68 -4.98
CA GLU E 219 -67.54 89.89 -6.39
C GLU E 219 -67.94 88.56 -7.00
N TYR E 220 -69.08 88.55 -7.68
CA TYR E 220 -69.67 87.32 -8.20
C TYR E 220 -69.75 87.37 -9.72
N PRO E 221 -68.90 86.66 -10.44
CA PRO E 221 -69.04 86.64 -11.91
C PRO E 221 -70.40 86.09 -12.32
N PHE E 222 -70.96 86.69 -13.36
CA PHE E 222 -72.27 86.29 -13.85
C PHE E 222 -72.25 86.23 -15.36
N LEU E 223 -73.40 85.89 -15.94
CA LEU E 223 -73.52 85.62 -17.35
C LEU E 223 -74.85 86.18 -17.86
N ILE E 224 -74.81 86.92 -18.96
CA ILE E 224 -76.00 87.28 -19.70
C ILE E 224 -76.10 86.31 -20.87
N ASP E 225 -77.16 85.53 -20.91
CA ASP E 225 -77.24 84.40 -21.83
C ASP E 225 -78.66 84.43 -22.42
N THR E 226 -79.05 83.36 -23.10
CA THR E 226 -80.29 83.34 -23.87
C THR E 226 -81.52 83.62 -23.04
N ASP E 227 -81.46 83.41 -21.72
CA ASP E 227 -82.62 83.59 -20.86
C ASP E 227 -82.53 84.79 -19.94
N GLY E 228 -81.34 85.32 -19.69
CA GLY E 228 -81.18 86.53 -18.92
C GLY E 228 -79.99 86.44 -18.00
N PHE E 229 -80.00 87.28 -16.96
CA PHE E 229 -78.93 87.28 -15.98
C PHE E 229 -78.87 85.95 -15.25
N SER E 230 -77.64 85.46 -15.02
CA SER E 230 -77.42 84.22 -14.30
C SER E 230 -76.25 84.41 -13.35
N VAL E 231 -76.48 84.18 -12.06
CA VAL E 231 -75.45 84.21 -11.04
C VAL E 231 -75.46 82.87 -10.34
N LEU E 232 -74.30 82.19 -10.34
CA LEU E 232 -74.11 80.92 -9.64
C LEU E 232 -73.00 81.11 -8.61
N PRO E 233 -73.30 81.74 -7.48
CA PRO E 233 -72.25 82.08 -6.51
C PRO E 233 -71.59 80.82 -5.95
N VAL E 234 -70.29 80.93 -5.68
CA VAL E 234 -69.55 79.82 -5.08
C VAL E 234 -69.75 79.76 -3.57
N SER E 235 -70.30 80.80 -2.97
CA SER E 235 -70.54 80.82 -1.53
C SER E 235 -71.81 80.08 -1.14
N ALA E 236 -72.63 79.67 -2.10
CA ALA E 236 -73.83 78.91 -1.82
C ALA E 236 -73.58 77.41 -1.77
N LEU E 237 -72.38 76.97 -2.12
CA LEU E 237 -72.04 75.55 -2.09
C LEU E 237 -71.73 75.15 -0.66
N GLY E 238 -72.49 74.19 -0.13
CA GLY E 238 -72.21 73.61 1.16
C GLY E 238 -71.58 72.25 1.05
N LEU E 239 -71.50 71.57 2.20
CA LEU E 239 -71.14 70.16 2.26
C LEU E 239 -72.27 69.46 2.99
N LEU E 240 -73.37 69.24 2.26
CA LEU E 240 -74.49 68.44 2.75
C LEU E 240 -74.93 67.53 1.61
N HIS E 241 -74.25 66.39 1.48
CA HIS E 241 -74.61 65.41 0.48
C HIS E 241 -75.40 64.27 1.14
N GLN E 242 -75.72 63.27 0.34
CA GLN E 242 -76.30 62.02 0.80
C GLN E 242 -75.40 60.89 0.33
N VAL E 243 -75.37 59.80 1.10
CA VAL E 243 -74.44 58.72 0.82
C VAL E 243 -75.22 57.45 0.48
N HIS E 244 -74.64 56.66 -0.41
CA HIS E 244 -75.24 55.44 -0.92
C HIS E 244 -74.30 54.27 -0.67
N GLU E 245 -74.87 53.08 -0.59
CA GLU E 245 -74.09 51.89 -0.30
C GLU E 245 -73.83 51.00 -1.50
N GLU E 246 -74.47 51.24 -2.64
CA GLU E 246 -74.04 50.50 -3.81
C GLU E 246 -72.70 50.94 -4.33
N ARG E 247 -72.22 50.16 -5.29
CA ARG E 247 -70.93 50.34 -5.90
C ARG E 247 -71.09 50.38 -7.41
N ILE E 248 -70.13 51.01 -8.08
CA ILE E 248 -70.16 51.21 -9.53
C ILE E 248 -69.02 50.41 -10.14
N ALA E 249 -69.35 49.58 -11.12
CA ALA E 249 -68.34 48.78 -11.81
C ALA E 249 -67.55 49.64 -12.79
N SER E 250 -66.27 49.32 -12.95
CA SER E 250 -65.38 50.09 -13.80
C SER E 250 -65.35 49.63 -15.25
N GLY E 251 -65.86 48.44 -15.54
CA GLY E 251 -65.65 47.83 -16.84
C GLY E 251 -64.33 47.13 -16.98
N VAL E 252 -63.47 47.22 -15.98
CA VAL E 252 -62.23 46.46 -15.90
C VAL E 252 -62.37 45.50 -14.73
N PRO E 253 -62.73 44.23 -14.99
CA PRO E 253 -63.01 43.33 -13.87
C PRO E 253 -61.82 43.12 -12.96
N ASP E 254 -60.60 43.24 -13.49
CA ASP E 254 -59.43 43.12 -12.64
C ASP E 254 -59.34 44.26 -11.63
N LEU E 255 -59.64 45.49 -12.07
CA LEU E 255 -59.56 46.63 -11.18
C LEU E 255 -60.61 46.56 -10.08
N ASP E 256 -61.82 46.13 -10.42
CA ASP E 256 -62.86 45.99 -9.40
C ASP E 256 -62.47 44.97 -8.35
N ALA E 257 -61.72 43.93 -8.73
CA ALA E 257 -61.26 42.93 -7.77
C ALA E 257 -60.25 43.49 -6.78
N MET E 258 -59.71 44.67 -7.03
CA MET E 258 -58.73 45.28 -6.14
C MET E 258 -59.39 46.02 -4.99
N MET E 259 -60.73 46.02 -4.93
CA MET E 259 -61.48 46.79 -3.96
C MET E 259 -62.48 45.88 -3.27
N ALA E 260 -62.62 46.05 -1.96
CA ALA E 260 -63.65 45.32 -1.23
C ALA E 260 -65.03 45.82 -1.65
N GLY E 261 -65.94 44.88 -1.88
CA GLY E 261 -67.31 45.19 -2.22
C GLY E 261 -67.59 45.30 -3.70
N GLY E 262 -66.57 45.41 -4.54
CA GLY E 262 -66.74 45.36 -5.98
C GLY E 262 -66.54 46.66 -6.72
N GLY E 263 -66.01 47.70 -6.09
CA GLY E 263 -65.71 48.93 -6.79
C GLY E 263 -65.92 50.13 -5.89
N PHE E 264 -65.83 51.31 -6.53
CA PHE E 264 -66.03 52.57 -5.84
C PHE E 264 -67.49 52.74 -5.45
N PHE E 265 -67.73 53.61 -4.48
CA PHE E 265 -69.10 53.93 -4.12
C PHE E 265 -69.73 54.77 -5.22
N ARG E 266 -71.06 54.76 -5.25
CA ARG E 266 -71.76 55.19 -6.45
C ARG E 266 -71.56 56.68 -6.71
N GLY E 267 -71.98 57.53 -5.77
CA GLY E 267 -71.98 58.97 -6.00
C GLY E 267 -70.65 59.62 -5.70
N SER E 268 -69.59 58.83 -5.79
CA SER E 268 -68.26 59.29 -5.41
C SER E 268 -67.66 60.18 -6.49
N SER E 269 -66.54 60.80 -6.15
CA SER E 269 -65.72 61.56 -7.08
C SER E 269 -64.40 60.84 -7.25
N ILE E 270 -64.08 60.49 -8.50
CA ILE E 270 -62.91 59.68 -8.83
C ILE E 270 -62.01 60.49 -9.73
N LEU E 271 -60.73 60.56 -9.38
CA LEU E 271 -59.72 61.28 -10.16
C LEU E 271 -58.74 60.27 -10.74
N VAL E 272 -58.58 60.31 -12.06
CA VAL E 272 -57.60 59.48 -12.75
C VAL E 272 -56.47 60.39 -13.20
N SER E 273 -55.26 60.09 -12.74
CA SER E 273 -54.10 60.94 -12.98
C SER E 273 -52.99 60.15 -13.66
N GLY E 274 -52.16 60.86 -14.42
CA GLY E 274 -51.06 60.23 -15.10
C GLY E 274 -50.46 61.13 -16.15
N VAL E 275 -49.35 60.66 -16.71
CA VAL E 275 -48.65 61.33 -17.79
C VAL E 275 -49.34 61.03 -19.11
N ALA E 276 -48.90 61.69 -20.18
CA ALA E 276 -49.53 61.56 -21.49
C ALA E 276 -49.21 60.18 -22.07
N GLY E 277 -50.24 59.53 -22.62
CA GLY E 277 -50.12 58.16 -23.07
C GLY E 277 -50.38 57.13 -21.99
N ALA E 278 -50.67 57.56 -20.77
CA ALA E 278 -50.78 56.64 -19.65
C ALA E 278 -51.96 55.68 -19.81
N GLY E 279 -53.10 56.17 -20.30
CA GLY E 279 -54.29 55.36 -20.39
C GLY E 279 -55.48 55.98 -19.68
N LYS E 280 -55.39 57.27 -19.37
CA LYS E 280 -56.44 57.94 -18.61
C LYS E 280 -57.75 57.94 -19.38
N SER E 281 -57.71 58.32 -20.66
CA SER E 281 -58.94 58.36 -21.46
C SER E 281 -59.54 56.97 -21.62
N SER E 282 -58.69 55.95 -21.77
CA SER E 282 -59.18 54.60 -21.93
C SER E 282 -59.96 54.14 -20.70
N LEU E 283 -59.46 54.45 -19.51
CA LEU E 283 -60.16 54.05 -18.30
C LEU E 283 -61.51 54.75 -18.16
N ALA E 284 -61.54 56.04 -18.46
CA ALA E 284 -62.79 56.78 -18.41
C ALA E 284 -63.80 56.22 -19.39
N ALA E 285 -63.34 55.90 -20.60
CA ALA E 285 -64.23 55.31 -21.59
C ALA E 285 -64.72 53.95 -21.16
N HIS E 286 -63.87 53.17 -20.50
CA HIS E 286 -64.33 51.89 -19.98
C HIS E 286 -65.43 52.10 -18.95
N PHE E 287 -65.24 53.08 -18.06
CA PHE E 287 -66.29 53.41 -17.10
C PHE E 287 -67.60 53.73 -17.80
N ALA E 288 -67.54 54.65 -18.77
CA ALA E 288 -68.76 55.07 -19.47
C ALA E 288 -69.39 53.92 -20.24
N ALA E 289 -68.57 53.12 -20.92
CA ALA E 289 -69.09 52.00 -21.70
C ALA E 289 -69.77 50.98 -20.82
N ALA E 290 -69.18 50.68 -19.66
CA ALA E 290 -69.85 49.78 -18.72
C ALA E 290 -71.16 50.38 -18.24
N ALA E 291 -71.15 51.67 -17.88
CA ALA E 291 -72.38 52.30 -17.42
C ALA E 291 -73.49 52.16 -18.45
N CYS E 292 -73.16 52.39 -19.72
CA CYS E 292 -74.16 52.23 -20.79
C CYS E 292 -74.57 50.77 -20.95
N ALA E 293 -73.62 49.85 -20.81
CA ALA E 293 -73.91 48.43 -21.01
C ALA E 293 -74.92 47.93 -19.99
N ARG E 294 -74.95 48.51 -18.79
CA ARG E 294 -75.94 48.13 -17.79
C ARG E 294 -77.29 48.81 -18.01
N GLY E 295 -77.45 49.54 -19.11
CA GLY E 295 -78.70 50.20 -19.41
C GLY E 295 -78.81 51.62 -18.89
N GLU E 296 -77.82 52.11 -18.16
CA GLU E 296 -77.85 53.46 -17.63
C GLU E 296 -77.42 54.45 -18.72
N ARG E 297 -77.31 55.72 -18.36
CA ARG E 297 -76.94 56.78 -19.28
C ARG E 297 -75.64 57.44 -18.82
N ALA E 298 -74.80 57.84 -19.77
CA ALA E 298 -73.50 58.42 -19.48
C ALA E 298 -73.28 59.65 -20.34
N MET E 299 -72.54 60.63 -19.77
CA MET E 299 -72.16 61.82 -20.51
C MET E 299 -70.65 61.92 -20.38
N TYR E 300 -69.95 62.15 -21.49
CA TYR E 300 -68.49 62.19 -21.51
C TYR E 300 -68.05 63.49 -22.16
N PHE E 301 -67.55 64.42 -21.36
CA PHE E 301 -67.14 65.74 -21.82
C PHE E 301 -65.64 65.71 -22.11
N SER E 302 -65.28 65.74 -23.39
CA SER E 302 -63.90 65.80 -23.81
C SER E 302 -63.57 67.22 -24.23
N PHE E 303 -62.41 67.69 -23.82
CA PHE E 303 -61.96 69.03 -24.15
C PHE E 303 -60.74 69.02 -25.06
N GLU E 304 -60.29 67.86 -25.51
CA GLU E 304 -59.12 67.86 -26.35
C GLU E 304 -59.21 66.96 -27.56
N GLU E 305 -60.26 66.14 -27.72
CA GLU E 305 -60.40 65.26 -28.87
C GLU E 305 -61.81 65.37 -29.42
N ALA E 306 -61.94 65.08 -30.72
CA ALA E 306 -63.22 65.12 -31.40
C ALA E 306 -64.00 63.82 -31.21
N ALA E 307 -65.28 63.87 -31.57
CA ALA E 307 -66.15 62.72 -31.35
C ALA E 307 -65.81 61.55 -32.25
N ASP E 308 -65.68 61.78 -33.55
CA ASP E 308 -65.34 60.68 -34.43
C ASP E 308 -63.95 60.15 -34.12
N GLN E 309 -63.00 61.04 -33.83
CA GLN E 309 -61.63 60.60 -33.51
C GLN E 309 -61.61 59.80 -32.21
N ALA E 310 -62.34 60.26 -31.19
CA ALA E 310 -62.37 59.52 -29.94
C ALA E 310 -62.99 58.14 -30.14
N VAL E 311 -64.06 58.07 -30.93
CA VAL E 311 -64.68 56.77 -31.21
C VAL E 311 -63.70 55.84 -31.89
N ARG E 312 -63.00 56.33 -32.91
CA ARG E 312 -62.03 55.49 -33.59
C ARG E 312 -60.92 55.06 -32.65
N ASN E 313 -60.42 55.98 -31.82
CA ASN E 313 -59.33 55.64 -30.92
C ASN E 313 -59.76 54.59 -29.91
N MET E 314 -60.96 54.72 -29.36
CA MET E 314 -61.44 53.73 -28.41
C MET E 314 -61.79 52.40 -29.08
N ARG E 315 -62.08 52.41 -30.39
CA ARG E 315 -62.44 51.16 -31.07
C ARG E 315 -61.30 50.16 -31.05
N SER E 316 -60.06 50.64 -31.08
CA SER E 316 -58.91 49.74 -31.08
C SER E 316 -58.75 49.02 -29.74
N LEU E 317 -59.27 49.59 -28.66
CA LEU E 317 -59.21 48.96 -27.35
C LEU E 317 -60.39 48.03 -27.10
N GLY E 318 -61.20 47.75 -28.14
CA GLY E 318 -62.30 46.83 -28.03
C GLY E 318 -63.59 47.43 -27.52
N LEU E 319 -63.58 48.68 -27.10
CA LEU E 319 -64.81 49.35 -26.72
C LEU E 319 -65.62 49.71 -27.97
N ASP E 320 -66.93 49.80 -27.78
CA ASP E 320 -67.83 50.23 -28.85
C ASP E 320 -68.63 51.41 -28.31
N LEU E 321 -68.02 52.60 -28.40
CA LEU E 321 -68.70 53.81 -27.97
C LEU E 321 -69.74 54.23 -28.99
N GLY E 322 -69.57 53.82 -30.24
CA GLY E 322 -70.56 54.16 -31.26
C GLY E 322 -71.88 53.45 -31.06
N ARG E 323 -71.85 52.18 -30.63
CA ARG E 323 -73.08 51.47 -30.34
C ARG E 323 -73.93 52.24 -29.35
N TRP E 324 -73.29 52.80 -28.33
CA TRP E 324 -74.02 53.46 -27.25
C TRP E 324 -74.48 54.85 -27.66
N ARG E 325 -73.73 55.54 -28.52
CA ARG E 325 -74.22 56.79 -29.08
C ARG E 325 -75.46 56.55 -29.94
N ASP E 326 -75.40 55.53 -30.80
CA ASP E 326 -76.52 55.24 -31.69
C ASP E 326 -77.74 54.72 -30.92
N ALA E 327 -77.55 54.21 -29.71
CA ALA E 327 -78.63 53.70 -28.90
C ALA E 327 -79.21 54.74 -27.96
N GLY E 328 -78.72 55.98 -28.01
CA GLY E 328 -79.24 57.02 -27.14
C GLY E 328 -78.99 56.77 -25.67
N LEU E 329 -77.81 56.25 -25.33
CA LEU E 329 -77.43 56.02 -23.95
C LEU E 329 -76.10 56.66 -23.58
N LEU E 330 -75.41 57.27 -24.53
CA LEU E 330 -74.14 57.94 -24.27
C LEU E 330 -74.12 59.23 -25.09
N ARG E 331 -73.99 60.35 -24.39
CA ARG E 331 -73.83 61.66 -25.03
C ARG E 331 -72.37 62.07 -24.91
N PHE E 332 -71.73 62.28 -26.06
CA PHE E 332 -70.30 62.59 -26.14
C PHE E 332 -70.15 64.03 -26.59
N MET E 333 -69.74 64.90 -25.69
CA MET E 333 -69.69 66.31 -26.00
C MET E 333 -68.24 66.77 -26.04
N ALA E 334 -67.86 67.46 -27.12
CA ALA E 334 -66.49 67.90 -27.33
C ALA E 334 -66.47 69.40 -27.61
N THR E 335 -65.71 70.14 -26.82
CA THR E 335 -65.57 71.58 -26.99
C THR E 335 -64.21 72.01 -26.45
N ARG E 336 -63.52 72.87 -27.21
CA ARG E 336 -62.23 73.35 -26.77
C ARG E 336 -62.38 74.26 -25.55
N PRO E 337 -61.35 74.34 -24.70
CA PRO E 337 -61.45 75.23 -23.53
C PRO E 337 -61.59 76.69 -23.90
N THR E 338 -61.19 77.09 -25.09
CA THR E 338 -61.24 78.48 -25.51
C THR E 338 -62.55 78.83 -26.22
N PHE E 339 -63.47 77.87 -26.36
CA PHE E 339 -64.73 78.14 -27.05
C PHE E 339 -65.65 79.01 -26.21
N TYR E 340 -65.58 78.87 -24.89
CA TYR E 340 -66.48 79.58 -23.98
C TYR E 340 -65.65 80.26 -22.90
N SER E 341 -66.34 81.08 -22.10
CA SER E 341 -65.77 81.63 -20.88
C SER E 341 -66.04 80.68 -19.73
N LEU E 342 -65.24 80.81 -18.66
CA LEU E 342 -65.34 79.89 -17.54
C LEU E 342 -66.76 79.83 -16.98
N GLU E 343 -67.50 80.93 -17.05
CA GLU E 343 -68.88 80.92 -16.57
C GLU E 343 -69.77 80.11 -17.49
N MET E 344 -69.65 80.33 -18.80
CA MET E 344 -70.52 79.66 -19.74
C MET E 344 -70.18 78.17 -19.88
N HIS E 345 -68.91 77.79 -19.69
CA HIS E 345 -68.58 76.37 -19.64
C HIS E 345 -69.39 75.68 -18.56
N LEU E 346 -69.36 76.23 -17.35
CA LEU E 346 -70.14 75.68 -16.25
C LEU E 346 -71.63 75.68 -16.58
N ALA E 347 -72.13 76.78 -17.12
CA ALA E 347 -73.55 76.86 -17.43
C ALA E 347 -73.97 75.76 -18.39
N VAL E 348 -73.21 75.57 -19.46
CA VAL E 348 -73.54 74.56 -20.46
C VAL E 348 -73.47 73.17 -19.84
N ILE E 349 -72.43 72.89 -19.07
CA ILE E 349 -72.28 71.57 -18.48
C ILE E 349 -73.46 71.26 -17.58
N LEU E 350 -73.83 72.21 -16.72
CA LEU E 350 -74.93 71.97 -15.80
C LEU E 350 -76.24 71.78 -16.55
N ARG E 351 -76.51 72.62 -17.55
CA ARG E 351 -77.76 72.50 -18.31
C ARG E 351 -77.85 71.13 -18.98
N GLU E 352 -76.77 70.73 -19.65
CA GLU E 352 -76.77 69.45 -20.35
C GLU E 352 -76.94 68.28 -19.39
N VAL E 353 -76.27 68.34 -18.23
CA VAL E 353 -76.39 67.27 -17.25
C VAL E 353 -77.83 67.17 -16.77
N MET E 354 -78.44 68.33 -16.53
CA MET E 354 -79.86 68.37 -16.14
C MET E 354 -80.73 67.63 -17.13
N ARG E 355 -80.61 67.99 -18.41
CA ARG E 355 -81.57 67.49 -19.40
C ARG E 355 -81.49 65.96 -19.53
N PHE E 356 -80.29 65.43 -19.76
CA PHE E 356 -80.14 64.00 -20.04
C PHE E 356 -80.39 63.16 -18.79
N GLU E 357 -80.08 63.70 -17.61
CA GLU E 357 -80.16 62.95 -16.36
C GLU E 357 -79.25 61.73 -16.42
N PRO E 358 -77.94 61.96 -16.45
CA PRO E 358 -77.00 60.84 -16.53
C PRO E 358 -76.85 60.10 -15.21
N SER E 359 -76.14 58.98 -15.29
CA SER E 359 -75.66 58.26 -14.12
C SER E 359 -74.16 58.39 -13.92
N VAL E 360 -73.41 58.52 -15.00
CA VAL E 360 -71.96 58.71 -14.96
C VAL E 360 -71.62 59.90 -15.83
N VAL E 361 -70.83 60.82 -15.29
CA VAL E 361 -70.34 61.98 -16.03
C VAL E 361 -68.82 61.97 -15.95
N VAL E 362 -68.18 62.10 -17.10
CA VAL E 362 -66.73 62.12 -17.20
C VAL E 362 -66.30 63.47 -17.75
N LEU E 363 -65.24 64.03 -17.17
CA LEU E 363 -64.60 65.23 -17.67
C LEU E 363 -63.15 64.90 -18.01
N ASP E 364 -62.79 65.04 -19.28
CA ASP E 364 -61.48 64.59 -19.73
C ASP E 364 -60.81 65.62 -20.64
N PRO E 365 -59.74 66.30 -20.19
CA PRO E 365 -59.15 66.32 -18.85
C PRO E 365 -59.50 67.56 -18.06
N ILE E 366 -59.45 67.45 -16.72
CA ILE E 366 -59.71 68.59 -15.86
C ILE E 366 -58.61 69.62 -15.94
N SER E 367 -57.42 69.23 -16.41
CA SER E 367 -56.26 70.12 -16.43
C SER E 367 -56.21 70.97 -17.70
N ALA E 368 -57.20 70.86 -18.57
CA ALA E 368 -57.19 71.63 -19.81
C ALA E 368 -57.52 73.10 -19.59
N PHE E 369 -58.14 73.44 -18.46
CA PHE E 369 -58.60 74.80 -18.19
C PHE E 369 -57.58 75.65 -17.43
N THR E 370 -56.33 75.19 -17.31
CA THR E 370 -55.37 75.89 -16.48
C THR E 370 -55.08 77.29 -17.02
N GLU E 371 -54.93 77.42 -18.34
CA GLU E 371 -54.61 78.69 -18.98
C GLU E 371 -55.86 79.48 -19.40
N SER E 372 -57.05 79.02 -19.06
CA SER E 372 -58.27 79.73 -19.39
C SER E 372 -58.62 80.81 -18.37
N GLY E 373 -57.83 80.93 -17.30
CA GLY E 373 -58.09 81.94 -16.29
C GLY E 373 -57.09 81.83 -15.17
N ASP E 374 -57.39 82.51 -14.08
CA ASP E 374 -56.57 82.42 -12.88
C ASP E 374 -56.81 81.09 -12.18
N ARG E 375 -55.87 80.71 -11.32
CA ARG E 375 -55.98 79.44 -10.61
C ARG E 375 -57.24 79.40 -9.75
N LEU E 376 -57.57 80.49 -9.09
CA LEU E 376 -58.71 80.52 -8.18
C LEU E 376 -60.04 80.57 -8.93
N GLU E 377 -60.05 81.08 -10.15
CA GLU E 377 -61.23 81.06 -11.00
C GLU E 377 -61.54 79.69 -11.54
N VAL E 378 -60.51 78.99 -12.04
CA VAL E 378 -60.71 77.66 -12.56
C VAL E 378 -61.04 76.70 -11.42
N GLN E 379 -60.43 76.92 -10.27
CA GLN E 379 -60.79 76.13 -9.09
C GLN E 379 -62.24 76.38 -8.69
N SER E 380 -62.70 77.62 -8.75
CA SER E 380 -64.11 77.89 -8.44
C SER E 380 -65.03 77.17 -9.39
N MET E 381 -64.75 77.24 -10.70
CA MET E 381 -65.58 76.56 -11.68
C MET E 381 -65.62 75.07 -11.41
N LEU E 382 -64.45 74.45 -11.23
CA LEU E 382 -64.38 73.01 -11.05
C LEU E 382 -65.06 72.59 -9.75
N LEU E 383 -64.90 73.37 -8.69
CA LEU E 383 -65.56 73.07 -7.43
C LEU E 383 -67.07 73.10 -7.59
N ARG E 384 -67.58 74.10 -8.32
CA ARG E 384 -69.01 74.16 -8.56
C ARG E 384 -69.49 72.95 -9.36
N ILE E 385 -68.72 72.54 -10.36
CA ILE E 385 -69.09 71.35 -11.13
C ILE E 385 -69.16 70.13 -10.22
N VAL E 386 -68.14 69.96 -9.38
CA VAL E 386 -68.07 68.79 -8.52
C VAL E 386 -69.23 68.78 -7.54
N ASP E 387 -69.53 69.94 -6.93
CA ASP E 387 -70.63 70.00 -5.98
C ASP E 387 -71.96 69.69 -6.67
N PHE E 388 -72.17 70.26 -7.85
CA PHE E 388 -73.42 69.98 -8.57
C PHE E 388 -73.56 68.50 -8.86
N LEU E 389 -72.48 67.86 -9.31
CA LEU E 389 -72.55 66.43 -9.59
C LEU E 389 -72.83 65.62 -8.33
N LYS E 390 -72.18 65.99 -7.21
CA LYS E 390 -72.29 65.18 -6.01
C LYS E 390 -73.65 65.34 -5.33
N ASN E 391 -74.26 66.52 -5.42
CA ASN E 391 -75.57 66.72 -4.80
C ASN E 391 -76.68 65.92 -5.48
N ARG E 392 -76.43 65.35 -6.66
CA ARG E 392 -77.44 64.62 -7.41
C ARG E 392 -77.17 63.12 -7.46
N GLY E 393 -76.11 62.63 -6.81
CA GLY E 393 -75.80 61.23 -6.86
C GLY E 393 -75.19 60.77 -8.16
N ILE E 394 -74.67 61.69 -8.96
CA ILE E 394 -74.04 61.36 -10.23
C ILE E 394 -72.57 61.08 -9.99
N THR E 395 -72.07 59.99 -10.55
CA THR E 395 -70.68 59.60 -10.39
C THR E 395 -69.81 60.39 -11.36
N GLY E 396 -68.83 61.11 -10.82
CA GLY E 396 -67.95 61.92 -11.65
C GLY E 396 -66.57 61.33 -11.81
N ILE E 397 -66.15 61.11 -13.05
CA ILE E 397 -64.82 60.61 -13.36
C ILE E 397 -64.05 61.76 -13.99
N PHE E 398 -63.02 62.23 -13.30
CA PHE E 398 -62.21 63.34 -13.76
C PHE E 398 -60.80 62.85 -14.09
N THR E 399 -60.34 63.14 -15.31
CA THR E 399 -59.01 62.79 -15.75
C THR E 399 -58.11 64.02 -15.65
N HIS E 400 -56.92 63.82 -15.10
CA HIS E 400 -55.98 64.90 -14.84
C HIS E 400 -54.59 64.46 -15.27
N LEU E 401 -53.85 65.38 -15.87
CA LEU E 401 -52.49 65.09 -16.30
C LEU E 401 -51.50 65.40 -15.19
N ALA E 402 -50.61 64.43 -14.92
CA ALA E 402 -49.64 64.56 -13.87
C ALA E 402 -48.44 65.38 -14.31
N HIS E 403 -48.00 66.28 -13.42
CA HIS E 403 -46.78 67.11 -13.56
C HIS E 403 -46.95 68.37 -12.73
N GLY E 413 -55.19 71.05 -5.95
CA GLY E 413 -56.48 71.73 -5.95
C GLY E 413 -57.57 70.81 -6.48
N LEU E 414 -58.56 70.52 -5.63
CA LEU E 414 -59.70 69.63 -5.86
C LEU E 414 -59.28 68.17 -5.78
N GLU E 415 -57.99 67.89 -5.61
CA GLU E 415 -57.55 66.53 -5.32
C GLU E 415 -58.13 66.09 -3.97
N GLU E 416 -58.17 67.04 -3.05
CA GLU E 416 -58.64 66.86 -1.70
C GLU E 416 -60.11 66.45 -1.63
N LEU E 417 -60.90 66.84 -2.61
CA LEU E 417 -62.33 66.59 -2.62
C LEU E 417 -62.70 65.29 -3.32
N MET E 418 -61.73 64.42 -3.55
CA MET E 418 -61.91 63.20 -4.32
C MET E 418 -62.01 62.01 -3.38
N ASP E 419 -62.99 61.15 -3.64
CA ASP E 419 -63.18 59.96 -2.82
C ASP E 419 -62.22 58.85 -3.24
N GLY E 420 -62.04 58.67 -4.55
CA GLY E 420 -61.05 57.74 -5.06
C GLY E 420 -60.00 58.44 -5.90
N TRP E 421 -58.84 57.80 -6.06
CA TRP E 421 -57.76 58.35 -6.87
C TRP E 421 -57.00 57.19 -7.48
N VAL E 422 -56.98 57.12 -8.81
CA VAL E 422 -56.27 56.09 -9.55
C VAL E 422 -55.12 56.76 -10.28
N LEU E 423 -53.89 56.38 -9.92
CA LEU E 423 -52.70 56.91 -10.55
C LEU E 423 -52.15 55.89 -11.53
N MET E 424 -51.97 56.31 -12.78
CA MET E 424 -51.52 55.44 -13.86
C MET E 424 -50.12 55.86 -14.27
N LEU E 425 -49.21 54.89 -14.34
CA LEU E 425 -47.80 55.14 -14.59
C LEU E 425 -47.36 54.48 -15.89
N ASN E 426 -46.40 55.11 -16.56
CA ASN E 426 -45.76 54.57 -17.75
C ASN E 426 -44.29 54.99 -17.68
N ARG E 427 -43.46 54.13 -17.10
CA ARG E 427 -42.09 54.47 -16.75
C ARG E 427 -41.10 53.66 -17.56
N GLU E 428 -39.85 54.14 -17.60
CA GLU E 428 -38.77 53.51 -18.33
C GLU E 428 -37.90 52.71 -17.37
N VAL E 429 -37.82 51.41 -17.60
CA VAL E 429 -36.86 50.55 -16.93
C VAL E 429 -36.36 49.53 -17.94
N ASN E 430 -35.04 49.40 -18.05
CA ASN E 430 -34.43 48.38 -18.89
C ASN E 430 -34.74 48.61 -20.37
N GLY E 431 -34.66 49.86 -20.80
CA GLY E 431 -34.85 50.18 -22.21
C GLY E 431 -36.23 49.84 -22.73
N GLU E 432 -37.26 49.98 -21.90
CA GLU E 432 -38.63 49.76 -22.32
C GLU E 432 -39.52 50.52 -21.36
N PHE E 433 -40.73 50.84 -21.82
CA PHE E 433 -41.71 51.56 -21.03
C PHE E 433 -42.82 50.60 -20.64
N ASN E 434 -43.06 50.46 -19.33
CA ASN E 434 -44.05 49.53 -18.80
C ASN E 434 -45.15 50.30 -18.11
N ARG E 435 -46.39 49.86 -18.32
CA ARG E 435 -47.55 50.50 -17.73
C ARG E 435 -47.86 49.91 -16.35
N GLU E 436 -48.35 50.76 -15.46
CA GLU E 436 -48.68 50.36 -14.11
C GLU E 436 -49.80 51.26 -13.61
N LEU E 437 -50.43 50.85 -12.51
CA LEU E 437 -51.47 51.65 -11.90
C LEU E 437 -51.66 51.19 -10.46
N TYR E 438 -51.98 52.15 -9.58
CA TYR E 438 -52.31 51.84 -8.21
C TYR E 438 -53.38 52.81 -7.71
N LEU E 439 -54.04 52.40 -6.63
CA LEU E 439 -55.12 53.18 -6.02
C LEU E 439 -54.51 54.01 -4.89
N LEU E 440 -54.25 55.29 -5.19
CA LEU E 440 -53.71 56.18 -4.18
C LEU E 440 -54.66 56.34 -3.02
N LYS E 441 -55.95 56.48 -3.32
CA LYS E 441 -56.94 56.77 -2.31
C LYS E 441 -58.24 56.07 -2.67
N ALA E 442 -58.85 55.46 -1.68
CA ALA E 442 -60.21 54.97 -1.82
C ALA E 442 -60.89 54.99 -0.47
N ARG E 443 -61.58 56.08 -0.17
CA ARG E 443 -62.13 56.27 1.17
C ARG E 443 -63.35 55.39 1.40
N GLY E 444 -63.43 54.84 2.60
CA GLY E 444 -64.57 54.05 2.99
C GLY E 444 -64.48 52.57 2.70
N MET E 445 -63.30 52.06 2.34
CA MET E 445 -63.25 50.70 1.83
C MET E 445 -61.85 50.18 2.06
N ALA E 446 -61.70 48.86 1.93
CA ALA E 446 -60.40 48.23 1.90
C ALA E 446 -60.02 47.90 0.46
N HIS E 447 -58.77 48.18 0.10
CA HIS E 447 -58.30 47.97 -1.27
C HIS E 447 -56.84 47.54 -1.26
N SER E 448 -56.40 46.98 -2.39
CA SER E 448 -55.04 46.51 -2.52
C SER E 448 -54.06 47.67 -2.49
N ASN E 449 -52.86 47.39 -1.98
CA ASN E 449 -51.77 48.36 -1.91
C ASN E 449 -50.61 47.98 -2.83
N GLN E 450 -50.93 47.32 -3.94
CA GLN E 450 -49.93 46.83 -4.88
C GLN E 450 -49.88 47.73 -6.11
N VAL E 451 -48.67 48.00 -6.58
CA VAL E 451 -48.46 48.73 -7.83
C VAL E 451 -48.46 47.68 -8.94
N ARG E 452 -49.64 47.46 -9.52
CA ARG E 452 -49.83 46.37 -10.47
C ARG E 452 -49.55 46.82 -11.89
N GLU E 453 -49.00 45.90 -12.68
CA GLU E 453 -48.69 46.13 -14.08
C GLU E 453 -49.82 45.62 -14.94
N PHE E 454 -50.16 46.36 -15.99
CA PHE E 454 -51.26 46.00 -16.87
C PHE E 454 -50.83 46.19 -18.32
N LEU E 455 -51.67 45.69 -19.22
CA LEU E 455 -51.44 45.80 -20.65
C LEU E 455 -52.73 46.25 -21.32
N MET E 456 -52.56 46.95 -22.44
CA MET E 456 -53.67 47.30 -23.31
C MET E 456 -53.68 46.36 -24.51
N SER E 457 -54.87 46.13 -25.06
CA SER E 457 -55.00 45.23 -26.18
C SER E 457 -56.38 45.43 -26.80
N ASP E 458 -56.71 44.59 -27.77
CA ASP E 458 -58.04 44.59 -28.35
C ASP E 458 -59.10 44.19 -27.34
N ARG E 459 -58.69 43.64 -26.20
CA ARG E 459 -59.59 43.17 -25.16
C ARG E 459 -59.72 44.15 -24.00
N GLY E 460 -59.17 45.35 -24.14
CA GLY E 460 -59.24 46.35 -23.09
C GLY E 460 -58.03 46.33 -22.20
N ILE E 461 -58.21 46.74 -20.96
CA ILE E 461 -57.12 46.79 -19.98
C ILE E 461 -57.13 45.50 -19.19
N SER E 462 -56.02 44.77 -19.23
CA SER E 462 -55.86 43.52 -18.49
C SER E 462 -54.70 43.68 -17.52
N LEU E 463 -54.94 43.34 -16.26
CA LEU E 463 -53.92 43.41 -15.23
C LEU E 463 -53.23 42.06 -15.12
N LEU E 464 -51.91 42.08 -15.10
CA LEU E 464 -51.14 40.86 -15.08
C LEU E 464 -51.07 40.30 -13.66
N PRO E 465 -50.82 38.99 -13.51
CA PRO E 465 -50.77 38.41 -12.18
C PRO E 465 -49.71 39.10 -11.34
N PRO E 466 -49.94 39.20 -10.03
CA PRO E 466 -48.97 39.88 -9.17
C PRO E 466 -47.61 39.23 -9.21
N HIS E 467 -46.60 39.99 -8.80
CA HIS E 467 -45.21 39.56 -8.87
C HIS E 467 -44.80 38.90 -7.56
N LEU E 468 -44.34 37.66 -7.64
CA LEU E 468 -43.91 36.93 -6.45
C LEU E 468 -42.45 36.56 -6.61
N GLY E 469 -41.61 37.16 -5.78
CA GLY E 469 -40.21 36.83 -5.74
C GLY E 469 -39.59 37.56 -4.58
N GLU E 470 -38.46 37.06 -4.13
CA GLU E 470 -37.86 37.65 -2.94
C GLU E 470 -37.43 39.09 -3.22
N GLY E 471 -36.91 39.33 -4.42
CA GLY E 471 -36.61 40.69 -4.81
C GLY E 471 -37.86 41.50 -5.11
N GLY E 472 -38.74 40.96 -5.95
CA GLY E 472 -39.96 41.66 -6.32
C GLY E 472 -39.70 42.90 -7.15
N ALA E 473 -40.76 43.63 -7.47
CA ALA E 473 -40.66 44.94 -8.12
C ALA E 473 -39.92 44.85 -9.46
N LEU E 474 -40.21 43.81 -10.23
CA LEU E 474 -39.71 43.69 -11.59
C LEU E 474 -40.89 43.63 -12.55
N THR E 475 -40.76 44.30 -13.68
CA THR E 475 -41.84 44.45 -14.64
C THR E 475 -41.35 44.13 -16.04
N GLY E 476 -42.28 43.69 -16.88
CA GLY E 476 -41.99 43.50 -18.29
C GLY E 476 -41.00 42.39 -18.58
N THR E 477 -39.92 42.73 -19.29
CA THR E 477 -38.95 41.73 -19.70
C THR E 477 -38.11 41.24 -18.53
N ALA E 478 -37.77 42.14 -17.61
CA ALA E 478 -36.96 41.74 -16.46
C ALA E 478 -37.65 40.64 -15.65
N ARG E 479 -38.98 40.67 -15.61
CA ARG E 479 -39.72 39.62 -14.90
C ARG E 479 -39.45 38.26 -15.52
N LYS E 480 -39.54 38.17 -16.85
CA LYS E 480 -39.30 36.89 -17.52
C LYS E 480 -37.85 36.46 -17.34
N ALA E 481 -36.92 37.41 -17.39
CA ALA E 481 -35.51 37.08 -17.19
C ALA E 481 -35.28 36.48 -15.81
N GLU E 482 -35.91 37.06 -14.78
CA GLU E 482 -35.74 36.52 -13.44
C GLU E 482 -36.42 35.17 -13.28
N GLU E 483 -37.57 34.98 -13.93
CA GLU E 483 -38.19 33.66 -13.90
C GLU E 483 -37.25 32.61 -14.49
N ALA E 484 -36.62 32.93 -15.62
CA ALA E 484 -35.66 32.01 -16.23
C ALA E 484 -34.48 31.76 -15.31
N ARG E 485 -33.96 32.80 -14.66
CA ARG E 485 -32.83 32.64 -13.76
C ARG E 485 -33.19 31.73 -12.59
N LEU E 486 -34.40 31.91 -12.03
CA LEU E 486 -34.83 31.06 -10.93
C LEU E 486 -34.95 29.60 -11.37
N ARG E 487 -35.50 29.38 -12.56
CA ARG E 487 -35.59 28.01 -13.08
C ARG E 487 -34.20 27.41 -13.23
N ARG E 488 -33.24 28.18 -13.75
CA ARG E 488 -31.88 27.68 -13.92
C ARG E 488 -31.25 27.31 -12.58
N ALA E 489 -31.45 28.16 -11.56
CA ALA E 489 -30.89 27.87 -10.25
C ALA E 489 -31.51 26.61 -9.66
N GLU E 490 -32.82 26.43 -9.83
CA GLU E 490 -33.47 25.23 -9.34
C GLU E 490 -32.91 23.98 -10.02
N ILE E 491 -32.69 24.05 -11.34
CA ILE E 491 -32.12 22.91 -12.04
C ILE E 491 -30.72 22.62 -11.52
N GLU E 492 -29.93 23.66 -11.29
CA GLU E 492 -28.57 23.47 -10.77
C GLU E 492 -28.60 22.74 -9.43
N ARG E 493 -29.44 23.20 -8.51
CA ARG E 493 -29.51 22.55 -7.19
C ARG E 493 -29.97 21.11 -7.32
N GLN E 494 -30.95 20.84 -8.19
CA GLN E 494 -31.42 19.48 -8.38
C GLN E 494 -30.29 18.58 -8.86
N THR E 495 -29.49 19.05 -9.82
CA THR E 495 -28.38 18.25 -10.32
C THR E 495 -27.34 17.99 -9.23
N GLU E 496 -27.07 19.00 -8.39
CA GLU E 496 -26.14 18.81 -7.28
C GLU E 496 -26.63 17.69 -6.35
N LEU E 497 -27.91 17.75 -5.97
CA LEU E 497 -28.43 16.71 -5.09
C LEU E 497 -28.36 15.34 -5.76
N GLY E 498 -28.64 15.29 -7.07
CA GLY E 498 -28.58 14.03 -7.78
C GLY E 498 -27.18 13.42 -7.73
N ARG E 499 -26.16 14.23 -8.01
CA ARG E 499 -24.80 13.69 -7.99
C ARG E 499 -24.43 13.20 -6.61
N LEU E 500 -24.82 13.95 -5.56
CA LEU E 500 -24.51 13.50 -4.20
C LEU E 500 -25.16 12.14 -3.91
N GLN E 501 -26.45 12.01 -4.26
CA GLN E 501 -27.15 10.74 -4.06
C GLN E 501 -26.43 9.60 -4.76
N GLN E 502 -26.07 9.82 -6.03
CA GLN E 502 -25.40 8.80 -6.83
C GLN E 502 -24.06 8.40 -6.22
N GLN E 503 -23.32 9.38 -5.68
CA GLN E 503 -22.02 9.07 -5.08
C GLN E 503 -22.17 8.21 -3.83
N ILE E 504 -23.12 8.57 -2.96
CA ILE E 504 -23.28 7.76 -1.75
C ILE E 504 -23.77 6.36 -2.11
N GLU E 505 -24.63 6.24 -3.12
CA GLU E 505 -25.10 4.92 -3.53
C GLU E 505 -23.98 4.09 -4.16
N GLN E 506 -23.05 4.71 -4.90
CA GLN E 506 -21.92 3.95 -5.42
C GLN E 506 -21.04 3.45 -4.29
N ARG E 507 -20.85 4.25 -3.25
CA ARG E 507 -20.14 3.75 -2.07
C ARG E 507 -20.84 2.52 -1.50
N ARG E 508 -22.17 2.56 -1.42
CA ARG E 508 -22.91 1.40 -0.91
C ARG E 508 -22.69 0.17 -1.78
N ARG E 509 -22.76 0.33 -3.10
CA ARG E 509 -22.56 -0.81 -4.00
C ARG E 509 -21.17 -1.41 -3.83
N ARG E 510 -20.19 -0.54 -3.62
CA ARG E 510 -18.84 -0.96 -3.28
C ARG E 510 -18.79 -1.84 -2.07
N ALA E 511 -19.38 -1.36 -0.99
CA ALA E 511 -19.38 -2.13 0.24
C ALA E 511 -19.97 -3.50 -0.02
N ARG E 512 -21.05 -3.55 -0.81
CA ARG E 512 -21.54 -4.82 -1.30
C ARG E 512 -20.50 -5.69 -1.98
N ALA E 513 -19.86 -5.19 -3.00
CA ALA E 513 -18.98 -6.05 -3.77
C ALA E 513 -17.92 -6.66 -2.86
N GLN E 514 -17.38 -5.84 -1.96
CA GLN E 514 -16.37 -6.34 -1.04
C GLN E 514 -16.93 -7.39 -0.10
N ILE E 515 -18.15 -7.18 0.40
CA ILE E 515 -18.76 -8.18 1.28
C ILE E 515 -18.92 -9.50 0.56
N GLU E 516 -19.37 -9.45 -0.69
CA GLU E 516 -19.56 -10.68 -1.46
C GLU E 516 -18.25 -11.43 -1.60
N ALA E 517 -17.18 -10.70 -1.95
CA ALA E 517 -15.88 -11.35 -2.10
C ALA E 517 -15.45 -12.03 -0.81
N LEU E 518 -15.57 -11.32 0.32
CA LEU E 518 -15.16 -11.89 1.59
C LEU E 518 -15.98 -13.12 1.95
N GLU E 519 -17.29 -13.08 1.67
CA GLU E 519 -18.15 -14.23 1.89
C GLU E 519 -17.69 -15.43 1.09
N ALA E 520 -17.38 -15.23 -0.19
CA ALA E 520 -16.92 -16.35 -1.00
C ALA E 520 -15.64 -16.92 -0.42
N GLU E 521 -14.74 -16.05 0.06
CA GLU E 521 -13.51 -16.53 0.67
C GLU E 521 -13.81 -17.40 1.88
N LEU E 522 -14.71 -16.96 2.75
CA LEU E 522 -14.98 -17.74 3.96
C LEU E 522 -15.68 -19.06 3.64
N GLN E 523 -16.52 -19.08 2.60
CA GLN E 523 -17.11 -20.35 2.17
C GLN E 523 -16.02 -21.31 1.69
N ALA E 524 -15.06 -20.80 0.93
CA ALA E 524 -13.94 -21.64 0.51
C ALA E 524 -13.20 -22.19 1.72
N GLU E 525 -12.98 -21.35 2.73
CA GLU E 525 -12.31 -21.83 3.94
C GLU E 525 -13.11 -22.93 4.61
N GLU E 526 -14.43 -22.78 4.69
CA GLU E 526 -15.27 -23.83 5.27
C GLU E 526 -15.08 -25.14 4.53
N ILE E 527 -15.08 -25.09 3.20
CA ILE E 527 -14.89 -26.30 2.41
C ILE E 527 -13.53 -26.93 2.72
N ALA E 528 -12.51 -26.08 2.90
CA ALA E 528 -11.18 -26.60 3.24
C ALA E 528 -11.19 -27.32 4.59
N LEU E 529 -11.85 -26.73 5.59
CA LEU E 529 -11.98 -27.39 6.88
C LEU E 529 -12.59 -28.76 6.70
N LYS E 530 -13.65 -28.83 5.90
CA LYS E 530 -14.36 -30.08 5.66
C LYS E 530 -13.42 -31.12 5.11
N ALA E 531 -12.71 -30.75 4.06
CA ALA E 531 -11.84 -31.70 3.38
C ALA E 531 -10.75 -32.20 4.31
N LEU E 532 -10.22 -31.31 5.14
CA LEU E 532 -9.18 -31.72 6.08
C LEU E 532 -9.72 -32.72 7.10
N VAL E 533 -10.91 -32.46 7.65
CA VAL E 533 -11.47 -33.39 8.63
C VAL E 533 -11.76 -34.73 7.97
N GLU E 534 -12.28 -34.71 6.74
CA GLU E 534 -12.54 -35.95 6.01
C GLU E 534 -11.25 -36.75 5.83
N SER E 535 -10.16 -36.07 5.45
CA SER E 535 -8.91 -36.76 5.24
C SER E 535 -8.40 -37.38 6.53
N GLU E 536 -8.50 -36.65 7.64
CA GLU E 536 -8.05 -37.20 8.91
C GLU E 536 -8.86 -38.43 9.30
N SER E 537 -10.18 -38.39 9.11
CA SER E 537 -11.00 -39.54 9.44
C SER E 537 -10.62 -40.74 8.58
N ALA E 538 -10.39 -40.51 7.28
CA ALA E 538 -9.97 -41.60 6.40
C ALA E 538 -8.64 -42.18 6.83
N HIS E 539 -7.72 -41.32 7.26
CA HIS E 539 -6.41 -41.80 7.69
C HIS E 539 -6.53 -42.67 8.95
N GLU E 540 -7.33 -42.23 9.91
CA GLU E 540 -7.57 -43.03 11.11
C GLU E 540 -8.11 -44.40 10.74
N ARG E 541 -9.13 -44.41 9.88
CA ARG E 541 -9.74 -45.66 9.43
C ARG E 541 -8.72 -46.58 8.79
N GLN E 542 -7.93 -46.06 7.86
CA GLN E 542 -7.01 -46.92 7.14
C GLN E 542 -5.93 -47.44 8.06
N ARG E 543 -5.49 -46.65 9.04
CA ARG E 543 -4.51 -47.18 9.97
C ARG E 543 -5.10 -48.33 10.78
N LEU E 544 -6.34 -48.20 11.24
CA LEU E 544 -6.95 -49.31 11.98
C LEU E 544 -7.05 -50.55 11.12
N ALA E 545 -7.45 -50.40 9.86
CA ALA E 545 -7.54 -51.56 8.98
C ALA E 545 -6.17 -52.21 8.80
N ASP E 546 -5.13 -51.39 8.59
CA ASP E 546 -3.78 -51.93 8.40
C ASP E 546 -3.27 -52.62 9.65
N ALA E 547 -3.53 -52.03 10.82
CA ALA E 547 -3.11 -52.64 12.08
C ALA E 547 -3.81 -53.98 12.29
N ASP E 548 -5.10 -54.05 11.97
CA ASP E 548 -5.81 -55.33 12.07
C ASP E 548 -5.23 -56.37 11.12
N THR E 549 -4.91 -55.95 9.89
CA THR E 549 -4.31 -56.88 8.93
C THR E 549 -2.98 -57.42 9.44
N LEU E 550 -2.12 -56.53 9.94
CA LEU E 550 -0.82 -56.96 10.43
C LEU E 550 -0.97 -57.87 11.66
N ALA E 551 -1.87 -57.53 12.57
CA ALA E 551 -2.07 -58.34 13.78
C ALA E 551 -2.72 -59.68 13.47
N ARG E 552 -3.45 -59.74 12.39
CA ARG E 552 -3.84 -61.03 11.84
C ARG E 552 -2.71 -61.86 11.29
N SER E 553 -1.83 -61.26 10.52
CA SER E 553 -0.83 -62.10 9.90
C SER E 553 0.25 -62.52 10.89
N ARG E 554 0.13 -62.14 12.16
CA ARG E 554 1.10 -62.50 13.19
C ARG E 554 0.45 -63.12 14.42
N GLY E 555 -0.85 -63.43 14.37
CA GLY E 555 -1.56 -63.90 15.54
C GLY E 555 -1.76 -65.40 15.54
N ASN E 556 -2.06 -65.91 16.73
CA ASN E 556 -2.36 -67.32 16.92
C ASN E 556 -3.86 -67.60 16.88
N GLU E 557 -4.67 -66.66 16.36
CA GLU E 557 -6.10 -66.92 16.32
C GLU E 557 -6.41 -68.11 15.47
N ARG E 558 -5.70 -68.24 14.37
CA ARG E 558 -6.02 -69.23 13.36
C ARG E 558 -5.99 -70.64 13.92
N PHE E 559 -5.46 -70.80 15.14
CA PHE E 559 -5.29 -72.09 15.78
C PHE E 559 -6.19 -72.26 17.01
N ALA E 560 -7.22 -71.44 17.14
CA ALA E 560 -8.17 -71.58 18.23
C ALA E 560 -9.49 -72.18 17.73
N GLY F 4 12.43 -125.23 7.46
CA GLY F 4 13.70 -125.84 7.10
C GLY F 4 14.16 -126.86 8.13
N ILE F 5 15.23 -126.52 8.84
CA ILE F 5 15.80 -127.39 9.86
C ILE F 5 15.19 -127.06 11.21
N GLY F 6 15.14 -128.05 12.08
CA GLY F 6 14.68 -127.82 13.43
C GLY F 6 15.71 -127.07 14.26
N LYS F 7 15.22 -126.35 15.26
CA LYS F 7 16.08 -125.52 16.10
C LYS F 7 15.65 -125.66 17.56
N SER F 8 16.61 -125.47 18.46
CA SER F 8 16.37 -125.58 19.89
C SER F 8 16.55 -124.22 20.54
N PRO F 9 15.53 -123.65 21.18
CA PRO F 9 15.69 -122.32 21.77
C PRO F 9 16.68 -122.34 22.93
N THR F 10 17.53 -121.30 22.99
CA THR F 10 18.53 -121.19 24.03
C THR F 10 18.01 -120.56 25.30
N GLY F 11 16.93 -119.78 25.22
CA GLY F 11 16.45 -119.00 26.34
C GLY F 11 17.00 -117.60 26.38
N ILE F 12 18.06 -117.30 25.63
CA ILE F 12 18.52 -115.94 25.45
C ILE F 12 17.68 -115.30 24.36
N GLN F 13 16.53 -114.74 24.75
CA GLN F 13 15.75 -113.98 23.78
C GLN F 13 16.61 -112.84 23.22
N GLY F 14 16.61 -112.72 21.90
CA GLY F 14 17.46 -111.80 21.19
C GLY F 14 18.59 -112.48 20.44
N PHE F 15 19.00 -113.66 20.89
CA PHE F 15 19.83 -114.56 20.11
C PHE F 15 19.00 -115.60 19.39
N ASP F 16 17.86 -115.96 19.97
CA ASP F 16 16.88 -116.79 19.27
C ASP F 16 16.24 -116.03 18.12
N GLU F 17 16.01 -114.73 18.30
CA GLU F 17 15.47 -113.92 17.21
C GLU F 17 16.46 -113.83 16.06
N LEU F 18 17.74 -113.63 16.38
CA LEU F 18 18.77 -113.56 15.33
C LEU F 18 18.90 -114.90 14.61
N THR F 19 18.84 -116.00 15.35
CA THR F 19 18.98 -117.33 14.78
C THR F 19 17.66 -117.89 14.24
N LEU F 20 16.57 -117.17 14.40
CA LEU F 20 15.26 -117.61 13.94
C LEU F 20 14.88 -118.95 14.55
N GLY F 21 15.10 -119.08 15.86
CA GLY F 21 14.64 -120.25 16.59
C GLY F 21 15.63 -120.81 17.59
N GLY F 22 16.92 -120.70 17.30
CA GLY F 22 17.94 -121.13 18.23
C GLY F 22 19.01 -121.94 17.53
N LEU F 23 19.74 -122.70 18.33
CA LEU F 23 20.83 -123.52 17.84
C LEU F 23 20.28 -124.79 17.17
N PRO F 24 21.06 -125.39 16.28
CA PRO F 24 20.53 -126.53 15.51
C PRO F 24 20.25 -127.72 16.42
N THR F 25 19.16 -128.42 16.13
CA THR F 25 18.79 -129.62 16.87
C THR F 25 19.47 -130.83 16.25
N GLY F 26 20.20 -131.57 17.08
CA GLY F 26 20.87 -132.77 16.63
C GLY F 26 22.22 -132.56 15.98
N ARG F 27 22.77 -131.35 16.04
CA ARG F 27 24.09 -131.09 15.50
C ARG F 27 24.93 -130.32 16.52
N PRO F 28 26.22 -130.56 16.56
CA PRO F 28 27.09 -129.79 17.47
C PRO F 28 27.24 -128.34 17.03
N SER F 29 27.48 -127.48 18.01
CA SER F 29 27.74 -126.07 17.78
C SER F 29 29.00 -125.67 18.53
N LEU F 30 29.74 -124.72 17.96
CA LEU F 30 31.02 -124.29 18.50
C LEU F 30 30.91 -122.83 18.93
N VAL F 31 31.20 -122.58 20.21
CA VAL F 31 31.28 -121.24 20.75
C VAL F 31 32.75 -120.95 21.04
N CYS F 32 33.31 -119.96 20.34
CA CYS F 32 34.72 -119.67 20.40
C CYS F 32 34.94 -118.30 21.04
N GLY F 33 35.97 -118.19 21.86
CA GLY F 33 36.33 -116.92 22.45
C GLY F 33 37.62 -117.03 23.23
N SER F 34 38.16 -115.86 23.57
CA SER F 34 39.32 -115.78 24.43
C SER F 34 38.89 -115.91 25.88
N ALA F 35 39.79 -115.66 26.82
CA ALA F 35 39.50 -115.83 28.23
C ALA F 35 38.59 -114.71 28.72
N GLY F 36 37.53 -115.07 29.43
CA GLY F 36 36.62 -114.10 29.99
C GLY F 36 35.57 -113.59 29.04
N CYS F 37 35.44 -114.18 27.85
CA CYS F 37 34.49 -113.70 26.85
C CYS F 37 33.07 -114.20 27.10
N GLY F 38 32.88 -115.13 28.04
CA GLY F 38 31.55 -115.60 28.38
C GLY F 38 31.12 -116.88 27.69
N LYS F 39 32.03 -117.60 27.04
CA LYS F 39 31.64 -118.79 26.29
C LYS F 39 31.28 -119.96 27.18
N THR F 40 31.56 -119.89 28.48
CA THR F 40 31.10 -120.91 29.42
C THR F 40 29.71 -120.57 29.97
N LEU F 41 29.47 -119.29 30.26
CA LEU F 41 28.14 -118.86 30.65
C LEU F 41 27.13 -119.13 29.54
N PHE F 42 27.56 -119.02 28.28
CA PHE F 42 26.67 -119.32 27.17
C PHE F 42 26.18 -120.77 27.25
N ALA F 43 27.10 -121.71 27.41
CA ALA F 43 26.71 -123.12 27.49
C ALA F 43 25.89 -123.40 28.75
N SER F 44 26.27 -122.80 29.88
CA SER F 44 25.50 -123.00 31.09
C SER F 44 24.07 -122.50 30.92
N THR F 45 23.90 -121.33 30.31
CA THR F 45 22.57 -120.81 30.04
C THR F 45 21.81 -121.73 29.09
N PHE F 46 22.49 -122.22 28.05
CA PHE F 46 21.85 -123.15 27.13
C PHE F 46 21.26 -124.34 27.88
N LEU F 47 22.08 -124.99 28.71
CA LEU F 47 21.62 -126.17 29.44
C LEU F 47 20.49 -125.82 30.39
N ILE F 48 20.67 -124.77 31.20
CA ILE F 48 19.70 -124.47 32.25
C ILE F 48 18.37 -124.04 31.65
N ASN F 49 18.40 -123.17 30.64
CA ASN F 49 17.15 -122.76 30.01
C ASN F 49 16.48 -123.92 29.30
N GLY F 50 17.27 -124.81 28.68
CA GLY F 50 16.67 -125.99 28.07
C GLY F 50 15.93 -126.84 29.09
N VAL F 51 16.57 -127.09 30.24
CA VAL F 51 15.91 -127.91 31.25
C VAL F 51 14.69 -127.21 31.84
N ARG F 52 14.75 -125.89 31.99
CA ARG F 52 13.66 -125.18 32.67
C ARG F 52 12.47 -124.95 31.76
N ASP F 53 12.69 -124.54 30.51
CA ASP F 53 11.62 -124.11 29.62
C ASP F 53 11.12 -125.22 28.70
N HIS F 54 11.85 -126.32 28.55
CA HIS F 54 11.45 -127.38 27.63
C HIS F 54 11.57 -128.78 28.21
N GLY F 55 11.95 -128.94 29.48
CA GLY F 55 12.05 -130.26 30.06
C GLY F 55 13.04 -131.15 29.35
N GLU F 56 14.22 -130.61 29.05
CA GLU F 56 15.27 -131.34 28.33
C GLU F 56 16.44 -131.57 29.27
N PRO F 57 16.62 -132.76 29.83
CA PRO F 57 17.76 -133.00 30.71
C PRO F 57 19.07 -132.77 29.99
N GLY F 58 20.06 -132.26 30.73
CA GLY F 58 21.31 -131.85 30.15
C GLY F 58 22.49 -132.48 30.85
N VAL F 59 23.61 -132.53 30.13
CA VAL F 59 24.87 -133.05 30.65
C VAL F 59 25.96 -132.04 30.36
N PHE F 60 26.80 -131.79 31.36
CA PHE F 60 27.91 -130.84 31.27
C PHE F 60 29.19 -131.62 31.48
N VAL F 61 29.81 -132.07 30.39
CA VAL F 61 31.07 -132.79 30.46
C VAL F 61 32.20 -131.76 30.52
N THR F 62 33.02 -131.86 31.56
CA THR F 62 34.13 -130.95 31.77
C THR F 62 35.40 -131.77 31.92
N PHE F 63 36.43 -131.39 31.19
CA PHE F 63 37.71 -132.05 31.23
C PHE F 63 38.72 -131.29 32.09
N GLU F 64 38.34 -130.09 32.56
CA GLU F 64 39.24 -129.19 33.26
C GLU F 64 38.77 -128.83 34.67
N GLU F 65 37.57 -128.25 34.74
CA GLU F 65 37.04 -127.72 35.98
C GLU F 65 36.33 -128.81 36.78
N ARG F 66 36.18 -128.56 38.07
CA ARG F 66 35.49 -129.49 38.95
C ARG F 66 34.01 -129.14 39.03
N PRO F 67 33.15 -130.12 39.33
CA PRO F 67 31.71 -129.82 39.34
C PRO F 67 31.31 -128.72 40.30
N GLU F 68 31.91 -128.67 41.49
CA GLU F 68 31.55 -127.62 42.45
C GLU F 68 31.94 -126.25 41.93
N ASP F 69 33.08 -126.14 41.25
CA ASP F 69 33.48 -124.87 40.65
C ASP F 69 32.46 -124.41 39.61
N ILE F 70 32.00 -125.34 38.77
CA ILE F 70 31.00 -124.99 37.76
C ILE F 70 29.71 -124.52 38.44
N VAL F 71 29.30 -125.22 39.50
CA VAL F 71 28.06 -124.86 40.19
C VAL F 71 28.19 -123.47 40.80
N ASN F 72 29.34 -123.17 41.41
CA ASN F 72 29.50 -121.89 42.09
C ASN F 72 29.69 -120.74 41.11
N ASN F 73 30.24 -121.01 39.92
CA ASN F 73 30.53 -119.93 38.98
C ASN F 73 29.27 -119.25 38.47
N VAL F 74 28.10 -119.87 38.64
CA VAL F 74 26.84 -119.31 38.16
C VAL F 74 25.85 -119.07 39.28
N ALA F 75 26.28 -119.23 40.53
CA ALA F 75 25.37 -119.04 41.66
C ALA F 75 24.88 -117.60 41.72
N SER F 76 25.76 -116.62 41.50
CA SER F 76 25.38 -115.23 41.60
C SER F 76 24.40 -114.81 40.52
N LEU F 77 24.31 -115.55 39.42
CA LEU F 77 23.38 -115.22 38.35
C LEU F 77 21.96 -115.68 38.64
N GLY F 78 21.74 -116.38 39.76
CA GLY F 78 20.42 -116.83 40.12
C GLY F 78 20.09 -118.24 39.69
N PHE F 79 20.96 -118.89 38.93
CA PHE F 79 20.71 -120.27 38.54
C PHE F 79 20.85 -121.17 39.76
N GLU F 80 19.79 -121.89 40.06
CA GLU F 80 19.82 -122.87 41.15
C GLU F 80 20.40 -124.18 40.64
N LEU F 81 21.63 -124.13 40.12
CA LEU F 81 22.19 -125.33 39.51
C LEU F 81 22.28 -126.48 40.51
N ASP F 82 22.57 -126.19 41.77
CA ASP F 82 22.59 -127.25 42.77
C ASP F 82 21.21 -127.89 42.90
N LYS F 83 20.15 -127.08 42.81
CA LYS F 83 18.81 -127.66 42.82
C LYS F 83 18.63 -128.65 41.69
N LEU F 84 18.95 -128.22 40.47
CA LEU F 84 18.72 -129.08 39.31
C LEU F 84 19.54 -130.36 39.42
N ILE F 85 20.77 -130.26 39.90
CA ILE F 85 21.59 -131.45 40.08
C ILE F 85 20.96 -132.38 41.11
N GLU F 86 20.41 -131.80 42.19
CA GLU F 86 19.73 -132.61 43.18
C GLU F 86 18.48 -133.28 42.61
N GLU F 87 17.73 -132.53 41.80
CA GLU F 87 16.47 -133.04 41.23
C GLU F 87 16.70 -134.07 40.13
N GLU F 88 17.95 -134.32 39.73
CA GLU F 88 18.27 -135.28 38.68
C GLU F 88 17.78 -134.81 37.32
N LYS F 89 17.96 -133.51 37.03
CA LYS F 89 17.63 -132.95 35.73
C LYS F 89 18.85 -132.42 34.99
N ILE F 90 20.02 -132.39 35.63
CA ILE F 90 21.27 -132.04 34.99
C ILE F 90 22.38 -132.86 35.65
N ALA F 91 23.35 -133.29 34.84
CA ALA F 91 24.48 -134.06 35.33
C ALA F 91 25.77 -133.41 34.88
N ILE F 92 26.70 -133.24 35.81
CA ILE F 92 28.02 -132.70 35.53
C ILE F 92 29.02 -133.85 35.60
N GLU F 93 29.72 -134.09 34.50
CA GLU F 93 30.64 -135.21 34.38
C GLU F 93 32.06 -134.68 34.21
N HIS F 94 32.97 -135.16 35.05
CA HIS F 94 34.37 -134.74 35.03
C HIS F 94 35.20 -135.88 34.46
N ILE F 95 35.74 -135.67 33.25
CA ILE F 95 36.63 -136.64 32.61
C ILE F 95 38.05 -136.10 32.65
N ALA F 96 38.79 -136.49 33.69
CA ALA F 96 40.13 -135.98 33.91
C ALA F 96 41.16 -136.72 33.07
N VAL F 97 42.25 -136.02 32.75
CA VAL F 97 43.36 -136.58 31.97
C VAL F 97 44.65 -136.24 32.70
N ASP F 98 45.51 -137.26 32.90
CA ASP F 98 46.81 -137.08 33.53
C ASP F 98 47.86 -136.66 32.50
N PRO F 99 49.01 -136.16 32.96
CA PRO F 99 50.03 -135.73 31.99
C PRO F 99 50.44 -136.82 31.01
N SER F 100 50.66 -138.05 31.47
CA SER F 100 51.05 -139.12 30.55
C SER F 100 49.92 -139.43 29.57
N GLU F 101 48.67 -139.32 30.03
CA GLU F 101 47.53 -139.65 29.19
C GLU F 101 47.52 -138.82 27.91
N VAL F 102 47.86 -137.54 28.02
CA VAL F 102 47.65 -136.57 26.95
C VAL F 102 48.89 -136.35 26.11
N ALA F 103 49.86 -137.27 26.18
CA ALA F 103 51.16 -137.02 25.57
C ALA F 103 51.08 -136.80 24.06
N GLU F 104 50.33 -137.65 23.33
CA GLU F 104 50.50 -137.66 21.87
C GLU F 104 49.15 -137.90 21.18
N ILE F 105 49.23 -138.10 19.86
CA ILE F 105 48.07 -138.41 19.03
C ILE F 105 47.57 -139.82 19.33
N GLY F 106 46.25 -139.99 19.30
CA GLY F 106 45.64 -141.28 19.45
C GLY F 106 45.87 -141.91 20.80
N ASP F 107 46.49 -141.16 21.71
CA ASP F 107 46.79 -141.69 23.04
C ASP F 107 45.50 -142.00 23.79
N TYR F 108 44.52 -141.12 23.67
CA TYR F 108 43.24 -141.33 24.31
C TYR F 108 42.39 -142.26 23.45
N ASP F 109 41.77 -143.26 24.08
CA ASP F 109 40.87 -144.16 23.36
C ASP F 109 39.53 -143.45 23.25
N LEU F 110 39.30 -142.78 22.12
CA LEU F 110 38.06 -142.04 21.94
C LEU F 110 36.84 -142.94 22.13
N GLU F 111 36.91 -144.20 21.73
CA GLU F 111 35.80 -145.09 22.02
C GLU F 111 35.60 -145.23 23.52
N GLY F 112 36.68 -145.23 24.31
CA GLY F 112 36.50 -145.21 25.76
C GLY F 112 35.73 -143.99 26.21
N LEU F 113 36.09 -142.82 25.67
CA LEU F 113 35.36 -141.61 25.96
C LEU F 113 33.91 -141.75 25.54
N PHE F 114 33.68 -142.34 24.38
CA PHE F 114 32.33 -142.48 23.87
C PHE F 114 31.51 -143.37 24.79
N LEU F 115 32.11 -144.44 25.33
CA LEU F 115 31.39 -145.26 26.29
C LEU F 115 30.97 -144.44 27.49
N ARG F 116 31.92 -143.72 28.08
CA ARG F 116 31.57 -142.91 29.24
C ARG F 116 30.48 -141.88 28.95
N LEU F 117 30.67 -141.10 27.89
CA LEU F 117 29.69 -140.08 27.59
C LEU F 117 28.31 -140.70 27.44
N GLU F 118 28.28 -141.93 26.95
CA GLU F 118 27.00 -142.59 26.80
C GLU F 118 26.39 -142.84 28.16
N LEU F 119 27.22 -143.33 29.09
CA LEU F 119 26.74 -143.58 30.46
C LEU F 119 26.12 -142.33 31.04
N ALA F 120 26.84 -141.22 30.92
CA ALA F 120 26.37 -139.96 31.48
C ALA F 120 25.05 -139.56 30.86
N ILE F 121 24.93 -139.70 29.54
CA ILE F 121 23.70 -139.30 28.86
C ILE F 121 22.53 -140.16 29.34
N ASP F 122 22.72 -141.47 29.43
CA ASP F 122 21.61 -142.33 29.82
C ASP F 122 21.25 -142.19 31.29
N THR F 123 22.14 -141.63 32.12
CA THR F 123 21.76 -141.37 33.50
C THR F 123 20.53 -140.46 33.57
N VAL F 124 20.61 -139.30 32.92
CA VAL F 124 19.55 -138.29 32.98
C VAL F 124 18.65 -138.32 31.77
N GLY F 125 18.91 -139.19 30.79
CA GLY F 125 18.15 -139.18 29.56
C GLY F 125 18.32 -137.87 28.83
N ALA F 126 19.56 -137.44 28.69
CA ALA F 126 19.86 -136.11 28.19
C ALA F 126 19.35 -135.92 26.77
N LYS F 127 18.97 -134.68 26.47
CA LYS F 127 18.70 -134.24 25.12
C LYS F 127 19.54 -133.04 24.73
N ARG F 128 20.31 -132.48 25.65
CA ARG F 128 21.30 -131.44 25.38
C ARG F 128 22.59 -131.79 26.10
N VAL F 129 23.73 -131.47 25.47
CA VAL F 129 25.05 -131.77 26.02
C VAL F 129 25.97 -130.58 25.81
N VAL F 130 26.87 -130.37 26.76
CA VAL F 130 27.93 -129.38 26.64
C VAL F 130 29.26 -130.09 26.84
N LEU F 131 30.19 -129.91 25.91
CA LEU F 131 31.56 -130.37 26.04
C LEU F 131 32.44 -129.14 26.25
N ASP F 132 33.02 -129.03 27.44
CA ASP F 132 33.78 -127.85 27.84
C ASP F 132 35.24 -128.25 28.05
N THR F 133 36.14 -127.46 27.49
CA THR F 133 37.58 -127.73 27.53
C THR F 133 37.87 -129.10 26.94
N ILE F 134 37.60 -129.23 25.65
CA ILE F 134 38.14 -130.37 24.91
C ILE F 134 39.54 -130.09 24.40
N GLU F 135 40.06 -128.89 24.65
CA GLU F 135 41.44 -128.58 24.26
C GLU F 135 42.44 -129.48 24.95
N SER F 136 42.15 -129.88 26.19
CA SER F 136 43.07 -130.73 26.94
C SER F 136 43.38 -131.99 26.15
N LEU F 137 42.34 -132.62 25.58
CA LEU F 137 42.52 -133.86 24.84
C LEU F 137 43.18 -133.61 23.48
N PHE F 138 42.74 -132.57 22.75
CA PHE F 138 43.12 -132.39 21.36
C PHE F 138 44.31 -131.44 21.16
N SER F 139 44.81 -130.80 22.21
CA SER F 139 46.04 -130.04 22.04
C SER F 139 47.23 -130.96 21.85
N ALA F 140 47.10 -132.22 22.24
CA ALA F 140 48.18 -133.18 22.08
C ALA F 140 48.49 -133.42 20.61
N PHE F 141 47.46 -133.66 19.81
CA PHE F 141 47.67 -134.02 18.41
C PHE F 141 48.48 -132.94 17.69
N SER F 142 49.59 -133.35 17.07
CA SER F 142 50.52 -132.41 16.45
C SER F 142 50.71 -132.63 14.94
N ASN F 143 49.89 -133.46 14.30
CA ASN F 143 49.88 -133.52 12.84
C ASN F 143 48.54 -133.01 12.33
N PRO F 144 48.53 -132.04 11.41
CA PRO F 144 47.24 -131.41 11.04
C PRO F 144 46.19 -132.40 10.56
N ALA F 145 46.58 -133.41 9.76
CA ALA F 145 45.61 -134.33 9.21
C ALA F 145 45.01 -135.24 10.28
N ILE F 146 45.87 -135.79 11.15
CA ILE F 146 45.40 -136.72 12.17
C ILE F 146 44.43 -136.02 13.11
N LEU F 147 44.73 -134.77 13.47
CA LEU F 147 43.85 -134.00 14.35
C LEU F 147 42.49 -133.77 13.71
N ARG F 148 42.48 -133.40 12.43
CA ARG F 148 41.19 -133.19 11.76
C ARG F 148 40.40 -134.47 11.69
N ALA F 149 41.07 -135.60 11.49
CA ALA F 149 40.37 -136.87 11.45
C ALA F 149 39.74 -137.18 12.81
N GLU F 150 40.47 -136.96 13.89
CA GLU F 150 39.92 -137.24 15.23
C GLU F 150 38.75 -136.31 15.55
N ILE F 151 38.89 -135.01 15.22
CA ILE F 151 37.80 -134.07 15.47
C ILE F 151 36.57 -134.49 14.69
N ARG F 152 36.75 -134.90 13.43
CA ARG F 152 35.63 -135.38 12.64
C ARG F 152 35.01 -136.62 13.26
N ARG F 153 35.83 -137.51 13.78
CA ARG F 153 35.30 -138.70 14.43
C ARG F 153 34.39 -138.33 15.60
N LEU F 154 34.86 -137.42 16.45
CA LEU F 154 34.07 -137.00 17.61
C LEU F 154 32.78 -136.34 17.15
N PHE F 155 32.86 -135.44 16.17
CA PHE F 155 31.66 -134.74 15.72
C PHE F 155 30.66 -135.70 15.09
N ASP F 156 31.15 -136.68 14.32
CA ASP F 156 30.25 -137.67 13.74
C ASP F 156 29.57 -138.49 14.82
N TRP F 157 30.32 -138.90 15.85
CA TRP F 157 29.69 -139.65 16.93
C TRP F 157 28.61 -138.82 17.61
N LEU F 158 28.89 -137.54 17.85
CA LEU F 158 27.88 -136.67 18.46
C LEU F 158 26.65 -136.55 17.57
N LYS F 159 26.86 -136.36 16.27
CA LYS F 159 25.74 -136.19 15.35
C LYS F 159 24.89 -137.44 15.22
N GLU F 160 25.52 -138.62 15.35
CA GLU F 160 24.77 -139.87 15.23
C GLU F 160 23.70 -139.97 16.30
N ARG F 161 24.03 -139.57 17.53
CA ARG F 161 23.10 -139.73 18.65
C ARG F 161 21.90 -138.80 18.56
N GLY F 162 21.96 -137.75 17.75
CA GLY F 162 20.91 -136.76 17.73
C GLY F 162 20.85 -135.96 19.02
N LEU F 163 21.99 -135.55 19.55
CA LEU F 163 22.08 -134.77 20.76
C LEU F 163 22.49 -133.35 20.41
N THR F 164 21.70 -132.37 20.88
CA THR F 164 22.03 -130.97 20.68
C THR F 164 23.25 -130.64 21.55
N THR F 165 24.38 -130.36 20.91
CA THR F 165 25.64 -130.20 21.60
C THR F 165 26.20 -128.80 21.41
N VAL F 166 26.85 -128.30 22.46
CA VAL F 166 27.59 -127.04 22.41
C VAL F 166 29.00 -127.32 22.88
N ILE F 167 29.98 -126.94 22.07
CA ILE F 167 31.39 -127.18 22.35
C ILE F 167 32.07 -125.83 22.52
N THR F 168 32.75 -125.65 23.65
CA THR F 168 33.45 -124.41 23.95
C THR F 168 34.90 -124.52 23.49
N ALA F 169 35.35 -123.54 22.72
CA ALA F 169 36.68 -123.54 22.12
C ALA F 169 37.40 -122.25 22.47
N GLU F 170 38.72 -122.35 22.57
CA GLU F 170 39.57 -121.24 22.99
C GLU F 170 40.25 -120.62 21.78
N ARG F 171 40.15 -119.30 21.66
CA ARG F 171 40.67 -118.61 20.48
C ARG F 171 42.19 -118.68 20.42
N GLY F 172 42.86 -118.52 21.56
CA GLY F 172 44.31 -118.46 21.54
C GLY F 172 44.79 -117.28 20.71
N ASP F 173 45.68 -117.56 19.77
CA ASP F 173 46.19 -116.55 18.85
C ASP F 173 45.51 -116.61 17.49
N GLY F 174 44.46 -117.43 17.36
CA GLY F 174 43.80 -117.58 16.08
C GLY F 174 42.66 -116.60 15.88
N ALA F 175 42.15 -116.59 14.65
CA ALA F 175 40.97 -115.78 14.36
C ALA F 175 39.75 -116.31 15.08
N LEU F 176 39.55 -117.62 15.06
CA LEU F 176 38.41 -118.26 15.69
C LEU F 176 38.81 -119.34 16.69
N THR F 177 39.82 -120.14 16.38
CA THR F 177 40.25 -121.22 17.25
C THR F 177 41.77 -121.31 17.22
N ARG F 178 42.34 -121.83 18.29
CA ARG F 178 43.80 -121.88 18.40
C ARG F 178 44.41 -122.74 17.32
N GLN F 179 43.86 -123.95 17.11
CA GLN F 179 44.43 -124.89 16.16
C GLN F 179 43.87 -124.73 14.75
N GLY F 180 42.77 -123.99 14.59
CA GLY F 180 42.33 -123.55 13.27
C GLY F 180 41.58 -124.56 12.44
N LEU F 181 41.00 -125.60 13.04
CA LEU F 181 40.34 -126.65 12.27
C LEU F 181 38.90 -126.92 12.68
N GLU F 182 38.52 -126.64 13.94
CA GLU F 182 37.18 -126.99 14.39
C GLU F 182 36.11 -126.18 13.69
N GLU F 183 36.44 -124.96 13.27
CA GLU F 183 35.46 -124.08 12.65
C GLU F 183 35.05 -124.56 11.27
N TYR F 184 35.85 -125.42 10.65
CA TYR F 184 35.56 -125.98 9.34
C TYR F 184 34.86 -127.32 9.41
N VAL F 185 34.61 -127.84 10.62
CA VAL F 185 33.93 -129.12 10.79
C VAL F 185 32.52 -128.96 11.35
N SER F 186 32.25 -127.92 12.12
CA SER F 186 30.96 -127.73 12.72
C SER F 186 30.00 -127.06 11.74
N ASP F 187 28.72 -127.03 12.12
CA ASP F 187 27.69 -126.40 11.32
C ASP F 187 27.31 -125.01 11.81
N CYS F 188 27.43 -124.75 13.11
CA CYS F 188 27.17 -123.44 13.69
C CYS F 188 28.42 -122.98 14.45
N VAL F 189 28.88 -121.78 14.13
CA VAL F 189 30.05 -121.19 14.78
C VAL F 189 29.64 -119.82 15.31
N ILE F 190 29.84 -119.62 16.60
CA ILE F 190 29.50 -118.36 17.27
C ILE F 190 30.74 -117.83 17.94
N LEU F 191 31.13 -116.61 17.59
CA LEU F 191 32.31 -115.97 18.14
C LEU F 191 31.90 -114.91 19.17
N LEU F 192 32.47 -115.01 20.36
CA LEU F 192 32.28 -114.02 21.41
C LEU F 192 33.57 -113.22 21.57
N ASP F 193 33.43 -111.91 21.63
CA ASP F 193 34.58 -111.00 21.58
C ASP F 193 34.43 -109.94 22.67
N HIS F 194 35.58 -109.48 23.17
CA HIS F 194 35.64 -108.47 24.22
C HIS F 194 36.80 -107.53 23.88
N ARG F 195 36.49 -106.44 23.19
CA ARG F 195 37.48 -105.52 22.67
C ARG F 195 37.50 -104.22 23.44
N VAL F 196 38.68 -103.60 23.50
CA VAL F 196 38.90 -102.36 24.22
C VAL F 196 39.21 -101.27 23.22
N GLU F 197 38.48 -100.17 23.30
CA GLU F 197 38.70 -99.00 22.46
C GLU F 197 38.54 -97.75 23.31
N ASN F 198 39.57 -96.90 23.30
CA ASN F 198 39.58 -95.68 24.11
C ASN F 198 39.31 -96.00 25.57
N GLN F 199 39.83 -97.14 26.03
CA GLN F 199 39.76 -97.61 27.41
C GLN F 199 38.38 -98.14 27.78
N ILE F 200 37.47 -98.32 26.83
CA ILE F 200 36.14 -98.84 27.08
C ILE F 200 36.04 -100.22 26.44
N SER F 201 35.61 -101.20 27.22
CA SER F 201 35.50 -102.58 26.75
C SER F 201 34.07 -102.89 26.36
N THR F 202 33.90 -103.60 25.25
CA THR F 202 32.58 -103.94 24.73
C THR F 202 32.51 -105.43 24.45
N ARG F 203 31.49 -106.08 25.00
CA ARG F 203 31.18 -107.46 24.65
C ARG F 203 30.44 -107.47 23.32
N ARG F 204 30.89 -108.31 22.39
CA ARG F 204 30.27 -108.42 21.08
C ARG F 204 30.06 -109.89 20.73
N LEU F 205 29.04 -110.14 19.91
CA LEU F 205 28.64 -111.47 19.53
C LEU F 205 28.47 -111.53 18.01
N ARG F 206 28.78 -112.68 17.42
CA ARG F 206 28.67 -112.83 15.99
C ARG F 206 28.45 -114.30 15.64
N ILE F 207 27.60 -114.54 14.65
CA ILE F 207 27.33 -115.87 14.12
C ILE F 207 28.13 -115.98 12.83
N VAL F 208 29.29 -116.60 12.89
CA VAL F 208 30.17 -116.68 11.73
C VAL F 208 29.60 -117.63 10.69
N LYS F 209 29.09 -118.78 11.12
CA LYS F 209 28.48 -119.74 10.23
C LYS F 209 27.25 -120.34 10.89
N TYR F 210 26.21 -120.56 10.10
CA TYR F 210 25.08 -121.37 10.53
C TYR F 210 24.48 -122.03 9.30
N ARG F 211 24.93 -123.24 8.98
CA ARG F 211 24.45 -123.93 7.79
C ARG F 211 22.99 -124.33 7.95
N GLY F 212 22.18 -124.06 6.92
CA GLY F 212 20.83 -124.57 6.85
C GLY F 212 19.73 -123.51 6.82
N THR F 213 20.03 -122.23 6.97
CA THR F 213 18.99 -121.22 7.05
C THR F 213 19.62 -119.84 7.05
N ALA F 214 18.78 -118.83 6.99
CA ALA F 214 19.22 -117.44 7.09
C ALA F 214 19.33 -117.01 8.54
N HIS F 215 20.21 -116.04 8.80
CA HIS F 215 20.42 -115.52 10.14
C HIS F 215 21.07 -114.15 10.03
N GLY F 216 21.18 -113.48 11.18
CA GLY F 216 21.92 -112.24 11.24
C GLY F 216 23.40 -112.46 11.07
N THR F 217 24.05 -111.50 10.41
CA THR F 217 25.46 -111.61 10.06
C THR F 217 26.31 -110.46 10.58
N ASN F 218 25.74 -109.55 11.38
CA ASN F 218 26.47 -108.43 11.93
C ASN F 218 27.00 -108.77 13.32
N GLU F 219 27.74 -107.84 13.91
CA GLU F 219 28.21 -107.97 15.28
C GLU F 219 27.22 -107.28 16.20
N TYR F 220 26.80 -107.98 17.24
CA TYR F 220 25.75 -107.51 18.13
C TYR F 220 26.28 -107.35 19.54
N PRO F 221 26.53 -106.13 20.02
CA PRO F 221 26.95 -105.97 21.42
C PRO F 221 25.92 -106.53 22.37
N PHE F 222 26.39 -107.17 23.44
CA PHE F 222 25.51 -107.78 24.42
C PHE F 222 26.02 -107.47 25.82
N LEU F 223 25.31 -107.98 26.81
CA LEU F 223 25.56 -107.66 28.21
C LEU F 223 25.36 -108.90 29.06
N ILE F 224 26.32 -109.19 29.93
CA ILE F 224 26.15 -110.18 30.99
C ILE F 224 25.82 -109.41 32.25
N ASP F 225 24.63 -109.65 32.80
CA ASP F 225 24.09 -108.80 33.85
C ASP F 225 23.50 -109.75 34.90
N THR F 226 22.74 -109.20 35.84
CA THR F 226 22.28 -109.97 37.01
C THR F 226 21.47 -111.19 36.63
N ASP F 227 20.87 -111.22 35.44
CA ASP F 227 20.01 -112.32 35.04
C ASP F 227 20.60 -113.21 33.95
N GLY F 228 21.60 -112.74 33.22
CA GLY F 228 22.29 -113.57 32.25
C GLY F 228 22.60 -112.79 30.99
N PHE F 229 22.82 -113.53 29.91
CA PHE F 229 23.10 -112.92 28.61
C PHE F 229 21.91 -112.10 28.14
N SER F 230 22.18 -110.93 27.57
CA SER F 230 21.15 -110.05 27.03
C SER F 230 21.64 -109.48 25.70
N VAL F 231 20.87 -109.72 24.65
CA VAL F 231 21.13 -109.15 23.33
C VAL F 231 19.89 -108.37 22.91
N LEU F 232 20.08 -107.08 22.59
CA LEU F 232 19.02 -106.22 22.10
C LEU F 232 19.44 -105.71 20.73
N PRO F 233 19.31 -106.54 19.70
CA PRO F 233 19.82 -106.15 18.38
C PRO F 233 19.09 -104.93 17.83
N VAL F 234 19.84 -104.10 17.10
CA VAL F 234 19.24 -102.93 16.46
C VAL F 234 18.55 -103.27 15.15
N SER F 235 18.76 -104.47 14.62
CA SER F 235 18.11 -104.89 13.39
C SER F 235 16.69 -105.39 13.61
N ALA F 236 16.26 -105.55 14.86
CA ALA F 236 14.90 -105.96 15.16
C ALA F 236 13.94 -104.79 15.27
N LEU F 237 14.46 -103.56 15.23
CA LEU F 237 13.61 -102.38 15.31
C LEU F 237 12.99 -102.12 13.95
N GLY F 238 11.66 -102.11 13.90
CA GLY F 238 10.94 -101.75 12.71
C GLY F 238 10.35 -100.35 12.80
N LEU F 239 9.51 -100.03 11.83
CA LEU F 239 8.67 -98.85 11.88
C LEU F 239 7.23 -99.31 11.74
N LEU F 240 6.68 -99.84 12.83
CA LEU F 240 5.28 -100.20 12.92
C LEU F 240 4.76 -99.72 14.26
N HIS F 241 4.39 -98.46 14.33
CA HIS F 241 3.82 -97.89 15.54
C HIS F 241 2.30 -97.81 15.40
N GLN F 242 1.68 -97.25 16.43
CA GLN F 242 0.26 -96.91 16.41
C GLN F 242 0.13 -95.42 16.71
N VAL F 243 -0.92 -94.80 16.17
CA VAL F 243 -1.07 -93.35 16.27
C VAL F 243 -2.31 -93.02 17.08
N HIS F 244 -2.22 -91.93 17.82
CA HIS F 244 -3.28 -91.47 18.70
C HIS F 244 -3.67 -90.05 18.32
N GLU F 245 -4.90 -89.68 18.65
CA GLU F 245 -5.41 -88.35 18.29
C GLU F 245 -5.47 -87.38 19.46
N GLU F 246 -5.25 -87.81 20.69
CA GLU F 246 -5.13 -86.82 21.74
C GLU F 246 -3.83 -86.05 21.66
N ARG F 247 -3.77 -85.02 22.50
CA ARG F 247 -2.66 -84.10 22.56
C ARG F 247 -2.18 -83.99 24.00
N ILE F 248 -0.92 -83.61 24.16
CA ILE F 248 -0.28 -83.52 25.47
C ILE F 248 0.03 -82.06 25.76
N ALA F 249 -0.42 -81.58 26.91
CA ALA F 249 -0.15 -80.21 27.31
C ALA F 249 1.28 -80.06 27.79
N SER F 250 1.86 -78.88 27.53
CA SER F 250 3.25 -78.61 27.86
C SER F 250 3.45 -78.04 29.25
N GLY F 251 2.39 -77.57 29.91
CA GLY F 251 2.55 -76.79 31.12
C GLY F 251 2.86 -75.34 30.88
N VAL F 252 3.07 -74.95 29.63
CA VAL F 252 3.23 -73.55 29.24
C VAL F 252 2.02 -73.20 28.39
N PRO F 253 0.98 -72.58 28.96
CA PRO F 253 -0.25 -72.36 28.18
C PRO F 253 -0.03 -71.51 26.95
N ASP F 254 0.96 -70.62 26.97
CA ASP F 254 1.26 -69.81 25.79
C ASP F 254 1.78 -70.69 24.65
N LEU F 255 2.65 -71.65 24.96
CA LEU F 255 3.21 -72.51 23.91
C LEU F 255 2.14 -73.39 23.30
N ASP F 256 1.24 -73.93 24.12
CA ASP F 256 0.16 -74.76 23.59
C ASP F 256 -0.73 -73.98 22.64
N ALA F 257 -0.91 -72.68 22.89
CA ALA F 257 -1.70 -71.83 22.01
C ALA F 257 -1.06 -71.64 20.64
N MET F 258 0.21 -71.99 20.48
CA MET F 258 0.90 -71.83 19.21
C MET F 258 0.63 -73.00 18.28
N MET F 259 -0.18 -73.97 18.70
CA MET F 259 -0.41 -75.20 17.96
C MET F 259 -1.90 -75.43 17.84
N ALA F 260 -2.33 -75.85 16.66
CA ALA F 260 -3.72 -76.24 16.47
C ALA F 260 -4.02 -77.51 17.27
N GLY F 261 -5.15 -77.50 17.96
CA GLY F 261 -5.60 -78.64 18.71
C GLY F 261 -5.16 -78.68 20.16
N GLY F 262 -4.18 -77.87 20.55
CA GLY F 262 -3.79 -77.73 21.94
C GLY F 262 -2.46 -78.33 22.34
N GLY F 263 -1.63 -78.74 21.39
CA GLY F 263 -0.31 -79.23 21.73
C GLY F 263 0.13 -80.33 20.78
N PHE F 264 1.26 -80.94 21.14
CA PHE F 264 1.80 -82.04 20.36
C PHE F 264 0.93 -83.28 20.51
N PHE F 265 1.07 -84.20 19.56
CA PHE F 265 0.38 -85.47 19.67
C PHE F 265 1.01 -86.31 20.77
N ARG F 266 0.24 -87.25 21.28
CA ARG F 266 0.57 -87.85 22.56
C ARG F 266 1.86 -88.66 22.49
N GLY F 267 1.90 -89.69 21.63
CA GLY F 267 3.02 -90.61 21.61
C GLY F 267 4.17 -90.13 20.75
N SER F 268 4.24 -88.82 20.57
CA SER F 268 5.21 -88.22 19.67
C SER F 268 6.61 -88.21 20.30
N SER F 269 7.58 -87.86 19.48
CA SER F 269 8.96 -87.63 19.91
C SER F 269 9.27 -86.16 19.72
N ILE F 270 9.65 -85.48 20.81
CA ILE F 270 9.87 -84.04 20.82
C ILE F 270 11.31 -83.78 21.19
N LEU F 271 11.99 -82.95 20.39
CA LEU F 271 13.37 -82.57 20.62
C LEU F 271 13.43 -81.09 20.97
N VAL F 272 14.03 -80.78 22.12
CA VAL F 272 14.25 -79.40 22.55
C VAL F 272 15.74 -79.11 22.40
N SER F 273 16.06 -78.11 21.59
CA SER F 273 17.44 -77.80 21.25
C SER F 273 17.76 -76.36 21.61
N GLY F 274 19.04 -76.10 21.89
CA GLY F 274 19.47 -74.77 22.22
C GLY F 274 20.85 -74.76 22.82
N VAL F 275 21.36 -73.54 23.01
CA VAL F 275 22.66 -73.31 23.64
C VAL F 275 22.49 -73.38 25.15
N ALA F 276 23.62 -73.35 25.87
CA ALA F 276 23.63 -73.49 27.32
C ALA F 276 23.02 -72.25 27.96
N GLY F 277 22.16 -72.47 28.94
CA GLY F 277 21.38 -71.39 29.54
C GLY F 277 20.10 -71.06 28.82
N ALA F 278 19.80 -71.77 27.72
CA ALA F 278 18.66 -71.42 26.88
C ALA F 278 17.34 -71.61 27.62
N GLY F 279 17.21 -72.68 28.40
CA GLY F 279 15.95 -72.99 29.04
C GLY F 279 15.44 -74.38 28.72
N LYS F 280 16.32 -75.23 28.19
CA LYS F 280 15.92 -76.56 27.76
C LYS F 280 15.42 -77.39 28.94
N SER F 281 16.18 -77.40 30.03
CA SER F 281 15.79 -78.19 31.20
C SER F 281 14.50 -77.67 31.79
N SER F 282 14.30 -76.35 31.79
CA SER F 282 13.09 -75.77 32.34
C SER F 282 11.85 -76.25 31.58
N LEU F 283 11.93 -76.27 30.25
CA LEU F 283 10.80 -76.72 29.45
C LEU F 283 10.47 -78.18 29.70
N ALA F 284 11.50 -79.03 29.77
CA ALA F 284 11.28 -80.44 30.04
C ALA F 284 10.64 -80.63 31.41
N ALA F 285 11.11 -79.89 32.40
CA ALA F 285 10.53 -79.97 33.73
C ALA F 285 9.09 -79.49 33.74
N HIS F 286 8.77 -78.46 32.96
CA HIS F 286 7.40 -78.03 32.85
C HIS F 286 6.53 -79.13 32.27
N PHE F 287 7.03 -79.80 31.23
CA PHE F 287 6.32 -80.95 30.66
C PHE F 287 6.04 -81.99 31.73
N ALA F 288 7.08 -82.40 32.46
CA ALA F 288 6.92 -83.45 33.45
C ALA F 288 6.00 -83.02 34.58
N ALA F 289 6.14 -81.77 35.04
CA ALA F 289 5.32 -81.27 36.14
C ALA F 289 3.85 -81.23 35.74
N ALA F 290 3.56 -80.79 34.50
CA ALA F 290 2.19 -80.83 34.03
C ALA F 290 1.68 -82.27 33.98
N ALA F 291 2.47 -83.18 33.42
CA ALA F 291 2.05 -84.57 33.34
C ALA F 291 1.67 -85.10 34.71
N CYS F 292 2.50 -84.81 35.72
CA CYS F 292 2.18 -85.25 37.08
C CYS F 292 0.94 -84.55 37.62
N ALA F 293 0.77 -83.27 37.29
CA ALA F 293 -0.36 -82.51 37.81
C ALA F 293 -1.69 -83.07 37.33
N ARG F 294 -1.71 -83.67 36.15
CA ARG F 294 -2.92 -84.30 35.64
C ARG F 294 -3.14 -85.69 36.22
N GLY F 295 -2.31 -86.12 37.18
CA GLY F 295 -2.45 -87.43 37.79
C GLY F 295 -1.68 -88.53 37.11
N GLU F 296 -1.00 -88.25 36.01
CA GLU F 296 -0.22 -89.27 35.30
C GLU F 296 1.13 -89.43 35.99
N ARG F 297 1.99 -90.27 35.42
CA ARG F 297 3.31 -90.56 35.95
C ARG F 297 4.37 -90.13 34.94
N ALA F 298 5.50 -89.63 35.46
CA ALA F 298 6.59 -89.13 34.63
C ALA F 298 7.92 -89.65 35.13
N MET F 299 8.86 -89.86 34.18
CA MET F 299 10.21 -90.25 34.52
C MET F 299 11.12 -89.24 33.85
N TYR F 300 12.11 -88.71 34.58
CA TYR F 300 12.99 -87.66 34.05
C TYR F 300 14.42 -88.12 34.28
N PHE F 301 15.10 -88.50 33.21
CA PHE F 301 16.47 -89.01 33.28
C PHE F 301 17.42 -87.85 33.01
N SER F 302 18.12 -87.41 34.05
CA SER F 302 19.12 -86.36 33.92
C SER F 302 20.50 -87.01 33.96
N PHE F 303 21.38 -86.55 33.08
CA PHE F 303 22.73 -87.06 33.01
C PHE F 303 23.77 -86.03 33.40
N GLU F 304 23.34 -84.85 33.85
CA GLU F 304 24.34 -83.85 34.20
C GLU F 304 24.06 -83.11 35.49
N GLU F 305 22.92 -83.31 36.15
CA GLU F 305 22.61 -82.63 37.39
C GLU F 305 22.05 -83.63 38.39
N ALA F 306 22.25 -83.32 39.68
CA ALA F 306 21.77 -84.17 40.76
C ALA F 306 20.30 -83.90 41.07
N ALA F 307 19.71 -84.79 41.87
CA ALA F 307 18.29 -84.70 42.17
C ALA F 307 17.96 -83.53 43.06
N ASP F 308 18.67 -83.37 44.16
CA ASP F 308 18.39 -82.24 45.04
C ASP F 308 18.71 -80.92 44.34
N GLN F 309 19.81 -80.88 43.59
CA GLN F 309 20.16 -79.66 42.87
C GLN F 309 19.15 -79.32 41.80
N ALA F 310 18.68 -80.31 41.05
CA ALA F 310 17.67 -80.05 40.03
C ALA F 310 16.38 -79.56 40.66
N VAL F 311 15.99 -80.14 41.80
CA VAL F 311 14.78 -79.69 42.48
C VAL F 311 14.92 -78.24 42.91
N ARG F 312 16.06 -77.89 43.51
CA ARG F 312 16.26 -76.51 43.94
C ARG F 312 16.25 -75.57 42.74
N ASN F 313 16.91 -75.96 41.65
CA ASN F 313 16.99 -75.10 40.48
C ASN F 313 15.61 -74.87 39.88
N MET F 314 14.80 -75.93 39.79
CA MET F 314 13.46 -75.76 39.25
C MET F 314 12.54 -75.02 40.22
N ARG F 315 12.83 -75.02 41.52
CA ARG F 315 11.97 -74.33 42.48
C ARG F 315 11.91 -72.84 42.21
N SER F 316 13.00 -72.25 41.71
CA SER F 316 13.01 -70.82 41.44
C SER F 316 12.10 -70.44 40.28
N LEU F 317 11.82 -71.37 39.38
CA LEU F 317 10.92 -71.14 38.26
C LEU F 317 9.46 -71.41 38.61
N GLY F 318 9.16 -71.64 39.89
CA GLY F 318 7.80 -71.84 40.35
C GLY F 318 7.31 -73.27 40.25
N LEU F 319 8.08 -74.17 39.65
CA LEU F 319 7.70 -75.57 39.63
C LEU F 319 7.94 -76.18 41.01
N ASP F 320 7.17 -77.23 41.31
CA ASP F 320 7.34 -77.99 42.54
C ASP F 320 7.53 -79.46 42.13
N LEU F 321 8.78 -79.78 41.79
CA LEU F 321 9.10 -81.16 41.44
C LEU F 321 9.17 -82.03 42.68
N GLY F 322 9.42 -81.43 43.84
CA GLY F 322 9.46 -82.20 45.08
C GLY F 322 8.09 -82.73 45.49
N ARG F 323 7.05 -81.92 45.29
CA ARG F 323 5.69 -82.39 45.59
C ARG F 323 5.40 -83.68 44.86
N TRP F 324 5.81 -83.77 43.60
CA TRP F 324 5.48 -84.90 42.76
C TRP F 324 6.36 -86.10 43.07
N ARG F 325 7.61 -85.88 43.49
CA ARG F 325 8.44 -86.98 43.97
C ARG F 325 7.84 -87.57 45.25
N ASP F 326 7.46 -86.71 46.19
CA ASP F 326 6.89 -87.19 47.44
C ASP F 326 5.54 -87.84 47.27
N ALA F 327 4.84 -87.55 46.17
CA ALA F 327 3.53 -88.14 45.90
C ALA F 327 3.62 -89.41 45.07
N GLY F 328 4.82 -89.87 44.74
CA GLY F 328 4.95 -91.10 43.95
C GLY F 328 4.39 -90.98 42.56
N LEU F 329 4.59 -89.84 41.91
CA LEU F 329 4.14 -89.64 40.54
C LEU F 329 5.25 -89.16 39.62
N LEU F 330 6.45 -88.90 40.14
CA LEU F 330 7.58 -88.48 39.33
C LEU F 330 8.83 -89.19 39.86
N ARG F 331 9.47 -89.97 38.99
CA ARG F 331 10.74 -90.61 39.31
C ARG F 331 11.85 -89.85 38.60
N PHE F 332 12.80 -89.34 39.38
CA PHE F 332 13.88 -88.49 38.90
C PHE F 332 15.18 -89.27 39.03
N MET F 333 15.73 -89.70 37.90
CA MET F 333 16.90 -90.55 37.93
C MET F 333 18.09 -89.80 37.38
N ALA F 334 19.20 -89.81 38.12
CA ALA F 334 20.40 -89.07 37.74
C ALA F 334 21.60 -90.01 37.76
N THR F 335 22.30 -90.08 36.63
CA THR F 335 23.49 -90.91 36.50
C THR F 335 24.40 -90.30 35.45
N ARG F 336 25.69 -90.26 35.75
CA ARG F 336 26.65 -89.71 34.80
C ARG F 336 26.79 -90.62 33.58
N PRO F 337 27.14 -90.07 32.43
CA PRO F 337 27.31 -90.92 31.24
C PRO F 337 28.41 -91.95 31.38
N THR F 338 29.38 -91.73 32.27
CA THR F 338 30.50 -92.63 32.45
C THR F 338 30.24 -93.70 33.51
N PHE F 339 29.06 -93.69 34.14
CA PHE F 339 28.77 -94.68 35.18
C PHE F 339 28.56 -96.06 34.59
N TYR F 340 28.02 -96.15 33.37
CA TYR F 340 27.68 -97.41 32.74
C TYR F 340 28.27 -97.45 31.34
N SER F 341 28.18 -98.62 30.72
CA SER F 341 28.47 -98.77 29.30
C SER F 341 27.20 -98.54 28.49
N LEU F 342 27.39 -98.22 27.21
CA LEU F 342 26.25 -97.86 26.38
C LEU F 342 25.17 -98.94 26.38
N GLU F 343 25.57 -100.20 26.53
CA GLU F 343 24.58 -101.27 26.59
C GLU F 343 23.80 -101.22 27.88
N MET F 344 24.50 -101.07 29.00
CA MET F 344 23.84 -101.09 30.30
C MET F 344 23.01 -99.84 30.54
N HIS F 345 23.41 -98.70 29.98
CA HIS F 345 22.56 -97.51 30.04
C HIS F 345 21.19 -97.82 29.46
N LEU F 346 21.17 -98.36 28.24
CA LEU F 346 19.92 -98.74 27.61
C LEU F 346 19.17 -99.76 28.44
N ALA F 347 19.87 -100.78 28.95
CA ALA F 347 19.20 -101.82 29.72
C ALA F 347 18.49 -101.23 30.93
N VAL F 348 19.20 -100.37 31.67
CA VAL F 348 18.63 -99.78 32.88
C VAL F 348 17.44 -98.90 32.52
N ILE F 349 17.58 -98.08 31.48
CA ILE F 349 16.49 -97.18 31.11
C ILE F 349 15.24 -97.99 30.75
N LEU F 350 15.40 -99.02 29.94
CA LEU F 350 14.26 -99.82 29.53
C LEU F 350 13.62 -100.52 30.73
N ARG F 351 14.43 -101.11 31.60
CA ARG F 351 13.89 -101.81 32.76
C ARG F 351 13.08 -100.85 33.63
N GLU F 352 13.66 -99.69 33.93
CA GLU F 352 12.99 -98.72 34.79
C GLU F 352 11.70 -98.22 34.15
N VAL F 353 11.71 -97.97 32.84
CA VAL F 353 10.51 -97.50 32.16
C VAL F 353 9.43 -98.57 32.25
N MET F 354 9.82 -99.82 32.06
CA MET F 354 8.88 -100.93 32.21
C MET F 354 8.19 -100.91 33.56
N ARG F 355 8.97 -100.85 34.63
CA ARG F 355 8.40 -101.04 35.96
C ARG F 355 7.40 -99.95 36.30
N PHE F 356 7.80 -98.69 36.18
CA PHE F 356 6.95 -97.58 36.61
C PHE F 356 5.75 -97.41 35.70
N GLU F 357 5.88 -97.74 34.41
CA GLU F 357 4.85 -97.51 33.41
C GLU F 357 4.51 -96.01 33.34
N PRO F 358 5.45 -95.21 32.86
CA PRO F 358 5.23 -93.76 32.78
C PRO F 358 4.30 -93.38 31.64
N SER F 359 3.93 -92.10 31.63
CA SER F 359 3.27 -91.47 30.50
C SER F 359 4.18 -90.51 29.75
N VAL F 360 5.10 -89.85 30.46
CA VAL F 360 6.06 -88.94 29.87
C VAL F 360 7.45 -89.34 30.35
N VAL F 361 8.38 -89.48 29.42
CA VAL F 361 9.78 -89.77 29.73
C VAL F 361 10.63 -88.69 29.12
N VAL F 362 11.51 -88.11 29.91
CA VAL F 362 12.42 -87.06 29.47
C VAL F 362 13.85 -87.56 29.61
N LEU F 363 14.67 -87.25 28.61
CA LEU F 363 16.10 -87.52 28.64
C LEU F 363 16.82 -86.19 28.47
N ASP F 364 17.59 -85.80 29.49
CA ASP F 364 18.20 -84.48 29.51
C ASP F 364 19.66 -84.53 29.93
N PRO F 365 20.62 -84.29 29.02
CA PRO F 365 20.50 -84.10 27.58
C PRO F 365 20.91 -85.31 26.77
N ILE F 366 20.37 -85.41 25.55
CA ILE F 366 20.74 -86.50 24.66
C ILE F 366 22.18 -86.37 24.17
N SER F 367 22.75 -85.17 24.22
CA SER F 367 24.08 -84.92 23.70
C SER F 367 25.19 -85.24 24.69
N ALA F 368 24.85 -85.75 25.87
CA ALA F 368 25.85 -86.05 26.88
C ALA F 368 26.65 -87.31 26.55
N PHE F 369 26.12 -88.18 25.69
CA PHE F 369 26.74 -89.46 25.38
C PHE F 369 27.68 -89.41 24.18
N THR F 370 28.02 -88.22 23.68
CA THR F 370 28.82 -88.13 22.45
C THR F 370 30.19 -88.77 22.62
N GLU F 371 30.84 -88.52 23.76
CA GLU F 371 32.19 -89.04 24.03
C GLU F 371 32.19 -90.38 24.73
N SER F 372 31.02 -91.00 24.93
CA SER F 372 30.95 -92.32 25.55
C SER F 372 31.15 -93.45 24.55
N GLY F 373 31.32 -93.15 23.27
CA GLY F 373 31.54 -94.18 22.28
C GLY F 373 31.64 -93.56 20.91
N ASP F 374 31.57 -94.41 19.89
CA ASP F 374 31.55 -93.95 18.52
C ASP F 374 30.19 -93.35 18.18
N ARG F 375 30.16 -92.56 17.11
CA ARG F 375 28.91 -91.91 16.70
C ARG F 375 27.84 -92.93 16.38
N LEU F 376 28.20 -94.02 15.70
CA LEU F 376 27.22 -95.00 15.28
C LEU F 376 26.76 -95.89 16.44
N GLU F 377 27.57 -96.03 17.48
CA GLU F 377 27.15 -96.74 18.69
C GLU F 377 26.17 -95.95 19.53
N VAL F 378 26.45 -94.67 19.73
CA VAL F 378 25.55 -93.83 20.50
C VAL F 378 24.25 -93.62 19.74
N GLN F 379 24.35 -93.52 18.41
CA GLN F 379 23.15 -93.45 17.59
C GLN F 379 22.33 -94.72 17.71
N SER F 380 22.99 -95.89 17.71
CA SER F 380 22.24 -97.13 17.89
C SER F 380 21.52 -97.16 19.23
N MET F 381 22.22 -96.79 20.30
CA MET F 381 21.60 -96.77 21.62
C MET F 381 20.38 -95.85 21.64
N LEU F 382 20.56 -94.62 21.15
CA LEU F 382 19.48 -93.64 21.19
C LEU F 382 18.31 -94.07 20.32
N LEU F 383 18.60 -94.64 19.15
CA LEU F 383 17.53 -95.14 18.29
C LEU F 383 16.74 -96.23 18.97
N ARG F 384 17.42 -97.14 19.67
CA ARG F 384 16.71 -98.18 20.39
C ARG F 384 15.84 -97.59 21.49
N ILE F 385 16.35 -96.59 22.21
CA ILE F 385 15.55 -95.94 23.25
C ILE F 385 14.30 -95.32 22.64
N VAL F 386 14.47 -94.61 21.52
CA VAL F 386 13.35 -93.91 20.89
C VAL F 386 12.31 -94.91 20.42
N ASP F 387 12.75 -96.00 19.78
CA ASP F 387 11.81 -97.00 19.29
C ASP F 387 11.06 -97.64 20.45
N PHE F 388 11.77 -97.99 21.52
CA PHE F 388 11.10 -98.59 22.67
C PHE F 388 10.04 -97.65 23.23
N LEU F 389 10.37 -96.36 23.36
CA LEU F 389 9.39 -95.42 23.89
C LEU F 389 8.20 -95.29 22.95
N LYS F 390 8.43 -95.25 21.64
CA LYS F 390 7.35 -94.99 20.71
C LYS F 390 6.43 -96.19 20.55
N ASN F 391 6.96 -97.41 20.67
CA ASN F 391 6.11 -98.59 20.53
C ASN F 391 5.13 -98.75 21.68
N ARG F 392 5.29 -98.00 22.77
CA ARG F 392 4.42 -98.11 23.93
C ARG F 392 3.52 -96.91 24.14
N GLY F 393 3.55 -95.93 23.23
CA GLY F 393 2.73 -94.75 23.40
C GLY F 393 3.23 -93.79 24.46
N ILE F 394 4.48 -93.89 24.85
CA ILE F 394 5.08 -93.01 25.85
C ILE F 394 5.65 -91.79 25.13
N THR F 395 5.35 -90.60 25.66
CA THR F 395 5.82 -89.36 25.06
C THR F 395 7.26 -89.10 25.52
N GLY F 396 8.16 -88.95 24.55
CA GLY F 396 9.55 -88.73 24.85
C GLY F 396 10.00 -87.31 24.60
N ILE F 397 10.53 -86.65 25.63
CA ILE F 397 11.06 -85.29 25.52
C ILE F 397 12.57 -85.40 25.63
N PHE F 398 13.27 -85.08 24.55
CA PHE F 398 14.71 -85.15 24.49
C PHE F 398 15.30 -83.75 24.38
N THR F 399 16.22 -83.43 25.28
CA THR F 399 16.91 -82.14 25.26
C THR F 399 18.29 -82.32 24.64
N HIS F 400 18.64 -81.42 23.74
CA HIS F 400 19.88 -81.50 22.98
C HIS F 400 20.53 -80.13 22.95
N LEU F 401 21.85 -80.10 23.09
CA LEU F 401 22.59 -78.85 23.05
C LEU F 401 22.99 -78.52 21.61
N ALA F 402 22.71 -77.28 21.21
CA ALA F 402 23.00 -76.83 19.86
C ALA F 402 24.47 -76.43 19.70
N HIS F 403 25.05 -76.86 18.58
CA HIS F 403 26.42 -76.51 18.14
C HIS F 403 26.94 -77.61 17.23
N GLY F 413 21.62 -86.51 13.53
CA GLY F 413 21.34 -87.90 13.88
C GLY F 413 20.23 -87.98 14.91
N LEU F 414 19.14 -88.65 14.53
CA LEU F 414 17.91 -88.84 15.30
C LEU F 414 17.06 -87.58 15.32
N GLU F 415 17.55 -86.48 14.74
CA GLU F 415 16.72 -85.31 14.54
C GLU F 415 15.59 -85.65 13.59
N GLU F 416 15.92 -86.47 12.59
CA GLU F 416 15.02 -86.91 11.55
C GLU F 416 13.83 -87.71 12.09
N LEU F 417 14.00 -88.39 13.22
CA LEU F 417 12.99 -89.26 13.78
C LEU F 417 12.09 -88.54 14.77
N MET F 418 12.11 -87.22 14.76
CA MET F 418 11.39 -86.41 15.74
C MET F 418 10.13 -85.84 15.11
N ASP F 419 9.03 -85.94 15.84
CA ASP F 419 7.75 -85.41 15.36
C ASP F 419 7.66 -83.90 15.58
N GLY F 420 8.11 -83.44 16.74
CA GLY F 420 8.20 -82.02 17.01
C GLY F 420 9.62 -81.57 17.29
N TRP F 421 9.89 -80.28 17.13
CA TRP F 421 11.21 -79.73 17.38
C TRP F 421 11.04 -78.29 17.86
N VAL F 422 11.48 -78.03 19.08
CA VAL F 422 11.41 -76.71 19.68
C VAL F 422 12.84 -76.19 19.81
N LEU F 423 13.15 -75.10 19.11
CA LEU F 423 14.47 -74.49 19.18
C LEU F 423 14.39 -73.24 20.05
N MET F 424 15.25 -73.20 21.07
CA MET F 424 15.28 -72.11 22.03
C MET F 424 16.55 -71.31 21.84
N LEU F 425 16.41 -69.98 21.73
CA LEU F 425 17.50 -69.09 21.41
C LEU F 425 17.75 -68.11 22.56
N ASN F 426 19.01 -67.73 22.73
CA ASN F 426 19.42 -66.70 23.67
C ASN F 426 20.56 -65.94 23.01
N ARG F 427 20.22 -64.84 22.33
CA ARG F 427 21.14 -64.14 21.44
C ARG F 427 21.43 -62.74 21.97
N GLU F 428 22.52 -62.15 21.47
CA GLU F 428 22.96 -60.82 21.87
C GLU F 428 22.54 -59.82 20.80
N VAL F 429 21.73 -58.86 21.20
CA VAL F 429 21.43 -57.70 20.37
C VAL F 429 21.35 -56.49 21.30
N ASN F 430 22.06 -55.42 20.94
CA ASN F 430 21.98 -54.15 21.66
C ASN F 430 22.50 -54.29 23.09
N GLY F 431 23.61 -55.00 23.26
CA GLY F 431 24.23 -55.12 24.57
C GLY F 431 23.37 -55.80 25.60
N GLU F 432 22.57 -56.78 25.18
CA GLU F 432 21.75 -57.57 26.10
C GLU F 432 21.44 -58.89 25.41
N PHE F 433 21.13 -59.89 26.22
CA PHE F 433 20.79 -61.21 25.72
C PHE F 433 19.30 -61.45 25.93
N ASN F 434 18.59 -61.73 24.84
CA ASN F 434 17.15 -61.92 24.86
C ASN F 434 16.80 -63.35 24.49
N ARG F 435 15.84 -63.92 25.20
CA ARG F 435 15.41 -65.29 24.98
C ARG F 435 14.30 -65.34 23.92
N GLU F 436 14.31 -66.42 23.14
CA GLU F 436 13.34 -66.62 22.07
C GLU F 436 13.16 -68.11 21.87
N LEU F 437 12.09 -68.47 21.17
CA LEU F 437 11.85 -69.87 20.84
C LEU F 437 10.88 -69.93 19.66
N TYR F 438 11.08 -70.95 18.82
CA TYR F 438 10.17 -71.21 17.72
C TYR F 438 10.06 -72.71 17.49
N LEU F 439 8.99 -73.10 16.80
CA LEU F 439 8.70 -74.50 16.51
C LEU F 439 9.26 -74.80 15.12
N LEU F 440 10.44 -75.42 15.08
CA LEU F 440 11.05 -75.78 13.82
C LEU F 440 10.18 -76.78 13.06
N LYS F 441 9.64 -77.76 13.78
CA LYS F 441 8.90 -78.84 13.16
C LYS F 441 7.78 -79.26 14.08
N ALA F 442 6.61 -79.46 13.49
CA ALA F 442 5.51 -80.09 14.19
C ALA F 442 4.64 -80.82 13.19
N ARG F 443 4.92 -82.10 12.98
CA ARG F 443 4.26 -82.85 11.92
C ARG F 443 2.82 -83.18 12.30
N GLY F 444 1.93 -83.07 11.31
CA GLY F 444 0.55 -83.44 11.49
C GLY F 444 -0.36 -82.34 11.96
N MET F 445 0.09 -81.08 11.97
CA MET F 445 -0.68 -80.05 12.63
C MET F 445 -0.33 -78.71 12.00
N ALA F 446 -1.15 -77.72 12.28
CA ALA F 446 -0.83 -76.34 11.95
C ALA F 446 -0.33 -75.61 13.19
N HIS F 447 0.73 -74.83 13.03
CA HIS F 447 1.35 -74.12 14.14
C HIS F 447 1.89 -72.77 13.68
N SER F 448 2.15 -71.90 14.65
CA SER F 448 2.65 -70.57 14.37
C SER F 448 4.05 -70.63 13.78
N ASN F 449 4.37 -69.66 12.93
CA ASN F 449 5.69 -69.53 12.32
C ASN F 449 6.42 -68.29 12.81
N GLN F 450 6.15 -67.90 14.05
CA GLN F 450 6.73 -66.69 14.64
C GLN F 450 7.85 -67.05 15.59
N VAL F 451 8.92 -66.26 15.56
CA VAL F 451 10.03 -66.41 16.51
C VAL F 451 9.66 -65.52 17.70
N ARG F 452 9.03 -66.13 18.69
CA ARG F 452 8.46 -65.39 19.80
C ARG F 452 9.47 -65.24 20.93
N GLU F 453 9.40 -64.11 21.61
CA GLU F 453 10.26 -63.81 22.74
C GLU F 453 9.53 -64.14 24.04
N PHE F 454 10.26 -64.71 25.00
CA PHE F 454 9.66 -65.12 26.26
C PHE F 454 10.57 -64.69 27.40
N LEU F 455 10.04 -64.82 28.62
CA LEU F 455 10.77 -64.50 29.83
C LEU F 455 10.59 -65.61 30.83
N MET F 456 11.59 -65.78 31.69
CA MET F 456 11.51 -66.68 32.83
C MET F 456 11.26 -65.86 34.09
N SER F 457 10.59 -66.47 35.06
CA SER F 457 10.26 -65.78 36.28
C SER F 457 9.83 -66.82 37.31
N ASP F 458 9.37 -66.33 38.46
CA ASP F 458 8.80 -67.20 39.48
C ASP F 458 7.52 -67.87 39.00
N ARG F 459 6.95 -67.40 37.88
CA ARG F 459 5.71 -67.91 37.33
C ARG F 459 5.93 -68.84 36.16
N GLY F 460 7.18 -69.22 35.89
CA GLY F 460 7.48 -70.12 34.80
C GLY F 460 7.85 -69.37 33.53
N ILE F 461 7.60 -69.99 32.39
CA ILE F 461 7.91 -69.40 31.10
C ILE F 461 6.69 -68.66 30.58
N SER F 462 6.82 -67.36 30.35
CA SER F 462 5.75 -66.54 29.81
C SER F 462 6.19 -65.96 28.48
N LEU F 463 5.35 -66.11 27.47
CA LEU F 463 5.63 -65.59 26.13
C LEU F 463 5.01 -64.21 26.01
N LEU F 464 5.79 -63.27 25.51
CA LEU F 464 5.35 -61.89 25.41
C LEU F 464 4.47 -61.71 24.18
N PRO F 465 3.63 -60.68 24.17
CA PRO F 465 2.76 -60.47 23.02
C PRO F 465 3.56 -60.31 21.76
N PRO F 466 3.03 -60.74 20.62
CA PRO F 466 3.78 -60.65 19.37
C PRO F 466 4.12 -59.21 19.02
N HIS F 467 5.11 -59.06 18.15
CA HIS F 467 5.65 -57.76 17.80
C HIS F 467 4.94 -57.24 16.56
N LEU F 468 4.34 -56.06 16.66
CA LEU F 468 3.63 -55.46 15.54
C LEU F 468 4.28 -54.12 15.22
N GLY F 469 4.91 -54.05 14.06
CA GLY F 469 5.48 -52.81 13.57
C GLY F 469 5.95 -53.04 12.16
N GLU F 470 6.08 -51.96 11.42
CA GLU F 470 6.44 -52.11 10.02
C GLU F 470 7.82 -52.72 9.88
N GLY F 471 8.74 -52.30 10.75
CA GLY F 471 10.05 -52.93 10.78
C GLY F 471 10.02 -54.33 11.37
N GLY F 472 9.40 -54.47 12.55
CA GLY F 472 9.33 -55.75 13.21
C GLY F 472 10.68 -56.27 13.68
N ALA F 473 10.71 -57.47 14.24
CA ALA F 473 11.95 -58.15 14.58
C ALA F 473 12.81 -57.35 15.55
N LEU F 474 12.16 -56.73 16.54
CA LEU F 474 12.85 -56.06 17.63
C LEU F 474 12.45 -56.72 18.94
N THR F 475 13.44 -56.88 19.83
CA THR F 475 13.25 -57.61 21.07
C THR F 475 13.81 -56.81 22.24
N GLY F 476 13.25 -57.05 23.42
CA GLY F 476 13.79 -56.48 24.63
C GLY F 476 13.66 -54.98 24.73
N THR F 477 14.80 -54.31 24.93
CA THR F 477 14.78 -52.87 25.13
C THR F 477 14.51 -52.13 23.83
N ALA F 478 15.03 -52.62 22.71
CA ALA F 478 14.80 -51.96 21.43
C ALA F 478 13.31 -51.86 21.12
N ARG F 479 12.53 -52.85 21.56
CA ARG F 479 11.09 -52.80 21.34
C ARG F 479 10.47 -51.60 22.05
N LYS F 480 10.84 -51.39 23.31
CA LYS F 480 10.30 -50.25 24.04
C LYS F 480 10.76 -48.94 23.42
N ALA F 481 12.02 -48.89 22.99
CA ALA F 481 12.54 -47.68 22.35
C ALA F 481 11.73 -47.34 21.10
N GLU F 482 11.41 -48.35 20.28
CA GLU F 482 10.65 -48.09 19.08
C GLU F 482 9.21 -47.70 19.40
N GLU F 483 8.63 -48.30 20.44
CA GLU F 483 7.29 -47.88 20.86
C GLU F 483 7.29 -46.40 21.23
N ALA F 484 8.31 -45.98 21.99
CA ALA F 484 8.42 -44.57 22.35
C ALA F 484 8.58 -43.68 21.12
N ARG F 485 9.42 -44.12 20.18
CA ARG F 485 9.64 -43.34 18.96
C ARG F 485 8.35 -43.18 18.17
N LEU F 486 7.58 -44.27 18.06
CA LEU F 486 6.30 -44.20 17.34
C LEU F 486 5.34 -43.25 18.03
N ARG F 487 5.28 -43.29 19.36
CA ARG F 487 4.43 -42.35 20.09
C ARG F 487 4.85 -40.92 19.82
N ARG F 488 6.16 -40.66 19.84
CA ARG F 488 6.65 -39.30 19.59
C ARG F 488 6.27 -38.83 18.19
N ALA F 489 6.42 -39.70 17.19
CA ALA F 489 6.06 -39.32 15.83
C ALA F 489 4.56 -39.01 15.72
N GLU F 490 3.73 -39.83 16.37
CA GLU F 490 2.29 -39.57 16.35
C GLU F 490 1.96 -38.23 16.98
N ILE F 491 2.62 -37.90 18.10
CA ILE F 491 2.38 -36.60 18.73
C ILE F 491 2.79 -35.48 17.79
N GLU F 492 3.94 -35.63 17.13
CA GLU F 492 4.41 -34.61 16.19
C GLU F 492 3.38 -34.36 15.09
N ARG F 493 2.88 -35.44 14.48
CA ARG F 493 1.91 -35.27 13.40
C ARG F 493 0.62 -34.62 13.91
N GLN F 494 0.18 -35.01 15.12
CA GLN F 494 -1.02 -34.41 15.68
C GLN F 494 -0.84 -32.91 15.87
N THR F 495 0.32 -32.49 16.37
CA THR F 495 0.57 -31.06 16.57
C THR F 495 0.59 -30.32 15.24
N GLU F 496 1.18 -30.94 14.21
CA GLU F 496 1.18 -30.32 12.88
C GLU F 496 -0.24 -30.07 12.39
N LEU F 497 -1.09 -31.10 12.48
CA LEU F 497 -2.47 -30.94 12.04
C LEU F 497 -3.18 -29.87 12.86
N GLY F 498 -2.90 -29.82 14.17
CA GLY F 498 -3.53 -28.81 15.00
C GLY F 498 -3.17 -27.40 14.56
N ARG F 499 -1.88 -27.15 14.32
CA ARG F 499 -1.48 -25.80 13.90
C ARG F 499 -2.12 -25.44 12.56
N LEU F 500 -2.19 -26.39 11.63
CA LEU F 500 -2.82 -26.09 10.35
C LEU F 500 -4.29 -25.71 10.53
N GLN F 501 -5.01 -26.49 11.34
CA GLN F 501 -6.42 -26.19 11.62
C GLN F 501 -6.57 -24.79 12.18
N GLN F 502 -5.74 -24.46 13.18
CA GLN F 502 -5.81 -23.16 13.85
C GLN F 502 -5.53 -22.02 12.87
N GLN F 503 -4.58 -22.22 11.95
CA GLN F 503 -4.25 -21.18 10.97
C GLN F 503 -5.43 -20.93 10.02
N ILE F 504 -6.03 -21.99 9.51
CA ILE F 504 -7.14 -21.77 8.59
C ILE F 504 -8.32 -21.13 9.33
N GLU F 505 -8.55 -21.51 10.59
CA GLU F 505 -9.64 -20.90 11.34
C GLU F 505 -9.35 -19.42 11.66
N GLN F 506 -8.09 -19.06 11.91
CA GLN F 506 -7.79 -17.64 12.10
C GLN F 506 -8.05 -16.84 10.82
N ARG F 507 -7.72 -17.42 9.67
CA ARG F 507 -8.10 -16.76 8.41
C ARG F 507 -9.61 -16.53 8.34
N ARG F 508 -10.39 -17.55 8.74
CA ARG F 508 -11.85 -17.39 8.73
C ARG F 508 -12.30 -16.26 9.65
N ARG F 509 -11.75 -16.20 10.87
CA ARG F 509 -12.14 -15.16 11.81
C ARG F 509 -11.82 -13.78 11.24
N ARG F 510 -10.70 -13.68 10.56
CA ARG F 510 -10.33 -12.47 9.83
C ARG F 510 -11.37 -12.05 8.84
N ALA F 511 -11.76 -12.98 7.98
CA ALA F 511 -12.76 -12.66 6.99
C ALA F 511 -14.01 -12.13 7.67
N ARG F 512 -14.38 -12.75 8.78
CA ARG F 512 -15.42 -12.18 9.63
C ARG F 512 -15.21 -10.74 10.01
N ALA F 513 -14.09 -10.43 10.64
CA ALA F 513 -13.93 -9.09 11.16
C ALA F 513 -14.08 -8.06 10.05
N GLN F 514 -13.49 -8.37 8.89
CA GLN F 514 -13.58 -7.45 7.77
C GLN F 514 -15.03 -7.31 7.28
N ILE F 515 -15.77 -8.42 7.22
CA ILE F 515 -17.16 -8.36 6.80
C ILE F 515 -17.95 -7.46 7.74
N GLU F 516 -17.73 -7.62 9.05
CA GLU F 516 -18.46 -6.80 10.01
C GLU F 516 -18.17 -5.33 9.80
N ALA F 517 -16.90 -4.98 9.61
CA ALA F 517 -16.55 -3.58 9.39
C ALA F 517 -17.26 -3.02 8.16
N LEU F 518 -17.23 -3.78 7.06
CA LEU F 518 -17.86 -3.30 5.83
C LEU F 518 -19.36 -3.14 6.00
N GLU F 519 -20.00 -4.07 6.73
CA GLU F 519 -21.42 -3.97 7.02
C GLU F 519 -21.73 -2.69 7.78
N ALA F 520 -20.94 -2.40 8.81
CA ALA F 520 -21.19 -1.19 9.58
C ALA F 520 -21.06 0.04 8.67
N GLU F 521 -20.08 0.03 7.77
CA GLU F 521 -19.92 1.14 6.85
C GLU F 521 -21.17 1.31 5.98
N LEU F 522 -21.70 0.20 5.43
CA LEU F 522 -22.86 0.33 4.55
C LEU F 522 -24.10 0.76 5.32
N GLN F 523 -24.24 0.34 6.58
CA GLN F 523 -25.35 0.83 7.39
C GLN F 523 -25.24 2.33 7.60
N ALA F 524 -24.03 2.83 7.87
CA ALA F 524 -23.83 4.26 7.98
C ALA F 524 -24.23 4.97 6.70
N GLU F 525 -23.86 4.40 5.55
CA GLU F 525 -24.24 5.01 4.28
C GLU F 525 -25.76 5.06 4.13
N GLU F 526 -26.45 3.98 4.52
CA GLU F 526 -27.91 3.98 4.45
C GLU F 526 -28.49 5.12 5.28
N ILE F 527 -27.97 5.29 6.50
CA ILE F 527 -28.46 6.38 7.35
C ILE F 527 -28.22 7.73 6.68
N ALA F 528 -27.08 7.87 6.00
CA ALA F 528 -26.80 9.13 5.30
C ALA F 528 -27.81 9.38 4.18
N LEU F 529 -28.12 8.34 3.41
CA LEU F 529 -29.14 8.48 2.37
C LEU F 529 -30.45 8.97 2.99
N LYS F 530 -30.81 8.38 4.12
CA LYS F 530 -32.05 8.75 4.80
C LYS F 530 -32.07 10.21 5.14
N ALA F 531 -31.00 10.66 5.79
CA ALA F 531 -30.93 12.03 6.25
C ALA F 531 -31.00 13.00 5.09
N LEU F 532 -30.34 12.66 3.98
CA LEU F 532 -30.37 13.54 2.82
C LEU F 532 -31.77 13.65 2.24
N VAL F 533 -32.48 12.52 2.12
CA VAL F 533 -33.84 12.56 1.59
C VAL F 533 -34.75 13.36 2.51
N GLU F 534 -34.59 13.17 3.81
CA GLU F 534 -35.38 13.93 4.78
C GLU F 534 -35.14 15.43 4.61
N SER F 535 -33.87 15.82 4.47
CA SER F 535 -33.55 17.24 4.32
C SER F 535 -34.17 17.81 3.05
N GLU F 536 -34.11 17.06 1.95
CA GLU F 536 -34.71 17.55 0.71
C GLU F 536 -36.21 17.72 0.85
N SER F 537 -36.89 16.76 1.49
CA SER F 537 -38.32 16.88 1.68
C SER F 537 -38.65 18.11 2.52
N ALA F 538 -37.89 18.33 3.59
CA ALA F 538 -38.12 19.50 4.43
C ALA F 538 -37.92 20.79 3.65
N HIS F 539 -36.90 20.81 2.78
CA HIS F 539 -36.64 22.02 2.00
C HIS F 539 -37.79 22.30 1.03
N GLU F 540 -38.29 21.26 0.36
CA GLU F 540 -39.44 21.43 -0.52
C GLU F 540 -40.62 22.01 0.24
N ARG F 541 -40.92 21.42 1.40
CA ARG F 541 -42.01 21.88 2.23
C ARG F 541 -41.86 23.34 2.61
N GLN F 542 -40.68 23.72 3.10
CA GLN F 542 -40.50 25.08 3.57
C GLN F 542 -40.59 26.07 2.41
N ARG F 543 -40.11 25.69 1.22
CA ARG F 543 -40.26 26.61 0.10
C ARG F 543 -41.73 26.81 -0.24
N LEU F 544 -42.52 25.75 -0.23
CA LEU F 544 -43.95 25.92 -0.52
C LEU F 544 -44.61 26.83 0.52
N ALA F 545 -44.27 26.64 1.79
CA ALA F 545 -44.84 27.49 2.82
C ALA F 545 -44.45 28.95 2.60
N ASP F 546 -43.17 29.19 2.28
CA ASP F 546 -42.71 30.56 2.08
C ASP F 546 -43.35 31.18 0.85
N ALA F 547 -43.49 30.41 -0.24
CA ALA F 547 -44.16 30.92 -1.43
C ALA F 547 -45.61 31.27 -1.16
N ASP F 548 -46.30 30.43 -0.38
CA ASP F 548 -47.68 30.75 -0.02
C ASP F 548 -47.76 32.02 0.83
N THR F 549 -46.82 32.19 1.76
CA THR F 549 -46.81 33.40 2.58
C THR F 549 -46.60 34.64 1.72
N LEU F 550 -45.62 34.59 0.81
CA LEU F 550 -45.36 35.74 -0.04
C LEU F 550 -46.54 36.03 -0.96
N ALA F 551 -47.16 34.99 -1.54
CA ALA F 551 -48.30 35.20 -2.43
C ALA F 551 -49.53 35.67 -1.70
N ARG F 552 -49.62 35.37 -0.43
CA ARG F 552 -50.59 36.03 0.42
C ARG F 552 -50.33 37.50 0.65
N SER F 553 -49.10 37.87 0.96
CA SER F 553 -48.90 39.26 1.30
C SER F 553 -48.93 40.16 0.08
N ARG F 554 -49.19 39.59 -1.11
CA ARG F 554 -49.25 40.37 -2.34
C ARG F 554 -50.52 40.12 -3.14
N GLY F 555 -51.49 39.39 -2.57
CA GLY F 555 -52.66 38.98 -3.32
C GLY F 555 -53.86 39.84 -3.00
N ASN F 556 -54.85 39.77 -3.90
CA ASN F 556 -56.11 40.46 -3.74
C ASN F 556 -57.18 39.57 -3.12
N GLU F 557 -56.78 38.45 -2.50
CA GLU F 557 -57.79 37.59 -1.90
C GLU F 557 -58.54 38.29 -0.81
N ARG F 558 -57.82 39.08 -0.04
CA ARG F 558 -58.36 39.66 1.17
C ARG F 558 -59.57 40.55 0.87
N PHE F 559 -59.81 40.84 -0.41
CA PHE F 559 -60.88 41.71 -0.85
C PHE F 559 -61.97 40.97 -1.62
N ALA F 560 -62.03 39.65 -1.51
CA ALA F 560 -63.09 38.87 -2.15
C ALA F 560 -64.11 38.40 -1.11
N GLY G 4 -54.11 109.27 32.02
CA GLY G 4 -54.04 110.39 31.10
C GLY G 4 -55.38 111.08 30.90
N ILE G 5 -55.93 110.94 29.70
CA ILE G 5 -57.21 111.53 29.35
C ILE G 5 -58.33 110.54 29.65
N GLY G 6 -59.52 111.07 29.93
CA GLY G 6 -60.67 110.22 30.11
C GLY G 6 -61.18 109.68 28.79
N LYS G 7 -61.82 108.51 28.87
CA LYS G 7 -62.31 107.82 27.67
C LYS G 7 -63.70 107.28 27.94
N SER G 8 -64.48 107.15 26.88
CA SER G 8 -65.86 106.65 26.96
C SER G 8 -65.95 105.31 26.23
N PRO G 9 -66.32 104.22 26.90
CA PRO G 9 -66.37 102.93 26.20
C PRO G 9 -67.46 102.91 25.14
N THR G 10 -67.15 102.32 24.00
CA THR G 10 -68.09 102.22 22.90
C THR G 10 -69.03 101.04 23.00
N GLY G 11 -68.64 100.00 23.74
CA GLY G 11 -69.37 98.76 23.77
C GLY G 11 -68.90 97.74 22.76
N ILE G 12 -68.11 98.16 21.76
CA ILE G 12 -67.45 97.22 20.87
C ILE G 12 -66.18 96.74 21.56
N GLN G 13 -66.31 95.69 22.37
CA GLN G 13 -65.11 95.09 22.95
C GLN G 13 -64.19 94.64 21.83
N GLY G 14 -62.91 95.01 21.94
CA GLY G 14 -61.92 94.79 20.91
C GLY G 14 -61.51 96.06 20.19
N PHE G 15 -62.37 97.06 20.17
CA PHE G 15 -62.00 98.42 19.82
C PHE G 15 -61.70 99.25 21.05
N ASP G 16 -62.36 98.94 22.17
CA ASP G 16 -62.00 99.53 23.45
C ASP G 16 -60.64 99.04 23.91
N GLU G 17 -60.31 97.77 23.65
CA GLU G 17 -58.99 97.27 23.99
C GLU G 17 -57.90 97.96 23.19
N LEU G 18 -58.16 98.16 21.89
CA LEU G 18 -57.18 98.85 21.05
C LEU G 18 -57.01 100.31 21.48
N THR G 19 -58.11 100.97 21.84
CA THR G 19 -58.07 102.37 22.25
C THR G 19 -57.76 102.54 23.73
N LEU G 20 -57.61 101.45 24.47
CA LEU G 20 -57.33 101.51 25.91
C LEU G 20 -58.40 102.31 26.65
N GLY G 21 -59.66 102.03 26.34
CA GLY G 21 -60.76 102.59 27.09
C GLY G 21 -61.92 103.10 26.24
N GLY G 22 -61.64 103.59 25.05
CA GLY G 22 -62.68 104.00 24.13
C GLY G 22 -62.35 105.34 23.51
N LEU G 23 -63.39 105.99 23.01
CA LEU G 23 -63.28 107.28 22.35
C LEU G 23 -63.11 108.39 23.38
N PRO G 24 -62.53 109.53 22.99
CA PRO G 24 -62.23 110.57 23.98
C PRO G 24 -63.52 111.16 24.55
N THR G 25 -63.47 111.46 25.85
CA THR G 25 -64.61 112.08 26.52
C THR G 25 -64.50 113.59 26.39
N GLY G 26 -65.56 114.21 25.87
CA GLY G 26 -65.61 115.65 25.73
C GLY G 26 -64.96 116.20 24.49
N ARG G 27 -64.57 115.35 23.55
CA ARG G 27 -63.99 115.81 22.28
C ARG G 27 -64.67 115.10 21.12
N PRO G 28 -64.83 115.78 19.99
CA PRO G 28 -65.40 115.13 18.81
C PRO G 28 -64.46 114.09 18.22
N SER G 29 -65.04 113.10 17.57
CA SER G 29 -64.30 112.07 16.84
C SER G 29 -64.88 111.93 15.44
N LEU G 30 -64.01 111.60 14.49
CA LEU G 30 -64.37 111.52 13.09
C LEU G 30 -64.23 110.07 12.62
N VAL G 31 -65.32 109.51 12.11
CA VAL G 31 -65.33 108.20 11.49
C VAL G 31 -65.51 108.41 10.00
N CYS G 32 -64.51 108.01 9.22
CA CYS G 32 -64.49 108.25 7.79
C CYS G 32 -64.57 106.94 7.03
N GLY G 33 -65.31 106.96 5.93
CA GLY G 33 -65.39 105.78 5.08
C GLY G 33 -66.17 106.08 3.82
N SER G 34 -66.07 105.16 2.87
CA SER G 34 -66.86 105.23 1.65
C SER G 34 -68.25 104.67 1.92
N ALA G 35 -69.04 104.45 0.87
CA ALA G 35 -70.41 103.99 1.04
C ALA G 35 -70.41 102.51 1.43
N GLY G 36 -71.20 102.18 2.45
CA GLY G 36 -71.33 100.80 2.89
C GLY G 36 -70.24 100.31 3.80
N CYS G 37 -69.35 101.20 4.26
CA CYS G 37 -68.23 100.77 5.10
C CYS G 37 -68.62 100.59 6.56
N GLY G 38 -69.82 100.98 6.95
CA GLY G 38 -70.29 100.78 8.31
C GLY G 38 -70.12 101.94 9.25
N LYS G 39 -69.81 103.13 8.75
CA LYS G 39 -69.55 104.27 9.61
C LYS G 39 -70.82 104.84 10.26
N THR G 40 -71.99 104.41 9.80
CA THR G 40 -73.23 104.78 10.48
C THR G 40 -73.59 103.78 11.57
N LEU G 41 -73.38 102.48 11.31
CA LEU G 41 -73.56 101.48 12.35
C LEU G 41 -72.60 101.73 13.51
N PHE G 42 -71.40 102.25 13.24
CA PHE G 42 -70.47 102.57 14.31
C PHE G 42 -71.06 103.58 15.26
N ALA G 43 -71.60 104.69 14.73
CA ALA G 43 -72.19 105.72 15.56
C ALA G 43 -73.44 105.21 16.27
N SER G 44 -74.27 104.44 15.58
CA SER G 44 -75.46 103.88 16.21
C SER G 44 -75.08 102.98 17.38
N THR G 45 -74.07 102.14 17.20
CA THR G 45 -73.60 101.29 18.28
C THR G 45 -73.05 102.13 19.42
N PHE G 46 -72.28 103.17 19.10
CA PHE G 46 -71.76 104.05 20.13
C PHE G 46 -72.89 104.58 21.00
N LEU G 47 -73.92 105.16 20.38
CA LEU G 47 -75.03 105.74 21.12
C LEU G 47 -75.77 104.69 21.94
N ILE G 48 -76.11 103.56 21.30
CA ILE G 48 -76.96 102.58 21.96
C ILE G 48 -76.22 101.92 23.12
N ASN G 49 -74.96 101.54 22.91
CA ASN G 49 -74.19 100.94 23.99
C ASN G 49 -73.95 101.94 25.11
N GLY G 50 -73.74 103.21 24.77
CA GLY G 50 -73.60 104.21 25.82
C GLY G 50 -74.84 104.31 26.68
N VAL G 51 -76.01 104.35 26.04
CA VAL G 51 -77.25 104.46 26.82
C VAL G 51 -77.50 103.19 27.62
N ARG G 52 -77.15 102.02 27.09
CA ARG G 52 -77.49 100.77 27.76
C ARG G 52 -76.53 100.45 28.91
N ASP G 53 -75.23 100.62 28.70
CA ASP G 53 -74.23 100.17 29.65
C ASP G 53 -73.76 101.25 30.61
N HIS G 54 -74.07 102.53 30.35
CA HIS G 54 -73.60 103.60 31.21
C HIS G 54 -74.67 104.65 31.53
N GLY G 55 -75.91 104.48 31.07
CA GLY G 55 -76.94 105.44 31.37
C GLY G 55 -76.63 106.83 30.86
N GLU G 56 -76.19 106.92 29.61
CA GLU G 56 -75.82 108.19 28.99
C GLU G 56 -76.79 108.49 27.86
N PRO G 57 -77.75 109.37 28.06
CA PRO G 57 -78.69 109.70 26.98
C PRO G 57 -77.95 110.24 25.76
N GLY G 58 -78.47 109.91 24.58
CA GLY G 58 -77.80 110.25 23.35
C GLY G 58 -78.72 110.98 22.39
N VAL G 59 -78.09 111.69 21.46
CA VAL G 59 -78.79 112.43 20.41
C VAL G 59 -78.17 112.07 19.07
N PHE G 60 -79.02 111.81 18.08
CA PHE G 60 -78.61 111.44 16.73
C PHE G 60 -79.12 112.52 15.79
N VAL G 61 -78.29 113.52 15.51
CA VAL G 61 -78.64 114.59 14.59
C VAL G 61 -78.34 114.11 13.17
N THR G 62 -79.35 114.13 12.32
CA THR G 62 -79.23 113.69 10.93
C THR G 62 -79.70 114.81 10.04
N PHE G 63 -78.90 115.14 9.03
CA PHE G 63 -79.21 116.18 8.06
C PHE G 63 -79.75 115.58 6.77
N GLU G 64 -79.73 114.25 6.63
CA GLU G 64 -80.06 113.57 5.38
C GLU G 64 -81.21 112.58 5.53
N GLU G 65 -81.04 111.61 6.43
CA GLU G 65 -81.99 110.52 6.58
C GLU G 65 -83.12 110.91 7.53
N ARG G 66 -84.23 110.19 7.43
CA ARG G 66 -85.37 110.41 8.28
C ARG G 66 -85.29 109.53 9.52
N PRO G 67 -85.91 109.93 10.62
CA PRO G 67 -85.78 109.14 11.86
C PRO G 67 -86.26 107.70 11.72
N GLU G 68 -87.35 107.46 10.99
CA GLU G 68 -87.84 106.09 10.84
C GLU G 68 -86.84 105.24 10.07
N ASP G 69 -86.20 105.82 9.05
CA ASP G 69 -85.19 105.08 8.30
C ASP G 69 -84.03 104.69 9.21
N ILE G 70 -83.58 105.60 10.07
CA ILE G 70 -82.51 105.29 11.01
C ILE G 70 -82.93 104.18 11.94
N VAL G 71 -84.16 104.24 12.45
CA VAL G 71 -84.64 103.22 13.37
C VAL G 71 -84.68 101.86 12.69
N ASN G 72 -85.16 101.82 11.45
CA ASN G 72 -85.32 100.54 10.75
C ASN G 72 -83.98 99.98 10.29
N ASN G 73 -83.00 100.84 10.03
CA ASN G 73 -81.73 100.36 9.50
C ASN G 73 -80.98 99.47 10.48
N VAL G 74 -81.33 99.51 11.77
CA VAL G 74 -80.65 98.73 12.79
C VAL G 74 -81.58 97.75 13.48
N ALA G 75 -82.82 97.61 12.99
CA ALA G 75 -83.76 96.70 13.64
C ALA G 75 -83.28 95.27 13.57
N SER G 76 -82.73 94.84 12.44
CA SER G 76 -82.29 93.46 12.28
C SER G 76 -81.11 93.11 13.17
N LEU G 77 -80.37 94.11 13.65
CA LEU G 77 -79.24 93.86 14.52
C LEU G 77 -79.65 93.63 15.97
N GLY G 78 -80.94 93.74 16.29
CA GLY G 78 -81.42 93.50 17.62
C GLY G 78 -81.54 94.74 18.48
N PHE G 79 -81.09 95.89 18.01
CA PHE G 79 -81.25 97.12 18.77
C PHE G 79 -82.71 97.51 18.81
N GLU G 80 -83.25 97.63 20.02
CA GLU G 80 -84.61 98.09 20.19
C GLU G 80 -84.65 99.61 20.19
N LEU G 81 -84.17 100.22 19.10
CA LEU G 81 -84.06 101.67 19.06
C LEU G 81 -85.42 102.34 19.27
N ASP G 82 -86.49 101.75 18.74
CA ASP G 82 -87.82 102.32 18.98
C ASP G 82 -88.15 102.30 20.47
N LYS G 83 -87.75 101.24 21.18
CA LYS G 83 -87.94 101.23 22.63
C LYS G 83 -87.26 102.42 23.28
N LEU G 84 -85.97 102.60 22.98
CA LEU G 84 -85.21 103.65 23.63
C LEU G 84 -85.81 105.02 23.32
N ILE G 85 -86.25 105.23 22.09
CA ILE G 85 -86.88 106.50 21.72
C ILE G 85 -88.17 106.68 22.51
N GLU G 86 -88.93 105.60 22.69
CA GLU G 86 -90.15 105.69 23.49
C GLU G 86 -89.83 105.99 24.95
N GLU G 87 -88.79 105.37 25.49
CA GLU G 87 -88.43 105.53 26.88
C GLU G 87 -87.80 106.90 27.18
N GLU G 88 -87.54 107.71 26.16
CA GLU G 88 -86.94 109.03 26.33
C GLU G 88 -85.48 108.92 26.78
N LYS G 89 -84.74 107.99 26.19
CA LYS G 89 -83.32 107.84 26.46
C LYS G 89 -82.46 108.10 25.23
N ILE G 90 -83.07 108.28 24.06
CA ILE G 90 -82.36 108.69 22.85
C ILE G 90 -83.30 109.56 22.03
N ALA G 91 -82.74 110.58 21.39
CA ALA G 91 -83.50 111.49 20.56
C ALA G 91 -82.86 111.58 19.18
N ILE G 92 -83.69 111.44 18.15
CA ILE G 92 -83.25 111.58 16.75
C ILE G 92 -83.76 112.91 16.24
N GLU G 93 -82.85 113.77 15.81
CA GLU G 93 -83.17 115.12 15.36
C GLU G 93 -82.84 115.25 13.88
N HIS G 94 -83.82 115.70 13.10
CA HIS G 94 -83.68 115.88 11.66
C HIS G 94 -83.59 117.37 11.36
N ILE G 95 -82.41 117.82 10.93
CA ILE G 95 -82.18 119.21 10.54
C ILE G 95 -82.06 119.27 9.02
N ALA G 96 -83.18 119.51 8.34
CA ALA G 96 -83.21 119.49 6.89
C ALA G 96 -82.74 120.81 6.30
N VAL G 97 -82.20 120.73 5.09
CA VAL G 97 -81.71 121.90 4.35
C VAL G 97 -82.29 121.85 2.94
N ASP G 98 -82.86 122.96 2.48
CA ASP G 98 -83.41 123.06 1.14
C ASP G 98 -82.33 123.46 0.14
N PRO G 99 -82.59 123.31 -1.16
CA PRO G 99 -81.54 123.66 -2.14
C PRO G 99 -81.04 125.10 -2.01
N SER G 100 -81.94 126.07 -1.84
CA SER G 100 -81.50 127.46 -1.71
C SER G 100 -80.69 127.65 -0.43
N GLU G 101 -81.04 126.92 0.63
CA GLU G 101 -80.35 127.08 1.91
C GLU G 101 -78.87 126.81 1.78
N VAL G 102 -78.49 125.80 1.00
CA VAL G 102 -77.13 125.27 0.99
C VAL G 102 -76.30 125.85 -0.15
N ALA G 103 -76.72 126.97 -0.72
CA ALA G 103 -76.09 127.45 -1.94
C ALA G 103 -74.61 127.78 -1.75
N GLU G 104 -74.24 128.49 -0.68
CA GLU G 104 -72.89 129.07 -0.65
C GLU G 104 -72.31 129.02 0.76
N ILE G 105 -71.16 129.69 0.93
CA ILE G 105 -70.49 129.81 2.23
C ILE G 105 -71.28 130.72 3.15
N GLY G 106 -71.30 130.38 4.44
CA GLY G 106 -71.90 131.21 5.45
C GLY G 106 -73.39 131.36 5.28
N ASP G 107 -73.98 130.64 4.33
CA ASP G 107 -75.40 130.72 4.07
C ASP G 107 -76.19 130.25 5.29
N TYR G 108 -75.74 129.16 5.91
CA TYR G 108 -76.38 128.64 7.09
C TYR G 108 -75.91 129.42 8.31
N ASP G 109 -76.85 129.83 9.15
CA ASP G 109 -76.51 130.51 10.40
C ASP G 109 -76.12 129.44 11.41
N LEU G 110 -74.81 129.19 11.52
CA LEU G 110 -74.34 128.15 12.42
C LEU G 110 -74.82 128.39 13.86
N GLU G 111 -74.93 129.65 14.29
CA GLU G 111 -75.51 129.89 15.59
C GLU G 111 -76.95 129.40 15.65
N GLY G 112 -77.70 129.52 14.55
CA GLY G 112 -79.03 128.94 14.53
C GLY G 112 -78.98 127.44 14.75
N LEU G 113 -78.05 126.77 14.07
CA LEU G 113 -77.86 125.34 14.28
C LEU G 113 -77.49 125.06 15.73
N PHE G 114 -76.63 125.91 16.29
CA PHE G 114 -76.19 125.71 17.67
C PHE G 114 -77.36 125.83 18.63
N LEU G 115 -78.26 126.78 18.38
CA LEU G 115 -79.44 126.88 19.22
C LEU G 115 -80.24 125.59 19.17
N ARG G 116 -80.54 125.12 17.96
CA ARG G 116 -81.30 123.88 17.86
C ARG G 116 -80.62 122.70 18.54
N LEU G 117 -79.35 122.47 18.22
CA LEU G 117 -78.67 121.34 18.81
C LEU G 117 -78.75 121.40 20.32
N GLU G 118 -78.75 122.62 20.85
CA GLU G 118 -78.83 122.77 22.28
C GLU G 118 -80.17 122.27 22.76
N LEU G 119 -81.24 122.67 22.06
CA LEU G 119 -82.59 122.22 22.43
C LEU G 119 -82.64 120.70 22.48
N ALA G 120 -82.14 120.07 21.45
CA ALA G 120 -82.17 118.61 21.36
C ALA G 120 -81.42 117.99 22.53
N ILE G 121 -80.24 118.54 22.84
CA ILE G 121 -79.44 117.97 23.93
C ILE G 121 -80.18 118.10 25.25
N ASP G 122 -80.77 119.26 25.52
CA ASP G 122 -81.42 119.46 26.81
C ASP G 122 -82.73 118.69 26.93
N THR G 123 -83.31 118.24 25.81
CA THR G 123 -84.48 117.39 25.89
C THR G 123 -84.18 116.12 26.69
N VAL G 124 -83.14 115.39 26.29
CA VAL G 124 -82.80 114.11 26.90
C VAL G 124 -81.67 114.22 27.91
N GLY G 125 -81.10 115.40 28.09
CA GLY G 125 -79.94 115.55 28.94
C GLY G 125 -78.77 114.74 28.41
N ALA G 126 -78.50 114.90 27.12
CA ALA G 126 -77.55 114.04 26.44
C ALA G 126 -76.16 114.20 27.02
N LYS G 127 -75.40 113.09 26.97
CA LYS G 127 -73.98 113.09 27.23
C LYS G 127 -73.19 112.52 26.07
N ARG G 128 -73.86 112.00 25.04
CA ARG G 128 -73.24 111.57 23.79
C ARG G 128 -74.06 112.10 22.63
N VAL G 129 -73.37 112.47 21.54
CA VAL G 129 -74.02 113.04 20.37
C VAL G 129 -73.40 112.44 19.11
N VAL G 130 -74.22 112.25 18.08
CA VAL G 130 -73.76 111.84 16.75
C VAL G 130 -74.24 112.88 15.75
N LEU G 131 -73.33 113.40 14.95
CA LEU G 131 -73.65 114.25 13.82
C LEU G 131 -73.41 113.47 12.55
N ASP G 132 -74.48 113.16 11.81
CA ASP G 132 -74.43 112.30 10.64
C ASP G 132 -74.79 113.11 9.41
N THR G 133 -73.99 112.96 8.36
CA THR G 133 -74.17 113.71 7.13
C THR G 133 -74.14 115.22 7.41
N ILE G 134 -72.99 115.68 7.88
CA ILE G 134 -72.74 117.12 7.86
C ILE G 134 -72.19 117.59 6.53
N GLU G 135 -71.98 116.66 5.58
CA GLU G 135 -71.52 117.04 4.25
C GLU G 135 -72.53 117.95 3.56
N SER G 136 -73.82 117.75 3.81
CA SER G 136 -74.84 118.56 3.17
C SER G 136 -74.59 120.04 3.43
N LEU G 137 -74.28 120.38 4.68
CA LEU G 137 -74.06 121.78 5.03
C LEU G 137 -72.72 122.28 4.51
N PHE G 138 -71.66 121.49 4.64
CA PHE G 138 -70.29 121.97 4.39
C PHE G 138 -69.78 121.69 2.98
N SER G 139 -70.53 120.94 2.15
CA SER G 139 -70.11 120.81 0.76
C SER G 139 -70.29 122.12 0.01
N ALA G 140 -71.13 123.01 0.53
CA ALA G 140 -71.36 124.29 -0.11
C ALA G 140 -70.10 125.13 -0.12
N PHE G 141 -69.42 125.24 1.01
CA PHE G 141 -68.26 126.11 1.11
C PHE G 141 -67.21 125.75 0.06
N SER G 142 -66.81 126.74 -0.74
CA SER G 142 -65.90 126.51 -1.86
C SER G 142 -64.59 127.28 -1.78
N ASN G 143 -64.29 127.93 -0.64
CA ASN G 143 -62.96 128.49 -0.43
C ASN G 143 -62.27 127.73 0.69
N PRO G 144 -61.05 127.21 0.47
CA PRO G 144 -60.45 126.32 1.49
C PRO G 144 -60.34 126.96 2.87
N ALA G 145 -60.00 128.24 2.96
CA ALA G 145 -59.80 128.87 4.26
C ALA G 145 -61.13 129.04 5.00
N ILE G 146 -62.15 129.53 4.30
CA ILE G 146 -63.44 129.79 4.94
C ILE G 146 -64.04 128.49 5.48
N LEU G 147 -63.91 127.41 4.71
CA LEU G 147 -64.42 126.11 5.14
C LEU G 147 -63.71 125.63 6.40
N ARG G 148 -62.39 125.76 6.45
CA ARG G 148 -61.66 125.33 7.63
C ARG G 148 -62.05 126.16 8.83
N ALA G 149 -62.30 127.46 8.64
CA ALA G 149 -62.74 128.29 9.74
C ALA G 149 -64.09 127.84 10.28
N GLU G 150 -65.04 127.55 9.38
CA GLU G 150 -66.35 127.10 9.82
C GLU G 150 -66.29 125.75 10.54
N ILE G 151 -65.50 124.82 9.99
CA ILE G 151 -65.36 123.52 10.64
C ILE G 151 -64.76 123.69 12.03
N ARG G 152 -63.76 124.55 12.15
CA ARG G 152 -63.18 124.81 13.47
C ARG G 152 -64.20 125.42 14.40
N ARG G 153 -65.04 126.33 13.89
CA ARG G 153 -66.08 126.92 14.73
C ARG G 153 -67.00 125.83 15.29
N LEU G 154 -67.46 124.94 14.42
CA LEU G 154 -68.36 123.87 14.87
C LEU G 154 -67.67 122.97 15.89
N PHE G 155 -66.42 122.58 15.62
CA PHE G 155 -65.72 121.69 16.53
C PHE G 155 -65.48 122.37 17.88
N ASP G 156 -65.14 123.66 17.88
CA ASP G 156 -64.95 124.38 19.13
C ASP G 156 -66.24 124.46 19.92
N TRP G 157 -67.37 124.71 19.24
CA TRP G 157 -68.63 124.74 19.95
C TRP G 157 -68.94 123.38 20.57
N LEU G 158 -68.67 122.30 19.84
CA LEU G 158 -68.90 120.97 20.40
C LEU G 158 -68.01 120.71 21.59
N LYS G 159 -66.73 121.10 21.50
CA LYS G 159 -65.79 120.85 22.59
C LYS G 159 -66.13 121.66 23.83
N GLU G 160 -66.70 122.86 23.65
CA GLU G 160 -67.04 123.69 24.81
C GLU G 160 -68.05 122.99 25.70
N ARG G 161 -69.05 122.34 25.11
CA ARG G 161 -70.12 121.73 25.88
C ARG G 161 -69.67 120.52 26.68
N GLY G 162 -68.52 119.94 26.34
CA GLY G 162 -68.12 118.70 26.97
C GLY G 162 -69.01 117.53 26.60
N LEU G 163 -69.37 117.42 25.32
CA LEU G 163 -70.21 116.35 24.81
C LEU G 163 -69.36 115.41 23.98
N THR G 164 -69.41 114.12 24.30
CA THR G 164 -68.71 113.11 23.52
C THR G 164 -69.42 112.98 22.18
N THR G 165 -68.74 113.38 21.11
CA THR G 165 -69.36 113.48 19.78
C THR G 165 -68.66 112.55 18.80
N VAL G 166 -69.46 111.99 17.90
CA VAL G 166 -68.96 111.21 16.77
C VAL G 166 -69.53 111.81 15.50
N ILE G 167 -68.65 112.14 14.55
CA ILE G 167 -69.03 112.77 13.30
C ILE G 167 -68.70 111.81 12.17
N THR G 168 -69.69 111.51 11.34
CA THR G 168 -69.52 110.60 10.21
C THR G 168 -69.17 111.40 8.97
N ALA G 169 -68.09 111.00 8.30
CA ALA G 169 -67.57 111.71 7.14
C ALA G 169 -67.42 110.75 5.97
N GLU G 170 -67.58 111.30 4.77
CA GLU G 170 -67.57 110.51 3.54
C GLU G 170 -66.23 110.67 2.84
N ARG G 171 -65.63 109.54 2.47
CA ARG G 171 -64.29 109.56 1.89
C ARG G 171 -64.28 110.20 0.50
N GLY G 172 -65.30 109.93 -0.31
CA GLY G 172 -65.28 110.42 -1.67
C GLY G 172 -64.08 109.88 -2.43
N ASP G 173 -63.32 110.78 -3.04
CA ASP G 173 -62.11 110.43 -3.75
C ASP G 173 -60.86 110.70 -2.94
N GLY G 174 -61.02 111.06 -1.66
CA GLY G 174 -59.88 111.41 -0.84
C GLY G 174 -59.30 110.21 -0.10
N ALA G 175 -58.15 110.44 0.52
CA ALA G 175 -57.55 109.42 1.36
C ALA G 175 -58.39 109.15 2.59
N LEU G 176 -58.86 110.20 3.24
CA LEU G 176 -59.67 110.11 4.45
C LEU G 176 -61.00 110.82 4.33
N THR G 177 -61.04 112.00 3.72
CA THR G 177 -62.26 112.78 3.60
C THR G 177 -62.28 113.44 2.22
N ARG G 178 -63.50 113.72 1.75
CA ARG G 178 -63.65 114.27 0.40
C ARG G 178 -62.97 115.62 0.28
N GLN G 179 -63.21 116.52 1.23
CA GLN G 179 -62.69 117.87 1.15
C GLN G 179 -61.31 118.02 1.80
N GLY G 180 -60.87 117.04 2.57
CA GLY G 180 -59.48 116.97 2.98
C GLY G 180 -59.07 117.85 4.14
N LEU G 181 -60.00 118.31 4.97
CA LEU G 181 -59.66 119.24 6.05
C LEU G 181 -60.13 118.78 7.43
N GLU G 182 -61.17 117.95 7.52
CA GLU G 182 -61.71 117.60 8.83
C GLU G 182 -60.72 116.74 9.63
N GLU G 183 -59.88 115.97 8.94
CA GLU G 183 -58.96 115.07 9.62
C GLU G 183 -57.85 115.81 10.34
N TYR G 184 -57.61 117.07 9.97
CA TYR G 184 -56.61 117.90 10.60
C TYR G 184 -57.16 118.77 11.72
N VAL G 185 -58.46 118.69 11.99
CA VAL G 185 -59.09 119.47 13.05
C VAL G 185 -59.52 118.62 14.23
N SER G 186 -59.84 117.35 14.01
CA SER G 186 -60.30 116.48 15.08
C SER G 186 -59.11 115.90 15.85
N ASP G 187 -59.43 115.26 16.98
CA ASP G 187 -58.43 114.62 17.81
C ASP G 187 -58.36 113.11 17.60
N CYS G 188 -59.48 112.48 17.25
CA CYS G 188 -59.51 111.05 16.95
C CYS G 188 -60.07 110.85 15.55
N VAL G 189 -59.33 110.12 14.72
CA VAL G 189 -59.74 109.82 13.36
C VAL G 189 -59.72 108.31 13.18
N ILE G 190 -60.85 107.74 12.75
CA ILE G 190 -60.99 106.30 12.56
C ILE G 190 -61.44 106.07 11.12
N LEU G 191 -60.66 105.29 10.38
CA LEU G 191 -60.95 104.99 8.99
C LEU G 191 -61.50 103.58 8.87
N LEU G 192 -62.66 103.45 8.24
CA LEU G 192 -63.25 102.16 7.92
C LEU G 192 -63.12 101.90 6.43
N ASP G 193 -62.70 100.69 6.08
CA ASP G 193 -62.34 100.37 4.71
C ASP G 193 -62.94 99.01 4.34
N HIS G 194 -63.25 98.87 3.05
CA HIS G 194 -63.86 97.65 2.51
C HIS G 194 -63.21 97.40 1.15
N ARG G 195 -62.16 96.59 1.13
CA ARG G 195 -61.35 96.38 -0.05
C ARG G 195 -61.59 94.99 -0.63
N VAL G 196 -61.43 94.89 -1.94
CA VAL G 196 -61.64 93.65 -2.69
C VAL G 196 -60.30 93.18 -3.23
N GLU G 197 -59.95 91.93 -2.95
CA GLU G 197 -58.74 91.32 -3.47
C GLU G 197 -59.06 89.89 -3.87
N ASN G 198 -58.75 89.53 -5.12
CA ASN G 198 -59.05 88.20 -5.66
C ASN G 198 -60.53 87.86 -5.48
N GLN G 199 -61.38 88.87 -5.61
CA GLN G 199 -62.85 88.77 -5.54
C GLN G 199 -63.35 88.56 -4.13
N ILE G 200 -62.52 88.72 -3.11
CA ILE G 200 -62.92 88.58 -1.71
C ILE G 200 -62.84 89.95 -1.06
N SER G 201 -63.92 90.36 -0.40
CA SER G 201 -64.00 91.66 0.24
C SER G 201 -63.72 91.53 1.73
N THR G 202 -62.95 92.46 2.27
CA THR G 202 -62.57 92.46 3.68
C THR G 202 -62.88 93.80 4.30
N ARG G 203 -63.61 93.78 5.41
CA ARG G 203 -63.79 94.97 6.23
C ARG G 203 -62.54 95.18 7.09
N ARG G 204 -62.00 96.39 7.07
CA ARG G 204 -60.82 96.72 7.85
C ARG G 204 -61.05 98.02 8.61
N LEU G 205 -60.35 98.14 9.74
CA LEU G 205 -60.48 99.28 10.63
C LEU G 205 -59.10 99.79 11.00
N ARG G 206 -58.98 101.10 11.19
CA ARG G 206 -57.70 101.71 11.52
C ARG G 206 -57.93 102.99 12.28
N ILE G 207 -57.08 103.23 13.29
CA ILE G 207 -57.09 104.47 14.06
C ILE G 207 -55.94 105.32 13.53
N VAL G 208 -56.26 106.27 12.65
CA VAL G 208 -55.23 107.07 12.01
C VAL G 208 -54.61 108.04 13.01
N LYS G 209 -55.43 108.69 13.83
CA LYS G 209 -54.95 109.59 14.86
C LYS G 209 -55.78 109.42 16.12
N TYR G 210 -55.09 109.50 17.26
CA TYR G 210 -55.77 109.62 18.54
C TYR G 210 -54.86 110.38 19.49
N ARG G 211 -55.03 111.70 19.54
CA ARG G 211 -54.18 112.54 20.38
C ARG G 211 -54.44 112.29 21.85
N GLY G 212 -53.38 112.11 22.62
CA GLY G 212 -53.47 112.06 24.07
C GLY G 212 -53.03 110.76 24.72
N THR G 213 -52.69 109.72 23.96
CA THR G 213 -52.37 108.43 24.57
C THR G 213 -51.86 107.49 23.49
N ALA G 214 -51.42 106.31 23.92
CA ALA G 214 -51.00 105.27 23.01
C ALA G 214 -52.19 104.42 22.57
N HIS G 215 -52.08 103.83 21.39
CA HIS G 215 -53.13 103.00 20.84
C HIS G 215 -52.54 102.10 19.76
N GLY G 216 -53.35 101.16 19.28
CA GLY G 216 -52.95 100.35 18.16
C GLY G 216 -52.90 101.16 16.87
N THR G 217 -51.95 100.80 16.01
CA THR G 217 -51.69 101.55 14.79
C THR G 217 -51.76 100.70 13.54
N ASN G 218 -52.16 99.43 13.64
CA ASN G 218 -52.26 98.54 12.50
C ASN G 218 -53.69 98.55 11.97
N GLU G 219 -53.90 97.81 10.88
CA GLU G 219 -55.22 97.61 10.32
C GLU G 219 -55.81 96.32 10.86
N TYR G 220 -57.02 96.40 11.39
CA TYR G 220 -57.65 95.28 12.09
C TYR G 220 -58.91 94.85 11.36
N PRO G 221 -58.91 93.73 10.63
CA PRO G 221 -60.15 93.26 10.01
C PRO G 221 -61.22 93.01 11.07
N PHE G 222 -62.46 93.36 10.72
CA PHE G 222 -63.58 93.21 11.63
C PHE G 222 -64.76 92.63 10.87
N LEU G 223 -65.87 92.45 11.59
CA LEU G 223 -67.05 91.78 11.07
C LEU G 223 -68.29 92.48 11.60
N ILE G 224 -69.22 92.77 10.69
CA ILE G 224 -70.57 93.18 11.08
C ILE G 224 -71.46 91.95 10.96
N ASP G 225 -72.03 91.51 12.07
CA ASP G 225 -72.68 90.22 12.15
C ASP G 225 -73.99 90.43 12.90
N THR G 226 -74.66 89.35 13.30
CA THR G 226 -76.00 89.42 13.85
C THR G 226 -76.09 90.30 15.09
N ASP G 227 -74.98 90.52 15.80
CA ASP G 227 -75.02 91.29 17.04
C ASP G 227 -74.35 92.65 16.94
N GLY G 228 -73.51 92.88 15.93
CA GLY G 228 -72.94 94.19 15.70
C GLY G 228 -71.48 94.08 15.30
N PHE G 229 -70.77 95.19 15.49
CA PHE G 229 -69.34 95.23 15.17
C PHE G 229 -68.57 94.25 16.05
N SER G 230 -67.62 93.54 15.44
CA SER G 230 -66.77 92.60 16.15
C SER G 230 -65.33 92.76 15.67
N VAL G 231 -64.43 93.05 16.59
CA VAL G 231 -63.00 93.13 16.31
C VAL G 231 -62.29 92.14 17.23
N LEU G 232 -61.52 91.23 16.64
CA LEU G 232 -60.72 90.25 17.38
C LEU G 232 -59.26 90.47 16.97
N PRO G 233 -58.60 91.49 17.52
CA PRO G 233 -57.25 91.82 17.07
C PRO G 233 -56.27 90.70 17.38
N VAL G 234 -55.30 90.52 16.48
CA VAL G 234 -54.25 89.52 16.70
C VAL G 234 -53.16 90.01 17.62
N SER G 235 -53.13 91.31 17.92
CA SER G 235 -52.12 91.87 18.82
C SER G 235 -52.48 91.68 20.29
N ALA G 236 -53.69 91.22 20.59
CA ALA G 236 -54.09 90.96 21.96
C ALA G 236 -53.75 89.55 22.42
N LEU G 237 -53.26 88.70 21.51
CA LEU G 237 -52.87 87.34 21.87
C LEU G 237 -51.50 87.37 22.51
N GLY G 238 -51.43 86.88 23.75
CA GLY G 238 -50.16 86.73 24.44
C GLY G 238 -49.72 85.27 24.47
N LEU G 239 -48.69 85.03 25.27
CA LEU G 239 -48.28 83.68 25.62
C LEU G 239 -48.29 83.60 27.14
N LEU G 240 -49.49 83.46 27.69
CA LEU G 240 -49.67 83.21 29.12
C LEU G 240 -50.74 82.13 29.26
N HIS G 241 -50.31 80.88 29.15
CA HIS G 241 -51.22 79.76 29.33
C HIS G 241 -51.03 79.17 30.72
N GLN G 242 -51.75 78.08 30.98
CA GLN G 242 -51.58 77.27 32.17
C GLN G 242 -51.30 75.84 31.73
N VAL G 243 -50.55 75.11 32.55
CA VAL G 243 -50.09 73.78 32.16
C VAL G 243 -50.69 72.75 33.10
N HIS G 244 -50.97 71.58 32.54
CA HIS G 244 -51.60 70.47 33.25
C HIS G 244 -50.70 69.25 33.15
N GLU G 245 -50.84 68.35 34.11
CA GLU G 245 -50.01 67.15 34.17
C GLU G 245 -50.72 65.88 33.73
N GLU G 246 -52.04 65.89 33.54
CA GLU G 246 -52.64 64.73 32.94
C GLU G 246 -52.30 64.58 31.47
N ARG G 247 -52.69 63.42 30.95
CA ARG G 247 -52.43 63.02 29.59
C ARG G 247 -53.74 62.61 28.94
N ILE G 248 -53.77 62.69 27.61
CA ILE G 248 -54.96 62.40 26.83
C ILE G 248 -54.69 61.16 25.98
N ALA G 249 -55.57 60.17 26.09
CA ALA G 249 -55.43 58.94 25.31
C ALA G 249 -55.84 59.18 23.86
N SER G 250 -55.18 58.48 22.94
CA SER G 250 -55.40 58.65 21.51
C SER G 250 -56.49 57.75 20.95
N GLY G 251 -56.90 56.72 21.69
CA GLY G 251 -57.75 55.69 21.12
C GLY G 251 -56.98 54.63 20.34
N VAL G 252 -55.68 54.82 20.16
CA VAL G 252 -54.80 53.82 19.57
C VAL G 252 -53.85 53.37 20.68
N PRO G 253 -54.13 52.25 21.34
CA PRO G 253 -53.30 51.88 22.51
C PRO G 253 -51.85 51.66 22.15
N ASP G 254 -51.55 51.26 20.92
CA ASP G 254 -50.16 51.12 20.49
C ASP G 254 -49.45 52.45 20.47
N LEU G 255 -50.11 53.50 19.96
CA LEU G 255 -49.47 54.81 19.88
C LEU G 255 -49.21 55.38 21.25
N ASP G 256 -50.16 55.21 22.18
CA ASP G 256 -49.95 55.71 23.54
C ASP G 256 -48.76 55.04 24.20
N ALA G 257 -48.50 53.77 23.88
CA ALA G 257 -47.36 53.06 24.42
C ALA G 257 -46.03 53.62 23.93
N MET G 258 -46.04 54.46 22.91
CA MET G 258 -44.82 55.03 22.36
C MET G 258 -44.38 56.26 23.13
N MET G 259 -45.12 56.64 24.17
CA MET G 259 -44.88 57.86 24.92
C MET G 259 -44.82 57.54 26.39
N ALA G 260 -43.88 58.17 27.08
CA ALA G 260 -43.83 58.05 28.54
C ALA G 260 -45.04 58.74 29.16
N GLY G 261 -45.65 58.06 30.12
CA GLY G 261 -46.77 58.60 30.86
C GLY G 261 -48.14 58.28 30.28
N GLY G 262 -48.21 57.83 29.04
CA GLY G 262 -49.45 57.36 28.46
C GLY G 262 -50.07 58.23 27.39
N GLY G 263 -49.37 59.22 26.88
CA GLY G 263 -49.88 60.02 25.79
C GLY G 263 -49.43 61.47 25.90
N PHE G 264 -50.01 62.29 25.02
CA PHE G 264 -49.71 63.71 24.99
C PHE G 264 -50.30 64.40 26.22
N PHE G 265 -49.77 65.57 26.54
CA PHE G 265 -50.33 66.36 27.61
C PHE G 265 -51.68 66.92 27.18
N ARG G 266 -52.48 67.26 28.18
CA ARG G 266 -53.90 67.46 27.92
C ARG G 266 -54.16 68.65 27.02
N GLY G 267 -53.76 69.85 27.45
CA GLY G 267 -54.10 71.07 26.75
C GLY G 267 -53.15 71.39 25.62
N SER G 268 -52.49 70.36 25.10
CA SER G 268 -51.46 70.53 24.10
C SER G 268 -52.07 70.81 22.73
N SER G 269 -51.19 71.17 21.80
CA SER G 269 -51.53 71.34 20.39
C SER G 269 -50.81 70.25 19.60
N ILE G 270 -51.58 69.44 18.89
CA ILE G 270 -51.04 68.28 18.17
C ILE G 270 -51.32 68.46 16.68
N LEU G 271 -50.30 68.29 15.87
CA LEU G 271 -50.39 68.40 14.42
C LEU G 271 -50.16 67.03 13.80
N VAL G 272 -51.12 66.58 12.99
CA VAL G 272 -51.01 65.33 12.26
C VAL G 272 -50.79 65.69 10.79
N SER G 273 -49.68 65.23 10.23
CA SER G 273 -49.27 65.61 8.88
C SER G 273 -49.07 64.37 8.03
N GLY G 274 -49.26 64.53 6.72
CA GLY G 274 -49.07 63.42 5.82
C GLY G 274 -49.65 63.73 4.45
N VAL G 275 -49.39 62.81 3.53
CA VAL G 275 -49.91 62.87 2.17
C VAL G 275 -51.33 62.34 2.15
N ALA G 276 -52.00 62.47 1.01
CA ALA G 276 -53.41 62.08 0.88
C ALA G 276 -53.52 60.57 0.91
N GLY G 277 -54.50 60.08 1.69
CA GLY G 277 -54.64 58.66 1.94
C GLY G 277 -53.82 58.16 3.10
N ALA G 278 -53.07 59.04 3.77
CA ALA G 278 -52.13 58.60 4.80
C ALA G 278 -52.86 58.01 6.01
N GLY G 279 -53.97 58.61 6.41
CA GLY G 279 -54.67 58.17 7.61
C GLY G 279 -54.87 59.28 8.61
N LYS G 280 -54.72 60.54 8.16
CA LYS G 280 -54.81 61.67 9.06
C LYS G 280 -56.21 61.78 9.67
N SER G 281 -57.24 61.69 8.83
CA SER G 281 -58.61 61.81 9.32
C SER G 281 -58.94 60.66 10.27
N SER G 282 -58.44 59.46 9.98
CA SER G 282 -58.71 58.32 10.85
C SER G 282 -58.15 58.53 12.25
N LEU G 283 -56.92 59.06 12.34
CA LEU G 283 -56.33 59.29 13.65
C LEU G 283 -57.10 60.34 14.44
N ALA G 284 -57.51 61.43 13.78
CA ALA G 284 -58.28 62.45 14.45
C ALA G 284 -59.61 61.89 14.94
N ALA G 285 -60.26 61.08 14.12
CA ALA G 285 -61.51 60.46 14.53
C ALA G 285 -61.32 59.51 15.69
N HIS G 286 -60.20 58.79 15.71
CA HIS G 286 -59.91 57.94 16.85
C HIS G 286 -59.76 58.77 18.12
N PHE G 287 -59.06 59.90 18.02
CA PHE G 287 -58.95 60.81 19.15
C PHE G 287 -60.33 61.22 19.66
N ALA G 288 -61.16 61.71 18.74
CA ALA G 288 -62.49 62.20 19.13
C ALA G 288 -63.35 61.07 19.70
N ALA G 289 -63.31 59.90 19.08
CA ALA G 289 -64.12 58.79 19.53
C ALA G 289 -63.70 58.33 20.93
N ALA G 290 -62.40 58.29 21.19
CA ALA G 290 -61.95 57.98 22.54
C ALA G 290 -62.41 59.03 23.52
N ALA G 291 -62.26 60.32 23.17
CA ALA G 291 -62.69 61.38 24.06
C ALA G 291 -64.17 61.20 24.44
N CYS G 292 -65.01 60.91 23.45
CA CYS G 292 -66.42 60.69 23.73
C CYS G 292 -66.63 59.44 24.56
N ALA G 293 -65.85 58.38 24.30
CA ALA G 293 -66.04 57.13 25.02
C ALA G 293 -65.76 57.27 26.51
N ARG G 294 -64.89 58.21 26.90
CA ARG G 294 -64.63 58.48 28.30
C ARG G 294 -65.68 59.38 28.93
N GLY G 295 -66.74 59.71 28.19
CA GLY G 295 -67.79 60.56 28.70
C GLY G 295 -67.60 62.05 28.47
N GLU G 296 -66.49 62.45 27.88
CA GLU G 296 -66.23 63.86 27.60
C GLU G 296 -66.96 64.27 26.32
N ARG G 297 -66.75 65.51 25.88
CA ARG G 297 -67.38 66.06 24.70
C ARG G 297 -66.32 66.44 23.68
N ALA G 298 -66.62 66.26 22.40
CA ALA G 298 -65.68 66.52 21.32
C ALA G 298 -66.37 67.29 20.20
N MET G 299 -65.58 68.16 19.53
CA MET G 299 -66.08 68.87 18.37
C MET G 299 -65.10 68.59 17.25
N TYR G 300 -65.60 68.25 16.06
CA TYR G 300 -64.74 67.87 14.93
C TYR G 300 -65.15 68.71 13.74
N PHE G 301 -64.31 69.68 13.37
CA PHE G 301 -64.59 70.60 12.28
C PHE G 301 -63.92 70.06 11.01
N SER G 302 -64.74 69.57 10.09
CA SER G 302 -64.26 69.09 8.80
C SER G 302 -64.56 70.16 7.75
N PHE G 303 -63.60 70.39 6.88
CA PHE G 303 -63.74 71.37 5.81
C PHE G 303 -63.74 70.72 4.44
N GLU G 304 -63.70 69.40 4.36
CA GLU G 304 -63.68 68.80 3.04
C GLU G 304 -64.59 67.60 2.88
N GLU G 305 -65.24 67.11 3.93
CA GLU G 305 -66.15 65.97 3.82
C GLU G 305 -67.44 66.27 4.56
N ALA G 306 -68.52 65.62 4.13
CA ALA G 306 -69.83 65.80 4.74
C ALA G 306 -69.99 64.89 5.96
N ALA G 307 -71.05 65.16 6.73
CA ALA G 307 -71.26 64.45 7.98
C ALA G 307 -71.64 62.99 7.76
N ASP G 308 -72.63 62.73 6.90
CA ASP G 308 -73.00 61.36 6.66
C ASP G 308 -71.87 60.59 5.98
N GLN G 309 -71.18 61.23 5.04
CA GLN G 309 -70.07 60.58 4.36
C GLN G 309 -68.93 60.28 5.32
N ALA G 310 -68.60 61.23 6.20
CA ALA G 310 -67.54 60.98 7.17
C ALA G 310 -67.90 59.84 8.11
N VAL G 311 -69.16 59.79 8.54
CA VAL G 311 -69.61 58.72 9.42
C VAL G 311 -69.47 57.38 8.72
N ARG G 312 -69.92 57.29 7.47
CA ARG G 312 -69.79 56.04 6.74
C ARG G 312 -68.33 55.66 6.56
N ASN G 313 -67.48 56.62 6.22
CA ASN G 313 -66.07 56.32 5.98
C ASN G 313 -65.41 55.83 7.26
N MET G 314 -65.70 56.45 8.40
CA MET G 314 -65.12 56.01 9.65
C MET G 314 -65.71 54.68 10.12
N ARG G 315 -66.93 54.33 9.68
CA ARG G 315 -67.54 53.08 10.13
C ARG G 315 -66.74 51.87 9.69
N SER G 316 -66.08 51.96 8.53
CA SER G 316 -65.29 50.82 8.05
C SER G 316 -64.06 50.57 8.90
N LEU G 317 -63.56 51.59 9.60
CA LEU G 317 -62.42 51.44 10.49
C LEU G 317 -62.82 51.01 11.89
N GLY G 318 -64.08 50.63 12.09
CA GLY G 318 -64.54 50.14 13.36
C GLY G 318 -64.99 51.21 14.34
N LEU G 319 -64.78 52.48 14.02
CA LEU G 319 -65.28 53.54 14.87
C LEU G 319 -66.79 53.67 14.70
N ASP G 320 -67.44 54.18 15.74
CA ASP G 320 -68.87 54.46 15.71
C ASP G 320 -69.05 55.93 16.10
N LEU G 321 -68.88 56.80 15.10
CA LEU G 321 -69.08 58.22 15.33
C LEU G 321 -70.55 58.56 15.42
N GLY G 322 -71.41 57.74 14.83
CA GLY G 322 -72.85 57.97 14.92
C GLY G 322 -73.39 57.75 16.33
N ARG G 323 -72.89 56.74 17.04
CA ARG G 323 -73.32 56.54 18.42
C ARG G 323 -73.11 57.79 19.23
N TRP G 324 -71.98 58.46 19.03
CA TRP G 324 -71.63 59.61 19.84
C TRP G 324 -72.38 60.87 19.41
N ARG G 325 -72.71 60.98 18.13
CA ARG G 325 -73.58 62.07 17.70
C ARG G 325 -74.98 61.90 18.30
N ASP G 326 -75.52 60.69 18.24
CA ASP G 326 -76.85 60.45 18.77
C ASP G 326 -76.91 60.56 20.28
N ALA G 327 -75.77 60.44 20.96
CA ALA G 327 -75.70 60.55 22.41
C ALA G 327 -75.42 61.96 22.90
N GLY G 328 -75.31 62.93 21.98
CA GLY G 328 -75.04 64.29 22.38
C GLY G 328 -73.69 64.49 23.04
N LEU G 329 -72.66 63.81 22.53
CA LEU G 329 -71.31 63.96 23.04
C LEU G 329 -70.30 64.29 21.95
N LEU G 330 -70.71 64.34 20.68
CA LEU G 330 -69.83 64.68 19.58
C LEU G 330 -70.61 65.56 18.62
N ARG G 331 -70.11 66.77 18.40
CA ARG G 331 -70.67 67.70 17.42
C ARG G 331 -69.74 67.70 16.20
N PHE G 332 -70.30 67.34 15.06
CA PHE G 332 -69.56 67.19 13.81
C PHE G 332 -70.00 68.30 12.86
N MET G 333 -69.12 69.27 12.65
CA MET G 333 -69.49 70.44 11.86
C MET G 333 -68.72 70.43 10.55
N ALA G 334 -69.44 70.60 9.43
CA ALA G 334 -68.83 70.54 8.10
C ALA G 334 -69.22 71.78 7.33
N THR G 335 -68.22 72.52 6.85
CA THR G 335 -68.43 73.72 6.05
C THR G 335 -67.24 73.91 5.11
N ARG G 336 -67.53 74.25 3.86
CA ARG G 336 -66.47 74.47 2.89
C ARG G 336 -65.69 75.74 3.25
N PRO G 337 -64.40 75.80 2.87
CA PRO G 337 -63.63 77.02 3.16
C PRO G 337 -64.17 78.26 2.47
N THR G 338 -64.93 78.11 1.40
CA THR G 338 -65.47 79.25 0.65
C THR G 338 -66.84 79.69 1.14
N PHE G 339 -67.39 79.02 2.15
CA PHE G 339 -68.72 79.40 2.65
C PHE G 339 -68.69 80.71 3.41
N TYR G 340 -67.58 81.00 4.09
CA TYR G 340 -67.46 82.19 4.93
C TYR G 340 -66.18 82.93 4.56
N SER G 341 -66.04 84.12 5.14
CA SER G 341 -64.80 84.87 5.10
C SER G 341 -63.93 84.47 6.29
N LEU G 342 -62.63 84.73 6.16
CA LEU G 342 -61.70 84.28 7.19
C LEU G 342 -62.08 84.80 8.57
N GLU G 343 -62.70 85.98 8.63
CA GLU G 343 -63.13 86.52 9.91
C GLU G 343 -64.31 85.72 10.47
N MET G 344 -65.30 85.46 9.63
CA MET G 344 -66.50 84.77 10.09
C MET G 344 -66.24 83.30 10.38
N HIS G 345 -65.29 82.67 9.68
CA HIS G 345 -64.89 81.31 10.04
C HIS G 345 -64.44 81.26 11.49
N LEU G 346 -63.51 82.16 11.85
CA LEU G 346 -63.05 82.24 13.22
C LEU G 346 -64.19 82.54 14.18
N ALA G 347 -65.05 83.49 13.82
CA ALA G 347 -66.14 83.86 14.72
C ALA G 347 -67.03 82.66 15.01
N VAL G 348 -67.41 81.92 13.96
CA VAL G 348 -68.29 80.78 14.14
C VAL G 348 -67.61 79.70 14.98
N ILE G 349 -66.33 79.43 14.69
CA ILE G 349 -65.64 78.38 15.43
C ILE G 349 -65.59 78.73 16.91
N LEU G 350 -65.21 79.97 17.22
CA LEU G 350 -65.11 80.37 18.62
C LEU G 350 -66.47 80.29 19.30
N ARG G 351 -67.52 80.80 18.66
CA ARG G 351 -68.85 80.78 19.27
C ARG G 351 -69.28 79.36 19.57
N GLU G 352 -69.14 78.48 18.59
CA GLU G 352 -69.55 77.09 18.76
C GLU G 352 -68.75 76.40 19.86
N VAL G 353 -67.44 76.66 19.91
CA VAL G 353 -66.61 76.05 20.95
C VAL G 353 -67.07 76.52 22.31
N MET G 354 -67.38 77.81 22.43
CA MET G 354 -67.91 78.36 23.66
C MET G 354 -69.13 77.60 24.14
N ARG G 355 -70.12 77.47 23.26
CA ARG G 355 -71.42 76.96 23.69
C ARG G 355 -71.30 75.51 24.19
N PHE G 356 -70.72 74.63 23.38
CA PHE G 356 -70.69 73.21 23.73
C PHE G 356 -69.76 72.93 24.90
N GLU G 357 -68.69 73.72 25.03
CA GLU G 357 -67.66 73.48 26.04
C GLU G 357 -67.02 72.11 25.83
N PRO G 358 -66.30 71.94 24.74
CA PRO G 358 -65.68 70.65 24.44
C PRO G 358 -64.46 70.38 25.30
N SER G 359 -63.97 69.14 25.20
CA SER G 359 -62.67 68.76 25.73
C SER G 359 -61.64 68.52 24.64
N VAL G 360 -62.07 68.07 23.46
CA VAL G 360 -61.20 67.86 22.32
C VAL G 360 -61.83 68.55 21.12
N VAL G 361 -61.03 69.34 20.41
CA VAL G 361 -61.45 70.01 19.19
C VAL G 361 -60.50 69.61 18.08
N VAL G 362 -61.04 69.17 16.97
CA VAL G 362 -60.25 68.76 15.82
C VAL G 362 -60.59 69.67 14.65
N LEU G 363 -59.57 70.07 13.91
CA LEU G 363 -59.73 70.82 12.67
C LEU G 363 -59.09 70.02 11.54
N ASP G 364 -59.91 69.61 10.57
CA ASP G 364 -59.43 68.69 9.53
C ASP G 364 -59.88 69.14 8.15
N PRO G 365 -58.97 69.60 7.27
CA PRO G 365 -57.55 69.91 7.50
C PRO G 365 -57.25 71.40 7.65
N ILE G 366 -56.16 71.71 8.33
CA ILE G 366 -55.74 73.09 8.49
C ILE G 366 -55.27 73.70 7.17
N SER G 367 -54.90 72.86 6.21
CA SER G 367 -54.33 73.34 4.96
C SER G 367 -55.39 73.67 3.91
N ALA G 368 -56.68 73.56 4.26
CA ALA G 368 -57.74 73.84 3.31
C ALA G 368 -57.92 75.33 3.07
N PHE G 369 -57.43 76.18 3.96
CA PHE G 369 -57.64 77.62 3.88
C PHE G 369 -56.53 78.36 3.14
N THR G 370 -55.63 77.64 2.46
CA THR G 370 -54.48 78.29 1.85
C THR G 370 -54.90 79.29 0.78
N GLU G 371 -55.87 78.93 -0.05
CA GLU G 371 -56.34 79.77 -1.15
C GLU G 371 -57.49 80.69 -0.75
N SER G 372 -57.89 80.71 0.52
CA SER G 372 -58.95 81.59 0.98
C SER G 372 -58.46 82.99 1.31
N GLY G 373 -57.16 83.24 1.20
CA GLY G 373 -56.62 84.56 1.49
C GLY G 373 -55.13 84.55 1.34
N ASP G 374 -54.50 85.62 1.83
CA ASP G 374 -53.06 85.70 1.85
C ASP G 374 -52.49 84.80 2.95
N ARG G 375 -51.20 84.48 2.83
CA ARG G 375 -50.57 83.61 3.80
C ARG G 375 -50.63 84.20 5.20
N LEU G 376 -50.41 85.50 5.33
CA LEU G 376 -50.36 86.13 6.64
C LEU G 376 -51.75 86.30 7.25
N GLU G 377 -52.80 86.36 6.42
CA GLU G 377 -54.17 86.39 6.90
C GLU G 377 -54.64 85.04 7.43
N VAL G 378 -54.34 83.98 6.69
CA VAL G 378 -54.73 82.64 7.13
C VAL G 378 -53.92 82.26 8.35
N GLN G 379 -52.64 82.67 8.39
CA GLN G 379 -51.84 82.46 9.58
C GLN G 379 -52.42 83.20 10.78
N SER G 380 -52.87 84.44 10.58
CA SER G 380 -53.48 85.17 11.69
C SER G 380 -54.72 84.45 12.20
N MET G 381 -55.59 84.01 11.29
CA MET G 381 -56.80 83.29 11.70
C MET G 381 -56.44 82.04 12.50
N LEU G 382 -55.52 81.23 11.96
CA LEU G 382 -55.18 79.97 12.60
C LEU G 382 -54.50 80.21 13.95
N LEU G 383 -53.65 81.22 14.03
CA LEU G 383 -53.01 81.55 15.30
C LEU G 383 -54.03 81.95 16.34
N ARG G 384 -55.03 82.74 15.95
CA ARG G 384 -56.08 83.11 16.88
C ARG G 384 -56.86 81.89 17.35
N ILE G 385 -57.16 80.97 16.42
CA ILE G 385 -57.86 79.75 16.81
C ILE G 385 -57.04 78.97 17.84
N VAL G 386 -55.74 78.81 17.55
CA VAL G 386 -54.89 78.02 18.43
C VAL G 386 -54.80 78.65 19.80
N ASP G 387 -54.61 79.98 19.85
CA ASP G 387 -54.52 80.65 21.14
C ASP G 387 -55.82 80.52 21.93
N PHE G 388 -56.96 80.69 21.25
CA PHE G 388 -58.23 80.55 21.95
C PHE G 388 -58.38 79.16 22.53
N LEU G 389 -58.03 78.13 21.75
CA LEU G 389 -58.14 76.77 22.26
C LEU G 389 -57.20 76.54 23.44
N LYS G 390 -55.97 77.06 23.36
CA LYS G 390 -54.99 76.75 24.39
C LYS G 390 -55.26 77.50 25.69
N ASN G 391 -55.84 78.70 25.62
CA ASN G 391 -56.14 79.44 26.83
C ASN G 391 -57.25 78.81 27.66
N ARG G 392 -57.98 77.84 27.12
CA ARG G 392 -59.08 77.20 27.81
C ARG G 392 -58.80 75.76 28.21
N GLY G 393 -57.61 75.25 27.94
CA GLY G 393 -57.30 73.87 28.26
C GLY G 393 -57.93 72.86 27.33
N ILE G 394 -58.36 73.29 26.15
CA ILE G 394 -58.96 72.40 25.17
C ILE G 394 -57.86 71.82 24.29
N THR G 395 -57.90 70.51 24.09
CA THR G 395 -56.89 69.83 23.28
C THR G 395 -57.24 69.98 21.81
N GLY G 396 -56.31 70.53 21.03
CA GLY G 396 -56.54 70.76 19.62
C GLY G 396 -55.78 69.79 18.74
N ILE G 397 -56.50 69.07 17.89
CA ILE G 397 -55.90 68.13 16.93
C ILE G 397 -56.07 68.75 15.55
N PHE G 398 -54.97 69.12 14.93
CA PHE G 398 -54.97 69.75 13.62
C PHE G 398 -54.36 68.81 12.59
N THR G 399 -55.08 68.55 11.51
CA THR G 399 -54.60 67.71 10.42
C THR G 399 -54.12 68.60 9.29
N HIS G 400 -52.95 68.28 8.74
CA HIS G 400 -52.30 69.09 7.72
C HIS G 400 -51.78 68.16 6.63
N LEU G 401 -51.92 68.59 5.38
CA LEU G 401 -51.42 67.81 4.26
C LEU G 401 -49.98 68.18 3.95
N ALA G 402 -49.15 67.15 3.81
CA ALA G 402 -47.72 67.35 3.55
C ALA G 402 -47.46 67.62 2.08
N HIS G 403 -46.60 68.60 1.82
CA HIS G 403 -46.08 68.96 0.48
C HIS G 403 -45.66 70.43 0.50
N GLY G 413 -45.45 77.37 9.05
CA GLY G 413 -46.28 78.33 9.75
C GLY G 413 -47.25 77.62 10.68
N LEU G 414 -47.13 77.92 11.97
CA LEU G 414 -47.88 77.35 13.09
C LEU G 414 -47.41 75.95 13.42
N GLU G 415 -46.49 75.39 12.64
CA GLU G 415 -45.83 74.15 13.03
C GLU G 415 -45.06 74.35 14.32
N GLU G 416 -44.45 75.53 14.43
CA GLU G 416 -43.62 75.95 15.55
C GLU G 416 -44.40 76.00 16.86
N LEU G 417 -45.71 76.23 16.80
CA LEU G 417 -46.54 76.42 17.98
C LEU G 417 -47.17 75.11 18.44
N MET G 418 -46.67 73.98 17.95
CA MET G 418 -47.26 72.68 18.22
C MET G 418 -46.44 71.94 19.26
N ASP G 419 -47.13 71.35 20.23
CA ASP G 419 -46.44 70.60 21.28
C ASP G 419 -46.10 69.19 20.81
N GLY G 420 -47.01 68.55 20.08
CA GLY G 420 -46.73 67.27 19.47
C GLY G 420 -46.85 67.32 17.96
N TRP G 421 -46.22 66.37 17.27
CA TRP G 421 -46.28 66.31 15.81
C TRP G 421 -46.18 64.84 15.41
N VAL G 422 -47.23 64.34 14.76
CA VAL G 422 -47.28 62.97 14.27
C VAL G 422 -47.25 63.01 12.75
N LEU G 423 -46.19 62.44 12.16
CA LEU G 423 -46.05 62.39 10.72
C LEU G 423 -46.39 60.99 10.24
N MET G 424 -47.33 60.90 9.31
CA MET G 424 -47.83 59.65 8.77
C MET G 424 -47.36 59.49 7.33
N LEU G 425 -46.77 58.35 7.02
CA LEU G 425 -46.17 58.11 5.72
C LEU G 425 -46.86 56.96 5.01
N ASN G 426 -46.90 57.05 3.69
CA ASN G 426 -47.41 55.97 2.82
C ASN G 426 -46.52 55.99 1.57
N ARG G 427 -45.47 55.16 1.59
CA ARG G 427 -44.42 55.21 0.59
C ARG G 427 -44.38 53.93 -0.23
N GLU G 428 -43.73 54.02 -1.39
CA GLU G 428 -43.60 52.90 -2.32
C GLU G 428 -42.23 52.27 -2.16
N VAL G 429 -42.22 51.00 -1.79
CA VAL G 429 -41.02 50.18 -1.82
C VAL G 429 -41.42 48.79 -2.29
N ASN G 430 -40.71 48.26 -3.29
CA ASN G 430 -40.90 46.89 -3.75
C ASN G 430 -42.28 46.70 -4.36
N GLY G 431 -42.73 47.67 -5.15
CA GLY G 431 -43.99 47.53 -5.85
C GLY G 431 -45.19 47.44 -4.93
N GLU G 432 -45.15 48.11 -3.79
CA GLU G 432 -46.28 48.16 -2.88
C GLU G 432 -46.13 49.42 -2.03
N PHE G 433 -47.25 49.88 -1.49
CA PHE G 433 -47.28 51.06 -0.64
C PHE G 433 -47.53 50.63 0.80
N ASN G 434 -46.61 51.00 1.69
CA ASN G 434 -46.66 50.61 3.09
C ASN G 434 -46.85 51.84 3.96
N ARG G 435 -47.71 51.72 4.97
CA ARG G 435 -48.00 52.81 5.88
C ARG G 435 -47.02 52.81 7.05
N GLU G 436 -46.69 54.01 7.52
CA GLU G 436 -45.76 54.20 8.62
C GLU G 436 -46.13 55.48 9.34
N LEU G 437 -45.58 55.64 10.55
CA LEU G 437 -45.81 56.86 11.31
C LEU G 437 -44.72 56.98 12.37
N TYR G 438 -44.32 58.21 12.65
CA TYR G 438 -43.38 58.49 13.73
C TYR G 438 -43.73 59.82 14.38
N LEU G 439 -43.22 60.00 15.60
CA LEU G 439 -43.46 61.19 16.40
C LEU G 439 -42.30 62.15 16.16
N LEU G 440 -42.52 63.13 15.28
CA LEU G 440 -41.49 64.12 15.01
C LEU G 440 -41.15 64.92 16.25
N LYS G 441 -42.16 65.31 17.01
CA LYS G 441 -41.99 66.17 18.16
C LYS G 441 -42.98 65.78 19.24
N ALA G 442 -42.47 65.73 20.47
CA ALA G 442 -43.34 65.61 21.62
C ALA G 442 -42.67 66.26 22.82
N ARG G 443 -42.96 67.54 23.03
CA ARG G 443 -42.24 68.30 24.04
C ARG G 443 -42.68 67.92 25.44
N GLY G 444 -41.71 67.84 26.35
CA GLY G 444 -41.99 67.58 27.74
C GLY G 444 -42.00 66.12 28.13
N MET G 445 -41.53 65.22 27.27
CA MET G 445 -41.75 63.80 27.55
C MET G 445 -40.68 63.01 26.82
N ALA G 446 -40.54 61.76 27.19
CA ALA G 446 -39.73 60.81 26.45
C ALA G 446 -40.61 59.93 25.57
N HIS G 447 -40.20 59.71 24.33
CA HIS G 447 -40.98 58.96 23.37
C HIS G 447 -40.05 58.16 22.46
N SER G 448 -40.64 57.17 21.78
CA SER G 448 -39.88 56.31 20.88
C SER G 448 -39.39 57.10 19.67
N ASN G 449 -38.24 56.68 19.14
CA ASN G 449 -37.65 57.28 17.95
C ASN G 449 -37.67 56.32 16.77
N GLN G 450 -38.66 55.44 16.72
CA GLN G 450 -38.77 54.41 15.69
C GLN G 450 -39.81 54.80 14.66
N VAL G 451 -39.50 54.55 13.39
CA VAL G 451 -40.45 54.75 12.30
C VAL G 451 -41.23 53.43 12.18
N ARG G 452 -42.35 53.36 12.87
CA ARG G 452 -43.10 52.12 13.00
C ARG G 452 -44.12 51.97 11.87
N GLU G 453 -44.32 50.73 11.44
CA GLU G 453 -45.28 50.40 10.40
C GLU G 453 -46.58 49.95 11.04
N PHE G 454 -47.70 50.37 10.45
CA PHE G 454 -49.01 50.05 10.98
C PHE G 454 -49.94 49.63 9.86
N LEU G 455 -51.09 49.11 10.24
CA LEU G 455 -52.11 48.67 9.31
C LEU G 455 -53.46 49.21 9.75
N MET G 456 -54.33 49.42 8.77
CA MET G 456 -55.73 49.75 9.02
C MET G 456 -56.58 48.52 8.82
N SER G 457 -57.70 48.46 9.53
CA SER G 457 -58.57 47.30 9.44
C SER G 457 -59.90 47.66 10.09
N ASP G 458 -60.77 46.68 10.19
CA ASP G 458 -62.03 46.85 10.91
C ASP G 458 -61.81 47.10 12.39
N ARG G 459 -60.60 46.89 12.88
CA ARG G 459 -60.25 47.05 14.29
C ARG G 459 -59.51 48.35 14.56
N GLY G 460 -59.43 49.23 13.57
CA GLY G 460 -58.76 50.50 13.74
C GLY G 460 -57.31 50.46 13.28
N ILE G 461 -56.47 51.29 13.87
CA ILE G 461 -55.06 51.36 13.53
C ILE G 461 -54.29 50.45 14.47
N SER G 462 -53.58 49.47 13.92
CA SER G 462 -52.76 48.55 14.68
C SER G 462 -51.31 48.69 14.24
N LEU G 463 -50.41 48.87 15.19
CA LEU G 463 -48.99 48.99 14.91
C LEU G 463 -48.34 47.62 15.01
N LEU G 464 -47.55 47.29 14.02
CA LEU G 464 -46.94 45.98 13.95
C LEU G 464 -45.70 45.92 14.85
N PRO G 465 -45.29 44.73 15.27
CA PRO G 465 -44.14 44.63 16.14
C PRO G 465 -42.92 45.25 15.50
N PRO G 466 -42.02 45.82 16.28
CA PRO G 466 -40.84 46.47 15.71
C PRO G 466 -39.99 45.48 14.92
N HIS G 467 -39.14 46.03 14.05
CA HIS G 467 -38.34 45.24 13.14
C HIS G 467 -36.97 44.97 13.77
N LEU G 468 -36.62 43.69 13.89
CA LEU G 468 -35.34 43.30 14.47
C LEU G 468 -34.56 42.51 13.44
N GLY G 469 -33.47 43.11 12.97
CA GLY G 469 -32.56 42.43 12.07
C GLY G 469 -31.36 43.31 11.89
N GLU G 470 -30.25 42.68 11.47
CA GLU G 470 -29.02 43.45 11.37
C GLU G 470 -29.16 44.53 10.31
N GLY G 471 -29.83 44.21 9.21
CA GLY G 471 -30.11 45.23 8.21
C GLY G 471 -31.18 46.21 8.67
N GLY G 472 -32.31 45.68 9.15
CA GLY G 472 -33.41 46.52 9.58
C GLY G 472 -34.05 47.30 8.45
N ALA G 473 -35.03 48.15 8.79
CA ALA G 473 -35.63 49.07 7.83
C ALA G 473 -36.25 48.35 6.64
N LEU G 474 -36.92 47.24 6.90
CA LEU G 474 -37.69 46.54 5.88
C LEU G 474 -39.14 46.49 6.32
N THR G 475 -40.04 46.69 5.37
CA THR G 475 -41.47 46.80 5.64
C THR G 475 -42.25 45.91 4.69
N GLY G 476 -43.43 45.49 5.15
CA GLY G 476 -44.36 44.77 4.30
C GLY G 476 -43.89 43.41 3.88
N THR G 477 -43.85 43.18 2.56
CA THR G 477 -43.50 41.87 2.04
C THR G 477 -42.00 41.58 2.19
N ALA G 478 -41.16 42.60 2.02
CA ALA G 478 -39.72 42.40 2.16
C ALA G 478 -39.36 41.88 3.54
N ARG G 479 -40.12 42.28 4.57
CA ARG G 479 -39.88 41.77 5.91
C ARG G 479 -40.07 40.26 5.97
N LYS G 480 -41.17 39.77 5.40
CA LYS G 480 -41.41 38.34 5.41
C LYS G 480 -40.36 37.60 4.60
N ALA G 481 -39.95 38.18 3.46
CA ALA G 481 -38.92 37.56 2.64
C ALA G 481 -37.62 37.41 3.42
N GLU G 482 -37.23 38.45 4.16
CA GLU G 482 -36.00 38.37 4.93
C GLU G 482 -36.13 37.39 6.09
N GLU G 483 -37.31 37.31 6.72
CA GLU G 483 -37.52 36.30 7.74
C GLU G 483 -37.29 34.90 7.18
N ALA G 484 -37.86 34.66 5.99
CA ALA G 484 -37.69 33.36 5.34
C ALA G 484 -36.21 33.10 5.03
N ARG G 485 -35.51 34.12 4.52
CA ARG G 485 -34.11 33.95 4.20
C ARG G 485 -33.28 33.62 5.44
N LEU G 486 -33.57 34.30 6.55
CA LEU G 486 -32.86 34.02 7.80
C LEU G 486 -33.12 32.59 8.26
N ARG G 487 -34.38 32.14 8.17
CA ARG G 487 -34.68 30.76 8.54
C ARG G 487 -33.90 29.79 7.67
N ARG G 488 -33.83 30.05 6.37
CA ARG G 488 -33.12 29.16 5.46
C ARG G 488 -31.64 29.11 5.82
N ALA G 489 -31.03 30.26 6.11
CA ALA G 489 -29.62 30.28 6.49
C ALA G 489 -29.38 29.50 7.77
N GLU G 490 -30.27 29.66 8.75
CA GLU G 490 -30.13 28.90 9.99
C GLU G 490 -30.19 27.40 9.73
N ILE G 491 -31.12 26.97 8.89
CA ILE G 491 -31.23 25.55 8.57
C ILE G 491 -29.95 25.07 7.90
N GLU G 492 -29.41 25.87 6.98
CA GLU G 492 -28.17 25.49 6.30
C GLU G 492 -27.04 25.29 7.30
N ARG G 493 -26.85 26.24 8.22
CA ARG G 493 -25.77 26.12 9.19
C ARG G 493 -25.98 24.90 10.09
N GLN G 494 -27.23 24.64 10.49
CA GLN G 494 -27.50 23.47 11.32
C GLN G 494 -27.12 22.18 10.60
N THR G 495 -27.46 22.09 9.31
CA THR G 495 -27.11 20.89 8.55
C THR G 495 -25.60 20.74 8.44
N GLU G 496 -24.88 21.84 8.23
CA GLU G 496 -23.42 21.78 8.17
C GLU G 496 -22.85 21.22 9.47
N LEU G 497 -23.31 21.75 10.60
CA LEU G 497 -22.81 21.24 11.88
C LEU G 497 -23.15 19.77 12.05
N GLY G 498 -24.34 19.37 11.62
CA GLY G 498 -24.73 17.98 11.74
C GLY G 498 -23.80 17.05 10.97
N ARG G 499 -23.50 17.41 9.71
CA ARG G 499 -22.63 16.56 8.92
C ARG G 499 -21.24 16.48 9.55
N LEU G 500 -20.73 17.60 10.06
CA LEU G 500 -19.41 17.56 10.70
C LEU G 500 -19.41 16.62 11.90
N GLN G 501 -20.44 16.72 12.75
CA GLN G 501 -20.56 15.85 13.91
C GLN G 501 -20.55 14.38 13.49
N GLN G 502 -21.38 14.07 12.48
CA GLN G 502 -21.51 12.69 12.01
C GLN G 502 -20.18 12.17 11.45
N GLN G 503 -19.42 13.02 10.76
CA GLN G 503 -18.13 12.60 10.21
C GLN G 503 -17.13 12.27 11.32
N ILE G 504 -17.04 13.14 12.32
CA ILE G 504 -16.09 12.86 13.39
C ILE G 504 -16.50 11.61 14.17
N GLU G 505 -17.81 11.40 14.35
CA GLU G 505 -18.26 10.20 15.05
C GLU G 505 -18.01 8.94 14.23
N GLN G 506 -18.12 9.00 12.90
CA GLN G 506 -17.78 7.83 12.10
C GLN G 506 -16.29 7.50 12.21
N ARG G 507 -15.44 8.53 12.26
CA ARG G 507 -14.02 8.27 12.53
C ARG G 507 -13.85 7.54 13.85
N ARG G 508 -14.57 7.97 14.89
CA ARG G 508 -14.48 7.30 16.18
C ARG G 508 -14.90 5.83 16.09
N ARG G 509 -16.02 5.56 15.41
CA ARG G 509 -16.50 4.18 15.29
C ARG G 509 -15.47 3.32 14.57
N ARG G 510 -14.81 3.90 13.58
CA ARG G 510 -13.70 3.26 12.89
C ARG G 510 -12.59 2.86 13.84
N ALA G 511 -12.14 3.82 14.63
CA ALA G 511 -11.08 3.53 15.57
C ALA G 511 -11.48 2.36 16.45
N ARG G 512 -12.75 2.36 16.88
CA ARG G 512 -13.29 1.17 17.54
C ARG G 512 -13.11 -0.13 16.79
N ALA G 513 -13.60 -0.18 15.57
CA ALA G 513 -13.60 -1.46 14.88
C ALA G 513 -12.17 -1.99 14.79
N GLN G 514 -11.23 -1.10 14.49
CA GLN G 514 -9.83 -1.53 14.39
C GLN G 514 -9.31 -2.01 15.74
N ILE G 515 -9.66 -1.32 16.82
CA ILE G 515 -9.21 -1.75 18.15
C ILE G 515 -9.72 -3.14 18.45
N GLU G 516 -11.00 -3.39 18.13
CA GLU G 516 -11.58 -4.70 18.41
C GLU G 516 -10.83 -5.79 17.65
N ALA G 517 -10.55 -5.55 16.37
CA ALA G 517 -9.84 -6.54 15.58
C ALA G 517 -8.47 -6.84 16.18
N LEU G 518 -7.73 -5.80 16.55
CA LEU G 518 -6.40 -6.01 17.12
C LEU G 518 -6.47 -6.76 18.45
N GLU G 519 -7.48 -6.46 19.27
CA GLU G 519 -7.67 -7.19 20.51
C GLU G 519 -7.90 -8.67 20.25
N ALA G 520 -8.77 -8.99 19.30
CA ALA G 520 -9.02 -10.38 19.01
C ALA G 520 -7.73 -11.07 18.56
N GLU G 521 -6.92 -10.37 17.77
CA GLU G 521 -5.65 -10.94 17.34
C GLU G 521 -4.75 -11.25 18.55
N LEU G 522 -4.65 -10.31 19.49
CA LEU G 522 -3.76 -10.54 20.63
C LEU G 522 -4.28 -11.65 21.53
N GLN G 523 -5.61 -11.77 21.67
CA GLN G 523 -6.16 -12.90 22.42
C GLN G 523 -5.78 -14.22 21.75
N ALA G 524 -5.87 -14.28 20.43
CA ALA G 524 -5.45 -15.48 19.71
C ALA G 524 -3.99 -15.79 20.00
N GLU G 525 -3.15 -14.75 20.00
CA GLU G 525 -1.73 -14.97 20.29
C GLU G 525 -1.55 -15.53 21.70
N GLU G 526 -2.29 -15.01 22.67
CA GLU G 526 -2.21 -15.52 24.04
C GLU G 526 -2.53 -17.00 24.07
N ILE G 527 -3.60 -17.40 23.37
CA ILE G 527 -3.98 -18.81 23.34
C ILE G 527 -2.85 -19.64 22.72
N ALA G 528 -2.20 -19.10 21.69
CA ALA G 528 -1.08 -19.82 21.07
C ALA G 528 0.06 -20.02 22.06
N LEU G 529 0.40 -18.98 22.81
CA LEU G 529 1.43 -19.11 23.84
C LEU G 529 1.08 -20.23 24.79
N LYS G 530 -0.19 -20.27 25.22
CA LYS G 530 -0.65 -21.28 26.14
C LYS G 530 -0.42 -22.66 25.59
N ALA G 531 -0.87 -22.87 24.37
CA ALA G 531 -0.79 -24.19 23.76
C ALA G 531 0.64 -24.63 23.63
N LEU G 532 1.53 -23.70 23.27
CA LEU G 532 2.94 -24.05 23.12
C LEU G 532 3.54 -24.47 24.46
N VAL G 533 3.25 -23.72 25.53
CA VAL G 533 3.79 -24.07 26.84
C VAL G 533 3.26 -25.43 27.29
N GLU G 534 1.95 -25.67 27.05
CA GLU G 534 1.37 -26.97 27.39
C GLU G 534 2.08 -28.10 26.66
N SER G 535 2.33 -27.91 25.37
CA SER G 535 2.99 -28.95 24.59
C SER G 535 4.39 -29.22 25.11
N GLU G 536 5.14 -28.17 25.45
CA GLU G 536 6.48 -28.37 25.99
C GLU G 536 6.44 -29.14 27.30
N SER G 537 5.50 -28.78 28.19
CA SER G 537 5.40 -29.50 29.46
C SER G 537 5.09 -30.97 29.23
N ALA G 538 4.16 -31.25 28.32
CA ALA G 538 3.83 -32.64 28.00
C ALA G 538 5.02 -33.39 27.46
N HIS G 539 5.82 -32.72 26.61
CA HIS G 539 7.00 -33.39 26.04
C HIS G 539 8.01 -33.71 27.12
N GLU G 540 8.26 -32.77 28.04
CA GLU G 540 9.16 -33.02 29.16
C GLU G 540 8.70 -34.25 29.95
N ARG G 541 7.42 -34.25 30.29
CA ARG G 541 6.84 -35.35 31.04
C ARG G 541 7.03 -36.69 30.33
N GLN G 542 6.70 -36.74 29.05
CA GLN G 542 6.76 -38.01 28.35
C GLN G 542 8.20 -38.47 28.22
N ARG G 543 9.16 -37.55 28.04
CA ARG G 543 10.55 -38.00 28.00
C ARG G 543 10.97 -38.61 29.34
N LEU G 544 10.58 -37.98 30.46
CA LEU G 544 10.94 -38.58 31.74
C LEU G 544 10.33 -39.96 31.91
N ALA G 545 9.06 -40.12 31.50
CA ALA G 545 8.44 -41.43 31.61
C ALA G 545 9.18 -42.46 30.75
N ASP G 546 9.55 -42.08 29.52
CA ASP G 546 10.24 -43.00 28.64
C ASP G 546 11.63 -43.35 29.16
N ALA G 547 12.34 -42.35 29.70
CA ALA G 547 13.65 -42.61 30.28
C ALA G 547 13.56 -43.55 31.46
N ASP G 548 12.55 -43.37 32.31
CA ASP G 548 12.35 -44.30 33.42
C ASP G 548 12.05 -45.70 32.95
N THR G 549 11.22 -45.83 31.91
CA THR G 549 10.92 -47.15 31.37
C THR G 549 12.17 -47.84 30.84
N LEU G 550 12.98 -47.11 30.06
CA LEU G 550 14.19 -47.68 29.52
C LEU G 550 15.18 -48.06 30.63
N ALA G 551 15.33 -47.19 31.63
CA ALA G 551 16.26 -47.47 32.73
C ALA G 551 15.79 -48.60 33.61
N ARG G 552 14.50 -48.83 33.64
CA ARG G 552 13.98 -50.06 34.20
C ARG G 552 14.31 -51.29 33.42
N SER G 553 14.13 -51.26 32.11
CA SER G 553 14.34 -52.50 31.39
C SER G 553 15.81 -52.85 31.25
N ARG G 554 16.70 -52.04 31.83
CA ARG G 554 18.13 -52.29 31.77
C ARG G 554 18.80 -52.27 33.13
N GLY G 555 18.03 -52.21 34.22
CA GLY G 555 18.59 -52.04 35.54
C GLY G 555 18.65 -53.34 36.32
N ASN G 556 19.47 -53.33 37.36
CA ASN G 556 19.61 -54.45 38.27
C ASN G 556 18.72 -54.31 39.49
N GLU G 557 17.72 -53.42 39.45
CA GLU G 557 16.86 -53.26 40.61
C GLU G 557 16.13 -54.53 40.92
N ARG G 558 15.69 -55.21 39.88
CA ARG G 558 14.80 -56.35 40.03
C ARG G 558 15.43 -57.45 40.87
N PHE G 559 16.73 -57.34 41.16
CA PHE G 559 17.49 -58.33 41.89
C PHE G 559 17.95 -57.83 43.26
N ALA G 560 17.35 -56.75 43.76
CA ALA G 560 17.67 -56.26 45.11
C ALA G 560 16.56 -56.61 46.09
N GLY H 4 27.29 -113.90 46.63
CA GLY H 4 27.83 -114.91 45.74
C GLY H 4 29.04 -115.61 46.34
N ILE H 5 30.20 -115.37 45.74
CA ILE H 5 31.45 -115.97 46.19
C ILE H 5 32.12 -115.05 47.20
N GLY H 6 32.91 -115.65 48.10
CA GLY H 6 33.68 -114.86 49.03
C GLY H 6 34.86 -114.20 48.37
N LYS H 7 35.29 -113.08 48.93
CA LYS H 7 36.38 -112.29 48.37
C LYS H 7 37.29 -111.82 49.49
N SER H 8 38.56 -111.61 49.15
CA SER H 8 39.57 -111.17 50.09
C SER H 8 40.05 -109.77 49.71
N PRO H 9 39.88 -108.77 50.59
CA PRO H 9 40.31 -107.42 50.20
C PRO H 9 41.82 -107.32 50.05
N THR H 10 42.25 -106.60 49.01
CA THR H 10 43.66 -106.43 48.73
C THR H 10 44.30 -105.29 49.51
N GLY H 11 43.50 -104.32 49.96
CA GLY H 11 44.02 -103.11 50.56
C GLY H 11 44.23 -101.98 49.59
N ILE H 12 44.23 -102.26 48.28
CA ILE H 12 44.21 -101.22 47.27
C ILE H 12 42.77 -100.77 47.10
N GLN H 13 42.33 -99.82 47.91
CA GLN H 13 41.01 -99.23 47.71
C GLN H 13 40.95 -98.64 46.31
N GLY H 14 39.89 -98.97 45.58
CA GLY H 14 39.73 -98.61 44.19
C GLY H 14 39.88 -99.77 43.24
N PHE H 15 40.61 -100.80 43.66
CA PHE H 15 40.59 -102.10 43.00
C PHE H 15 39.63 -103.05 43.70
N ASP H 16 39.45 -102.87 45.00
CA ASP H 16 38.41 -103.59 45.73
C ASP H 16 37.02 -103.10 45.32
N GLU H 17 36.89 -101.80 45.04
CA GLU H 17 35.60 -101.29 44.57
C GLU H 17 35.27 -101.86 43.19
N LEU H 18 36.26 -101.93 42.31
CA LEU H 18 36.04 -102.49 40.98
C LEU H 18 35.69 -103.97 41.06
N THR H 19 36.37 -104.71 41.94
CA THR H 19 36.14 -106.14 42.09
C THR H 19 35.00 -106.46 43.05
N LEU H 20 34.38 -105.44 43.65
CA LEU H 20 33.29 -105.65 44.61
C LEU H 20 33.70 -106.55 45.75
N GLY H 21 34.88 -106.29 46.31
CA GLY H 21 35.32 -106.98 47.51
C GLY H 21 36.77 -107.42 47.50
N GLY H 22 37.30 -107.78 46.34
CA GLY H 22 38.69 -108.13 46.22
C GLY H 22 38.86 -109.39 45.39
N LEU H 23 40.02 -110.01 45.57
CA LEU H 23 40.37 -111.22 44.83
C LEU H 23 39.64 -112.43 45.43
N PRO H 24 39.47 -113.49 44.65
CA PRO H 24 38.67 -114.62 45.14
C PRO H 24 39.36 -115.32 46.30
N THR H 25 38.55 -115.75 47.27
CA THR H 25 39.06 -116.48 48.43
C THR H 25 39.10 -117.96 48.10
N GLY H 26 40.28 -118.56 48.27
CA GLY H 26 40.45 -119.97 48.04
C GLY H 26 40.72 -120.37 46.60
N ARG H 27 40.96 -119.42 45.71
CA ARG H 27 41.29 -119.72 44.33
C ARG H 27 42.51 -118.92 43.90
N PRO H 28 43.35 -119.48 43.04
CA PRO H 28 44.49 -118.72 42.53
C PRO H 28 44.07 -117.60 41.60
N SER H 29 44.90 -116.56 41.56
CA SER H 29 44.71 -115.44 40.64
C SER H 29 46.02 -115.18 39.91
N LEU H 30 45.90 -114.71 38.67
CA LEU H 30 47.04 -114.50 37.79
C LEU H 30 47.16 -113.01 37.49
N VAL H 31 48.32 -112.44 37.82
CA VAL H 31 48.65 -111.06 37.48
C VAL H 31 49.72 -111.12 36.39
N CYS H 32 49.39 -110.61 35.21
CA CYS H 32 50.25 -110.70 34.04
C CYS H 32 50.73 -109.32 33.64
N GLY H 33 52.00 -109.24 33.22
CA GLY H 33 52.53 -107.99 32.73
C GLY H 33 53.93 -108.18 32.19
N SER H 34 54.39 -107.17 31.47
CA SER H 34 55.77 -107.13 30.99
C SER H 34 56.68 -106.65 32.12
N ALA H 35 57.93 -106.36 31.79
CA ALA H 35 58.90 -105.96 32.81
C ALA H 35 58.62 -104.53 33.26
N GLY H 36 58.60 -104.33 34.59
CA GLY H 36 58.39 -103.03 35.16
C GLY H 36 56.94 -102.59 35.26
N CYS H 37 56.00 -103.49 34.98
CA CYS H 37 54.59 -103.12 35.00
C CYS H 37 53.99 -103.10 36.40
N GLY H 38 54.72 -103.58 37.41
CA GLY H 38 54.26 -103.52 38.78
C GLY H 38 53.59 -104.78 39.29
N LYS H 39 53.70 -105.90 38.57
CA LYS H 39 53.00 -107.12 38.98
C LYS H 39 53.63 -107.78 40.20
N THR H 40 54.81 -107.35 40.61
CA THR H 40 55.40 -107.84 41.87
C THR H 40 54.98 -106.97 43.05
N LEU H 41 54.92 -105.65 42.84
CA LEU H 41 54.39 -104.77 43.87
C LEU H 41 52.94 -105.11 44.17
N PHE H 42 52.18 -105.54 43.17
CA PHE H 42 50.80 -105.94 43.40
C PHE H 42 50.72 -107.08 44.41
N ALA H 43 51.51 -108.13 44.21
CA ALA H 43 51.51 -109.26 45.12
C ALA H 43 52.04 -108.89 46.49
N SER H 44 53.10 -108.07 46.53
CA SER H 44 53.64 -107.63 47.81
C SER H 44 52.59 -106.85 48.59
N THR H 45 51.88 -105.94 47.92
CA THR H 45 50.80 -105.20 48.57
C THR H 45 49.71 -106.14 49.04
N PHE H 46 49.33 -107.11 48.21
CA PHE H 46 48.32 -108.08 48.62
C PHE H 46 48.71 -108.73 49.94
N LEU H 47 49.93 -109.28 50.00
CA LEU H 47 50.36 -109.97 51.21
C LEU H 47 50.41 -109.04 52.42
N ILE H 48 51.03 -107.87 52.24
CA ILE H 48 51.26 -106.98 53.37
C ILE H 48 49.94 -106.43 53.91
N ASN H 49 49.06 -105.98 53.01
CA ASN H 49 47.77 -105.48 53.45
C ASN H 49 46.94 -106.57 54.08
N GLY H 50 47.02 -107.80 53.55
CA GLY H 50 46.31 -108.90 54.19
C GLY H 50 46.77 -109.13 55.61
N VAL H 51 48.08 -109.15 55.82
CA VAL H 51 48.60 -109.38 57.17
C VAL H 51 48.25 -108.21 58.09
N ARG H 52 48.26 -106.98 57.58
CA ARG H 52 48.08 -105.83 58.45
C ARG H 52 46.61 -105.59 58.79
N ASP H 53 45.71 -105.69 57.81
CA ASP H 53 44.32 -105.31 58.00
C ASP H 53 43.41 -106.47 58.37
N HIS H 54 43.86 -107.72 58.21
CA HIS H 54 43.00 -108.87 58.48
C HIS H 54 43.68 -109.97 59.27
N GLY H 55 44.94 -109.80 59.69
CA GLY H 55 45.61 -110.82 60.46
C GLY H 55 45.72 -112.14 59.72
N GLU H 56 46.14 -112.07 58.46
CA GLU H 56 46.27 -113.26 57.61
C GLU H 56 47.74 -113.48 57.28
N PRO H 57 48.42 -114.42 57.94
CA PRO H 57 49.83 -114.65 57.62
C PRO H 57 50.01 -115.04 56.17
N GLY H 58 51.13 -114.61 55.59
CA GLY H 58 51.37 -114.79 54.18
C GLY H 58 52.70 -115.44 53.91
N VAL H 59 52.80 -116.04 52.72
CA VAL H 59 54.01 -116.68 52.25
C VAL H 59 54.32 -116.17 50.86
N PHE H 60 55.59 -115.83 50.62
CA PHE H 60 56.08 -115.31 49.35
C PHE H 60 57.10 -116.30 48.81
N VAL H 61 56.65 -117.23 47.98
CA VAL H 61 57.54 -118.21 47.35
C VAL H 61 58.14 -117.57 46.12
N THR H 62 59.46 -117.54 46.06
CA THR H 62 60.19 -116.96 44.95
C THR H 62 61.16 -118.00 44.41
N PHE H 63 61.15 -118.18 43.09
CA PHE H 63 62.03 -119.12 42.43
C PHE H 63 63.22 -118.42 41.79
N GLU H 64 63.23 -117.08 41.81
CA GLU H 64 64.24 -116.28 41.11
C GLU H 64 65.02 -115.36 42.04
N GLU H 65 64.30 -114.48 42.72
CA GLU H 65 64.92 -113.44 43.54
C GLU H 65 65.25 -113.97 44.94
N ARG H 66 66.15 -113.27 45.61
CA ARG H 66 66.56 -113.63 46.96
C ARG H 66 65.70 -112.88 47.96
N PRO H 67 65.54 -113.43 49.17
CA PRO H 67 64.65 -112.76 50.15
C PRO H 67 65.05 -111.34 50.47
N GLU H 68 66.36 -111.06 50.60
CA GLU H 68 66.79 -109.70 50.93
C GLU H 68 66.45 -108.74 49.79
N ASP H 69 66.58 -109.19 48.55
CA ASP H 69 66.20 -108.34 47.42
C ASP H 69 64.72 -107.99 47.47
N ILE H 70 63.87 -108.98 47.77
CA ILE H 70 62.44 -108.74 47.87
C ILE H 70 62.16 -107.74 48.99
N VAL H 71 62.83 -107.90 50.13
CA VAL H 71 62.60 -107.00 51.26
C VAL H 71 63.01 -105.58 50.88
N ASN H 72 64.15 -105.42 50.21
CA ASN H 72 64.64 -104.09 49.90
C ASN H 72 63.85 -103.43 48.78
N ASN H 73 63.26 -104.21 47.88
CA ASN H 73 62.56 -103.63 46.74
C ASN H 73 61.33 -102.83 47.15
N VAL H 74 60.83 -103.02 48.37
CA VAL H 74 59.64 -102.33 48.84
C VAL H 74 59.92 -101.47 50.05
N ALA H 75 61.20 -101.31 50.44
CA ALA H 75 61.53 -100.52 51.61
C ALA H 75 61.12 -99.06 51.42
N SER H 76 61.36 -98.51 50.24
CA SER H 76 61.06 -97.10 49.99
C SER H 76 59.57 -96.81 50.00
N LEU H 77 58.73 -97.82 49.82
CA LEU H 77 57.28 -97.62 49.84
C LEU H 77 56.72 -97.55 51.26
N GLY H 78 57.55 -97.75 52.28
CA GLY H 78 57.11 -97.67 53.65
C GLY H 78 56.72 -98.99 54.27
N PHE H 79 56.71 -100.08 53.50
CA PHE H 79 56.40 -101.38 54.06
C PHE H 79 57.55 -101.83 54.95
N GLU H 80 57.25 -102.09 56.21
CA GLU H 80 58.24 -102.61 57.14
C GLU H 80 58.32 -104.12 56.99
N LEU H 81 58.64 -104.60 55.78
CA LEU H 81 58.63 -106.04 55.54
C LEU H 81 59.59 -106.77 56.47
N ASP H 82 60.75 -106.17 56.76
CA ASP H 82 61.66 -106.80 57.70
C ASP H 82 61.02 -106.95 59.07
N LYS H 83 60.23 -105.96 59.49
CA LYS H 83 59.50 -106.11 60.74
C LYS H 83 58.60 -107.33 60.72
N LEU H 84 57.77 -107.44 59.68
CA LEU H 84 56.81 -108.53 59.61
C LEU H 84 57.52 -109.87 59.60
N ILE H 85 58.63 -109.97 58.86
CA ILE H 85 59.40 -111.21 58.84
C ILE H 85 59.94 -111.52 60.22
N GLU H 86 60.40 -110.50 60.94
CA GLU H 86 60.88 -110.71 62.30
C GLU H 86 59.76 -111.15 63.22
N GLU H 87 58.57 -110.55 63.08
CA GLU H 87 57.44 -110.86 63.94
C GLU H 87 56.81 -112.21 63.64
N GLU H 88 57.26 -112.90 62.60
CA GLU H 88 56.72 -114.21 62.23
C GLU H 88 55.30 -114.10 61.71
N LYS H 89 55.04 -113.08 60.89
CA LYS H 89 53.74 -112.91 60.24
C LYS H 89 53.82 -113.01 58.72
N ILE H 90 55.02 -113.09 58.16
CA ILE H 90 55.22 -113.35 56.73
C ILE H 90 56.49 -114.16 56.58
N ALA H 91 56.48 -115.08 55.61
CA ALA H 91 57.63 -115.94 55.34
C ALA H 91 57.96 -115.85 53.86
N ILE H 92 59.24 -115.64 53.55
CA ILE H 92 59.74 -115.61 52.19
C ILE H 92 60.52 -116.90 51.96
N GLU H 93 60.09 -117.68 50.97
CA GLU H 93 60.66 -118.98 50.68
C GLU H 93 61.31 -118.95 49.30
N HIS H 94 62.58 -119.34 49.24
CA HIS H 94 63.35 -119.36 48.00
C HIS H 94 63.51 -120.81 47.55
N ILE H 95 62.86 -121.17 46.44
CA ILE H 95 62.98 -122.50 45.86
C ILE H 95 63.80 -122.39 44.58
N ALA H 96 65.11 -122.61 44.71
CA ALA H 96 66.03 -122.44 43.59
C ALA H 96 66.05 -123.67 42.71
N VAL H 97 66.37 -123.44 41.43
CA VAL H 97 66.48 -124.51 40.43
C VAL H 97 67.79 -124.32 39.69
N ASP H 98 68.56 -125.40 39.56
CA ASP H 98 69.83 -125.38 38.83
C ASP H 98 69.59 -125.65 37.34
N PRO H 99 70.58 -125.36 36.50
CA PRO H 99 70.37 -125.58 35.05
C PRO H 99 69.96 -127.00 34.69
N SER H 100 70.59 -128.01 35.27
CA SER H 100 70.21 -129.39 34.96
C SER H 100 68.80 -129.68 35.45
N GLU H 101 68.40 -129.09 36.57
CA GLU H 101 67.09 -129.35 37.15
C GLU H 101 65.97 -129.02 36.16
N VAL H 102 66.12 -127.91 35.42
CA VAL H 102 65.03 -127.34 34.64
C VAL H 102 65.08 -127.77 33.18
N ALA H 103 65.81 -128.85 32.87
CA ALA H 103 66.08 -129.17 31.47
C ALA H 103 64.80 -129.46 30.69
N GLU H 104 63.88 -130.27 31.23
CA GLU H 104 62.82 -130.80 30.38
C GLU H 104 61.49 -130.88 31.14
N ILE H 105 60.50 -131.52 30.49
CA ILE H 105 59.18 -131.74 31.08
C ILE H 105 59.28 -132.78 32.20
N GLY H 106 58.50 -132.58 33.25
CA GLY H 106 58.39 -133.53 34.33
C GLY H 106 59.67 -133.72 35.09
N ASP H 107 60.69 -132.91 34.78
CA ASP H 107 61.97 -133.03 35.44
C ASP H 107 61.85 -132.71 36.92
N TYR H 108 61.07 -131.67 37.24
CA TYR H 108 60.83 -131.31 38.62
C TYR H 108 59.74 -132.20 39.21
N ASP H 109 59.99 -132.72 40.40
CA ASP H 109 58.99 -133.52 41.10
C ASP H 109 58.02 -132.55 41.77
N LEU H 110 56.91 -132.26 41.08
CA LEU H 110 55.95 -131.31 41.62
C LEU H 110 55.47 -131.72 43.01
N GLU H 111 55.33 -133.02 43.28
CA GLU H 111 55.00 -133.41 44.64
C GLU H 111 56.09 -132.98 45.60
N GLY H 112 57.36 -133.01 45.20
CA GLY H 112 58.41 -132.47 46.05
C GLY H 112 58.17 -131.01 46.35
N LEU H 113 57.83 -130.23 45.32
CA LEU H 113 57.49 -128.83 45.52
C LEU H 113 56.31 -128.70 46.46
N PHE H 114 55.30 -129.57 46.27
CA PHE H 114 54.12 -129.50 47.11
C PHE H 114 54.46 -129.76 48.57
N LEU H 115 55.36 -130.71 48.83
CA LEU H 115 55.80 -130.94 50.20
C LEU H 115 56.41 -129.68 50.78
N ARG H 116 57.36 -129.10 50.07
CA ARG H 116 57.98 -127.89 50.57
C ARG H 116 56.98 -126.75 50.82
N LEU H 117 56.17 -126.45 49.82
CA LEU H 117 55.22 -125.36 49.99
C LEU H 117 54.37 -125.59 51.21
N GLU H 118 54.08 -126.86 51.49
CA GLU H 118 53.28 -127.15 52.66
C GLU H 118 54.04 -126.76 53.91
N LEU H 119 55.33 -127.12 53.96
CA LEU H 119 56.15 -126.76 55.11
C LEU H 119 56.10 -125.26 55.36
N ALA H 120 56.31 -124.50 54.29
CA ALA H 120 56.33 -123.05 54.41
C ALA H 120 55.01 -122.53 54.93
N ILE H 121 53.91 -123.06 54.40
CA ILE H 121 52.60 -122.58 54.82
C ILE H 121 52.37 -122.88 56.30
N ASP H 122 52.71 -124.08 56.75
CA ASP H 122 52.45 -124.44 58.15
C ASP H 122 53.39 -123.73 59.11
N THR H 123 54.51 -123.18 58.63
CA THR H 123 55.35 -122.38 59.51
C THR H 123 54.58 -121.20 60.09
N VAL H 124 53.98 -120.39 59.21
CA VAL H 124 53.29 -119.17 59.62
C VAL H 124 51.78 -119.35 59.71
N GLY H 125 51.27 -120.53 59.37
CA GLY H 125 49.83 -120.73 59.32
C GLY H 125 49.20 -119.83 58.28
N ALA H 126 49.79 -119.84 57.09
CA ALA H 126 49.42 -118.88 56.05
C ALA H 126 47.96 -119.03 55.63
N LYS H 127 47.36 -117.91 55.26
CA LYS H 127 46.08 -117.89 54.60
C LYS H 127 46.13 -117.17 53.26
N ARG H 128 47.27 -116.57 52.91
CA ARG H 128 47.53 -115.99 51.60
C ARG H 128 48.91 -116.42 51.13
N VAL H 129 49.04 -116.65 49.82
CA VAL H 129 50.30 -117.11 49.24
C VAL H 129 50.55 -116.36 47.93
N VAL H 130 51.82 -116.09 47.65
CA VAL H 130 52.25 -115.54 46.37
C VAL H 130 53.28 -116.47 45.77
N LEU H 131 53.06 -116.88 44.52
CA LEU H 131 54.04 -117.62 43.74
C LEU H 131 54.60 -116.69 42.68
N ASP H 132 55.87 -116.35 42.79
CA ASP H 132 56.52 -115.37 41.93
C ASP H 132 57.59 -116.06 41.10
N THR H 133 57.60 -115.78 39.80
CA THR H 133 58.52 -116.40 38.86
C THR H 133 58.38 -117.92 38.91
N ILE H 134 57.19 -118.40 38.52
CA ILE H 134 57.06 -119.81 38.21
C ILE H 134 57.45 -120.11 36.78
N GLU H 135 57.83 -119.09 36.00
CA GLU H 135 58.30 -119.32 34.65
C GLU H 135 59.55 -120.18 34.62
N SER H 136 60.41 -120.05 35.63
CA SER H 136 61.64 -120.83 35.67
C SER H 136 61.34 -122.31 35.55
N LEU H 137 60.34 -122.78 36.31
CA LEU H 137 60.00 -124.18 36.31
C LEU H 137 59.28 -124.60 35.02
N PHE H 138 58.33 -123.78 34.56
CA PHE H 138 57.43 -124.18 33.49
C PHE H 138 57.87 -123.73 32.10
N SER H 139 58.93 -122.93 31.98
CA SER H 139 59.45 -122.64 30.64
C SER H 139 60.09 -123.86 30.04
N ALA H 140 60.48 -124.83 30.86
CA ALA H 140 61.11 -126.05 30.37
C ALA H 140 60.14 -126.83 29.49
N PHE H 141 58.92 -127.04 29.96
CA PHE H 141 57.97 -127.88 29.23
C PHE H 141 57.76 -127.38 27.80
N SER H 142 57.98 -128.25 26.83
CA SER H 142 57.93 -127.87 25.42
C SER H 142 56.86 -128.61 24.60
N ASN H 143 55.96 -129.36 25.25
CA ASN H 143 54.81 -129.89 24.53
C ASN H 143 53.54 -129.23 25.07
N PRO H 144 52.69 -128.65 24.21
CA PRO H 144 51.56 -127.85 24.74
C PRO H 144 50.66 -128.62 25.69
N ALA H 145 50.38 -129.89 25.41
CA ALA H 145 49.46 -130.65 26.26
C ALA H 145 50.06 -130.95 27.63
N ILE H 146 51.32 -131.39 27.66
CA ILE H 146 51.95 -131.76 28.91
C ILE H 146 52.04 -130.55 29.83
N LEU H 147 52.37 -129.39 29.26
CA LEU H 147 52.46 -128.17 30.05
C LEU H 147 51.12 -127.79 30.66
N ARG H 148 50.05 -127.88 29.87
CA ARG H 148 48.73 -127.55 30.40
C ARG H 148 48.34 -128.52 31.50
N ALA H 149 48.71 -129.80 31.37
CA ALA H 149 48.41 -130.76 32.41
C ALA H 149 49.14 -130.42 33.70
N GLU H 150 50.42 -130.05 33.60
CA GLU H 150 51.17 -129.71 34.81
C GLU H 150 50.64 -128.44 35.46
N ILE H 151 50.32 -127.42 34.66
CA ILE H 151 49.76 -126.20 35.21
C ILE H 151 48.45 -126.49 35.93
N ARG H 152 47.60 -127.33 35.32
CA ARG H 152 46.35 -127.71 35.97
C ARG H 152 46.62 -128.45 37.27
N ARG H 153 47.62 -129.32 37.29
CA ARG H 153 47.96 -130.03 38.51
C ARG H 153 48.30 -129.05 39.62
N LEU H 154 49.17 -128.08 39.32
CA LEU H 154 49.56 -127.10 40.33
C LEU H 154 48.35 -126.29 40.81
N PHE H 155 47.52 -125.83 39.88
CA PHE H 155 46.37 -125.02 40.25
C PHE H 155 45.39 -125.82 41.09
N ASP H 156 45.17 -127.09 40.75
CA ASP H 156 44.28 -127.94 41.53
C ASP H 156 44.83 -128.14 42.94
N TRP H 157 46.14 -128.36 43.07
CA TRP H 157 46.72 -128.51 44.39
C TRP H 157 46.51 -127.24 45.22
N LEU H 158 46.73 -126.08 44.59
CA LEU H 158 46.51 -124.82 45.31
C LEU H 158 45.06 -124.66 45.73
N LYS H 159 44.12 -124.99 44.84
CA LYS H 159 42.71 -124.82 45.14
C LYS H 159 42.25 -125.77 46.23
N GLU H 160 42.85 -126.96 46.32
CA GLU H 160 42.44 -127.91 47.34
C GLU H 160 42.67 -127.36 48.74
N ARG H 161 43.81 -126.68 48.95
CA ARG H 161 44.16 -126.20 50.28
C ARG H 161 43.26 -125.06 50.75
N GLY H 162 42.54 -124.40 49.85
CA GLY H 162 41.79 -123.22 50.23
C GLY H 162 42.69 -122.05 50.60
N LEU H 163 43.75 -121.84 49.82
CA LEU H 163 44.68 -120.74 50.05
C LEU H 163 44.49 -119.68 48.98
N THR H 164 44.28 -118.44 49.41
CA THR H 164 44.17 -117.33 48.46
C THR H 164 45.55 -117.07 47.85
N THR H 165 45.68 -117.35 46.56
CA THR H 165 46.97 -117.32 45.88
C THR H 165 46.99 -116.28 44.78
N VAL H 166 48.15 -115.66 44.62
CA VAL H 166 48.42 -114.73 43.52
C VAL H 166 49.67 -115.22 42.80
N ILE H 167 49.56 -115.42 41.49
CA ILE H 167 50.65 -115.93 40.67
C ILE H 167 51.04 -114.84 39.68
N THR H 168 52.33 -114.49 39.67
CA THR H 168 52.84 -113.47 38.77
C THR H 168 53.35 -114.12 37.50
N ALA H 169 52.89 -113.61 36.36
CA ALA H 169 53.21 -114.17 35.05
C ALA H 169 53.77 -113.09 34.15
N GLU H 170 54.66 -113.51 33.24
CA GLU H 170 55.37 -112.60 32.36
C GLU H 170 54.74 -112.64 30.97
N ARG H 171 54.45 -111.46 30.43
CA ARG H 171 53.75 -111.37 29.15
C ARG H 171 54.61 -111.87 27.99
N GLY H 172 55.89 -111.54 28.01
CA GLY H 172 56.74 -111.89 26.87
C GLY H 172 56.23 -111.23 25.61
N ASP H 173 56.04 -112.03 24.57
CA ASP H 173 55.50 -111.57 23.31
C ASP H 173 54.02 -111.87 23.15
N GLY H 174 53.38 -112.37 24.21
CA GLY H 174 51.99 -112.76 24.13
C GLY H 174 51.04 -111.63 24.48
N ALA H 175 49.76 -111.89 24.24
CA ALA H 175 48.72 -110.93 24.63
C ALA H 175 48.63 -110.83 26.16
N LEU H 176 48.65 -111.96 26.83
CA LEU H 176 48.54 -112.01 28.28
C LEU H 176 49.70 -112.76 28.94
N THR H 177 50.14 -113.87 28.35
CA THR H 177 51.20 -114.68 28.92
C THR H 177 52.09 -115.18 27.79
N ARG H 178 53.36 -115.46 28.12
CA ARG H 178 54.31 -115.87 27.10
C ARG H 178 53.91 -117.18 26.44
N GLN H 179 53.54 -118.17 27.26
CA GLN H 179 53.23 -119.49 26.74
C GLN H 179 51.76 -119.67 26.38
N GLY H 180 50.89 -118.75 26.82
CA GLY H 180 49.55 -118.68 26.30
C GLY H 180 48.54 -119.66 26.86
N LEU H 181 48.79 -120.24 28.04
CA LEU H 181 47.90 -121.25 28.58
C LEU H 181 47.41 -120.96 30.00
N GLU H 182 48.15 -120.19 30.79
CA GLU H 182 47.75 -119.99 32.19
C GLU H 182 46.46 -119.20 32.30
N GLU H 183 46.18 -118.32 31.33
CA GLU H 183 45.01 -117.46 31.40
C GLU H 183 43.72 -118.25 31.20
N TYR H 184 43.80 -119.45 30.63
CA TYR H 184 42.65 -120.31 30.43
C TYR H 184 42.44 -121.31 31.56
N VAL H 185 43.31 -121.30 32.57
CA VAL H 185 43.18 -122.21 33.70
C VAL H 185 42.76 -121.50 34.98
N SER H 186 43.11 -120.22 35.14
CA SER H 186 42.79 -119.50 36.35
C SER H 186 41.37 -118.96 36.30
N ASP H 187 40.90 -118.45 37.44
CA ASP H 187 39.57 -117.86 37.55
C ASP H 187 39.59 -116.34 37.50
N CYS H 188 40.67 -115.71 37.96
CA CYS H 188 40.83 -114.27 37.91
C CYS H 188 42.12 -113.94 37.16
N VAL H 189 42.01 -113.09 36.15
CA VAL H 189 43.16 -112.67 35.35
C VAL H 189 43.19 -111.15 35.36
N ILE H 190 44.32 -110.58 35.78
CA ILE H 190 44.50 -109.13 35.86
C ILE H 190 45.72 -108.78 35.04
N LEU H 191 45.53 -107.89 34.05
CA LEU H 191 46.60 -107.46 33.17
C LEU H 191 47.06 -106.06 33.56
N LEU H 192 48.36 -105.91 33.79
CA LEU H 192 48.98 -104.61 34.05
C LEU H 192 49.77 -104.19 32.82
N ASP H 193 49.60 -102.94 32.40
CA ASP H 193 50.14 -102.46 31.15
C ASP H 193 50.80 -101.10 31.36
N HIS H 194 51.83 -100.83 30.55
CA HIS H 194 52.59 -99.58 30.62
C HIS H 194 52.90 -99.17 29.19
N ARG H 195 52.06 -98.32 28.62
CA ARG H 195 52.13 -97.96 27.21
C ARG H 195 52.61 -96.53 27.06
N VAL H 196 53.30 -96.28 25.94
CA VAL H 196 53.86 -94.98 25.62
C VAL H 196 53.11 -94.41 24.41
N GLU H 197 52.63 -93.18 24.55
CA GLU H 197 51.96 -92.48 23.47
C GLU H 197 52.41 -91.02 23.50
N ASN H 198 52.92 -90.54 22.36
CA ASN H 198 53.42 -89.16 22.27
C ASN H 198 54.48 -88.90 23.35
N GLN H 199 55.28 -89.92 23.66
CA GLN H 199 56.38 -89.88 24.62
C GLN H 199 55.92 -89.85 26.06
N ILE H 200 54.63 -90.07 26.33
CA ILE H 200 54.10 -90.09 27.68
C ILE H 200 53.68 -91.52 28.01
N SER H 201 54.15 -92.04 29.14
CA SER H 201 53.87 -93.40 29.55
C SER H 201 52.74 -93.41 30.57
N THR H 202 51.83 -94.37 30.43
CA THR H 202 50.67 -94.50 31.31
C THR H 202 50.59 -95.91 31.84
N ARG H 203 50.48 -96.04 33.16
CA ARG H 203 50.17 -97.31 33.79
C ARG H 203 48.67 -97.56 33.68
N ARG H 204 48.29 -98.75 33.21
CA ARG H 204 46.89 -99.12 33.06
C ARG H 204 46.66 -100.50 33.66
N LEU H 205 45.42 -100.71 34.11
CA LEU H 205 45.02 -101.94 34.78
C LEU H 205 43.72 -102.43 34.16
N ARG H 206 43.56 -103.75 34.10
CA ARG H 206 42.37 -104.34 33.52
C ARG H 206 42.13 -105.72 34.13
N ILE H 207 40.86 -106.03 34.37
CA ILE H 207 40.44 -107.33 34.86
C ILE H 207 39.88 -108.09 33.64
N VAL H 208 40.70 -108.94 33.06
CA VAL H 208 40.30 -109.64 31.84
C VAL H 208 39.25 -110.68 32.13
N LYS H 209 39.42 -111.44 33.22
CA LYS H 209 38.45 -112.44 33.64
C LYS H 209 38.31 -112.42 35.15
N TYR H 210 37.08 -112.60 35.62
CA TYR H 210 36.84 -112.88 37.02
C TYR H 210 35.58 -113.71 37.14
N ARG H 211 35.72 -115.03 37.14
CA ARG H 211 34.56 -115.91 37.17
C ARG H 211 33.87 -115.83 38.53
N GLY H 212 32.54 -115.70 38.51
CA GLY H 212 31.73 -115.81 39.70
C GLY H 212 30.94 -114.56 40.08
N THR H 213 31.10 -113.44 39.38
CA THR H 213 30.43 -112.21 39.80
C THR H 213 30.65 -111.14 38.74
N ALA H 214 30.00 -110.01 38.93
CA ALA H 214 30.18 -108.85 38.06
C ALA H 214 31.36 -108.00 38.54
N HIS H 215 31.96 -107.29 37.60
CA HIS H 215 33.11 -106.44 37.91
C HIS H 215 33.27 -105.41 36.79
N GLY H 216 34.17 -104.46 37.02
CA GLY H 216 34.51 -103.53 35.97
C GLY H 216 35.28 -104.19 34.85
N THR H 217 35.04 -103.71 33.63
CA THR H 217 35.62 -104.33 32.43
C THR H 217 36.40 -103.34 31.57
N ASN H 218 36.60 -102.11 32.04
CA ASN H 218 37.35 -101.11 31.30
C ASN H 218 38.81 -101.11 31.75
N GLU H 219 39.62 -100.27 31.10
CA GLU H 219 41.00 -100.06 31.48
C GLU H 219 41.07 -98.85 32.41
N TYR H 220 41.72 -99.03 33.55
CA TYR H 220 41.74 -98.02 34.60
C TYR H 220 43.17 -97.56 34.85
N PRO H 221 43.57 -96.37 34.40
CA PRO H 221 44.91 -95.88 34.72
C PRO H 221 45.11 -95.77 36.22
N PHE H 222 46.31 -96.14 36.66
CA PHE H 222 46.64 -96.12 38.08
C PHE H 222 48.02 -95.51 38.27
N LEU H 223 48.45 -95.45 39.54
CA LEU H 223 49.67 -94.77 39.91
C LEU H 223 50.36 -95.55 41.01
N ILE H 224 51.66 -95.79 40.84
CA ILE H 224 52.51 -96.28 41.92
C ILE H 224 53.24 -95.08 42.50
N ASP H 225 53.00 -94.78 43.77
CA ASP H 225 53.42 -93.52 44.36
C ASP H 225 54.01 -93.86 45.73
N THR H 226 54.24 -92.84 46.56
CA THR H 226 54.98 -93.03 47.80
C THR H 226 54.33 -94.03 48.74
N ASP H 227 53.02 -94.29 48.60
CA ASP H 227 52.32 -95.18 49.51
C ASP H 227 51.90 -96.51 48.88
N GLY H 228 51.86 -96.60 47.56
CA GLY H 228 51.60 -97.86 46.89
C GLY H 228 50.68 -97.66 45.69
N PHE H 229 50.04 -98.75 45.29
CA PHE H 229 49.11 -98.70 44.17
C PHE H 229 47.94 -97.79 44.49
N SER H 230 47.52 -96.99 43.50
CA SER H 230 46.38 -96.10 43.64
C SER H 230 45.55 -96.16 42.37
N VAL H 231 44.27 -96.51 42.52
CA VAL H 231 43.31 -96.51 41.40
C VAL H 231 42.17 -95.61 41.80
N LEU H 232 41.88 -94.60 40.97
CA LEU H 232 40.76 -93.69 41.15
C LEU H 232 39.86 -93.81 39.93
N PRO H 233 39.05 -94.86 39.86
CA PRO H 233 38.27 -95.08 38.63
C PRO H 233 37.25 -93.97 38.40
N VAL H 234 37.03 -93.67 37.12
CA VAL H 234 36.03 -92.66 36.75
C VAL H 234 34.62 -93.21 36.76
N SER H 235 34.46 -94.53 36.83
CA SER H 235 33.14 -95.14 36.87
C SER H 235 32.52 -95.12 38.26
N ALA H 236 33.28 -94.74 39.28
CA ALA H 236 32.75 -94.63 40.64
C ALA H 236 32.15 -93.27 40.93
N LEU H 237 32.28 -92.32 40.01
CA LEU H 237 31.71 -90.99 40.19
C LEU H 237 30.23 -91.04 39.86
N GLY H 238 29.39 -90.68 40.83
CA GLY H 238 27.98 -90.55 40.63
C GLY H 238 27.55 -89.09 40.53
N LEU H 239 26.24 -88.90 40.56
CA LEU H 239 25.65 -87.58 40.72
C LEU H 239 24.72 -87.66 41.92
N LEU H 240 25.33 -87.62 43.11
CA LEU H 240 24.60 -87.53 44.36
C LEU H 240 25.31 -86.51 45.24
N HIS H 241 25.01 -85.24 45.02
CA HIS H 241 25.56 -84.18 45.84
C HIS H 241 24.54 -83.72 46.88
N GLN H 242 24.92 -82.70 47.64
CA GLN H 242 24.02 -82.01 48.55
C GLN H 242 24.02 -80.55 48.19
N VAL H 243 22.90 -79.87 48.44
CA VAL H 243 22.74 -78.50 48.00
C VAL H 243 22.59 -77.59 49.21
N HIS H 244 23.11 -76.37 49.06
CA HIS H 244 23.13 -75.37 50.11
C HIS H 244 22.44 -74.12 49.62
N GLU H 245 21.93 -73.33 50.56
CA GLU H 245 21.20 -72.11 50.22
C GLU H 245 21.97 -70.83 50.45
N GLU H 246 23.14 -70.87 51.09
CA GLU H 246 23.93 -69.66 51.11
C GLU H 246 24.56 -69.35 49.78
N ARG H 247 25.15 -68.16 49.73
CA ARG H 247 25.76 -67.61 48.54
C ARG H 247 27.18 -67.18 48.87
N ILE H 248 28.02 -67.12 47.84
CA ILE H 248 29.42 -66.78 47.98
C ILE H 248 29.68 -65.46 47.28
N ALA H 249 30.27 -64.52 48.00
CA ALA H 249 30.59 -63.22 47.43
C ALA H 249 31.81 -63.32 46.52
N SER H 250 31.83 -62.50 45.47
CA SER H 250 32.89 -62.53 44.47
C SER H 250 34.05 -61.61 44.79
N GLY H 251 33.89 -60.67 45.72
CA GLY H 251 34.86 -59.61 45.91
C GLY H 251 34.70 -58.47 44.94
N VAL H 252 33.79 -58.59 43.98
CA VAL H 252 33.41 -57.50 43.09
C VAL H 252 31.97 -57.13 43.43
N PRO H 253 31.74 -56.10 44.23
CA PRO H 253 30.36 -55.83 44.68
C PRO H 253 29.41 -55.52 43.54
N ASP H 254 29.93 -54.98 42.42
CA ASP H 254 29.08 -54.73 41.27
C ASP H 254 28.58 -56.04 40.66
N LEU H 255 29.44 -57.05 40.56
CA LEU H 255 29.05 -58.32 39.97
C LEU H 255 28.01 -59.03 40.83
N ASP H 256 28.19 -59.00 42.15
CA ASP H 256 27.22 -59.63 43.04
C ASP H 256 25.85 -58.99 42.90
N ALA H 257 25.80 -57.68 42.63
CA ALA H 257 24.54 -56.99 42.43
C ALA H 257 23.80 -57.45 41.17
N MET H 258 24.47 -58.17 40.28
CA MET H 258 23.86 -58.64 39.05
C MET H 258 23.08 -59.93 39.25
N MET H 259 23.05 -60.45 40.49
CA MET H 259 22.45 -61.73 40.79
C MET H 259 21.49 -61.57 41.96
N ALA H 260 20.34 -62.23 41.86
CA ALA H 260 19.42 -62.26 42.98
C ALA H 260 20.01 -63.05 44.14
N GLY H 261 19.89 -62.50 45.34
CA GLY H 261 20.35 -63.16 46.54
C GLY H 261 21.76 -62.83 46.95
N GLY H 262 22.56 -62.25 46.07
CA GLY H 262 23.88 -61.76 46.43
C GLY H 262 25.06 -62.53 45.88
N GLY H 263 24.85 -63.44 44.94
CA GLY H 263 25.95 -64.14 44.31
C GLY H 263 25.59 -65.58 43.97
N PHE H 264 26.61 -66.31 43.55
CA PHE H 264 26.44 -67.71 43.20
C PHE H 264 26.18 -68.56 44.45
N PHE H 265 25.60 -69.73 44.24
CA PHE H 265 25.43 -70.64 45.36
C PHE H 265 26.77 -71.21 45.77
N ARG H 266 26.81 -71.68 47.02
CA ARG H 266 28.10 -71.89 47.66
C ARG H 266 28.90 -73.00 46.99
N GLY H 267 28.36 -74.22 46.96
CA GLY H 267 29.10 -75.37 46.49
C GLY H 267 29.05 -75.54 44.98
N SER H 268 28.81 -74.43 44.28
CA SER H 268 28.61 -74.46 42.85
C SER H 268 29.93 -74.62 42.11
N SER H 269 29.83 -74.84 40.81
CA SER H 269 30.96 -74.87 39.90
C SER H 269 30.84 -73.69 38.95
N ILE H 270 31.84 -72.83 38.93
CA ILE H 270 31.82 -71.58 38.18
C ILE H 270 32.95 -71.62 37.16
N LEU H 271 32.63 -71.32 35.90
CA LEU H 271 33.60 -71.29 34.82
C LEU H 271 33.74 -69.86 34.33
N VAL H 272 34.98 -69.35 34.34
CA VAL H 272 35.30 -68.03 33.82
C VAL H 272 36.03 -68.24 32.49
N SER H 273 35.47 -67.68 31.42
CA SER H 273 35.99 -67.90 30.08
C SER H 273 36.31 -66.57 29.42
N GLY H 274 37.26 -66.59 28.50
CA GLY H 274 37.63 -65.39 27.78
C GLY H 274 38.93 -65.58 27.03
N VAL H 275 39.26 -64.55 26.25
CA VAL H 275 40.50 -64.49 25.49
C VAL H 275 41.62 -64.01 26.40
N ALA H 276 42.85 -64.05 25.90
CA ALA H 276 44.02 -63.70 26.69
C ALA H 276 44.03 -62.20 26.95
N GLY H 277 44.32 -61.82 28.20
CA GLY H 277 44.22 -60.45 28.64
C GLY H 277 42.84 -60.04 29.10
N ALA H 278 41.88 -60.96 29.07
CA ALA H 278 40.49 -60.60 29.36
C ALA H 278 40.31 -60.16 30.81
N GLY H 279 40.97 -60.84 31.74
CA GLY H 279 40.76 -60.56 33.16
C GLY H 279 40.36 -61.78 33.95
N LYS H 280 40.56 -62.97 33.37
CA LYS H 280 40.13 -64.20 34.02
C LYS H 280 40.86 -64.42 35.33
N SER H 281 42.18 -64.27 35.32
CA SER H 281 42.97 -64.49 36.53
C SER H 281 42.61 -63.47 37.60
N SER H 282 42.35 -62.22 37.19
CA SER H 282 41.99 -61.19 38.15
C SER H 282 40.71 -61.53 38.88
N LEU H 283 39.69 -62.02 38.16
CA LEU H 283 38.44 -62.37 38.80
C LEU H 283 38.60 -63.52 39.78
N ALA H 284 39.37 -64.54 39.39
CA ALA H 284 39.61 -65.66 40.28
C ALA H 284 40.34 -65.21 41.54
N ALA H 285 41.33 -64.34 41.38
CA ALA H 285 42.04 -63.81 42.53
C ALA H 285 41.14 -62.98 43.42
N HIS H 286 40.22 -62.22 42.82
CA HIS H 286 39.26 -61.49 43.65
C HIS H 286 38.40 -62.44 44.45
N PHE H 287 37.95 -63.53 43.83
CA PHE H 287 37.20 -64.55 44.56
C PHE H 287 38.00 -65.07 45.74
N ALA H 288 39.25 -65.48 45.49
CA ALA H 288 40.06 -66.05 46.56
C ALA H 288 40.36 -65.03 47.65
N ALA H 289 40.67 -63.80 47.25
CA ALA H 289 40.99 -62.75 48.22
C ALA H 289 39.80 -62.45 49.11
N ALA H 290 38.60 -62.38 48.53
CA ALA H 290 37.41 -62.19 49.33
C ALA H 290 37.22 -63.37 50.29
N ALA H 291 37.36 -64.59 49.78
CA ALA H 291 37.19 -65.76 50.64
C ALA H 291 38.11 -65.68 51.85
N CYS H 292 39.37 -65.31 51.62
CA CYS H 292 40.32 -65.17 52.73
C CYS H 292 39.93 -64.02 53.64
N ALA H 293 39.44 -62.92 53.06
CA ALA H 293 39.10 -61.76 53.87
C ALA H 293 37.97 -62.05 54.86
N ARG H 294 37.08 -62.98 54.53
CA ARG H 294 36.03 -63.39 55.45
C ARG H 294 36.52 -64.40 56.49
N GLY H 295 37.82 -64.68 56.52
CA GLY H 295 38.36 -65.62 57.48
C GLY H 295 38.41 -67.06 57.02
N GLU H 296 37.90 -67.37 55.84
CA GLU H 296 37.92 -68.72 55.31
C GLU H 296 39.30 -69.02 54.71
N ARG H 297 39.44 -70.20 54.11
CA ARG H 297 40.69 -70.64 53.50
C ARG H 297 40.47 -70.88 52.02
N ALA H 298 41.50 -70.58 51.22
CA ALA H 298 41.42 -70.70 49.77
C ALA H 298 42.68 -71.36 49.23
N MET H 299 42.50 -72.12 48.13
CA MET H 299 43.62 -72.73 47.45
C MET H 299 43.52 -72.30 46.00
N TYR H 300 44.62 -71.85 45.41
CA TYR H 300 44.62 -71.33 44.05
C TYR H 300 45.71 -72.05 43.26
N PHE H 301 45.31 -72.94 42.36
CA PHE H 301 46.22 -73.75 41.57
C PHE H 301 46.44 -73.06 40.24
N SER H 302 47.64 -72.50 40.06
CA SER H 302 48.03 -71.88 38.81
C SER H 302 48.94 -72.83 38.05
N PHE H 303 48.72 -72.95 36.75
CA PHE H 303 49.52 -73.81 35.90
C PHE H 303 50.34 -73.03 34.89
N GLU H 304 50.31 -71.70 34.94
CA GLU H 304 51.07 -70.96 33.95
C GLU H 304 51.85 -69.78 34.51
N GLU H 305 51.71 -69.43 35.79
CA GLU H 305 52.45 -68.32 36.38
C GLU H 305 53.03 -68.74 37.72
N ALA H 306 54.12 -68.09 38.10
CA ALA H 306 54.79 -68.37 39.36
C ALA H 306 54.14 -67.61 40.51
N ALA H 307 54.52 -67.99 41.73
CA ALA H 307 53.90 -67.43 42.92
C ALA H 307 54.28 -65.97 43.13
N ASP H 308 55.57 -65.65 43.08
CA ASP H 308 55.98 -64.27 43.27
C ASP H 308 55.46 -63.40 42.13
N GLN H 309 55.51 -63.92 40.90
CA GLN H 309 55.02 -63.15 39.76
C GLN H 309 53.52 -62.92 39.84
N ALA H 310 52.76 -63.93 40.24
CA ALA H 310 51.32 -63.77 40.37
C ALA H 310 50.99 -62.75 41.45
N VAL H 311 51.73 -62.79 42.57
CA VAL H 311 51.51 -61.82 43.65
C VAL H 311 51.77 -60.41 43.15
N ARG H 312 52.89 -60.22 42.45
CA ARG H 312 53.20 -58.89 41.93
C ARG H 312 52.13 -58.43 40.95
N ASN H 313 51.70 -59.32 40.05
CA ASN H 313 50.72 -58.96 39.04
C ASN H 313 49.39 -58.57 39.69
N MET H 314 48.95 -59.33 40.69
CA MET H 314 47.71 -58.99 41.36
C MET H 314 47.85 -57.75 42.24
N ARG H 315 49.06 -57.40 42.67
CA ARG H 315 49.23 -56.22 43.53
C ARG H 315 48.82 -54.94 42.81
N SER H 316 49.00 -54.88 41.49
CA SER H 316 48.64 -53.69 40.75
C SER H 316 47.13 -53.47 40.70
N LEU H 317 46.35 -54.54 40.85
CA LEU H 317 44.90 -54.44 40.85
C LEU H 317 44.34 -54.18 42.24
N GLY H 318 45.21 -53.88 43.21
CA GLY H 318 44.78 -53.53 44.55
C GLY H 318 44.57 -54.72 45.47
N LEU H 319 44.65 -55.94 44.96
CA LEU H 319 44.56 -57.10 45.82
C LEU H 319 45.87 -57.26 46.60
N ASP H 320 45.76 -57.90 47.76
CA ASP H 320 46.93 -58.23 48.57
C ASP H 320 46.88 -59.74 48.83
N LEU H 321 47.39 -60.49 47.86
CA LEU H 321 47.46 -61.93 48.01
C LEU H 321 48.58 -62.33 48.95
N GLY H 322 49.60 -61.47 49.09
CA GLY H 322 50.68 -61.76 50.01
C GLY H 322 50.25 -61.72 51.47
N ARG H 323 49.38 -60.78 51.83
CA ARG H 323 48.88 -60.73 53.19
C ARG H 323 48.25 -62.06 53.59
N TRP H 324 47.51 -62.66 52.66
CA TRP H 324 46.77 -63.88 52.96
C TRP H 324 47.67 -65.11 52.96
N ARG H 325 48.72 -65.10 52.13
CA ARG H 325 49.72 -66.16 52.22
C ARG H 325 50.45 -66.11 53.55
N ASP H 326 50.87 -64.91 53.97
CA ASP H 326 51.60 -64.78 55.22
C ASP H 326 50.71 -65.05 56.43
N ALA H 327 49.40 -64.97 56.28
CA ALA H 327 48.47 -65.23 57.38
C ALA H 327 48.00 -66.67 57.42
N GLY H 328 48.50 -67.53 56.54
CA GLY H 328 48.09 -68.92 56.54
C GLY H 328 46.63 -69.14 56.22
N LEU H 329 46.11 -68.36 55.26
CA LEU H 329 44.73 -68.52 54.82
C LEU H 329 44.61 -68.70 53.31
N LEU H 330 45.71 -68.63 52.57
CA LEU H 330 45.70 -68.82 51.13
C LEU H 330 46.92 -69.63 50.76
N ARG H 331 46.71 -70.79 50.15
CA ARG H 331 47.78 -71.62 49.63
C ARG H 331 47.80 -71.47 48.11
N PHE H 332 48.93 -71.02 47.58
CA PHE H 332 49.10 -70.71 46.17
C PHE H 332 50.06 -71.72 45.57
N MET H 333 49.53 -72.64 44.77
CA MET H 333 50.35 -73.72 44.26
C MET H 333 50.54 -73.55 42.76
N ALA H 334 51.78 -73.62 42.30
CA ALA H 334 52.13 -73.40 40.90
C ALA H 334 52.95 -74.58 40.39
N THR H 335 52.48 -75.21 39.32
CA THR H 335 53.18 -76.33 38.71
C THR H 335 52.81 -76.39 37.23
N ARG H 336 53.82 -76.60 36.38
CA ARG H 336 53.58 -76.68 34.96
C ARG H 336 52.79 -77.94 34.62
N PRO H 337 52.01 -77.93 33.54
CA PRO H 337 51.27 -79.14 33.16
C PRO H 337 52.15 -80.33 32.82
N THR H 338 53.41 -80.09 32.45
CA THR H 338 54.32 -81.16 32.08
C THR H 338 55.13 -81.69 33.25
N PHE H 339 54.92 -81.16 34.45
CA PHE H 339 55.68 -81.63 35.61
C PHE H 339 55.25 -83.01 36.05
N TYR H 340 53.97 -83.33 35.89
CA TYR H 340 53.40 -84.60 36.34
C TYR H 340 52.64 -85.26 35.20
N SER H 341 52.23 -86.49 35.45
CA SER H 341 51.29 -87.18 34.58
C SER H 341 49.86 -86.89 35.02
N LEU H 342 48.92 -87.07 34.10
CA LEU H 342 47.54 -86.72 34.38
C LEU H 342 47.01 -87.40 35.64
N GLU H 343 47.52 -88.59 35.95
CA GLU H 343 47.10 -89.27 37.17
C GLU H 343 47.65 -88.58 38.40
N MET H 344 48.94 -88.26 38.37
CA MET H 344 49.58 -87.67 39.54
C MET H 344 49.15 -86.23 39.76
N HIS H 345 48.80 -85.51 38.69
CA HIS H 345 48.21 -84.18 38.88
C HIS H 345 46.97 -84.27 39.75
N LEU H 346 46.06 -85.15 39.37
CA LEU H 346 44.85 -85.37 40.15
C LEU H 346 45.18 -85.80 41.57
N ALA H 347 46.11 -86.74 41.71
CA ALA H 347 46.44 -87.24 43.05
C ALA H 347 46.92 -86.11 43.95
N VAL H 348 47.83 -85.28 43.43
CA VAL H 348 48.38 -84.18 44.24
C VAL H 348 47.29 -83.19 44.58
N ILE H 349 46.46 -82.84 43.61
CA ILE H 349 45.41 -81.84 43.87
C ILE H 349 44.49 -82.35 44.96
N LEU H 350 44.04 -83.61 44.85
CA LEU H 350 43.12 -84.15 45.85
C LEU H 350 43.77 -84.20 47.23
N ARG H 351 45.01 -84.67 47.31
CA ARG H 351 45.70 -84.76 48.60
C ARG H 351 45.81 -83.39 49.25
N GLU H 352 46.26 -82.40 48.48
CA GLU H 352 46.43 -81.05 49.02
C GLU H 352 45.10 -80.46 49.46
N VAL H 353 44.04 -80.67 48.67
CA VAL H 353 42.73 -80.15 49.05
C VAL H 353 42.26 -80.78 50.34
N MET H 354 42.49 -82.08 50.49
CA MET H 354 42.18 -82.78 51.72
C MET H 354 42.83 -82.12 52.93
N ARG H 355 44.14 -81.93 52.85
CA ARG H 355 44.88 -81.51 54.03
C ARG H 355 44.45 -80.13 54.52
N PHE H 356 44.45 -79.14 53.63
CA PHE H 356 44.15 -77.77 54.02
C PHE H 356 42.69 -77.58 54.39
N GLU H 357 41.79 -78.34 53.77
CA GLU H 357 40.35 -78.18 53.96
C GLU H 357 39.93 -76.77 53.55
N PRO H 358 40.02 -76.45 52.26
CA PRO H 358 39.66 -75.11 51.78
C PRO H 358 38.15 -74.90 51.75
N SER H 359 37.79 -73.64 51.50
CA SER H 359 36.43 -73.27 51.15
C SER H 359 36.26 -72.89 49.69
N VAL H 360 37.30 -72.32 49.08
CA VAL H 360 37.31 -71.96 47.67
C VAL H 360 38.56 -72.55 47.04
N VAL H 361 38.39 -73.23 45.91
CA VAL H 361 39.50 -73.77 45.15
C VAL H 361 39.39 -73.23 43.74
N VAL H 362 40.50 -72.69 43.23
CA VAL H 362 40.57 -72.14 41.90
C VAL H 362 41.58 -72.94 41.09
N LEU H 363 41.24 -73.22 39.84
CA LEU H 363 42.15 -73.84 38.89
C LEU H 363 42.30 -72.90 37.71
N ASP H 364 43.52 -72.42 37.47
CA ASP H 364 43.75 -71.39 36.47
C ASP H 364 44.96 -71.70 35.61
N PRO H 365 44.79 -72.03 34.32
CA PRO H 365 43.54 -72.31 33.60
C PRO H 365 43.28 -73.80 33.38
N ILE H 366 42.00 -74.15 33.21
CA ILE H 366 41.63 -75.52 32.94
C ILE H 366 42.08 -75.97 31.56
N SER H 367 42.33 -75.03 30.66
CA SER H 367 42.67 -75.34 29.28
C SER H 367 44.16 -75.60 29.08
N ALA H 368 44.96 -75.57 30.15
CA ALA H 368 46.39 -75.79 30.02
C ALA H 368 46.74 -77.25 29.78
N PHE H 369 45.84 -78.18 30.09
CA PHE H 369 46.11 -79.61 30.01
C PHE H 369 45.71 -80.21 28.66
N THR H 370 45.39 -79.40 27.66
CA THR H 370 44.86 -79.94 26.41
C THR H 370 45.89 -80.84 25.72
N GLU H 371 47.16 -80.43 25.70
CA GLU H 371 48.23 -81.17 25.04
C GLU H 371 48.93 -82.15 25.96
N SER H 372 48.47 -82.32 27.20
CA SER H 372 49.06 -83.29 28.11
C SER H 372 48.52 -84.70 27.92
N GLY H 373 47.56 -84.89 27.02
CA GLY H 373 47.02 -86.21 26.78
C GLY H 373 45.91 -86.13 25.75
N ASP H 374 45.17 -87.23 25.64
CA ASP H 374 44.00 -87.26 24.77
C ASP H 374 42.87 -86.46 25.38
N ARG H 375 41.91 -86.09 24.53
CA ARG H 375 40.77 -85.29 24.99
C ARG H 375 39.98 -86.03 26.07
N LEU H 376 39.79 -87.32 25.89
CA LEU H 376 38.97 -88.10 26.84
C LEU H 376 39.71 -88.37 28.14
N GLU H 377 41.04 -88.38 28.12
CA GLU H 377 41.84 -88.51 29.34
C GLU H 377 41.83 -87.24 30.18
N VAL H 378 42.00 -86.10 29.53
CA VAL H 378 42.00 -84.83 30.25
C VAL H 378 40.59 -84.56 30.76
N GLN H 379 39.58 -84.92 29.96
CA GLN H 379 38.21 -84.80 30.43
C GLN H 379 37.96 -85.69 31.64
N SER H 380 38.48 -86.92 31.63
CA SER H 380 38.32 -87.78 32.80
C SER H 380 38.96 -87.16 34.04
N MET H 381 40.19 -86.66 33.90
CA MET H 381 40.87 -86.02 35.04
C MET H 381 40.05 -84.86 35.58
N LEU H 382 39.63 -83.97 34.68
CA LEU H 382 38.92 -82.77 35.11
C LEU H 382 37.58 -83.12 35.72
N LEU H 383 36.88 -84.11 35.16
CA LEU H 383 35.61 -84.55 35.73
C LEU H 383 35.80 -85.09 37.14
N ARG H 384 36.86 -85.87 37.35
CA ARG H 384 37.12 -86.37 38.69
C ARG H 384 37.43 -85.23 39.66
N ILE H 385 38.19 -84.24 39.21
CA ILE H 385 38.46 -83.08 40.07
C ILE H 385 37.16 -82.38 40.44
N VAL H 386 36.30 -82.16 39.46
CA VAL H 386 35.06 -81.43 39.70
C VAL H 386 34.17 -82.20 40.66
N ASP H 387 34.04 -83.51 40.45
CA ASP H 387 33.21 -84.31 41.34
C ASP H 387 33.75 -84.31 42.76
N PHE H 388 35.07 -84.46 42.91
CA PHE H 388 35.65 -84.44 44.25
C PHE H 388 35.36 -83.11 44.94
N LEU H 389 35.52 -82.00 44.22
CA LEU H 389 35.25 -80.70 44.83
C LEU H 389 33.78 -80.57 45.20
N LYS H 390 32.88 -81.03 44.34
CA LYS H 390 31.46 -80.81 44.58
C LYS H 390 30.91 -81.69 45.68
N ASN H 391 31.45 -82.91 45.86
CA ASN H 391 30.97 -83.77 46.93
C ASN H 391 31.32 -83.27 48.31
N ARG H 392 32.19 -82.28 48.43
CA ARG H 392 32.63 -81.75 49.72
C ARG H 392 32.11 -80.35 50.00
N GLY H 393 31.30 -79.78 49.12
CA GLY H 393 30.81 -78.43 49.34
C GLY H 393 31.85 -77.35 49.09
N ILE H 394 32.92 -77.66 48.38
CA ILE H 394 33.97 -76.69 48.07
C ILE H 394 33.60 -75.98 46.78
N THR H 395 33.71 -74.66 46.77
CA THR H 395 33.39 -73.87 45.60
C THR H 395 34.57 -73.88 44.64
N GLY H 396 34.32 -74.31 43.40
CA GLY H 396 35.37 -74.40 42.42
C GLY H 396 35.28 -73.32 41.36
N ILE H 397 36.34 -72.53 41.20
CA ILE H 397 36.42 -71.48 40.18
C ILE H 397 37.42 -71.96 39.14
N PHE H 398 36.93 -72.22 37.94
CA PHE H 398 37.76 -72.71 36.85
C PHE H 398 37.86 -71.65 35.76
N THR H 399 39.09 -71.29 35.39
CA THR H 399 39.35 -70.33 34.32
C THR H 399 39.69 -71.08 33.05
N HIS H 400 39.08 -70.67 31.94
CA HIS H 400 39.22 -71.34 30.66
C HIS H 400 39.44 -70.29 29.58
N LEU H 401 40.33 -70.58 28.64
CA LEU H 401 40.59 -69.67 27.54
C LEU H 401 39.66 -69.95 26.37
N ALA H 402 39.04 -68.89 25.86
CA ALA H 402 38.08 -69.01 24.77
C ALA H 402 38.79 -69.11 23.42
N HIS H 403 38.30 -70.03 22.59
CA HIS H 403 38.71 -70.23 21.19
C HIS H 403 38.42 -71.67 20.79
N GLY H 413 33.29 -79.46 26.64
CA GLY H 413 33.57 -80.53 27.60
C GLY H 413 33.73 -79.96 29.00
N LEU H 414 32.85 -80.37 29.90
CA LEU H 414 32.76 -79.96 31.30
C LEU H 414 32.13 -78.58 31.43
N GLU H 415 31.84 -77.92 30.31
CA GLU H 415 31.05 -76.69 30.35
C GLU H 415 29.65 -77.01 30.87
N GLU H 416 29.15 -78.17 30.46
CA GLU H 416 27.83 -78.67 30.79
C GLU H 416 27.64 -78.89 32.28
N LEU H 417 28.73 -79.17 33.01
CA LEU H 417 28.67 -79.50 34.42
C LEU H 417 28.83 -78.27 35.31
N MET H 418 28.70 -77.08 34.74
CA MET H 418 28.96 -75.83 35.45
C MET H 418 27.64 -75.18 35.83
N ASP H 419 27.57 -74.72 37.08
CA ASP H 419 26.37 -74.06 37.57
C ASP H 419 26.33 -72.60 37.13
N GLY H 420 27.47 -71.90 37.19
CA GLY H 420 27.58 -70.57 36.67
C GLY H 420 28.60 -70.46 35.55
N TRP H 421 28.48 -69.42 34.72
CA TRP H 421 29.41 -69.20 33.63
C TRP H 421 29.53 -67.71 33.40
N VAL H 422 30.75 -67.18 33.58
CA VAL H 422 31.02 -65.76 33.37
C VAL H 422 31.93 -65.65 32.15
N LEU H 423 31.44 -64.99 31.11
CA LEU H 423 32.20 -64.77 29.90
C LEU H 423 32.72 -63.34 29.88
N MET H 424 34.03 -63.19 29.72
CA MET H 424 34.69 -61.91 29.74
C MET H 424 35.20 -61.59 28.34
N LEU H 425 34.89 -60.40 27.85
CA LEU H 425 35.19 -60.00 26.49
C LEU H 425 36.13 -58.81 26.48
N ASN H 426 36.98 -58.75 25.45
CA ASN H 426 37.86 -57.62 25.20
C ASN H 426 37.93 -57.47 23.67
N ARG H 427 37.07 -56.61 23.13
CA ARG H 427 36.83 -56.52 21.69
C ARG H 427 37.26 -55.16 21.17
N GLU H 428 37.45 -55.10 19.85
CA GLU H 428 37.88 -53.89 19.16
C GLU H 428 36.68 -53.23 18.51
N VAL H 429 36.39 -52.00 18.93
CA VAL H 429 35.43 -51.14 18.25
C VAL H 429 35.99 -49.73 18.28
N ASN H 430 36.01 -49.07 17.12
CA ASN H 430 36.40 -47.67 17.02
C ASN H 430 37.86 -47.46 17.40
N GLY H 431 38.73 -48.36 16.94
CA GLY H 431 40.15 -48.19 17.19
C GLY H 431 40.53 -48.24 18.65
N GLU H 432 39.84 -49.04 19.44
CA GLU H 432 40.16 -49.21 20.85
C GLU H 432 39.58 -50.54 21.30
N PHE H 433 40.16 -51.10 22.36
CA PHE H 433 39.69 -52.37 22.91
C PHE H 433 39.00 -52.10 24.24
N ASN H 434 37.74 -52.52 24.33
CA ASN H 434 36.92 -52.29 25.51
C ASN H 434 36.58 -53.61 26.18
N ARG H 435 36.64 -53.62 27.51
CA ARG H 435 36.35 -54.81 28.30
C ARG H 435 34.86 -54.90 28.61
N GLU H 436 34.37 -56.14 28.65
CA GLU H 436 32.96 -56.40 28.93
C GLU H 436 32.86 -57.77 29.59
N LEU H 437 31.70 -58.03 30.19
CA LEU H 437 31.46 -59.34 30.79
C LEU H 437 29.95 -59.52 30.94
N TYR H 438 29.51 -60.77 30.79
CA TYR H 438 28.12 -61.12 31.05
C TYR H 438 28.04 -62.52 31.62
N LEU H 439 26.90 -62.81 32.25
CA LEU H 439 26.64 -64.09 32.89
C LEU H 439 25.91 -64.98 31.91
N LEU H 440 26.65 -65.87 31.25
CA LEU H 440 26.04 -66.79 30.30
C LEU H 440 25.04 -67.70 30.98
N LYS H 441 25.40 -68.19 32.17
CA LYS H 441 24.59 -69.17 32.86
C LYS H 441 24.69 -68.93 34.35
N ALA H 442 23.54 -68.99 35.01
CA ALA H 442 23.53 -69.02 36.46
C ALA H 442 22.28 -69.78 36.92
N ARG H 443 22.43 -71.08 37.13
CA ARG H 443 21.27 -71.92 37.40
C ARG H 443 20.76 -71.69 38.81
N GLY H 444 19.43 -71.67 38.94
CA GLY H 444 18.79 -71.57 40.23
C GLY H 444 18.51 -70.17 40.70
N MET H 445 18.64 -69.16 39.84
CA MET H 445 18.58 -67.80 40.33
C MET H 445 18.15 -66.90 39.18
N ALA H 446 17.77 -65.69 39.53
CA ALA H 446 17.55 -64.64 38.54
C ALA H 446 18.75 -63.71 38.49
N HIS H 447 19.16 -63.33 37.29
CA HIS H 447 20.34 -62.51 37.09
C HIS H 447 20.14 -61.59 35.89
N SER H 448 20.98 -60.55 35.82
CA SER H 448 20.90 -59.59 34.74
C SER H 448 21.28 -60.22 33.41
N ASN H 449 20.68 -59.71 32.34
CA ASN H 449 20.96 -60.17 30.98
C ASN H 449 21.65 -59.08 30.16
N GLN H 450 22.44 -58.24 30.82
CA GLN H 450 23.11 -57.11 30.19
C GLN H 450 24.59 -57.43 29.98
N VAL H 451 25.10 -57.04 28.82
CA VAL H 451 26.53 -57.14 28.53
C VAL H 451 27.17 -55.86 29.03
N ARG H 452 27.64 -55.90 30.27
CA ARG H 452 28.11 -54.71 30.95
C ARG H 452 29.59 -54.48 30.71
N GLU H 453 29.97 -53.21 30.62
CA GLU H 453 31.35 -52.80 30.43
C GLU H 453 31.98 -52.46 31.78
N PHE H 454 33.23 -52.86 31.95
CA PHE H 454 33.94 -52.65 33.21
C PHE H 454 35.33 -52.14 32.93
N LEU H 455 36.00 -51.70 33.99
CA LEU H 455 37.37 -51.21 33.92
C LEU H 455 38.18 -51.84 35.03
N MET H 456 39.47 -51.97 34.79
CA MET H 456 40.44 -52.38 35.80
C MET H 456 41.19 -51.15 36.28
N SER H 457 41.63 -51.21 37.53
CA SER H 457 42.34 -50.09 38.12
C SER H 457 43.02 -50.56 39.40
N ASP H 458 43.60 -49.62 40.12
CA ASP H 458 44.16 -49.91 41.42
C ASP H 458 43.10 -50.32 42.43
N ARG H 459 41.82 -50.11 42.10
CA ARG H 459 40.70 -50.40 42.97
C ARG H 459 40.01 -51.70 42.59
N GLY H 460 40.57 -52.48 41.68
CA GLY H 460 39.98 -53.73 41.27
C GLY H 460 39.12 -53.58 40.04
N ILE H 461 38.12 -54.45 39.90
CA ILE H 461 37.22 -54.43 38.76
C ILE H 461 36.00 -53.59 39.13
N SER H 462 35.75 -52.54 38.36
CA SER H 462 34.60 -51.68 38.55
C SER H 462 33.73 -51.72 37.30
N LEU H 463 32.43 -51.96 37.49
CA LEU H 463 31.49 -52.01 36.39
C LEU H 463 30.86 -50.64 36.22
N LEU H 464 30.83 -50.17 34.98
CA LEU H 464 30.34 -48.83 34.69
C LEU H 464 28.82 -48.84 34.65
N PRO H 465 28.19 -47.68 34.86
CA PRO H 465 26.73 -47.63 34.84
C PRO H 465 26.19 -48.12 33.53
N PRO H 466 25.01 -48.75 33.54
CA PRO H 466 24.45 -49.28 32.29
C PRO H 466 24.22 -48.19 31.26
N HIS H 467 24.11 -48.62 30.01
CA HIS H 467 24.00 -47.71 28.88
C HIS H 467 22.53 -47.46 28.57
N LEU H 468 22.13 -46.19 28.59
CA LEU H 468 20.74 -45.82 28.30
C LEU H 468 20.72 -44.90 27.10
N GLY H 469 20.17 -45.40 26.01
CA GLY H 469 19.98 -44.60 24.82
C GLY H 469 19.17 -45.41 23.84
N GLU H 470 18.54 -44.71 22.90
CA GLU H 470 17.64 -45.42 22.00
C GLU H 470 18.44 -46.39 21.13
N GLY H 471 19.63 -45.98 20.71
CA GLY H 471 20.50 -46.90 20.00
C GLY H 471 21.10 -47.95 20.90
N GLY H 472 21.69 -47.52 22.03
CA GLY H 472 22.32 -48.44 22.95
C GLY H 472 23.55 -49.11 22.37
N ALA H 473 24.14 -50.03 23.14
CA ALA H 473 25.24 -50.87 22.66
C ALA H 473 26.43 -50.05 22.18
N LEU H 474 26.75 -48.99 22.90
CA LEU H 474 27.96 -48.22 22.66
C LEU H 474 28.85 -48.26 23.89
N THR H 475 30.15 -48.39 23.68
CA THR H 475 31.11 -48.59 24.74
C THR H 475 32.29 -47.64 24.58
N GLY H 476 32.91 -47.30 25.70
CA GLY H 476 34.14 -46.53 25.68
C GLY H 476 33.97 -45.12 25.19
N THR H 477 34.74 -44.75 24.16
CA THR H 477 34.73 -43.37 23.66
C THR H 477 33.45 -43.06 22.91
N ALA H 478 32.92 -44.03 22.15
CA ALA H 478 31.69 -43.79 21.41
C ALA H 478 30.55 -43.40 22.33
N ARG H 479 30.53 -43.93 23.55
CA ARG H 479 29.51 -43.56 24.52
C ARG H 479 29.57 -42.07 24.83
N LYS H 480 30.77 -41.56 25.11
CA LYS H 480 30.90 -40.14 25.41
C LYS H 480 30.54 -39.29 24.21
N ALA H 481 30.93 -39.73 23.01
CA ALA H 481 30.59 -39.00 21.80
C ALA H 481 29.09 -38.88 21.63
N GLU H 482 28.36 -39.98 21.87
CA GLU H 482 26.91 -39.94 21.73
C GLU H 482 26.27 -39.09 22.83
N GLU H 483 26.82 -39.12 24.04
CA GLU H 483 26.31 -38.23 25.08
C GLU H 483 26.44 -36.77 24.65
N ALA H 484 27.60 -36.42 24.09
CA ALA H 484 27.81 -35.06 23.62
C ALA H 484 26.83 -34.72 22.49
N ARG H 485 26.62 -35.65 21.56
CA ARG H 485 25.69 -35.40 20.46
C ARG H 485 24.28 -35.18 20.97
N LEU H 486 23.85 -35.98 21.94
CA LEU H 486 22.52 -35.81 22.52
C LEU H 486 22.38 -34.45 23.19
N ARG H 487 23.42 -34.04 23.94
CA ARG H 487 23.38 -32.72 24.56
C ARG H 487 23.27 -31.62 23.50
N ARG H 488 24.02 -31.74 22.41
CA ARG H 488 23.96 -30.75 21.35
C ARG H 488 22.58 -30.68 20.73
N ALA H 489 21.96 -31.83 20.48
CA ALA H 489 20.62 -31.84 19.90
C ALA H 489 19.62 -31.19 20.84
N GLU H 490 19.73 -31.48 22.15
CA GLU H 490 18.83 -30.86 23.12
C GLU H 490 18.99 -29.35 23.11
N ILE H 491 20.22 -28.86 23.05
CA ILE H 491 20.44 -27.42 23.01
C ILE H 491 19.82 -26.82 21.76
N GLU H 492 19.98 -27.50 20.62
CA GLU H 492 19.41 -27.02 19.37
C GLU H 492 17.89 -26.87 19.49
N ARG H 493 17.22 -27.91 20.00
CA ARG H 493 15.77 -27.85 20.12
C ARG H 493 15.35 -26.73 21.07
N GLN H 494 16.08 -26.57 22.18
CA GLN H 494 15.75 -25.50 23.12
C GLN H 494 15.84 -24.14 22.46
N THR H 495 16.89 -23.92 21.66
CA THR H 495 17.03 -22.63 20.98
C THR H 495 15.90 -22.41 19.98
N GLU H 496 15.50 -23.46 19.27
CA GLU H 496 14.38 -23.35 18.34
C GLU H 496 13.11 -22.91 19.06
N LEU H 497 12.80 -23.57 20.17
CA LEU H 497 11.60 -23.18 20.92
C LEU H 497 11.71 -21.75 21.43
N GLY H 498 12.91 -21.36 21.86
CA GLY H 498 13.10 -19.99 22.33
C GLY H 498 12.80 -18.97 21.26
N ARG H 499 13.34 -19.17 20.06
CA ARG H 499 13.10 -18.20 18.98
C ARG H 499 11.61 -18.14 18.63
N LEU H 500 10.94 -19.30 18.62
CA LEU H 500 9.51 -19.27 18.31
C LEU H 500 8.74 -18.47 19.36
N GLN H 501 9.04 -18.71 20.63
CA GLN H 501 8.38 -17.96 21.72
C GLN H 501 8.59 -16.45 21.53
N GLN H 502 9.84 -16.06 21.28
CA GLN H 502 10.19 -14.65 21.13
C GLN H 502 9.45 -14.03 19.94
N GLN H 503 9.31 -14.77 18.83
CA GLN H 503 8.61 -14.24 17.66
C GLN H 503 7.14 -14.01 17.96
N ILE H 504 6.48 -14.97 18.61
CA ILE H 504 5.06 -14.77 18.89
C ILE H 504 4.87 -13.63 19.88
N GLU H 505 5.78 -13.50 20.85
CA GLU H 505 5.66 -12.38 21.80
C GLU H 505 5.92 -11.04 21.13
N GLN H 506 6.83 -10.96 20.15
CA GLN H 506 7.01 -9.70 19.43
C GLN H 506 5.75 -9.34 18.65
N ARG H 507 5.08 -10.34 18.06
CA ARG H 507 3.79 -10.04 17.43
C ARG H 507 2.81 -9.45 18.44
N ARG H 508 2.78 -10.02 19.66
CA ARG H 508 1.88 -9.48 20.69
C ARG H 508 2.22 -8.03 21.02
N ARG H 509 3.51 -7.73 21.20
CA ARG H 509 3.91 -6.36 21.53
C ARG H 509 3.50 -5.40 20.44
N ARG H 510 3.61 -5.84 19.20
CA ARG H 510 3.12 -5.10 18.04
C ARG H 510 1.65 -4.75 18.15
N ALA H 511 0.86 -5.77 18.40
CA ALA H 511 -0.57 -5.54 18.52
C ALA H 511 -0.84 -4.50 19.58
N ARG H 512 -0.10 -4.58 20.69
CA ARG H 512 -0.10 -3.50 21.66
C ARG H 512 0.16 -2.13 21.10
N ALA H 513 1.29 -1.95 20.45
CA ALA H 513 1.66 -0.61 20.04
C ALA H 513 0.57 -0.02 19.16
N GLN H 514 0.04 -0.84 18.25
CA GLN H 514 -1.03 -0.35 17.37
C GLN H 514 -2.28 0.00 18.15
N ILE H 515 -2.65 -0.81 19.14
CA ILE H 515 -3.82 -0.50 19.95
C ILE H 515 -3.64 0.83 20.66
N GLU H 516 -2.46 1.06 21.21
CA GLU H 516 -2.20 2.32 21.92
C GLU H 516 -2.37 3.51 20.98
N ALA H 517 -1.80 3.40 19.78
CA ALA H 517 -1.92 4.50 18.83
C ALA H 517 -3.39 4.78 18.50
N LEU H 518 -4.17 3.73 18.22
CA LEU H 518 -5.57 3.92 17.88
C LEU H 518 -6.34 4.54 19.04
N GLU H 519 -6.04 4.12 20.26
CA GLU H 519 -6.67 4.70 21.44
C GLU H 519 -6.39 6.19 21.54
N ALA H 520 -5.14 6.57 21.35
CA ALA H 520 -4.80 7.99 21.41
C ALA H 520 -5.58 8.76 20.35
N GLU H 521 -5.71 8.18 19.16
CA GLU H 521 -6.49 8.83 18.11
C GLU H 521 -7.93 9.05 18.54
N LEU H 522 -8.56 8.02 19.12
CA LEU H 522 -9.97 8.16 19.50
C LEU H 522 -10.14 9.14 20.65
N GLN H 523 -9.18 9.21 21.57
CA GLN H 523 -9.25 10.23 22.61
C GLN H 523 -9.18 11.63 22.00
N ALA H 524 -8.30 11.82 21.02
CA ALA H 524 -8.25 13.11 20.33
C ALA H 524 -9.59 13.43 19.69
N GLU H 525 -10.22 12.43 19.07
CA GLU H 525 -11.53 12.66 18.46
C GLU H 525 -12.55 13.08 19.51
N GLU H 526 -12.53 12.42 20.67
CA GLU H 526 -13.46 12.81 21.74
C GLU H 526 -13.27 14.26 22.12
N ILE H 527 -12.02 14.68 22.28
CA ILE H 527 -11.75 16.08 22.62
C ILE H 527 -12.30 17.01 21.54
N ALA H 528 -12.16 16.61 20.28
CA ALA H 528 -12.70 17.43 19.18
C ALA H 528 -14.21 17.56 19.28
N LEU H 529 -14.89 16.45 19.55
CA LEU H 529 -16.35 16.51 19.75
C LEU H 529 -16.68 17.53 20.83
N LYS H 530 -15.94 17.46 21.94
CA LYS H 530 -16.18 18.37 23.05
C LYS H 530 -16.08 19.80 22.63
N ALA H 531 -14.98 20.13 21.96
CA ALA H 531 -14.72 21.50 21.58
C ALA H 531 -15.79 22.00 20.63
N LEU H 532 -16.24 21.15 19.72
CA LEU H 532 -17.28 21.57 18.78
C LEU H 532 -18.60 21.86 19.51
N VAL H 533 -18.98 20.99 20.45
CA VAL H 533 -20.23 21.22 21.19
C VAL H 533 -20.12 22.51 22.00
N GLU H 534 -18.96 22.72 22.63
CA GLU H 534 -18.76 23.95 23.40
C GLU H 534 -18.90 25.18 22.50
N SER H 535 -18.31 25.14 21.32
CA SER H 535 -18.40 26.27 20.41
C SER H 535 -19.84 26.54 20.00
N GLU H 536 -20.59 25.49 19.70
CA GLU H 536 -21.99 25.68 19.32
C GLU H 536 -22.79 26.29 20.45
N SER H 537 -22.58 25.82 21.69
CA SER H 537 -23.29 26.39 22.82
C SER H 537 -22.96 27.87 22.98
N ALA H 538 -21.67 28.21 22.87
CA ALA H 538 -21.27 29.61 22.97
C ALA H 538 -21.91 30.45 21.88
N HIS H 539 -22.01 29.91 20.67
CA HIS H 539 -22.61 30.67 19.57
C HIS H 539 -24.09 30.91 19.83
N GLU H 540 -24.81 29.89 20.31
CA GLU H 540 -26.21 30.07 20.66
C GLU H 540 -26.38 31.17 21.69
N ARG H 541 -25.58 31.10 22.74
CA ARG H 541 -25.61 32.10 23.80
C ARG H 541 -25.38 33.50 23.27
N GLN H 542 -24.34 33.67 22.47
CA GLN H 542 -24.00 35.02 22.01
C GLN H 542 -25.08 35.54 21.08
N ARG H 543 -25.70 34.68 20.27
CA ARG H 543 -26.78 35.17 19.43
C ARG H 543 -27.95 35.65 20.28
N LEU H 544 -28.31 34.91 21.33
CA LEU H 544 -29.40 35.36 22.19
C LEU H 544 -29.07 36.71 22.84
N ALA H 545 -27.82 36.87 23.30
CA ALA H 545 -27.44 38.14 23.90
C ALA H 545 -27.55 39.27 22.89
N ASP H 546 -27.07 39.04 21.66
CA ASP H 546 -27.11 40.07 20.63
C ASP H 546 -28.54 40.41 20.24
N ALA H 547 -29.40 39.39 20.12
CA ALA H 547 -30.81 39.63 19.80
C ALA H 547 -31.48 40.44 20.89
N ASP H 548 -31.19 40.14 22.15
CA ASP H 548 -31.76 40.93 23.24
C ASP H 548 -31.27 42.36 23.19
N THR H 549 -29.99 42.57 22.91
CA THR H 549 -29.47 43.93 22.80
C THR H 549 -30.16 44.71 21.70
N LEU H 550 -30.30 44.10 20.52
CA LEU H 550 -30.95 44.77 19.41
C LEU H 550 -32.42 45.06 19.71
N ALA H 551 -33.12 44.10 20.32
CA ALA H 551 -34.54 44.29 20.64
C ALA H 551 -34.75 45.31 21.75
N ARG H 552 -33.75 45.48 22.58
CA ARG H 552 -33.73 46.63 23.47
C ARG H 552 -33.55 47.96 22.78
N SER H 553 -32.61 48.05 21.85
CA SER H 553 -32.39 49.36 21.29
C SER H 553 -33.47 49.78 20.32
N ARG H 554 -34.50 48.95 20.14
CA ARG H 554 -35.61 49.25 19.24
C ARG H 554 -36.97 49.11 19.91
N GLY H 555 -37.02 48.91 21.23
CA GLY H 555 -38.25 48.63 21.91
C GLY H 555 -38.83 49.84 22.62
N ASN H 556 -40.12 49.74 22.94
CA ASN H 556 -40.82 50.76 23.68
C ASN H 556 -40.86 50.46 25.17
N GLU H 557 -40.01 49.55 25.65
CA GLU H 557 -40.04 49.24 27.08
C GLU H 557 -39.70 50.45 27.90
N ARG H 558 -38.74 51.22 27.42
CA ARG H 558 -38.16 52.29 28.19
C ARG H 558 -39.22 53.32 28.59
N PHE H 559 -40.41 53.23 28.01
CA PHE H 559 -41.50 54.17 28.22
C PHE H 559 -42.69 53.54 28.96
N ALA H 560 -42.48 52.40 29.61
CA ALA H 560 -43.53 51.78 30.42
C ALA H 560 -43.26 51.98 31.90
N GLY I 4 -18.86 124.18 11.56
CA GLY I 4 -19.67 124.87 10.57
C GLY I 4 -20.71 125.78 11.20
N ILE I 5 -21.97 125.40 11.06
CA ILE I 5 -23.08 126.19 11.59
C ILE I 5 -23.41 125.69 13.00
N GLY I 6 -23.95 126.58 13.82
CA GLY I 6 -24.40 126.19 15.14
C GLY I 6 -25.69 125.40 15.08
N LYS I 7 -25.88 124.55 16.08
CA LYS I 7 -27.05 123.67 16.14
C LYS I 7 -27.60 123.64 17.54
N SER I 8 -28.91 123.39 17.64
CA SER I 8 -29.60 123.33 18.93
C SER I 8 -30.09 121.92 19.18
N PRO I 9 -29.65 121.25 20.25
CA PRO I 9 -30.09 119.87 20.48
C PRO I 9 -31.59 119.81 20.77
N THR I 10 -32.24 118.79 20.19
CA THR I 10 -33.68 118.61 20.38
C THR I 10 -34.02 117.82 21.64
N GLY I 11 -33.07 117.02 22.15
CA GLY I 11 -33.35 116.11 23.24
C GLY I 11 -33.77 114.73 22.78
N ILE I 12 -34.13 114.56 21.51
CA ILE I 12 -34.33 113.24 20.94
C ILE I 12 -32.97 112.69 20.55
N GLN I 13 -32.28 112.05 21.49
CA GLN I 13 -31.05 111.37 21.13
C GLN I 13 -31.33 110.34 20.05
N GLY I 14 -30.53 110.35 18.99
CA GLY I 14 -30.73 109.54 17.82
C GLY I 14 -31.19 110.34 16.62
N PHE I 15 -31.84 111.48 16.84
CA PHE I 15 -32.06 112.48 15.81
C PHE I 15 -30.99 113.56 15.86
N ASP I 16 -30.46 113.82 17.06
CA ASP I 16 -29.29 114.69 17.19
C ASP I 16 -28.05 114.03 16.61
N GLU I 17 -27.93 112.71 16.75
CA GLU I 17 -26.81 112.01 16.15
C GLU I 17 -26.88 112.07 14.63
N LEU I 18 -28.08 111.89 14.07
CA LEU I 18 -28.25 111.96 12.63
C LEU I 18 -27.97 113.37 12.11
N THR I 19 -28.40 114.39 12.84
CA THR I 19 -28.22 115.77 12.45
C THR I 19 -26.87 116.35 12.90
N LEU I 20 -26.07 115.56 13.61
CA LEU I 20 -24.77 116.02 14.11
C LEU I 20 -24.91 117.27 14.95
N GLY I 21 -25.88 117.26 15.86
CA GLY I 21 -26.00 118.34 16.84
C GLY I 21 -27.42 118.82 17.08
N GLY I 22 -28.26 118.78 16.06
CA GLY I 22 -29.65 119.14 16.20
C GLY I 22 -30.10 120.05 15.07
N LEU I 23 -31.20 120.76 15.33
CA LEU I 23 -31.79 121.67 14.38
C LEU I 23 -31.00 122.98 14.32
N PRO I 24 -31.09 123.71 13.21
CA PRO I 24 -30.25 124.90 13.05
C PRO I 24 -30.62 125.97 14.06
N THR I 25 -29.61 126.66 14.57
CA THR I 25 -29.81 127.76 15.51
C THR I 25 -30.03 129.04 14.73
N GLY I 26 -31.14 129.72 15.01
CA GLY I 26 -31.43 130.98 14.38
C GLY I 26 -32.09 130.90 13.02
N ARG I 27 -32.52 129.71 12.59
CA ARG I 27 -33.23 129.55 11.34
C ARG I 27 -34.47 128.70 11.55
N PRO I 28 -35.55 128.98 10.81
CA PRO I 28 -36.75 128.15 10.92
C PRO I 28 -36.54 126.77 10.33
N SER I 29 -37.30 125.81 10.86
CA SER I 29 -37.31 124.45 10.36
C SER I 29 -38.76 124.02 10.14
N LEU I 30 -38.95 123.16 9.14
CA LEU I 30 -40.27 122.71 8.73
C LEU I 30 -40.40 121.22 8.99
N VAL I 31 -41.39 120.85 9.79
CA VAL I 31 -41.74 119.44 10.02
C VAL I 31 -43.06 119.19 9.32
N CYS I 32 -43.04 118.30 8.32
CA CYS I 32 -44.19 118.04 7.48
C CYS I 32 -44.69 116.62 7.70
N GLY I 33 -46.01 116.47 7.70
CA GLY I 33 -46.61 115.15 7.81
C GLY I 33 -48.10 115.22 7.64
N SER I 34 -48.70 114.05 7.45
CA SER I 34 -50.14 113.91 7.40
C SER I 34 -50.69 113.88 8.82
N ALA I 35 -51.96 113.55 8.97
CA ALA I 35 -52.60 113.55 10.28
C ALA I 35 -52.14 112.36 11.10
N GLY I 36 -51.76 112.61 12.35
CA GLY I 36 -51.33 111.56 13.24
C GLY I 36 -49.89 111.11 13.09
N CYS I 37 -49.11 111.82 12.29
CA CYS I 37 -47.72 111.41 12.04
C CYS I 37 -46.78 111.84 13.15
N GLY I 38 -47.23 112.65 14.10
CA GLY I 38 -46.41 113.04 15.23
C GLY I 38 -45.69 114.37 15.09
N LYS I 39 -46.04 115.19 14.10
CA LYS I 39 -45.32 116.44 13.87
C LYS I 39 -45.62 117.49 14.92
N THR I 40 -46.64 117.29 15.76
CA THR I 40 -46.89 118.19 16.89
C THR I 40 -46.11 117.74 18.13
N LEU I 41 -46.05 116.44 18.37
CA LEU I 41 -45.22 115.92 19.45
C LEU I 41 -43.76 116.26 19.22
N PHE I 42 -43.32 116.31 17.97
CA PHE I 42 -41.95 116.70 17.67
C PHE I 42 -41.66 118.10 18.18
N ALA I 43 -42.53 119.06 17.85
CA ALA I 43 -42.33 120.43 18.29
C ALA I 43 -42.46 120.56 19.81
N SER I 44 -43.42 119.85 20.40
CA SER I 44 -43.57 119.89 21.85
C SER I 44 -42.31 119.37 22.54
N THR I 45 -41.77 118.26 22.04
CA THR I 45 -40.52 117.72 22.58
C THR I 45 -39.38 118.72 22.40
N PHE I 46 -39.30 119.34 21.23
CA PHE I 46 -38.26 120.34 20.99
C PHE I 46 -38.31 121.42 22.07
N LEU I 47 -39.49 122.01 22.28
CA LEU I 47 -39.62 123.09 23.26
C LEU I 47 -39.29 122.60 24.66
N ILE I 48 -39.88 121.48 25.07
CA ILE I 48 -39.76 121.03 26.45
C ILE I 48 -38.31 120.63 26.75
N ASN I 49 -37.68 119.86 25.85
CA ASN I 49 -36.30 119.48 26.08
C ASN I 49 -35.38 120.69 26.05
N GLY I 50 -35.66 121.66 25.19
CA GLY I 50 -34.87 122.87 25.20
C GLY I 50 -34.93 123.59 26.54
N VAL I 51 -36.14 123.73 27.08
CA VAL I 51 -36.28 124.42 28.36
C VAL I 51 -35.64 123.62 29.49
N ARG I 52 -35.73 122.29 29.43
CA ARG I 52 -35.26 121.48 30.55
C ARG I 52 -33.74 121.31 30.55
N ASP I 53 -33.15 121.03 29.39
CA ASP I 53 -31.74 120.68 29.30
C ASP I 53 -30.82 121.85 29.00
N HIS I 54 -31.35 123.00 28.55
CA HIS I 54 -30.51 124.12 28.19
C HIS I 54 -31.01 125.47 28.73
N GLY I 55 -32.10 125.49 29.49
CA GLY I 55 -32.58 126.74 30.04
C GLY I 55 -32.96 127.74 28.97
N GLU I 56 -33.69 127.28 27.95
CA GLU I 56 -34.11 128.12 26.83
C GLU I 56 -35.62 128.28 26.86
N PRO I 57 -36.14 129.42 27.33
CA PRO I 57 -37.60 129.60 27.35
C PRO I 57 -38.18 129.49 25.95
N GLY I 58 -39.39 128.94 25.88
CA GLY I 58 -40.01 128.65 24.60
C GLY I 58 -41.40 129.24 24.51
N VAL I 59 -41.84 129.41 23.26
CA VAL I 59 -43.18 129.91 22.95
C VAL I 59 -43.82 128.97 21.95
N PHE I 60 -45.09 128.64 22.19
CA PHE I 60 -45.87 127.75 21.35
C PHE I 60 -47.05 128.55 20.80
N VAL I 61 -46.89 129.13 19.62
CA VAL I 61 -47.95 129.88 18.98
C VAL I 61 -48.84 128.90 18.23
N THR I 62 -50.13 128.91 18.55
CA THR I 62 -51.10 128.02 17.94
C THR I 62 -52.23 128.87 17.37
N PHE I 63 -52.58 128.60 16.11
CA PHE I 63 -53.65 129.30 15.44
C PHE I 63 -54.94 128.48 15.42
N GLU I 64 -54.88 127.23 15.90
CA GLU I 64 -56.00 126.29 15.80
C GLU I 64 -56.46 125.76 17.16
N GLU I 65 -55.54 125.13 17.87
CA GLU I 65 -55.86 124.47 19.12
C GLU I 65 -55.83 125.44 20.29
N ARG I 66 -56.48 125.05 21.37
CA ARG I 66 -56.52 125.85 22.58
C ARG I 66 -55.39 125.44 23.52
N PRO I 67 -54.93 126.35 24.38
CA PRO I 67 -53.77 126.01 25.24
C PRO I 67 -54.01 124.80 26.12
N GLU I 68 -55.21 124.64 26.67
CA GLU I 68 -55.47 123.49 27.54
C GLU I 68 -55.40 122.18 26.75
N ASP I 69 -55.88 122.20 25.51
CA ASP I 69 -55.79 121.00 24.67
C ASP I 69 -54.33 120.63 24.43
N ILE I 70 -53.48 121.63 24.14
CA ILE I 70 -52.07 121.35 23.93
C ILE I 70 -51.45 120.78 25.19
N VAL I 71 -51.79 121.34 26.34
CA VAL I 71 -51.22 120.85 27.61
C VAL I 71 -51.64 119.42 27.85
N ASN I 72 -52.92 119.09 27.60
CA ASN I 72 -53.42 117.75 27.90
C ASN I 72 -52.92 116.72 26.89
N ASN I 73 -52.64 117.14 25.66
CA ASN I 73 -52.25 116.18 24.63
C ASN I 73 -50.91 115.51 24.94
N VAL I 74 -50.11 116.07 25.84
CA VAL I 74 -48.81 115.52 26.18
C VAL I 74 -48.71 115.12 27.64
N ALA I 75 -49.82 115.17 28.38
CA ALA I 75 -49.78 114.82 29.80
C ALA I 75 -49.37 113.37 29.99
N SER I 76 -49.90 112.46 29.17
CA SER I 76 -49.61 111.04 29.34
C SER I 76 -48.15 110.71 29.04
N LEU I 77 -47.44 111.56 28.32
CA LEU I 77 -46.03 111.31 28.01
C LEU I 77 -45.11 111.70 29.15
N GLY I 78 -45.64 112.25 30.24
CA GLY I 78 -44.85 112.62 31.38
C GLY I 78 -44.37 114.06 31.40
N PHE I 79 -44.61 114.81 30.34
CA PHE I 79 -44.23 116.22 30.32
C PHE I 79 -45.12 116.99 31.29
N GLU I 80 -44.49 117.65 32.26
CA GLU I 80 -45.22 118.49 33.19
C GLU I 80 -45.42 119.87 32.58
N LEU I 81 -46.07 119.93 31.41
CA LEU I 81 -46.19 121.20 30.71
C LEU I 81 -46.92 122.24 31.56
N ASP I 82 -47.91 121.82 32.34
CA ASP I 82 -48.57 122.78 33.23
C ASP I 82 -47.59 123.34 34.24
N LYS I 83 -46.66 122.52 34.73
CA LYS I 83 -45.63 123.03 35.63
C LYS I 83 -44.83 124.14 34.95
N LEU I 84 -44.32 123.86 33.76
CA LEU I 84 -43.47 124.82 33.07
C LEU I 84 -44.22 126.11 32.80
N ILE I 85 -45.50 126.00 32.41
CA ILE I 85 -46.30 127.20 32.17
C ILE I 85 -46.47 127.98 33.47
N GLU I 86 -46.67 127.28 34.59
CA GLU I 86 -46.77 127.96 35.87
C GLU I 86 -45.45 128.63 36.25
N GLU I 87 -44.33 127.95 36.00
CA GLU I 87 -43.02 128.48 36.37
C GLU I 87 -42.57 129.63 35.49
N GLU I 88 -43.32 129.96 34.43
CA GLU I 88 -42.96 131.04 33.52
C GLU I 88 -41.72 130.69 32.70
N LYS I 89 -41.64 129.45 32.23
CA LYS I 89 -40.56 129.02 31.35
C LYS I 89 -41.06 128.61 29.97
N ILE I 90 -42.37 128.55 29.75
CA ILE I 90 -42.95 128.32 28.44
C ILE I 90 -44.26 129.09 28.37
N ALA I 91 -44.55 129.64 27.19
CA ALA I 91 -45.77 130.40 26.97
C ALA I 91 -46.49 129.85 25.74
N ILE I 92 -47.79 129.60 25.90
CA ILE I 92 -48.64 129.14 24.81
C ILE I 92 -49.51 130.32 24.38
N GLU I 93 -49.40 130.70 23.11
CA GLU I 93 -50.11 131.86 22.56
C GLU I 93 -51.10 131.39 21.51
N HIS I 94 -52.36 131.80 21.67
CA HIS I 94 -53.44 131.45 20.75
C HIS I 94 -53.78 132.67 19.91
N ILE I 95 -53.47 132.60 18.61
CA ILE I 95 -53.80 133.67 17.67
C ILE I 95 -54.94 133.18 16.77
N ALA I 96 -56.17 133.49 17.18
CA ALA I 96 -57.35 132.99 16.47
C ALA I 96 -57.67 133.87 15.27
N VAL I 97 -58.31 133.24 14.27
CA VAL I 97 -58.73 133.91 13.05
C VAL I 97 -60.19 133.56 12.79
N ASP I 98 -61.02 134.56 12.52
CA ASP I 98 -62.43 134.37 12.21
C ASP I 98 -62.62 134.10 10.72
N PRO I 99 -63.78 133.60 10.32
CA PRO I 99 -63.98 133.31 8.89
C PRO I 99 -63.75 134.50 7.98
N SER I 100 -64.26 135.69 8.33
CA SER I 100 -64.04 136.86 7.50
C SER I 100 -62.56 137.24 7.45
N GLU I 101 -61.85 137.03 8.56
CA GLU I 101 -60.44 137.40 8.63
C GLU I 101 -59.63 136.71 7.55
N VAL I 102 -59.91 135.44 7.29
CA VAL I 102 -59.05 134.58 6.49
C VAL I 102 -59.52 134.50 5.03
N ALA I 103 -60.34 135.45 4.60
CA ALA I 103 -61.00 135.30 3.30
C ALA I 103 -60.00 135.26 2.14
N GLU I 104 -59.00 136.15 2.11
CA GLU I 104 -58.24 136.32 0.87
C GLU I 104 -56.76 136.58 1.18
N ILE I 105 -56.02 136.93 0.11
CA ILE I 105 -54.60 137.28 0.22
C ILE I 105 -54.45 138.63 0.90
N GLY I 106 -53.39 138.76 1.71
CA GLY I 106 -53.05 140.00 2.33
C GLY I 106 -54.08 140.49 3.31
N ASP I 107 -55.11 139.68 3.57
CA ASP I 107 -56.17 140.06 4.49
C ASP I 107 -55.63 140.25 5.89
N TYR I 108 -54.75 139.35 6.31
CA TYR I 108 -54.13 139.45 7.62
C TYR I 108 -52.96 140.43 7.56
N ASP I 109 -52.91 141.34 8.53
CA ASP I 109 -51.79 142.27 8.62
C ASP I 109 -50.63 141.54 9.28
N LEU I 110 -49.74 140.99 8.45
CA LEU I 110 -48.62 140.24 9.00
C LEU I 110 -47.80 141.06 9.99
N GLU I 111 -47.66 142.37 9.77
CA GLU I 111 -47.00 143.17 10.77
C GLU I 111 -47.76 143.15 12.08
N GLY I 112 -49.09 143.09 12.04
CA GLY I 112 -49.84 142.92 13.28
C GLY I 112 -49.46 141.63 13.98
N LEU I 113 -49.37 140.54 13.21
CA LEU I 113 -48.92 139.27 13.77
C LEU I 113 -47.53 139.40 14.33
N PHE I 114 -46.66 140.12 13.62
CA PHE I 114 -45.29 140.27 14.07
C PHE I 114 -45.23 141.02 15.40
N LEU I 115 -46.08 142.04 15.55
CA LEU I 115 -46.13 142.73 16.83
C LEU I 115 -46.51 141.77 17.94
N ARG I 116 -47.58 141.03 17.75
CA ARG I 116 -47.98 140.09 18.78
C ARG I 116 -46.91 139.06 19.10
N LEU I 117 -46.37 138.39 18.09
CA LEU I 117 -45.38 137.38 18.35
C LEU I 117 -44.23 137.97 19.13
N GLU I 118 -43.94 139.24 18.91
CA GLU I 118 -42.87 139.87 19.63
C GLU I 118 -43.24 139.95 21.10
N LEU I 119 -44.47 140.38 21.38
CA LEU I 119 -44.94 140.45 22.77
C LEU I 119 -44.76 139.12 23.47
N ALA I 120 -45.21 138.06 22.82
CA ALA I 120 -45.14 136.73 23.41
C ALA I 120 -43.69 136.36 23.70
N ILE I 121 -42.80 136.63 22.74
CA ILE I 121 -41.40 136.27 22.93
C ILE I 121 -40.80 137.02 24.10
N ASP I 122 -41.06 138.33 24.20
CA ASP I 122 -40.46 139.11 25.26
C ASP I 122 -41.05 138.80 26.63
N THR I 123 -42.24 138.19 26.68
CA THR I 123 -42.78 137.76 27.97
C THR I 123 -41.82 136.81 28.67
N VAL I 124 -41.43 135.73 27.99
CA VAL I 124 -40.61 134.68 28.58
C VAL I 124 -39.14 134.81 28.19
N GLY I 125 -38.79 135.79 27.35
CA GLY I 125 -37.44 135.88 26.85
C GLY I 125 -37.07 134.66 26.04
N ALA I 126 -37.96 134.30 25.12
CA ALA I 126 -37.83 133.04 24.40
C ALA I 126 -36.55 132.98 23.58
N LYS I 127 -36.03 131.77 23.46
CA LYS I 127 -34.97 131.47 22.52
C LYS I 127 -35.34 130.35 21.56
N ARG I 128 -36.50 129.72 21.76
CA ARG I 128 -37.08 128.74 20.83
C ARG I 128 -38.55 129.06 20.63
N VAL I 129 -39.05 128.84 19.42
CA VAL I 129 -40.43 129.14 19.08
C VAL I 129 -40.99 128.00 18.22
N VAL I 130 -42.29 127.73 18.39
CA VAL I 130 -43.00 126.79 17.54
C VAL I 130 -44.21 127.52 16.96
N LEU I 131 -44.35 127.48 15.64
CA LEU I 131 -45.54 127.97 14.96
C LEU I 131 -46.33 126.76 14.46
N ASP I 132 -47.50 126.54 15.02
CA ASP I 132 -48.31 125.36 14.75
C ASP I 132 -49.60 125.77 14.06
N THR I 133 -49.94 125.08 12.98
CA THR I 133 -51.12 125.39 12.17
C THR I 133 -51.03 126.83 11.67
N ILE I 134 -50.03 127.09 10.84
CA ILE I 134 -50.05 128.32 10.05
C ILE I 134 -50.83 128.14 8.77
N GLU I 135 -51.35 126.94 8.51
CA GLU I 135 -52.18 126.72 7.33
C GLU I 135 -53.43 127.58 7.36
N SER I 136 -53.99 127.83 8.55
CA SER I 136 -55.20 128.64 8.66
C SER I 136 -55.00 129.99 7.98
N LEU I 137 -53.87 130.62 8.24
CA LEU I 137 -53.60 131.94 7.68
C LEU I 137 -53.27 131.86 6.19
N PHE I 138 -52.45 130.90 5.78
CA PHE I 138 -51.89 130.87 4.43
C PHE I 138 -52.67 130.01 3.44
N SER I 139 -53.69 129.26 3.90
CA SER I 139 -54.53 128.56 2.92
C SER I 139 -55.38 129.54 2.14
N ALA I 140 -55.57 130.76 2.68
CA ALA I 140 -56.36 131.77 1.99
C ALA I 140 -55.72 132.17 0.66
N PHE I 141 -54.42 132.46 0.69
CA PHE I 141 -53.74 132.97 -0.50
C PHE I 141 -53.91 132.00 -1.67
N SER I 142 -54.43 132.52 -2.80
CA SER I 142 -54.74 131.68 -3.95
C SER I 142 -53.98 132.06 -5.21
N ASN I 143 -52.97 132.93 -5.13
CA ASN I 143 -52.07 133.14 -6.26
C ASN I 143 -50.67 132.65 -5.90
N PRO I 144 -50.06 131.77 -6.72
CA PRO I 144 -48.80 131.15 -6.28
C PRO I 144 -47.71 132.15 -5.91
N ALA I 145 -47.58 133.24 -6.67
CA ALA I 145 -46.50 134.20 -6.41
C ALA I 145 -46.72 134.95 -5.11
N ILE I 146 -47.94 135.45 -4.89
CA ILE I 146 -48.24 136.24 -3.71
C ILE I 146 -48.03 135.41 -2.45
N LEU I 147 -48.43 134.14 -2.49
CA LEU I 147 -48.25 133.26 -1.34
C LEU I 147 -46.77 133.05 -1.04
N ARG I 148 -45.96 132.81 -2.06
CA ARG I 148 -44.54 132.62 -1.83
C ARG I 148 -43.90 133.89 -1.27
N ALA I 149 -44.36 135.06 -1.72
CA ALA I 149 -43.83 136.30 -1.18
C ALA I 149 -44.17 136.44 0.30
N GLU I 150 -45.41 136.12 0.68
CA GLU I 150 -45.79 136.23 2.09
C GLU I 150 -45.05 135.23 2.96
N ILE I 151 -44.90 133.99 2.48
CA ILE I 151 -44.15 133.00 3.24
C ILE I 151 -42.72 133.45 3.43
N ARG I 152 -42.11 134.00 2.37
CA ARG I 152 -40.75 134.51 2.49
C ARG I 152 -40.68 135.66 3.49
N ARG I 153 -41.69 136.53 3.49
CA ARG I 153 -41.72 137.63 4.45
C ARG I 153 -41.70 137.08 5.88
N LEU I 154 -42.57 136.11 6.17
CA LEU I 154 -42.62 135.55 7.51
C LEU I 154 -41.29 134.89 7.88
N PHE I 155 -40.73 134.10 6.96
CA PHE I 155 -39.48 133.41 7.27
C PHE I 155 -38.35 134.40 7.50
N ASP I 156 -38.29 135.48 6.69
CA ASP I 156 -37.27 136.50 6.89
C ASP I 156 -37.41 137.17 8.24
N TRP I 157 -38.65 137.48 8.63
CA TRP I 157 -38.86 138.09 9.95
C TRP I 157 -38.38 137.16 11.05
N LEU I 158 -38.69 135.87 10.93
CA LEU I 158 -38.24 134.91 11.94
C LEU I 158 -36.71 134.84 11.97
N LYS I 159 -36.08 134.81 10.81
CA LYS I 159 -34.62 134.68 10.75
C LYS I 159 -33.93 135.92 11.31
N GLU I 160 -34.54 137.09 11.15
CA GLU I 160 -33.92 138.31 11.64
C GLU I 160 -33.74 138.27 13.15
N ARG I 161 -34.73 137.76 13.87
CA ARG I 161 -34.70 137.76 15.33
C ARG I 161 -33.65 136.81 15.90
N GLY I 162 -33.17 135.85 15.10
CA GLY I 162 -32.29 134.83 15.64
C GLY I 162 -33.00 133.90 16.60
N LEU I 163 -34.21 133.48 16.27
CA LEU I 163 -35.00 132.57 17.09
C LEU I 163 -35.04 131.21 16.41
N THR I 164 -34.67 130.17 17.15
CA THR I 164 -34.77 128.81 16.64
C THR I 164 -36.24 128.42 16.55
N THR I 165 -36.73 128.26 15.33
CA THR I 165 -38.15 128.07 15.08
C THR I 165 -38.41 126.71 14.44
N VAL I 166 -39.55 126.13 14.81
CA VAL I 166 -40.07 124.91 14.20
C VAL I 166 -41.48 125.18 13.72
N ILE I 167 -41.73 124.93 12.45
CA ILE I 167 -43.03 125.19 11.82
C ILE I 167 -43.63 123.85 11.41
N THR I 168 -44.85 123.58 11.86
CA THR I 168 -45.53 122.33 11.53
C THR I 168 -46.40 122.54 10.30
N ALA I 169 -46.24 121.66 9.31
CA ALA I 169 -46.93 121.78 8.04
C ALA I 169 -47.67 120.49 7.73
N GLU I 170 -48.78 120.61 7.01
CA GLU I 170 -49.66 119.49 6.70
C GLU I 170 -49.43 119.04 5.27
N ARG I 171 -49.24 117.73 5.10
CA ARG I 171 -48.90 117.20 3.78
C ARG I 171 -50.07 117.32 2.81
N GLY I 172 -51.29 117.07 3.28
CA GLY I 172 -52.42 117.06 2.37
C GLY I 172 -52.24 115.99 1.31
N ASP I 173 -52.39 116.40 0.05
CA ASP I 173 -52.18 115.51 -1.09
C ASP I 173 -50.81 115.69 -1.73
N GLY I 174 -49.93 116.48 -1.12
CA GLY I 174 -48.64 116.75 -1.69
C GLY I 174 -47.58 115.76 -1.26
N ALA I 175 -46.42 115.86 -1.91
CA ALA I 175 -45.28 115.05 -1.51
C ALA I 175 -44.77 115.45 -0.14
N LEU I 176 -44.66 116.75 0.11
CA LEU I 176 -44.16 117.28 1.37
C LEU I 176 -45.14 118.25 2.03
N THR I 177 -45.77 119.12 1.25
CA THR I 177 -46.69 120.12 1.78
C THR I 177 -47.87 120.26 0.83
N ARG I 178 -49.01 120.68 1.38
CA ARG I 178 -50.22 120.77 0.59
C ARG I 178 -50.08 121.77 -0.55
N GLN I 179 -49.56 122.97 -0.25
CA GLN I 179 -49.46 124.02 -1.24
C GLN I 179 -48.15 123.99 -2.02
N GLY I 180 -47.15 123.24 -1.55
CA GLY I 180 -45.99 122.94 -2.37
C GLY I 180 -44.93 124.00 -2.45
N LEU I 181 -44.87 124.95 -1.52
CA LEU I 181 -43.92 126.05 -1.61
C LEU I 181 -43.05 126.22 -0.37
N GLU I 182 -43.50 125.79 0.81
CA GLU I 182 -42.74 126.05 2.03
C GLU I 182 -41.43 125.28 2.04
N GLU I 183 -41.39 124.12 1.38
CA GLU I 183 -40.19 123.28 1.42
C GLU I 183 -39.05 123.90 0.63
N TYR I 184 -39.33 124.85 -0.26
CA TYR I 184 -38.32 125.53 -1.05
C TYR I 184 -37.87 126.84 -0.41
N VAL I 185 -38.42 127.21 0.73
CA VAL I 185 -38.04 128.44 1.42
C VAL I 185 -37.26 128.18 2.70
N SER I 186 -37.49 127.04 3.36
CA SER I 186 -36.82 126.76 4.61
C SER I 186 -35.43 126.16 4.35
N ASP I 187 -34.66 126.03 5.43
CA ASP I 187 -33.32 125.47 5.37
C ASP I 187 -33.28 124.01 5.83
N CYS I 188 -34.15 123.63 6.75
CA CYS I 188 -34.26 122.25 7.23
C CYS I 188 -35.68 121.76 7.02
N VAL I 189 -35.82 120.62 6.35
CA VAL I 189 -37.11 120.00 6.08
C VAL I 189 -37.06 118.57 6.60
N ILE I 190 -38.01 118.23 7.48
CA ILE I 190 -38.09 116.90 8.08
C ILE I 190 -39.47 116.34 7.79
N LEU I 191 -39.51 115.18 7.15
CA LEU I 191 -40.77 114.53 6.79
C LEU I 191 -41.02 113.37 7.73
N LEU I 192 -42.20 113.35 8.33
CA LEU I 192 -42.66 112.24 9.16
C LEU I 192 -43.74 111.48 8.41
N ASP I 193 -43.63 110.15 8.41
CA ASP I 193 -44.46 109.30 7.58
C ASP I 193 -44.97 108.13 8.39
N HIS I 194 -46.17 107.65 8.04
CA HIS I 194 -46.82 106.53 8.73
C HIS I 194 -47.49 105.68 7.65
N ARG I 195 -46.79 104.66 7.19
CA ARG I 195 -47.22 103.85 6.06
C ARG I 195 -47.65 102.47 6.52
N VAL I 196 -48.60 101.89 5.79
CA VAL I 196 -49.17 100.59 6.08
C VAL I 196 -48.75 99.63 4.99
N GLU I 197 -48.18 98.48 5.39
CA GLU I 197 -47.80 97.43 4.46
C GLU I 197 -48.15 96.09 5.09
N ASN I 198 -48.93 95.28 4.37
CA ASN I 198 -49.37 93.98 4.87
C ASN I 198 -50.07 94.13 6.22
N GLN I 199 -50.81 95.23 6.38
CA GLN I 199 -51.62 95.56 7.56
C GLN I 199 -50.77 95.99 8.74
N ILE I 200 -49.47 96.24 8.57
CA ILE I 200 -48.60 96.69 9.64
C ILE I 200 -48.19 98.12 9.33
N SER I 201 -48.36 99.01 10.31
CA SER I 201 -48.04 100.42 10.16
C SER I 201 -46.68 100.71 10.77
N THR I 202 -45.89 101.53 10.07
CA THR I 202 -44.55 101.88 10.51
C THR I 202 -44.38 103.39 10.50
N ARG I 203 -43.93 103.94 11.62
CA ARG I 203 -43.52 105.34 11.68
C ARG I 203 -42.12 105.47 11.09
N ARG I 204 -41.95 106.41 10.17
CA ARG I 204 -40.66 106.65 9.55
C ARG I 204 -40.34 108.13 9.56
N LEU I 205 -39.04 108.44 9.56
CA LEU I 205 -38.53 109.79 9.64
C LEU I 205 -37.47 109.99 8.57
N ARG I 206 -37.40 111.21 8.03
CA ARG I 206 -36.44 111.52 6.99
C ARG I 206 -36.11 112.99 7.02
N ILE I 207 -34.84 113.32 6.79
CA ILE I 207 -34.37 114.69 6.67
C ILE I 207 -34.20 114.96 5.18
N VAL I 208 -35.19 115.61 4.59
CA VAL I 208 -35.16 115.84 3.15
C VAL I 208 -34.11 116.88 2.78
N LYS I 209 -34.04 117.97 3.54
CA LYS I 209 -33.03 119.00 3.32
C LYS I 209 -32.50 119.48 4.66
N TYR I 210 -31.20 119.74 4.70
CA TYR I 210 -30.59 120.46 5.81
C TYR I 210 -29.38 121.22 5.29
N ARG I 211 -29.59 122.48 4.89
CA ARG I 211 -28.51 123.27 4.32
C ARG I 211 -27.47 123.61 5.38
N GLY I 212 -26.20 123.42 5.04
CA GLY I 212 -25.10 123.88 5.86
C GLY I 212 -24.18 122.79 6.40
N THR I 213 -24.46 121.51 6.20
CA THR I 213 -23.64 120.46 6.80
C THR I 213 -24.10 119.12 6.26
N ALA I 214 -23.35 118.09 6.64
CA ALA I 214 -23.71 116.72 6.29
C ALA I 214 -24.67 116.13 7.32
N HIS I 215 -25.48 115.18 6.87
CA HIS I 215 -26.45 114.52 7.74
C HIS I 215 -26.85 113.19 7.12
N GLY I 216 -27.61 112.42 7.88
CA GLY I 216 -28.18 111.19 7.34
C GLY I 216 -29.26 111.49 6.31
N THR I 217 -29.34 110.62 5.30
CA THR I 217 -30.24 110.82 4.19
C THR I 217 -31.19 109.65 3.95
N ASN I 218 -31.18 108.65 4.83
CA ASN I 218 -32.05 107.50 4.70
C ASN I 218 -33.34 107.71 5.50
N GLU I 219 -34.24 106.74 5.40
CA GLU I 219 -35.46 106.74 6.20
C GLU I 219 -35.23 105.92 7.46
N TYR I 220 -35.55 106.50 8.60
CA TYR I 220 -35.24 105.89 9.90
C TYR I 220 -36.52 105.60 10.67
N PRO I 221 -36.97 104.35 10.76
CA PRO I 221 -38.15 104.06 11.58
C PRO I 221 -37.93 104.47 13.02
N PHE I 222 -38.98 105.01 13.63
CA PHE I 222 -38.91 105.48 15.01
C PHE I 222 -40.16 105.04 15.75
N LEU I 223 -40.22 105.42 17.02
CA LEU I 223 -41.27 104.96 17.93
C LEU I 223 -41.68 106.11 18.85
N ILE I 224 -42.98 106.32 18.97
CA ILE I 224 -43.53 107.19 20.01
C ILE I 224 -44.01 106.28 21.13
N ASP I 225 -43.41 106.41 22.31
CA ASP I 225 -43.60 105.44 23.38
C ASP I 225 -43.81 106.25 24.65
N THR I 226 -43.77 105.58 25.81
CA THR I 226 -44.15 106.20 27.07
C THR I 226 -43.32 107.43 27.41
N ASP I 227 -42.11 107.56 26.84
CA ASP I 227 -41.24 108.67 27.17
C ASP I 227 -41.07 109.69 26.06
N GLY I 228 -41.39 109.34 24.81
CA GLY I 228 -41.38 110.28 23.72
C GLY I 228 -40.82 109.66 22.47
N PHE I 229 -40.35 110.51 21.56
CA PHE I 229 -39.77 110.06 20.30
C PHE I 229 -38.50 109.25 20.58
N SER I 230 -38.34 108.16 19.85
CA SER I 230 -37.16 107.31 19.96
C SER I 230 -36.70 106.91 18.57
N VAL I 231 -35.46 107.23 18.23
CA VAL I 231 -34.84 106.81 16.97
C VAL I 231 -33.58 106.04 17.32
N LEU I 232 -33.48 104.81 16.83
CA LEU I 232 -32.31 103.95 16.99
C LEU I 232 -31.79 103.61 15.60
N PRO I 233 -31.07 104.53 14.97
CA PRO I 233 -30.66 104.31 13.57
C PRO I 233 -29.70 103.13 13.46
N VAL I 234 -29.81 102.41 12.35
CA VAL I 234 -28.90 101.29 12.08
C VAL I 234 -27.58 101.75 11.52
N SER I 235 -27.46 103.01 11.11
CA SER I 235 -26.22 103.54 10.58
C SER I 235 -25.24 103.96 11.67
N ALA I 236 -25.67 103.97 12.92
CA ALA I 236 -24.79 104.30 14.04
C ALA I 236 -24.07 103.08 14.59
N LEU I 237 -24.40 101.89 14.12
CA LEU I 237 -23.74 100.67 14.57
C LEU I 237 -22.40 100.54 13.85
N GLY I 238 -21.32 100.49 14.63
CA GLY I 238 -20.00 100.23 14.10
C GLY I 238 -19.55 98.82 14.39
N LEU I 239 -18.27 98.57 14.11
CA LEU I 239 -17.60 97.35 14.54
C LEU I 239 -16.39 97.79 15.35
N LEU I 240 -16.64 98.18 16.60
CA LEU I 240 -15.60 98.48 17.55
C LEU I 240 -16.00 97.84 18.89
N HIS I 241 -15.70 96.56 19.04
CA HIS I 241 -15.96 95.85 20.28
C HIS I 241 -14.68 95.73 21.09
N GLN I 242 -14.79 95.04 22.21
CA GLN I 242 -13.65 94.66 23.02
C GLN I 242 -13.67 93.14 23.19
N VAL I 243 -12.49 92.55 23.34
CA VAL I 243 -12.38 91.10 23.35
C VAL I 243 -11.88 90.64 24.70
N HIS I 244 -12.36 89.47 25.11
CA HIS I 244 -12.04 88.89 26.41
C HIS I 244 -11.46 87.50 26.20
N GLU I 245 -10.67 87.05 27.17
CA GLU I 245 -9.99 85.76 27.06
C GLU I 245 -10.62 84.66 27.90
N GLU I 246 -11.57 84.96 28.80
CA GLU I 246 -12.27 83.87 29.43
C GLU I 246 -13.22 83.17 28.49
N ARG I 247 -13.73 82.06 29.00
CA ARG I 247 -14.61 81.16 28.28
C ARG I 247 -15.87 80.93 29.10
N ILE I 248 -16.95 80.57 28.42
CA ILE I 248 -18.26 80.37 29.04
C ILE I 248 -18.62 78.89 28.92
N ALA I 249 -18.96 78.28 30.05
CA ALA I 249 -19.35 76.89 30.05
C ALA I 249 -20.78 76.73 29.53
N SER I 250 -21.02 75.61 28.85
CA SER I 250 -22.32 75.35 28.23
C SER I 250 -23.31 74.65 29.15
N GLY I 251 -22.85 74.07 30.25
CA GLY I 251 -23.69 73.18 31.03
C GLY I 251 -23.74 71.77 30.50
N VAL I 252 -23.13 71.52 29.34
CA VAL I 252 -22.95 70.18 28.79
C VAL I 252 -21.46 69.89 28.83
N PRO I 253 -20.96 69.16 29.84
CA PRO I 253 -19.51 68.99 29.97
C PRO I 253 -18.89 68.28 28.77
N ASP I 254 -19.66 67.43 28.09
CA ASP I 254 -19.15 66.77 26.90
C ASP I 254 -18.89 67.78 25.78
N LEU I 255 -19.80 68.74 25.58
CA LEU I 255 -19.64 69.72 24.52
C LEU I 255 -18.45 70.62 24.79
N ASP I 256 -18.26 71.04 26.04
CA ASP I 256 -17.13 71.88 26.36
C ASP I 256 -15.81 71.17 26.08
N ALA I 257 -15.77 69.85 26.26
CA ALA I 257 -14.57 69.07 25.96
C ALA I 257 -14.23 69.04 24.48
N MET I 258 -15.15 69.46 23.62
CA MET I 258 -14.92 69.47 22.18
C MET I 258 -14.18 70.72 21.73
N MET I 259 -13.84 71.61 22.66
CA MET I 259 -13.24 72.90 22.35
C MET I 259 -12.00 73.09 23.19
N ALA I 260 -10.95 73.62 22.57
CA ALA I 260 -9.76 73.98 23.32
C ALA I 260 -10.06 75.13 24.27
N GLY I 261 -9.58 75.01 25.50
CA GLY I 261 -9.73 76.06 26.49
C GLY I 261 -10.97 75.95 27.36
N GLY I 262 -11.95 75.14 26.97
CA GLY I 262 -13.09 74.87 27.81
C GLY I 262 -14.42 75.46 27.37
N GLY I 263 -14.51 76.00 26.17
CA GLY I 263 -15.77 76.50 25.67
C GLY I 263 -15.59 77.71 24.78
N PHE I 264 -16.72 78.32 24.43
CA PHE I 264 -16.72 79.52 23.60
C PHE I 264 -16.18 80.71 24.38
N PHE I 265 -15.74 81.71 23.65
CA PHE I 265 -15.30 82.94 24.30
C PHE I 265 -16.51 83.68 24.86
N ARG I 266 -16.24 84.55 25.84
CA ARG I 266 -17.31 85.01 26.70
C ARG I 266 -18.31 85.87 25.94
N GLY I 267 -17.87 86.98 25.35
CA GLY I 267 -18.78 87.95 24.75
C GLY I 267 -19.13 87.59 23.32
N SER I 268 -19.04 86.31 22.99
CA SER I 268 -19.23 85.85 21.63
C SER I 268 -20.71 85.81 21.27
N SER I 269 -20.97 85.59 19.99
CA SER I 269 -22.31 85.37 19.47
C SER I 269 -22.39 83.93 18.96
N ILE I 270 -23.32 83.16 19.51
CA ILE I 270 -23.44 81.73 19.24
C ILE I 270 -24.81 81.48 18.62
N LEU I 271 -24.82 80.77 17.50
CA LEU I 271 -26.04 80.42 16.79
C LEU I 271 -26.24 78.91 16.87
N VAL I 272 -27.40 78.51 17.37
CA VAL I 272 -27.80 77.09 17.43
C VAL I 272 -28.86 76.88 16.37
N SER I 273 -28.59 75.98 15.43
CA SER I 273 -29.45 75.75 14.29
C SER I 273 -29.88 74.29 14.21
N GLY I 274 -31.05 74.05 13.64
CA GLY I 274 -31.54 72.70 13.49
C GLY I 274 -33.00 72.69 13.11
N VAL I 275 -33.47 71.47 12.81
CA VAL I 275 -34.87 71.22 12.50
C VAL I 275 -35.68 71.13 13.78
N ALA I 276 -37.00 71.05 13.66
CA ALA I 276 -37.89 71.04 14.80
C ALA I 276 -37.77 69.72 15.54
N GLY I 277 -37.68 69.79 16.87
CA GLY I 277 -37.40 68.64 17.69
C GLY I 277 -35.93 68.34 17.88
N ALA I 278 -35.05 69.16 17.28
CA ALA I 278 -33.63 68.84 17.29
C ALA I 278 -33.04 68.91 18.69
N GLY I 279 -33.45 69.89 19.49
CA GLY I 279 -32.86 70.09 20.80
C GLY I 279 -32.31 71.48 21.00
N LYS I 280 -32.72 72.42 20.14
CA LYS I 280 -32.19 73.77 20.19
C LYS I 280 -32.55 74.46 21.51
N SER I 281 -33.82 74.37 21.90
CA SER I 281 -34.26 75.02 23.14
C SER I 281 -33.57 74.39 24.35
N SER I 282 -33.38 73.07 24.32
CA SER I 282 -32.73 72.40 25.44
C SER I 282 -31.30 72.91 25.63
N LEU I 283 -30.56 73.08 24.55
CA LEU I 283 -29.18 73.57 24.66
C LEU I 283 -29.13 74.99 25.22
N ALA I 284 -30.03 75.85 24.72
CA ALA I 284 -30.07 77.21 25.23
C ALA I 284 -30.40 77.24 26.71
N ALA I 285 -31.35 76.41 27.12
CA ALA I 285 -31.72 76.33 28.53
C ALA I 285 -30.56 75.81 29.36
N HIS I 286 -29.80 74.85 28.84
CA HIS I 286 -28.63 74.39 29.56
C HIS I 286 -27.62 75.52 29.74
N PHE I 287 -27.41 76.31 28.69
CA PHE I 287 -26.54 77.48 28.80
C PHE I 287 -27.02 78.39 29.92
N ALA I 288 -28.30 78.76 29.90
CA ALA I 288 -28.83 79.70 30.89
C ALA I 288 -28.77 79.11 32.29
N ALA I 289 -29.11 77.83 32.43
CA ALA I 289 -29.11 77.19 33.74
C ALA I 289 -27.71 77.13 34.31
N ALA I 290 -26.71 76.82 33.48
CA ALA I 290 -25.33 76.87 33.96
C ALA I 290 -24.95 78.28 34.38
N ALA I 291 -25.28 79.27 33.55
CA ALA I 291 -24.95 80.65 33.89
C ALA I 291 -25.51 81.01 35.26
N CYS I 292 -26.76 80.65 35.51
CA CYS I 292 -27.36 80.93 36.81
C CYS I 292 -26.69 80.14 37.92
N ALA I 293 -26.31 78.88 37.64
CA ALA I 293 -25.71 78.05 38.66
C ALA I 293 -24.38 78.60 39.15
N ARG I 294 -23.66 79.33 38.30
CA ARG I 294 -22.42 79.96 38.72
C ARG I 294 -22.65 81.28 39.45
N GLY I 295 -23.90 81.63 39.74
CA GLY I 295 -24.22 82.86 40.44
C GLY I 295 -24.45 84.06 39.55
N GLU I 296 -24.31 83.92 38.24
CA GLU I 296 -24.53 85.03 37.33
C GLU I 296 -26.03 85.17 37.05
N ARG I 297 -26.39 86.08 36.15
CA ARG I 297 -27.77 86.36 35.80
C ARG I 297 -27.97 86.08 34.31
N ALA I 298 -29.17 85.58 33.98
CA ALA I 298 -29.49 85.19 32.61
C ALA I 298 -30.88 85.70 32.24
N MET I 299 -31.03 86.05 30.95
CA MET I 299 -32.33 86.45 30.43
C MET I 299 -32.61 85.55 29.24
N TYR I 300 -33.81 84.98 29.15
CA TYR I 300 -34.15 84.04 28.09
C TYR I 300 -35.44 84.51 27.44
N PHE I 301 -35.34 85.02 26.22
CA PHE I 301 -36.48 85.57 25.50
C PHE I 301 -37.02 84.49 24.58
N SER I 302 -38.19 83.95 24.92
CA SER I 302 -38.87 82.97 24.10
C SER I 302 -39.99 83.66 23.35
N PHE I 303 -40.15 83.32 22.08
CA PHE I 303 -41.18 83.89 21.24
C PHE I 303 -42.21 82.84 20.81
N GLU I 304 -42.10 81.61 21.29
CA GLU I 304 -43.06 80.62 20.86
C GLU I 304 -43.61 79.74 21.96
N GLU I 305 -43.10 79.83 23.20
CA GLU I 305 -43.60 79.00 24.29
C GLU I 305 -43.82 79.88 25.52
N ALA I 306 -44.74 79.44 26.39
CA ALA I 306 -45.06 80.15 27.61
C ALA I 306 -44.08 79.79 28.72
N ALA I 307 -44.13 80.58 29.80
CA ALA I 307 -43.18 80.41 30.89
C ALA I 307 -43.42 79.12 31.66
N ASP I 308 -44.66 78.88 32.08
CA ASP I 308 -44.94 77.66 32.82
C ASP I 308 -44.70 76.43 31.94
N GLN I 309 -45.11 76.51 30.67
CA GLN I 309 -44.91 75.38 29.76
C GLN I 309 -43.43 75.12 29.51
N ALA I 310 -42.65 76.18 29.32
CA ALA I 310 -41.21 75.99 29.12
C ALA I 310 -40.57 75.38 30.34
N VAL I 311 -40.96 75.83 31.53
CA VAL I 311 -40.42 75.27 32.76
C VAL I 311 -40.74 73.79 32.86
N ARG I 312 -41.99 73.42 32.59
CA ARG I 312 -42.36 72.01 32.65
C ARG I 312 -41.57 71.20 31.62
N ASN I 313 -41.45 71.72 30.40
CA ASN I 313 -40.76 71.00 29.35
C ASN I 313 -39.29 70.78 29.69
N MET I 314 -38.64 71.81 30.24
CA MET I 314 -37.24 71.67 30.62
C MET I 314 -37.08 70.80 31.85
N ARG I 315 -38.11 70.66 32.70
CA ARG I 315 -37.99 69.85 33.90
C ARG I 315 -37.72 68.39 33.58
N SER I 316 -38.25 67.90 32.46
CA SER I 316 -38.04 66.51 32.09
C SER I 316 -36.60 66.23 31.69
N LEU I 317 -35.86 67.24 31.26
CA LEU I 317 -34.45 67.09 30.91
C LEU I 317 -33.54 67.27 32.10
N GLY I 318 -34.09 67.35 33.31
CA GLY I 318 -33.30 67.46 34.51
C GLY I 318 -32.90 68.86 34.90
N LEU I 319 -33.18 69.85 34.06
CA LEU I 319 -32.92 71.23 34.42
C LEU I 319 -33.97 71.69 35.43
N ASP I 320 -33.59 72.69 36.23
CA ASP I 320 -34.50 73.32 37.17
C ASP I 320 -34.46 74.81 36.90
N LEU I 321 -35.25 75.23 35.90
CA LEU I 321 -35.34 76.65 35.57
C LEU I 321 -36.19 77.38 36.59
N GLY I 322 -37.09 76.67 37.29
CA GLY I 322 -37.89 77.30 38.31
C GLY I 322 -37.08 77.73 39.52
N ARG I 323 -36.11 76.92 39.93
CA ARG I 323 -35.24 77.30 41.04
C ARG I 323 -34.61 78.66 40.78
N TRP I 324 -34.17 78.88 39.55
CA TRP I 324 -33.44 80.09 39.22
C TRP I 324 -34.36 81.29 39.04
N ARG I 325 -35.60 81.06 38.58
CA ARG I 325 -36.59 82.13 38.57
C ARG I 325 -36.92 82.57 40.00
N ASP I 326 -37.15 81.59 40.88
CA ASP I 326 -37.50 81.91 42.26
C ASP I 326 -36.34 82.53 43.03
N ALA I 327 -35.12 82.35 42.56
CA ALA I 327 -33.94 82.91 43.21
C ALA I 327 -33.54 84.27 42.65
N GLY I 328 -34.31 84.80 41.70
CA GLY I 328 -33.99 86.10 41.13
C GLY I 328 -32.68 86.11 40.37
N LEU I 329 -32.39 85.06 39.61
CA LEU I 329 -31.20 84.99 38.79
C LEU I 329 -31.50 84.65 37.34
N LEU I 330 -32.75 84.38 36.99
CA LEU I 330 -33.14 84.08 35.62
C LEU I 330 -34.47 84.78 35.34
N ARG I 331 -34.48 85.67 34.36
CA ARG I 331 -35.69 86.32 33.90
C ARG I 331 -36.11 85.68 32.58
N PHE I 332 -37.32 85.11 32.56
CA PHE I 332 -37.85 84.36 31.43
C PHE I 332 -38.98 85.16 30.82
N MET I 333 -38.75 85.74 29.64
CA MET I 333 -39.72 86.63 29.04
C MET I 333 -40.29 85.97 27.80
N ALA I 334 -41.62 85.94 27.70
CA ALA I 334 -42.32 85.29 26.60
C ALA I 334 -43.30 86.26 25.97
N THR I 335 -43.17 86.48 24.66
CA THR I 335 -44.07 87.36 23.93
C THR I 335 -44.12 86.91 22.48
N ARG I 336 -45.32 86.87 21.91
CA ARG I 336 -45.48 86.46 20.53
C ARG I 336 -44.88 87.51 19.60
N PRO I 337 -44.42 87.09 18.40
CA PRO I 337 -43.86 88.07 17.46
C PRO I 337 -44.87 89.11 17.00
N THR I 338 -46.16 88.83 17.09
CA THR I 338 -47.20 89.75 16.65
C THR I 338 -47.68 90.69 17.74
N PHE I 339 -47.13 90.57 18.95
CA PHE I 339 -47.57 91.43 20.05
C PHE I 339 -47.09 92.86 19.87
N TYR I 340 -45.93 93.05 19.25
CA TYR I 340 -45.32 94.37 19.10
C TYR I 340 -44.94 94.58 17.64
N SER I 341 -44.52 95.80 17.34
CA SER I 341 -43.90 96.12 16.07
C SER I 341 -42.39 95.92 16.18
N LEU I 342 -41.74 95.75 15.03
CA LEU I 342 -40.32 95.44 15.03
C LEU I 342 -39.51 96.48 15.81
N GLU I 343 -39.96 97.72 15.82
CA GLU I 343 -39.27 98.75 16.57
C GLU I 343 -39.44 98.54 18.07
N MET I 344 -40.66 98.29 18.51
CA MET I 344 -40.94 98.15 19.93
C MET I 344 -40.38 96.85 20.49
N HIS I 345 -40.30 95.79 19.68
CA HIS I 345 -39.63 94.58 20.13
C HIS I 345 -38.20 94.89 20.54
N LEU I 346 -37.46 95.57 19.66
CA LEU I 346 -36.10 95.97 19.97
C LEU I 346 -36.06 96.87 21.20
N ALA I 347 -36.96 97.85 21.26
CA ALA I 347 -36.95 98.77 22.39
C ALA I 347 -37.11 98.04 23.71
N VAL I 348 -38.08 97.12 23.77
CA VAL I 348 -38.34 96.39 25.00
C VAL I 348 -37.15 95.51 25.35
N ILE I 349 -36.59 94.81 24.37
CA ILE I 349 -35.47 93.92 24.65
C ILE I 349 -34.30 94.72 25.22
N LEU I 350 -33.97 95.84 24.58
CA LEU I 350 -32.85 96.64 25.05
C LEU I 350 -33.10 97.17 26.45
N ARG I 351 -34.29 97.71 26.70
CA ARG I 351 -34.61 98.25 28.03
C ARG I 351 -34.46 97.18 29.10
N GLU I 352 -35.06 96.02 28.85
CA GLU I 352 -35.02 94.94 29.83
C GLU I 352 -33.59 94.47 30.07
N VAL I 353 -32.79 94.35 29.01
CA VAL I 353 -31.41 93.93 29.16
C VAL I 353 -30.64 94.93 30.00
N MET I 354 -30.88 96.21 29.76
CA MET I 354 -30.28 97.26 30.55
C MET I 354 -30.56 97.08 32.03
N ARG I 355 -31.82 96.93 32.39
CA ARG I 355 -32.20 96.96 33.80
C ARG I 355 -31.58 95.81 34.58
N PHE I 356 -31.77 94.58 34.10
CA PHE I 356 -31.32 93.40 34.83
C PHE I 356 -29.80 93.28 34.84
N GLU I 357 -29.14 93.74 33.78
CA GLU I 357 -27.69 93.59 33.62
C GLU I 357 -27.33 92.11 33.60
N PRO I 358 -27.75 91.38 32.56
CA PRO I 358 -27.47 89.96 32.48
C PRO I 358 -26.02 89.67 32.11
N SER I 359 -25.68 88.39 32.21
CA SER I 359 -24.44 87.85 31.65
C SER I 359 -24.67 87.01 30.42
N VAL I 360 -25.80 86.32 30.33
CA VAL I 360 -26.17 85.51 29.18
C VAL I 360 -27.57 85.90 28.76
N VAL I 361 -27.75 86.17 27.46
CA VAL I 361 -29.05 86.47 26.89
C VAL I 361 -29.30 85.49 25.77
N VAL I 362 -30.47 84.87 25.79
CA VAL I 362 -30.87 83.90 24.79
C VAL I 362 -32.10 84.43 24.06
N LEU I 363 -32.13 84.26 22.75
CA LEU I 363 -33.29 84.57 21.93
C LEU I 363 -33.71 83.30 21.22
N ASP I 364 -34.92 82.83 21.50
CA ASP I 364 -35.36 81.53 21.00
C ASP I 364 -36.78 81.59 20.45
N PRO I 365 -36.97 81.48 19.12
CA PRO I 365 -35.98 81.43 18.04
C PRO I 365 -35.86 82.75 17.28
N ILE I 366 -34.69 82.95 16.66
CA ILE I 366 -34.48 84.14 15.86
C ILE I 366 -35.31 84.12 14.58
N SER I 367 -35.75 82.95 14.15
CA SER I 367 -36.47 82.80 12.89
C SER I 367 -37.97 83.05 13.03
N ALA I 368 -38.44 83.41 14.22
CA ALA I 368 -39.86 83.64 14.42
C ALA I 368 -40.34 84.96 13.82
N PHE I 369 -39.42 85.89 13.54
CA PHE I 369 -39.78 87.22 13.06
C PHE I 369 -39.78 87.33 11.54
N THR I 370 -39.71 86.21 10.82
CA THR I 370 -39.57 86.29 9.37
C THR I 370 -40.79 86.94 8.72
N GLU I 371 -41.99 86.60 9.18
CA GLU I 371 -43.24 87.14 8.63
C GLU I 371 -43.71 88.40 9.32
N SER I 372 -42.94 88.95 10.26
CA SER I 372 -43.31 90.19 10.93
C SER I 372 -42.91 91.43 10.14
N GLY I 373 -42.24 91.27 9.00
CA GLY I 373 -41.85 92.40 8.20
C GLY I 373 -41.06 91.94 6.99
N ASP I 374 -40.43 92.90 6.33
CA ASP I 374 -39.55 92.58 5.22
C ASP I 374 -38.25 91.98 5.73
N ARG I 375 -37.53 91.30 4.82
CA ARG I 375 -36.28 90.65 5.19
C ARG I 375 -35.27 91.66 5.71
N LEU I 376 -35.19 92.83 5.07
CA LEU I 376 -34.19 93.83 5.44
C LEU I 376 -34.56 94.56 6.73
N GLU I 377 -35.85 94.62 7.07
CA GLU I 377 -36.29 95.19 8.34
C GLU I 377 -35.99 94.28 9.52
N VAL I 378 -36.28 92.99 9.36
CA VAL I 378 -36.02 92.04 10.43
C VAL I 378 -34.52 91.87 10.60
N GLN I 379 -33.77 91.91 9.49
CA GLN I 379 -32.32 91.89 9.57
C GLN I 379 -31.80 93.12 10.30
N SER I 380 -32.37 94.30 10.03
CA SER I 380 -31.93 95.49 10.76
C SER I 380 -32.19 95.34 12.25
N MET I 381 -33.38 94.89 12.63
CA MET I 381 -33.69 94.71 14.04
C MET I 381 -32.71 93.75 14.70
N LEU I 382 -32.50 92.59 14.08
CA LEU I 382 -31.65 91.56 14.67
C LEU I 382 -30.20 92.04 14.74
N LEU I 383 -29.73 92.75 13.72
CA LEU I 383 -28.39 93.30 13.73
C LEU I 383 -28.21 94.28 14.88
N ARG I 384 -29.20 95.14 15.10
CA ARG I 384 -29.13 96.07 16.22
C ARG I 384 -29.10 95.33 17.55
N ILE I 385 -29.90 94.28 17.69
CA ILE I 385 -29.87 93.50 18.92
C ILE I 385 -28.49 92.91 19.14
N VAL I 386 -27.92 92.32 18.09
CA VAL I 386 -26.62 91.66 18.22
C VAL I 386 -25.55 92.67 18.59
N ASP I 387 -25.55 93.83 17.93
CA ASP I 387 -24.54 94.84 18.23
C ASP I 387 -24.68 95.34 19.67
N PHE I 388 -25.91 95.58 20.11
CA PHE I 388 -26.11 96.03 21.49
C PHE I 388 -25.58 95.01 22.47
N LEU I 389 -25.87 93.73 22.24
CA LEU I 389 -25.39 92.70 23.14
C LEU I 389 -23.86 92.62 23.12
N LYS I 390 -23.25 92.73 21.95
CA LYS I 390 -21.81 92.54 21.85
C LYS I 390 -21.03 93.71 22.42
N ASN I 391 -21.57 94.93 22.31
CA ASN I 391 -20.85 96.09 22.84
C ASN I 391 -20.79 96.10 24.37
N ARG I 392 -21.54 95.23 25.04
CA ARG I 392 -21.59 95.20 26.49
C ARG I 392 -20.94 93.94 27.08
N GLY I 393 -20.39 93.06 26.25
CA GLY I 393 -19.79 91.85 26.77
C GLY I 393 -20.79 90.81 27.19
N ILE I 394 -22.03 90.90 26.73
CA ILE I 394 -23.08 89.94 27.06
C ILE I 394 -23.04 88.82 26.02
N THR I 395 -23.09 87.58 26.50
CA THR I 395 -23.05 86.43 25.61
C THR I 395 -24.45 86.18 25.05
N GLY I 396 -24.57 86.16 23.73
CA GLY I 396 -25.85 85.95 23.09
C GLY I 396 -25.99 84.57 22.47
N ILE I 397 -27.01 83.84 22.88
CA ILE I 397 -27.31 82.52 22.33
C ILE I 397 -28.58 82.66 21.50
N PHE I 398 -28.45 82.48 20.19
CA PHE I 398 -29.57 82.62 19.28
C PHE I 398 -29.91 81.26 18.67
N THR I 399 -31.17 80.86 18.79
CA THR I 399 -31.65 79.61 18.21
C THR I 399 -32.37 79.91 16.91
N HIS I 400 -32.07 79.12 15.88
CA HIS I 400 -32.58 79.33 14.54
C HIS I 400 -33.03 78.00 13.97
N LEU I 401 -34.15 78.00 13.27
CA LEU I 401 -34.67 76.78 12.65
C LEU I 401 -34.09 76.61 11.25
N ALA I 402 -33.58 75.42 10.97
CA ALA I 402 -32.96 75.13 9.68
C ALA I 402 -34.01 74.80 8.63
N HIS I 403 -33.81 75.37 7.44
CA HIS I 403 -34.59 75.11 6.22
C HIS I 403 -34.50 76.32 5.30
N GLY I 413 -28.36 85.37 6.60
CA GLY I 413 -28.42 86.71 7.19
C GLY I 413 -28.17 86.64 8.68
N LEU I 414 -27.10 87.31 9.12
CA LEU I 414 -26.61 87.37 10.50
C LEU I 414 -25.91 86.08 10.90
N GLU I 415 -25.90 85.07 10.03
CA GLU I 415 -25.06 83.90 10.26
C GLU I 415 -23.60 84.30 10.24
N GLU I 416 -23.29 85.23 9.35
CA GLU I 416 -21.95 85.76 9.13
C GLU I 416 -21.37 86.45 10.35
N LEU I 417 -22.23 87.01 11.21
CA LEU I 417 -21.81 87.78 12.36
C LEU I 417 -21.67 86.93 13.61
N MET I 418 -21.64 85.61 13.46
CA MET I 418 -21.63 84.69 14.59
C MET I 418 -20.24 84.14 14.80
N ASP I 419 -19.81 84.12 16.06
CA ASP I 419 -18.48 83.60 16.39
C ASP I 419 -18.50 82.08 16.47
N GLY I 420 -19.54 81.51 17.06
CA GLY I 420 -19.72 80.08 17.07
C GLY I 420 -21.00 79.65 16.37
N TRP I 421 -21.06 78.39 15.94
CA TRP I 421 -22.24 77.87 15.27
C TRP I 421 -22.35 76.39 15.60
N VAL I 422 -23.43 76.00 16.27
CA VAL I 422 -23.70 74.62 16.62
C VAL I 422 -24.88 74.15 15.81
N LEU I 423 -24.66 73.15 14.96
CA LEU I 423 -25.72 72.57 14.14
C LEU I 423 -26.14 71.25 14.73
N MET I 424 -27.44 71.12 14.99
CA MET I 424 -28.01 69.94 15.62
C MET I 424 -28.87 69.20 14.61
N LEU I 425 -28.64 67.90 14.47
CA LEU I 425 -29.28 67.08 13.46
C LEU I 425 -30.13 65.99 14.10
N ASN I 426 -31.21 65.64 13.42
CA ASN I 426 -32.08 64.52 13.81
C ASN I 426 -32.55 63.88 12.50
N ARG I 427 -31.82 62.86 12.06
CA ARG I 427 -31.98 62.28 10.73
C ARG I 427 -32.47 60.84 10.82
N GLU I 428 -33.01 60.36 9.70
CA GLU I 428 -33.55 59.01 9.60
C GLU I 428 -32.53 58.11 8.91
N VAL I 429 -32.09 57.08 9.62
CA VAL I 429 -31.30 56.01 9.04
C VAL I 429 -31.76 54.71 9.68
N ASN I 430 -32.07 53.71 8.85
CA ASN I 430 -32.39 52.37 9.34
C ASN I 430 -33.69 52.36 10.15
N GLY I 431 -34.69 53.10 9.67
CA GLY I 431 -35.98 53.09 10.34
C GLY I 431 -35.96 53.64 11.74
N GLU I 432 -35.12 54.63 12.01
CA GLU I 432 -35.05 55.27 13.30
C GLU I 432 -34.44 56.65 13.10
N PHE I 433 -34.73 57.55 14.03
CA PHE I 433 -34.21 58.91 13.99
C PHE I 433 -33.17 59.07 15.09
N ASN I 434 -31.94 59.44 14.69
CA ASN I 434 -30.82 59.58 15.61
C ASN I 434 -30.38 61.03 15.68
N ARG I 435 -30.08 61.48 16.89
CA ARG I 435 -29.65 62.85 17.13
C ARG I 435 -28.14 62.97 16.98
N GLU I 436 -27.71 64.13 16.47
CA GLU I 436 -26.30 64.41 16.26
C GLU I 436 -26.08 65.91 16.37
N LEU I 437 -24.82 66.31 16.51
CA LEU I 437 -24.48 67.72 16.55
C LEU I 437 -23.01 67.88 16.22
N TYR I 438 -22.68 68.98 15.55
CA TYR I 438 -21.30 69.33 15.28
C TYR I 438 -21.14 70.84 15.31
N LEU I 439 -19.88 71.26 15.48
CA LEU I 439 -19.53 72.67 15.57
C LEU I 439 -19.13 73.15 14.17
N LEU I 440 -20.07 73.80 13.49
CA LEU I 440 -19.78 74.33 12.15
C LEU I 440 -18.68 75.37 12.20
N LYS I 441 -18.73 76.24 13.20
CA LYS I 441 -17.80 77.35 13.28
C LYS I 441 -17.49 77.63 14.74
N ALA I 442 -16.21 77.85 15.00
CA ALA I 442 -15.80 78.36 16.30
C ALA I 442 -14.52 79.17 16.12
N ARG I 443 -14.67 80.47 15.92
CA ARG I 443 -13.52 81.30 15.57
C ARG I 443 -12.63 81.54 16.78
N GLY I 444 -11.32 81.51 16.54
CA GLY I 444 -10.35 81.81 17.57
C GLY I 444 -9.89 80.62 18.38
N MET I 445 -10.20 79.39 17.97
CA MET I 445 -9.95 78.28 18.86
C MET I 445 -9.79 77.04 18.01
N ALA I 446 -9.28 75.98 18.62
CA ALA I 446 -9.28 74.65 18.01
C ALA I 446 -10.40 73.82 18.61
N HIS I 447 -11.11 73.08 17.75
CA HIS I 447 -12.26 72.29 18.18
C HIS I 447 -12.35 71.02 17.34
N SER I 448 -13.11 70.06 17.85
CA SER I 448 -13.28 68.78 17.17
C SER I 448 -14.04 68.96 15.86
N ASN I 449 -13.73 68.09 14.90
CA ASN I 449 -14.38 68.07 13.60
C ASN I 449 -15.22 66.82 13.41
N GLN I 450 -15.76 66.28 14.50
CA GLN I 450 -16.52 65.05 14.48
C GLN I 450 -18.01 65.33 14.59
N VAL I 451 -18.81 64.60 13.81
CA VAL I 451 -20.26 64.68 13.89
C VAL I 451 -20.68 63.66 14.95
N ARG I 452 -20.80 64.14 16.19
CA ARG I 452 -21.00 63.26 17.34
C ARG I 452 -22.49 63.03 17.60
N GLU I 453 -22.81 61.82 18.04
CA GLU I 453 -24.16 61.44 18.37
C GLU I 453 -24.38 61.60 19.87
N PHE I 454 -25.57 62.09 20.23
CA PHE I 454 -25.90 62.34 21.63
C PHE I 454 -27.29 61.83 21.92
N LEU I 455 -27.62 61.81 23.21
CA LEU I 455 -28.93 61.37 23.69
C LEU I 455 -29.44 62.38 24.70
N MET I 456 -30.76 62.49 24.78
CA MET I 456 -31.43 63.25 25.82
C MET I 456 -31.97 62.29 26.87
N SER I 457 -32.06 62.78 28.10
CA SER I 457 -32.52 61.95 29.20
C SER I 457 -32.85 62.86 30.38
N ASP I 458 -33.17 62.24 31.50
CA ASP I 458 -33.38 62.97 32.74
C ASP I 458 -32.09 63.64 33.22
N ARG I 459 -30.95 63.27 32.64
CA ARG I 459 -29.65 63.79 33.03
C ARG I 459 -29.14 64.86 32.07
N GLY I 460 -29.98 65.30 31.14
CA GLY I 460 -29.58 66.32 30.19
C GLY I 460 -29.08 65.73 28.89
N ILE I 461 -28.20 66.45 28.22
CA ILE I 461 -27.63 66.01 26.95
C ILE I 461 -26.32 65.30 27.22
N SER I 462 -26.23 64.04 26.81
CA SER I 462 -25.03 63.23 26.96
C SER I 462 -24.54 62.82 25.58
N LEU I 463 -23.26 63.05 25.33
CA LEU I 463 -22.65 62.68 24.06
C LEU I 463 -22.03 61.31 24.18
N LEU I 464 -22.31 60.45 23.22
CA LEU I 464 -21.85 59.08 23.27
C LEU I 464 -20.39 58.99 22.81
N PRO I 465 -19.67 57.94 23.22
CA PRO I 465 -18.28 57.83 22.83
C PRO I 465 -18.13 57.83 21.32
N PRO I 466 -17.03 58.37 20.81
CA PRO I 466 -16.86 58.44 19.35
C PRO I 466 -16.87 57.05 18.72
N HIS I 467 -17.11 57.03 17.42
CA HIS I 467 -17.26 55.80 16.67
C HIS I 467 -15.93 55.39 16.08
N LEU I 468 -15.47 54.18 16.41
CA LEU I 468 -14.21 53.67 15.90
C LEU I 468 -14.46 52.40 15.11
N GLY I 469 -14.26 52.48 13.81
CA GLY I 469 -14.36 51.33 12.95
C GLY I 469 -13.88 51.73 11.57
N GLU I 470 -13.48 50.72 10.79
CA GLU I 470 -12.91 51.04 9.49
C GLU I 470 -13.96 51.71 8.61
N GLY I 471 -15.19 51.23 8.68
CA GLY I 471 -16.27 51.90 7.97
C GLY I 471 -16.66 53.22 8.61
N GLY I 472 -16.89 53.22 9.91
CA GLY I 472 -17.30 54.43 10.62
C GLY I 472 -18.67 54.92 10.21
N ALA I 473 -19.08 56.07 10.76
CA ALA I 473 -20.29 56.75 10.34
C ALA I 473 -21.53 55.87 10.50
N LEU I 474 -21.60 55.13 11.60
CA LEU I 474 -22.79 54.38 11.96
C LEU I 474 -23.30 54.88 13.29
N THR I 475 -24.63 54.98 13.41
CA THR I 475 -25.27 55.57 14.58
C THR I 475 -26.40 54.66 15.06
N GLY I 476 -26.68 54.75 16.35
CA GLY I 476 -27.83 54.08 16.93
C GLY I 476 -27.73 52.58 16.91
N THR I 477 -28.74 51.93 16.31
CA THR I 477 -28.78 50.46 16.32
C THR I 477 -27.75 49.85 15.39
N ALA I 478 -27.49 50.49 14.25
CA ALA I 478 -26.50 49.96 13.31
C ALA I 478 -25.13 49.85 13.97
N ARG I 479 -24.81 50.76 14.90
CA ARG I 479 -23.54 50.69 15.61
C ARG I 479 -23.44 49.39 16.40
N LYS I 480 -24.49 49.06 17.15
CA LYS I 480 -24.48 47.83 17.93
C LYS I 480 -24.41 46.60 17.03
N ALA I 481 -25.13 46.64 15.91
CA ALA I 481 -25.10 45.53 14.97
C ALA I 481 -23.69 45.30 14.44
N GLU I 482 -22.99 46.38 14.10
CA GLU I 482 -21.62 46.23 13.60
C GLU I 482 -20.67 45.77 14.69
N GLU I 483 -20.87 46.22 15.92
CA GLU I 483 -20.06 45.71 17.02
C GLU I 483 -20.23 44.20 17.16
N ALA I 484 -21.48 43.73 17.09
CA ALA I 484 -21.73 42.30 17.16
C ALA I 484 -21.08 41.55 16.00
N ARG I 485 -21.19 42.11 14.79
CA ARG I 485 -20.58 41.47 13.63
C ARG I 485 -19.06 41.37 13.78
N LEU I 486 -18.43 42.43 14.28
CA LEU I 486 -16.99 42.39 14.49
C LEU I 486 -16.61 41.33 15.52
N ARG I 487 -17.38 41.24 16.60
CA ARG I 487 -17.11 40.21 17.60
C ARG I 487 -17.23 38.81 16.98
N ARG I 488 -18.27 38.60 16.16
CA ARG I 488 -18.45 37.31 15.51
C ARG I 488 -17.27 36.97 14.60
N ALA I 489 -16.81 37.95 13.83
CA ALA I 489 -15.67 37.70 12.93
C ALA I 489 -14.43 37.36 13.73
N GLU I 490 -14.19 38.07 14.84
CA GLU I 490 -13.04 37.77 15.68
C GLU I 490 -13.11 36.34 16.23
N ILE I 491 -14.30 35.92 16.67
CA ILE I 491 -14.44 34.56 17.18
C ILE I 491 -14.16 33.55 16.06
N GLU I 492 -14.66 33.83 14.85
CA GLU I 492 -14.41 32.92 13.74
C GLU I 492 -12.92 32.76 13.48
N ARG I 493 -12.19 33.87 13.41
CA ARG I 493 -10.76 33.79 13.15
C ARG I 493 -10.04 33.04 14.26
N GLN I 494 -10.44 33.29 15.51
CA GLN I 494 -9.81 32.59 16.62
C GLN I 494 -10.02 31.08 16.51
N THR I 495 -11.23 30.66 16.15
CA THR I 495 -11.48 29.22 16.00
C THR I 495 -10.66 28.63 14.87
N GLU I 496 -10.51 29.37 13.77
CA GLU I 496 -9.68 28.89 12.65
C GLU I 496 -8.25 28.66 13.11
N LEU I 497 -7.67 29.64 13.81
CA LEU I 497 -6.31 29.48 14.29
C LEU I 497 -6.21 28.30 15.25
N GLY I 498 -7.22 28.12 16.11
CA GLY I 498 -7.21 27.00 17.03
C GLY I 498 -7.16 25.67 16.32
N ARG I 499 -8.02 25.48 15.32
CA ARG I 499 -8.02 24.21 14.61
C ARG I 499 -6.69 23.97 13.91
N LEU I 500 -6.10 25.01 13.33
CA LEU I 500 -4.81 24.82 12.67
C LEU I 500 -3.74 24.38 13.67
N GLN I 501 -3.70 25.04 14.84
CA GLN I 501 -2.74 24.66 15.87
C GLN I 501 -2.92 23.20 16.27
N GLN I 502 -4.17 22.80 16.51
CA GLN I 502 -4.48 21.44 16.93
C GLN I 502 -4.06 20.42 15.87
N GLN I 503 -4.25 20.75 14.59
CA GLN I 503 -3.87 19.83 13.52
C GLN I 503 -2.36 19.64 13.46
N ILE I 504 -1.60 20.73 13.55
CA ILE I 504 -0.16 20.57 13.48
C ILE I 504 0.35 19.81 14.72
N GLU I 505 -0.26 20.05 15.88
CA GLU I 505 0.17 19.32 17.07
C GLU I 505 -0.19 17.84 16.99
N GLN I 506 -1.33 17.49 16.37
CA GLN I 506 -1.64 16.06 16.19
C GLN I 506 -0.61 15.41 15.28
N ARG I 507 -0.19 16.12 14.22
CA ARG I 507 0.89 15.58 13.40
C ARG I 507 2.14 15.31 14.25
N ARG I 508 2.48 16.24 15.14
CA ARG I 508 3.64 16.05 16.01
C ARG I 508 3.48 14.80 16.89
N ARG I 509 2.30 14.64 17.50
CA ARG I 509 2.08 13.48 18.36
C ARG I 509 2.22 12.18 17.58
N ARG I 510 1.76 12.19 16.34
CA ARG I 510 1.95 11.09 15.42
C ARG I 510 3.41 10.74 15.24
N ALA I 511 4.19 11.74 14.91
CA ALA I 511 5.60 11.50 14.70
C ALA I 511 6.20 10.86 15.94
N ARG I 512 5.79 11.34 17.10
CA ARG I 512 6.11 10.64 18.35
C ARG I 512 5.77 9.17 18.37
N ALA I 513 4.51 8.84 18.14
CA ALA I 513 4.12 7.46 18.32
C ALA I 513 4.94 6.56 17.42
N GLN I 514 5.18 7.00 16.19
CA GLN I 514 5.99 6.21 15.26
C GLN I 514 7.42 6.07 15.75
N ILE I 515 8.00 7.16 16.28
CA ILE I 515 9.37 7.08 16.79
C ILE I 515 9.45 6.07 17.92
N GLU I 516 8.47 6.09 18.82
CA GLU I 516 8.48 5.16 19.93
C GLU I 516 8.45 3.72 19.44
N ALA I 517 7.57 3.44 18.48
CA ALA I 517 7.48 2.08 17.95
C ALA I 517 8.81 1.64 17.35
N LEU I 518 9.44 2.50 16.55
CA LEU I 518 10.70 2.13 15.93
C LEU I 518 11.79 1.91 16.97
N GLU I 519 11.81 2.73 18.01
CA GLU I 519 12.76 2.55 19.09
C GLU I 519 12.59 1.19 19.76
N ALA I 520 11.35 0.82 20.06
CA ALA I 520 11.12 -0.47 20.67
C ALA I 520 11.62 -1.59 19.76
N GLU I 521 11.39 -1.45 18.45
CA GLU I 521 11.88 -2.45 17.51
C GLU I 521 13.41 -2.57 17.59
N LEU I 522 14.11 -1.44 17.59
CA LEU I 522 15.57 -1.51 17.59
C LEU I 522 16.10 -2.06 18.92
N GLN I 523 15.43 -1.78 20.03
CA GLN I 523 15.83 -2.40 21.29
C GLN I 523 15.67 -3.91 21.23
N ALA I 524 14.57 -4.38 20.65
CA ALA I 524 14.39 -5.81 20.46
C ALA I 524 15.52 -6.39 19.62
N GLU I 525 15.91 -5.69 18.56
CA GLU I 525 17.01 -6.17 17.74
C GLU I 525 18.29 -6.26 18.55
N GLU I 526 18.56 -5.26 19.39
CA GLU I 526 19.76 -5.30 20.23
C GLU I 526 19.76 -6.54 21.11
N ILE I 527 18.61 -6.83 21.73
CA ILE I 527 18.52 -8.01 22.57
C ILE I 527 18.79 -9.27 21.76
N ALA I 528 18.31 -9.31 20.52
CA ALA I 528 18.56 -10.46 19.66
C ALA I 528 20.05 -10.63 19.38
N LEU I 529 20.74 -9.53 19.08
CA LEU I 529 22.19 -9.59 18.88
C LEU I 529 22.85 -10.20 20.10
N LYS I 530 22.44 -9.74 21.28
CA LYS I 530 23.01 -10.22 22.53
C LYS I 530 22.87 -11.72 22.64
N ALA I 531 21.65 -12.18 22.45
CA ALA I 531 21.35 -13.60 22.64
C ALA I 531 22.16 -14.44 21.66
N LEU I 532 22.29 -13.96 20.42
CA LEU I 532 23.07 -14.70 19.44
C LEU I 532 24.54 -14.80 19.83
N VAL I 533 25.13 -13.69 20.28
CA VAL I 533 26.53 -13.72 20.70
C VAL I 533 26.71 -14.65 21.89
N GLU I 534 25.78 -14.60 22.85
CA GLU I 534 25.85 -15.49 24.00
C GLU I 534 25.82 -16.94 23.56
N SER I 535 24.91 -17.28 22.64
CA SER I 535 24.81 -18.66 22.18
C SER I 535 26.09 -19.10 21.50
N GLU I 536 26.69 -18.25 20.67
CA GLU I 536 27.93 -18.62 20.01
C GLU I 536 29.05 -18.85 21.03
N SER I 537 29.15 -17.98 22.04
CA SER I 537 30.18 -18.18 23.06
C SER I 537 29.97 -19.51 23.79
N ALA I 538 28.72 -19.81 24.15
CA ALA I 538 28.43 -21.07 24.82
C ALA I 538 28.80 -22.26 23.94
N HIS I 539 28.53 -22.16 22.64
CA HIS I 539 28.85 -23.26 21.74
C HIS I 539 30.36 -23.48 21.65
N GLU I 540 31.12 -22.38 21.54
CA GLU I 540 32.58 -22.50 21.54
C GLU I 540 33.07 -23.20 22.79
N ARG I 541 32.58 -22.75 23.94
CA ARG I 541 32.95 -23.34 25.22
C ARG I 541 32.65 -24.83 25.27
N GLN I 542 31.44 -25.21 24.89
CA GLN I 542 31.06 -26.61 25.01
C GLN I 542 31.87 -27.47 24.05
N ARG I 543 32.20 -26.95 22.86
CA ARG I 543 33.04 -27.75 21.98
C ARG I 543 34.42 -27.96 22.58
N LEU I 544 35.01 -26.93 23.20
CA LEU I 544 36.31 -27.13 23.82
C LEU I 544 36.23 -28.15 24.94
N ALA I 545 35.18 -28.10 25.76
CA ALA I 545 35.03 -29.08 26.82
C ALA I 545 34.92 -30.49 26.26
N ASP I 546 34.12 -30.65 25.20
CA ASP I 546 33.92 -31.97 24.60
C ASP I 546 35.21 -32.49 23.97
N ALA I 547 35.95 -31.60 23.29
CA ALA I 547 37.23 -32.01 22.71
C ALA I 547 38.22 -32.44 23.77
N ASP I 548 38.26 -31.71 24.89
CA ASP I 548 39.14 -32.12 25.99
C ASP I 548 38.73 -33.47 26.56
N THR I 549 37.42 -33.70 26.70
CA THR I 549 36.96 -34.98 27.20
C THR I 549 37.36 -36.12 26.28
N LEU I 550 37.15 -35.94 24.97
CA LEU I 550 37.51 -36.99 24.02
C LEU I 550 39.02 -37.22 23.99
N ALA I 551 39.82 -36.14 24.03
CA ALA I 551 41.27 -36.29 24.01
C ALA I 551 41.82 -36.89 25.28
N ARG I 552 41.10 -36.72 26.36
CA ARG I 552 41.37 -37.50 27.56
C ARG I 552 41.08 -38.97 27.42
N SER I 553 39.94 -39.34 26.87
CA SER I 553 39.62 -40.75 26.87
C SER I 553 40.43 -41.51 25.83
N ARG I 554 41.33 -40.84 25.12
CA ARG I 554 42.16 -41.47 24.10
C ARG I 554 43.65 -41.18 24.29
N GLY I 555 44.04 -40.56 25.40
CA GLY I 555 45.40 -40.11 25.58
C GLY I 555 46.20 -41.05 26.47
N ASN I 556 47.52 -40.91 26.37
CA ASN I 556 48.45 -41.66 27.20
C ASN I 556 48.87 -40.88 28.44
N GLU I 557 48.14 -39.81 28.80
CA GLU I 557 48.54 -39.06 29.97
C GLU I 557 48.49 -39.90 31.21
N ARG I 558 47.48 -40.74 31.29
CA ARG I 558 47.19 -41.47 32.51
C ARG I 558 48.36 -42.36 32.93
N PHE I 559 49.35 -42.51 32.04
CA PHE I 559 50.49 -43.37 32.26
C PHE I 559 51.80 -42.59 32.39
N ALA I 560 51.73 -41.29 32.66
CA ALA I 560 52.93 -40.49 32.89
C ALA I 560 53.07 -40.17 34.37
N GLY J 4 66.24 -94.69 50.51
CA GLY J 4 65.97 -96.04 50.10
C GLY J 4 67.23 -96.82 49.76
N ILE J 5 67.42 -97.12 48.49
CA ILE J 5 68.58 -97.86 48.02
C ILE J 5 69.68 -96.89 47.62
N GLY J 6 70.92 -97.34 47.73
CA GLY J 6 72.04 -96.54 47.28
C GLY J 6 72.13 -96.50 45.76
N LYS J 7 72.69 -95.41 45.26
CA LYS J 7 72.81 -95.19 43.82
C LYS J 7 74.18 -94.65 43.49
N SER J 8 74.63 -94.92 42.27
CA SER J 8 75.94 -94.50 41.79
C SER J 8 75.75 -93.49 40.66
N PRO J 9 76.24 -92.26 40.78
CA PRO J 9 76.03 -91.28 39.71
C PRO J 9 76.79 -91.68 38.45
N THR J 10 76.12 -91.48 37.31
CA THR J 10 76.72 -91.82 36.02
C THR J 10 77.58 -90.71 35.44
N GLY J 11 77.37 -89.47 35.87
CA GLY J 11 78.01 -88.33 35.27
C GLY J 11 77.23 -87.68 34.15
N ILE J 12 76.21 -88.37 33.62
CA ILE J 12 75.27 -87.76 32.69
C ILE J 12 74.24 -87.02 33.51
N GLN J 13 74.52 -85.76 33.86
CA GLN J 13 73.51 -84.94 34.51
C GLN J 13 72.29 -84.86 33.60
N GLY J 14 71.12 -85.10 34.18
CA GLY J 14 69.87 -85.19 33.46
C GLY J 14 69.33 -86.60 33.37
N PHE J 15 70.22 -87.59 33.44
CA PHE J 15 69.83 -88.97 33.68
C PHE J 15 69.93 -89.32 35.15
N ASP J 16 70.85 -88.68 35.87
CA ASP J 16 70.90 -88.79 37.32
C ASP J 16 69.69 -88.11 37.96
N GLU J 17 69.25 -86.99 37.39
CA GLU J 17 68.05 -86.33 37.89
C GLU J 17 66.82 -87.21 37.71
N LEU J 18 66.70 -87.85 36.54
CA LEU J 18 65.58 -88.73 36.29
C LEU J 18 65.60 -89.95 37.21
N THR J 19 66.79 -90.50 37.45
CA THR J 19 66.94 -91.67 38.30
C THR J 19 67.07 -91.33 39.77
N LEU J 20 67.08 -90.04 40.12
CA LEU J 20 67.21 -89.59 41.51
C LEU J 20 68.49 -90.15 42.15
N GLY J 21 69.59 -90.06 41.41
CA GLY J 21 70.90 -90.40 41.97
C GLY J 21 71.79 -91.20 41.05
N GLY J 22 71.20 -92.05 40.22
CA GLY J 22 71.97 -92.80 39.24
C GLY J 22 71.55 -94.25 39.23
N LEU J 23 72.44 -95.08 38.71
CA LEU J 23 72.21 -96.52 38.58
C LEU J 23 72.39 -97.21 39.93
N PRO J 24 71.78 -98.38 40.12
CA PRO J 24 71.83 -99.02 41.44
C PRO J 24 73.25 -99.43 41.80
N THR J 25 73.59 -99.28 43.07
CA THR J 25 74.89 -99.69 43.57
C THR J 25 74.83 -101.16 43.99
N GLY J 26 75.74 -101.96 43.43
CA GLY J 26 75.82 -103.36 43.78
C GLY J 26 74.87 -104.26 43.03
N ARG J 27 74.19 -103.77 42.00
CA ARG J 27 73.31 -104.59 41.19
C ARG J 27 73.59 -104.35 39.72
N PRO J 28 73.46 -105.38 38.89
CA PRO J 28 73.65 -105.19 37.44
C PRO J 28 72.52 -104.37 36.82
N SER J 29 72.85 -103.68 35.74
CA SER J 29 71.89 -102.92 34.96
C SER J 29 72.04 -103.29 33.49
N LEU J 30 70.93 -103.25 32.77
CA LEU J 30 70.87 -103.67 31.37
C LEU J 30 70.54 -102.46 30.51
N VAL J 31 71.41 -102.17 29.56
CA VAL J 31 71.17 -101.12 28.55
C VAL J 31 70.94 -101.83 27.23
N CYS J 32 69.74 -101.68 26.68
CA CYS J 32 69.33 -102.40 25.48
C CYS J 32 69.13 -101.42 24.33
N GLY J 33 69.53 -101.83 23.14
CA GLY J 33 69.31 -101.03 21.96
C GLY J 33 69.73 -101.77 20.71
N SER J 34 69.31 -101.22 19.57
CA SER J 34 69.73 -101.73 18.28
C SER J 34 71.11 -101.18 17.94
N ALA J 35 71.56 -101.37 16.71
CA ALA J 35 72.89 -100.94 16.32
C ALA J 35 72.93 -99.42 16.16
N GLY J 36 73.95 -98.80 16.75
CA GLY J 36 74.14 -97.38 16.64
C GLY J 36 73.31 -96.55 17.60
N CYS J 37 72.64 -97.18 18.57
CA CYS J 37 71.78 -96.45 19.50
C CYS J 37 72.55 -95.80 20.64
N GLY J 38 73.84 -96.10 20.79
CA GLY J 38 74.65 -95.46 21.80
C GLY J 38 74.82 -96.24 23.08
N LYS J 39 74.43 -97.52 23.12
CA LYS J 39 74.49 -98.28 24.35
C LYS J 39 75.91 -98.66 24.77
N THR J 40 76.90 -98.46 23.89
CA THR J 40 78.29 -98.64 24.27
C THR J 40 78.89 -97.35 24.82
N LEU J 41 78.54 -96.22 24.21
CA LEU J 41 78.95 -94.94 24.76
C LEU J 41 78.37 -94.72 26.15
N PHE J 42 77.18 -95.24 26.41
CA PHE J 42 76.60 -95.14 27.74
C PHE J 42 77.49 -95.81 28.77
N ALA J 43 77.91 -97.05 28.51
CA ALA J 43 78.77 -97.77 29.45
C ALA J 43 80.13 -97.12 29.56
N SER J 44 80.69 -96.66 28.45
CA SER J 44 81.99 -95.98 28.49
C SER J 44 81.91 -94.73 29.35
N THR J 45 80.85 -93.94 29.18
CA THR J 45 80.65 -92.76 30.00
C THR J 45 80.49 -93.14 31.47
N PHE J 46 79.72 -94.18 31.74
CA PHE J 46 79.56 -94.64 33.12
C PHE J 46 80.92 -94.90 33.76
N LEU J 47 81.75 -95.71 33.09
CA LEU J 47 83.05 -96.06 33.66
C LEU J 47 83.94 -94.83 33.83
N ILE J 48 84.03 -94.00 32.78
CA ILE J 48 84.97 -92.89 32.79
C ILE J 48 84.56 -91.85 33.83
N ASN J 49 83.27 -91.50 33.87
CA ASN J 49 82.81 -90.53 34.86
C ASN J 49 82.94 -91.08 36.27
N GLY J 50 82.71 -92.38 36.45
CA GLY J 50 82.92 -92.97 37.76
C GLY J 50 84.36 -92.83 38.22
N VAL J 51 85.30 -93.14 37.33
CA VAL J 51 86.72 -93.04 37.72
C VAL J 51 87.11 -91.58 37.95
N ARG J 52 86.56 -90.65 37.17
CA ARG J 52 87.02 -89.27 37.26
C ARG J 52 86.41 -88.54 38.45
N ASP J 53 85.11 -88.70 38.68
CA ASP J 53 84.39 -87.91 39.67
C ASP J 53 84.27 -88.58 41.04
N HIS J 54 84.56 -89.88 41.13
CA HIS J 54 84.40 -90.58 42.41
C HIS J 54 85.57 -91.51 42.74
N GLY J 55 86.61 -91.56 41.93
CA GLY J 55 87.75 -92.42 42.22
C GLY J 55 87.38 -93.87 42.32
N GLU J 56 86.60 -94.36 41.36
CA GLU J 56 86.14 -95.75 41.32
C GLU J 56 86.76 -96.45 40.13
N PRO J 57 87.80 -97.27 40.34
CA PRO J 57 88.41 -97.99 39.22
C PRO J 57 87.38 -98.87 38.52
N GLY J 58 87.53 -98.98 37.20
CA GLY J 58 86.56 -99.68 36.38
C GLY J 58 87.21 -100.73 35.51
N VAL J 59 86.38 -101.69 35.10
CA VAL J 59 86.79 -102.77 34.21
C VAL J 59 85.80 -102.85 33.06
N PHE J 60 86.32 -102.99 31.84
CA PHE J 60 85.53 -103.07 30.62
C PHE J 60 85.81 -104.43 30.00
N VAL J 61 84.99 -105.41 30.31
CA VAL J 61 85.12 -106.75 29.74
C VAL J 61 84.42 -106.76 28.39
N THR J 62 85.15 -107.12 27.34
CA THR J 62 84.62 -107.16 25.99
C THR J 62 84.87 -108.55 25.43
N PHE J 63 83.84 -109.15 24.86
CA PHE J 63 83.93 -110.47 24.26
C PHE J 63 84.04 -110.38 22.74
N GLU J 64 83.92 -109.17 22.17
CA GLU J 64 83.85 -108.96 20.73
C GLU J 64 84.95 -108.04 20.21
N GLU J 65 84.98 -106.81 20.73
CA GLU J 65 85.87 -105.78 20.23
C GLU J 65 87.25 -105.89 20.90
N ARG J 66 88.23 -105.29 20.25
CA ARG J 66 89.59 -105.27 20.77
C ARG J 66 89.82 -104.02 21.62
N PRO J 67 90.75 -104.06 22.58
CA PRO J 67 90.93 -102.89 23.45
C PRO J 67 91.26 -101.62 22.71
N GLU J 68 92.10 -101.69 21.66
CA GLU J 68 92.46 -100.48 20.93
C GLU J 68 91.24 -99.89 20.23
N ASP J 69 90.38 -100.74 19.69
CA ASP J 69 89.15 -100.26 19.06
C ASP J 69 88.28 -99.51 20.07
N ILE J 70 88.14 -100.06 21.28
CA ILE J 70 87.35 -99.41 22.30
C ILE J 70 87.96 -98.06 22.65
N VAL J 71 89.28 -98.01 22.79
CA VAL J 71 89.95 -96.76 23.14
C VAL J 71 89.73 -95.72 22.06
N ASN J 72 89.85 -96.12 20.79
CA ASN J 72 89.74 -95.16 19.70
C ASN J 72 88.30 -94.72 19.46
N ASN J 73 87.32 -95.56 19.79
CA ASN J 73 85.93 -95.22 19.51
C ASN J 73 85.44 -94.03 20.31
N VAL J 74 86.15 -93.65 21.38
CA VAL J 74 85.74 -92.54 22.23
C VAL J 74 86.79 -91.43 22.26
N ALA J 75 87.82 -91.52 21.42
CA ALA J 75 88.86 -90.51 21.42
C ALA J 75 88.30 -89.14 21.03
N SER J 76 87.44 -89.11 20.02
CA SER J 76 86.90 -87.84 19.53
C SER J 76 86.00 -87.16 20.55
N LEU J 77 85.48 -87.89 21.53
CA LEU J 77 84.62 -87.30 22.54
C LEU J 77 85.42 -86.62 23.65
N GLY J 78 86.74 -86.68 23.61
CA GLY J 78 87.58 -86.04 24.60
C GLY J 78 87.99 -86.92 25.75
N PHE J 79 87.48 -88.14 25.83
CA PHE J 79 87.90 -89.05 26.90
C PHE J 79 89.35 -89.47 26.65
N GLU J 80 90.21 -89.20 27.62
CA GLU J 80 91.58 -89.65 27.55
C GLU J 80 91.69 -91.08 28.05
N LEU J 81 90.97 -91.99 27.41
CA LEU J 81 90.93 -93.36 27.89
C LEU J 81 92.31 -93.99 27.93
N ASP J 82 93.16 -93.67 26.95
CA ASP J 82 94.53 -94.17 26.98
C ASP J 82 95.26 -93.68 28.22
N LYS J 83 95.02 -92.42 28.62
CA LYS J 83 95.61 -91.93 29.86
C LYS J 83 95.20 -92.80 31.04
N LEU J 84 93.90 -93.01 31.20
CA LEU J 84 93.41 -93.75 32.35
C LEU J 84 93.97 -95.16 32.36
N ILE J 85 94.04 -95.79 31.19
CA ILE J 85 94.60 -97.14 31.12
C ILE J 85 96.08 -97.12 31.52
N GLU J 86 96.80 -96.08 31.11
CA GLU J 86 98.21 -95.96 31.51
C GLU J 86 98.32 -95.73 33.01
N GLU J 87 97.44 -94.90 33.58
CA GLU J 87 97.50 -94.58 35.00
C GLU J 87 97.05 -95.72 35.89
N GLU J 88 96.56 -96.82 35.33
CA GLU J 88 96.09 -97.98 36.09
C GLU J 88 94.82 -97.65 36.87
N LYS J 89 93.90 -96.94 36.24
CA LYS J 89 92.60 -96.63 36.82
C LYS J 89 91.45 -97.24 36.05
N ILE J 90 91.71 -97.85 34.89
CA ILE J 90 90.71 -98.59 34.14
C ILE J 90 91.43 -99.74 33.44
N ALA J 91 90.75 -100.89 33.35
CA ALA J 91 91.30 -102.07 32.70
C ALA J 91 90.31 -102.58 31.67
N ILE J 92 90.80 -102.85 30.47
CA ILE J 92 89.99 -103.42 29.38
C ILE J 92 90.42 -104.87 29.22
N GLU J 93 89.46 -105.77 29.38
CA GLU J 93 89.71 -107.21 29.34
C GLU J 93 88.98 -107.82 28.15
N HIS J 94 89.73 -108.55 27.32
CA HIS J 94 89.20 -109.20 26.13
C HIS J 94 89.09 -110.70 26.39
N ILE J 95 87.86 -111.20 26.48
CA ILE J 95 87.62 -112.63 26.65
C ILE J 95 87.08 -113.20 25.36
N ALA J 96 87.97 -113.70 24.51
CA ALA J 96 87.60 -114.18 23.19
C ALA J 96 87.04 -115.59 23.24
N VAL J 97 86.18 -115.90 22.27
CA VAL J 97 85.56 -117.22 22.13
C VAL J 97 85.71 -117.67 20.69
N ASP J 98 86.20 -118.90 20.50
CA ASP J 98 86.34 -119.48 19.16
C ASP J 98 85.05 -120.14 18.71
N PRO J 99 84.93 -120.44 17.42
CA PRO J 99 83.67 -121.06 16.95
C PRO J 99 83.30 -122.34 17.68
N SER J 100 84.26 -123.24 17.91
CA SER J 100 83.94 -124.48 18.63
C SER J 100 83.53 -124.19 20.07
N GLU J 101 84.13 -123.17 20.67
CA GLU J 101 83.84 -122.85 22.06
C GLU J 101 82.36 -122.57 22.28
N VAL J 102 81.73 -121.87 21.34
CA VAL J 102 80.40 -121.30 21.54
C VAL J 102 79.32 -122.18 20.94
N ALA J 103 79.62 -123.46 20.69
CA ALA J 103 78.69 -124.29 19.93
C ALA J 103 77.35 -124.46 20.62
N GLU J 104 77.32 -124.75 21.93
CA GLU J 104 76.08 -125.22 22.53
C GLU J 104 75.91 -124.67 23.96
N ILE J 105 74.89 -125.18 24.65
CA ILE J 105 74.62 -124.83 26.04
C ILE J 105 75.68 -125.41 26.95
N GLY J 106 76.04 -124.66 27.99
CA GLY J 106 76.95 -125.14 29.01
C GLY J 106 78.33 -125.40 28.49
N ASP J 107 78.59 -125.06 27.23
CA ASP J 107 79.89 -125.31 26.63
C ASP J 107 80.95 -124.49 27.33
N TYR J 108 80.64 -123.23 27.65
CA TYR J 108 81.57 -122.38 28.36
C TYR J 108 81.49 -122.68 29.86
N ASP J 109 82.66 -122.83 30.49
CA ASP J 109 82.72 -123.02 31.93
C ASP J 109 82.57 -121.67 32.58
N LEU J 110 81.33 -121.33 32.97
CA LEU J 110 81.08 -120.03 33.57
C LEU J 110 81.96 -119.79 34.79
N GLU J 111 82.25 -120.84 35.57
CA GLU J 111 83.18 -120.65 36.67
C GLU J 111 84.55 -120.24 36.15
N GLY J 112 84.97 -120.75 34.99
CA GLY J 112 86.21 -120.28 34.40
C GLY J 112 86.15 -118.79 34.12
N LEU J 113 85.03 -118.34 33.54
CA LEU J 113 84.84 -116.93 33.30
C LEU J 113 84.87 -116.16 34.62
N PHE J 114 84.24 -116.72 35.64
CA PHE J 114 84.20 -116.05 36.94
C PHE J 114 85.60 -115.90 37.52
N LEU J 115 86.44 -116.91 37.36
CA LEU J 115 87.82 -116.79 37.81
C LEU J 115 88.51 -115.63 37.11
N ARG J 116 88.42 -115.61 35.78
CA ARG J 116 89.06 -114.52 35.06
C ARG J 116 88.54 -113.15 35.45
N LEU J 117 87.23 -112.98 35.46
CA LEU J 117 86.68 -111.68 35.79
C LEU J 117 87.18 -111.24 37.15
N GLU J 118 87.39 -112.20 38.04
CA GLU J 118 87.88 -111.86 39.35
C GLU J 118 89.28 -111.29 39.25
N LEU J 119 90.13 -111.96 38.45
CA LEU J 119 91.49 -111.48 38.24
C LEU J 119 91.49 -110.04 37.77
N ALA J 120 90.67 -109.77 36.76
CA ALA J 120 90.61 -108.43 36.19
C ALA J 120 90.19 -107.42 37.24
N ILE J 121 89.18 -107.77 38.03
CA ILE J 121 88.69 -106.83 39.05
C ILE J 121 89.77 -106.54 40.08
N ASP J 122 90.48 -107.58 40.55
CA ASP J 122 91.47 -107.35 41.59
C ASP J 122 92.72 -106.65 41.06
N THR J 123 92.93 -106.64 39.74
CA THR J 123 94.04 -105.85 39.20
C THR J 123 93.91 -104.38 39.58
N VAL J 124 92.76 -103.79 39.26
CA VAL J 124 92.55 -102.35 39.48
C VAL J 124 91.75 -102.07 40.74
N GLY J 125 91.31 -103.09 41.46
CA GLY J 125 90.44 -102.89 42.60
C GLY J 125 89.14 -102.25 42.18
N ALA J 126 88.53 -102.82 41.15
CA ALA J 126 87.38 -102.19 40.51
C ALA J 126 86.21 -102.08 41.47
N LYS J 127 85.43 -101.02 41.27
CA LYS J 127 84.13 -100.86 41.91
C LYS J 127 83.01 -100.67 40.90
N ARG J 128 83.34 -100.57 39.61
CA ARG J 128 82.37 -100.55 38.52
C ARG J 128 82.86 -101.49 37.42
N VAL J 129 81.92 -102.16 36.76
CA VAL J 129 82.24 -103.12 35.70
C VAL J 129 81.26 -102.95 34.55
N VAL J 130 81.75 -103.16 33.34
CA VAL J 130 80.92 -103.20 32.14
C VAL J 130 81.15 -104.54 31.44
N LEU J 131 80.07 -105.25 31.16
CA LEU J 131 80.11 -106.46 30.34
C LEU J 131 79.48 -106.13 29.00
N ASP J 132 80.29 -106.14 27.94
CA ASP J 132 79.87 -105.72 26.62
C ASP J 132 79.91 -106.92 25.67
N THR J 133 78.84 -107.09 24.90
CA THR J 133 78.70 -108.22 24.00
C THR J 133 78.83 -109.54 24.76
N ILE J 134 77.88 -109.76 25.67
CA ILE J 134 77.70 -111.10 26.21
C ILE J 134 76.82 -111.97 25.32
N GLU J 135 76.31 -111.41 24.22
CA GLU J 135 75.52 -112.20 23.28
C GLU J 135 76.34 -113.33 22.67
N SER J 136 77.64 -113.12 22.48
CA SER J 136 78.48 -114.14 21.88
C SER J 136 78.39 -115.43 22.69
N LEU J 137 78.46 -115.32 24.01
CA LEU J 137 78.42 -116.50 24.86
C LEU J 137 77.01 -117.09 24.94
N PHE J 138 75.98 -116.25 25.09
CA PHE J 138 74.64 -116.72 25.40
C PHE J 138 73.74 -116.89 24.19
N SER J 139 74.18 -116.52 22.99
CA SER J 139 73.38 -116.84 21.81
C SER J 139 73.42 -118.33 21.52
N ALA J 140 74.41 -119.03 22.05
CA ALA J 140 74.52 -120.47 21.84
C ALA J 140 73.34 -121.20 22.46
N PHE J 141 73.02 -120.89 23.71
CA PHE J 141 71.97 -121.62 24.42
C PHE J 141 70.66 -121.58 23.65
N SER J 142 70.10 -122.76 23.37
CA SER J 142 68.91 -122.87 22.55
C SER J 142 67.71 -123.51 23.25
N ASN J 143 67.77 -123.71 24.57
CA ASN J 143 66.59 -124.11 25.32
C ASN J 143 66.20 -122.99 26.27
N PRO J 144 64.94 -122.52 26.24
CA PRO J 144 64.61 -121.31 27.03
C PRO J 144 64.93 -121.43 28.51
N ALA J 145 64.69 -122.59 29.12
CA ALA J 145 64.90 -122.74 30.56
C ALA J 145 66.38 -122.72 30.91
N ILE J 146 67.19 -123.46 30.15
CA ILE J 146 68.63 -123.55 30.45
C ILE J 146 69.27 -122.18 30.33
N LEU J 147 68.88 -121.41 29.31
CA LEU J 147 69.43 -120.08 29.13
C LEU J 147 69.07 -119.17 30.29
N ARG J 148 67.83 -119.21 30.75
CA ARG J 148 67.43 -118.36 31.88
C ARG J 148 68.20 -118.76 33.13
N ALA J 149 68.45 -120.06 33.31
CA ALA J 149 69.22 -120.50 34.47
C ALA J 149 70.64 -119.96 34.42
N GLU J 150 71.28 -120.02 33.24
CA GLU J 150 72.64 -119.52 33.13
C GLU J 150 72.71 -118.01 33.32
N ILE J 151 71.76 -117.27 32.75
CA ILE J 151 71.73 -115.83 32.93
C ILE J 151 71.58 -115.49 34.40
N ARG J 152 70.68 -116.21 35.10
CA ARG J 152 70.51 -115.99 36.52
C ARG J 152 71.78 -116.30 37.28
N ARG J 153 72.49 -117.35 36.89
CA ARG J 153 73.75 -117.68 37.54
C ARG J 153 74.73 -116.53 37.42
N LEU J 154 74.89 -115.99 36.22
CA LEU J 154 75.82 -114.88 36.01
C LEU J 154 75.41 -113.66 36.82
N PHE J 155 74.11 -113.32 36.80
CA PHE J 155 73.65 -112.15 37.52
C PHE J 155 73.83 -112.32 39.02
N ASP J 156 73.57 -113.52 39.55
CA ASP J 156 73.78 -113.77 40.96
C ASP J 156 75.23 -113.63 41.33
N TRP J 157 76.13 -114.16 40.50
CA TRP J 157 77.56 -114.00 40.78
C TRP J 157 77.95 -112.53 40.81
N LEU J 158 77.44 -111.75 39.86
CA LEU J 158 77.75 -110.32 39.85
C LEU J 158 77.21 -109.63 41.09
N LYS J 159 75.98 -109.97 41.49
CA LYS J 159 75.37 -109.31 42.65
C LYS J 159 76.09 -109.68 43.95
N GLU J 160 76.64 -110.89 44.03
CA GLU J 160 77.33 -111.30 45.25
C GLU J 160 78.52 -110.39 45.54
N ARG J 161 79.28 -110.03 44.50
CA ARG J 161 80.50 -109.25 44.69
C ARG J 161 80.23 -107.82 45.13
N GLY J 162 79.00 -107.33 44.95
CA GLY J 162 78.73 -105.93 45.21
C GLY J 162 79.42 -105.01 44.23
N LEU J 163 79.40 -105.35 42.95
CA LEU J 163 80.01 -104.56 41.89
C LEU J 163 78.91 -103.90 41.06
N THR J 164 78.98 -102.59 40.91
CA THR J 164 78.04 -101.87 40.06
C THR J 164 78.33 -102.23 38.61
N THR J 165 77.41 -102.94 37.97
CA THR J 165 77.63 -103.50 36.65
C THR J 165 76.64 -102.93 35.65
N VAL J 166 77.12 -102.75 34.42
CA VAL J 166 76.29 -102.36 33.28
C VAL J 166 76.50 -103.39 32.18
N ILE J 167 75.42 -103.97 31.70
CA ILE J 167 75.46 -105.01 30.67
C ILE J 167 74.77 -104.47 29.42
N THR J 168 75.48 -104.51 28.30
CA THR J 168 74.95 -104.03 27.03
C THR J 168 74.30 -105.17 26.28
N ALA J 169 73.06 -104.97 25.84
CA ALA J 169 72.27 -106.01 25.19
C ALA J 169 71.75 -105.49 23.86
N GLU J 170 71.59 -106.42 22.92
CA GLU J 170 71.20 -106.09 21.55
C GLU J 170 69.73 -106.41 21.35
N ARG J 171 68.99 -105.44 20.81
CA ARG J 171 67.54 -105.60 20.67
C ARG J 171 67.19 -106.67 19.64
N GLY J 172 67.92 -106.73 18.54
CA GLY J 172 67.55 -107.65 17.48
C GLY J 172 66.16 -107.34 16.96
N ASP J 173 65.31 -108.36 16.92
CA ASP J 173 63.92 -108.21 16.50
C ASP J 173 62.96 -108.13 17.68
N GLY J 174 63.49 -108.04 18.91
CA GLY J 174 62.65 -108.03 20.08
C GLY J 174 62.24 -106.64 20.50
N ALA J 175 61.32 -106.59 21.46
CA ALA J 175 60.93 -105.31 22.04
C ALA J 175 62.08 -104.69 22.83
N LEU J 176 62.76 -105.49 23.63
CA LEU J 176 63.87 -105.02 24.45
C LEU J 176 65.15 -105.80 24.22
N THR J 177 65.06 -107.12 24.05
CA THR J 177 66.25 -107.95 23.86
C THR J 177 65.91 -109.03 22.84
N ARG J 178 66.96 -109.51 22.17
CA ARG J 178 66.75 -110.49 21.10
C ARG J 178 66.14 -111.78 21.63
N GLN J 179 66.69 -112.31 22.73
CA GLN J 179 66.23 -113.59 23.26
C GLN J 179 65.11 -113.44 24.27
N GLY J 180 64.84 -112.24 24.76
CA GLY J 180 63.63 -111.96 25.50
C GLY J 180 63.60 -112.38 26.95
N LEU J 181 64.74 -112.59 27.59
CA LEU J 181 64.77 -113.06 28.96
C LEU J 181 65.58 -112.19 29.92
N GLU J 182 66.57 -111.44 29.44
CA GLU J 182 67.43 -110.69 30.34
C GLU J 182 66.66 -109.58 31.04
N GLU J 183 65.63 -109.03 30.40
CA GLU J 183 64.89 -107.90 30.98
C GLU J 183 64.06 -108.32 32.18
N TYR J 184 63.81 -109.61 32.34
CA TYR J 184 63.05 -110.13 33.47
C TYR J 184 63.95 -110.60 34.61
N VAL J 185 65.27 -110.50 34.46
CA VAL J 185 66.20 -110.91 35.50
C VAL J 185 66.90 -109.72 36.15
N SER J 186 67.08 -108.62 35.43
CA SER J 186 67.78 -107.47 35.98
C SER J 186 66.83 -106.61 36.80
N ASP J 187 67.42 -105.64 37.51
CA ASP J 187 66.66 -104.71 38.33
C ASP J 187 66.47 -103.36 37.66
N CYS J 188 67.39 -102.93 36.80
CA CYS J 188 67.27 -101.70 36.05
C CYS J 188 67.41 -102.02 34.57
N VAL J 189 66.43 -101.55 33.78
CA VAL J 189 66.42 -101.76 32.34
C VAL J 189 66.28 -100.39 31.69
N ILE J 190 67.21 -100.06 30.80
CA ILE J 190 67.22 -98.78 30.09
C ILE J 190 67.23 -99.06 28.61
N LEU J 191 66.24 -98.55 27.89
CA LEU J 191 66.11 -98.75 26.46
C LEU J 191 66.54 -97.48 25.72
N LEU J 192 67.46 -97.63 24.78
CA LEU J 192 67.88 -96.55 23.90
C LEU J 192 67.33 -96.81 22.51
N ASP J 193 66.75 -95.77 21.91
CA ASP J 193 66.01 -95.90 20.66
C ASP J 193 66.41 -94.79 19.70
N HIS J 194 66.34 -95.10 18.40
CA HIS J 194 66.70 -94.16 17.35
C HIS J 194 65.69 -94.36 16.21
N ARG J 195 64.64 -93.55 16.22
CA ARG J 195 63.52 -93.71 15.32
C ARG J 195 63.51 -92.61 14.26
N VAL J 196 62.99 -92.95 13.09
CA VAL J 196 62.92 -92.04 11.95
C VAL J 196 61.45 -91.72 11.68
N GLU J 197 61.14 -90.43 11.61
CA GLU J 197 59.80 -89.98 11.27
C GLU J 197 59.91 -88.78 10.35
N ASN J 198 59.26 -88.86 9.19
CA ASN J 198 59.32 -87.80 8.19
C ASN J 198 60.77 -87.49 7.81
N GLN J 199 61.61 -88.52 7.79
CA GLN J 199 63.02 -88.47 7.40
C GLN J 199 63.90 -87.84 8.46
N ILE J 200 63.38 -87.59 9.67
CA ILE J 200 64.17 -87.02 10.76
C ILE J 200 64.34 -88.08 11.84
N SER J 201 65.58 -88.30 12.26
CA SER J 201 65.89 -89.31 13.25
C SER J 201 66.04 -88.67 14.62
N THR J 202 65.51 -89.32 15.64
CA THR J 202 65.54 -88.83 17.00
C THR J 202 66.07 -89.90 17.94
N ARG J 203 67.08 -89.54 18.72
CA ARG J 203 67.54 -90.40 19.81
C ARG J 203 66.60 -90.23 21.00
N ARG J 204 66.14 -91.36 21.54
CA ARG J 204 65.25 -91.34 22.69
C ARG J 204 65.74 -92.32 23.75
N LEU J 205 65.40 -92.03 25.00
CA LEU J 205 65.83 -92.80 26.15
C LEU J 205 64.64 -93.09 27.03
N ARG J 206 64.64 -94.25 27.67
CA ARG J 206 63.55 -94.65 28.54
C ARG J 206 64.04 -95.61 29.60
N ILE J 207 63.53 -95.46 30.81
CA ILE J 207 63.81 -96.36 31.92
C ILE J 207 62.61 -97.28 32.05
N VAL J 208 62.72 -98.48 31.50
CA VAL J 208 61.59 -99.40 31.48
C VAL J 208 61.31 -99.95 32.87
N LYS J 209 62.37 -100.32 33.60
CA LYS J 209 62.25 -100.81 34.96
C LYS J 209 63.37 -100.25 35.81
N TYR J 210 63.05 -99.91 37.05
CA TYR J 210 64.07 -99.62 38.05
C TYR J 210 63.51 -99.98 39.41
N ARG J 211 63.74 -101.22 39.86
CA ARG J 211 63.19 -101.68 41.13
C ARG J 211 63.85 -100.96 42.29
N GLY J 212 63.04 -100.48 43.23
CA GLY J 212 63.53 -99.95 44.49
C GLY J 212 63.22 -98.49 44.76
N THR J 213 62.64 -97.75 43.82
CA THR J 213 62.43 -96.32 44.03
C THR J 213 61.60 -95.77 42.88
N ALA J 214 61.23 -94.50 43.00
CA ALA J 214 60.53 -93.80 41.95
C ALA J 214 61.49 -93.21 40.93
N HIS J 215 61.02 -93.05 39.70
CA HIS J 215 61.84 -92.49 38.63
C HIS J 215 60.92 -91.98 37.53
N GLY J 216 61.52 -91.32 36.55
CA GLY J 216 60.79 -90.90 35.38
C GLY J 216 60.41 -92.09 34.51
N THR J 217 59.25 -92.01 33.89
CA THR J 217 58.70 -93.11 33.11
C THR J 217 58.36 -92.73 31.67
N ASN J 218 58.71 -91.52 31.25
CA ASN J 218 58.44 -91.08 29.88
C ASN J 218 59.66 -91.33 29.00
N GLU J 219 59.52 -91.01 27.71
CA GLU J 219 60.62 -91.08 26.78
C GLU J 219 61.27 -89.71 26.68
N TYR J 220 62.58 -89.67 26.83
CA TYR J 220 63.32 -88.42 26.90
C TYR J 220 64.31 -88.31 25.75
N PRO J 221 64.05 -87.50 24.72
CA PRO J 221 65.04 -87.33 23.66
C PRO J 221 66.34 -86.79 24.21
N PHE J 222 67.45 -87.30 23.68
CA PHE J 222 68.77 -86.90 24.12
C PHE J 222 69.67 -86.67 22.92
N LEU J 223 70.92 -86.32 23.20
CA LEU J 223 71.86 -85.92 22.18
C LEU J 223 73.25 -86.46 22.52
N ILE J 224 73.91 -87.08 21.55
CA ILE J 224 75.32 -87.41 21.66
C ILE J 224 76.07 -86.33 20.89
N ASP J 225 76.91 -85.57 21.59
CA ASP J 225 77.49 -84.36 21.03
C ASP J 225 78.97 -84.37 21.41
N THR J 226 79.66 -83.26 21.22
CA THR J 226 81.11 -83.20 21.36
C THR J 226 81.59 -83.61 22.73
N ASP J 227 80.74 -83.53 23.77
CA ASP J 227 81.16 -83.84 25.12
C ASP J 227 80.56 -85.12 25.68
N GLY J 228 79.48 -85.64 25.09
CA GLY J 228 78.93 -86.92 25.49
C GLY J 228 77.43 -86.88 25.50
N PHE J 229 76.84 -87.81 26.24
CA PHE J 229 75.39 -87.90 26.37
C PHE J 229 74.85 -86.64 27.04
N SER J 230 73.73 -86.14 26.53
CA SER J 230 73.07 -84.97 27.10
C SER J 230 71.57 -85.21 27.11
N VAL J 231 70.97 -85.13 28.30
CA VAL J 231 69.52 -85.23 28.47
C VAL J 231 69.05 -83.96 29.16
N LEU J 232 68.11 -83.25 28.54
CA LEU J 232 67.49 -82.05 29.11
C LEU J 232 66.00 -82.31 29.22
N PRO J 233 65.57 -83.07 30.24
CA PRO J 233 64.17 -83.46 30.32
C PRO J 233 63.26 -82.25 30.51
N VAL J 234 62.07 -82.34 29.91
CA VAL J 234 61.07 -81.28 30.06
C VAL J 234 60.30 -81.38 31.37
N SER J 235 60.42 -82.50 32.08
CA SER J 235 59.74 -82.67 33.36
C SER J 235 60.49 -82.02 34.51
N ALA J 236 61.71 -81.54 34.29
CA ALA J 236 62.47 -80.85 35.32
C ALA J 236 62.19 -79.35 35.35
N LEU J 237 61.43 -78.84 34.40
CA LEU J 237 61.09 -77.42 34.36
C LEU J 237 59.95 -77.16 35.34
N GLY J 238 60.20 -76.29 36.31
CA GLY J 238 59.19 -75.84 37.23
C GLY J 238 58.70 -74.45 36.89
N LEU J 239 57.92 -73.90 37.82
CA LEU J 239 57.55 -72.49 37.79
C LEU J 239 57.98 -71.90 39.13
N LEU J 240 59.28 -71.64 39.25
CA LEU J 240 59.84 -70.94 40.39
C LEU J 240 60.85 -69.93 39.86
N HIS J 241 60.35 -68.77 39.45
CA HIS J 241 61.21 -67.69 38.99
C HIS J 241 61.39 -66.66 40.10
N GLN J 242 62.10 -65.59 39.75
CA GLN J 242 62.23 -64.42 40.60
C GLN J 242 61.76 -63.21 39.80
N VAL J 243 61.24 -62.21 40.50
CA VAL J 243 60.63 -61.07 39.83
C VAL J 243 61.41 -59.81 40.17
N HIS J 244 61.46 -58.91 39.19
CA HIS J 244 62.20 -57.67 39.28
C HIS J 244 61.26 -56.50 39.03
N GLU J 245 61.62 -55.33 39.55
CA GLU J 245 60.77 -54.16 39.44
C GLU J 245 61.26 -53.14 38.42
N GLU J 246 62.48 -53.29 37.88
CA GLU J 246 62.83 -52.41 36.77
C GLU J 246 62.08 -52.75 35.50
N ARG J 247 62.25 -51.86 34.54
CA ARG J 247 61.60 -51.93 33.25
C ARG J 247 62.65 -51.83 32.16
N ILE J 248 62.31 -52.35 30.99
CA ILE J 248 63.22 -52.40 29.84
C ILE J 248 62.66 -51.50 28.74
N ALA J 249 63.48 -50.58 28.26
CA ALA J 249 63.06 -49.69 27.19
C ALA J 249 63.07 -50.42 25.85
N SER J 250 62.13 -50.04 24.97
CA SER J 250 61.96 -50.69 23.69
C SER J 250 62.81 -50.08 22.57
N GLY J 251 63.35 -48.88 22.77
CA GLY J 251 63.94 -48.14 21.68
C GLY J 251 62.94 -47.38 20.84
N VAL J 252 61.65 -47.55 21.10
CA VAL J 252 60.59 -46.76 20.49
C VAL J 252 59.98 -45.93 21.60
N PRO J 253 60.37 -44.65 21.74
CA PRO J 253 59.88 -43.87 22.89
C PRO J 253 58.38 -43.73 22.91
N ASP J 254 57.73 -43.75 21.75
CA ASP J 254 56.27 -43.68 21.71
C ASP J 254 55.64 -44.92 22.34
N LEU J 255 56.19 -46.10 22.04
CA LEU J 255 55.62 -47.32 22.59
C LEU J 255 55.78 -47.40 24.10
N ASP J 256 56.94 -46.97 24.61
CA ASP J 256 57.15 -46.97 26.05
C ASP J 256 56.16 -46.06 26.76
N ALA J 257 55.76 -44.96 26.11
CA ALA J 257 54.78 -44.06 26.68
C ALA J 257 53.40 -44.68 26.81
N MET J 258 53.16 -45.81 26.15
CA MET J 258 51.87 -46.48 26.20
C MET J 258 51.72 -47.35 27.43
N MET J 259 52.74 -47.40 28.29
CA MET J 259 52.79 -48.29 29.43
C MET J 259 53.13 -47.49 30.67
N ALA J 260 52.46 -47.80 31.77
CA ALA J 260 52.81 -47.19 33.05
C ALA J 260 54.17 -47.68 33.50
N GLY J 261 55.00 -46.75 33.97
CA GLY J 261 56.31 -47.08 34.50
C GLY J 261 57.44 -47.04 33.49
N GLY J 262 57.13 -47.03 32.20
CA GLY J 262 58.14 -46.84 31.18
C GLY J 262 58.48 -48.05 30.32
N GLY J 263 57.71 -49.12 30.40
CA GLY J 263 57.94 -50.26 29.54
C GLY J 263 57.62 -51.57 30.25
N PHE J 264 57.95 -52.66 29.57
CA PHE J 264 57.74 -53.99 30.11
C PHE J 264 58.68 -54.26 31.29
N PHE J 265 58.31 -55.23 32.11
CA PHE J 265 59.20 -55.63 33.19
C PHE J 265 60.40 -56.37 32.61
N ARG J 266 61.47 -56.40 33.39
CA ARG J 266 62.77 -56.73 32.83
C ARG J 266 62.82 -58.17 32.35
N GLY J 267 62.61 -59.14 33.26
CA GLY J 267 62.81 -60.54 32.93
C GLY J 267 61.60 -61.17 32.30
N SER J 268 60.77 -60.34 31.66
CA SER J 268 59.50 -60.79 31.12
C SER J 268 59.71 -61.55 29.81
N SER J 269 58.63 -62.16 29.33
CA SER J 269 58.57 -62.80 28.03
C SER J 269 57.61 -62.02 27.16
N ILE J 270 58.09 -61.53 26.03
CA ILE J 270 57.33 -60.65 25.14
C ILE J 270 57.19 -61.33 23.80
N LEU J 271 55.96 -61.39 23.29
CA LEU J 271 55.66 -62.00 22.00
C LEU J 271 55.20 -60.91 21.05
N VAL J 272 55.87 -60.80 19.90
CA VAL J 272 55.48 -59.87 18.84
C VAL J 272 54.88 -60.69 17.71
N SER J 273 53.63 -60.39 17.37
CA SER J 273 52.88 -61.18 16.39
C SER J 273 52.39 -60.29 15.27
N GLY J 274 52.21 -60.89 14.10
CA GLY J 274 51.72 -60.15 12.96
C GLY J 274 51.92 -60.92 11.68
N VAL J 275 51.36 -60.36 10.60
CA VAL J 275 51.48 -60.89 9.25
C VAL J 275 52.81 -60.47 8.67
N ALA J 276 53.14 -61.01 7.49
CA ALA J 276 54.42 -60.76 6.85
C ALA J 276 54.47 -59.33 6.35
N GLY J 277 55.59 -58.66 6.60
CA GLY J 277 55.73 -57.24 6.31
C GLY J 277 55.24 -56.34 7.42
N ALA J 278 54.75 -56.91 8.53
CA ALA J 278 54.13 -56.11 9.56
C ALA J 278 55.13 -55.17 10.25
N GLY J 279 56.34 -55.65 10.49
CA GLY J 279 57.32 -54.88 11.23
C GLY J 279 57.86 -55.60 12.45
N LYS J 280 57.65 -56.92 12.51
CA LYS J 280 58.05 -57.69 13.67
C LYS J 280 59.56 -57.65 13.87
N SER J 281 60.31 -57.90 12.79
CA SER J 281 61.77 -57.91 12.89
C SER J 281 62.29 -56.53 13.27
N SER J 282 61.67 -55.47 12.74
CA SER J 282 62.12 -54.12 13.06
C SER J 282 61.98 -53.83 14.54
N LEU J 283 60.86 -54.22 15.15
CA LEU J 283 60.67 -53.98 16.58
C LEU J 283 61.69 -54.73 17.42
N ALA J 284 61.94 -56.00 17.08
CA ALA J 284 62.93 -56.78 17.80
C ALA J 284 64.31 -56.15 17.69
N ALA J 285 64.66 -55.69 16.49
CA ALA J 285 65.95 -55.04 16.30
C ALA J 285 66.03 -53.74 17.09
N HIS J 286 64.93 -52.99 17.17
CA HIS J 286 64.93 -51.80 17.99
C HIS J 286 65.19 -52.15 19.45
N PHE J 287 64.54 -53.21 19.94
CA PHE J 287 64.80 -53.68 21.30
C PHE J 287 66.28 -53.97 21.50
N ALA J 288 66.86 -54.78 20.61
CA ALA J 288 68.26 -55.17 20.75
C ALA J 288 69.19 -53.96 20.65
N ALA J 289 68.92 -53.06 19.70
CA ALA J 289 69.77 -51.90 19.50
C ALA J 289 69.73 -50.99 20.72
N ALA J 290 68.55 -50.80 21.31
CA ALA J 290 68.49 -50.03 22.54
C ALA J 290 69.26 -50.71 23.64
N ALA J 291 69.08 -52.03 23.80
CA ALA J 291 69.81 -52.75 24.85
C ALA J 291 71.31 -52.53 24.71
N CYS J 292 71.82 -52.62 23.48
CA CYS J 292 73.24 -52.40 23.27
C CYS J 292 73.61 -50.94 23.54
N ALA J 293 72.74 -50.01 23.17
CA ALA J 293 73.05 -48.59 23.33
C ALA J 293 73.22 -48.22 24.80
N ARG J 294 72.54 -48.92 25.70
CA ARG J 294 72.69 -48.68 27.13
C ARG J 294 73.93 -49.37 27.70
N GLY J 295 74.76 -49.99 26.86
CA GLY J 295 75.95 -50.67 27.31
C GLY J 295 75.77 -52.13 27.65
N GLU J 296 74.56 -52.65 27.56
CA GLU J 296 74.31 -54.06 27.87
C GLU J 296 74.67 -54.91 26.65
N ARG J 297 74.40 -56.21 26.73
CA ARG J 297 74.71 -57.16 25.67
C ARG J 297 73.42 -57.82 25.19
N ALA J 298 73.35 -58.09 23.89
CA ALA J 298 72.16 -58.65 23.27
C ALA J 298 72.54 -59.78 22.33
N MET J 299 71.64 -60.78 22.23
CA MET J 299 71.82 -61.88 21.30
C MET J 299 70.56 -61.94 20.47
N TYR J 300 70.68 -62.04 19.15
CA TYR J 300 69.53 -62.03 18.25
C TYR J 300 69.63 -63.24 17.33
N PHE J 301 68.77 -64.23 17.57
CA PHE J 301 68.77 -65.48 16.82
C PHE J 301 67.76 -65.36 15.69
N SER J 302 68.25 -65.25 14.46
CA SER J 302 67.40 -65.22 13.28
C SER J 302 67.45 -66.58 12.62
N PHE J 303 66.30 -67.05 12.18
CA PHE J 303 66.19 -68.34 11.50
C PHE J 303 65.76 -68.19 10.06
N GLU J 304 65.64 -66.97 9.55
CA GLU J 304 65.22 -66.85 8.17
C GLU J 304 65.99 -65.82 7.36
N GLU J 305 66.88 -65.04 7.96
CA GLU J 305 67.66 -64.05 7.23
C GLU J 305 69.12 -64.14 7.63
N ALA J 306 70.00 -63.73 6.72
CA ALA J 306 71.43 -63.76 6.95
C ALA J 306 71.88 -62.50 7.71
N ALA J 307 73.13 -62.55 8.19
CA ALA J 307 73.65 -61.46 9.02
C ALA J 307 73.88 -60.19 8.22
N ASP J 308 74.57 -60.29 7.09
CA ASP J 308 74.79 -59.09 6.29
C ASP J 308 73.47 -58.54 5.75
N GLN J 309 72.58 -59.42 5.32
CA GLN J 309 71.29 -58.98 4.79
C GLN J 309 70.45 -58.32 5.87
N ALA J 310 70.44 -58.90 7.08
CA ALA J 310 69.68 -58.29 8.17
C ALA J 310 70.24 -56.93 8.52
N VAL J 311 71.57 -56.80 8.54
CA VAL J 311 72.18 -55.52 8.85
C VAL J 311 71.79 -54.48 7.80
N ARG J 312 71.87 -54.85 6.52
CA ARG J 312 71.48 -53.91 5.48
C ARG J 312 70.01 -53.52 5.61
N ASN J 313 69.14 -54.52 5.86
CA ASN J 313 67.70 -54.24 5.94
C ASN J 313 67.39 -53.31 7.11
N MET J 314 68.03 -53.53 8.27
CA MET J 314 67.80 -52.67 9.40
C MET J 314 68.44 -51.29 9.22
N ARG J 315 69.47 -51.17 8.36
CA ARG J 315 70.11 -49.87 8.17
C ARG J 315 69.16 -48.83 7.59
N SER J 316 68.20 -49.27 6.76
CA SER J 316 67.26 -48.34 6.17
C SER J 316 66.30 -47.76 7.19
N LEU J 317 66.08 -48.45 8.31
CA LEU J 317 65.22 -47.96 9.37
C LEU J 317 65.98 -47.10 10.37
N GLY J 318 67.22 -46.74 10.08
CA GLY J 318 68.00 -45.87 10.93
C GLY J 318 68.76 -46.57 12.04
N LEU J 319 68.53 -47.86 12.24
CA LEU J 319 69.30 -48.60 13.22
C LEU J 319 70.71 -48.85 12.69
N ASP J 320 71.65 -49.01 13.61
CA ASP J 320 73.02 -49.36 13.28
C ASP J 320 73.37 -50.62 14.06
N LEU J 321 72.98 -51.76 13.51
CA LEU J 321 73.31 -53.03 14.14
C LEU J 321 74.77 -53.38 13.93
N GLY J 322 75.38 -52.84 12.86
CA GLY J 322 76.79 -53.11 12.63
C GLY J 322 77.69 -52.47 13.66
N ARG J 323 77.37 -51.25 14.09
CA ARG J 323 78.16 -50.61 15.15
C ARG J 323 78.25 -51.51 16.37
N TRP J 324 77.14 -52.15 16.73
CA TRP J 324 77.09 -52.94 17.95
C TRP J 324 77.76 -54.30 17.78
N ARG J 325 77.71 -54.86 16.57
CA ARG J 325 78.48 -56.07 16.29
C ARG J 325 79.98 -55.79 16.38
N ASP J 326 80.42 -54.68 15.77
CA ASP J 326 81.84 -54.33 15.79
C ASP J 326 82.32 -53.93 17.18
N ALA J 327 81.41 -53.55 18.07
CA ALA J 327 81.76 -53.16 19.42
C ALA J 327 81.70 -54.31 20.42
N GLY J 328 81.38 -55.52 19.95
CA GLY J 328 81.31 -56.66 20.84
C GLY J 328 80.20 -56.55 21.88
N LEU J 329 79.04 -56.03 21.48
CA LEU J 329 77.90 -55.93 22.37
C LEU J 329 76.64 -56.57 21.79
N LEU J 330 76.69 -57.05 20.55
CA LEU J 330 75.55 -57.71 19.92
C LEU J 330 76.06 -58.90 19.13
N ARG J 331 75.59 -60.09 19.49
CA ARG J 331 75.89 -61.31 18.76
C ARG J 331 74.68 -61.68 17.93
N PHE J 332 74.86 -61.77 16.61
CA PHE J 332 73.80 -62.00 15.65
C PHE J 332 74.00 -63.39 15.05
N MET J 333 73.16 -64.33 15.43
CA MET J 333 73.35 -65.70 15.01
C MET J 333 72.24 -66.10 14.04
N ALA J 334 72.62 -66.67 12.91
CA ALA J 334 71.68 -67.03 11.86
C ALA J 334 71.89 -68.49 11.47
N THR J 335 70.82 -69.28 11.56
CA THR J 335 70.87 -70.70 11.19
C THR J 335 69.48 -71.13 10.75
N ARG J 336 69.42 -71.89 9.66
CA ARG J 336 68.14 -72.37 9.16
C ARG J 336 67.56 -73.40 10.12
N PRO J 337 66.22 -73.53 10.17
CA PRO J 337 65.63 -74.54 11.05
C PRO J 337 66.01 -75.96 10.71
N THR J 338 66.43 -76.22 9.47
CA THR J 338 66.79 -77.57 9.03
C THR J 338 68.27 -77.88 9.23
N PHE J 339 69.05 -76.95 9.77
CA PHE J 339 70.47 -77.19 9.96
C PHE J 339 70.73 -78.17 11.10
N TYR J 340 69.87 -78.16 12.11
CA TYR J 340 70.04 -78.99 13.30
C TYR J 340 68.76 -79.76 13.59
N SER J 341 68.86 -80.67 14.55
CA SER J 341 67.69 -81.32 15.11
C SER J 341 67.17 -80.51 16.29
N LEU J 342 65.90 -80.73 16.62
CA LEU J 342 65.27 -79.92 17.66
C LEU J 342 66.05 -79.96 18.97
N GLU J 343 66.72 -81.08 19.24
CA GLU J 343 67.53 -81.16 20.46
C GLU J 343 68.77 -80.29 20.36
N MET J 344 69.47 -80.37 19.24
CA MET J 344 70.70 -79.63 19.08
C MET J 344 70.47 -78.14 18.93
N HIS J 345 69.33 -77.74 18.34
CA HIS J 345 68.98 -76.32 18.33
C HIS J 345 68.96 -75.77 19.74
N LEU J 346 68.21 -76.44 20.63
CA LEU J 346 68.14 -76.03 22.02
C LEU J 346 69.53 -76.05 22.65
N ALA J 347 70.30 -77.11 22.42
CA ALA J 347 71.62 -77.20 23.04
C ALA J 347 72.50 -76.02 22.65
N VAL J 348 72.52 -75.69 21.36
CA VAL J 348 73.36 -74.60 20.88
C VAL J 348 72.89 -73.27 21.46
N ILE J 349 71.57 -73.05 21.46
CA ILE J 349 71.06 -71.78 21.97
C ILE J 349 71.44 -71.61 23.43
N LEU J 350 71.23 -72.66 24.24
CA LEU J 350 71.55 -72.55 25.65
C LEU J 350 73.04 -72.32 25.88
N ARG J 351 73.89 -73.07 25.17
CA ARG J 351 75.34 -72.92 25.33
C ARG J 351 75.77 -71.48 25.00
N GLU J 352 75.31 -70.98 23.85
CA GLU J 352 75.69 -69.64 23.43
C GLU J 352 75.19 -68.59 24.41
N VAL J 353 73.96 -68.74 24.92
CA VAL J 353 73.42 -67.78 25.87
C VAL J 353 74.27 -67.79 27.13
N MET J 354 74.66 -68.98 27.58
CA MET J 354 75.54 -69.10 28.73
C MET J 354 76.81 -68.29 28.56
N ARG J 355 77.51 -68.51 27.45
CA ARG J 355 78.84 -67.94 27.30
C ARG J 355 78.81 -66.41 27.30
N PHE J 356 77.98 -65.83 26.43
CA PHE J 356 77.98 -64.37 26.27
C PHE J 356 77.40 -63.67 27.49
N GLU J 357 76.44 -64.31 28.18
CA GLU J 357 75.73 -63.70 29.30
C GLU J 357 74.99 -62.45 28.83
N PRO J 358 73.98 -62.63 27.99
CA PRO J 358 73.24 -61.48 27.46
C PRO J 358 72.30 -60.88 28.49
N SER J 359 71.74 -59.72 28.12
CA SER J 359 70.62 -59.12 28.82
C SER J 359 69.32 -59.23 28.06
N VAL J 360 69.37 -59.21 26.74
CA VAL J 360 68.20 -59.35 25.87
C VAL J 360 68.51 -60.44 24.85
N VAL J 361 67.59 -61.39 24.71
CA VAL J 361 67.68 -62.44 23.71
C VAL J 361 66.43 -62.39 22.86
N VAL J 362 66.62 -62.38 21.55
CA VAL J 362 65.52 -62.34 20.60
C VAL J 362 65.56 -63.61 19.76
N LEU J 363 64.39 -64.18 19.52
CA LEU J 363 64.23 -65.32 18.61
C LEU J 363 63.27 -64.90 17.51
N ASP J 364 63.75 -64.89 16.27
CA ASP J 364 62.97 -64.36 15.16
C ASP J 364 63.03 -65.27 13.93
N PRO J 365 61.93 -65.95 13.57
CA PRO J 365 60.65 -66.09 14.27
C PRO J 365 60.49 -67.43 14.99
N ILE J 366 59.64 -67.44 16.01
CA ILE J 366 59.36 -68.67 16.74
C ILE J 366 58.57 -69.65 15.89
N SER J 367 57.89 -69.18 14.85
CA SER J 367 57.03 -70.01 14.04
C SER J 367 57.78 -70.73 12.92
N ALA J 368 59.10 -70.56 12.83
CA ALA J 368 59.86 -71.21 11.78
C ALA J 368 60.04 -72.70 12.01
N PHE J 369 59.86 -73.18 13.24
CA PHE J 369 60.12 -74.57 13.59
C PHE J 369 58.88 -75.46 13.48
N THR J 370 57.79 -74.97 12.88
CA THR J 370 56.54 -75.73 12.88
C THR J 370 56.70 -77.05 12.13
N GLU J 371 57.38 -77.03 10.98
CA GLU J 371 57.57 -78.23 10.16
C GLU J 371 58.83 -79.00 10.49
N SER J 372 59.57 -78.61 11.54
CA SER J 372 60.76 -79.33 11.94
C SER J 372 60.45 -80.53 12.85
N GLY J 373 59.18 -80.73 13.21
CA GLY J 373 58.82 -81.84 14.05
C GLY J 373 57.33 -81.82 14.35
N ASP J 374 56.94 -82.63 15.32
CA ASP J 374 55.56 -82.62 15.77
C ASP J 374 55.29 -81.38 16.61
N ARG J 375 54.00 -81.06 16.76
CA ARG J 375 53.61 -79.87 17.52
C ARG J 375 54.10 -79.96 18.95
N LEU J 376 53.99 -81.14 19.57
CA LEU J 376 54.35 -81.28 20.98
C LEU J 376 55.86 -81.31 21.19
N GLU J 377 56.63 -81.69 20.16
CA GLU J 377 58.08 -81.62 20.23
C GLU J 377 58.61 -80.21 20.12
N VAL J 378 58.07 -79.44 19.19
CA VAL J 378 58.49 -78.06 19.03
C VAL J 378 58.04 -77.24 20.22
N GLN J 379 56.85 -77.56 20.74
CA GLN J 379 56.39 -76.91 21.97
C GLN J 379 57.32 -77.23 23.13
N SER J 380 57.77 -78.49 23.25
CA SER J 380 58.70 -78.84 24.31
C SER J 380 60.00 -78.04 24.19
N MET J 381 60.55 -77.98 22.98
CA MET J 381 61.78 -77.22 22.77
C MET J 381 61.61 -75.76 23.16
N LEU J 382 60.54 -75.13 22.66
CA LEU J 382 60.33 -73.73 22.91
C LEU J 382 60.07 -73.45 24.38
N LEU J 383 59.31 -74.34 25.05
CA LEU J 383 59.08 -74.20 26.48
C LEU J 383 60.38 -74.27 27.26
N ARG J 384 61.26 -75.19 26.89
CA ARG J 384 62.55 -75.27 27.57
C ARG J 384 63.37 -74.01 27.35
N ILE J 385 63.34 -73.47 26.13
CA ILE J 385 64.07 -72.22 25.86
C ILE J 385 63.52 -71.11 26.75
N VAL J 386 62.20 -70.98 26.81
CA VAL J 386 61.57 -69.91 27.57
C VAL J 386 61.91 -70.04 29.05
N ASP J 387 61.81 -71.25 29.59
CA ASP J 387 62.12 -71.45 31.00
C ASP J 387 63.58 -71.13 31.29
N PHE J 388 64.50 -71.57 30.43
CA PHE J 388 65.91 -71.27 30.65
C PHE J 388 66.14 -69.77 30.66
N LEU J 389 65.53 -69.05 29.72
CA LEU J 389 65.71 -67.60 29.68
C LEU J 389 65.13 -66.95 30.92
N LYS J 390 63.96 -67.40 31.38
CA LYS J 390 63.29 -66.72 32.47
C LYS J 390 63.95 -67.00 33.82
N ASN J 391 64.55 -68.18 33.99
CA ASN J 391 65.22 -68.49 35.25
C ASN J 391 66.48 -67.66 35.48
N ARG J 392 66.97 -66.97 34.45
CA ARG J 392 68.19 -66.19 34.55
C ARG J 392 67.97 -64.68 34.50
N GLY J 393 66.71 -64.24 34.42
CA GLY J 393 66.45 -62.83 34.33
C GLY J 393 66.74 -62.21 32.98
N ILE J 394 66.83 -63.03 31.94
CA ILE J 394 67.09 -62.55 30.59
C ILE J 394 65.76 -62.24 29.93
N THR J 395 65.67 -61.08 29.29
CA THR J 395 64.45 -60.67 28.61
C THR J 395 64.38 -61.33 27.24
N GLY J 396 63.30 -62.06 26.99
CA GLY J 396 63.13 -62.75 25.73
C GLY J 396 62.10 -62.11 24.83
N ILE J 397 62.51 -61.74 23.63
CA ILE J 397 61.63 -61.17 22.62
C ILE J 397 61.44 -62.22 21.54
N PHE J 398 60.21 -62.72 21.41
CA PHE J 398 59.89 -63.76 20.45
C PHE J 398 58.96 -63.18 19.38
N THR J 399 59.35 -63.34 18.11
CA THR J 399 58.53 -62.90 16.99
C THR J 399 57.80 -64.09 16.40
N HIS J 400 56.51 -63.92 16.14
CA HIS J 400 55.64 -64.99 15.67
C HIS J 400 54.78 -64.46 14.53
N LEU J 401 54.59 -65.29 13.50
CA LEU J 401 53.77 -64.90 12.38
C LEU J 401 52.32 -65.29 12.63
N ALA J 402 51.42 -64.33 12.39
CA ALA J 402 49.99 -64.54 12.63
C ALA J 402 49.35 -65.27 11.46
N HIS J 403 48.49 -66.24 11.80
CA HIS J 403 47.64 -67.00 10.88
C HIS J 403 47.32 -68.35 11.49
N GLY J 413 49.87 -71.99 21.57
CA GLY J 413 50.91 -72.71 22.28
C GLY J 413 52.06 -71.77 22.63
N LEU J 414 52.32 -71.61 23.91
CA LEU J 414 53.34 -70.74 24.52
C LEU J 414 52.91 -69.28 24.48
N GLU J 415 51.77 -68.97 23.86
CA GLU J 415 51.19 -67.64 23.97
C GLU J 415 50.83 -67.36 25.42
N GLU J 416 50.33 -68.40 26.07
CA GLU J 416 49.88 -68.37 27.46
C GLU J 416 50.98 -68.03 28.43
N LEU J 417 52.24 -68.34 28.09
CA LEU J 417 53.37 -68.15 28.98
C LEU J 417 54.04 -66.80 28.78
N MET J 418 53.37 -65.87 28.10
CA MET J 418 53.94 -64.59 27.73
C MET J 418 53.40 -63.50 28.65
N ASP J 419 54.32 -62.65 29.13
CA ASP J 419 53.91 -61.56 30.01
C ASP J 419 53.37 -60.38 29.21
N GLY J 420 54.01 -60.05 28.08
CA GLY J 420 53.51 -59.05 27.18
C GLY J 420 53.20 -59.62 25.81
N TRP J 421 52.35 -58.92 25.05
CA TRP J 421 52.00 -59.35 23.70
C TRP J 421 51.72 -58.11 22.87
N VAL J 422 52.51 -57.90 21.82
CA VAL J 422 52.36 -56.78 20.92
C VAL J 422 51.90 -57.33 19.57
N LEU J 423 50.70 -56.96 19.15
CA LEU J 423 50.15 -57.38 17.87
C LEU J 423 50.28 -56.23 16.88
N MET J 424 50.91 -56.53 15.74
CA MET J 424 51.17 -55.54 14.70
C MET J 424 50.32 -55.86 13.48
N LEU J 425 49.60 -54.86 12.99
CA LEU J 425 48.64 -55.04 11.91
C LEU J 425 49.06 -54.23 10.69
N ASN J 426 48.72 -54.75 9.51
CA ASN J 426 48.91 -54.07 8.23
C ASN J 426 47.71 -54.45 7.36
N ARG J 427 46.67 -53.62 7.39
CA ARG J 427 45.39 -53.96 6.82
C ARG J 427 45.05 -53.03 5.65
N GLU J 428 44.10 -53.47 4.82
CA GLU J 428 43.66 -52.73 3.65
C GLU J 428 42.36 -52.01 3.97
N VAL J 429 42.40 -50.68 3.87
CA VAL J 429 41.19 -49.87 3.91
C VAL J 429 41.37 -48.74 2.90
N ASN J 430 40.38 -48.55 2.04
CA ASN J 430 40.37 -47.41 1.10
C ASN J 430 41.51 -47.51 0.10
N GLY J 431 41.77 -48.71 -0.41
CA GLY J 431 42.78 -48.88 -1.44
C GLY J 431 44.18 -48.54 -0.99
N GLU J 432 44.49 -48.80 0.28
CA GLU J 432 45.84 -48.59 0.81
C GLU J 432 45.99 -49.48 2.02
N PHE J 433 47.24 -49.78 2.35
CA PHE J 433 47.56 -50.60 3.51
C PHE J 433 48.19 -49.73 4.59
N ASN J 434 47.58 -49.73 5.76
CA ASN J 434 48.00 -48.91 6.88
C ASN J 434 48.49 -49.78 8.03
N ARG J 435 49.59 -49.36 8.65
CA ARG J 435 50.18 -50.09 9.75
C ARG J 435 49.56 -49.65 11.08
N GLU J 436 49.45 -50.61 11.99
CA GLU J 436 48.87 -50.37 13.31
C GLU J 436 49.50 -51.35 14.28
N LEU J 437 49.32 -51.06 15.57
CA LEU J 437 49.81 -51.96 16.61
C LEU J 437 49.07 -51.67 17.91
N TYR J 438 48.83 -52.71 18.69
CA TYR J 438 48.25 -52.56 20.01
C TYR J 438 48.82 -53.61 20.95
N LEU J 439 48.68 -53.34 22.24
CA LEU J 439 49.20 -54.21 23.30
C LEU J 439 48.07 -55.14 23.73
N LEU J 440 48.09 -56.37 23.22
CA LEU J 440 47.08 -57.34 23.59
C LEU J 440 47.14 -57.66 25.07
N LYS J 441 48.35 -57.81 25.60
CA LYS J 441 48.54 -58.23 26.97
C LYS J 441 49.77 -57.54 27.53
N ALA J 442 49.63 -57.06 28.76
CA ALA J 442 50.78 -56.60 29.51
C ALA J 442 50.50 -56.78 30.99
N ARG J 443 50.90 -57.92 31.54
CA ARG J 443 50.54 -58.26 32.90
C ARG J 443 51.34 -57.45 33.90
N GLY J 444 50.66 -57.03 34.96
CA GLY J 444 51.30 -56.33 36.05
C GLY J 444 51.35 -54.82 35.91
N MET J 445 50.61 -54.24 34.96
CA MET J 445 50.83 -52.84 34.67
C MET J 445 49.55 -52.28 34.06
N ALA J 446 49.46 -50.97 34.01
CA ALA J 446 48.43 -50.29 33.25
C ALA J 446 48.99 -49.80 31.92
N HIS J 447 48.22 -50.00 30.85
CA HIS J 447 48.67 -49.63 29.51
C HIS J 447 47.49 -49.15 28.68
N SER J 448 47.81 -48.47 27.58
CA SER J 448 46.78 -47.94 26.69
C SER J 448 46.02 -49.06 26.01
N ASN J 449 44.75 -48.79 25.71
CA ASN J 449 43.87 -49.73 25.01
C ASN J 449 43.51 -49.22 23.62
N GLN J 450 44.40 -48.45 23.01
CA GLN J 450 44.16 -47.85 21.71
C GLN J 450 44.90 -48.61 20.61
N VAL J 451 44.23 -48.79 19.48
CA VAL J 451 44.85 -49.38 18.29
C VAL J 451 45.48 -48.22 17.53
N ARG J 452 46.76 -47.98 17.80
CA ARG J 452 47.44 -46.81 17.29
C ARG J 452 48.09 -47.10 15.94
N GLU J 453 48.11 -46.09 15.09
CA GLU J 453 48.71 -46.17 13.77
C GLU J 453 50.12 -45.60 13.82
N PHE J 454 51.05 -46.24 13.12
CA PHE J 454 52.44 -45.83 13.13
C PHE J 454 52.99 -45.85 11.71
N LEU J 455 54.18 -45.29 11.56
CA LEU J 455 54.87 -45.25 10.28
C LEU J 455 56.31 -45.67 10.48
N MET J 456 56.89 -46.24 9.43
CA MET J 456 58.31 -46.53 9.37
C MET J 456 59.00 -45.48 8.53
N SER J 457 60.27 -45.24 8.85
CA SER J 457 61.03 -44.22 8.13
C SER J 457 62.50 -44.43 8.46
N ASP J 458 63.32 -43.49 7.97
CA ASP J 458 64.73 -43.48 8.32
C ASP J 458 64.95 -43.20 9.80
N ARG J 459 63.91 -42.78 10.51
CA ARG J 459 63.98 -42.44 11.93
C ARG J 459 63.42 -43.54 12.82
N GLY J 460 63.11 -44.70 12.25
CA GLY J 460 62.57 -45.80 13.02
C GLY J 460 61.07 -45.84 12.99
N ILE J 461 60.47 -46.39 14.05
CA ILE J 461 59.02 -46.50 14.15
C ILE J 461 58.50 -45.29 14.92
N SER J 462 57.62 -44.52 14.28
CA SER J 462 57.00 -43.36 14.89
C SER J 462 55.49 -43.57 14.94
N LEU J 463 54.91 -43.37 16.12
CA LEU J 463 53.48 -43.51 16.31
C LEU J 463 52.81 -42.16 16.12
N LEU J 464 51.75 -42.14 15.33
CA LEU J 464 51.07 -40.90 15.00
C LEU J 464 50.15 -40.49 16.14
N PRO J 465 49.81 -39.20 16.24
CA PRO J 465 48.94 -38.76 17.31
C PRO J 465 47.62 -39.49 17.28
N PRO J 466 47.01 -39.73 18.43
CA PRO J 466 45.74 -40.47 18.46
C PRO J 466 44.66 -39.76 17.66
N HIS J 467 43.63 -40.53 17.30
CA HIS J 467 42.57 -40.05 16.45
C HIS J 467 41.43 -39.52 17.30
N LEU J 468 41.06 -38.26 17.08
CA LEU J 468 39.97 -37.65 17.84
C LEU J 468 38.89 -37.21 16.86
N GLY J 469 37.75 -37.86 16.95
CA GLY J 469 36.59 -37.49 16.16
C GLY J 469 35.42 -38.32 16.64
N GLU J 470 34.22 -37.82 16.36
CA GLU J 470 33.05 -38.51 16.87
C GLU J 470 32.94 -39.89 16.24
N GLY J 471 33.25 -40.00 14.96
CA GLY J 471 33.30 -41.30 14.32
C GLY J 471 34.51 -42.13 14.76
N GLY J 472 35.69 -41.53 14.69
CA GLY J 472 36.91 -42.22 15.06
C GLY J 472 37.25 -43.35 14.12
N ALA J 473 38.32 -44.09 14.45
CA ALA J 473 38.67 -45.32 13.73
C ALA J 473 38.90 -45.08 12.24
N LEU J 474 39.55 -43.97 11.91
CA LEU J 474 39.98 -43.69 10.55
C LEU J 474 41.50 -43.56 10.51
N THR J 475 42.10 -44.12 9.47
CA THR J 475 43.54 -44.20 9.36
C THR J 475 43.99 -43.72 7.98
N GLY J 476 45.22 -43.22 7.92
CA GLY J 476 45.84 -42.89 6.66
C GLY J 476 45.19 -41.73 5.95
N THR J 477 44.78 -41.95 4.70
CA THR J 477 44.22 -40.87 3.89
C THR J 477 42.82 -40.49 4.34
N ALA J 478 42.02 -41.46 4.78
CA ALA J 478 40.67 -41.15 5.24
C ALA J 478 40.69 -40.17 6.40
N ARG J 479 41.73 -40.24 7.24
CA ARG J 479 41.84 -39.31 8.35
C ARG J 479 41.96 -37.88 7.85
N LYS J 480 42.84 -37.66 6.86
CA LYS J 480 42.99 -36.31 6.31
C LYS J 480 41.71 -35.84 5.62
N ALA J 481 41.05 -36.75 4.92
CA ALA J 481 39.80 -36.40 4.26
C ALA J 481 38.76 -35.94 5.27
N GLU J 482 38.65 -36.64 6.40
CA GLU J 482 37.68 -36.24 7.41
C GLU J 482 38.08 -34.94 8.09
N GLU J 483 39.37 -34.72 8.29
CA GLU J 483 39.81 -33.43 8.82
C GLU J 483 39.38 -32.29 7.90
N ALA J 484 39.57 -32.48 6.60
CA ALA J 484 39.15 -31.47 5.63
C ALA J 484 37.65 -31.27 5.67
N ARG J 485 36.89 -32.36 5.75
CA ARG J 485 35.43 -32.25 5.80
C ARG J 485 34.97 -31.48 7.04
N LEU J 486 35.60 -31.76 8.18
CA LEU J 486 35.26 -31.04 9.41
C LEU J 486 35.55 -29.55 9.28
N ARG J 487 36.72 -29.22 8.69
CA ARG J 487 37.04 -27.82 8.48
C ARG J 487 36.00 -27.15 7.58
N ARG J 488 35.59 -27.83 6.51
CA ARG J 488 34.60 -27.27 5.61
C ARG J 488 33.27 -27.03 6.33
N ALA J 489 32.83 -27.98 7.15
CA ALA J 489 31.59 -27.81 7.89
C ALA J 489 31.68 -26.63 8.85
N GLU J 490 32.81 -26.49 9.53
CA GLU J 490 32.99 -25.36 10.43
C GLU J 490 32.91 -24.04 9.68
N ILE J 491 33.53 -23.96 8.51
CA ILE J 491 33.47 -22.74 7.72
C ILE J 491 32.03 -22.45 7.31
N GLU J 492 31.30 -23.48 6.90
CA GLU J 492 29.90 -23.30 6.52
C GLU J 492 29.08 -22.71 7.66
N ARG J 493 29.21 -23.29 8.86
CA ARG J 493 28.45 -22.79 10.00
C ARG J 493 28.84 -21.35 10.33
N GLN J 494 30.14 -21.04 10.26
CA GLN J 494 30.57 -19.68 10.54
C GLN J 494 29.94 -18.69 9.56
N THR J 495 29.90 -19.05 8.27
CA THR J 495 29.29 -18.15 7.29
C THR J 495 27.79 -17.98 7.55
N GLU J 496 27.11 -19.05 7.95
CA GLU J 496 25.69 -18.95 8.28
C GLU J 496 25.47 -17.95 9.42
N LEU J 497 26.25 -18.09 10.49
CA LEU J 497 26.11 -17.17 11.61
C LEU J 497 26.42 -15.73 11.18
N GLY J 498 27.42 -15.57 10.32
CA GLY J 498 27.75 -14.23 9.85
C GLY J 498 26.60 -13.58 9.10
N ARG J 499 25.98 -14.31 8.18
CA ARG J 499 24.87 -13.74 7.42
C ARG J 499 23.72 -13.39 8.35
N LEU J 500 23.43 -14.24 9.33
CA LEU J 500 22.34 -13.93 10.25
C LEU J 500 22.63 -12.64 11.03
N GLN J 501 23.86 -12.50 11.54
CA GLN J 501 24.25 -11.29 12.25
C GLN J 501 24.06 -10.06 11.38
N GLN J 502 24.55 -10.13 10.14
CA GLN J 502 24.46 -9.01 9.21
C GLN J 502 23.01 -8.64 8.92
N GLN J 503 22.13 -9.64 8.79
CA GLN J 503 20.73 -9.36 8.51
C GLN J 503 20.06 -8.63 9.68
N ILE J 504 20.30 -9.10 10.90
CA ILE J 504 19.67 -8.44 12.03
C ILE J 504 20.22 -7.02 12.20
N GLU J 505 21.52 -6.83 11.93
CA GLU J 505 22.08 -5.49 12.03
C GLU J 505 21.55 -4.56 10.93
N GLN J 506 21.29 -5.08 9.73
CA GLN J 506 20.68 -4.22 8.70
C GLN J 506 19.27 -3.81 9.12
N ARG J 507 18.51 -4.72 9.74
CA ARG J 507 17.22 -4.32 10.29
C ARG J 507 17.39 -3.17 11.29
N ARG J 508 18.39 -3.26 12.16
CA ARG J 508 18.64 -2.20 13.13
C ARG J 508 18.94 -0.86 12.44
N ARG J 509 19.81 -0.89 11.42
CA ARG J 509 20.15 0.34 10.71
C ARG J 509 18.92 0.96 10.07
N ARG J 510 18.05 0.12 9.54
CA ARG J 510 16.75 0.54 9.03
C ARG J 510 15.94 1.29 10.05
N ALA J 511 15.77 0.68 11.21
CA ALA J 511 15.01 1.32 12.26
C ALA J 511 15.59 2.70 12.55
N ARG J 512 16.92 2.78 12.58
CA ARG J 512 17.56 4.08 12.62
C ARG J 512 17.11 5.06 11.56
N ALA J 513 17.24 4.68 10.30
CA ALA J 513 16.98 5.65 9.25
C ALA J 513 15.56 6.20 9.40
N GLN J 514 14.61 5.30 9.70
CA GLN J 514 13.24 5.74 9.86
C GLN J 514 13.07 6.68 11.05
N ILE J 515 13.75 6.37 12.16
CA ILE J 515 13.67 7.24 13.33
C ILE J 515 14.18 8.63 12.99
N GLU J 516 15.30 8.70 12.27
CA GLU J 516 15.87 9.99 11.90
C GLU J 516 14.89 10.79 11.06
N ALA J 517 14.27 10.14 10.08
CA ALA J 517 13.31 10.85 9.23
C ALA J 517 12.15 11.40 10.06
N LEU J 518 11.60 10.58 10.95
CA LEU J 518 10.48 11.03 11.77
C LEU J 518 10.88 12.19 12.68
N GLU J 519 12.09 12.13 13.24
CA GLU J 519 12.59 13.22 14.06
C GLU J 519 12.66 14.52 13.26
N ALA J 520 13.21 14.46 12.06
CA ALA J 520 13.29 15.66 11.25
C ALA J 520 11.89 16.22 10.98
N GLU J 521 10.93 15.33 10.73
CA GLU J 521 9.56 15.79 10.52
C GLU J 521 9.03 16.52 11.75
N LEU J 522 9.24 15.96 12.93
CA LEU J 522 8.70 16.61 14.13
C LEU J 522 9.40 17.92 14.43
N GLN J 523 10.70 18.03 14.13
CA GLN J 523 11.38 19.32 14.28
C GLN J 523 10.77 20.35 13.34
N ALA J 524 10.48 19.95 12.10
CA ALA J 524 9.82 20.87 11.17
C ALA J 524 8.47 21.31 11.73
N GLU J 525 7.71 20.39 12.32
CA GLU J 525 6.44 20.76 12.92
C GLU J 525 6.63 21.76 14.04
N GLU J 526 7.64 21.56 14.89
CA GLU J 526 7.91 22.51 15.96
C GLU J 526 8.16 23.91 15.39
N ILE J 527 8.97 23.99 14.35
CA ILE J 527 9.24 25.28 13.72
C ILE J 527 7.95 25.91 13.21
N ALA J 528 7.07 25.09 12.65
CA ALA J 528 5.79 25.61 12.17
C ALA J 528 4.96 26.19 13.31
N LEU J 529 4.89 25.47 14.43
CA LEU J 529 4.20 26.00 15.60
C LEU J 529 4.75 27.36 15.98
N LYS J 530 6.07 27.47 15.99
CA LYS J 530 6.73 28.72 16.36
C LYS J 530 6.28 29.84 15.46
N ALA J 531 6.36 29.60 14.16
CA ALA J 531 6.05 30.64 13.19
C ALA J 531 4.60 31.08 13.32
N LEU J 532 3.70 30.13 13.56
CA LEU J 532 2.30 30.48 13.71
C LEU J 532 2.07 31.35 14.95
N VAL J 533 2.69 30.99 16.08
CA VAL J 533 2.53 31.80 17.30
C VAL J 533 3.09 33.20 17.08
N GLU J 534 4.26 33.28 16.42
CA GLU J 534 4.85 34.58 16.14
C GLU J 534 3.91 35.43 15.29
N SER J 535 3.31 34.83 14.27
CA SER J 535 2.41 35.59 13.40
C SER J 535 1.20 36.08 14.18
N GLU J 536 0.64 35.24 15.04
CA GLU J 536 -0.52 35.67 15.83
C GLU J 536 -0.14 36.83 16.76
N SER J 537 1.02 36.76 17.40
CA SER J 537 1.43 37.84 18.28
C SER J 537 1.59 39.14 17.48
N ALA J 538 2.22 39.05 16.31
CA ALA J 538 2.39 40.24 15.47
C ALA J 538 1.04 40.81 15.06
N HIS J 539 0.07 39.95 14.75
CA HIS J 539 -1.24 40.43 14.34
C HIS J 539 -1.94 41.15 15.50
N GLU J 540 -1.87 40.59 16.70
CA GLU J 540 -2.44 41.25 17.87
C GLU J 540 -1.83 42.64 18.05
N ARG J 541 -0.50 42.70 17.99
CA ARG J 541 0.21 43.96 18.13
C ARG J 541 -0.24 44.98 17.10
N GLN J 542 -0.28 44.59 15.83
CA GLN J 542 -0.62 45.54 14.80
C GLN J 542 -2.06 46.02 14.92
N ARG J 543 -2.97 45.14 15.35
CA ARG J 543 -4.33 45.60 15.55
C ARG J 543 -4.39 46.64 16.66
N LEU J 544 -3.67 46.42 17.76
CA LEU J 544 -3.69 47.42 18.83
C LEU J 544 -3.13 48.75 18.34
N ALA J 545 -2.04 48.71 17.56
CA ALA J 545 -1.48 49.95 17.04
C ALA J 545 -2.48 50.66 16.14
N ASP J 546 -3.16 49.91 15.27
CA ASP J 546 -4.12 50.51 14.35
C ASP J 546 -5.31 51.08 15.10
N ALA J 547 -5.80 50.36 16.12
CA ALA J 547 -6.90 50.87 16.93
C ALA J 547 -6.53 52.15 17.64
N ASP J 548 -5.32 52.21 18.17
CA ASP J 548 -4.86 53.44 18.81
C ASP J 548 -4.78 54.59 17.83
N THR J 549 -4.29 54.32 16.63
CA THR J 549 -4.21 55.36 15.60
C THR J 549 -5.60 55.89 15.26
N LEU J 550 -6.55 54.99 15.03
CA LEU J 550 -7.90 55.40 14.68
C LEU J 550 -8.55 56.17 15.82
N ALA J 551 -8.37 55.70 17.07
CA ALA J 551 -8.96 56.39 18.21
C ALA J 551 -8.32 57.72 18.50
N ARG J 552 -7.09 57.88 18.10
CA ARG J 552 -6.49 59.20 18.03
C ARG J 552 -7.10 60.12 17.00
N SER J 553 -7.30 59.64 15.80
CA SER J 553 -7.75 60.57 14.79
C SER J 553 -9.22 60.92 14.95
N ARG J 554 -9.87 60.40 16.00
CA ARG J 554 -11.28 60.68 16.25
C ARG J 554 -11.53 61.16 17.68
N GLY J 555 -10.49 61.43 18.46
CA GLY J 555 -10.64 61.74 19.86
C GLY J 555 -10.54 63.23 20.14
N ASN J 556 -11.03 63.60 21.32
CA ASN J 556 -10.97 64.98 21.79
C ASN J 556 -9.76 65.21 22.69
N GLU J 557 -8.77 64.31 22.68
CA GLU J 557 -7.62 64.51 23.53
C GLU J 557 -6.89 65.78 23.17
N ARG J 558 -6.80 66.04 21.89
CA ARG J 558 -5.97 67.12 21.39
C ARG J 558 -6.39 68.47 21.96
N PHE J 559 -7.55 68.51 22.61
CA PHE J 559 -8.12 69.74 23.15
C PHE J 559 -8.16 69.74 24.68
N ALA J 560 -7.38 68.88 25.33
CA ALA J 560 -7.29 68.88 26.78
C ALA J 560 -5.96 69.48 27.23
N GLY K 4 -15.79 121.04 -31.79
CA GLY K 4 -17.13 121.55 -31.96
C GLY K 4 -17.35 122.86 -31.24
N ILE K 5 -18.17 122.83 -30.20
CA ILE K 5 -18.49 124.02 -29.42
C ILE K 5 -17.51 124.13 -28.25
N GLY K 6 -17.28 125.36 -27.81
CA GLY K 6 -16.46 125.57 -26.63
C GLY K 6 -17.19 125.19 -25.36
N LYS K 7 -16.41 124.80 -24.35
CA LYS K 7 -16.96 124.36 -23.08
C LYS K 7 -16.16 124.96 -21.94
N SER K 8 -16.83 125.12 -20.79
CA SER K 8 -16.21 125.69 -19.60
C SER K 8 -16.14 124.63 -18.52
N PRO K 9 -14.96 124.27 -18.02
CA PRO K 9 -14.89 123.22 -17.00
C PRO K 9 -15.53 123.67 -15.70
N THR K 10 -16.27 122.74 -15.07
CA THR K 10 -16.95 123.04 -13.81
C THR K 10 -16.07 122.84 -12.59
N GLY K 11 -15.02 122.04 -12.71
CA GLY K 11 -14.22 121.65 -11.56
C GLY K 11 -14.67 120.37 -10.92
N ILE K 12 -15.88 119.90 -11.21
CA ILE K 12 -16.30 118.56 -10.79
C ILE K 12 -15.75 117.56 -11.78
N GLN K 13 -14.53 117.11 -11.56
CA GLN K 13 -14.00 116.03 -12.39
C GLN K 13 -14.92 114.82 -12.29
N GLY K 14 -15.28 114.27 -13.44
CA GLY K 14 -16.25 113.20 -13.54
C GLY K 14 -17.57 113.65 -14.14
N PHE K 15 -17.89 114.93 -14.01
CA PHE K 15 -18.95 115.55 -14.79
C PHE K 15 -18.40 116.25 -16.02
N ASP K 16 -17.16 116.74 -15.92
CA ASP K 16 -16.45 117.23 -17.10
C ASP K 16 -16.11 116.10 -18.06
N GLU K 17 -15.78 114.92 -17.52
CA GLU K 17 -15.51 113.78 -18.38
C GLU K 17 -16.78 113.35 -19.13
N LEU K 18 -17.91 113.33 -18.42
CA LEU K 18 -19.17 112.98 -19.06
C LEU K 18 -19.57 113.99 -20.13
N THR K 19 -19.36 115.28 -19.84
CA THR K 19 -19.72 116.34 -20.76
C THR K 19 -18.63 116.63 -21.78
N LEU K 20 -17.49 115.94 -21.70
CA LEU K 20 -16.37 116.15 -22.62
C LEU K 20 -15.92 117.61 -22.62
N GLY K 21 -15.77 118.17 -21.43
CA GLY K 21 -15.18 119.49 -21.28
C GLY K 21 -15.89 120.40 -20.29
N GLY K 22 -17.21 120.26 -20.17
CA GLY K 22 -17.96 121.02 -19.19
C GLY K 22 -19.22 121.59 -19.80
N LEU K 23 -19.73 122.63 -19.14
CA LEU K 23 -20.95 123.29 -19.55
C LEU K 23 -20.68 124.22 -20.73
N PRO K 24 -21.69 124.54 -21.52
CA PRO K 24 -21.45 125.33 -22.73
C PRO K 24 -20.98 126.73 -22.39
N THR K 25 -20.05 127.24 -23.19
CA THR K 25 -19.55 128.59 -23.02
C THR K 25 -20.44 129.56 -23.79
N GLY K 26 -20.95 130.58 -23.09
CA GLY K 26 -21.77 131.59 -23.72
C GLY K 26 -23.24 131.23 -23.86
N ARG K 27 -23.69 130.14 -23.26
CA ARG K 27 -25.09 129.77 -23.29
C ARG K 27 -25.58 129.43 -21.90
N PRO K 28 -26.83 129.74 -21.58
CA PRO K 28 -27.37 129.36 -20.27
C PRO K 28 -27.56 127.85 -20.14
N SER K 29 -27.49 127.38 -18.90
CA SER K 29 -27.74 125.99 -18.58
C SER K 29 -28.73 125.92 -17.43
N LEU K 30 -29.54 124.88 -17.42
CA LEU K 30 -30.61 124.70 -16.45
C LEU K 30 -30.31 123.47 -15.60
N VAL K 31 -30.23 123.67 -14.28
CA VAL K 31 -30.09 122.59 -13.32
C VAL K 31 -31.41 122.49 -12.56
N CYS K 32 -32.10 121.35 -12.72
CA CYS K 32 -33.42 121.16 -12.17
C CYS K 32 -33.38 120.10 -11.08
N GLY K 33 -34.16 120.32 -10.02
CA GLY K 33 -34.28 119.34 -8.97
C GLY K 33 -35.31 119.76 -7.95
N SER K 34 -35.68 118.80 -7.11
CA SER K 34 -36.56 119.06 -5.99
C SER K 34 -35.75 119.65 -4.84
N ALA K 35 -36.36 119.76 -3.66
CA ALA K 35 -35.70 120.38 -2.52
C ALA K 35 -34.65 119.44 -1.96
N GLY K 36 -33.45 119.98 -1.72
CA GLY K 36 -32.36 119.20 -1.15
C GLY K 36 -31.59 118.36 -2.13
N CYS K 37 -31.83 118.50 -3.43
CA CYS K 37 -31.16 117.68 -4.42
C CYS K 37 -29.75 118.17 -4.75
N GLY K 38 -29.35 119.34 -4.28
CA GLY K 38 -28.02 119.84 -4.49
C GLY K 38 -27.84 120.79 -5.64
N LYS K 39 -28.93 121.29 -6.23
CA LYS K 39 -28.82 122.15 -7.40
C LYS K 39 -28.29 123.54 -7.09
N THR K 40 -28.20 123.91 -5.81
CA THR K 40 -27.54 125.16 -5.43
C THR K 40 -26.05 124.96 -5.20
N LEU K 41 -25.68 123.84 -4.58
CA LEU K 41 -24.27 123.51 -4.45
C LEU K 41 -23.62 123.33 -5.82
N PHE K 42 -24.37 122.83 -6.80
CA PHE K 42 -23.83 122.71 -8.15
C PHE K 42 -23.40 124.07 -8.69
N ALA K 43 -24.29 125.07 -8.60
CA ALA K 43 -23.96 126.40 -9.10
C ALA K 43 -22.85 127.03 -8.29
N SER K 44 -22.87 126.86 -6.97
CA SER K 44 -21.81 127.42 -6.14
C SER K 44 -20.46 126.84 -6.52
N THR K 45 -20.40 125.51 -6.73
CA THR K 45 -19.18 124.88 -7.17
C THR K 45 -18.76 125.39 -8.53
N PHE K 46 -19.71 125.54 -9.45
CA PHE K 46 -19.39 126.08 -10.77
C PHE K 46 -18.68 127.41 -10.64
N LEU K 47 -19.27 128.35 -9.89
CA LEU K 47 -18.70 129.68 -9.75
C LEU K 47 -17.33 129.62 -9.08
N ILE K 48 -17.22 128.89 -7.96
CA ILE K 48 -16.00 128.92 -7.17
C ILE K 48 -14.86 128.25 -7.93
N ASN K 49 -15.12 127.10 -8.55
CA ASN K 49 -14.08 126.43 -9.31
C ASN K 49 -13.68 127.26 -10.53
N GLY K 50 -14.65 127.93 -11.17
CA GLY K 50 -14.29 128.82 -12.26
C GLY K 50 -13.35 129.92 -11.84
N VAL K 51 -13.65 130.57 -10.71
CA VAL K 51 -12.79 131.65 -10.25
C VAL K 51 -11.42 131.13 -9.82
N ARG K 52 -11.37 129.93 -9.22
CA ARG K 52 -10.11 129.44 -8.67
C ARG K 52 -9.19 128.87 -9.75
N ASP K 53 -9.74 128.07 -10.67
CA ASP K 53 -8.93 127.32 -11.62
C ASP K 53 -8.75 128.04 -12.96
N HIS K 54 -9.55 129.06 -13.26
CA HIS K 54 -9.46 129.73 -14.55
C HIS K 54 -9.48 131.25 -14.47
N GLY K 55 -9.52 131.84 -13.28
CA GLY K 55 -9.52 133.28 -13.15
C GLY K 55 -10.71 133.93 -13.83
N GLU K 56 -11.90 133.38 -13.59
CA GLU K 56 -13.13 133.88 -14.20
C GLU K 56 -14.02 134.45 -13.11
N PRO K 57 -14.08 135.77 -12.96
CA PRO K 57 -14.95 136.35 -11.93
C PRO K 57 -16.40 135.95 -12.15
N GLY K 58 -17.12 135.76 -11.04
CA GLY K 58 -18.47 135.25 -11.09
C GLY K 58 -19.44 136.14 -10.34
N VAL K 59 -20.71 136.00 -10.71
CA VAL K 59 -21.81 136.72 -10.07
C VAL K 59 -22.88 135.72 -9.70
N PHE K 60 -23.41 135.85 -8.47
CA PHE K 60 -24.45 134.98 -7.93
C PHE K 60 -25.67 135.85 -7.66
N VAL K 61 -26.58 135.93 -8.62
CA VAL K 61 -27.81 136.69 -8.46
C VAL K 61 -28.82 135.81 -7.76
N THR K 62 -29.33 136.28 -6.63
CA THR K 62 -30.30 135.54 -5.84
C THR K 62 -31.52 136.43 -5.62
N PHE K 63 -32.70 135.86 -5.88
CA PHE K 63 -33.96 136.58 -5.70
C PHE K 63 -34.64 136.19 -4.41
N GLU K 64 -34.09 135.20 -3.69
CA GLU K 64 -34.73 134.63 -2.50
C GLU K 64 -33.86 134.73 -1.25
N GLU K 65 -32.67 134.15 -1.32
CA GLU K 65 -31.79 134.04 -0.16
C GLU K 65 -30.95 135.30 0.00
N ARG K 66 -30.44 135.50 1.21
CA ARG K 66 -29.58 136.63 1.51
C ARG K 66 -28.12 136.26 1.30
N PRO K 67 -27.26 137.23 1.00
CA PRO K 67 -25.86 136.89 0.72
C PRO K 67 -25.16 136.15 1.85
N GLU K 68 -25.41 136.53 3.10
CA GLU K 68 -24.76 135.85 4.22
C GLU K 68 -25.20 134.40 4.31
N ASP K 69 -26.48 134.13 4.04
CA ASP K 69 -26.96 132.75 4.04
C ASP K 69 -26.24 131.93 2.97
N ILE K 70 -26.08 132.50 1.78
CA ILE K 70 -25.37 131.79 0.71
C ILE K 70 -23.94 131.51 1.13
N VAL K 71 -23.28 132.50 1.73
CA VAL K 71 -21.89 132.33 2.14
C VAL K 71 -21.78 131.22 3.19
N ASN K 72 -22.70 131.20 4.15
CA ASN K 72 -22.61 130.23 5.24
C ASN K 72 -23.00 128.84 4.80
N ASN K 73 -23.87 128.72 3.77
CA ASN K 73 -24.35 127.41 3.37
C ASN K 73 -23.24 126.54 2.80
N VAL K 74 -22.10 127.11 2.41
CA VAL K 74 -21.00 126.36 1.82
C VAL K 74 -19.73 126.47 2.66
N ALA K 75 -19.81 127.06 3.85
CA ALA K 75 -18.62 127.20 4.67
C ALA K 75 -18.05 125.85 5.08
N SER K 76 -18.92 124.91 5.44
CA SER K 76 -18.47 123.60 5.90
C SER K 76 -17.79 122.80 4.80
N LEU K 77 -18.04 123.13 3.53
CA LEU K 77 -17.43 122.42 2.42
C LEU K 77 -16.01 122.89 2.14
N GLY K 78 -15.52 123.89 2.86
CA GLY K 78 -14.17 124.39 2.68
C GLY K 78 -14.04 125.54 1.73
N PHE K 79 -15.11 125.95 1.06
CA PHE K 79 -15.06 127.11 0.18
C PHE K 79 -14.89 128.37 1.02
N GLU K 80 -13.83 129.10 0.77
CA GLU K 80 -13.61 130.38 1.42
C GLU K 80 -14.36 131.47 0.69
N LEU K 81 -15.69 131.32 0.57
CA LEU K 81 -16.46 132.27 -0.22
C LEU K 81 -16.32 133.69 0.31
N ASP K 82 -16.25 133.85 1.64
CA ASP K 82 -16.04 135.18 2.19
C ASP K 82 -14.71 135.76 1.71
N LYS K 83 -13.68 134.92 1.62
CA LYS K 83 -12.40 135.40 1.07
C LYS K 83 -12.60 135.95 -0.33
N LEU K 84 -13.21 135.16 -1.21
CA LEU K 84 -13.35 135.57 -2.59
C LEU K 84 -14.17 136.85 -2.70
N ILE K 85 -15.22 136.97 -1.90
CA ILE K 85 -16.01 138.20 -1.91
C ILE K 85 -15.17 139.38 -1.45
N GLU K 86 -14.32 139.17 -0.45
CA GLU K 86 -13.43 140.24 -0.01
C GLU K 86 -12.42 140.61 -1.08
N GLU K 87 -11.88 139.60 -1.78
CA GLU K 87 -10.86 139.83 -2.80
C GLU K 87 -11.42 140.45 -4.07
N GLU K 88 -12.74 140.60 -4.18
CA GLU K 88 -13.38 141.17 -5.35
C GLU K 88 -13.27 140.25 -6.57
N LYS K 89 -13.45 138.95 -6.35
CA LYS K 89 -13.46 137.97 -7.41
C LYS K 89 -14.81 137.28 -7.58
N ILE K 90 -15.75 137.52 -6.66
CA ILE K 90 -17.13 137.04 -6.80
C ILE K 90 -18.04 138.08 -6.17
N ALA K 91 -19.22 138.26 -6.77
CA ALA K 91 -20.21 139.21 -6.29
C ALA K 91 -21.54 138.50 -6.13
N ILE K 92 -22.17 138.69 -4.97
CA ILE K 92 -23.50 138.16 -4.68
C ILE K 92 -24.48 139.31 -4.73
N GLU K 93 -25.47 139.20 -5.62
CA GLU K 93 -26.44 140.26 -5.85
C GLU K 93 -27.83 139.77 -5.43
N HIS K 94 -28.50 140.54 -4.59
CA HIS K 94 -29.83 140.22 -4.08
C HIS K 94 -30.84 141.13 -4.75
N ILE K 95 -31.68 140.56 -5.62
CA ILE K 95 -32.75 141.30 -6.29
C ILE K 95 -34.08 140.88 -5.68
N ALA K 96 -34.52 141.63 -4.67
CA ALA K 96 -35.73 141.28 -3.94
C ALA K 96 -36.99 141.74 -4.66
N VAL K 97 -38.08 141.04 -4.43
CA VAL K 97 -39.39 141.35 -5.00
C VAL K 97 -40.43 141.35 -3.89
N ASP K 98 -41.23 142.40 -3.82
CA ASP K 98 -42.30 142.50 -2.83
C ASP K 98 -43.56 141.82 -3.33
N PRO K 99 -44.53 141.56 -2.45
CA PRO K 99 -45.76 140.87 -2.89
C PRO K 99 -46.48 141.59 -4.03
N SER K 100 -46.61 142.91 -3.96
CA SER K 100 -47.29 143.63 -5.05
C SER K 100 -46.49 143.55 -6.34
N GLU K 101 -45.15 143.54 -6.22
CA GLU K 101 -44.30 143.51 -7.41
C GLU K 101 -44.60 142.30 -8.29
N VAL K 102 -44.83 141.15 -7.67
CA VAL K 102 -44.87 139.86 -8.37
C VAL K 102 -46.30 139.44 -8.72
N ALA K 103 -47.24 140.38 -8.71
CA ALA K 103 -48.65 140.00 -8.81
C ALA K 103 -48.96 139.30 -10.13
N GLU K 104 -48.49 139.81 -11.27
CA GLU K 104 -49.05 139.34 -12.54
C GLU K 104 -47.96 139.28 -13.62
N ILE K 105 -48.40 139.02 -14.85
CA ILE K 105 -47.52 138.99 -16.02
C ILE K 105 -47.03 140.38 -16.35
N GLY K 106 -45.77 140.48 -16.79
CA GLY K 106 -45.21 141.71 -17.26
C GLY K 106 -45.10 142.76 -16.19
N ASP K 107 -45.41 142.40 -14.94
CA ASP K 107 -45.36 143.35 -13.84
C ASP K 107 -43.94 143.83 -13.62
N TYR K 108 -42.97 142.91 -13.69
CA TYR K 108 -41.58 143.27 -13.55
C TYR K 108 -41.04 143.81 -14.87
N ASP K 109 -40.34 144.93 -14.79
CA ASP K 109 -39.70 145.50 -15.98
C ASP K 109 -38.41 144.74 -16.22
N LEU K 110 -38.47 143.72 -17.07
CA LEU K 110 -37.29 142.91 -17.33
C LEU K 110 -36.11 143.75 -17.79
N GLU K 111 -36.35 144.82 -18.55
CA GLU K 111 -35.24 145.70 -18.89
C GLU K 111 -34.64 146.31 -17.64
N GLY K 112 -35.46 146.62 -16.63
CA GLY K 112 -34.91 147.09 -15.37
C GLY K 112 -33.98 146.05 -14.76
N LEU K 113 -34.43 144.79 -14.76
CA LEU K 113 -33.57 143.71 -14.29
C LEU K 113 -32.30 143.62 -15.12
N PHE K 114 -32.43 143.79 -16.43
CA PHE K 114 -31.28 143.70 -17.30
C PHE K 114 -30.27 144.80 -16.98
N LEU K 115 -30.76 146.01 -16.69
CA LEU K 115 -29.85 147.07 -16.29
C LEU K 115 -29.08 146.68 -15.05
N ARG K 116 -29.80 146.23 -14.02
CA ARG K 116 -29.11 145.84 -12.80
C ARG K 116 -28.09 144.73 -13.02
N LEU K 117 -28.52 143.64 -13.66
CA LEU K 117 -27.60 142.53 -13.86
C LEU K 117 -26.36 143.01 -14.58
N GLU K 118 -26.51 144.00 -15.44
CA GLU K 118 -25.36 144.52 -16.14
C GLU K 118 -24.42 145.18 -15.15
N LEU K 119 -24.98 145.99 -14.26
CA LEU K 119 -24.17 146.65 -13.24
C LEU K 119 -23.34 145.64 -12.47
N ALA K 120 -24.01 144.58 -12.01
CA ALA K 120 -23.36 143.57 -11.22
C ALA K 120 -22.22 142.92 -12.00
N ILE K 121 -22.49 142.60 -13.26
CA ILE K 121 -21.47 141.95 -14.08
C ILE K 121 -20.26 142.85 -14.26
N ASP K 122 -20.49 144.13 -14.55
CA ASP K 122 -19.35 145.02 -14.79
C ASP K 122 -18.59 145.37 -13.52
N THR K 123 -19.19 145.16 -12.35
CA THR K 123 -18.44 145.35 -11.11
C THR K 123 -17.21 144.46 -11.08
N VAL K 124 -17.40 143.15 -11.26
CA VAL K 124 -16.31 142.18 -11.16
C VAL K 124 -15.77 141.75 -12.51
N GLY K 125 -16.33 142.26 -13.61
CA GLY K 125 -15.94 141.80 -14.93
C GLY K 125 -16.24 140.34 -15.10
N ALA K 126 -17.46 139.94 -14.74
CA ALA K 126 -17.81 138.54 -14.67
C ALA K 126 -17.70 137.86 -16.03
N LYS K 127 -17.36 136.58 -15.99
CA LYS K 127 -17.44 135.70 -17.13
C LYS K 127 -18.31 134.48 -16.86
N ARG K 128 -18.77 134.30 -15.63
CA ARG K 128 -19.74 133.27 -15.25
C ARG K 128 -20.81 133.90 -14.38
N VAL K 129 -22.04 133.43 -14.53
CA VAL K 129 -23.18 133.98 -13.78
C VAL K 129 -24.06 132.82 -13.31
N VAL K 130 -24.67 132.99 -12.14
CA VAL K 130 -25.67 132.05 -11.63
C VAL K 130 -26.93 132.87 -11.31
N LEU K 131 -28.06 132.43 -11.86
CA LEU K 131 -29.36 132.96 -11.51
C LEU K 131 -30.09 131.92 -10.67
N ASP K 132 -30.32 132.24 -9.40
CA ASP K 132 -30.89 131.31 -8.44
C ASP K 132 -32.25 131.82 -7.98
N THR K 133 -33.24 130.92 -7.99
CA THR K 133 -34.61 131.27 -7.64
C THR K 133 -35.12 132.38 -8.56
N ILE K 134 -35.21 132.06 -9.84
CA ILE K 134 -35.99 132.90 -10.74
C ILE K 134 -37.46 132.54 -10.73
N GLU K 135 -37.84 131.51 -9.96
CA GLU K 135 -39.25 131.15 -9.83
C GLU K 135 -40.06 132.29 -9.24
N SER K 136 -39.47 133.06 -8.33
CA SER K 136 -40.19 134.15 -7.69
C SER K 136 -40.77 135.09 -8.74
N LEU K 137 -39.96 135.44 -9.74
CA LEU K 137 -40.40 136.37 -10.77
C LEU K 137 -41.37 135.72 -11.74
N PHE K 138 -41.10 134.48 -12.16
CA PHE K 138 -41.85 133.85 -13.25
C PHE K 138 -43.00 132.96 -12.80
N SER K 139 -43.16 132.73 -11.50
CA SER K 139 -44.36 132.01 -11.05
C SER K 139 -45.60 132.87 -11.22
N ALA K 140 -45.42 134.19 -11.32
CA ALA K 140 -46.55 135.09 -11.50
C ALA K 140 -47.26 134.84 -12.81
N PHE K 141 -46.50 134.74 -13.90
CA PHE K 141 -47.11 134.62 -15.22
C PHE K 141 -48.03 133.41 -15.29
N SER K 142 -49.28 133.65 -15.68
CA SER K 142 -50.29 132.60 -15.68
C SER K 142 -50.90 132.31 -17.06
N ASN K 143 -50.32 132.84 -18.14
CA ASN K 143 -50.72 132.40 -19.48
C ASN K 143 -49.55 131.69 -20.14
N PRO K 144 -49.73 130.47 -20.65
CA PRO K 144 -48.57 129.70 -21.12
C PRO K 144 -47.74 130.42 -22.18
N ALA K 145 -48.38 131.12 -23.12
CA ALA K 145 -47.64 131.76 -24.20
C ALA K 145 -46.82 132.94 -23.68
N ILE K 146 -47.42 133.79 -22.86
CA ILE K 146 -46.75 134.98 -22.37
C ILE K 146 -45.52 134.59 -21.56
N LEU K 147 -45.65 133.55 -20.74
CA LEU K 147 -44.53 133.08 -19.93
C LEU K 147 -43.39 132.59 -20.80
N ARG K 148 -43.71 131.80 -21.83
CA ARG K 148 -42.65 131.32 -22.71
C ARG K 148 -41.96 132.47 -23.43
N ALA K 149 -42.73 133.50 -23.80
CA ALA K 149 -42.11 134.65 -24.45
C ALA K 149 -41.16 135.37 -23.50
N GLU K 150 -41.56 135.55 -22.24
CA GLU K 150 -40.67 136.23 -21.29
C GLU K 150 -39.42 135.40 -21.00
N ILE K 151 -39.58 134.09 -20.83
CA ILE K 151 -38.42 133.23 -20.59
C ILE K 151 -37.46 133.31 -21.77
N ARG K 152 -38.01 133.28 -22.99
CA ARG K 152 -37.16 133.41 -24.17
C ARG K 152 -36.45 134.76 -24.19
N ARG K 153 -37.15 135.82 -23.79
CA ARG K 153 -36.52 137.13 -23.75
C ARG K 153 -35.31 137.11 -22.81
N LEU K 154 -35.50 136.57 -21.61
CA LEU K 154 -34.39 136.53 -20.65
C LEU K 154 -33.23 135.69 -21.19
N PHE K 155 -33.54 134.52 -21.75
CA PHE K 155 -32.48 133.65 -22.25
C PHE K 155 -31.74 134.30 -23.41
N ASP K 156 -32.46 134.99 -24.30
CA ASP K 156 -31.81 135.68 -25.40
C ASP K 156 -30.90 136.78 -24.88
N TRP K 157 -31.35 137.55 -23.90
CA TRP K 157 -30.50 138.58 -23.32
C TRP K 157 -29.23 137.97 -22.73
N LEU K 158 -29.36 136.86 -22.02
CA LEU K 158 -28.19 136.21 -21.45
C LEU K 158 -27.25 135.73 -22.55
N LYS K 159 -27.79 135.14 -23.62
CA LYS K 159 -26.96 134.60 -24.68
C LYS K 159 -26.24 135.71 -25.44
N GLU K 160 -26.87 136.88 -25.56
CA GLU K 160 -26.23 137.98 -26.29
C GLU K 160 -24.92 138.38 -25.64
N ARG K 161 -24.88 138.44 -24.31
CA ARG K 161 -23.70 138.92 -23.60
C ARG K 161 -22.52 137.95 -23.70
N GLY K 162 -22.76 136.70 -24.07
CA GLY K 162 -21.69 135.72 -24.04
C GLY K 162 -21.25 135.39 -22.63
N LEU K 163 -22.19 135.23 -21.70
CA LEU K 163 -21.90 134.91 -20.31
C LEU K 163 -22.32 133.47 -20.05
N THR K 164 -21.39 132.67 -19.53
CA THR K 164 -21.70 131.30 -19.14
C THR K 164 -22.61 131.34 -17.92
N THR K 165 -23.86 130.91 -18.09
CA THR K 165 -24.88 131.06 -17.07
C THR K 165 -25.41 129.69 -16.63
N VAL K 166 -25.71 129.60 -15.34
CA VAL K 166 -26.37 128.44 -14.76
C VAL K 166 -27.62 128.93 -14.04
N ILE K 167 -28.77 128.34 -14.38
CA ILE K 167 -30.06 128.72 -13.83
C ILE K 167 -30.59 127.54 -13.03
N THR K 168 -30.93 127.78 -11.77
CA THR K 168 -31.46 126.75 -10.90
C THR K 168 -32.99 126.76 -10.96
N ALA K 169 -33.58 125.60 -11.21
CA ALA K 169 -35.02 125.47 -11.38
C ALA K 169 -35.56 124.40 -10.44
N GLU K 170 -36.80 124.60 -10.02
CA GLU K 170 -37.44 123.73 -9.04
C GLU K 170 -38.40 122.78 -9.74
N ARG K 171 -38.29 121.49 -9.43
CA ARG K 171 -39.07 120.48 -10.13
C ARG K 171 -40.56 120.59 -9.79
N GLY K 172 -40.87 120.86 -8.53
CA GLY K 172 -42.28 120.86 -8.13
C GLY K 172 -42.90 119.50 -8.36
N ASP K 173 -44.02 119.48 -9.06
CA ASP K 173 -44.72 118.25 -9.41
C ASP K 173 -44.44 117.81 -10.84
N GLY K 174 -43.51 118.49 -11.52
CA GLY K 174 -43.22 118.19 -12.91
C GLY K 174 -42.14 117.14 -13.08
N ALA K 175 -41.98 116.70 -14.31
CA ALA K 175 -40.89 115.79 -14.64
C ALA K 175 -39.54 116.46 -14.49
N LEU K 176 -39.43 117.68 -15.00
CA LEU K 176 -38.19 118.44 -14.95
C LEU K 176 -38.35 119.81 -14.29
N THR K 177 -39.44 120.51 -14.57
CA THR K 177 -39.67 121.84 -14.03
C THR K 177 -41.15 121.98 -13.68
N ARG K 178 -41.43 122.86 -12.72
CA ARG K 178 -42.80 123.01 -12.24
C ARG K 178 -43.72 123.49 -13.34
N GLN K 179 -43.31 124.53 -14.08
CA GLN K 179 -44.16 125.12 -15.10
C GLN K 179 -44.00 124.48 -16.47
N GLY K 180 -42.95 123.68 -16.68
CA GLY K 180 -42.86 122.81 -17.83
C GLY K 180 -42.42 123.44 -19.13
N LEU K 181 -41.75 124.59 -19.09
CA LEU K 181 -41.37 125.29 -20.31
C LEU K 181 -39.90 125.62 -20.42
N GLU K 182 -39.17 125.75 -19.29
CA GLU K 182 -37.78 126.18 -19.37
C GLU K 182 -36.90 125.12 -20.02
N GLU K 183 -37.28 123.84 -19.90
CA GLU K 183 -36.45 122.77 -20.44
C GLU K 183 -36.46 122.74 -21.96
N TYR K 184 -37.44 123.38 -22.58
CA TYR K 184 -37.55 123.47 -24.03
C TYR K 184 -36.92 124.73 -24.60
N VAL K 185 -36.37 125.59 -23.76
CA VAL K 185 -35.74 126.82 -24.22
C VAL K 185 -34.23 126.80 -24.04
N SER K 186 -33.71 126.06 -23.07
CA SER K 186 -32.28 126.02 -22.82
C SER K 186 -31.60 125.02 -23.74
N ASP K 187 -30.27 125.05 -23.74
CA ASP K 187 -29.46 124.14 -24.54
C ASP K 187 -28.90 122.98 -23.73
N CYS K 188 -28.65 123.17 -22.43
CA CYS K 188 -28.18 122.12 -21.55
C CYS K 188 -29.14 122.00 -20.38
N VAL K 189 -29.63 120.79 -20.14
CA VAL K 189 -30.54 120.50 -19.03
C VAL K 189 -29.94 119.37 -18.21
N ILE K 190 -29.76 119.61 -16.91
CA ILE K 190 -29.19 118.64 -15.99
C ILE K 190 -30.18 118.42 -14.86
N LEU K 191 -30.59 117.18 -14.67
CA LEU K 191 -31.55 116.81 -13.64
C LEU K 191 -30.82 116.15 -12.48
N LEU K 192 -31.04 116.66 -11.27
CA LEU K 192 -30.53 116.07 -10.04
C LEU K 192 -31.69 115.43 -9.29
N ASP K 193 -31.48 114.20 -8.83
CA ASP K 193 -32.54 113.39 -8.25
C ASP K 193 -32.06 112.74 -6.97
N HIS K 194 -33.01 112.53 -6.05
CA HIS K 194 -32.73 111.93 -4.74
C HIS K 194 -33.89 110.99 -4.42
N ARG K 195 -33.72 109.71 -4.77
CA ARG K 195 -34.78 108.73 -4.66
C ARG K 195 -34.53 107.76 -3.52
N VAL K 196 -35.62 107.26 -2.95
CA VAL K 196 -35.58 106.34 -1.82
C VAL K 196 -36.09 104.99 -2.29
N GLU K 197 -35.30 103.94 -2.04
CA GLU K 197 -35.70 102.57 -2.35
C GLU K 197 -35.26 101.67 -1.20
N ASN K 198 -36.20 100.91 -0.65
CA ASN K 198 -35.93 100.04 0.48
C ASN K 198 -35.30 100.81 1.63
N GLN K 199 -35.72 102.07 1.81
CA GLN K 199 -35.30 102.97 2.87
C GLN K 199 -33.90 103.53 2.66
N ILE K 200 -33.29 103.33 1.49
CA ILE K 200 -31.97 103.85 1.18
C ILE K 200 -32.12 104.92 0.11
N SER K 201 -31.54 106.09 0.37
CA SER K 201 -31.63 107.22 -0.54
C SER K 201 -30.37 107.31 -1.38
N THR K 202 -30.54 107.61 -2.67
CA THR K 202 -29.44 107.69 -3.61
C THR K 202 -29.52 109.00 -4.37
N ARG K 203 -28.42 109.75 -4.37
CA ARG K 203 -28.28 110.92 -5.24
C ARG K 203 -27.93 110.44 -6.64
N ARG K 204 -28.66 110.94 -7.64
CA ARG K 204 -28.42 110.59 -9.03
C ARG K 204 -28.38 111.85 -9.88
N LEU K 205 -27.65 111.76 -10.98
CA LEU K 205 -27.43 112.87 -11.90
C LEU K 205 -27.68 112.40 -13.32
N ARG K 206 -28.19 113.30 -14.15
CA ARG K 206 -28.49 112.97 -15.54
C ARG K 206 -28.43 114.22 -16.39
N ILE K 207 -27.89 114.07 -17.59
CA ILE K 207 -27.86 115.15 -18.59
C ILE K 207 -28.97 114.85 -19.58
N VAL K 208 -30.10 115.51 -19.41
CA VAL K 208 -31.27 115.24 -20.25
C VAL K 208 -31.05 115.77 -21.66
N LYS K 209 -30.51 116.97 -21.79
CA LYS K 209 -30.20 117.56 -23.08
C LYS K 209 -28.86 118.28 -23.02
N TYR K 210 -28.10 118.17 -24.09
CA TYR K 210 -26.93 119.03 -24.28
C TYR K 210 -26.71 119.20 -25.78
N ARG K 211 -27.29 120.26 -26.34
CA ARG K 211 -27.19 120.48 -27.78
C ARG K 211 -25.76 120.85 -28.17
N GLY K 212 -25.26 120.22 -29.22
CA GLY K 212 -24.00 120.59 -29.83
C GLY K 212 -22.91 119.55 -29.80
N THR K 213 -23.09 118.41 -29.15
CA THR K 213 -22.02 117.43 -29.03
C THR K 213 -22.56 116.16 -28.40
N ALA K 214 -21.71 115.14 -28.34
CA ALA K 214 -22.04 113.90 -27.67
C ALA K 214 -21.73 113.98 -26.18
N HIS K 215 -22.46 113.19 -25.40
CA HIS K 215 -22.28 113.16 -23.95
C HIS K 215 -22.86 111.86 -23.40
N GLY K 216 -22.63 111.63 -22.13
CA GLY K 216 -23.26 110.51 -21.46
C GLY K 216 -24.74 110.72 -21.28
N THR K 217 -25.50 109.63 -21.38
CA THR K 217 -26.96 109.69 -21.34
C THR K 217 -27.57 108.82 -20.26
N ASN K 218 -26.76 108.22 -19.40
CA ASN K 218 -27.26 107.36 -18.33
C ASN K 218 -27.40 108.18 -17.05
N GLU K 219 -27.91 107.53 -16.00
CA GLU K 219 -28.00 108.13 -14.67
C GLU K 219 -26.77 107.74 -13.87
N TYR K 220 -26.11 108.73 -13.29
CA TYR K 220 -24.84 108.52 -12.62
C TYR K 220 -24.96 108.87 -11.14
N PRO K 221 -25.00 107.91 -10.24
CA PRO K 221 -25.02 108.24 -8.81
C PRO K 221 -23.79 109.03 -8.42
N PHE K 222 -23.99 110.01 -7.54
CA PHE K 222 -22.90 110.87 -7.10
C PHE K 222 -23.00 111.06 -5.59
N LEU K 223 -22.07 111.85 -5.05
CA LEU K 223 -21.92 112.03 -3.62
C LEU K 223 -21.56 113.47 -3.32
N ILE K 224 -22.26 114.07 -2.37
CA ILE K 224 -21.85 115.34 -1.79
C ILE K 224 -21.15 115.03 -0.48
N ASP K 225 -19.87 115.38 -0.39
CA ASP K 225 -19.02 114.91 0.69
C ASP K 225 -18.22 116.13 1.16
N THR K 226 -17.20 115.89 1.99
CA THR K 226 -16.49 116.96 2.66
C THR K 226 -15.86 117.96 1.69
N ASP K 227 -15.61 117.55 0.44
CA ASP K 227 -14.95 118.43 -0.52
C ASP K 227 -15.85 118.93 -1.64
N GLY K 228 -16.99 118.29 -1.87
CA GLY K 228 -17.96 118.77 -2.83
C GLY K 228 -18.56 117.63 -3.63
N PHE K 229 -19.09 117.98 -4.79
CA PHE K 229 -19.70 117.00 -5.68
C PHE K 229 -18.63 116.01 -6.16
N SER K 230 -19.00 114.73 -6.20
CA SER K 230 -18.12 113.67 -6.68
C SER K 230 -18.91 112.72 -7.55
N VAL K 231 -18.47 112.55 -8.80
CA VAL K 231 -19.07 111.59 -9.73
C VAL K 231 -17.95 110.66 -10.18
N LEU K 232 -18.15 109.35 -9.98
CA LEU K 232 -17.23 108.32 -10.43
C LEU K 232 -17.98 107.40 -11.39
N PRO K 233 -18.17 107.83 -12.64
CA PRO K 233 -19.00 107.05 -13.56
C PRO K 233 -18.40 105.69 -13.85
N VAL K 234 -19.28 104.69 -14.03
CA VAL K 234 -18.82 103.35 -14.38
C VAL K 234 -18.52 103.20 -15.85
N SER K 235 -18.93 104.18 -16.67
CA SER K 235 -18.66 104.13 -18.11
C SER K 235 -17.26 104.60 -18.47
N ALA K 236 -16.52 105.14 -17.50
CA ALA K 236 -15.15 105.57 -17.73
C ALA K 236 -14.14 104.46 -17.51
N LEU K 237 -14.58 103.31 -17.00
CA LEU K 237 -13.69 102.19 -16.76
C LEU K 237 -13.46 101.45 -18.07
N GLY K 238 -12.19 101.37 -18.48
CA GLY K 238 -11.80 100.59 -19.62
C GLY K 238 -11.15 99.29 -19.23
N LEU K 239 -10.58 98.63 -20.24
CA LEU K 239 -9.71 97.48 -20.02
C LEU K 239 -8.39 97.81 -20.71
N LEU K 240 -7.59 98.64 -20.05
CA LEU K 240 -6.23 98.94 -20.47
C LEU K 240 -5.35 98.92 -19.22
N HIS K 241 -4.91 97.73 -18.85
CA HIS K 241 -4.00 97.58 -17.72
C HIS K 241 -2.58 97.38 -18.24
N GLN K 242 -1.66 97.15 -17.29
CA GLN K 242 -0.30 96.76 -17.59
C GLN K 242 -0.02 95.46 -16.85
N VAL K 243 0.86 94.65 -17.41
CA VAL K 243 1.10 93.31 -16.88
C VAL K 243 2.53 93.21 -16.39
N HIS K 244 2.71 92.42 -15.33
CA HIS K 244 3.98 92.24 -14.67
C HIS K 244 4.32 90.75 -14.64
N GLU K 245 5.62 90.45 -14.55
CA GLU K 245 6.07 89.07 -14.58
C GLU K 245 6.49 88.53 -13.21
N GLU K 246 6.59 89.37 -12.19
CA GLU K 246 6.81 88.78 -10.87
C GLU K 246 5.57 88.10 -10.34
N ARG K 247 5.80 87.41 -9.23
CA ARG K 247 4.79 86.62 -8.56
C ARG K 247 4.73 87.02 -7.09
N ILE K 248 3.59 86.77 -6.48
CA ILE K 248 3.33 87.16 -5.10
C ILE K 248 3.18 85.89 -4.27
N ALA K 249 3.94 85.81 -3.18
CA ALA K 249 3.86 84.66 -2.29
C ALA K 249 2.62 84.73 -1.42
N SER K 250 2.06 83.58 -1.10
CA SER K 250 0.82 83.49 -0.34
C SER K 250 1.03 83.42 1.17
N GLY K 251 2.25 83.16 1.62
CA GLY K 251 2.47 82.84 3.02
C GLY K 251 2.17 81.41 3.38
N VAL K 252 1.65 80.62 2.44
CA VAL K 252 1.46 79.18 2.59
C VAL K 252 2.41 78.51 1.61
N PRO K 253 3.59 78.07 2.05
CA PRO K 253 4.56 77.55 1.09
C PRO K 253 4.07 76.34 0.31
N ASP K 254 3.16 75.57 0.90
CA ASP K 254 2.59 74.43 0.18
C ASP K 254 1.74 74.89 -1.00
N LEU K 255 0.94 75.94 -0.80
CA LEU K 255 0.08 76.43 -1.88
C LEU K 255 0.89 77.01 -3.02
N ASP K 256 1.96 77.75 -2.70
CA ASP K 256 2.81 78.31 -3.75
C ASP K 256 3.44 77.19 -4.59
N ALA K 257 3.74 76.05 -3.98
CA ALA K 257 4.31 74.92 -4.70
C ALA K 257 3.34 74.32 -5.71
N MET K 258 2.06 74.65 -5.62
CA MET K 258 1.05 74.13 -6.52
C MET K 258 0.99 74.90 -7.83
N MET K 259 1.83 75.91 -7.98
CA MET K 259 1.81 76.80 -9.13
C MET K 259 3.19 76.91 -9.73
N ALA K 260 3.26 76.90 -11.05
CA ALA K 260 4.53 77.14 -11.72
C ALA K 260 4.98 78.59 -11.51
N GLY K 261 6.26 78.75 -11.18
CA GLY K 261 6.84 80.06 -11.01
C GLY K 261 6.80 80.60 -9.59
N GLY K 262 6.00 80.01 -8.71
CA GLY K 262 6.02 80.36 -7.31
C GLY K 262 4.82 81.12 -6.78
N GLY K 263 3.74 81.23 -7.55
CA GLY K 263 2.54 81.86 -7.05
C GLY K 263 1.81 82.61 -8.15
N PHE K 264 0.79 83.36 -7.73
CA PHE K 264 0.00 84.16 -8.64
C PHE K 264 0.82 85.34 -9.16
N PHE K 265 0.39 85.89 -10.28
CA PHE K 265 1.03 87.08 -10.79
C PHE K 265 0.67 88.28 -9.90
N ARG K 266 1.51 89.30 -9.98
CA ARG K 266 1.51 90.30 -8.92
C ARG K 266 0.20 91.10 -8.91
N GLY K 267 -0.12 91.79 -10.02
CA GLY K 267 -1.24 92.71 -10.04
C GLY K 267 -2.55 92.01 -10.34
N SER K 268 -2.61 90.73 -10.04
CA SER K 268 -3.76 89.91 -10.39
C SER K 268 -4.93 90.17 -9.44
N SER K 269 -6.08 89.61 -9.80
CA SER K 269 -7.27 89.61 -8.96
C SER K 269 -7.55 88.17 -8.55
N ILE K 270 -7.58 87.92 -7.25
CA ILE K 270 -7.72 86.57 -6.70
C ILE K 270 -8.99 86.52 -5.88
N LEU K 271 -9.81 85.51 -6.14
CA LEU K 271 -11.07 85.29 -5.43
C LEU K 271 -10.96 84.02 -4.61
N VAL K 272 -11.20 84.14 -3.31
CA VAL K 272 -11.23 82.99 -2.39
C VAL K 272 -12.69 82.74 -2.04
N SER K 273 -13.18 81.55 -2.34
CA SER K 273 -14.57 81.20 -2.17
C SER K 273 -14.72 79.98 -1.27
N GLY K 274 -15.85 79.89 -0.59
CA GLY K 274 -16.12 78.76 0.27
C GLY K 274 -17.29 79.02 1.19
N VAL K 275 -17.66 77.97 1.91
CA VAL K 275 -18.73 78.02 2.91
C VAL K 275 -18.17 78.59 4.20
N ALA K 276 -19.04 78.84 5.17
CA ALA K 276 -18.67 79.46 6.43
C ALA K 276 -17.85 78.48 7.26
N GLY K 277 -16.75 78.96 7.84
CA GLY K 277 -15.80 78.12 8.53
C GLY K 277 -14.75 77.50 7.63
N ALA K 278 -14.79 77.79 6.32
CA ALA K 278 -13.91 77.13 5.38
C ALA K 278 -12.45 77.49 5.61
N GLY K 279 -12.17 78.75 5.93
CA GLY K 279 -10.79 79.20 6.07
C GLY K 279 -10.46 80.37 5.16
N LYS K 280 -11.49 81.04 4.66
CA LYS K 280 -11.28 82.13 3.71
C LYS K 280 -10.53 83.29 4.36
N SER K 281 -10.96 83.70 5.55
CA SER K 281 -10.30 84.80 6.24
C SER K 281 -8.87 84.45 6.59
N SER K 282 -8.62 83.19 6.99
CA SER K 282 -7.27 82.78 7.33
C SER K 282 -6.32 82.91 6.16
N LEU K 283 -6.76 82.50 4.96
CA LEU K 283 -5.91 82.59 3.78
C LEU K 283 -5.60 84.04 3.44
N ALA K 284 -6.61 84.91 3.50
CA ALA K 284 -6.39 86.32 3.22
C ALA K 284 -5.41 86.93 4.21
N ALA K 285 -5.56 86.58 5.48
CA ALA K 285 -4.64 87.08 6.50
C ALA K 285 -3.23 86.56 6.26
N HIS K 286 -3.10 85.31 5.83
CA HIS K 286 -1.78 84.80 5.50
C HIS K 286 -1.15 85.61 4.37
N PHE K 287 -1.95 85.92 3.34
CA PHE K 287 -1.48 86.77 2.25
C PHE K 287 -0.97 88.10 2.79
N ALA K 288 -1.79 88.77 3.59
CA ALA K 288 -1.42 90.09 4.10
C ALA K 288 -0.20 90.01 5.01
N ALA K 289 -0.15 89.00 5.88
CA ALA K 289 0.97 88.85 6.81
C ALA K 289 2.27 88.61 6.06
N ALA K 290 2.23 87.78 5.02
CA ALA K 290 3.43 87.59 4.21
C ALA K 290 3.82 88.89 3.54
N ALA K 291 2.85 89.61 2.95
CA ALA K 291 3.17 90.87 2.29
C ALA K 291 3.89 91.82 3.25
N CYS K 292 3.39 91.92 4.49
CA CYS K 292 4.04 92.76 5.49
C CYS K 292 5.41 92.23 5.86
N ALA K 293 5.55 90.91 5.95
CA ALA K 293 6.81 90.31 6.38
C ALA K 293 7.93 90.62 5.38
N ARG K 294 7.60 90.79 4.11
CA ARG K 294 8.60 91.15 3.11
C ARG K 294 8.90 92.65 3.11
N GLY K 295 8.34 93.40 4.05
CA GLY K 295 8.58 94.82 4.13
C GLY K 295 7.61 95.69 3.36
N GLU K 296 6.66 95.09 2.64
CA GLU K 296 5.68 95.85 1.88
C GLU K 296 4.55 96.30 2.82
N ARG K 297 3.52 96.92 2.25
CA ARG K 297 2.40 97.44 3.00
C ARG K 297 1.12 96.76 2.53
N ALA K 298 0.20 96.52 3.47
CA ALA K 298 -1.05 95.81 3.18
C ALA K 298 -2.22 96.53 3.83
N MET K 299 -3.38 96.45 3.15
CA MET K 299 -4.61 97.00 3.69
C MET K 299 -5.63 95.87 3.68
N TYR K 300 -6.34 95.66 4.77
CA TYR K 300 -7.28 94.55 4.89
C TYR K 300 -8.62 95.11 5.35
N PHE K 301 -9.59 95.15 4.43
CA PHE K 301 -10.91 95.71 4.69
C PHE K 301 -11.84 94.59 5.10
N SER K 302 -12.20 94.54 6.37
CA SER K 302 -13.16 93.58 6.88
C SER K 302 -14.50 94.25 7.07
N PHE K 303 -15.56 93.57 6.68
CA PHE K 303 -16.91 94.09 6.80
C PHE K 303 -17.75 93.30 7.78
N GLU K 304 -17.16 92.31 8.47
CA GLU K 304 -17.97 91.54 9.39
C GLU K 304 -17.32 91.26 10.73
N GLU K 305 -16.05 91.62 10.93
CA GLU K 305 -15.38 91.38 12.20
C GLU K 305 -14.63 92.63 12.63
N ALA K 306 -14.44 92.77 13.94
CA ALA K 306 -13.73 93.91 14.50
C ALA K 306 -12.22 93.68 14.47
N ALA K 307 -11.48 94.76 14.73
CA ALA K 307 -10.03 94.72 14.64
C ALA K 307 -9.41 93.88 15.75
N ASP K 308 -9.79 94.13 17.00
CA ASP K 308 -9.23 93.35 18.09
C ASP K 308 -9.65 91.89 17.97
N GLN K 309 -10.92 91.66 17.61
CA GLN K 309 -11.40 90.28 17.48
C GLN K 309 -10.69 89.56 16.34
N ALA K 310 -10.49 90.23 15.21
CA ALA K 310 -9.79 89.60 14.10
C ALA K 310 -8.35 89.27 14.48
N VAL K 311 -7.69 90.18 15.21
CA VAL K 311 -6.32 89.93 15.64
C VAL K 311 -6.28 88.71 16.56
N ARG K 312 -7.20 88.65 17.52
CA ARG K 312 -7.22 87.49 18.42
C ARG K 312 -7.48 86.20 17.64
N ASN K 313 -8.43 86.24 16.71
CA ASN K 313 -8.78 85.04 15.97
C ASN K 313 -7.61 84.56 15.12
N MET K 314 -6.90 85.49 14.47
CA MET K 314 -5.76 85.10 13.67
C MET K 314 -4.57 84.67 14.54
N ARG K 315 -4.51 85.12 15.80
CA ARG K 315 -3.37 84.75 16.66
C ARG K 315 -3.31 83.25 16.90
N SER K 316 -4.47 82.58 16.94
CA SER K 316 -4.49 81.15 17.18
C SER K 316 -3.91 80.36 16.01
N LEU K 317 -3.93 80.92 14.81
CA LEU K 317 -3.35 80.29 13.63
C LEU K 317 -1.88 80.60 13.46
N GLY K 318 -1.25 81.22 14.46
CA GLY K 318 0.17 81.50 14.43
C GLY K 318 0.55 82.78 13.74
N LEU K 319 -0.39 83.46 13.11
CA LEU K 319 -0.10 84.76 12.52
C LEU K 319 0.02 85.80 13.62
N ASP K 320 0.79 86.86 13.33
CA ASP K 320 0.92 88.00 14.23
C ASP K 320 0.56 89.25 13.44
N LEU K 321 -0.75 89.50 13.35
CA LEU K 321 -1.22 90.69 12.67
C LEU K 321 -1.00 91.94 13.51
N GLY K 322 -0.90 91.77 14.84
CA GLY K 322 -0.63 92.91 15.70
C GLY K 322 0.76 93.47 15.52
N ARG K 323 1.76 92.60 15.34
CA ARG K 323 3.12 93.08 15.08
C ARG K 323 3.15 94.04 13.91
N TRP K 324 2.40 93.71 12.85
CA TRP K 324 2.44 94.49 11.63
C TRP K 324 1.61 95.77 11.74
N ARG K 325 0.53 95.75 12.54
CA ARG K 325 -0.18 96.99 12.83
C ARG K 325 0.71 97.94 13.62
N ASP K 326 1.38 97.43 14.65
CA ASP K 326 2.24 98.27 15.48
C ASP K 326 3.46 98.76 14.73
N ALA K 327 3.84 98.10 13.64
CA ALA K 327 5.00 98.49 12.85
C ALA K 327 4.64 99.42 11.70
N GLY K 328 3.37 99.80 11.58
CA GLY K 328 2.96 100.69 10.50
C GLY K 328 3.13 100.09 9.12
N LEU K 329 2.82 98.80 8.97
CA LEU K 329 2.89 98.14 7.67
C LEU K 329 1.59 97.44 7.31
N LEU K 330 0.59 97.43 8.19
CA LEU K 330 -0.70 96.81 7.91
C LEU K 330 -1.79 97.71 8.49
N ARG K 331 -2.67 98.19 7.63
CA ARG K 331 -3.83 98.96 8.04
C ARG K 331 -5.05 98.06 7.96
N PHE K 332 -5.73 97.89 9.09
CA PHE K 332 -6.86 96.98 9.23
C PHE K 332 -8.11 97.81 9.44
N MET K 333 -8.96 97.88 8.44
CA MET K 333 -10.12 98.74 8.49
C MET K 333 -11.39 97.90 8.58
N ALA K 334 -12.25 98.22 9.53
CA ALA K 334 -13.47 97.45 9.77
C ALA K 334 -14.66 98.39 9.80
N THR K 335 -15.65 98.12 8.95
CA THR K 335 -16.86 98.91 8.88
C THR K 335 -18.00 98.03 8.38
N ARG K 336 -19.17 98.15 9.01
CA ARG K 336 -20.31 97.36 8.61
C ARG K 336 -20.81 97.83 7.24
N PRO K 337 -21.45 96.94 6.47
CA PRO K 337 -21.98 97.36 5.16
C PRO K 337 -23.04 98.42 5.25
N THR K 338 -23.72 98.55 6.39
CA THR K 338 -24.79 99.53 6.56
C THR K 338 -24.31 100.86 7.09
N PHE K 339 -23.00 101.01 7.33
CA PHE K 339 -22.49 102.27 7.87
C PHE K 339 -22.50 103.37 6.81
N TYR K 340 -22.32 103.02 5.55
CA TYR K 340 -22.24 103.98 4.46
C TYR K 340 -23.18 103.58 3.34
N SER K 341 -23.31 104.47 2.37
CA SER K 341 -23.98 104.16 1.12
C SER K 341 -22.98 103.60 0.12
N LEU K 342 -23.49 102.89 -0.88
CA LEU K 342 -22.61 102.21 -1.82
C LEU K 342 -21.63 103.18 -2.47
N GLU K 343 -22.03 104.44 -2.64
CA GLU K 343 -21.12 105.43 -3.23
C GLU K 343 -20.01 105.78 -2.25
N MET K 344 -20.37 106.04 -0.99
CA MET K 344 -19.39 106.46 -0.01
C MET K 344 -18.46 105.31 0.41
N HIS K 345 -18.94 104.07 0.38
CA HIS K 345 -18.05 102.94 0.60
C HIS K 345 -16.90 102.96 -0.40
N LEU K 346 -17.25 103.08 -1.69
CA LEU K 346 -16.23 103.16 -2.73
C LEU K 346 -15.33 104.37 -2.52
N ALA K 347 -15.92 105.53 -2.21
CA ALA K 347 -15.11 106.72 -2.04
C ALA K 347 -14.09 106.54 -0.94
N VAL K 348 -14.51 106.01 0.21
CA VAL K 348 -13.60 105.83 1.33
C VAL K 348 -12.51 104.82 0.98
N ILE K 349 -12.90 103.71 0.35
CA ILE K 349 -11.90 102.69 0.01
C ILE K 349 -10.85 103.27 -0.91
N LEU K 350 -11.28 103.99 -1.96
CA LEU K 350 -10.32 104.54 -2.90
C LEU K 350 -9.41 105.56 -2.22
N ARG K 351 -9.99 106.46 -1.41
CA ARG K 351 -9.18 107.47 -0.74
C ARG K 351 -8.12 106.83 0.15
N GLU K 352 -8.55 105.86 0.96
CA GLU K 352 -7.62 105.20 1.87
C GLU K 352 -6.52 104.46 1.11
N VAL K 353 -6.88 103.79 0.02
CA VAL K 353 -5.89 103.07 -0.77
C VAL K 353 -4.88 104.04 -1.34
N MET K 354 -5.36 105.18 -1.82
CA MET K 354 -4.48 106.23 -2.32
C MET K 354 -3.45 106.62 -1.27
N ARG K 355 -3.90 106.96 -0.08
CA ARG K 355 -3.00 107.56 0.90
C ARG K 355 -1.89 106.60 1.30
N PHE K 356 -2.26 105.39 1.73
CA PHE K 356 -1.26 104.45 2.25
C PHE K 356 -0.34 103.92 1.15
N GLU K 357 -0.85 103.80 -0.08
CA GLU K 357 -0.11 103.21 -1.18
C GLU K 357 0.26 101.77 -0.84
N PRO K 358 -0.73 100.90 -0.75
CA PRO K 358 -0.48 99.50 -0.41
C PRO K 358 0.13 98.72 -1.56
N SER K 359 0.55 97.49 -1.24
CA SER K 359 0.90 96.48 -2.23
C SER K 359 -0.12 95.37 -2.34
N VAL K 360 -0.79 95.04 -1.23
CA VAL K 360 -1.83 94.03 -1.20
C VAL K 360 -3.06 94.63 -0.52
N VAL K 361 -4.21 94.49 -1.15
CA VAL K 361 -5.48 94.94 -0.59
C VAL K 361 -6.42 93.74 -0.55
N VAL K 362 -7.02 93.52 0.61
CA VAL K 362 -7.95 92.42 0.81
C VAL K 362 -9.32 93.00 1.15
N LEU K 363 -10.36 92.42 0.57
CA LEU K 363 -11.74 92.75 0.90
C LEU K 363 -12.42 91.49 1.39
N ASP K 364 -12.86 91.50 2.65
CA ASP K 364 -13.37 90.28 3.27
C ASP K 364 -14.67 90.54 4.04
N PRO K 365 -15.83 90.05 3.55
CA PRO K 365 -16.11 89.38 2.29
C PRO K 365 -16.77 90.27 1.25
N ILE K 366 -16.59 89.94 -0.03
CA ILE K 366 -17.24 90.68 -1.09
C ILE K 366 -18.74 90.47 -1.10
N SER K 367 -19.22 89.39 -0.49
CA SER K 367 -20.63 89.04 -0.52
C SER K 367 -21.44 89.72 0.57
N ALA K 368 -20.82 90.58 1.38
CA ALA K 368 -21.53 91.24 2.46
C ALA K 368 -22.43 92.36 1.95
N PHE K 369 -22.22 92.86 0.75
CA PHE K 369 -22.95 94.00 0.21
C PHE K 369 -24.19 93.59 -0.60
N THR K 370 -24.59 92.32 -0.56
CA THR K 370 -25.67 91.87 -1.43
C THR K 370 -26.99 92.59 -1.11
N GLU K 371 -27.29 92.77 0.18
CA GLU K 371 -28.53 93.41 0.62
C GLU K 371 -28.40 94.91 0.79
N SER K 372 -27.26 95.50 0.45
CA SER K 372 -27.08 96.95 0.55
C SER K 372 -27.61 97.69 -0.66
N GLY K 373 -28.09 96.98 -1.67
CA GLY K 373 -28.64 97.63 -2.85
C GLY K 373 -29.07 96.59 -3.86
N ASP K 374 -29.33 97.06 -5.08
CA ASP K 374 -29.66 96.16 -6.17
C ASP K 374 -28.41 95.43 -6.64
N ARG K 375 -28.63 94.32 -7.36
CA ARG K 375 -27.52 93.51 -7.84
C ARG K 375 -26.62 94.32 -8.77
N LEU K 376 -27.21 95.13 -9.65
CA LEU K 376 -26.43 95.88 -10.62
C LEU K 376 -25.70 97.06 -10.00
N GLU K 377 -26.20 97.60 -8.88
CA GLU K 377 -25.52 98.64 -8.14
C GLU K 377 -24.30 98.14 -7.39
N VAL K 378 -24.46 97.01 -6.70
CA VAL K 378 -23.35 96.43 -5.98
C VAL K 378 -22.30 95.92 -6.95
N GLN K 379 -22.75 95.38 -8.08
CA GLN K 379 -21.81 94.98 -9.13
C GLN K 379 -21.05 96.19 -9.67
N SER K 380 -21.74 97.32 -9.87
CA SER K 380 -21.04 98.51 -10.33
C SER K 380 -19.97 98.95 -9.32
N MET K 381 -20.34 98.99 -8.04
CA MET K 381 -19.38 99.39 -7.01
C MET K 381 -18.16 98.47 -7.03
N LEU K 382 -18.41 97.15 -7.01
CA LEU K 382 -17.32 96.20 -6.93
C LEU K 382 -16.45 96.25 -8.19
N LEU K 383 -17.06 96.42 -9.35
CA LEU K 383 -16.31 96.54 -10.59
C LEU K 383 -15.40 97.76 -10.56
N ARG K 384 -15.91 98.88 -10.04
CA ARG K 384 -15.09 100.08 -9.93
C ARG K 384 -13.92 99.85 -8.98
N ILE K 385 -14.17 99.16 -7.85
CA ILE K 385 -13.09 98.86 -6.92
C ILE K 385 -12.02 98.02 -7.62
N VAL K 386 -12.46 96.98 -8.32
CA VAL K 386 -11.51 96.07 -8.97
C VAL K 386 -10.69 96.80 -10.02
N ASP K 387 -11.35 97.63 -10.84
CA ASP K 387 -10.61 98.36 -11.86
C ASP K 387 -9.61 99.32 -11.24
N PHE K 388 -10.02 100.03 -10.18
CA PHE K 388 -9.09 100.95 -9.53
C PHE K 388 -7.88 100.21 -9.01
N LEU K 389 -8.10 99.05 -8.37
CA LEU K 389 -6.97 98.28 -7.84
C LEU K 389 -6.07 97.79 -8.98
N LYS K 390 -6.65 97.34 -10.08
CA LYS K 390 -5.85 96.72 -11.13
C LYS K 390 -5.07 97.76 -11.93
N ASN K 391 -5.61 98.97 -12.08
CA ASN K 391 -4.89 100.00 -12.83
C ASN K 391 -3.64 100.49 -12.11
N ARG K 392 -3.45 100.14 -10.84
CA ARG K 392 -2.32 100.61 -10.06
C ARG K 392 -1.33 99.50 -9.72
N GLY K 393 -1.56 98.28 -10.20
CA GLY K 393 -0.67 97.18 -9.88
C GLY K 393 -0.81 96.65 -8.48
N ILE K 394 -1.92 96.94 -7.81
CA ILE K 394 -2.17 96.46 -6.46
C ILE K 394 -2.86 95.11 -6.54
N THR K 395 -2.37 94.16 -5.75
CA THR K 395 -2.93 92.81 -5.75
C THR K 395 -4.17 92.79 -4.85
N GLY K 396 -5.29 92.36 -5.44
CA GLY K 396 -6.54 92.32 -4.70
C GLY K 396 -6.97 90.91 -4.34
N ILE K 397 -7.16 90.67 -3.05
CA ILE K 397 -7.64 89.38 -2.55
C ILE K 397 -9.06 89.58 -2.07
N PHE K 398 -10.02 88.95 -2.75
CA PHE K 398 -11.43 89.08 -2.43
C PHE K 398 -11.96 87.75 -1.91
N THR K 399 -12.58 87.78 -0.74
CA THR K 399 -13.18 86.60 -0.13
C THR K 399 -14.68 86.63 -0.38
N HIS K 400 -15.23 85.49 -0.80
CA HIS K 400 -16.63 85.38 -1.18
C HIS K 400 -17.20 84.11 -0.56
N LEU K 401 -18.43 84.19 -0.07
CA LEU K 401 -19.09 83.03 0.51
C LEU K 401 -19.84 82.26 -0.57
N ALA K 402 -19.64 80.94 -0.59
CA ALA K 402 -20.25 80.08 -1.58
C ALA K 402 -21.69 79.73 -1.20
N HIS K 403 -22.57 79.79 -2.19
CA HIS K 403 -23.99 79.37 -2.11
C HIS K 403 -24.80 80.13 -3.15
N GLY K 413 -21.11 87.03 -10.90
CA GLY K 413 -20.82 88.44 -11.12
C GLY K 413 -19.47 88.80 -10.53
N LEU K 414 -18.56 89.25 -11.39
CA LEU K 414 -17.17 89.63 -11.09
C LEU K 414 -16.30 88.41 -10.88
N GLU K 415 -16.87 87.21 -10.89
CA GLU K 415 -16.07 86.00 -10.93
C GLU K 415 -15.26 85.95 -12.21
N GLU K 416 -15.89 86.41 -13.29
CA GLU K 416 -15.33 86.43 -14.62
C GLU K 416 -14.09 87.31 -14.72
N LEU K 417 -13.97 88.33 -13.88
CA LEU K 417 -12.89 89.29 -13.94
C LEU K 417 -11.71 88.90 -13.05
N MET K 418 -11.67 87.66 -12.61
CA MET K 418 -10.68 87.19 -11.66
C MET K 418 -9.61 86.37 -12.38
N ASP K 419 -8.34 86.66 -12.05
CA ASP K 419 -7.24 85.94 -12.67
C ASP K 419 -7.02 84.60 -11.98
N GLY K 420 -7.11 84.56 -10.66
CA GLY K 420 -7.05 83.32 -9.92
C GLY K 420 -8.32 83.06 -9.13
N TRP K 421 -8.56 81.81 -8.77
CA TRP K 421 -9.74 81.44 -8.00
C TRP K 421 -9.37 80.24 -7.14
N VAL K 422 -9.45 80.41 -5.82
CA VAL K 422 -9.16 79.36 -4.86
C VAL K 422 -10.47 78.99 -4.18
N LEU K 423 -10.91 77.75 -4.36
CA LEU K 423 -12.12 77.26 -3.74
C LEU K 423 -11.76 76.36 -2.56
N MET K 424 -12.30 76.70 -1.40
CA MET K 424 -12.01 76.00 -0.16
C MET K 424 -13.25 75.23 0.29
N LEU K 425 -13.07 73.95 0.59
CA LEU K 425 -14.17 73.05 0.90
C LEU K 425 -14.05 72.53 2.32
N ASN K 426 -15.20 72.28 2.94
CA ASN K 426 -15.28 71.65 4.26
C ASN K 426 -16.53 70.76 4.22
N ARG K 427 -16.34 69.49 3.88
CA ARG K 427 -17.42 68.58 3.57
C ARG K 427 -17.49 67.45 4.58
N GLU K 428 -18.64 66.78 4.63
CA GLU K 428 -18.89 65.68 5.55
C GLU K 428 -18.74 64.37 4.80
N VAL K 429 -17.80 63.54 5.26
CA VAL K 429 -17.68 62.16 4.82
C VAL K 429 -17.30 61.34 6.04
N ASN K 430 -18.02 60.24 6.27
CA ASN K 430 -17.69 59.28 7.32
C ASN K 430 -17.81 59.91 8.71
N GLY K 431 -18.87 60.69 8.91
CA GLY K 431 -19.11 61.27 10.23
C GLY K 431 -18.04 62.22 10.70
N GLU K 432 -17.43 62.96 9.78
CA GLU K 432 -16.43 63.96 10.12
C GLU K 432 -16.38 64.97 8.98
N PHE K 433 -15.91 66.17 9.29
CA PHE K 433 -15.79 67.23 8.31
C PHE K 433 -14.31 67.45 8.00
N ASN K 434 -13.94 67.31 6.73
CA ASN K 434 -12.55 67.43 6.29
C ASN K 434 -12.39 68.64 5.39
N ARG K 435 -11.30 69.37 5.59
CA ARG K 435 -11.01 70.56 4.81
C ARG K 435 -10.24 70.21 3.54
N GLU K 436 -10.52 70.96 2.47
CA GLU K 436 -9.88 70.75 1.19
C GLU K 436 -9.83 72.08 0.46
N LEU K 437 -9.01 72.13 -0.59
CA LEU K 437 -8.93 73.33 -1.42
C LEU K 437 -8.34 72.96 -2.77
N TYR K 438 -8.80 73.63 -3.81
CA TYR K 438 -8.22 73.48 -5.14
C TYR K 438 -8.27 74.81 -5.88
N LEU K 439 -7.44 74.89 -6.92
CA LEU K 439 -7.31 76.10 -7.73
C LEU K 439 -8.24 75.95 -8.93
N LEU K 440 -9.41 76.57 -8.84
CA LEU K 440 -10.36 76.52 -9.95
C LEU K 440 -9.78 77.17 -11.19
N LYS K 441 -9.12 78.30 -11.03
CA LYS K 441 -8.63 79.09 -12.14
C LYS K 441 -7.31 79.72 -11.76
N ALA K 442 -6.36 79.66 -12.68
CA ALA K 442 -5.14 80.44 -12.55
C ALA K 442 -4.61 80.75 -13.94
N ARG K 443 -5.00 81.90 -14.48
CA ARG K 443 -4.70 82.22 -15.86
C ARG K 443 -3.23 82.58 -16.02
N GLY K 444 -2.63 82.12 -17.12
CA GLY K 444 -1.27 82.46 -17.46
C GLY K 444 -0.21 81.53 -16.90
N MET K 445 -0.59 80.37 -16.37
CA MET K 445 0.39 79.59 -15.63
C MET K 445 -0.06 78.14 -15.66
N ALA K 446 0.85 77.25 -15.30
CA ALA K 446 0.52 75.86 -15.05
C ALA K 446 0.41 75.61 -13.55
N HIS K 447 -0.62 74.86 -13.15
CA HIS K 447 -0.88 74.61 -11.74
C HIS K 447 -1.44 73.21 -11.56
N SER K 448 -1.39 72.72 -10.33
CA SER K 448 -1.89 71.39 -10.00
C SER K 448 -3.40 71.34 -10.17
N ASN K 449 -3.89 70.15 -10.52
CA ASN K 449 -5.32 69.88 -10.68
C ASN K 449 -5.82 68.91 -9.61
N GLN K 450 -5.21 68.94 -8.44
CA GLN K 450 -5.55 68.03 -7.36
C GLN K 450 -6.39 68.73 -6.30
N VAL K 451 -7.39 68.03 -5.79
CA VAL K 451 -8.20 68.54 -4.67
C VAL K 451 -7.49 68.08 -3.40
N ARG K 452 -6.62 68.96 -2.88
CA ARG K 452 -5.74 68.61 -1.79
C ARG K 452 -6.39 68.89 -0.44
N GLU K 453 -6.10 68.05 0.54
CA GLU K 453 -6.60 68.18 1.89
C GLU K 453 -5.55 68.89 2.74
N PHE K 454 -6.02 69.78 3.62
CA PHE K 454 -5.13 70.55 4.46
C PHE K 454 -5.68 70.58 5.88
N LEU K 455 -4.84 71.08 6.79
CA LEU K 455 -5.20 71.21 8.19
C LEU K 455 -4.80 72.59 8.68
N MET K 456 -5.53 73.08 9.67
CA MET K 456 -5.19 74.30 10.38
C MET K 456 -4.56 73.94 11.72
N SER K 457 -3.70 74.81 12.20
CA SER K 457 -3.00 74.56 13.45
C SER K 457 -2.36 75.85 13.91
N ASP K 458 -1.58 75.75 14.99
CA ASP K 458 -0.81 76.89 15.45
C ASP K 458 0.26 77.29 14.46
N ARG K 459 0.53 76.46 13.46
CA ARG K 459 1.56 76.69 12.46
C ARG K 459 0.97 77.19 11.14
N GLY K 460 -0.32 77.51 11.12
CA GLY K 460 -0.94 78.01 9.91
C GLY K 460 -1.61 76.91 9.11
N ILE K 461 -1.71 77.09 7.80
CA ILE K 461 -2.34 76.11 6.93
C ILE K 461 -1.26 75.19 6.37
N SER K 462 -1.40 73.91 6.63
CA SER K 462 -0.47 72.90 6.14
C SER K 462 -1.23 71.93 5.24
N LEU K 463 -0.71 71.70 4.04
CA LEU K 463 -1.31 70.77 3.09
C LEU K 463 -0.68 69.40 3.27
N LEU K 464 -1.53 68.39 3.34
CA LEU K 464 -1.06 67.03 3.59
C LEU K 464 -0.55 66.40 2.31
N PRO K 465 0.32 65.40 2.41
CA PRO K 465 0.85 64.78 1.21
C PRO K 465 -0.26 64.24 0.34
N PRO K 466 -0.08 64.25 -0.98
CA PRO K 466 -1.14 63.78 -1.87
C PRO K 466 -1.49 62.32 -1.61
N HIS K 467 -2.68 61.93 -2.07
CA HIS K 467 -3.23 60.61 -1.82
C HIS K 467 -2.86 59.68 -2.96
N LEU K 468 -2.20 58.57 -2.63
CA LEU K 468 -1.80 57.60 -3.64
C LEU K 468 -2.44 56.27 -3.30
N GLY K 469 -3.36 55.84 -4.16
CA GLY K 469 -3.97 54.55 -4.03
C GLY K 469 -4.82 54.32 -5.26
N GLU K 470 -5.10 53.05 -5.53
CA GLU K 470 -5.82 52.75 -6.74
C GLU K 470 -7.23 53.34 -6.69
N GLY K 471 -7.85 53.28 -5.52
CA GLY K 471 -9.13 53.94 -5.34
C GLY K 471 -9.01 55.46 -5.28
N GLY K 472 -8.10 55.95 -4.44
CA GLY K 472 -7.92 57.37 -4.28
C GLY K 472 -9.11 58.07 -3.67
N ALA K 473 -9.05 59.40 -3.56
CA ALA K 473 -10.18 60.22 -3.14
C ALA K 473 -10.69 59.83 -1.76
N LEU K 474 -9.77 59.53 -0.84
CA LEU K 474 -10.10 59.31 0.55
C LEU K 474 -9.40 60.34 1.41
N THR K 475 -10.11 60.84 2.42
CA THR K 475 -9.63 61.93 3.26
C THR K 475 -9.82 61.60 4.72
N GLY K 476 -8.96 62.18 5.56
CA GLY K 476 -9.12 62.09 6.99
C GLY K 476 -8.91 60.69 7.55
N THR K 477 -9.91 60.19 8.26
CA THR K 477 -9.78 58.89 8.93
C THR K 477 -9.83 57.75 7.92
N ALA K 478 -10.66 57.86 6.89
CA ALA K 478 -10.75 56.81 5.88
C ALA K 478 -9.40 56.54 5.23
N ARG K 479 -8.58 57.58 5.08
CA ARG K 479 -7.25 57.39 4.51
C ARG K 479 -6.41 56.46 5.39
N LYS K 480 -6.40 56.70 6.70
CA LYS K 480 -5.63 55.85 7.59
C LYS K 480 -6.18 54.43 7.60
N ALA K 481 -7.51 54.30 7.56
CA ALA K 481 -8.11 52.97 7.52
C ALA K 481 -7.67 52.20 6.29
N GLU K 482 -7.64 52.86 5.13
CA GLU K 482 -7.22 52.18 3.92
C GLU K 482 -5.72 51.85 3.94
N GLU K 483 -4.91 52.74 4.53
CA GLU K 483 -3.50 52.41 4.68
C GLU K 483 -3.33 51.15 5.50
N ALA K 484 -4.08 51.05 6.61
CA ALA K 484 -4.01 49.85 7.44
C ALA K 484 -4.46 48.61 6.67
N ARG K 485 -5.55 48.74 5.90
CA ARG K 485 -6.05 47.61 5.13
C ARG K 485 -5.01 47.15 4.10
N LEU K 486 -4.35 48.09 3.43
CA LEU K 486 -3.32 47.74 2.46
C LEU K 486 -2.17 47.02 3.15
N ARG K 487 -1.74 47.50 4.32
CA ARG K 487 -0.68 46.82 5.05
C ARG K 487 -1.09 45.40 5.40
N ARG K 488 -2.34 45.22 5.85
CA ARG K 488 -2.82 43.89 6.22
C ARG K 488 -2.81 42.96 5.01
N ALA K 489 -3.26 43.45 3.86
CA ALA K 489 -3.26 42.62 2.65
C ALA K 489 -1.85 42.22 2.25
N GLU K 490 -0.90 43.17 2.34
CA GLU K 490 0.48 42.86 2.02
C GLU K 490 1.03 41.78 2.95
N ILE K 491 0.72 41.88 4.24
CA ILE K 491 1.19 40.85 5.17
C ILE K 491 0.58 39.50 4.82
N GLU K 492 -0.70 39.48 4.48
CA GLU K 492 -1.36 38.23 4.10
C GLU K 492 -0.66 37.58 2.91
N ARG K 493 -0.40 38.36 1.86
CA ARG K 493 0.26 37.80 0.69
C ARG K 493 1.66 37.30 1.02
N GLN K 494 2.39 38.05 1.85
CA GLN K 494 3.73 37.61 2.23
C GLN K 494 3.68 36.26 2.95
N THR K 495 2.72 36.10 3.87
CA THR K 495 2.60 34.83 4.58
C THR K 495 2.26 33.69 3.63
N GLU K 496 1.38 33.95 2.66
CA GLU K 496 1.04 32.93 1.67
C GLU K 496 2.29 32.47 0.91
N LEU K 497 3.08 33.42 0.42
CA LEU K 497 4.30 33.06 -0.30
C LEU K 497 5.25 32.29 0.61
N GLY K 498 5.34 32.69 1.88
CA GLY K 498 6.22 31.99 2.80
C GLY K 498 5.83 30.53 2.96
N ARG K 499 4.53 30.28 3.19
CA ARG K 499 4.10 28.90 3.36
C ARG K 499 4.37 28.07 2.10
N LEU K 500 4.14 28.65 0.93
CA LEU K 500 4.40 27.91 -0.31
C LEU K 500 5.88 27.55 -0.42
N GLN K 501 6.77 28.52 -0.13
CA GLN K 501 8.20 28.26 -0.17
C GLN K 501 8.58 27.12 0.77
N GLN K 502 8.06 27.18 2.00
CA GLN K 502 8.37 26.18 3.01
C GLN K 502 7.89 24.80 2.59
N GLN K 503 6.71 24.72 1.95
CA GLN K 503 6.19 23.44 1.51
C GLN K 503 7.07 22.82 0.42
N ILE K 504 7.47 23.62 -0.56
CA ILE K 504 8.29 23.06 -1.63
C ILE K 504 9.66 22.64 -1.06
N GLU K 505 10.19 23.41 -0.12
CA GLU K 505 11.47 23.03 0.47
C GLU K 505 11.36 21.77 1.32
N GLN K 506 10.23 21.56 2.01
CA GLN K 506 10.07 20.30 2.75
C GLN K 506 10.01 19.12 1.78
N ARG K 507 9.35 19.29 0.64
CA ARG K 507 9.40 18.24 -0.37
C ARG K 507 10.84 17.93 -0.78
N ARG K 508 11.65 18.97 -0.97
CA ARG K 508 13.05 18.75 -1.33
C ARG K 508 13.80 17.98 -0.24
N ARG K 509 13.60 18.35 1.02
CA ARG K 509 14.29 17.66 2.12
C ARG K 509 13.90 16.19 2.16
N ARG K 510 12.62 15.92 1.88
CA ARG K 510 12.13 14.56 1.72
C ARG K 510 12.88 13.78 0.68
N ALA K 511 12.98 14.35 -0.50
CA ALA K 511 13.68 13.69 -1.57
C ALA K 511 15.09 13.34 -1.12
N ARG K 512 15.73 14.28 -0.41
CA ARG K 512 16.98 13.98 0.25
C ARG K 512 16.96 12.76 1.14
N ALA K 513 16.07 12.73 2.11
CA ALA K 513 16.13 11.66 3.08
C ALA K 513 16.00 10.31 2.37
N GLN K 514 15.11 10.24 1.38
CA GLN K 514 14.93 8.99 0.64
C GLN K 514 16.20 8.63 -0.14
N ILE K 515 16.84 9.62 -0.76
CA ILE K 515 18.07 9.35 -1.51
C ILE K 515 19.14 8.78 -0.58
N GLU K 516 19.27 9.38 0.61
CA GLU K 516 20.26 8.90 1.57
C GLU K 516 20.01 7.46 1.94
N ALA K 517 18.75 7.12 2.23
CA ALA K 517 18.43 5.75 2.60
C ALA K 517 18.79 4.77 1.47
N LEU K 518 18.43 5.13 0.23
CA LEU K 518 18.73 4.24 -0.88
C LEU K 518 20.23 4.07 -1.08
N GLU K 519 20.98 5.16 -0.91
CA GLU K 519 22.43 5.09 -1.00
C GLU K 519 23.01 4.13 0.03
N ALA K 520 22.54 4.23 1.27
CA ALA K 520 23.04 3.33 2.30
C ALA K 520 22.73 1.89 1.93
N GLU K 521 21.54 1.64 1.38
CA GLU K 521 21.20 0.29 0.95
C GLU K 521 22.17 -0.21 -0.11
N LEU K 522 22.47 0.62 -1.11
CA LEU K 522 23.35 0.15 -2.18
C LEU K 522 24.78 -0.05 -1.69
N GLN K 523 25.24 0.76 -0.74
CA GLN K 523 26.55 0.51 -0.14
C GLN K 523 26.56 -0.84 0.58
N ALA K 524 25.50 -1.14 1.31
CA ALA K 524 25.41 -2.45 1.96
C ALA K 524 25.48 -3.57 0.92
N GLU K 525 24.79 -3.40 -0.21
CA GLU K 525 24.83 -4.41 -1.26
C GLU K 525 26.25 -4.57 -1.77
N GLU K 526 26.98 -3.46 -1.98
CA GLU K 526 28.36 -3.55 -2.43
C GLU K 526 29.20 -4.38 -1.47
N ILE K 527 29.03 -4.12 -0.17
CA ILE K 527 29.79 -4.88 0.82
C ILE K 527 29.44 -6.36 0.74
N ALA K 528 28.16 -6.67 0.49
CA ALA K 528 27.76 -8.07 0.35
C ALA K 528 28.44 -8.72 -0.85
N LEU K 529 28.48 -8.02 -1.98
CA LEU K 529 29.20 -8.54 -3.15
C LEU K 529 30.63 -8.87 -2.78
N LYS K 530 31.27 -7.95 -2.07
CA LYS K 530 32.66 -8.13 -1.67
C LYS K 530 32.84 -9.40 -0.87
N ALA K 531 32.00 -9.55 0.15
CA ALA K 531 32.14 -10.68 1.04
C ALA K 531 31.93 -11.98 0.30
N LEU K 532 30.97 -12.00 -0.63
CA LEU K 532 30.73 -13.22 -1.40
C LEU K 532 31.93 -13.58 -2.27
N VAL K 533 32.52 -12.59 -2.94
CA VAL K 533 33.68 -12.87 -3.78
C VAL K 533 34.84 -13.36 -2.93
N GLU K 534 35.04 -12.74 -1.77
CA GLU K 534 36.10 -13.17 -0.86
C GLU K 534 35.89 -14.62 -0.45
N SER K 535 34.65 -14.98 -0.10
CA SER K 535 34.39 -16.35 0.32
C SER K 535 34.66 -17.34 -0.80
N GLU K 536 34.25 -17.00 -2.03
CA GLU K 536 34.51 -17.90 -3.15
C GLU K 536 36.01 -18.09 -3.37
N SER K 537 36.78 -16.99 -3.30
CA SER K 537 38.23 -17.12 -3.48
C SER K 537 38.83 -18.01 -2.40
N ALA K 538 38.40 -17.83 -1.15
CA ALA K 538 38.91 -18.66 -0.06
C ALA K 538 38.55 -20.13 -0.29
N HIS K 539 37.35 -20.39 -0.78
CA HIS K 539 36.95 -21.77 -1.02
C HIS K 539 37.80 -22.41 -2.11
N GLU K 540 38.04 -21.67 -3.20
CA GLU K 540 38.91 -22.18 -4.25
C GLU K 540 40.29 -22.54 -3.70
N ARG K 541 40.86 -21.61 -2.94
CA ARG K 541 42.16 -21.82 -2.32
C ARG K 541 42.19 -23.07 -1.45
N GLN K 542 41.21 -23.20 -0.57
CA GLN K 542 41.23 -24.32 0.36
C GLN K 542 41.04 -25.64 -0.37
N ARG K 543 40.23 -25.65 -1.44
CA ARG K 543 40.13 -26.90 -2.19
C ARG K 543 41.45 -27.28 -2.83
N LEU K 544 42.16 -26.30 -3.40
CA LEU K 544 43.47 -26.63 -3.98
C LEU K 544 44.42 -27.17 -2.93
N ALA K 545 44.44 -26.55 -1.75
CA ALA K 545 45.31 -27.05 -0.69
C ALA K 545 44.95 -28.47 -0.29
N ASP K 546 43.65 -28.74 -0.16
CA ASP K 546 43.20 -30.07 0.24
C ASP K 546 43.52 -31.11 -0.84
N ALA K 547 43.32 -30.75 -2.10
CA ALA K 547 43.67 -31.65 -3.20
C ALA K 547 45.15 -31.97 -3.22
N ASP K 548 45.98 -30.95 -3.00
CA ASP K 548 47.42 -31.20 -2.93
C ASP K 548 47.78 -32.11 -1.77
N THR K 549 47.15 -31.91 -0.62
CA THR K 549 47.42 -32.77 0.52
C THR K 549 47.05 -34.22 0.22
N LEU K 550 45.86 -34.43 -0.35
CA LEU K 550 45.42 -35.79 -0.67
C LEU K 550 46.33 -36.43 -1.72
N ALA K 551 46.71 -35.67 -2.76
CA ALA K 551 47.58 -36.21 -3.80
C ALA K 551 48.98 -36.47 -3.32
N ARG K 552 49.40 -35.77 -2.30
CA ARG K 552 50.59 -36.15 -1.57
C ARG K 552 50.47 -37.44 -0.81
N SER K 553 49.40 -37.63 -0.07
CA SER K 553 49.36 -38.81 0.75
C SER K 553 49.10 -40.08 -0.06
N ARG K 554 48.99 -39.96 -1.39
CA ARG K 554 48.75 -41.09 -2.26
C ARG K 554 49.74 -41.18 -3.42
N GLY K 555 50.80 -40.36 -3.41
CA GLY K 555 51.71 -40.28 -4.53
C GLY K 555 52.99 -41.05 -4.29
N ASN K 556 53.68 -41.32 -5.39
CA ASN K 556 54.98 -41.98 -5.36
C ASN K 556 56.13 -40.98 -5.39
N GLU K 557 55.87 -39.69 -5.09
CA GLU K 557 56.95 -38.74 -5.12
C GLU K 557 58.00 -39.08 -4.11
N ARG K 558 57.56 -39.52 -2.95
CA ARG K 558 58.44 -39.70 -1.81
C ARG K 558 59.56 -40.69 -2.11
N PHE K 559 59.46 -41.39 -3.23
CA PHE K 559 60.42 -42.42 -3.63
C PHE K 559 61.21 -42.04 -4.87
N ALA K 560 61.23 -40.75 -5.24
CA ALA K 560 62.04 -40.28 -6.36
C ALA K 560 63.28 -39.54 -5.85
N GLY L 4 90.13 -86.91 15.03
CA GLY L 4 89.79 -88.20 15.59
C GLY L 4 90.36 -89.36 14.80
N ILE L 5 89.48 -90.10 14.13
CA ILE L 5 89.89 -91.25 13.33
C ILE L 5 90.12 -90.80 11.90
N GLY L 6 90.99 -91.52 11.20
CA GLY L 6 91.21 -91.25 9.79
C GLY L 6 90.05 -91.75 8.93
N LYS L 7 89.86 -91.09 7.80
CA LYS L 7 88.77 -91.40 6.91
C LYS L 7 89.25 -91.41 5.46
N SER L 8 88.58 -92.19 4.63
CA SER L 8 88.93 -92.32 3.22
C SER L 8 87.81 -91.74 2.37
N PRO L 9 88.06 -90.71 1.55
CA PRO L 9 86.97 -90.13 0.76
C PRO L 9 86.46 -91.11 -0.29
N THR L 10 85.13 -91.14 -0.45
CA THR L 10 84.49 -92.03 -1.41
C THR L 10 84.43 -91.46 -2.81
N GLY L 11 84.51 -90.14 -2.95
CA GLY L 11 84.28 -89.49 -4.22
C GLY L 11 82.86 -89.07 -4.45
N ILE L 12 81.91 -89.58 -3.68
CA ILE L 12 80.54 -89.08 -3.69
C ILE L 12 80.49 -87.85 -2.80
N GLN L 13 80.80 -86.69 -3.37
CA GLN L 13 80.63 -85.45 -2.62
C GLN L 13 79.16 -85.33 -2.19
N GLY L 14 78.96 -85.04 -0.91
CA GLY L 14 77.65 -85.01 -0.29
C GLY L 14 77.42 -86.17 0.65
N PHE L 15 78.12 -87.29 0.44
CA PHE L 15 78.23 -88.34 1.43
C PHE L 15 79.50 -88.20 2.25
N ASP L 16 80.55 -87.64 1.63
CA ASP L 16 81.74 -87.26 2.38
C ASP L 16 81.45 -86.11 3.33
N GLU L 17 80.60 -85.17 2.91
CA GLU L 17 80.23 -84.07 3.80
C GLU L 17 79.45 -84.59 5.00
N LEU L 18 78.52 -85.51 4.76
CA LEU L 18 77.74 -86.08 5.86
C LEU L 18 78.63 -86.88 6.81
N THR L 19 79.59 -87.62 6.26
CA THR L 19 80.48 -88.44 7.07
C THR L 19 81.70 -87.68 7.58
N LEU L 20 81.84 -86.40 7.21
CA LEU L 20 82.97 -85.58 7.62
C LEU L 20 84.29 -86.22 7.21
N GLY L 21 84.36 -86.69 5.97
CA GLY L 21 85.61 -87.17 5.41
C GLY L 21 85.51 -88.44 4.60
N GLY L 22 84.59 -89.32 4.98
CA GLY L 22 84.36 -90.53 4.22
C GLY L 22 84.26 -91.73 5.15
N LEU L 23 84.46 -92.90 4.55
CA LEU L 23 84.39 -94.17 5.26
C LEU L 23 85.65 -94.40 6.08
N PRO L 24 85.56 -95.22 7.13
CA PRO L 24 86.71 -95.37 8.03
C PRO L 24 87.88 -96.02 7.32
N THR L 25 89.09 -95.55 7.63
CA THR L 25 90.30 -96.13 7.07
C THR L 25 90.77 -97.28 7.94
N GLY L 26 90.95 -98.45 7.32
CA GLY L 26 91.43 -99.61 8.02
C GLY L 26 90.37 -100.42 8.73
N ARG L 27 89.09 -100.12 8.52
CA ARG L 27 88.01 -100.89 9.12
C ARG L 27 86.98 -101.24 8.06
N PRO L 28 86.36 -102.41 8.17
CA PRO L 28 85.30 -102.77 7.22
C PRO L 28 84.04 -101.93 7.42
N SER L 29 83.30 -101.75 6.33
CA SER L 29 82.03 -101.07 6.34
C SER L 29 80.98 -101.93 5.65
N LEU L 30 79.74 -101.83 6.11
CA LEU L 30 78.64 -102.65 5.61
C LEU L 30 77.62 -101.76 4.93
N VAL L 31 77.35 -102.04 3.66
CA VAL L 31 76.30 -101.38 2.90
C VAL L 31 75.18 -102.40 2.70
N CYS L 32 74.01 -102.11 3.27
CA CYS L 32 72.88 -103.03 3.27
C CYS L 32 71.75 -102.48 2.43
N GLY L 33 71.09 -103.37 1.70
CA GLY L 33 69.92 -102.96 0.93
C GLY L 33 69.26 -104.16 0.29
N SER L 34 68.04 -103.93 -0.19
CA SER L 34 67.32 -104.93 -0.95
C SER L 34 67.81 -104.93 -2.39
N ALA L 35 67.11 -105.63 -3.27
CA ALA L 35 67.55 -105.75 -4.66
C ALA L 35 67.28 -104.45 -5.40
N GLY L 36 68.29 -103.97 -6.13
CA GLY L 36 68.15 -102.76 -6.92
C GLY L 36 68.34 -101.48 -6.16
N CYS L 37 68.77 -101.53 -4.90
CA CYS L 37 68.92 -100.34 -4.10
C CYS L 37 70.22 -99.58 -4.37
N GLY L 38 71.13 -100.15 -5.14
CA GLY L 38 72.35 -99.48 -5.51
C GLY L 38 73.57 -99.80 -4.66
N LYS L 39 73.50 -100.83 -3.82
CA LYS L 39 74.61 -101.13 -2.91
C LYS L 39 75.82 -101.71 -3.63
N THR L 40 75.69 -102.11 -4.89
CA THR L 40 76.85 -102.53 -5.68
C THR L 40 77.49 -101.34 -6.39
N LEU L 41 76.67 -100.43 -6.91
CA LEU L 41 77.21 -99.21 -7.48
C LEU L 41 77.95 -98.39 -6.43
N PHE L 42 77.50 -98.44 -5.18
CA PHE L 42 78.21 -97.74 -4.11
C PHE L 42 79.64 -98.25 -3.99
N ALA L 43 79.81 -99.57 -3.91
CA ALA L 43 81.15 -100.15 -3.79
C ALA L 43 81.98 -99.89 -5.03
N SER L 44 81.37 -100.02 -6.21
CA SER L 44 82.10 -99.74 -7.45
C SER L 44 82.60 -98.31 -7.48
N THR L 45 81.75 -97.36 -7.10
CA THR L 45 82.15 -95.97 -7.02
C THR L 45 83.27 -95.78 -6.01
N PHE L 46 83.14 -96.42 -4.84
CA PHE L 46 84.19 -96.33 -3.84
C PHE L 46 85.54 -96.73 -4.43
N LEU L 47 85.59 -97.90 -5.06
CA LEU L 47 86.85 -98.39 -5.61
C LEU L 47 87.38 -97.46 -6.71
N ILE L 48 86.51 -97.10 -7.65
CA ILE L 48 86.96 -96.35 -8.82
C ILE L 48 87.42 -94.95 -8.42
N ASN L 49 86.65 -94.27 -7.57
CA ASN L 49 87.05 -92.94 -7.13
C ASN L 49 88.31 -93.00 -6.29
N GLY L 50 88.47 -94.06 -5.47
CA GLY L 50 89.70 -94.20 -4.73
C GLY L 50 90.91 -94.33 -5.63
N VAL L 51 90.80 -95.16 -6.67
CA VAL L 51 91.93 -95.33 -7.58
C VAL L 51 92.19 -94.06 -8.38
N ARG L 52 91.14 -93.32 -8.74
CA ARG L 52 91.32 -92.17 -9.62
C ARG L 52 91.83 -90.94 -8.86
N ASP L 53 91.27 -90.66 -7.69
CA ASP L 53 91.53 -89.42 -6.99
C ASP L 53 92.63 -89.53 -5.94
N HIS L 54 93.02 -90.75 -5.54
CA HIS L 54 94.02 -90.92 -4.50
C HIS L 54 95.08 -91.97 -4.82
N GLY L 55 95.06 -92.57 -6.00
CA GLY L 55 96.07 -93.56 -6.34
C GLY L 55 96.08 -94.74 -5.41
N GLU L 56 94.91 -95.29 -5.11
CA GLU L 56 94.76 -96.41 -4.19
C GLU L 56 94.27 -97.62 -4.96
N PRO L 57 95.14 -98.57 -5.30
CA PRO L 57 94.68 -99.75 -6.03
C PRO L 57 93.62 -100.51 -5.25
N GLY L 58 92.67 -101.09 -5.98
CA GLY L 58 91.52 -101.71 -5.37
C GLY L 58 91.33 -103.14 -5.85
N VAL L 59 90.61 -103.91 -5.05
CA VAL L 59 90.27 -105.29 -5.36
C VAL L 59 88.77 -105.48 -5.15
N PHE L 60 88.13 -106.14 -6.11
CA PHE L 60 86.69 -106.41 -6.09
C PHE L 60 86.52 -107.92 -6.05
N VAL L 61 86.38 -108.48 -4.86
CA VAL L 61 86.15 -109.91 -4.68
C VAL L 61 84.67 -110.17 -4.82
N THR L 62 84.31 -111.04 -5.76
CA THR L 62 82.92 -111.39 -6.03
C THR L 62 82.77 -112.90 -5.93
N PHE L 63 81.77 -113.34 -5.19
CA PHE L 63 81.49 -114.76 -5.01
C PHE L 63 80.34 -115.21 -5.90
N GLU L 64 79.68 -114.27 -6.59
CA GLU L 64 78.48 -114.54 -7.36
C GLU L 64 78.61 -114.19 -8.84
N GLU L 65 78.91 -112.93 -9.11
CA GLU L 65 78.93 -112.40 -10.46
C GLU L 65 80.28 -112.65 -11.12
N ARG L 66 80.29 -112.61 -12.44
CA ARG L 66 81.51 -112.79 -13.22
C ARG L 66 82.17 -111.45 -13.48
N PRO L 67 83.49 -111.42 -13.67
CA PRO L 67 84.17 -110.12 -13.86
C PRO L 67 83.64 -109.31 -15.03
N GLU L 68 83.31 -109.95 -16.15
CA GLU L 68 82.81 -109.20 -17.30
C GLU L 68 81.45 -108.57 -16.99
N ASP L 69 80.61 -109.28 -16.25
CA ASP L 69 79.33 -108.71 -15.84
C ASP L 69 79.53 -107.47 -14.98
N ILE L 70 80.47 -107.53 -14.03
CA ILE L 70 80.74 -106.37 -13.19
C ILE L 70 81.24 -105.21 -14.04
N VAL L 71 82.13 -105.48 -14.99
CA VAL L 71 82.67 -104.43 -15.84
C VAL L 71 81.55 -103.78 -16.67
N ASN L 72 80.66 -104.60 -17.21
CA ASN L 72 79.62 -104.07 -18.09
C ASN L 72 78.52 -103.35 -17.31
N ASN L 73 78.30 -103.74 -16.05
CA ASN L 73 77.22 -103.14 -15.27
C ASN L 73 77.43 -101.66 -15.00
N VAL L 74 78.64 -101.16 -15.16
CA VAL L 74 78.96 -99.76 -14.88
C VAL L 74 79.48 -99.04 -16.12
N ALA L 75 79.44 -99.69 -17.28
CA ALA L 75 79.95 -99.05 -18.50
C ALA L 75 79.15 -97.81 -18.85
N SER L 76 77.82 -97.87 -18.71
CA SER L 76 76.99 -96.74 -19.09
C SER L 76 77.19 -95.53 -18.18
N LEU L 77 77.73 -95.73 -16.98
CA LEU L 77 77.97 -94.63 -16.06
C LEU L 77 79.24 -93.86 -16.39
N GLY L 78 80.00 -94.30 -17.38
CA GLY L 78 81.22 -93.61 -17.78
C GLY L 78 82.48 -94.14 -17.16
N PHE L 79 82.38 -95.08 -16.22
CA PHE L 79 83.58 -95.66 -15.62
C PHE L 79 84.29 -96.52 -16.65
N GLU L 80 85.54 -96.20 -16.92
CA GLU L 80 86.35 -96.99 -17.82
C GLU L 80 86.97 -98.15 -17.05
N LEU L 81 86.13 -98.99 -16.44
CA LEU L 81 86.65 -100.06 -15.59
C LEU L 81 87.57 -100.99 -16.36
N ASP L 82 87.26 -101.26 -17.63
CA ASP L 82 88.16 -102.09 -18.44
C ASP L 82 89.52 -101.43 -18.57
N LYS L 83 89.56 -100.10 -18.70
CA LYS L 83 90.85 -99.40 -18.74
C LYS L 83 91.63 -99.68 -17.47
N LEU L 84 91.00 -99.46 -16.32
CA LEU L 84 91.71 -99.60 -15.06
C LEU L 84 92.21 -101.03 -14.88
N ILE L 85 91.39 -102.02 -15.26
CA ILE L 85 91.82 -103.41 -15.16
C ILE L 85 93.02 -103.65 -16.08
N GLU L 86 93.00 -103.06 -17.28
CA GLU L 86 94.14 -103.20 -18.17
C GLU L 86 95.39 -102.53 -17.61
N GLU L 87 95.23 -101.36 -16.99
CA GLU L 87 96.35 -100.60 -16.46
C GLU L 87 96.93 -101.21 -15.19
N GLU L 88 96.30 -102.26 -14.65
CA GLU L 88 96.76 -102.91 -13.42
C GLU L 88 96.59 -102.01 -12.20
N LYS L 89 95.46 -101.32 -12.13
CA LYS L 89 95.12 -100.49 -10.98
C LYS L 89 93.88 -101.00 -10.24
N ILE L 90 93.18 -101.98 -10.78
CA ILE L 90 92.07 -102.64 -10.09
C ILE L 90 92.07 -104.10 -10.51
N ALA L 91 91.73 -104.98 -9.57
CA ALA L 91 91.67 -106.42 -9.82
C ALA L 91 90.31 -106.94 -9.37
N ILE L 92 89.68 -107.71 -10.24
CA ILE L 92 88.40 -108.36 -9.94
C ILE L 92 88.68 -109.85 -9.73
N GLU L 93 88.34 -110.34 -8.55
CA GLU L 93 88.61 -111.72 -8.16
C GLU L 93 87.31 -112.47 -7.96
N HIS L 94 87.17 -113.61 -8.63
CA HIS L 94 85.98 -114.44 -8.57
C HIS L 94 86.29 -115.68 -7.74
N ILE L 95 85.69 -115.76 -6.55
CA ILE L 95 85.84 -116.92 -5.67
C ILE L 95 84.54 -117.71 -5.69
N ALA L 96 84.46 -118.70 -6.58
CA ALA L 96 83.24 -119.47 -6.76
C ALA L 96 83.11 -120.57 -5.73
N VAL L 97 81.85 -120.93 -5.44
CA VAL L 97 81.54 -122.00 -4.50
C VAL L 97 80.52 -122.93 -5.15
N ASP L 98 80.78 -124.24 -5.10
CA ASP L 98 79.89 -125.24 -5.64
C ASP L 98 78.83 -125.63 -4.61
N PRO L 99 77.75 -126.30 -5.04
CA PRO L 99 76.70 -126.67 -4.08
C PRO L 99 77.21 -127.47 -2.90
N SER L 100 78.06 -128.46 -3.13
CA SER L 100 78.58 -129.26 -2.01
C SER L 100 79.45 -128.40 -1.09
N GLU L 101 80.17 -127.45 -1.66
CA GLU L 101 81.07 -126.63 -0.87
C GLU L 101 80.34 -125.89 0.23
N VAL L 102 79.14 -125.39 -0.06
CA VAL L 102 78.44 -124.45 0.81
C VAL L 102 77.42 -125.15 1.70
N ALA L 103 77.54 -126.46 1.88
CA ALA L 103 76.48 -127.21 2.53
C ALA L 103 76.25 -126.76 3.98
N GLU L 104 77.31 -126.57 4.77
CA GLU L 104 77.10 -126.46 6.22
C GLU L 104 78.07 -125.44 6.82
N ILE L 105 78.08 -125.40 8.17
CA ILE L 105 78.98 -124.54 8.93
C ILE L 105 80.40 -125.05 8.83
N GLY L 106 81.36 -124.13 8.77
CA GLY L 106 82.76 -124.47 8.80
C GLY L 106 83.20 -125.26 7.60
N ASP L 107 82.31 -125.45 6.63
CA ASP L 107 82.64 -126.23 5.44
C ASP L 107 83.74 -125.55 4.65
N TYR L 108 83.67 -124.23 4.52
CA TYR L 108 84.69 -123.48 3.83
C TYR L 108 85.87 -123.23 4.76
N ASP L 109 87.07 -123.48 4.26
CA ASP L 109 88.28 -123.20 5.03
C ASP L 109 88.56 -121.70 4.91
N LEU L 110 88.09 -120.94 5.89
CA LEU L 110 88.29 -119.50 5.85
C LEU L 110 89.76 -119.13 5.70
N GLU L 111 90.67 -119.87 6.31
CA GLU L 111 92.08 -119.61 6.08
C GLU L 111 92.42 -119.78 4.62
N GLY L 112 91.81 -120.75 3.93
CA GLY L 112 92.02 -120.87 2.50
C GLY L 112 91.60 -119.60 1.78
N LEU L 113 90.42 -119.08 2.15
CA LEU L 113 89.97 -117.82 1.58
C LEU L 113 90.94 -116.70 1.90
N PHE L 114 91.45 -116.69 3.13
CA PHE L 114 92.38 -115.65 3.53
C PHE L 114 93.65 -115.71 2.71
N LEU L 115 94.13 -116.91 2.42
CA LEU L 115 95.30 -117.02 1.55
C LEU L 115 95.03 -116.41 0.20
N ARG L 116 93.92 -116.80 -0.42
CA ARG L 116 93.60 -116.24 -1.73
C ARG L 116 93.46 -114.72 -1.71
N LEU L 117 92.66 -114.20 -0.79
CA LEU L 117 92.45 -112.77 -0.75
C LEU L 117 93.78 -112.06 -0.61
N GLU L 118 94.72 -112.69 0.08
CA GLU L 118 96.03 -112.08 0.22
C GLU L 118 96.71 -112.00 -1.12
N LEU L 119 96.65 -113.10 -1.88
CA LEU L 119 97.25 -113.11 -3.22
C LEU L 119 96.71 -111.96 -4.06
N ALA L 120 95.39 -111.83 -4.07
CA ALA L 120 94.74 -110.80 -4.87
C ALA L 120 95.22 -109.42 -4.44
N ILE L 121 95.30 -109.19 -3.14
CA ILE L 121 95.70 -107.87 -2.65
C ILE L 121 97.13 -107.57 -3.06
N ASP L 122 98.03 -108.54 -2.92
CA ASP L 122 99.44 -108.27 -3.24
C ASP L 122 99.67 -108.16 -4.74
N THR L 123 98.75 -108.65 -5.57
CA THR L 123 98.90 -108.42 -7.02
C THR L 123 98.95 -106.93 -7.34
N VAL L 124 97.96 -106.18 -6.88
CA VAL L 124 97.85 -104.76 -7.21
C VAL L 124 98.33 -103.86 -6.09
N GLY L 125 98.76 -104.43 -4.96
CA GLY L 125 99.14 -103.62 -3.82
C GLY L 125 97.95 -102.83 -3.31
N ALA L 126 96.83 -103.52 -3.14
CA ALA L 126 95.57 -102.84 -2.85
C ALA L 126 95.63 -102.09 -1.53
N LYS L 127 94.89 -100.99 -1.49
CA LYS L 127 94.61 -100.28 -0.25
C LYS L 127 93.11 -100.14 0.01
N ARG L 128 92.27 -100.56 -0.94
CA ARG L 128 90.82 -100.64 -0.76
C ARG L 128 90.34 -101.98 -1.30
N VAL L 129 89.34 -102.55 -0.64
CA VAL L 129 88.80 -103.86 -1.01
C VAL L 129 87.27 -103.80 -0.93
N VAL L 130 86.62 -104.55 -1.82
CA VAL L 130 85.17 -104.74 -1.78
C VAL L 130 84.91 -106.25 -1.75
N LEU L 131 84.11 -106.69 -0.78
CA LEU L 131 83.62 -108.06 -0.72
C LEU L 131 82.14 -108.03 -1.06
N ASP L 132 81.78 -108.62 -2.20
CA ASP L 132 80.42 -108.56 -2.72
C ASP L 132 79.84 -109.96 -2.74
N THR L 133 78.61 -110.09 -2.24
CA THR L 133 77.93 -111.38 -2.12
C THR L 133 78.76 -112.34 -1.28
N ILE L 134 78.94 -111.98 -0.02
CA ILE L 134 79.42 -112.96 0.95
C ILE L 134 78.29 -113.78 1.52
N GLU L 135 77.05 -113.51 1.12
CA GLU L 135 75.91 -114.31 1.57
C GLU L 135 76.05 -115.77 1.12
N SER L 136 76.63 -115.99 -0.05
CA SER L 136 76.78 -117.35 -0.55
C SER L 136 77.50 -118.23 0.46
N LEU L 137 78.59 -117.71 1.03
CA LEU L 137 79.37 -118.47 1.99
C LEU L 137 78.66 -118.59 3.33
N PHE L 138 78.08 -117.50 3.83
CA PHE L 138 77.58 -117.44 5.20
C PHE L 138 76.10 -117.76 5.34
N SER L 139 75.36 -117.93 4.24
CA SER L 139 73.99 -118.40 4.38
C SER L 139 73.94 -119.85 4.84
N ALA L 140 75.03 -120.58 4.64
CA ALA L 140 75.09 -121.97 5.05
C ALA L 140 74.97 -122.10 6.56
N PHE L 141 75.73 -121.32 7.32
CA PHE L 141 75.76 -121.45 8.76
C PHE L 141 74.37 -121.31 9.35
N SER L 142 73.94 -122.31 10.12
CA SER L 142 72.58 -122.35 10.66
C SER L 142 72.51 -122.37 12.19
N ASN L 143 73.61 -122.13 12.89
CA ASN L 143 73.56 -121.91 14.33
C ASN L 143 73.96 -120.47 14.64
N PRO L 144 73.13 -119.70 15.37
CA PRO L 144 73.43 -118.27 15.52
C PRO L 144 74.81 -117.97 16.07
N ALA L 145 75.28 -118.76 17.05
CA ALA L 145 76.57 -118.47 17.68
C ALA L 145 77.72 -118.74 16.72
N ILE L 146 77.69 -119.89 16.03
CA ILE L 146 78.79 -120.27 15.15
C ILE L 146 78.93 -119.24 14.03
N LEU L 147 77.79 -118.78 13.48
CA LEU L 147 77.82 -117.80 12.42
C LEU L 147 78.45 -116.48 12.89
N ARG L 148 78.07 -116.02 14.09
CA ARG L 148 78.64 -114.78 14.60
C ARG L 148 80.13 -114.94 14.82
N ALA L 149 80.57 -116.11 15.27
CA ALA L 149 82.01 -116.34 15.46
C ALA L 149 82.74 -116.27 14.13
N GLU L 150 82.19 -116.89 13.08
CA GLU L 150 82.86 -116.85 11.78
C GLU L 150 82.89 -115.44 11.20
N ILE L 151 81.78 -114.71 11.31
CA ILE L 151 81.75 -113.34 10.82
C ILE L 151 82.78 -112.49 11.56
N ARG L 152 82.88 -112.67 12.88
CA ARG L 152 83.89 -111.95 13.64
C ARG L 152 85.30 -112.33 13.18
N ARG L 153 85.52 -113.61 12.89
CA ARG L 153 86.83 -114.03 12.41
C ARG L 153 87.19 -113.30 11.13
N LEU L 154 86.26 -113.26 10.17
CA LEU L 154 86.53 -112.58 8.90
C LEU L 154 86.80 -111.10 9.12
N PHE L 155 85.97 -110.46 9.93
CA PHE L 155 86.13 -109.02 10.16
C PHE L 155 87.45 -108.72 10.86
N ASP L 156 87.85 -109.56 11.82
CA ASP L 156 89.12 -109.36 12.49
C ASP L 156 90.28 -109.52 11.51
N TRP L 157 90.21 -110.52 10.63
CA TRP L 157 91.26 -110.69 9.64
C TRP L 157 91.35 -109.46 8.74
N LEU L 158 90.20 -108.93 8.31
CA LEU L 158 90.23 -107.73 7.48
C LEU L 158 90.82 -106.54 8.23
N LYS L 159 90.44 -106.38 9.50
CA LYS L 159 90.93 -105.24 10.27
C LYS L 159 92.42 -105.33 10.53
N GLU L 160 92.95 -106.55 10.67
CA GLU L 160 94.39 -106.70 10.93
C GLU L 160 95.22 -106.11 9.80
N ARG L 161 94.80 -106.35 8.55
CA ARG L 161 95.59 -105.92 7.41
C ARG L 161 95.62 -104.41 7.24
N GLY L 162 94.70 -103.68 7.86
CA GLY L 162 94.59 -102.26 7.61
C GLY L 162 94.11 -101.94 6.21
N LEU L 163 93.11 -102.68 5.73
CA LEU L 163 92.55 -102.48 4.40
C LEU L 163 91.17 -101.87 4.54
N THR L 164 90.94 -100.75 3.86
CA THR L 164 89.63 -100.12 3.85
C THR L 164 88.68 -101.01 3.03
N THR L 165 87.70 -101.60 3.71
CA THR L 165 86.84 -102.61 3.11
C THR L 165 85.39 -102.15 3.11
N VAL L 166 84.68 -102.53 2.06
CA VAL L 166 83.25 -102.33 1.94
C VAL L 166 82.61 -103.69 1.65
N ILE L 167 81.64 -104.07 2.47
CA ILE L 167 80.96 -105.35 2.36
C ILE L 167 79.50 -105.09 2.01
N THR L 168 79.03 -105.70 0.94
CA THR L 168 77.65 -105.54 0.49
C THR L 168 76.80 -106.65 1.08
N ALA L 169 75.69 -106.27 1.72
CA ALA L 169 74.81 -107.20 2.41
C ALA L 169 73.39 -107.04 1.91
N GLU L 170 72.64 -108.13 1.94
CA GLU L 170 71.29 -108.20 1.40
C GLU L 170 70.29 -108.14 2.56
N ARG L 171 69.31 -107.24 2.44
CA ARG L 171 68.36 -107.03 3.52
C ARG L 171 67.45 -108.23 3.72
N GLY L 172 67.01 -108.85 2.64
CA GLY L 172 66.05 -109.93 2.76
C GLY L 172 64.77 -109.45 3.41
N ASP L 173 64.34 -110.14 4.47
CA ASP L 173 63.18 -109.77 5.24
C ASP L 173 63.53 -109.03 6.53
N GLY L 174 64.81 -108.70 6.71
CA GLY L 174 65.25 -108.07 7.93
C GLY L 174 65.18 -106.55 7.87
N ALA L 175 65.40 -105.94 9.03
CA ALA L 175 65.49 -104.48 9.09
C ALA L 175 66.72 -103.98 8.36
N LEU L 176 67.85 -104.62 8.59
CA LEU L 176 69.12 -104.23 7.98
C LEU L 176 69.78 -105.36 7.21
N THR L 177 69.75 -106.58 7.74
CA THR L 177 70.39 -107.73 7.10
C THR L 177 69.50 -108.95 7.29
N ARG L 178 69.63 -109.90 6.36
CA ARG L 178 68.78 -111.08 6.38
C ARG L 178 68.97 -111.89 7.64
N GLN L 179 70.23 -112.15 8.01
CA GLN L 179 70.53 -113.00 9.15
C GLN L 179 70.64 -112.23 10.46
N GLY L 180 70.75 -110.90 10.40
CA GLY L 180 70.58 -110.07 11.57
C GLY L 180 71.77 -109.97 12.51
N LEU L 181 72.98 -110.25 12.05
CA LEU L 181 74.15 -110.24 12.92
C LEU L 181 75.29 -109.36 12.43
N GLU L 182 75.41 -109.12 11.12
CA GLU L 182 76.56 -108.37 10.63
C GLU L 182 76.54 -106.92 11.09
N GLU L 183 75.35 -106.36 11.32
CA GLU L 183 75.24 -104.95 11.69
C GLU L 183 75.76 -104.70 13.10
N TYR L 184 75.88 -105.74 13.93
CA TYR L 184 76.39 -105.62 15.28
C TYR L 184 77.88 -105.91 15.37
N VAL L 185 78.53 -106.24 14.25
CA VAL L 185 79.96 -106.52 14.25
C VAL L 185 80.76 -105.42 13.56
N SER L 186 80.18 -104.71 12.60
CA SER L 186 80.90 -103.70 11.86
C SER L 186 80.90 -102.38 12.63
N ASP L 187 81.70 -101.44 12.15
CA ASP L 187 81.79 -100.10 12.74
C ASP L 187 80.99 -99.06 11.98
N CYS L 188 80.82 -99.22 10.68
CA CYS L 188 80.01 -98.32 9.87
C CYS L 188 78.94 -99.14 9.15
N VAL L 189 77.68 -98.72 9.30
CA VAL L 189 76.56 -99.37 8.66
C VAL L 189 75.80 -98.32 7.87
N ILE L 190 75.61 -98.57 6.58
CA ILE L 190 74.91 -97.65 5.69
C ILE L 190 73.76 -98.42 5.03
N LEU L 191 72.54 -97.91 5.21
CA LEU L 191 71.35 -98.53 4.66
C LEU L 191 70.87 -97.75 3.45
N LEU L 192 70.69 -98.45 2.33
CA LEU L 192 70.12 -97.89 1.12
C LEU L 192 68.70 -98.43 0.94
N ASP L 193 67.77 -97.53 0.64
CA ASP L 193 66.36 -97.86 0.63
C ASP L 193 65.70 -97.29 -0.62
N HIS L 194 64.67 -97.98 -1.09
CA HIS L 194 63.94 -97.59 -2.30
C HIS L 194 62.46 -97.86 -2.02
N ARG L 195 61.75 -96.84 -1.56
CA ARG L 195 60.37 -96.98 -1.11
C ARG L 195 59.42 -96.33 -2.09
N VAL L 196 58.20 -96.88 -2.15
CA VAL L 196 57.16 -96.42 -3.06
C VAL L 196 56.04 -95.82 -2.22
N GLU L 197 55.65 -94.59 -2.55
CA GLU L 197 54.53 -93.91 -1.90
C GLU L 197 53.73 -93.18 -2.96
N ASN L 198 52.43 -93.45 -3.01
CA ASN L 198 51.55 -92.86 -4.02
C ASN L 198 52.07 -93.10 -5.42
N GLN L 199 52.67 -94.27 -5.63
CA GLN L 199 53.19 -94.75 -6.92
C GLN L 199 54.50 -94.06 -7.31
N ILE L 200 55.12 -93.29 -6.42
CA ILE L 200 56.38 -92.62 -6.69
C ILE L 200 57.46 -93.27 -5.83
N SER L 201 58.56 -93.68 -6.46
CA SER L 201 59.65 -94.35 -5.78
C SER L 201 60.76 -93.35 -5.48
N THR L 202 61.32 -93.46 -4.28
CA THR L 202 62.37 -92.56 -3.82
C THR L 202 63.56 -93.37 -3.30
N ARG L 203 64.74 -93.07 -3.82
CA ARG L 203 65.97 -93.60 -3.27
C ARG L 203 66.35 -92.80 -2.02
N ARG L 204 66.63 -93.50 -0.93
CA ARG L 204 67.01 -92.86 0.32
C ARG L 204 68.25 -93.53 0.89
N LEU L 205 69.02 -92.76 1.66
CA LEU L 205 70.28 -93.19 2.23
C LEU L 205 70.30 -92.82 3.71
N ARG L 206 70.95 -93.66 4.51
CA ARG L 206 71.03 -93.43 5.95
C ARG L 206 72.27 -94.08 6.51
N ILE L 207 72.92 -93.41 7.44
CA ILE L 207 74.07 -93.92 8.17
C ILE L 207 73.57 -94.38 9.53
N VAL L 208 73.32 -95.68 9.67
CA VAL L 208 72.73 -96.20 10.90
C VAL L 208 73.75 -96.16 12.03
N LYS L 209 74.99 -96.55 11.76
CA LYS L 209 76.05 -96.50 12.74
C LYS L 209 77.34 -96.02 12.08
N TYR L 210 78.10 -95.21 12.82
CA TYR L 210 79.46 -94.90 12.44
C TYR L 210 80.26 -94.62 13.71
N ARG L 211 80.89 -95.65 14.27
CA ARG L 211 81.63 -95.49 15.51
C ARG L 211 82.87 -94.64 15.30
N GLY L 212 83.07 -93.67 16.19
CA GLY L 212 84.32 -92.91 16.23
C GLY L 212 84.18 -91.41 15.99
N THR L 213 83.00 -90.90 15.65
CA THR L 213 82.89 -89.49 15.31
C THR L 213 81.41 -89.14 15.13
N ALA L 214 81.15 -87.85 14.94
CA ALA L 214 79.81 -87.37 14.65
C ALA L 214 79.52 -87.45 13.16
N HIS L 215 78.24 -87.59 12.82
CA HIS L 215 77.81 -87.66 11.43
C HIS L 215 76.33 -87.31 11.36
N GLY L 216 75.84 -87.21 10.13
CA GLY L 216 74.41 -87.02 9.93
C GLY L 216 73.64 -88.28 10.26
N THR L 217 72.43 -88.08 10.79
CA THR L 217 71.61 -89.19 11.28
C THR L 217 70.23 -89.22 10.65
N ASN L 218 69.95 -88.38 9.66
CA ASN L 218 68.67 -88.36 8.99
C ASN L 218 68.72 -89.21 7.73
N GLU L 219 67.57 -89.31 7.06
CA GLU L 219 67.48 -89.99 5.78
C GLU L 219 67.63 -88.97 4.66
N TYR L 220 68.54 -89.24 3.73
CA TYR L 220 68.89 -88.29 2.68
C TYR L 220 68.55 -88.86 1.31
N PRO L 221 67.48 -88.39 0.65
CA PRO L 221 67.22 -88.87 -0.70
C PRO L 221 68.37 -88.56 -1.63
N PHE L 222 68.65 -89.51 -2.53
CA PHE L 222 69.76 -89.36 -3.47
C PHE L 222 69.31 -89.80 -4.85
N LEU L 223 70.23 -89.74 -5.80
CA LEU L 223 69.93 -89.97 -7.20
C LEU L 223 71.09 -90.72 -7.84
N ILE L 224 70.78 -91.80 -8.56
CA ILE L 224 71.74 -92.44 -9.45
C ILE L 224 71.46 -91.94 -10.86
N ASP L 225 72.42 -91.25 -11.45
CA ASP L 225 72.19 -90.50 -12.68
C ASP L 225 73.38 -90.80 -13.60
N THR L 226 73.51 -90.05 -14.68
CA THR L 226 74.48 -90.35 -15.73
C THR L 226 75.91 -90.39 -15.22
N ASP L 227 76.21 -89.75 -14.09
CA ASP L 227 77.58 -89.68 -13.60
C ASP L 227 77.81 -90.50 -12.33
N GLY L 228 76.76 -90.86 -11.60
CA GLY L 228 76.89 -91.72 -10.45
C GLY L 228 75.99 -91.27 -9.31
N PHE L 229 76.34 -91.70 -8.11
CA PHE L 229 75.59 -91.34 -6.91
C PHE L 229 75.67 -89.83 -6.70
N SER L 230 74.54 -89.24 -6.32
CA SER L 230 74.46 -87.81 -6.02
C SER L 230 73.61 -87.61 -4.77
N VAL L 231 74.19 -86.97 -3.75
CA VAL L 231 73.48 -86.62 -2.53
C VAL L 231 73.62 -85.11 -2.37
N LEU L 232 72.47 -84.42 -2.25
CA LEU L 232 72.42 -82.98 -2.00
C LEU L 232 71.66 -82.76 -0.71
N PRO L 233 72.30 -82.98 0.43
CA PRO L 233 71.57 -82.92 1.71
C PRO L 233 71.04 -81.52 1.98
N VAL L 234 69.87 -81.47 2.61
CA VAL L 234 69.28 -80.18 3.00
C VAL L 234 69.88 -79.63 4.28
N SER L 235 70.64 -80.44 5.02
CA SER L 235 71.27 -79.97 6.25
C SER L 235 72.56 -79.22 6.00
N ALA L 236 73.05 -79.19 4.76
CA ALA L 236 74.25 -78.44 4.42
C ALA L 236 73.95 -77.00 4.02
N LEU L 237 72.67 -76.64 3.90
CA LEU L 237 72.28 -75.29 3.55
C LEU L 237 72.36 -74.41 4.79
N GLY L 238 73.19 -73.37 4.72
CA GLY L 238 73.26 -72.38 5.77
C GLY L 238 72.55 -71.10 5.39
N LEU L 239 72.76 -70.07 6.22
CA LEU L 239 72.37 -68.71 5.90
C LEU L 239 73.62 -67.86 6.00
N LEU L 240 74.46 -67.95 4.97
CA LEU L 240 75.62 -67.09 4.83
C LEU L 240 75.68 -66.63 3.38
N HIS L 241 74.93 -65.59 3.07
CA HIS L 241 74.96 -65.00 1.74
C HIS L 241 75.83 -63.76 1.72
N GLN L 242 75.87 -63.10 0.57
CA GLN L 242 76.49 -61.79 0.42
C GLN L 242 75.44 -60.84 -0.15
N VAL L 243 75.57 -59.56 0.19
CA VAL L 243 74.55 -58.59 -0.17
C VAL L 243 75.14 -57.57 -1.12
N HIS L 244 74.29 -57.09 -2.02
CA HIS L 244 74.67 -56.14 -3.05
C HIS L 244 73.77 -54.92 -2.95
N GLU L 245 74.28 -53.79 -3.45
CA GLU L 245 73.55 -52.53 -3.37
C GLU L 245 72.92 -52.09 -4.68
N GLU L 246 73.22 -52.73 -5.80
CA GLU L 246 72.45 -52.41 -6.99
C GLU L 246 71.04 -52.93 -6.93
N ARG L 247 70.27 -52.50 -7.92
CA ARG L 247 68.87 -52.81 -8.05
C ARG L 247 68.61 -53.37 -9.43
N ILE L 248 67.53 -54.14 -9.56
CA ILE L 248 67.16 -54.80 -10.79
C ILE L 248 65.85 -54.21 -11.30
N ALA L 249 65.86 -53.77 -12.55
CA ALA L 249 64.66 -53.21 -13.15
C ALA L 249 63.68 -54.31 -13.52
N SER L 250 62.39 -54.00 -13.43
CA SER L 250 61.33 -54.97 -13.67
C SER L 250 60.88 -55.02 -15.12
N GLY L 251 61.22 -54.02 -15.93
CA GLY L 251 60.62 -53.88 -17.25
C GLY L 251 59.28 -53.20 -17.23
N VAL L 252 58.74 -52.90 -16.06
CA VAL L 252 57.52 -52.11 -15.90
C VAL L 252 57.95 -50.82 -15.21
N PRO L 253 58.16 -49.73 -15.97
CA PRO L 253 58.69 -48.51 -15.35
C PRO L 253 57.81 -47.95 -14.26
N ASP L 254 56.50 -48.18 -14.36
CA ASP L 254 55.59 -47.73 -13.30
C ASP L 254 55.85 -48.45 -11.99
N LEU L 255 56.07 -49.77 -12.06
CA LEU L 255 56.31 -50.54 -10.85
C LEU L 255 57.62 -50.15 -10.17
N ASP L 256 58.67 -49.92 -10.97
CA ASP L 256 59.94 -49.50 -10.40
C ASP L 256 59.81 -48.17 -9.67
N ALA L 257 58.93 -47.29 -10.16
CA ALA L 257 58.71 -46.00 -9.50
C ALA L 257 58.05 -46.14 -8.14
N MET L 258 57.51 -47.31 -7.82
CA MET L 258 56.86 -47.55 -6.54
C MET L 258 57.85 -47.89 -5.44
N MET L 259 59.14 -47.92 -5.76
CA MET L 259 60.18 -48.35 -4.84
C MET L 259 61.28 -47.31 -4.80
N ALA L 260 61.79 -47.04 -3.61
CA ALA L 260 62.94 -46.17 -3.48
C ALA L 260 64.18 -46.84 -4.09
N GLY L 261 64.94 -46.08 -4.87
CA GLY L 261 66.17 -46.55 -5.45
C GLY L 261 66.04 -47.16 -6.83
N GLY L 262 64.82 -47.50 -7.26
CA GLY L 262 64.59 -47.95 -8.61
C GLY L 262 64.24 -49.42 -8.79
N GLY L 263 63.97 -50.15 -7.72
CA GLY L 263 63.55 -51.53 -7.85
C GLY L 263 64.06 -52.37 -6.71
N PHE L 264 63.86 -53.68 -6.85
CA PHE L 264 64.31 -54.64 -5.86
C PHE L 264 65.82 -54.75 -5.87
N PHE L 265 66.37 -55.25 -4.76
CA PHE L 265 67.80 -55.50 -4.72
C PHE L 265 68.14 -56.69 -5.61
N ARG L 266 69.40 -56.75 -6.00
CA ARG L 266 69.76 -57.59 -7.14
C ARG L 266 69.57 -59.08 -6.82
N GLY L 267 70.27 -59.59 -5.80
CA GLY L 267 70.29 -61.01 -5.53
C GLY L 267 69.13 -61.46 -4.66
N SER L 268 68.05 -60.69 -4.70
CA SER L 268 66.91 -60.93 -3.84
C SER L 268 66.07 -62.10 -4.35
N SER L 269 65.12 -62.51 -3.52
CA SER L 269 64.12 -63.51 -3.86
C SER L 269 62.76 -62.82 -3.90
N ILE L 270 62.10 -62.89 -5.04
CA ILE L 270 60.85 -62.19 -5.28
C ILE L 270 59.76 -63.21 -5.56
N LEU L 271 58.64 -63.10 -4.87
CA LEU L 271 57.50 -63.98 -5.04
C LEU L 271 56.34 -63.18 -5.63
N VAL L 272 55.81 -63.65 -6.76
CA VAL L 272 54.65 -63.06 -7.39
C VAL L 272 53.47 -64.02 -7.16
N SER L 273 52.42 -63.52 -6.52
CA SER L 273 51.30 -64.34 -6.11
C SER L 273 50.00 -63.78 -6.68
N GLY L 274 49.03 -64.65 -6.90
CA GLY L 274 47.75 -64.23 -7.41
C GLY L 274 46.93 -65.41 -7.87
N VAL L 275 45.68 -65.09 -8.23
CA VAL L 275 44.74 -66.06 -8.79
C VAL L 275 45.02 -66.25 -10.27
N ALA L 276 44.34 -67.22 -10.88
CA ALA L 276 44.56 -67.56 -12.28
C ALA L 276 44.03 -66.45 -13.17
N GLY L 277 44.82 -66.07 -14.17
CA GLY L 277 44.51 -64.93 -15.00
C GLY L 277 45.01 -63.61 -14.46
N ALA L 278 45.66 -63.62 -13.30
CA ALA L 278 46.03 -62.38 -12.63
C ALA L 278 47.06 -61.59 -13.43
N GLY L 279 48.04 -62.27 -14.02
CA GLY L 279 49.12 -61.60 -14.71
C GLY L 279 50.49 -61.99 -14.20
N LYS L 280 50.55 -63.11 -13.46
CA LYS L 280 51.81 -63.53 -12.86
C LYS L 280 52.86 -63.85 -13.92
N SER L 281 52.47 -64.63 -14.92
CA SER L 281 53.42 -65.01 -15.97
C SER L 281 53.88 -63.79 -16.74
N SER L 282 52.97 -62.83 -16.98
CA SER L 282 53.33 -61.63 -17.73
C SER L 282 54.40 -60.84 -17.00
N LEU L 283 54.28 -60.69 -15.67
CA LEU L 283 55.27 -59.93 -14.92
C LEU L 283 56.62 -60.62 -14.94
N ALA L 284 56.64 -61.95 -14.78
CA ALA L 284 57.90 -62.68 -14.83
C ALA L 284 58.55 -62.53 -16.19
N ALA L 285 57.76 -62.62 -17.26
CA ALA L 285 58.29 -62.44 -18.60
C ALA L 285 58.83 -61.04 -18.80
N HIS L 286 58.16 -60.04 -18.24
CA HIS L 286 58.68 -58.68 -18.33
C HIS L 286 60.03 -58.59 -17.64
N PHE L 287 60.15 -59.20 -16.46
CA PHE L 287 61.44 -59.24 -15.77
C PHE L 287 62.52 -59.84 -16.66
N ALA L 288 62.24 -61.03 -17.22
CA ALA L 288 63.23 -61.72 -18.04
C ALA L 288 63.56 -60.92 -19.30
N ALA L 289 62.55 -60.35 -19.94
CA ALA L 289 62.77 -59.61 -21.17
C ALA L 289 63.62 -58.37 -20.91
N ALA L 290 63.36 -57.67 -19.81
CA ALA L 290 64.22 -56.55 -19.45
C ALA L 290 65.64 -57.02 -19.20
N ALA L 291 65.80 -58.10 -18.42
CA ALA L 291 67.14 -58.61 -18.15
C ALA L 291 67.90 -58.87 -19.44
N CYS L 292 67.24 -59.50 -20.41
CA CYS L 292 67.89 -59.76 -21.69
C CYS L 292 68.16 -58.45 -22.44
N ALA L 293 67.25 -57.49 -22.36
CA ALA L 293 67.41 -56.25 -23.10
C ALA L 293 68.64 -55.48 -22.64
N ARG L 294 69.03 -55.63 -21.37
CA ARG L 294 70.24 -54.98 -20.87
C ARG L 294 71.50 -55.75 -21.23
N GLY L 295 71.38 -56.81 -22.02
CA GLY L 295 72.52 -57.61 -22.41
C GLY L 295 72.86 -58.77 -21.50
N GLU L 296 72.13 -58.93 -20.40
CA GLU L 296 72.38 -60.03 -19.48
C GLU L 296 71.71 -61.30 -20.00
N ARG L 297 71.77 -62.37 -19.23
CA ARG L 297 71.21 -63.66 -19.60
C ARG L 297 70.13 -64.06 -18.59
N ALA L 298 69.08 -64.73 -19.08
CA ALA L 298 67.94 -65.11 -18.25
C ALA L 298 67.55 -66.55 -18.54
N MET L 299 67.05 -67.23 -17.50
CA MET L 299 66.53 -68.57 -17.66
C MET L 299 65.13 -68.56 -17.09
N TYR L 300 64.16 -69.12 -17.81
CA TYR L 300 62.76 -69.09 -17.40
C TYR L 300 62.22 -70.51 -17.43
N PHE L 301 62.01 -71.09 -16.25
CA PHE L 301 61.56 -72.46 -16.12
C PHE L 301 60.04 -72.46 -15.96
N SER L 302 59.34 -72.90 -17.00
CA SER L 302 57.90 -73.03 -16.97
C SER L 302 57.54 -74.49 -16.77
N PHE L 303 56.57 -74.74 -15.93
CA PHE L 303 56.10 -76.09 -15.65
C PHE L 303 54.68 -76.34 -16.11
N GLU L 304 54.07 -75.37 -16.79
CA GLU L 304 52.71 -75.59 -17.22
C GLU L 304 52.41 -75.15 -18.65
N GLU L 305 53.33 -74.49 -19.34
CA GLU L 305 53.09 -74.06 -20.71
C GLU L 305 54.30 -74.42 -21.58
N ALA L 306 54.05 -74.59 -22.87
CA ALA L 306 55.08 -74.92 -23.83
C ALA L 306 55.82 -73.67 -24.31
N ALA L 307 56.94 -73.89 -24.99
CA ALA L 307 57.79 -72.79 -25.41
C ALA L 307 57.15 -71.97 -26.52
N ASP L 308 56.67 -72.62 -27.57
CA ASP L 308 56.04 -71.87 -28.64
C ASP L 308 54.76 -71.19 -28.15
N GLN L 309 53.99 -71.88 -27.32
CA GLN L 309 52.75 -71.30 -26.80
C GLN L 309 53.04 -70.12 -25.90
N ALA L 310 54.06 -70.24 -25.03
CA ALA L 310 54.40 -69.12 -24.16
C ALA L 310 54.87 -67.92 -24.98
N VAL L 311 55.65 -68.16 -26.03
CA VAL L 311 56.13 -67.08 -26.87
C VAL L 311 54.94 -66.37 -27.53
N ARG L 312 54.01 -67.16 -28.08
CA ARG L 312 52.84 -66.55 -28.71
C ARG L 312 52.02 -65.76 -27.70
N ASN L 313 51.82 -66.32 -26.50
CA ASN L 313 51.02 -65.65 -25.50
C ASN L 313 51.65 -64.34 -25.06
N MET L 314 52.97 -64.34 -24.86
CA MET L 314 53.64 -63.11 -24.47
C MET L 314 53.72 -62.11 -25.62
N ARG L 315 53.63 -62.57 -26.88
CA ARG L 315 53.73 -61.64 -28.01
C ARG L 315 52.58 -60.63 -28.01
N SER L 316 51.40 -61.04 -27.53
CA SER L 316 50.26 -60.14 -27.51
C SER L 316 50.45 -59.00 -26.50
N LEU L 317 51.28 -59.19 -25.48
CA LEU L 317 51.56 -58.16 -24.51
C LEU L 317 52.72 -57.26 -24.93
N GLY L 318 53.18 -57.38 -26.17
CA GLY L 318 54.23 -56.53 -26.69
C GLY L 318 55.63 -56.99 -26.40
N LEU L 319 55.80 -58.03 -25.60
CA LEU L 319 57.12 -58.58 -25.37
C LEU L 319 57.56 -59.38 -26.60
N ASP L 320 58.88 -59.48 -26.78
CA ASP L 320 59.47 -60.28 -27.85
C ASP L 320 60.44 -61.26 -27.18
N LEU L 321 59.90 -62.36 -26.68
CA LEU L 321 60.73 -63.39 -26.08
C LEU L 321 61.47 -64.18 -27.15
N GLY L 322 60.93 -64.22 -28.37
CA GLY L 322 61.60 -64.92 -29.44
C GLY L 322 62.89 -64.25 -29.88
N ARG L 323 62.91 -62.92 -29.92
CA ARG L 323 64.15 -62.21 -30.24
C ARG L 323 65.28 -62.64 -29.32
N TRP L 324 64.98 -62.80 -28.04
CA TRP L 324 66.01 -63.08 -27.05
C TRP L 324 66.41 -64.56 -27.08
N ARG L 325 65.48 -65.45 -27.41
CA ARG L 325 65.86 -66.84 -27.64
C ARG L 325 66.79 -66.97 -28.83
N ASP L 326 66.44 -66.29 -29.94
CA ASP L 326 67.27 -66.38 -31.15
C ASP L 326 68.60 -65.68 -30.97
N ALA L 327 68.74 -64.79 -30.00
CA ALA L 327 69.98 -64.09 -29.75
C ALA L 327 70.86 -64.78 -28.71
N GLY L 328 70.44 -65.93 -28.20
CA GLY L 328 71.23 -66.64 -27.22
C GLY L 328 71.39 -65.90 -25.92
N LEU L 329 70.32 -65.24 -25.46
CA LEU L 329 70.34 -64.54 -24.18
C LEU L 329 69.19 -64.95 -23.26
N LEU L 330 68.30 -65.81 -23.72
CA LEU L 330 67.19 -66.30 -22.90
C LEU L 330 67.01 -67.78 -23.19
N ARG L 331 67.13 -68.60 -22.16
CA ARG L 331 66.87 -70.03 -22.25
C ARG L 331 65.52 -70.30 -21.59
N PHE L 332 64.60 -70.86 -22.36
CA PHE L 332 63.22 -71.11 -21.94
C PHE L 332 63.02 -72.61 -21.82
N MET L 333 62.94 -73.11 -20.60
CA MET L 333 62.86 -74.54 -20.38
C MET L 333 61.48 -74.91 -19.87
N ALA L 334 60.86 -75.90 -20.50
CA ALA L 334 59.50 -76.32 -20.15
C ALA L 334 59.48 -77.82 -19.91
N THR L 335 59.01 -78.22 -18.72
CA THR L 335 58.89 -79.62 -18.35
C THR L 335 57.77 -79.78 -17.35
N ARG L 336 56.95 -80.81 -17.53
CA ARG L 336 55.85 -81.05 -16.62
C ARG L 336 56.38 -81.50 -15.27
N PRO L 337 55.64 -81.24 -14.18
CA PRO L 337 56.10 -81.68 -12.86
C PRO L 337 56.21 -83.19 -12.73
N THR L 338 55.51 -83.95 -13.56
CA THR L 338 55.52 -85.41 -13.49
C THR L 338 56.59 -86.03 -14.38
N PHE L 339 57.38 -85.23 -15.09
CA PHE L 339 58.41 -85.78 -15.97
C PHE L 339 59.57 -86.35 -15.17
N TYR L 340 59.88 -85.77 -14.02
CA TYR L 340 61.01 -86.17 -13.21
C TYR L 340 60.57 -86.41 -11.77
N SER L 341 61.49 -86.94 -10.98
CA SER L 341 61.31 -87.02 -9.53
C SER L 341 61.85 -85.75 -8.89
N LEU L 342 61.39 -85.48 -7.67
CA LEU L 342 61.75 -84.24 -7.01
C LEU L 342 63.26 -84.06 -6.91
N GLU L 343 64.01 -85.16 -6.82
CA GLU L 343 65.46 -85.06 -6.77
C GLU L 343 66.02 -84.64 -8.13
N MET L 344 65.55 -85.28 -9.18
CA MET L 344 66.09 -85.01 -10.51
C MET L 344 65.65 -83.65 -11.04
N HIS L 345 64.47 -83.17 -10.64
CA HIS L 345 64.09 -81.80 -10.98
C HIS L 345 65.14 -80.82 -10.47
N LEU L 346 65.47 -80.93 -9.18
CA LEU L 346 66.50 -80.08 -8.60
C LEU L 346 67.83 -80.27 -9.31
N ALA L 347 68.22 -81.51 -9.58
CA ALA L 347 69.50 -81.76 -10.22
C ALA L 347 69.59 -81.07 -11.57
N VAL L 348 68.54 -81.21 -12.38
CA VAL L 348 68.53 -80.61 -13.72
C VAL L 348 68.57 -79.10 -13.61
N ILE L 349 67.76 -78.52 -12.72
CA ILE L 349 67.71 -77.07 -12.60
C ILE L 349 69.09 -76.53 -12.22
N LEU L 350 69.72 -77.15 -11.23
CA LEU L 350 71.03 -76.67 -10.78
C LEU L 350 72.06 -76.80 -11.89
N ARG L 351 72.10 -77.95 -12.59
CA ARG L 351 73.06 -78.16 -13.66
C ARG L 351 72.90 -77.09 -14.75
N GLU L 352 71.66 -76.89 -15.19
CA GLU L 352 71.39 -75.93 -16.25
C GLU L 352 71.77 -74.52 -15.81
N VAL L 353 71.45 -74.15 -14.57
CA VAL L 353 71.79 -72.82 -14.07
C VAL L 353 73.30 -72.64 -14.08
N MET L 354 74.01 -73.67 -13.65
CA MET L 354 75.47 -73.64 -13.69
C MET L 354 75.99 -73.33 -15.08
N ARG L 355 75.54 -74.08 -16.07
CA ARG L 355 76.16 -73.99 -17.39
C ARG L 355 75.97 -72.61 -18.00
N PHE L 356 74.72 -72.13 -18.06
CA PHE L 356 74.43 -70.88 -18.74
C PHE L 356 74.98 -69.67 -17.98
N GLU L 357 75.03 -69.76 -16.65
CA GLU L 357 75.43 -68.64 -15.79
C GLU L 357 74.48 -67.47 -15.99
N PRO L 358 73.22 -67.62 -15.59
CA PRO L 358 72.24 -66.56 -15.77
C PRO L 358 72.44 -65.41 -14.79
N SER L 359 71.68 -64.34 -15.04
CA SER L 359 71.51 -63.26 -14.09
C SER L 359 70.13 -63.24 -13.44
N VAL L 360 69.11 -63.68 -14.17
CA VAL L 360 67.75 -63.77 -13.66
C VAL L 360 67.24 -65.17 -13.95
N VAL L 361 66.67 -65.82 -12.93
CA VAL L 361 66.06 -67.13 -13.06
C VAL L 361 64.62 -67.03 -12.58
N VAL L 362 63.70 -67.50 -13.38
CA VAL L 362 62.28 -67.49 -13.06
C VAL L 362 61.79 -68.92 -12.98
N LEU L 363 60.95 -69.20 -11.98
CA LEU L 363 60.26 -70.47 -11.85
C LEU L 363 58.77 -70.20 -11.84
N ASP L 364 58.07 -70.73 -12.85
CA ASP L 364 56.66 -70.41 -13.03
C ASP L 364 55.82 -71.65 -13.31
N PRO L 365 54.96 -72.08 -12.38
CA PRO L 365 54.77 -71.62 -11.01
C PRO L 365 55.39 -72.54 -9.96
N ILE L 366 55.70 -71.98 -8.80
CA ILE L 366 56.25 -72.77 -7.71
C ILE L 366 55.22 -73.73 -7.13
N SER L 367 53.93 -73.45 -7.34
CA SER L 367 52.86 -74.24 -6.75
C SER L 367 52.49 -75.46 -7.58
N ALA L 368 53.20 -75.70 -8.69
CA ALA L 368 52.88 -76.85 -9.54
C ALA L 368 53.33 -78.17 -8.93
N PHE L 369 54.26 -78.14 -7.98
CA PHE L 369 54.84 -79.34 -7.41
C PHE L 369 54.12 -79.84 -6.15
N THR L 370 52.94 -79.29 -5.84
CA THR L 370 52.29 -79.64 -4.59
C THR L 370 51.93 -81.12 -4.53
N GLU L 371 51.42 -81.68 -5.63
CA GLU L 371 51.01 -83.08 -5.69
C GLU L 371 52.11 -84.02 -6.15
N SER L 372 53.33 -83.52 -6.33
CA SER L 372 54.45 -84.37 -6.73
C SER L 372 55.13 -85.06 -5.54
N GLY L 373 54.68 -84.78 -4.33
CA GLY L 373 55.26 -85.40 -3.15
C GLY L 373 54.60 -84.87 -1.90
N ASP L 374 55.23 -85.16 -0.77
CA ASP L 374 54.78 -84.62 0.50
C ASP L 374 55.14 -83.15 0.61
N ARG L 375 54.45 -82.46 1.52
CA ARG L 375 54.69 -81.03 1.71
C ARG L 375 56.14 -80.75 2.11
N LEU L 376 56.70 -81.58 2.99
CA LEU L 376 58.04 -81.35 3.48
C LEU L 376 59.12 -81.72 2.47
N GLU L 377 58.81 -82.62 1.52
CA GLU L 377 59.71 -82.95 0.42
C GLU L 377 59.78 -81.84 -0.61
N VAL L 378 58.63 -81.31 -1.00
CA VAL L 378 58.60 -80.24 -1.97
C VAL L 378 59.19 -78.97 -1.37
N GLN L 379 58.93 -78.76 -0.08
CA GLN L 379 59.57 -77.64 0.62
C GLN L 379 61.09 -77.81 0.64
N SER L 380 61.58 -79.03 0.89
CA SER L 380 63.03 -79.23 0.87
C SER L 380 63.60 -78.92 -0.51
N MET L 381 62.96 -79.42 -1.57
CA MET L 381 63.44 -79.15 -2.92
C MET L 381 63.49 -77.65 -3.19
N LEU L 382 62.39 -76.96 -2.91
CA LEU L 382 62.30 -75.54 -3.21
C LEU L 382 63.30 -74.74 -2.38
N LEU L 383 63.47 -75.11 -1.11
CA LEU L 383 64.45 -74.44 -0.27
C LEU L 383 65.85 -74.60 -0.82
N ARG L 384 66.19 -75.81 -1.29
CA ARG L 384 67.51 -76.01 -1.88
C ARG L 384 67.67 -75.16 -3.14
N ILE L 385 66.63 -75.08 -3.97
CA ILE L 385 66.71 -74.25 -5.16
C ILE L 385 66.97 -72.80 -4.77
N VAL L 386 66.21 -72.30 -3.79
CA VAL L 386 66.33 -70.91 -3.39
C VAL L 386 67.73 -70.62 -2.84
N ASP L 387 68.23 -71.52 -1.99
CA ASP L 387 69.56 -71.30 -1.42
C ASP L 387 70.62 -71.32 -2.52
N PHE L 388 70.53 -72.26 -3.46
CA PHE L 388 71.51 -72.30 -4.53
C PHE L 388 71.49 -71.01 -5.33
N LEU L 389 70.29 -70.50 -5.65
CA LEU L 389 70.22 -69.26 -6.41
C LEU L 389 70.78 -68.09 -5.61
N LYS L 390 70.50 -68.03 -4.31
CA LYS L 390 70.90 -66.86 -3.53
C LYS L 390 72.40 -66.86 -3.24
N ASN L 391 73.02 -68.02 -3.11
CA ASN L 391 74.46 -68.06 -2.85
C ASN L 391 75.29 -67.60 -4.04
N ARG L 392 74.69 -67.46 -5.22
CA ARG L 392 75.41 -67.05 -6.42
C ARG L 392 75.07 -65.65 -6.89
N GLY L 393 74.21 -64.93 -6.18
CA GLY L 393 73.83 -63.60 -6.61
C GLY L 393 72.86 -63.59 -7.76
N ILE L 394 72.17 -64.70 -8.02
CA ILE L 394 71.20 -64.79 -9.10
C ILE L 394 69.84 -64.36 -8.56
N THR L 395 69.15 -63.50 -9.30
CA THR L 395 67.84 -63.02 -8.89
C THR L 395 66.79 -64.05 -9.25
N GLY L 396 66.02 -64.49 -8.26
CA GLY L 396 64.99 -65.49 -8.48
C GLY L 396 63.60 -64.92 -8.43
N ILE L 397 62.84 -65.11 -9.50
CA ILE L 397 61.44 -64.69 -9.58
C ILE L 397 60.59 -65.93 -9.54
N PHE L 398 59.82 -66.09 -8.48
CA PHE L 398 58.97 -67.25 -8.29
C PHE L 398 57.51 -66.84 -8.36
N THR L 399 56.74 -67.50 -9.23
CA THR L 399 55.31 -67.25 -9.37
C THR L 399 54.55 -68.33 -8.61
N HIS L 400 53.55 -67.90 -7.85
CA HIS L 400 52.78 -68.78 -6.98
C HIS L 400 51.30 -68.45 -7.12
N LEU L 401 50.47 -69.48 -7.16
CA LEU L 401 49.04 -69.28 -7.26
C LEU L 401 48.41 -69.14 -5.88
N ALA L 402 47.59 -68.10 -5.72
CA ALA L 402 46.95 -67.83 -4.45
C ALA L 402 45.72 -68.69 -4.24
N HIS L 403 45.59 -69.21 -3.01
CA HIS L 403 44.43 -69.98 -2.52
C HIS L 403 44.88 -70.90 -1.40
N GLY L 413 54.82 -71.54 3.29
CA GLY L 413 56.10 -72.23 3.16
C GLY L 413 56.94 -71.59 2.07
N LEU L 414 58.11 -71.09 2.46
CA LEU L 414 59.10 -70.39 1.63
C LEU L 414 58.64 -68.96 1.33
N GLU L 415 57.44 -68.59 1.75
CA GLU L 415 57.03 -67.18 1.69
C GLU L 415 57.93 -66.35 2.58
N GLU L 416 58.29 -66.93 3.72
CA GLU L 416 59.11 -66.33 4.74
C GLU L 416 60.51 -65.99 4.25
N LEU L 417 61.02 -66.73 3.27
CA LEU L 417 62.38 -66.57 2.78
C LEU L 417 62.47 -65.60 1.61
N MET L 418 61.43 -64.81 1.39
CA MET L 418 61.33 -63.93 0.23
C MET L 418 61.62 -62.50 0.66
N ASP L 419 62.45 -61.83 -0.15
CA ASP L 419 62.79 -60.44 0.14
C ASP L 419 61.71 -59.50 -0.35
N GLY L 420 61.15 -59.76 -1.53
CA GLY L 420 60.01 -59.01 -2.03
C GLY L 420 58.80 -59.89 -2.26
N TRP L 421 57.62 -59.28 -2.29
CA TRP L 421 56.38 -60.01 -2.52
C TRP L 421 55.42 -59.09 -3.25
N VAL L 422 55.04 -59.48 -4.46
CA VAL L 422 54.09 -58.72 -5.27
C VAL L 422 52.82 -59.55 -5.37
N LEU L 423 51.72 -59.01 -4.85
CA LEU L 423 50.42 -59.66 -4.90
C LEU L 423 49.57 -59.01 -5.97
N MET L 424 49.07 -59.81 -6.91
CA MET L 424 48.30 -59.34 -8.04
C MET L 424 46.85 -59.80 -7.88
N LEU L 425 45.92 -58.86 -8.00
CA LEU L 425 44.51 -59.12 -7.75
C LEU L 425 43.70 -58.91 -9.02
N ASN L 426 42.61 -59.69 -9.14
CA ASN L 426 41.64 -59.53 -10.21
C ASN L 426 40.27 -59.85 -9.59
N ARG L 427 39.59 -58.80 -9.13
CA ARG L 427 38.40 -58.93 -8.32
C ARG L 427 37.17 -58.40 -9.03
N GLU L 428 36.00 -58.80 -8.56
CA GLU L 428 34.71 -58.40 -9.13
C GLU L 428 34.12 -57.30 -8.29
N VAL L 429 33.91 -56.13 -8.91
CA VAL L 429 33.13 -55.05 -8.33
C VAL L 429 32.32 -54.42 -9.44
N ASN L 430 31.02 -54.26 -9.22
CA ASN L 430 30.15 -53.55 -10.15
C ASN L 430 30.03 -54.28 -11.48
N GLY L 431 29.90 -55.61 -11.42
CA GLY L 431 29.72 -56.39 -12.64
C GLY L 431 30.87 -56.32 -13.61
N GLU L 432 32.09 -56.22 -13.10
CA GLU L 432 33.28 -56.21 -13.94
C GLU L 432 34.45 -56.66 -13.07
N PHE L 433 35.49 -57.17 -13.72
CA PHE L 433 36.68 -57.62 -13.03
C PHE L 433 37.82 -56.64 -13.33
N ASN L 434 38.40 -56.08 -12.27
CA ASN L 434 39.44 -55.08 -12.37
C ASN L 434 40.75 -55.63 -11.80
N ARG L 435 41.84 -55.35 -12.49
CA ARG L 435 43.15 -55.80 -12.07
C ARG L 435 43.81 -54.79 -11.12
N GLU L 436 44.57 -55.32 -10.16
CA GLU L 436 45.24 -54.51 -9.17
C GLU L 436 46.50 -55.23 -8.73
N LEU L 437 47.40 -54.51 -8.07
CA LEU L 437 48.60 -55.11 -7.53
C LEU L 437 49.17 -54.21 -6.45
N TYR L 438 49.76 -54.83 -5.43
CA TYR L 438 50.46 -54.09 -4.39
C TYR L 438 51.67 -54.88 -3.92
N LEU L 439 52.58 -54.17 -3.27
CA LEU L 439 53.82 -54.75 -2.76
C LEU L 439 53.61 -55.12 -1.30
N LEU L 440 53.34 -56.41 -1.06
CA LEU L 440 53.14 -56.88 0.30
C LEU L 440 54.39 -56.69 1.13
N LYS L 441 55.55 -56.99 0.55
CA LYS L 441 56.81 -56.96 1.27
C LYS L 441 57.90 -56.50 0.34
N ALA L 442 58.75 -55.61 0.86
CA ALA L 442 59.97 -55.27 0.18
C ALA L 442 61.01 -54.86 1.22
N ARG L 443 61.81 -55.82 1.67
CA ARG L 443 62.71 -55.58 2.77
C ARG L 443 63.90 -54.73 2.34
N GLY L 444 64.29 -53.81 3.22
CA GLY L 444 65.46 -52.99 2.98
C GLY L 444 65.21 -51.70 2.25
N MET L 445 63.96 -51.28 2.08
CA MET L 445 63.70 -50.17 1.18
C MET L 445 62.39 -49.53 1.61
N ALA L 446 62.15 -48.33 1.10
CA ALA L 446 60.85 -47.69 1.21
C ALA L 446 60.07 -47.84 -0.08
N HIS L 447 58.79 -48.16 0.03
CA HIS L 447 57.95 -48.41 -1.13
C HIS L 447 56.52 -47.92 -0.86
N SER L 448 55.77 -47.76 -1.94
CA SER L 448 54.40 -47.29 -1.84
C SER L 448 53.52 -48.32 -1.14
N ASN L 449 52.50 -47.82 -0.44
CA ASN L 449 51.53 -48.67 0.26
C ASN L 449 50.14 -48.56 -0.38
N GLN L 450 50.10 -48.33 -1.69
CA GLN L 450 48.85 -48.14 -2.42
C GLN L 450 48.50 -49.40 -3.20
N VAL L 451 47.22 -49.75 -3.20
CA VAL L 451 46.72 -50.85 -4.02
C VAL L 451 46.36 -50.24 -5.37
N ARG L 452 47.30 -50.28 -6.30
CA ARG L 452 47.17 -49.58 -7.56
C ARG L 452 46.52 -50.47 -8.61
N GLU L 453 45.73 -49.84 -9.48
CA GLU L 453 45.05 -50.53 -10.56
C GLU L 453 45.88 -50.38 -11.84
N PHE L 454 45.93 -51.45 -12.62
CA PHE L 454 46.72 -51.47 -13.84
C PHE L 454 45.92 -52.11 -14.97
N LEU L 455 46.45 -51.98 -16.17
CA LEU L 455 45.83 -52.56 -17.36
C LEU L 455 46.90 -53.27 -18.18
N MET L 456 46.46 -54.29 -18.91
CA MET L 456 47.30 -54.97 -19.88
C MET L 456 46.93 -54.49 -21.28
N SER L 457 47.89 -54.51 -22.17
CA SER L 457 47.67 -54.05 -23.52
C SER L 457 48.82 -54.52 -24.39
N ASP L 458 48.82 -54.07 -25.64
CA ASP L 458 49.93 -54.34 -26.54
C ASP L 458 51.21 -53.66 -26.07
N ARG L 459 51.12 -52.76 -25.11
CA ARG L 459 52.25 -52.00 -24.58
C ARG L 459 52.74 -52.53 -23.25
N GLY L 460 52.23 -53.68 -22.82
CA GLY L 460 52.65 -54.27 -21.56
C GLY L 460 51.74 -53.90 -20.42
N ILE L 461 52.28 -53.88 -19.21
CA ILE L 461 51.52 -53.54 -18.02
C ILE L 461 51.68 -52.05 -17.74
N SER L 462 50.56 -51.33 -17.72
CA SER L 462 50.56 -49.90 -17.43
C SER L 462 49.72 -49.66 -16.18
N LEU L 463 50.30 -48.94 -15.23
CA LEU L 463 49.61 -48.60 -13.99
C LEU L 463 48.91 -47.26 -14.15
N LEU L 464 47.65 -47.21 -13.75
CA LEU L 464 46.85 -46.01 -13.93
C LEU L 464 47.16 -45.01 -12.82
N PRO L 465 46.89 -43.73 -13.07
CA PRO L 465 47.18 -42.73 -12.04
C PRO L 465 46.45 -43.04 -10.75
N PRO L 466 47.03 -42.69 -9.62
CA PRO L 466 46.38 -43.00 -8.34
C PRO L 466 45.03 -42.33 -8.21
N HIS L 467 44.22 -42.86 -7.30
CA HIS L 467 42.85 -42.43 -7.13
C HIS L 467 42.79 -41.35 -6.06
N LEU L 468 42.25 -40.17 -6.41
CA LEU L 468 42.14 -39.07 -5.47
C LEU L 468 40.68 -38.70 -5.32
N GLY L 469 40.14 -38.96 -4.14
CA GLY L 469 38.79 -38.56 -3.83
C GLY L 469 38.56 -38.82 -2.37
N GLU L 470 37.56 -38.13 -1.81
CA GLU L 470 37.35 -38.26 -0.37
C GLU L 470 36.95 -39.69 -0.02
N GLY L 471 36.12 -40.29 -0.87
CA GLY L 471 35.79 -41.69 -0.68
C GLY L 471 36.95 -42.62 -1.03
N GLY L 472 37.54 -42.43 -2.21
CA GLY L 472 38.63 -43.27 -2.65
C GLY L 472 38.21 -44.71 -2.91
N ALA L 473 39.18 -45.56 -3.25
CA ALA L 473 38.95 -47.00 -3.36
C ALA L 473 37.88 -47.34 -4.39
N LEU L 474 37.88 -46.63 -5.51
CA LEU L 474 37.02 -46.94 -6.64
C LEU L 474 37.87 -47.26 -7.85
N THR L 475 37.46 -48.28 -8.60
CA THR L 475 38.24 -48.80 -9.71
C THR L 475 37.36 -48.94 -10.94
N GLY L 476 37.99 -48.85 -12.12
CA GLY L 476 37.31 -49.14 -13.36
C GLY L 476 36.23 -48.14 -13.72
N THR L 477 35.01 -48.65 -13.94
CA THR L 477 33.92 -47.80 -14.38
C THR L 477 33.41 -46.91 -13.25
N ALA L 478 33.39 -47.42 -12.03
CA ALA L 478 32.92 -46.62 -10.90
C ALA L 478 33.74 -45.35 -10.73
N ARG L 479 35.04 -45.42 -11.06
CA ARG L 479 35.89 -44.24 -10.98
C ARG L 479 35.40 -43.15 -11.92
N LYS L 480 35.10 -43.52 -13.18
CA LYS L 480 34.61 -42.54 -14.13
C LYS L 480 33.26 -41.99 -13.72
N ALA L 481 32.40 -42.86 -13.18
CA ALA L 481 31.08 -42.42 -12.72
C ALA L 481 31.23 -41.37 -11.61
N GLU L 482 32.14 -41.60 -10.67
CA GLU L 482 32.33 -40.64 -9.59
C GLU L 482 32.96 -39.35 -10.10
N GLU L 483 33.86 -39.44 -11.07
CA GLU L 483 34.40 -38.22 -11.67
C GLU L 483 33.28 -37.39 -12.27
N ALA L 484 32.38 -38.04 -13.00
CA ALA L 484 31.25 -37.34 -13.60
C ALA L 484 30.36 -36.72 -12.52
N ARG L 485 30.10 -37.46 -11.45
CA ARG L 485 29.26 -36.95 -10.37
C ARG L 485 29.89 -35.72 -9.73
N LEU L 486 31.21 -35.76 -9.50
CA LEU L 486 31.89 -34.61 -8.92
C LEU L 486 31.80 -33.40 -9.84
N ARG L 487 31.99 -33.61 -11.15
CA ARG L 487 31.85 -32.50 -12.09
C ARG L 487 30.45 -31.91 -12.04
N ARG L 488 29.43 -32.78 -11.98
CA ARG L 488 28.06 -32.29 -11.92
C ARG L 488 27.81 -31.47 -10.66
N ALA L 489 28.31 -31.94 -9.52
CA ALA L 489 28.14 -31.19 -8.28
C ALA L 489 28.82 -29.83 -8.35
N GLU L 490 30.03 -29.79 -8.92
CA GLU L 490 30.73 -28.52 -9.08
C GLU L 490 29.93 -27.55 -9.95
N ILE L 491 29.37 -28.06 -11.04
CA ILE L 491 28.56 -27.19 -11.90
C ILE L 491 27.35 -26.66 -11.14
N GLU L 492 26.70 -27.54 -10.35
CA GLU L 492 25.55 -27.11 -9.57
C GLU L 492 25.91 -25.98 -8.63
N ARG L 493 27.00 -26.14 -7.88
CA ARG L 493 27.40 -25.09 -6.94
C ARG L 493 27.74 -23.80 -7.67
N GLN L 494 28.41 -23.90 -8.80
CA GLN L 494 28.74 -22.69 -9.57
C GLN L 494 27.48 -21.95 -10.00
N THR L 495 26.46 -22.69 -10.47
CA THR L 495 25.22 -22.05 -10.87
C THR L 495 24.52 -21.38 -9.69
N GLU L 496 24.55 -22.04 -8.53
CA GLU L 496 23.96 -21.44 -7.33
C GLU L 496 24.62 -20.10 -7.00
N LEU L 497 25.96 -20.08 -7.00
CA LEU L 497 26.66 -18.84 -6.70
C LEU L 497 26.34 -17.78 -7.75
N GLY L 498 26.24 -18.19 -9.02
CA GLY L 498 25.90 -17.23 -10.06
C GLY L 498 24.56 -16.57 -9.83
N ARG L 499 23.54 -17.38 -9.53
CA ARG L 499 22.21 -16.80 -9.32
C ARG L 499 22.22 -15.86 -8.12
N LEU L 500 22.93 -16.22 -7.05
CA LEU L 500 22.99 -15.33 -5.89
C LEU L 500 23.62 -13.99 -6.26
N GLN L 501 24.74 -14.04 -6.99
CA GLN L 501 25.42 -12.81 -7.43
C GLN L 501 24.47 -11.94 -8.24
N GLN L 502 23.78 -12.55 -9.20
CA GLN L 502 22.86 -11.84 -10.08
C GLN L 502 21.73 -11.20 -9.28
N GLN L 503 21.22 -11.90 -8.27
CA GLN L 503 20.13 -11.34 -7.46
C GLN L 503 20.58 -10.11 -6.68
N ILE L 504 21.74 -10.20 -6.04
CA ILE L 504 22.20 -9.05 -5.26
C ILE L 504 22.50 -7.87 -6.20
N GLU L 505 23.04 -8.15 -7.39
CA GLU L 505 23.30 -7.06 -8.33
C GLU L 505 22.01 -6.44 -8.87
N GLN L 506 20.96 -7.23 -9.07
CA GLN L 506 19.68 -6.64 -9.47
C GLN L 506 19.13 -5.73 -8.38
N ARG L 507 19.28 -6.14 -7.11
CA ARG L 507 18.90 -5.24 -6.02
C ARG L 507 19.66 -3.92 -6.12
N ARG L 508 20.97 -3.99 -6.41
CA ARG L 508 21.76 -2.77 -6.54
C ARG L 508 21.24 -1.88 -7.68
N ARG L 509 20.96 -2.49 -8.84
CA ARG L 509 20.46 -1.71 -9.97
C ARG L 509 19.15 -1.03 -9.63
N ARG L 510 18.30 -1.72 -8.87
CA ARG L 510 17.07 -1.14 -8.33
C ARG L 510 17.33 0.09 -7.52
N ALA L 511 18.22 -0.02 -6.55
CA ALA L 511 18.53 1.11 -5.71
C ALA L 511 18.95 2.29 -6.58
N ARG L 512 19.76 2.01 -7.60
CA ARG L 512 20.03 3.02 -8.61
C ARG L 512 18.81 3.67 -9.22
N ALA L 513 17.92 2.87 -9.79
CA ALA L 513 16.82 3.48 -10.53
C ALA L 513 16.03 4.40 -9.61
N GLN L 514 15.81 3.96 -8.37
CA GLN L 514 15.06 4.78 -7.43
C GLN L 514 15.81 6.08 -7.09
N ILE L 515 17.13 5.98 -6.92
CA ILE L 515 17.93 7.18 -6.63
C ILE L 515 17.80 8.17 -7.77
N GLU L 516 17.88 7.69 -9.01
CA GLU L 516 17.79 8.57 -10.16
C GLU L 516 16.45 9.29 -10.18
N ALA L 517 15.37 8.55 -9.95
CA ALA L 517 14.04 9.16 -9.94
C ALA L 517 13.95 10.25 -8.88
N LEU L 518 14.43 9.96 -7.67
CA LEU L 518 14.36 10.96 -6.59
C LEU L 518 15.19 12.19 -6.92
N GLU L 519 16.36 11.99 -7.53
CA GLU L 519 17.20 13.11 -7.95
C GLU L 519 16.47 13.99 -8.94
N ALA L 520 15.84 13.38 -9.94
CA ALA L 520 15.09 14.18 -10.91
C ALA L 520 14.01 14.98 -10.23
N GLU L 521 13.32 14.36 -9.26
CA GLU L 521 12.29 15.08 -8.52
C GLU L 521 12.87 16.30 -7.81
N LEU L 522 14.01 16.13 -7.13
CA LEU L 522 14.56 17.26 -6.38
C LEU L 522 15.07 18.36 -7.31
N GLN L 523 15.60 17.99 -8.50
CA GLN L 523 15.97 19.01 -9.47
C GLN L 523 14.75 19.81 -9.91
N ALA L 524 13.63 19.11 -10.15
CA ALA L 524 12.40 19.81 -10.51
C ALA L 524 12.00 20.78 -9.39
N GLU L 525 12.12 20.34 -8.14
CA GLU L 525 11.79 21.23 -7.02
C GLU L 525 12.68 22.46 -7.02
N GLU L 526 13.98 22.26 -7.27
CA GLU L 526 14.89 23.41 -7.34
C GLU L 526 14.44 24.41 -8.39
N ILE L 527 14.07 23.91 -9.57
CA ILE L 527 13.60 24.79 -10.63
C ILE L 527 12.36 25.55 -10.18
N ALA L 528 11.47 24.87 -9.45
CA ALA L 528 10.26 25.53 -8.95
C ALA L 528 10.61 26.67 -7.98
N LEU L 529 11.56 26.41 -7.06
CA LEU L 529 12.01 27.45 -6.16
C LEU L 529 12.49 28.67 -6.96
N LYS L 530 13.28 28.40 -7.99
CA LYS L 530 13.81 29.47 -8.83
C LYS L 530 12.71 30.30 -9.41
N ALA L 531 11.75 29.64 -10.03
CA ALA L 531 10.68 30.34 -10.73
C ALA L 531 9.87 31.17 -9.75
N LEU L 532 9.63 30.65 -8.55
CA LEU L 532 8.88 31.41 -7.55
C LEU L 532 9.64 32.66 -7.13
N VAL L 533 10.94 32.54 -6.87
CA VAL L 533 11.72 33.72 -6.47
C VAL L 533 11.74 34.74 -7.59
N GLU L 534 11.89 34.29 -8.83
CA GLU L 534 11.87 35.20 -9.97
C GLU L 534 10.55 35.95 -10.04
N SER L 535 9.44 35.23 -9.86
CA SER L 535 8.13 35.87 -9.93
C SER L 535 7.98 36.91 -8.83
N GLU L 536 8.42 36.60 -7.61
CA GLU L 536 8.32 37.57 -6.53
C GLU L 536 9.14 38.82 -6.83
N SER L 537 10.36 38.65 -7.34
CA SER L 537 11.18 39.80 -7.68
C SER L 537 10.50 40.66 -8.74
N ALA L 538 9.95 40.02 -9.77
CA ALA L 538 9.24 40.76 -10.82
C ALA L 538 8.05 41.52 -10.24
N HIS L 539 7.33 40.90 -9.31
CA HIS L 539 6.17 41.56 -8.72
C HIS L 539 6.59 42.79 -7.91
N GLU L 540 7.66 42.66 -7.12
CA GLU L 540 8.18 43.81 -6.38
C GLU L 540 8.52 44.94 -7.32
N ARG L 541 9.26 44.62 -8.39
CA ARG L 541 9.66 45.61 -9.38
C ARG L 541 8.46 46.31 -9.99
N GLN L 542 7.46 45.54 -10.43
CA GLN L 542 6.33 46.15 -11.11
C GLN L 542 5.53 47.01 -10.15
N ARG L 543 5.42 46.62 -8.88
CA ARG L 543 4.72 47.48 -7.95
C ARG L 543 5.46 48.81 -7.76
N LEU L 544 6.78 48.77 -7.65
CA LEU L 544 7.51 50.03 -7.53
C LEU L 544 7.31 50.91 -8.75
N ALA L 545 7.35 50.32 -9.95
CA ALA L 545 7.12 51.11 -11.15
C ALA L 545 5.73 51.73 -11.15
N ASP L 546 4.71 50.95 -10.77
CA ASP L 546 3.34 51.45 -10.75
C ASP L 546 3.17 52.55 -9.71
N ALA L 547 3.76 52.37 -8.53
CA ALA L 547 3.69 53.39 -7.51
C ALA L 547 4.35 54.69 -7.95
N ASP L 548 5.49 54.58 -8.62
CA ASP L 548 6.13 55.78 -9.16
C ASP L 548 5.27 56.46 -10.20
N THR L 549 4.63 55.69 -11.07
CA THR L 549 3.75 56.26 -12.08
C THR L 549 2.58 57.00 -11.44
N LEU L 550 1.94 56.38 -10.45
CA LEU L 550 0.81 57.01 -9.79
C LEU L 550 1.26 58.27 -9.03
N ALA L 551 2.40 58.21 -8.34
CA ALA L 551 2.88 59.37 -7.59
C ALA L 551 3.35 60.49 -8.49
N ARG L 552 3.74 60.16 -9.70
CA ARG L 552 3.90 61.16 -10.73
C ARG L 552 2.62 61.81 -11.18
N SER L 553 1.58 61.04 -11.45
CA SER L 553 0.41 61.67 -11.99
C SER L 553 -0.37 62.44 -10.95
N ARG L 554 0.14 62.51 -9.71
CA ARG L 554 -0.53 63.24 -8.64
C ARG L 554 0.40 64.21 -7.92
N GLY L 555 1.61 64.43 -8.43
CA GLY L 555 2.60 65.21 -7.74
C GLY L 555 2.72 66.61 -8.29
N ASN L 556 3.32 67.49 -7.48
CA ASN L 556 3.59 68.86 -7.87
C ASN L 556 4.99 69.04 -8.41
N GLU L 557 5.67 67.94 -8.80
CA GLU L 557 7.01 68.10 -9.32
C GLU L 557 7.02 68.92 -10.57
N ARG L 558 6.02 68.70 -11.41
CA ARG L 558 6.00 69.28 -12.73
C ARG L 558 6.04 70.80 -12.70
N PHE L 559 5.88 71.38 -11.52
CA PHE L 559 5.83 72.83 -11.32
C PHE L 559 7.02 73.34 -10.52
N ALA L 560 8.10 72.57 -10.42
CA ALA L 560 9.32 73.03 -9.75
C ALA L 560 10.40 73.35 -10.78
#